data_7UZJ
#
_entry.id   7UZJ
#
_cell.length_a   1.00
_cell.length_b   1.00
_cell.length_c   1.00
_cell.angle_alpha   90.00
_cell.angle_beta   90.00
_cell.angle_gamma   90.00
#
_symmetry.space_group_name_H-M   'P 1'
#
loop_
_entity.id
_entity.type
_entity.pdbx_description
1 polymer 'ATPase H+-transporting V1 subunit A'
2 polymer 'V-type proton ATPase subunit B, brain isoform'
3 polymer 'V-type proton ATPase subunit C 1'
4 polymer 'ATPase H+-transporting V1 subunit D'
5 polymer 'V-type proton ATPase subunit E 1'
6 polymer 'V-type proton ATPase subunit F'
7 polymer 'V-type proton ATPase subunit G'
8 polymer 'V-type proton ATPase subunit H'
9 polymer 'Effector SidK'
10 polymer 'Nuclear receptor coactivator 7B'
11 non-polymer "ADENOSINE-5'-DIPHOSPHATE"
12 non-polymer 'MAGNESIUM ION'
#
loop_
_entity_poly.entity_id
_entity_poly.type
_entity_poly.pdbx_seq_one_letter_code
_entity_poly.pdbx_strand_id
1 'polypeptide(L)'
;MDFSKLPKIRDEDKESTFGYVHGVSGPVVTACDMAGAAMYELVRVGHSELVGEIIRLEGDMATIQVYEETSGVSVGDPVL
RTGKPLSVELGPGIMGAIFDGIQRPLSDISSQTQSIYIPRGVNVSALSRDIKWEFIPSKNLRVGSHITGGDIYGIVNENS
LIKHKIMLPPRSRGSVTYIAPPGNYDASDVVLELEFEGVKEKLSMVQVWPVRQVRPVTEKLPANHPLLTGQRVLDALFPC
VQGGTTAIPGAFGCGKTVISQSLSKYSNSDVIIYVGCGERGNEMSEVLRDFPELTMEVDGKVESIMKRTALVANTSNMPV
AAREASIYTGITLSEYFRDMGYHVSMMADSTSRWAEALREISGRLAEMPADSGYPAYLGARLASFYERAGRVKCLGNPER
EGSVSIVGAVSPPGGDFSDPVTSATLGIVQVFWGLDKKLAQRKHFPSVNWLISYSKYMRALDEYYDKHFTEFVPLRTKAK
EILQEEEDLAEIVQLVGKASLAETDKITLEVAKLIKDDFLQQNGYTPYDRFCPFYKTVGMLSNMISFYDMARRAVETTAQ
SDNKITWSIIREHMGEILYKLSSMKFKDPVKDGEAKIKADYAQLLEDMQNAFRSLED
;
A,B,C
2 'polypeptide(L)'
;MALRAMRGIVNGAAPELPVPTGGPMAGAREQALAVSRNYLSQPRLTYKTVSGVNGPLVILDHVKFPRYAEIVHLTLPDGT
KRSGQVLEVSGSKAVVQVFEGTSGIDAKKTSCEFTGDILRTPVSEDMLGRVFNGSGKPIDRGPVVLAEDFLDIMGQPINP
QCRIYPEEMIQTGISAIDGMNSIARGQKIPIFSAAGLPHNEIAAQICRQAGLVKKSKDVVDYSEENFAIVFAAMGVNMET
ARFFKSDFEENGSMDNVCLFLNLANDPTIERIITPRLALTTAEFLAYQCEKHVLVILTDMSSYAEALREVSAAREEVPGR
RGFPGYMYTDLATIYERAGRVEGRNGSITQIPILTMPNDDITHPIPDLTGYITEGQIYVDRQLHNRQIYPPINVLPSLSR
LMKSAIGEGMTRKDHADVSNQLYACYAIGKDVQAMKAVVGEEALTSDDLLYLEFLQKFEKNFITQGPYENRTVYETLDIG
WQLLRIFPKEMLKRIPQSTLSEFYPRDSAKH
;
D,E,F
3 'polypeptide(L)'
;MTEFWLISAPGEKTCQQTWEKLHAATTKNNNLAVSSKFNIPDLKVGTLDVLVGLSDELAKLDAFVEGVVKKVAQYMADVL
EDSKDKVQENLLASGVDLVTYITRFQWDMAKYPIKQSLKNISEIIAKGVTQIDNDLKSRASAYNNLKGNLQNLERKNAGS
LLTRSLAEIVKKDDFVLDSEYLVTLLVVVPKLNHNDWIKQYETLAEMVVPRSSNVLSEDQDSYLCNVTLFKKAVDDFRHK
ARENKFIVRDFQYNEEEMRADKEEMNRLSTDKKKQFGPLVRWLKVNFSEAFIAWIHIKALRVFVESVLRYGLPVNFQAML
LQPNKKSVKKLREVLHELYKHLDSSAAAIIDAPMDIPGLNLSQQEYYPYVYYKIDCNLLEFK
;
G
4 'polypeptide(L)'
;MSGKDRIEIFPSRMAQTIMKARLKGAQTGRNLLKKKSDALTLRFRQILKKIIETKMLMGEVMREAAFSLAEAKFTAGDFS
TTVIQNVNKAQVKIRAKKDNVAGVTLPVFEHYHEGTDSYELTGLARGGEQLAKLKRNYAKAVELLVELASLQTSFVTLDE
AIKITNRRVNAIEHVIIPRIERTLAYIITELDEREREEFYRLKKIQEKKKIIKEKSEKDLERRRAAGEVMEPANLLAEEK
DEDLLFE
;
H
5 'polypeptide(L)'
;MALSDADVQKQIKHMMAFIEQEANEKAEEIDAKAEEEFNIEKGRLVQTQRLKIMEYYEKKEKQIEQQKKIQMSNLMNQAR
LKVLRARDDLITDLLNEAKQRLSKVVKDTTRYQVLLDGLVLQGLYQLLEPRMIVRCRKQDFPLVKAAVQKAIPMYKIATK
KDVDVQIDLEAYLPEDIAGGVEIYNGDRKIKVSNTLESRLDLIAQQMMPEVRGALFGANANRKFLD
;
I,J,K
6 'polypeptide(L)'
;MAGRGKLIAVIGDEDTVTGFLLGGIGELNKNRHPNFLVVEKDTTINEIEDTFRQFLNRDDIGIILINQYIAEMVRHALDA
HQRSIPAVLEIPSKEHPYDAAKDSILRRAKGMFTAEDLR
;
L
7 'polypeptide(L)'
;MASQSQGIQQLLQAEKRAAEKVSEARKRKNRRLKQAKEEAQAEIEQYRLQREKEFKAKEAAALGSHGSCSSEVEKETQEK
MTILQNYFEQNRDEVLDNLLAFVCDIRPEIHENYRING
;
M,N,O
8 'polypeptide(L)'
;MTKMDIRGAVDAAVPTNIIAAKAAEVRANKVNWQSYLQGQMISAEDCEFIQRFEMKRCSEEKQEMLQTEGSQCAKTFINL
MTHISKEQTVQYILTMVDDMLQENHQRVSIFFDYAKRSKSTAWPYFLPMLNRQDPFTVHMAARIIAKLAAWGKELMEGSD
LNYYFNWIKTQLSSQKLRGSGVAVETGTISASDSSQYVQCVAGCLQLMLRVNEYRFAWVEADGVNCIMGVLSNKCGFQLQ
YQMIFSIWLLAFSPQMCEHLRRYNIIPVLSDILQESVKEKVTRIILAAFRNFLEKSTERETRQEYALAMIQCKVLKQLEN
LEQQKYDDEDISEDIKFLLEKLGESVQDLSSFDEYSSELKSGRLEWSPVHKSEKFWRENAVRLNEKNYELLKILTKLLEV
SDDPQVLAVAAHDVGEYVRHYPRGKRVIEQLGGKQLVMNHMHHEDQQVRYNALLAVQKLMVHNWEYLGKQLQSEQPQTAA
ARS
;
P
9 'polypeptide(L)'
;MSFIKVGIKMGGLTSEQYHSQVVGKIGYIARCMQTIDPENNLKKIREDYQDVLIWAEKNYRFEEILEASKSGKCPNDLDA
LSRRSLILQELLRLVSSISPFKMKLDLIESQYEKMKQHVNLWKSDYHVKLNQLNQLTDYLKNAAPTPKNNFLRAMTSVLQ
MQIAQYGITEDNEGINQLFKLGLHLLAMANEKIDEQYHLFKGYVKDQPEESPFEGILPAEDQKILVKTMIDYAMPKLSSK
VLQDKLSALSSSDVLTKTLLDSIDRIVKENEKLNALSKVK
;
Q,R,S
10 'polypeptide(L)'
;MRGRRLPLDIQIFYCARPDQEPFVKIITVEEAKRRKSTCSYYEEEEEEEEGLPILQSHSALLENMHIEQLARRLPARVQG
YPWRLAYSTLEHGTSLKTLYRKSASLDSPVLLVIKDMDNQIFGAYATHPFRFSDHYYGTGETFLYTFSPNFKVFKWSGEN
SYFINGDISSLELGGGGGRFGLWLDADLYHGRSNSCSTFNNDILSKKEDFIVQDLEVWTFE
;
T
#
loop_
_chem_comp.id
_chem_comp.type
_chem_comp.name
_chem_comp.formula
ADP non-polymer ADENOSINE-5'-DIPHOSPHATE 'C10 H15 N5 O10 P2'
MG non-polymer 'MAGNESIUM ION' 'Mg 2'
#
# COMPACT_ATOMS: atom_id res chain seq x y z
N SER A 16 51.99 -19.26 27.10
CA SER A 16 51.03 -20.20 27.70
C SER A 16 50.83 -21.48 26.88
N THR A 17 50.61 -21.40 25.55
CA THR A 17 50.28 -22.51 24.63
C THR A 17 48.92 -23.19 24.84
N PHE A 18 48.36 -23.18 26.06
CA PHE A 18 46.94 -23.41 26.28
C PHE A 18 46.38 -22.50 27.37
N GLY A 19 45.24 -21.87 27.10
CA GLY A 19 44.45 -21.17 28.09
C GLY A 19 43.42 -22.11 28.73
N TYR A 20 42.52 -21.56 29.52
CA TYR A 20 41.43 -22.32 30.13
C TYR A 20 40.09 -21.66 29.86
N VAL A 21 39.03 -22.43 29.68
CA VAL A 21 37.66 -21.91 29.54
C VAL A 21 37.29 -21.20 30.84
N HIS A 22 36.86 -19.95 30.73
CA HIS A 22 36.34 -19.15 31.85
C HIS A 22 34.80 -19.15 31.88
N GLY A 23 34.14 -19.11 30.73
CA GLY A 23 32.69 -19.10 30.64
C GLY A 23 32.17 -19.51 29.27
N VAL A 24 30.92 -19.96 29.22
CA VAL A 24 30.28 -20.52 28.02
C VAL A 24 28.82 -20.08 27.97
N SER A 25 28.32 -19.72 26.79
CA SER A 25 26.92 -19.36 26.59
C SER A 25 26.54 -19.58 25.12
N GLY A 26 25.93 -20.72 24.80
CA GLY A 26 25.72 -21.12 23.42
C GLY A 26 27.05 -21.37 22.71
N PRO A 27 27.23 -20.95 21.45
CA PRO A 27 28.45 -21.18 20.67
C PRO A 27 29.62 -20.25 21.03
N VAL A 28 29.44 -19.34 21.98
CA VAL A 28 30.46 -18.37 22.40
C VAL A 28 31.14 -18.87 23.67
N VAL A 29 32.46 -18.94 23.63
CA VAL A 29 33.32 -19.33 24.75
C VAL A 29 34.23 -18.17 25.10
N THR A 30 34.44 -17.95 26.38
CA THR A 30 35.43 -17.01 26.89
C THR A 30 36.53 -17.81 27.54
N ALA A 31 37.79 -17.48 27.26
CA ALA A 31 38.94 -18.19 27.77
C ALA A 31 39.97 -17.23 28.37
N CYS A 32 40.80 -17.70 29.29
CA CYS A 32 41.77 -16.89 30.02
C CYS A 32 43.16 -17.54 30.04
N ASP A 33 44.19 -16.79 30.42
CA ASP A 33 45.60 -17.09 30.09
C ASP A 33 45.88 -17.17 28.59
N MET A 34 45.09 -16.43 27.79
CA MET A 34 45.20 -16.32 26.33
C MET A 34 46.08 -15.13 25.91
N ALA A 35 47.08 -14.74 26.69
CA ALA A 35 47.78 -13.46 26.52
C ALA A 35 48.43 -13.25 25.15
N GLY A 36 49.07 -14.28 24.58
CA GLY A 36 49.73 -14.19 23.27
C GLY A 36 48.80 -14.37 22.06
N ALA A 37 47.50 -14.55 22.26
CA ALA A 37 46.54 -14.88 21.21
C ALA A 37 46.38 -13.74 20.19
N ALA A 38 46.04 -14.08 18.94
CA ALA A 38 45.81 -13.12 17.86
C ALA A 38 44.42 -13.26 17.27
N MET A 39 43.84 -12.17 16.76
CA MET A 39 42.52 -12.16 16.15
C MET A 39 42.42 -13.18 15.02
N TYR A 40 41.38 -14.00 15.05
CA TYR A 40 41.10 -15.12 14.15
C TYR A 40 42.09 -16.29 14.17
N GLU A 41 42.98 -16.44 15.16
CA GLU A 41 43.59 -17.76 15.41
C GLU A 41 42.47 -18.80 15.59
N LEU A 42 42.67 -20.01 15.06
CA LEU A 42 41.93 -21.16 15.54
C LEU A 42 42.46 -21.63 16.88
N VAL A 43 41.58 -22.18 17.69
CA VAL A 43 41.87 -22.86 18.95
C VAL A 43 41.13 -24.18 19.00
N ARG A 44 41.55 -25.07 19.89
CA ARG A 44 40.82 -26.31 20.20
C ARG A 44 40.36 -26.32 21.64
N VAL A 45 39.04 -26.33 21.83
CA VAL A 45 38.35 -26.12 23.10
C VAL A 45 37.90 -27.44 23.71
N GLY A 46 38.04 -27.61 25.01
CA GLY A 46 37.50 -28.77 25.72
C GLY A 46 38.36 -30.01 25.59
N HIS A 47 38.00 -31.05 26.33
CA HIS A 47 38.70 -32.34 26.29
C HIS A 47 38.46 -33.10 24.98
N SER A 48 37.37 -32.82 24.27
CA SER A 48 37.11 -33.32 22.92
C SER A 48 37.72 -32.46 21.80
N GLU A 49 38.41 -31.37 22.12
CA GLU A 49 39.16 -30.54 21.16
C GLU A 49 38.34 -29.92 20.01
N LEU A 50 37.16 -29.37 20.33
CA LEU A 50 36.28 -28.69 19.39
C LEU A 50 36.98 -27.49 18.73
N VAL A 51 36.86 -27.31 17.42
CA VAL A 51 37.44 -26.13 16.76
C VAL A 51 36.69 -24.85 17.14
N GLY A 52 37.42 -23.79 17.43
CA GLY A 52 36.87 -22.44 17.56
C GLY A 52 37.80 -21.41 16.97
N GLU A 53 37.30 -20.21 16.70
CA GLU A 53 38.06 -19.11 16.12
C GLU A 53 38.02 -17.90 17.05
N ILE A 54 39.13 -17.24 17.35
CA ILE A 54 39.17 -16.08 18.26
C ILE A 54 38.59 -14.84 17.57
N ILE A 55 37.73 -14.09 18.26
CA ILE A 55 37.00 -12.96 17.68
C ILE A 55 36.97 -11.67 18.52
N ARG A 56 37.48 -11.68 19.75
CA ARG A 56 37.71 -10.49 20.56
C ARG A 56 38.83 -10.77 21.55
N LEU A 57 39.60 -9.76 21.90
CA LEU A 57 40.67 -9.83 22.90
C LEU A 57 40.47 -8.73 23.94
N GLU A 58 40.66 -9.05 25.22
CA GLU A 58 40.63 -8.09 26.32
C GLU A 58 41.65 -8.47 27.38
N GLY A 59 42.81 -7.81 27.41
CA GLY A 59 43.91 -8.22 28.28
C GLY A 59 44.38 -9.63 27.94
N ASP A 60 44.45 -10.49 28.96
CA ASP A 60 44.80 -11.91 28.81
C ASP A 60 43.60 -12.83 28.56
N MET A 61 42.43 -12.29 28.24
CA MET A 61 41.22 -13.06 27.90
C MET A 61 40.83 -12.93 26.44
N ALA A 62 40.27 -14.00 25.88
CA ALA A 62 39.83 -14.07 24.51
C ALA A 62 38.39 -14.58 24.44
N THR A 63 37.64 -14.11 23.46
CA THR A 63 36.33 -14.65 23.11
C THR A 63 36.45 -15.45 21.83
N ILE A 64 35.89 -16.64 21.83
CA ILE A 64 36.06 -17.67 20.82
C ILE A 64 34.69 -18.05 20.29
N GLN A 65 34.59 -18.11 18.95
CA GLN A 65 33.33 -18.58 18.29
C GLN A 65 33.56 -20.05 17.93
N VAL A 66 32.85 -20.95 18.57
CA VAL A 66 33.04 -22.41 18.42
C VAL A 66 32.28 -22.94 17.20
N TYR A 67 32.92 -23.79 16.41
CA TYR A 67 32.39 -24.33 15.14
C TYR A 67 31.61 -25.63 15.32
N GLU A 68 31.38 -26.07 16.56
CA GLU A 68 30.81 -27.35 16.95
C GLU A 68 29.94 -27.16 18.19
N GLU A 69 29.08 -28.12 18.56
CA GLU A 69 28.21 -27.97 19.73
C GLU A 69 28.99 -27.98 21.05
N THR A 70 28.77 -26.96 21.89
CA THR A 70 29.46 -26.74 23.16
C THR A 70 28.81 -27.38 24.38
N SER A 71 27.69 -28.09 24.26
CA SER A 71 27.00 -28.74 25.38
C SER A 71 27.94 -29.65 26.17
N GLY A 72 27.99 -29.52 27.49
CA GLY A 72 28.91 -30.28 28.34
C GLY A 72 30.31 -29.70 28.51
N VAL A 73 30.69 -28.62 27.81
CA VAL A 73 31.95 -27.89 28.08
C VAL A 73 31.90 -27.30 29.49
N SER A 74 33.00 -27.36 30.25
CA SER A 74 33.07 -26.90 31.64
C SER A 74 34.13 -25.84 31.85
N VAL A 75 33.91 -24.96 32.83
CA VAL A 75 34.93 -24.01 33.28
C VAL A 75 36.19 -24.75 33.71
N GLY A 76 37.35 -24.20 33.42
CA GLY A 76 38.63 -24.86 33.63
C GLY A 76 39.01 -25.87 32.54
N ASP A 77 38.15 -26.19 31.58
CA ASP A 77 38.53 -27.01 30.43
C ASP A 77 39.71 -26.38 29.67
N PRO A 78 40.55 -27.15 28.98
CA PRO A 78 41.67 -26.60 28.22
C PRO A 78 41.20 -25.82 26.99
N VAL A 79 41.99 -24.85 26.55
CA VAL A 79 41.89 -24.22 25.23
C VAL A 79 43.26 -24.24 24.59
N LEU A 80 43.54 -25.27 23.79
CA LEU A 80 44.80 -25.42 23.08
C LEU A 80 44.91 -24.39 21.96
N ARG A 81 45.96 -23.57 22.01
CA ARG A 81 46.10 -22.39 21.17
C ARG A 81 46.96 -22.68 19.96
N THR A 82 46.33 -23.08 18.84
CA THR A 82 47.02 -23.30 17.56
C THR A 82 47.52 -21.98 16.96
N GLY A 83 48.54 -22.03 16.10
CA GLY A 83 49.20 -20.82 15.61
C GLY A 83 48.57 -20.14 14.39
N LYS A 84 47.55 -20.73 13.76
CA LYS A 84 47.11 -20.43 12.39
C LYS A 84 45.66 -19.93 12.34
N PRO A 85 45.28 -19.11 11.35
CA PRO A 85 43.89 -18.77 11.06
C PRO A 85 43.15 -19.92 10.37
N LEU A 86 41.83 -19.78 10.21
CA LEU A 86 41.01 -20.74 9.47
C LEU A 86 41.50 -20.85 8.03
N SER A 87 41.95 -22.05 7.66
CA SER A 87 42.71 -22.31 6.45
C SER A 87 42.40 -23.70 5.90
N VAL A 88 42.59 -23.88 4.60
CA VAL A 88 42.02 -24.98 3.81
C VAL A 88 43.14 -25.75 3.09
N GLU A 89 43.07 -27.08 3.03
CA GLU A 89 44.07 -27.90 2.33
C GLU A 89 43.79 -27.89 0.82
N LEU A 90 44.77 -27.48 0.02
CA LEU A 90 44.67 -27.37 -1.43
C LEU A 90 45.68 -28.28 -2.11
N GLY A 91 45.21 -29.18 -2.96
CA GLY A 91 46.06 -30.17 -3.60
C GLY A 91 45.22 -31.30 -4.18
N PRO A 92 45.83 -32.40 -4.64
CA PRO A 92 45.10 -33.50 -5.25
C PRO A 92 44.08 -34.13 -4.30
N GLY A 93 42.95 -34.59 -4.82
CA GLY A 93 41.89 -35.24 -4.06
C GLY A 93 40.69 -34.35 -3.75
N ILE A 94 40.61 -33.15 -4.31
CA ILE A 94 39.46 -32.26 -4.18
C ILE A 94 38.33 -32.65 -5.14
N MET A 95 38.63 -33.17 -6.33
CA MET A 95 37.57 -33.50 -7.28
C MET A 95 36.72 -34.67 -6.82
N GLY A 96 35.41 -34.51 -6.90
CA GLY A 96 34.42 -35.47 -6.45
C GLY A 96 34.25 -35.57 -4.94
N ALA A 97 34.91 -34.72 -4.16
CA ALA A 97 34.77 -34.68 -2.71
C ALA A 97 33.46 -34.00 -2.26
N ILE A 98 32.93 -34.43 -1.11
CA ILE A 98 31.89 -33.75 -0.37
C ILE A 98 32.50 -33.21 0.92
N PHE A 99 32.37 -31.93 1.18
CA PHE A 99 32.96 -31.27 2.34
C PHE A 99 31.92 -30.62 3.25
N ASP A 100 32.22 -30.59 4.54
CA ASP A 100 31.61 -29.71 5.53
C ASP A 100 31.97 -28.24 5.21
N GLY A 101 31.27 -27.26 5.79
CA GLY A 101 31.59 -25.85 5.63
C GLY A 101 33.02 -25.49 6.04
N ILE A 102 33.58 -26.22 7.00
CA ILE A 102 34.95 -26.13 7.50
C ILE A 102 35.93 -27.12 6.82
N GLN A 103 35.57 -27.71 5.67
CA GLN A 103 36.38 -28.66 4.89
C GLN A 103 36.60 -30.05 5.50
N ARG A 104 35.78 -30.52 6.44
CA ARG A 104 35.81 -31.94 6.85
C ARG A 104 35.27 -32.84 5.73
N PRO A 105 35.92 -33.98 5.40
CA PRO A 105 35.50 -34.85 4.32
C PRO A 105 34.37 -35.80 4.74
N LEU A 106 33.14 -35.52 4.32
CA LEU A 106 31.96 -36.28 4.75
C LEU A 106 31.97 -37.73 4.27
N SER A 107 32.53 -38.01 3.09
CA SER A 107 32.62 -39.37 2.56
C SER A 107 33.68 -40.22 3.28
N ASP A 108 34.73 -39.60 3.81
CA ASP A 108 35.75 -40.32 4.57
C ASP A 108 35.31 -40.53 6.01
N ILE A 109 34.73 -39.52 6.66
CA ILE A 109 34.16 -39.64 8.01
C ILE A 109 33.12 -40.77 8.06
N SER A 110 32.25 -40.85 7.05
CA SER A 110 31.27 -41.93 6.90
C SER A 110 31.96 -43.30 6.84
N SER A 111 33.07 -43.41 6.09
CA SER A 111 33.78 -44.67 5.86
C SER A 111 34.62 -45.12 7.06
N GLN A 112 35.32 -44.21 7.74
CA GLN A 112 36.21 -44.54 8.85
C GLN A 112 35.44 -44.85 10.15
N THR A 113 34.37 -44.11 10.42
CA THR A 113 33.55 -44.31 11.63
C THR A 113 32.53 -45.46 11.50
N GLN A 114 32.24 -45.93 10.27
CA GLN A 114 31.24 -46.98 10.02
C GLN A 114 29.85 -46.64 10.59
N SER A 115 29.44 -45.37 10.53
CA SER A 115 28.23 -44.87 11.19
C SER A 115 27.55 -43.74 10.40
N ILE A 116 26.24 -43.59 10.59
CA ILE A 116 25.46 -42.49 10.01
C ILE A 116 25.70 -41.13 10.68
N TYR A 117 26.34 -41.09 11.84
CA TYR A 117 26.55 -39.85 12.60
C TYR A 117 27.90 -39.19 12.31
N ILE A 118 28.02 -37.90 12.62
CA ILE A 118 29.29 -37.19 12.70
C ILE A 118 29.67 -37.09 14.19
N PRO A 119 30.85 -37.58 14.63
CA PRO A 119 31.29 -37.41 16.01
C PRO A 119 31.67 -35.95 16.30
N ARG A 120 31.40 -35.44 17.50
CA ARG A 120 31.84 -34.10 17.91
C ARG A 120 33.35 -34.07 18.07
N GLY A 121 34.02 -33.05 17.55
CA GLY A 121 35.48 -32.95 17.61
C GLY A 121 36.22 -33.96 16.72
N VAL A 122 35.56 -34.57 15.72
CA VAL A 122 36.21 -35.53 14.81
C VAL A 122 37.34 -34.87 14.03
N ASN A 123 38.49 -35.55 13.93
CA ASN A 123 39.66 -35.08 13.20
C ASN A 123 40.02 -36.06 12.07
N VAL A 124 39.88 -35.61 10.83
CA VAL A 124 40.34 -36.27 9.61
C VAL A 124 40.96 -35.20 8.70
N SER A 125 42.13 -35.43 8.10
CA SER A 125 42.69 -34.49 7.12
C SER A 125 41.77 -34.37 5.90
N ALA A 126 41.58 -33.18 5.36
CA ALA A 126 40.65 -32.98 4.25
C ALA A 126 41.09 -33.69 2.97
N LEU A 127 42.40 -33.83 2.73
CA LEU A 127 42.97 -34.57 1.62
C LEU A 127 43.68 -35.84 2.14
N SER A 128 43.35 -37.01 1.58
CA SER A 128 43.93 -38.30 1.99
C SER A 128 45.45 -38.33 1.85
N ARG A 129 46.13 -38.82 2.88
CA ARG A 129 47.58 -39.11 2.88
C ARG A 129 47.88 -40.58 2.53
N ASP A 130 46.85 -41.38 2.33
CA ASP A 130 46.89 -42.82 2.07
C ASP A 130 47.00 -43.12 0.56
N ILE A 131 46.27 -42.37 -0.27
CA ILE A 131 46.26 -42.52 -1.73
C ILE A 131 47.61 -42.10 -2.31
N LYS A 132 48.09 -42.83 -3.32
CA LYS A 132 49.27 -42.48 -4.11
C LYS A 132 48.88 -41.88 -5.45
N TRP A 133 49.46 -40.73 -5.76
CA TRP A 133 49.20 -39.93 -6.95
C TRP A 133 50.38 -40.02 -7.91
N GLU A 134 50.10 -40.15 -9.20
CA GLU A 134 51.10 -40.14 -10.26
C GLU A 134 51.55 -38.71 -10.55
N PHE A 135 52.79 -38.36 -10.20
CA PHE A 135 53.38 -37.03 -10.34
C PHE A 135 54.42 -36.98 -11.47
N ILE A 136 54.34 -35.98 -12.34
CA ILE A 136 55.34 -35.71 -13.38
C ILE A 136 55.86 -34.27 -13.24
N PRO A 137 57.17 -34.03 -12.99
CA PRO A 137 57.74 -32.68 -12.88
C PRO A 137 57.74 -31.96 -14.23
N SER A 138 57.95 -30.65 -14.25
CA SER A 138 57.83 -29.82 -15.46
C SER A 138 58.91 -30.00 -16.55
N LYS A 139 59.90 -30.87 -16.30
CA LYS A 139 61.09 -31.22 -17.11
C LYS A 139 62.07 -30.11 -17.51
N ASN A 140 61.63 -28.86 -17.65
CA ASN A 140 62.52 -27.72 -17.88
C ASN A 140 63.27 -27.30 -16.60
N LEU A 141 62.72 -27.56 -15.40
CA LEU A 141 63.39 -27.31 -14.13
C LEU A 141 64.51 -28.32 -13.87
N ARG A 142 65.61 -27.83 -13.32
CA ARG A 142 66.76 -28.58 -12.81
C ARG A 142 67.26 -27.92 -11.52
N VAL A 143 68.04 -28.63 -10.71
CA VAL A 143 68.63 -28.04 -9.49
C VAL A 143 69.36 -26.73 -9.83
N GLY A 144 69.24 -25.73 -8.96
CA GLY A 144 69.76 -24.37 -9.16
C GLY A 144 68.85 -23.42 -9.94
N SER A 145 67.72 -23.89 -10.49
CA SER A 145 66.73 -23.02 -11.17
C SER A 145 66.09 -22.05 -10.20
N HIS A 146 65.76 -20.83 -10.65
CA HIS A 146 65.08 -19.83 -9.83
C HIS A 146 63.58 -19.89 -10.11
N ILE A 147 62.76 -19.95 -9.06
CA ILE A 147 61.29 -20.07 -9.14
C ILE A 147 60.59 -19.23 -8.07
N THR A 148 59.34 -18.89 -8.33
CA THR A 148 58.57 -17.89 -7.59
C THR A 148 57.12 -18.32 -7.40
N GLY A 149 56.38 -17.64 -6.53
CA GLY A 149 55.03 -18.08 -6.17
C GLY A 149 54.10 -18.18 -7.37
N GLY A 150 53.31 -19.24 -7.47
CA GLY A 150 52.47 -19.53 -8.61
C GLY A 150 53.15 -20.29 -9.76
N ASP A 151 54.47 -20.52 -9.72
CA ASP A 151 55.15 -21.34 -10.73
C ASP A 151 54.66 -22.79 -10.68
N ILE A 152 54.16 -23.31 -11.80
CA ILE A 152 53.87 -24.74 -11.95
C ILE A 152 55.19 -25.49 -12.04
N TYR A 153 55.39 -26.48 -11.17
CA TYR A 153 56.60 -27.32 -11.16
C TYR A 153 56.33 -28.81 -11.38
N GLY A 154 55.08 -29.24 -11.40
CA GLY A 154 54.68 -30.59 -11.79
C GLY A 154 53.21 -30.69 -12.12
N ILE A 155 52.76 -31.87 -12.52
CA ILE A 155 51.35 -32.20 -12.78
C ILE A 155 51.03 -33.55 -12.14
N VAL A 156 49.85 -33.65 -11.55
CA VAL A 156 49.26 -34.90 -11.08
C VAL A 156 48.10 -35.29 -11.98
N ASN A 157 48.10 -36.52 -12.47
CA ASN A 157 46.99 -37.09 -13.23
C ASN A 157 45.86 -37.52 -12.28
N GLU A 158 45.18 -36.55 -11.66
CA GLU A 158 44.13 -36.80 -10.68
C GLU A 158 42.96 -37.57 -11.27
N ASN A 159 42.63 -37.31 -12.53
CA ASN A 159 41.36 -37.71 -13.12
C ASN A 159 41.42 -37.73 -14.66
N SER A 160 40.41 -38.33 -15.30
CA SER A 160 40.29 -38.35 -16.77
C SER A 160 40.05 -36.96 -17.37
N LEU A 161 39.38 -36.06 -16.64
CA LEU A 161 39.07 -34.70 -17.08
C LEU A 161 40.09 -33.64 -16.62
N ILE A 162 40.68 -33.82 -15.45
CA ILE A 162 41.45 -32.80 -14.75
C ILE A 162 42.91 -33.24 -14.59
N LYS A 163 43.81 -32.50 -15.24
CA LYS A 163 45.25 -32.51 -14.94
C LYS A 163 45.48 -31.51 -13.82
N HIS A 164 45.83 -31.98 -12.65
CA HIS A 164 45.95 -31.13 -11.48
C HIS A 164 47.37 -30.54 -11.44
N LYS A 165 47.52 -29.29 -11.87
CA LYS A 165 48.79 -28.58 -11.86
C LYS A 165 49.29 -28.40 -10.44
N ILE A 166 50.56 -28.66 -10.18
CA ILE A 166 51.20 -28.48 -8.88
C ILE A 166 52.01 -27.19 -8.95
N MET A 167 51.75 -26.27 -8.05
CA MET A 167 52.23 -24.89 -8.08
C MET A 167 52.99 -24.56 -6.81
N LEU A 168 54.05 -23.76 -6.91
CA LEU A 168 54.69 -23.20 -5.75
C LEU A 168 53.70 -22.28 -5.01
N PRO A 169 53.52 -22.38 -3.69
CA PRO A 169 52.59 -21.53 -2.96
C PRO A 169 52.85 -20.04 -3.18
N PRO A 170 51.83 -19.16 -3.20
CA PRO A 170 52.07 -17.73 -3.15
C PRO A 170 52.86 -17.38 -1.88
N ARG A 171 53.71 -16.37 -1.93
CA ARG A 171 54.68 -16.02 -0.87
C ARG A 171 55.84 -17.01 -0.65
N SER A 172 55.85 -18.20 -1.23
CA SER A 172 57.05 -19.05 -1.30
C SER A 172 57.90 -18.66 -2.53
N ARG A 173 59.22 -18.74 -2.45
CA ARG A 173 60.17 -18.41 -3.54
C ARG A 173 61.56 -19.02 -3.29
N GLY A 174 62.39 -19.12 -4.32
CA GLY A 174 63.82 -19.37 -4.15
C GLY A 174 64.49 -20.12 -5.29
N SER A 175 65.61 -20.74 -4.97
CA SER A 175 66.41 -21.56 -5.88
C SER A 175 66.21 -23.04 -5.56
N VAL A 176 65.84 -23.84 -6.56
CA VAL A 176 65.55 -25.28 -6.39
C VAL A 176 66.78 -26.04 -5.91
N THR A 177 66.68 -26.82 -4.84
CA THR A 177 67.75 -27.68 -4.33
C THR A 177 67.49 -29.17 -4.59
N TYR A 178 66.24 -29.58 -4.76
CA TYR A 178 65.84 -30.94 -5.15
C TYR A 178 64.50 -30.91 -5.90
N ILE A 179 64.30 -31.80 -6.87
CA ILE A 179 63.05 -31.94 -7.62
C ILE A 179 62.85 -33.42 -7.99
N ALA A 180 61.78 -34.02 -7.49
CA ALA A 180 61.57 -35.46 -7.53
C ALA A 180 61.37 -36.01 -8.97
N PRO A 181 61.83 -37.24 -9.26
CA PRO A 181 61.62 -37.88 -10.57
C PRO A 181 60.16 -38.27 -10.79
N PRO A 182 59.71 -38.50 -12.04
CA PRO A 182 58.38 -39.00 -12.32
C PRO A 182 58.08 -40.30 -11.56
N GLY A 183 56.90 -40.43 -10.94
CA GLY A 183 56.56 -41.60 -10.15
C GLY A 183 55.25 -41.47 -9.37
N ASN A 184 54.98 -42.40 -8.46
CA ASN A 184 53.81 -42.40 -7.59
C ASN A 184 54.19 -41.95 -6.18
N TYR A 185 53.44 -41.01 -5.59
CA TYR A 185 53.78 -40.38 -4.30
C TYR A 185 52.56 -40.17 -3.40
N ASP A 186 52.76 -40.19 -2.08
CA ASP A 186 51.75 -39.76 -1.11
C ASP A 186 51.66 -38.24 -1.07
N ALA A 187 50.53 -37.66 -0.65
CA ALA A 187 50.46 -36.23 -0.33
C ALA A 187 51.39 -35.80 0.83
N SER A 188 51.95 -36.74 1.59
CA SER A 188 53.01 -36.49 2.59
C SER A 188 54.42 -36.44 2.02
N ASP A 189 54.67 -36.98 0.82
CA ASP A 189 56.02 -37.06 0.25
C ASP A 189 56.55 -35.70 -0.23
N VAL A 190 57.82 -35.41 0.05
CA VAL A 190 58.49 -34.19 -0.44
C VAL A 190 58.84 -34.34 -1.92
N VAL A 191 58.16 -33.59 -2.78
CA VAL A 191 58.37 -33.60 -4.23
C VAL A 191 59.32 -32.49 -4.70
N LEU A 192 59.47 -31.42 -3.91
CA LEU A 192 60.32 -30.27 -4.23
C LEU A 192 61.05 -29.80 -2.97
N GLU A 193 62.28 -29.34 -3.11
CA GLU A 193 62.94 -28.53 -2.09
C GLU A 193 63.59 -27.31 -2.72
N LEU A 194 63.60 -26.19 -2.00
CA LEU A 194 64.24 -24.96 -2.45
C LEU A 194 64.85 -24.18 -1.29
N GLU A 195 65.70 -23.21 -1.62
CA GLU A 195 66.44 -22.38 -0.66
C GLU A 195 66.35 -20.89 -1.02
N PHE A 196 66.28 -20.03 -0.01
CA PHE A 196 66.33 -18.57 -0.15
C PHE A 196 66.94 -17.94 1.12
N GLU A 197 67.94 -17.07 0.97
CA GLU A 197 68.71 -16.50 2.08
C GLU A 197 69.29 -17.57 3.03
N GLY A 198 69.66 -18.74 2.48
CA GLY A 198 70.16 -19.90 3.23
C GLY A 198 69.08 -20.68 4.03
N VAL A 199 67.86 -20.20 4.13
CA VAL A 199 66.72 -20.93 4.70
C VAL A 199 66.13 -21.88 3.66
N LYS A 200 65.69 -23.08 4.07
CA LYS A 200 65.18 -24.11 3.16
C LYS A 200 63.69 -24.38 3.38
N GLU A 201 62.97 -24.68 2.30
CA GLU A 201 61.61 -25.25 2.35
C GLU A 201 61.58 -26.62 1.69
N LYS A 202 60.91 -27.59 2.33
CA LYS A 202 60.56 -28.90 1.77
C LYS A 202 59.06 -28.92 1.48
N LEU A 203 58.66 -29.28 0.26
CA LEU A 203 57.30 -29.13 -0.21
C LEU A 203 56.72 -30.43 -0.76
N SER A 204 55.50 -30.77 -0.34
CA SER A 204 54.70 -31.86 -0.90
C SER A 204 53.65 -31.33 -1.87
N MET A 205 52.85 -32.21 -2.46
CA MET A 205 51.80 -31.84 -3.40
C MET A 205 50.63 -31.04 -2.79
N VAL A 206 50.55 -30.89 -1.47
CA VAL A 206 49.47 -30.16 -0.78
C VAL A 206 49.99 -28.86 -0.14
N GLN A 207 49.31 -27.75 -0.40
CA GLN A 207 49.52 -26.46 0.26
C GLN A 207 48.34 -26.12 1.18
N VAL A 208 48.48 -25.09 2.02
CA VAL A 208 47.43 -24.61 2.93
C VAL A 208 47.27 -23.09 2.80
N TRP A 209 46.05 -22.59 2.73
CA TRP A 209 45.77 -21.16 2.53
C TRP A 209 44.67 -20.64 3.46
N PRO A 210 44.77 -19.44 4.07
CA PRO A 210 43.72 -18.86 4.91
C PRO A 210 42.48 -18.49 4.10
N VAL A 211 41.29 -18.97 4.46
CA VAL A 211 40.11 -18.79 3.61
C VAL A 211 39.64 -17.35 3.50
N ARG A 212 39.99 -16.52 4.49
CA ARG A 212 39.64 -15.10 4.55
C ARG A 212 40.59 -14.19 3.75
N GLN A 213 41.65 -14.71 3.13
CA GLN A 213 42.62 -13.94 2.33
C GLN A 213 42.49 -14.21 0.82
N VAL A 214 42.37 -13.17 0.02
CA VAL A 214 42.28 -13.29 -1.45
C VAL A 214 43.55 -13.88 -2.03
N ARG A 215 43.49 -14.96 -2.83
CA ARG A 215 44.68 -15.49 -3.51
C ARG A 215 45.14 -14.52 -4.60
N PRO A 216 46.40 -14.04 -4.58
CA PRO A 216 46.89 -13.00 -5.49
C PRO A 216 47.00 -13.43 -6.96
N VAL A 217 47.03 -12.47 -7.87
CA VAL A 217 47.16 -12.65 -9.33
C VAL A 217 47.99 -11.53 -9.95
N THR A 218 48.53 -11.76 -11.16
CA THR A 218 49.32 -10.76 -11.88
C THR A 218 48.48 -9.57 -12.31
N GLU A 219 47.26 -9.82 -12.80
CA GLU A 219 46.39 -8.78 -13.37
C GLU A 219 44.95 -9.29 -13.46
N LYS A 220 43.96 -8.51 -13.02
CA LYS A 220 42.57 -8.74 -13.40
C LYS A 220 42.29 -8.18 -14.79
N LEU A 221 41.46 -8.88 -15.56
CA LEU A 221 41.15 -8.58 -16.96
C LEU A 221 39.65 -8.34 -17.15
N PRO A 222 39.22 -7.55 -18.14
CA PRO A 222 37.82 -7.36 -18.45
C PRO A 222 37.17 -8.67 -18.88
N ALA A 223 35.95 -8.95 -18.40
CA ALA A 223 35.21 -10.15 -18.77
C ALA A 223 34.48 -9.93 -20.09
N ASN A 224 34.67 -10.83 -21.07
CA ASN A 224 34.24 -10.58 -22.45
C ASN A 224 33.76 -11.81 -23.25
N HIS A 225 33.54 -12.96 -22.62
CA HIS A 225 33.04 -14.18 -23.27
C HIS A 225 31.79 -14.71 -22.55
N PRO A 226 30.65 -14.98 -23.21
CA PRO A 226 29.44 -15.42 -22.54
C PRO A 226 29.59 -16.71 -21.75
N LEU A 227 28.88 -16.79 -20.62
CA LEU A 227 28.71 -18.00 -19.82
C LEU A 227 27.32 -18.56 -20.12
N LEU A 228 27.22 -19.42 -21.14
CA LEU A 228 25.93 -19.94 -21.57
C LEU A 228 25.27 -20.76 -20.46
N THR A 229 23.98 -20.54 -20.29
CA THR A 229 23.09 -21.28 -19.40
C THR A 229 21.99 -21.90 -20.25
N GLY A 230 21.40 -23.03 -19.88
CA GLY A 230 20.42 -23.67 -20.78
C GLY A 230 19.16 -22.85 -21.10
N GLN A 231 18.89 -21.75 -20.37
CA GLN A 231 17.62 -21.06 -20.36
C GLN A 231 17.64 -19.81 -21.26
N ARG A 232 16.71 -19.71 -22.21
CA ARG A 232 16.64 -18.65 -23.22
C ARG A 232 16.46 -17.25 -22.63
N VAL A 233 15.72 -17.09 -21.55
CA VAL A 233 15.54 -15.79 -20.87
C VAL A 233 16.88 -15.20 -20.45
N LEU A 234 17.70 -16.03 -19.82
CA LEU A 234 18.98 -15.65 -19.24
C LEU A 234 20.04 -15.48 -20.33
N ASP A 235 20.08 -16.36 -21.32
CA ASP A 235 20.99 -16.22 -22.46
C ASP A 235 20.66 -15.03 -23.35
N ALA A 236 19.38 -14.70 -23.58
CA ALA A 236 18.99 -13.65 -24.50
C ALA A 236 18.78 -12.28 -23.82
N LEU A 237 17.86 -12.17 -22.86
CA LEU A 237 17.49 -10.87 -22.32
C LEU A 237 18.49 -10.33 -21.29
N PHE A 238 19.09 -11.19 -20.47
CA PHE A 238 19.98 -10.78 -19.38
C PHE A 238 21.29 -11.58 -19.37
N PRO A 239 22.15 -11.42 -20.39
CA PRO A 239 23.37 -12.18 -20.54
C PRO A 239 24.28 -12.17 -19.32
N CYS A 240 25.09 -13.21 -19.20
CA CYS A 240 26.14 -13.34 -18.19
C CYS A 240 27.45 -13.80 -18.87
N VAL A 241 28.57 -13.67 -18.17
CA VAL A 241 29.92 -13.72 -18.73
C VAL A 241 30.86 -14.60 -17.88
N GLN A 242 31.88 -15.20 -18.47
CA GLN A 242 32.93 -15.89 -17.70
C GLN A 242 33.70 -14.90 -16.81
N GLY A 243 33.68 -15.11 -15.50
CA GLY A 243 34.15 -14.09 -14.55
C GLY A 243 33.04 -13.16 -14.05
N GLY A 244 31.78 -13.49 -14.30
CA GLY A 244 30.64 -12.67 -13.92
C GLY A 244 30.30 -12.68 -12.44
N THR A 245 29.60 -11.66 -11.96
CA THR A 245 28.89 -11.67 -10.68
C THR A 245 27.39 -11.55 -10.91
N THR A 246 26.62 -12.49 -10.39
CA THR A 246 25.19 -12.61 -10.63
C THR A 246 24.46 -12.88 -9.33
N ALA A 247 23.28 -12.28 -9.15
CA ALA A 247 22.36 -12.66 -8.09
C ALA A 247 21.04 -13.18 -8.67
N ILE A 248 20.48 -14.24 -8.08
CA ILE A 248 19.32 -14.99 -8.59
C ILE A 248 18.31 -15.30 -7.48
N PRO A 249 17.07 -15.68 -7.79
CA PRO A 249 16.09 -16.05 -6.77
C PRO A 249 16.41 -17.42 -6.16
N GLY A 250 16.20 -17.61 -4.87
CA GLY A 250 16.32 -18.92 -4.23
C GLY A 250 15.41 -19.06 -3.01
N VAL A 258 16.55 -25.70 -11.17
CA VAL A 258 16.78 -25.43 -12.61
C VAL A 258 18.25 -25.11 -12.93
N ILE A 259 18.75 -23.89 -12.64
CA ILE A 259 20.07 -23.39 -13.10
C ILE A 259 21.25 -24.25 -12.60
N SER A 260 21.18 -24.76 -11.37
CA SER A 260 22.24 -25.54 -10.73
C SER A 260 22.64 -26.78 -11.56
N GLN A 261 21.68 -27.65 -11.89
CA GLN A 261 21.92 -28.78 -12.80
C GLN A 261 22.36 -28.29 -14.18
N SER A 262 21.68 -27.26 -14.70
CA SER A 262 21.87 -26.75 -16.07
C SER A 262 23.33 -26.34 -16.34
N LEU A 263 23.90 -25.43 -15.53
CA LEU A 263 25.32 -25.07 -15.62
C LEU A 263 26.24 -26.28 -15.43
N SER A 264 25.91 -27.16 -14.48
CA SER A 264 26.77 -28.29 -14.12
C SER A 264 26.94 -29.30 -15.24
N LYS A 265 25.83 -29.69 -15.90
CA LYS A 265 25.85 -30.62 -17.03
C LYS A 265 26.15 -29.92 -18.37
N TYR A 266 25.82 -28.64 -18.50
CA TYR A 266 25.96 -27.87 -19.74
C TYR A 266 26.44 -26.43 -19.47
N SER A 267 27.73 -26.16 -19.59
CA SER A 267 28.27 -24.79 -19.59
C SER A 267 29.65 -24.73 -20.23
N ASN A 268 30.13 -23.50 -20.49
CA ASN A 268 31.51 -23.26 -20.93
C ASN A 268 32.56 -23.47 -19.81
N SER A 269 32.14 -23.67 -18.55
CA SER A 269 33.04 -23.77 -17.40
C SER A 269 33.71 -25.15 -17.27
N ASP A 270 34.94 -25.17 -16.78
CA ASP A 270 35.77 -26.36 -16.64
C ASP A 270 35.52 -27.09 -15.32
N VAL A 271 35.35 -26.34 -14.24
CA VAL A 271 35.18 -26.84 -12.88
C VAL A 271 33.95 -26.20 -12.25
N ILE A 272 33.12 -26.96 -11.54
CA ILE A 272 31.97 -26.43 -10.79
C ILE A 272 32.17 -26.63 -9.30
N ILE A 273 31.92 -25.59 -8.51
CA ILE A 273 31.87 -25.68 -7.04
C ILE A 273 30.49 -25.26 -6.55
N TYR A 274 29.82 -26.13 -5.81
CA TYR A 274 28.49 -25.86 -5.26
C TYR A 274 28.58 -25.77 -3.74
N VAL A 275 28.12 -24.65 -3.16
CA VAL A 275 28.08 -24.43 -1.71
C VAL A 275 26.63 -24.39 -1.24
N GLY A 276 26.19 -25.43 -0.54
CA GLY A 276 24.86 -25.52 0.06
C GLY A 276 24.77 -24.76 1.37
N CYS A 277 25.05 -23.47 1.36
CA CYS A 277 25.09 -22.63 2.56
C CYS A 277 23.70 -22.49 3.20
N GLY A 278 23.44 -23.19 4.30
CA GLY A 278 22.16 -23.15 5.00
C GLY A 278 21.04 -23.88 4.27
N GLU A 279 21.33 -24.95 3.53
CA GLU A 279 20.34 -25.66 2.70
C GLU A 279 19.43 -26.60 3.52
N ARG A 280 18.20 -26.87 3.06
CA ARG A 280 17.27 -27.80 3.74
C ARG A 280 17.78 -29.23 3.69
N GLY A 281 17.65 -30.02 4.76
CA GLY A 281 18.14 -31.40 4.82
C GLY A 281 17.80 -32.26 3.62
N ASN A 282 16.52 -32.39 3.27
CA ASN A 282 16.10 -33.24 2.14
C ASN A 282 16.44 -32.64 0.76
N GLU A 283 16.75 -31.34 0.64
CA GLU A 283 17.20 -30.73 -0.61
C GLU A 283 18.70 -30.87 -0.80
N MET A 284 19.50 -30.76 0.26
CA MET A 284 20.92 -31.10 0.18
C MET A 284 21.08 -32.57 -0.19
N SER A 285 20.27 -33.44 0.42
CA SER A 285 20.25 -34.86 0.07
C SER A 285 19.90 -35.12 -1.40
N GLU A 286 19.10 -34.27 -2.04
CA GLU A 286 18.81 -34.38 -3.46
C GLU A 286 20.08 -34.14 -4.26
N VAL A 287 20.76 -33.02 -4.03
CA VAL A 287 21.98 -32.65 -4.73
C VAL A 287 23.07 -33.72 -4.58
N LEU A 288 23.28 -34.19 -3.35
CA LEU A 288 24.29 -35.21 -3.04
C LEU A 288 23.99 -36.57 -3.67
N ARG A 289 22.73 -36.93 -3.89
CA ARG A 289 22.34 -38.15 -4.63
C ARG A 289 22.43 -37.94 -6.13
N ASP A 290 21.94 -36.80 -6.60
CA ASP A 290 21.71 -36.51 -8.01
C ASP A 290 23.01 -36.27 -8.79
N PHE A 291 23.87 -35.37 -8.33
CA PHE A 291 25.10 -34.99 -9.05
C PHE A 291 25.99 -36.17 -9.45
N PRO A 292 26.32 -37.15 -8.59
CA PRO A 292 27.16 -38.27 -9.00
C PRO A 292 26.54 -39.17 -10.07
N GLU A 293 25.23 -39.10 -10.33
CA GLU A 293 24.59 -39.85 -11.43
C GLU A 293 24.70 -39.14 -12.79
N LEU A 294 24.87 -37.81 -12.80
CA LEU A 294 24.91 -37.03 -14.04
C LEU A 294 26.20 -37.25 -14.81
N THR A 295 26.11 -37.12 -16.13
CA THR A 295 27.23 -37.32 -17.07
C THR A 295 27.27 -36.24 -18.15
N MET A 296 28.41 -36.11 -18.80
CA MET A 296 28.69 -35.23 -19.92
C MET A 296 29.43 -36.02 -20.99
N GLU A 297 29.39 -35.60 -22.25
CA GLU A 297 30.21 -36.21 -23.29
C GLU A 297 31.44 -35.34 -23.57
N VAL A 298 32.61 -35.95 -23.50
CA VAL A 298 33.92 -35.30 -23.66
C VAL A 298 34.45 -35.56 -25.07
N ASP A 299 35.52 -36.34 -25.26
CA ASP A 299 36.14 -36.58 -26.57
C ASP A 299 35.43 -37.72 -27.35
N GLY A 300 34.11 -37.62 -27.52
CA GLY A 300 33.29 -38.71 -28.07
C GLY A 300 33.05 -39.87 -27.09
N LYS A 301 33.29 -39.65 -25.79
CA LYS A 301 33.16 -40.60 -24.68
C LYS A 301 32.37 -39.96 -23.54
N VAL A 302 31.55 -40.72 -22.83
CA VAL A 302 30.69 -40.20 -21.76
C VAL A 302 31.30 -40.42 -20.38
N GLU A 303 31.31 -39.37 -19.56
CA GLU A 303 32.01 -39.27 -18.27
C GLU A 303 31.11 -38.65 -17.20
N SER A 304 31.24 -39.02 -15.93
CA SER A 304 30.48 -38.38 -14.84
C SER A 304 30.94 -36.94 -14.59
N ILE A 305 30.01 -36.00 -14.41
CA ILE A 305 30.36 -34.61 -14.08
C ILE A 305 31.05 -34.48 -12.72
N MET A 306 30.92 -35.49 -11.86
CA MET A 306 31.57 -35.53 -10.57
C MET A 306 33.10 -35.53 -10.69
N LYS A 307 33.66 -35.92 -11.84
CA LYS A 307 35.10 -35.83 -12.13
C LYS A 307 35.63 -34.40 -12.24
N ARG A 308 34.75 -33.39 -12.36
CA ARG A 308 35.10 -31.96 -12.43
C ARG A 308 34.30 -31.07 -11.47
N THR A 309 33.80 -31.64 -10.38
CA THR A 309 32.96 -30.97 -9.40
C THR A 309 33.48 -31.16 -7.99
N ALA A 310 33.31 -30.20 -7.09
CA ALA A 310 33.45 -30.40 -5.65
C ALA A 310 32.29 -29.73 -4.90
N LEU A 311 31.82 -30.29 -3.78
CA LEU A 311 30.68 -29.76 -3.05
C LEU A 311 31.02 -29.42 -1.61
N VAL A 312 30.43 -28.34 -1.12
CA VAL A 312 30.40 -27.97 0.29
C VAL A 312 28.95 -28.04 0.76
N ALA A 313 28.66 -28.88 1.74
CA ALA A 313 27.33 -29.14 2.28
C ALA A 313 27.21 -28.55 3.67
N ASN A 314 26.15 -27.79 3.94
CA ASN A 314 25.92 -27.20 5.26
C ASN A 314 24.43 -27.03 5.53
N THR A 315 23.77 -28.08 6.02
CA THR A 315 22.33 -28.07 6.27
C THR A 315 21.94 -27.11 7.39
N SER A 316 20.68 -26.68 7.43
CA SER A 316 20.24 -25.54 8.24
C SER A 316 20.44 -25.70 9.76
N ASN A 317 20.56 -26.92 10.26
CA ASN A 317 20.83 -27.25 11.67
C ASN A 317 22.31 -27.27 12.06
N MET A 318 23.27 -27.23 11.14
CA MET A 318 24.70 -27.20 11.49
C MET A 318 25.10 -25.87 12.15
N PRO A 319 26.20 -25.80 12.93
CA PRO A 319 26.53 -24.64 13.76
C PRO A 319 26.71 -23.35 12.98
N VAL A 320 26.22 -22.24 13.54
CA VAL A 320 26.14 -20.95 12.83
C VAL A 320 27.48 -20.43 12.31
N ALA A 321 28.59 -20.70 12.99
CA ALA A 321 29.90 -20.29 12.51
C ALA A 321 30.39 -21.10 11.30
N ALA A 322 30.05 -22.38 11.21
CA ALA A 322 30.36 -23.19 10.05
C ALA A 322 29.55 -22.72 8.82
N ARG A 323 28.31 -22.27 9.04
CA ARG A 323 27.48 -21.64 8.00
C ARG A 323 28.18 -20.43 7.40
N GLU A 324 28.71 -19.56 8.24
CA GLU A 324 29.50 -18.40 7.79
C GLU A 324 30.75 -18.80 7.00
N ALA A 325 31.56 -19.74 7.51
CA ALA A 325 32.77 -20.19 6.82
C ALA A 325 32.52 -20.92 5.50
N SER A 326 31.34 -21.50 5.28
CA SER A 326 31.09 -22.33 4.11
C SER A 326 31.30 -21.58 2.80
N ILE A 327 30.97 -20.29 2.75
CA ILE A 327 31.23 -19.42 1.60
C ILE A 327 32.72 -19.26 1.36
N TYR A 328 33.50 -18.93 2.38
CA TYR A 328 34.93 -18.67 2.26
C TYR A 328 35.70 -19.92 1.84
N THR A 329 35.27 -21.09 2.30
CA THR A 329 35.84 -22.35 1.82
C THR A 329 35.61 -22.49 0.33
N GLY A 330 34.37 -22.40 -0.16
CA GLY A 330 34.07 -22.57 -1.58
C GLY A 330 34.75 -21.58 -2.51
N ILE A 331 34.85 -20.30 -2.14
CA ILE A 331 35.54 -19.32 -2.97
C ILE A 331 37.05 -19.54 -2.96
N THR A 332 37.65 -20.01 -1.87
CA THR A 332 39.08 -20.32 -1.86
C THR A 332 39.39 -21.52 -2.73
N LEU A 333 38.57 -22.57 -2.67
CA LEU A 333 38.68 -23.69 -3.61
C LEU A 333 38.51 -23.22 -5.07
N SER A 334 37.69 -22.20 -5.33
CA SER A 334 37.51 -21.67 -6.68
C SER A 334 38.71 -20.87 -7.14
N GLU A 335 39.28 -20.02 -6.29
CA GLU A 335 40.51 -19.32 -6.59
C GLU A 335 41.68 -20.28 -6.80
N TYR A 336 41.71 -21.43 -6.14
CA TYR A 336 42.75 -22.42 -6.35
C TYR A 336 42.72 -23.04 -7.74
N PHE A 337 41.56 -23.37 -8.31
CA PHE A 337 41.48 -23.86 -9.69
C PHE A 337 41.55 -22.75 -10.73
N ARG A 338 41.12 -21.52 -10.42
CA ARG A 338 41.43 -20.35 -11.24
C ARG A 338 42.93 -20.24 -11.47
N ASP A 339 43.74 -20.34 -10.42
CA ASP A 339 45.19 -20.17 -10.52
C ASP A 339 45.84 -21.16 -11.47
N MET A 340 45.36 -22.40 -11.56
CA MET A 340 45.83 -23.39 -12.55
C MET A 340 45.51 -23.00 -13.99
N GLY A 341 44.76 -21.93 -14.23
CA GLY A 341 44.34 -21.52 -15.55
C GLY A 341 43.06 -22.20 -16.04
N TYR A 342 42.21 -22.70 -15.14
CA TYR A 342 40.87 -23.16 -15.49
C TYR A 342 39.84 -22.04 -15.41
N HIS A 343 38.69 -22.24 -16.03
CA HIS A 343 37.50 -21.43 -15.83
C HIS A 343 36.57 -22.13 -14.85
N VAL A 344 36.33 -21.52 -13.70
CA VAL A 344 35.57 -22.10 -12.59
C VAL A 344 34.22 -21.43 -12.48
N SER A 345 33.16 -22.18 -12.21
CA SER A 345 31.86 -21.64 -11.84
C SER A 345 31.52 -21.97 -10.39
N MET A 346 31.22 -20.99 -9.57
CA MET A 346 30.76 -21.17 -8.19
C MET A 346 29.29 -20.82 -8.03
N MET A 347 28.53 -21.69 -7.37
CA MET A 347 27.14 -21.48 -6.99
C MET A 347 27.02 -21.45 -5.47
N ALA A 348 26.47 -20.38 -4.91
CA ALA A 348 26.22 -20.26 -3.48
C ALA A 348 24.70 -20.31 -3.20
N ASP A 349 24.23 -21.34 -2.50
CA ASP A 349 22.81 -21.69 -2.44
C ASP A 349 21.93 -20.75 -1.62
N SER A 350 22.51 -19.98 -0.70
CA SER A 350 21.86 -18.75 -0.26
C SER A 350 22.85 -17.82 0.41
N THR A 351 23.05 -16.65 -0.18
CA THR A 351 23.74 -15.55 0.49
C THR A 351 22.88 -14.91 1.58
N SER A 352 21.56 -15.10 1.55
CA SER A 352 20.66 -14.66 2.61
C SER A 352 20.73 -15.54 3.84
N ARG A 353 20.82 -16.86 3.69
CA ARG A 353 21.03 -17.77 4.84
C ARG A 353 22.41 -17.60 5.45
N TRP A 354 23.36 -17.11 4.68
CA TRP A 354 24.66 -16.67 5.18
C TRP A 354 24.57 -15.36 5.96
N ALA A 355 23.87 -14.35 5.45
CA ALA A 355 23.64 -13.10 6.17
C ALA A 355 22.82 -13.29 7.46
N GLU A 356 21.96 -14.30 7.52
CA GLU A 356 21.30 -14.77 8.74
C GLU A 356 22.30 -15.14 9.84
N ALA A 357 23.41 -15.78 9.49
CA ALA A 357 24.44 -16.15 10.44
C ALA A 357 25.17 -14.93 10.99
N LEU A 358 25.50 -13.97 10.13
CA LEU A 358 26.11 -12.71 10.55
C LEU A 358 25.23 -11.95 11.53
N ARG A 359 23.91 -11.91 11.30
CA ARG A 359 22.96 -11.29 12.23
C ARG A 359 22.94 -11.99 13.59
N GLU A 360 22.94 -13.32 13.63
CA GLU A 360 22.99 -14.06 14.90
C GLU A 360 24.31 -13.84 15.65
N ILE A 361 25.46 -13.98 14.99
CA ILE A 361 26.76 -13.82 15.63
C ILE A 361 26.94 -12.38 16.13
N SER A 362 26.51 -11.38 15.36
CA SER A 362 26.51 -9.98 15.76
C SER A 362 25.66 -9.71 17.01
N GLY A 363 24.50 -10.36 17.12
CA GLY A 363 23.64 -10.29 18.30
C GLY A 363 24.26 -10.96 19.53
N ARG A 364 24.89 -12.13 19.38
CA ARG A 364 25.58 -12.82 20.49
C ARG A 364 26.77 -12.03 21.06
N LEU A 365 27.37 -11.15 20.25
CA LEU A 365 28.49 -10.28 20.60
C LEU A 365 28.08 -8.89 21.11
N ALA A 366 26.78 -8.63 21.26
CA ALA A 366 26.23 -7.38 21.77
C ALA A 366 26.51 -6.13 20.92
N GLU A 367 26.76 -6.29 19.61
CA GLU A 367 26.99 -5.18 18.69
C GLU A 367 25.72 -4.36 18.41
N MET A 368 25.85 -3.09 18.04
CA MET A 368 24.72 -2.32 17.50
C MET A 368 24.43 -2.71 16.05
N PRO A 369 23.17 -3.01 15.70
CA PRO A 369 22.78 -3.25 14.32
C PRO A 369 22.78 -1.98 13.47
N ALA A 370 22.57 -2.14 12.17
CA ALA A 370 22.03 -1.13 11.29
C ALA A 370 20.55 -1.46 10.99
N ASP A 371 20.11 -1.47 9.73
CA ASP A 371 18.73 -1.76 9.34
C ASP A 371 18.35 -3.22 9.63
N SER A 372 17.17 -3.45 10.22
CA SER A 372 16.57 -4.78 10.39
C SER A 372 17.45 -5.79 11.14
N GLY A 373 18.25 -5.30 12.08
CA GLY A 373 19.05 -6.11 13.00
C GLY A 373 20.37 -6.62 12.43
N TYR A 374 20.63 -6.45 11.13
CA TYR A 374 21.87 -6.86 10.50
C TYR A 374 23.04 -6.01 11.01
N PRO A 375 24.26 -6.56 11.10
CA PRO A 375 25.43 -5.76 11.45
C PRO A 375 25.66 -4.65 10.42
N ALA A 376 26.21 -3.52 10.84
CA ALA A 376 26.43 -2.40 9.93
C ALA A 376 27.50 -2.67 8.85
N TYR A 377 28.34 -3.68 9.05
CA TYR A 377 29.34 -4.19 8.10
C TYR A 377 28.83 -5.24 7.10
N LEU A 378 27.53 -5.54 7.02
CA LEU A 378 26.99 -6.56 6.10
C LEU A 378 27.37 -6.31 4.64
N GLY A 379 27.29 -5.08 4.16
CA GLY A 379 27.64 -4.73 2.78
C GLY A 379 29.13 -4.82 2.48
N ALA A 380 30.00 -4.64 3.47
CA ALA A 380 31.43 -4.88 3.32
C ALA A 380 31.75 -6.37 3.24
N ARG A 381 31.08 -7.19 4.07
CA ARG A 381 31.18 -8.65 4.04
C ARG A 381 30.72 -9.23 2.70
N LEU A 382 29.58 -8.81 2.18
CA LEU A 382 29.12 -9.20 0.85
C LEU A 382 30.09 -8.76 -0.24
N ALA A 383 30.49 -7.48 -0.26
CA ALA A 383 31.34 -6.97 -1.34
C ALA A 383 32.70 -7.66 -1.36
N SER A 384 33.26 -7.99 -0.20
CA SER A 384 34.51 -8.76 -0.10
C SER A 384 34.38 -10.17 -0.68
N PHE A 385 33.22 -10.83 -0.57
CA PHE A 385 32.98 -12.11 -1.23
C PHE A 385 32.82 -11.93 -2.74
N TYR A 386 31.87 -11.13 -3.21
CA TYR A 386 31.60 -11.03 -4.65
C TYR A 386 32.79 -10.49 -5.45
N GLU A 387 33.59 -9.57 -4.92
CA GLU A 387 34.76 -9.03 -5.61
C GLU A 387 35.96 -10.01 -5.71
N ARG A 388 35.83 -11.26 -5.24
CA ARG A 388 36.78 -12.35 -5.51
C ARG A 388 36.53 -13.07 -6.85
N ALA A 389 35.40 -12.83 -7.51
CA ALA A 389 35.15 -13.23 -8.90
C ALA A 389 36.06 -12.48 -9.89
N GLY A 390 36.11 -12.95 -11.14
CA GLY A 390 36.75 -12.24 -12.25
C GLY A 390 37.56 -13.14 -13.16
N ARG A 391 37.95 -12.62 -14.33
CA ARG A 391 38.96 -13.20 -15.23
C ARG A 391 40.32 -12.64 -14.88
N VAL A 392 41.36 -13.45 -14.87
CA VAL A 392 42.67 -13.05 -14.35
C VAL A 392 43.80 -13.57 -15.21
N LYS A 393 44.96 -12.94 -15.10
CA LYS A 393 46.26 -13.47 -15.53
C LYS A 393 46.96 -14.00 -14.29
N CYS A 394 47.21 -15.31 -14.22
CA CYS A 394 47.62 -15.98 -12.99
C CYS A 394 49.01 -15.54 -12.50
N LEU A 395 49.37 -15.83 -11.25
CA LEU A 395 50.74 -15.59 -10.77
C LEU A 395 51.75 -16.53 -11.45
N GLY A 396 53.03 -16.21 -11.34
CA GLY A 396 54.07 -17.17 -11.66
C GLY A 396 54.26 -17.37 -13.16
N ASN A 397 55.18 -18.26 -13.48
CA ASN A 397 55.92 -18.21 -14.72
C ASN A 397 55.18 -18.62 -15.98
N PRO A 398 54.53 -19.79 -16.09
CA PRO A 398 53.76 -20.10 -17.30
C PRO A 398 52.62 -19.11 -17.48
N GLU A 399 52.58 -18.41 -18.60
CA GLU A 399 51.55 -17.41 -18.87
C GLU A 399 50.20 -18.13 -19.06
N ARG A 400 49.19 -17.71 -18.30
CA ARG A 400 47.88 -18.35 -18.14
C ARG A 400 46.78 -17.30 -18.09
N GLU A 401 45.56 -17.74 -18.34
CA GLU A 401 44.36 -17.09 -17.83
C GLU A 401 43.44 -18.10 -17.15
N GLY A 402 42.76 -17.68 -16.11
CA GLY A 402 41.67 -18.43 -15.49
C GLY A 402 40.57 -17.50 -15.03
N SER A 403 39.47 -18.02 -14.52
CA SER A 403 38.40 -17.18 -13.99
C SER A 403 37.56 -17.86 -12.92
N VAL A 404 36.89 -17.09 -12.08
CA VAL A 404 35.80 -17.57 -11.22
C VAL A 404 34.55 -16.79 -11.55
N SER A 405 33.46 -17.46 -11.89
CA SER A 405 32.14 -16.84 -12.06
C SER A 405 31.32 -17.14 -10.82
N ILE A 406 30.66 -16.16 -10.21
CA ILE A 406 29.85 -16.39 -9.01
C ILE A 406 28.38 -16.16 -9.31
N VAL A 407 27.55 -17.15 -9.00
CA VAL A 407 26.10 -17.04 -8.97
C VAL A 407 25.63 -17.17 -7.53
N GLY A 408 25.03 -16.12 -6.98
CA GLY A 408 24.59 -16.10 -5.59
C GLY A 408 23.07 -16.10 -5.52
N ALA A 409 22.49 -17.12 -4.90
CA ALA A 409 21.07 -17.08 -4.61
C ALA A 409 20.76 -16.09 -3.48
N VAL A 410 19.65 -15.37 -3.62
CA VAL A 410 19.11 -14.41 -2.66
C VAL A 410 17.69 -14.85 -2.30
N SER A 411 17.33 -14.77 -1.01
CA SER A 411 16.14 -15.39 -0.44
C SER A 411 15.36 -14.39 0.44
N PRO A 412 14.63 -13.42 -0.15
CA PRO A 412 14.09 -12.27 0.57
C PRO A 412 13.20 -12.64 1.77
N SER A 418 13.99 -4.45 -1.64
CA SER A 418 13.40 -4.14 -0.31
C SER A 418 14.35 -4.46 0.84
N ASP A 419 14.62 -5.73 1.16
CA ASP A 419 15.40 -6.12 2.35
C ASP A 419 16.89 -5.68 2.29
N PRO A 420 17.60 -5.65 3.42
CA PRO A 420 19.02 -5.25 3.46
C PRO A 420 19.97 -6.15 2.68
N VAL A 421 19.76 -7.46 2.57
CA VAL A 421 20.67 -8.36 1.85
C VAL A 421 20.56 -8.14 0.35
N THR A 422 19.34 -8.02 -0.18
CA THR A 422 19.14 -7.64 -1.57
C THR A 422 19.72 -6.27 -1.84
N SER A 423 19.38 -5.27 -1.02
CA SER A 423 19.84 -3.89 -1.20
C SER A 423 21.36 -3.78 -1.21
N ALA A 424 22.05 -4.50 -0.34
CA ALA A 424 23.50 -4.56 -0.31
C ALA A 424 24.07 -5.25 -1.55
N THR A 425 23.46 -6.35 -1.99
CA THR A 425 23.89 -7.12 -3.16
C THR A 425 23.81 -6.33 -4.44
N LEU A 426 22.72 -5.58 -4.68
CA LEU A 426 22.54 -4.80 -5.91
C LEU A 426 23.58 -3.67 -6.10
N GLY A 427 24.22 -3.23 -5.03
CA GLY A 427 25.33 -2.27 -5.12
C GLY A 427 26.60 -2.85 -5.74
N ILE A 428 26.69 -4.18 -5.87
CA ILE A 428 27.91 -4.91 -6.20
C ILE A 428 27.76 -5.69 -7.51
N VAL A 429 26.76 -6.57 -7.60
CA VAL A 429 26.62 -7.51 -8.72
C VAL A 429 26.31 -6.83 -10.04
N GLN A 430 26.91 -7.34 -11.12
CA GLN A 430 26.71 -6.84 -12.48
C GLN A 430 25.44 -7.39 -13.15
N VAL A 431 24.88 -8.50 -12.68
CA VAL A 431 23.64 -9.08 -13.21
C VAL A 431 22.69 -9.40 -12.07
N PHE A 432 21.41 -9.13 -12.25
CA PHE A 432 20.37 -9.49 -11.29
C PHE A 432 19.15 -10.04 -12.01
N TRP A 433 18.71 -11.23 -11.63
CA TRP A 433 17.49 -11.86 -12.13
C TRP A 433 16.47 -11.91 -11.00
N GLY A 434 15.34 -11.22 -11.14
CA GLY A 434 14.29 -11.15 -10.13
C GLY A 434 13.14 -12.12 -10.43
N LEU A 435 12.49 -12.69 -9.43
CA LEU A 435 11.32 -13.56 -9.65
C LEU A 435 10.06 -12.74 -9.86
N ASP A 436 9.10 -13.27 -10.62
CA ASP A 436 7.72 -12.75 -10.65
C ASP A 436 6.75 -13.78 -10.07
N LYS A 437 6.10 -13.44 -8.96
CA LYS A 437 5.07 -14.31 -8.35
C LYS A 437 3.89 -14.53 -9.28
N LYS A 438 3.56 -13.58 -10.17
CA LYS A 438 2.51 -13.79 -11.18
C LYS A 438 2.89 -14.90 -12.15
N LEU A 439 4.15 -14.94 -12.59
CA LEU A 439 4.62 -16.02 -13.47
C LEU A 439 4.67 -17.36 -12.71
N ALA A 440 5.25 -17.38 -11.50
CA ALA A 440 5.34 -18.60 -10.71
C ALA A 440 3.95 -19.17 -10.37
N GLN A 441 3.01 -18.34 -9.95
CA GLN A 441 1.64 -18.77 -9.66
C GLN A 441 0.78 -19.02 -10.92
N ARG A 442 1.16 -18.54 -12.10
CA ARG A 442 0.59 -19.02 -13.38
C ARG A 442 1.33 -20.24 -13.93
N LYS A 443 2.28 -20.81 -13.17
CA LYS A 443 3.10 -21.96 -13.56
C LYS A 443 3.82 -21.74 -14.89
N HIS A 444 4.32 -20.53 -15.10
CA HIS A 444 5.20 -20.13 -16.21
C HIS A 444 6.65 -20.18 -15.73
N PHE A 445 7.52 -20.88 -16.46
CA PHE A 445 8.89 -21.18 -16.07
C PHE A 445 9.88 -20.99 -17.23
N PRO A 446 11.12 -20.53 -16.98
CA PRO A 446 11.59 -19.98 -15.70
C PRO A 446 10.88 -18.65 -15.39
N SER A 447 10.47 -18.46 -14.14
CA SER A 447 9.57 -17.39 -13.71
C SER A 447 10.25 -16.03 -13.51
N VAL A 448 11.31 -15.72 -14.27
CA VAL A 448 12.09 -14.49 -14.11
C VAL A 448 11.36 -13.28 -14.70
N ASN A 449 11.27 -12.21 -13.93
CA ASN A 449 10.70 -10.92 -14.30
C ASN A 449 11.61 -10.18 -15.29
N TRP A 450 11.18 -10.00 -16.55
CA TRP A 450 11.97 -9.33 -17.59
C TRP A 450 11.88 -7.79 -17.59
N LEU A 451 11.38 -7.18 -16.52
CA LEU A 451 11.27 -5.71 -16.41
C LEU A 451 12.00 -5.12 -15.20
N ILE A 452 12.19 -5.87 -14.11
CA ILE A 452 13.03 -5.45 -12.98
C ILE A 452 14.45 -6.05 -13.02
N SER A 453 14.65 -7.17 -13.73
CA SER A 453 15.99 -7.75 -13.95
C SER A 453 16.89 -6.83 -14.79
N TYR A 454 18.21 -7.00 -14.70
CA TYR A 454 19.18 -6.27 -15.51
C TYR A 454 20.48 -7.06 -15.73
N SER A 455 21.26 -6.68 -16.73
CA SER A 455 22.64 -7.11 -16.92
C SER A 455 23.51 -5.95 -17.40
N LYS A 456 24.62 -5.66 -16.73
CA LYS A 456 25.55 -4.58 -17.11
C LYS A 456 26.69 -5.04 -18.00
N TYR A 457 26.74 -6.31 -18.40
CA TYR A 457 27.76 -6.85 -19.30
C TYR A 457 27.47 -6.64 -20.79
N MET A 458 26.32 -6.10 -21.20
CA MET A 458 25.91 -6.14 -22.60
C MET A 458 26.86 -5.41 -23.55
N ARG A 459 27.41 -4.24 -23.18
CA ARG A 459 28.44 -3.55 -23.99
C ARG A 459 29.76 -4.33 -24.14
N ALA A 460 30.16 -5.08 -23.11
CA ALA A 460 31.33 -5.95 -23.21
C ALA A 460 31.07 -7.11 -24.17
N LEU A 461 29.88 -7.70 -24.13
CA LEU A 461 29.53 -8.85 -24.96
C LEU A 461 29.18 -8.48 -26.40
N ASP A 462 28.71 -7.26 -26.68
CA ASP A 462 28.32 -6.88 -28.04
C ASP A 462 29.43 -7.03 -29.09
N GLU A 463 30.71 -6.97 -28.72
CA GLU A 463 31.81 -7.32 -29.63
C GLU A 463 31.94 -8.83 -29.90
N TYR A 464 31.61 -9.69 -28.94
CA TYR A 464 31.48 -11.13 -29.16
C TYR A 464 30.28 -11.43 -30.06
N TYR A 465 29.13 -10.83 -29.80
CA TYR A 465 27.97 -11.00 -30.67
C TYR A 465 28.20 -10.44 -32.07
N ASP A 466 28.89 -9.31 -32.22
CA ASP A 466 29.33 -8.78 -33.51
C ASP A 466 30.27 -9.77 -34.24
N LYS A 467 31.23 -10.37 -33.53
CA LYS A 467 32.14 -11.34 -34.13
C LYS A 467 31.45 -12.64 -34.57
N HIS A 468 30.53 -13.17 -33.77
CA HIS A 468 30.03 -14.55 -33.94
C HIS A 468 28.58 -14.68 -34.43
N PHE A 469 27.74 -13.64 -34.36
CA PHE A 469 26.32 -13.73 -34.74
C PHE A 469 25.81 -12.58 -35.60
N THR A 470 26.25 -11.34 -35.38
CA THR A 470 25.87 -10.08 -36.07
C THR A 470 24.39 -9.67 -35.98
N GLU A 471 23.44 -10.60 -36.11
CA GLU A 471 22.00 -10.31 -36.11
C GLU A 471 21.39 -10.16 -34.70
N PHE A 472 22.01 -10.78 -33.69
CA PHE A 472 21.37 -10.93 -32.37
C PHE A 472 21.13 -9.61 -31.62
N VAL A 473 22.01 -8.62 -31.74
CA VAL A 473 21.88 -7.35 -31.00
C VAL A 473 20.59 -6.59 -31.38
N PRO A 474 20.25 -6.40 -32.67
CA PRO A 474 18.92 -5.95 -33.10
C PRO A 474 17.76 -6.78 -32.53
N LEU A 475 17.83 -8.11 -32.54
CA LEU A 475 16.76 -8.98 -32.05
C LEU A 475 16.53 -8.80 -30.54
N ARG A 476 17.58 -8.81 -29.72
CA ARG A 476 17.53 -8.53 -28.28
C ARG A 476 16.86 -7.18 -28.01
N THR A 477 17.27 -6.16 -28.75
CA THR A 477 16.74 -4.80 -28.63
C THR A 477 15.24 -4.76 -28.93
N LYS A 478 14.80 -5.30 -30.08
CA LYS A 478 13.39 -5.30 -30.47
C LYS A 478 12.51 -6.13 -29.53
N ALA A 479 13.00 -7.27 -29.05
CA ALA A 479 12.26 -8.09 -28.11
C ALA A 479 11.98 -7.35 -26.80
N LYS A 480 12.96 -6.62 -26.25
CA LYS A 480 12.76 -5.79 -25.06
C LYS A 480 11.80 -4.63 -25.30
N GLU A 481 11.81 -4.02 -26.49
CA GLU A 481 10.82 -3.01 -26.84
C GLU A 481 9.41 -3.61 -26.85
N ILE A 482 9.18 -4.73 -27.54
CA ILE A 482 7.85 -5.37 -27.61
C ILE A 482 7.34 -5.70 -26.20
N LEU A 483 8.18 -6.29 -25.36
CA LEU A 483 7.82 -6.66 -24.00
C LEU A 483 7.52 -5.44 -23.11
N GLN A 484 8.13 -4.28 -23.33
CA GLN A 484 7.83 -3.07 -22.57
C GLN A 484 6.61 -2.33 -23.12
N GLU A 485 6.48 -2.21 -24.44
CA GLU A 485 5.34 -1.56 -25.08
C GLU A 485 4.03 -2.25 -24.69
N GLU A 486 3.99 -3.58 -24.75
CA GLU A 486 2.83 -4.34 -24.32
C GLU A 486 2.52 -4.18 -22.82
N GLU A 487 3.50 -3.90 -21.97
CA GLU A 487 3.23 -3.74 -20.54
C GLU A 487 2.45 -2.45 -20.23
N ASP A 488 2.60 -1.40 -21.04
CA ASP A 488 1.73 -0.22 -20.96
C ASP A 488 0.33 -0.49 -21.51
N LEU A 489 0.20 -1.20 -22.65
CA LEU A 489 -1.12 -1.58 -23.18
C LEU A 489 -1.88 -2.46 -22.18
N ALA A 490 -1.19 -3.39 -21.52
CA ALA A 490 -1.73 -4.26 -20.49
C ALA A 490 -2.26 -3.50 -19.24
N GLU A 491 -1.90 -2.24 -19.02
CA GLU A 491 -2.54 -1.40 -18.01
C GLU A 491 -3.84 -0.79 -18.53
N ILE A 492 -3.83 -0.23 -19.73
CA ILE A 492 -4.98 0.50 -20.30
C ILE A 492 -6.14 -0.44 -20.62
N VAL A 493 -5.90 -1.66 -21.09
CA VAL A 493 -6.99 -2.60 -21.38
C VAL A 493 -7.77 -3.05 -20.14
N GLN A 494 -7.24 -2.88 -18.92
CA GLN A 494 -8.01 -3.09 -17.69
C GLN A 494 -9.11 -2.04 -17.48
N LEU A 495 -8.92 -0.81 -18.00
CA LEU A 495 -9.91 0.26 -17.96
C LEU A 495 -10.95 0.14 -19.08
N VAL A 496 -10.48 -0.06 -20.31
CA VAL A 496 -11.30 0.09 -21.54
C VAL A 496 -11.74 -1.22 -22.19
N GLY A 497 -11.28 -2.38 -21.72
CA GLY A 497 -11.77 -3.68 -22.22
C GLY A 497 -11.42 -3.97 -23.69
N LYS A 498 -10.20 -3.63 -24.12
CA LYS A 498 -9.58 -3.93 -25.44
C LYS A 498 -10.22 -3.29 -26.68
N ALA A 499 -11.49 -2.88 -26.65
CA ALA A 499 -12.25 -2.52 -27.85
C ALA A 499 -11.63 -1.36 -28.67
N SER A 500 -11.08 -0.34 -28.01
CA SER A 500 -10.48 0.84 -28.65
C SER A 500 -9.16 0.56 -29.37
N LEU A 501 -8.51 -0.58 -29.15
CA LEU A 501 -7.12 -0.82 -29.53
C LEU A 501 -6.92 -0.97 -31.04
N ALA A 502 -5.92 -0.30 -31.61
CA ALA A 502 -5.58 -0.40 -33.03
C ALA A 502 -4.96 -1.75 -33.42
N GLU A 503 -5.05 -2.12 -34.69
CA GLU A 503 -4.58 -3.43 -35.19
C GLU A 503 -3.07 -3.62 -35.01
N THR A 504 -2.25 -2.58 -35.23
CA THR A 504 -0.79 -2.62 -34.95
C THR A 504 -0.48 -2.94 -33.49
N ASP A 505 -1.41 -2.59 -32.61
CA ASP A 505 -1.23 -2.66 -31.17
C ASP A 505 -1.78 -3.99 -30.66
N LYS A 506 -2.87 -4.51 -31.26
CA LYS A 506 -3.31 -5.90 -31.12
C LYS A 506 -2.24 -6.88 -31.59
N ILE A 507 -1.64 -6.64 -32.75
CA ILE A 507 -0.46 -7.36 -33.26
C ILE A 507 0.64 -7.40 -32.19
N THR A 508 0.87 -6.27 -31.53
CA THR A 508 1.87 -6.15 -30.48
C THR A 508 1.48 -6.92 -29.21
N LEU A 509 0.21 -6.93 -28.80
CA LEU A 509 -0.23 -7.80 -27.70
C LEU A 509 0.03 -9.28 -28.03
N GLU A 510 -0.40 -9.72 -29.21
CA GLU A 510 -0.45 -11.13 -29.55
C GLU A 510 0.96 -11.68 -29.82
N VAL A 511 1.83 -10.92 -30.47
CA VAL A 511 3.23 -11.32 -30.63
C VAL A 511 3.99 -11.26 -29.29
N ALA A 512 3.65 -10.31 -28.43
CA ALA A 512 4.29 -10.32 -27.08
C ALA A 512 3.97 -11.66 -26.41
N LYS A 513 2.73 -12.13 -26.54
CA LYS A 513 2.32 -13.43 -25.94
C LYS A 513 3.10 -14.58 -26.57
N LEU A 514 3.28 -14.55 -27.90
CA LEU A 514 4.08 -15.60 -28.59
C LEU A 514 5.46 -15.65 -27.95
N ILE A 515 6.12 -14.49 -27.81
CA ILE A 515 7.42 -14.42 -27.15
C ILE A 515 7.34 -14.97 -25.71
N LYS A 516 6.31 -14.59 -24.95
CA LYS A 516 6.22 -15.04 -23.54
C LYS A 516 6.00 -16.56 -23.45
N ASP A 517 5.15 -17.15 -24.29
CA ASP A 517 4.78 -18.56 -24.20
C ASP A 517 5.69 -19.50 -25.02
N ASP A 518 6.28 -19.04 -26.11
CA ASP A 518 7.01 -19.90 -27.05
C ASP A 518 8.50 -19.54 -27.21
N PHE A 519 8.99 -18.51 -26.50
CA PHE A 519 10.42 -18.21 -26.39
C PHE A 519 10.87 -18.07 -24.94
N LEU A 520 10.28 -17.18 -24.15
CA LEU A 520 10.69 -16.98 -22.77
C LEU A 520 10.31 -18.15 -21.87
N GLN A 521 9.12 -18.72 -22.03
CA GLN A 521 8.77 -20.00 -21.41
C GLN A 521 9.68 -21.14 -21.94
N GLN A 522 10.11 -22.02 -21.04
CA GLN A 522 10.98 -23.14 -21.34
C GLN A 522 10.80 -24.27 -20.30
N ASN A 523 10.31 -25.43 -20.73
CA ASN A 523 10.25 -26.64 -19.90
C ASN A 523 11.67 -27.10 -19.55
N GLY A 524 11.97 -27.27 -18.27
CA GLY A 524 13.31 -27.59 -17.77
C GLY A 524 13.67 -29.07 -17.77
N TYR A 525 12.72 -29.98 -18.00
CA TYR A 525 12.89 -31.43 -17.86
C TYR A 525 12.81 -32.20 -19.19
N THR A 526 12.06 -31.68 -20.16
CA THR A 526 11.92 -32.32 -21.48
C THR A 526 13.21 -32.26 -22.29
N PRO A 527 13.65 -33.35 -22.96
CA PRO A 527 14.96 -33.40 -23.60
C PRO A 527 15.22 -32.32 -24.66
N TYR A 528 14.21 -31.93 -25.45
CA TYR A 528 14.40 -30.94 -26.51
C TYR A 528 14.75 -29.52 -26.00
N ASP A 529 14.44 -29.20 -24.75
CA ASP A 529 14.63 -27.87 -24.14
C ASP A 529 15.36 -27.91 -22.78
N ARG A 530 15.95 -29.04 -22.41
CA ARG A 530 16.83 -29.20 -21.23
C ARG A 530 18.00 -28.21 -21.22
N PHE A 531 18.55 -27.94 -22.39
CA PHE A 531 19.57 -26.94 -22.67
C PHE A 531 19.39 -26.42 -24.11
N CYS A 532 19.01 -25.15 -24.26
CA CYS A 532 18.80 -24.51 -25.56
C CYS A 532 20.10 -23.83 -26.03
N PRO A 533 20.87 -24.39 -26.99
CA PRO A 533 22.12 -23.79 -27.44
C PRO A 533 21.88 -22.44 -28.12
N PHE A 534 22.93 -21.62 -28.26
CA PHE A 534 22.72 -20.25 -28.71
C PHE A 534 22.34 -20.15 -30.19
N TYR A 535 22.76 -21.08 -31.05
CA TYR A 535 22.27 -21.16 -32.44
C TYR A 535 20.77 -21.49 -32.53
N LYS A 536 20.21 -22.27 -31.59
CA LYS A 536 18.76 -22.48 -31.46
C LYS A 536 18.08 -21.21 -30.92
N THR A 537 18.67 -20.58 -29.90
CA THR A 537 18.17 -19.36 -29.27
C THR A 537 18.03 -18.19 -30.27
N VAL A 538 19.08 -17.87 -31.03
CA VAL A 538 19.02 -16.84 -32.08
C VAL A 538 18.06 -17.23 -33.21
N GLY A 539 18.01 -18.51 -33.60
CA GLY A 539 17.12 -18.97 -34.67
C GLY A 539 15.63 -18.75 -34.36
N MET A 540 15.17 -19.16 -33.18
CA MET A 540 13.78 -18.94 -32.76
C MET A 540 13.43 -17.45 -32.78
N LEU A 541 14.20 -16.61 -32.09
CA LEU A 541 13.87 -15.20 -31.97
C LEU A 541 13.93 -14.46 -33.30
N SER A 542 14.89 -14.80 -34.17
CA SER A 542 14.99 -14.24 -35.52
C SER A 542 13.71 -14.42 -36.31
N ASN A 543 13.11 -15.62 -36.25
CA ASN A 543 11.84 -15.87 -36.91
C ASN A 543 10.69 -15.08 -36.27
N MET A 544 10.55 -15.04 -34.94
CA MET A 544 9.47 -14.27 -34.30
C MET A 544 9.53 -12.77 -34.60
N ILE A 545 10.73 -12.17 -34.60
CA ILE A 545 10.89 -10.75 -34.96
C ILE A 545 10.65 -10.54 -36.46
N SER A 546 11.03 -11.48 -37.32
CA SER A 546 10.69 -11.42 -38.74
C SER A 546 9.18 -11.45 -38.96
N PHE A 547 8.45 -12.29 -38.20
CA PHE A 547 7.00 -12.30 -38.23
C PHE A 547 6.43 -10.96 -37.77
N TYR A 548 6.91 -10.37 -36.67
CA TYR A 548 6.44 -9.09 -36.17
C TYR A 548 6.55 -7.99 -37.22
N ASP A 549 7.70 -7.89 -37.90
CA ASP A 549 7.89 -6.93 -38.98
C ASP A 549 6.88 -7.13 -40.11
N MET A 550 6.75 -8.35 -40.65
CA MET A 550 5.86 -8.59 -41.78
C MET A 550 4.37 -8.44 -41.42
N ALA A 551 3.94 -8.97 -40.27
CA ALA A 551 2.58 -8.84 -39.79
C ALA A 551 2.19 -7.38 -39.53
N ARG A 552 3.05 -6.61 -38.87
CA ARG A 552 2.83 -5.17 -38.65
C ARG A 552 2.85 -4.41 -39.97
N ARG A 553 3.78 -4.70 -40.88
CA ARG A 553 3.83 -4.05 -42.20
C ARG A 553 2.55 -4.29 -42.99
N ALA A 554 1.98 -5.49 -42.97
CA ALA A 554 0.72 -5.77 -43.66
C ALA A 554 -0.45 -4.90 -43.14
N VAL A 555 -0.59 -4.74 -41.82
CA VAL A 555 -1.57 -3.84 -41.22
C VAL A 555 -1.30 -2.39 -41.62
N GLU A 556 -0.09 -1.87 -41.40
CA GLU A 556 0.22 -0.46 -41.67
C GLU A 556 0.07 -0.10 -43.16
N THR A 557 0.51 -0.98 -44.06
CA THR A 557 0.44 -0.76 -45.53
C THR A 557 -1.00 -0.73 -46.06
N THR A 558 -1.97 -1.18 -45.27
CA THR A 558 -3.40 -1.21 -45.65
C THR A 558 -4.27 -0.34 -44.74
N ALA A 559 -3.68 0.53 -43.93
CA ALA A 559 -4.37 1.74 -43.49
C ALA A 559 -4.69 2.66 -44.70
N GLN A 560 -5.56 3.66 -44.50
CA GLN A 560 -5.95 4.64 -45.54
C GLN A 560 -6.48 3.99 -46.84
N SER A 561 -7.18 2.86 -46.72
CA SER A 561 -7.53 1.96 -47.82
C SER A 561 -8.90 1.28 -47.57
N ASP A 562 -9.59 0.89 -48.65
CA ASP A 562 -10.89 0.19 -48.57
C ASP A 562 -10.73 -1.23 -48.02
N ASN A 563 -9.78 -2.00 -48.54
CA ASN A 563 -9.27 -3.20 -47.89
C ASN A 563 -8.26 -2.79 -46.80
N LYS A 564 -8.53 -3.15 -45.55
CA LYS A 564 -7.64 -2.97 -44.40
C LYS A 564 -7.39 -4.33 -43.74
N ILE A 565 -6.13 -4.72 -43.59
CA ILE A 565 -5.73 -5.93 -42.89
C ILE A 565 -5.92 -5.77 -41.38
N THR A 566 -6.26 -6.86 -40.70
CA THR A 566 -6.47 -6.94 -39.26
C THR A 566 -5.71 -8.15 -38.72
N TRP A 567 -5.48 -8.21 -37.41
CA TRP A 567 -4.92 -9.41 -36.80
C TRP A 567 -5.76 -10.64 -37.11
N SER A 568 -7.10 -10.53 -37.08
CA SER A 568 -8.00 -11.62 -37.43
C SER A 568 -7.81 -12.11 -38.88
N ILE A 569 -7.59 -11.20 -39.84
CA ILE A 569 -7.29 -11.59 -41.21
C ILE A 569 -5.96 -12.36 -41.28
N ILE A 570 -4.91 -11.88 -40.61
CA ILE A 570 -3.61 -12.55 -40.60
C ILE A 570 -3.71 -13.92 -39.94
N ARG A 571 -4.40 -14.02 -38.80
CA ARG A 571 -4.65 -15.27 -38.07
C ARG A 571 -5.41 -16.29 -38.92
N GLU A 572 -6.42 -15.85 -39.67
CA GLU A 572 -7.15 -16.72 -40.60
C GLU A 572 -6.28 -17.18 -41.78
N HIS A 573 -5.50 -16.25 -42.38
CA HIS A 573 -4.66 -16.54 -43.55
C HIS A 573 -3.42 -17.39 -43.23
N MET A 574 -2.88 -17.31 -42.00
CA MET A 574 -1.54 -17.78 -41.65
C MET A 574 -1.50 -18.72 -40.43
N GLY A 575 -2.59 -19.42 -40.11
CA GLY A 575 -2.67 -20.33 -38.97
C GLY A 575 -1.57 -21.41 -38.94
N GLU A 576 -1.16 -21.94 -40.10
CA GLU A 576 -0.05 -22.88 -40.20
C GLU A 576 1.30 -22.25 -39.84
N ILE A 577 1.52 -20.98 -40.18
CA ILE A 577 2.73 -20.25 -39.81
C ILE A 577 2.75 -20.00 -38.31
N LEU A 578 1.61 -19.64 -37.69
CA LEU A 578 1.52 -19.52 -36.23
C LEU A 578 1.74 -20.88 -35.54
N TYR A 579 1.23 -21.97 -36.11
CA TYR A 579 1.47 -23.31 -35.59
C TYR A 579 2.95 -23.70 -35.70
N LYS A 580 3.60 -23.43 -36.83
CA LYS A 580 5.04 -23.67 -37.01
C LYS A 580 5.88 -22.80 -36.07
N LEU A 581 5.59 -21.50 -35.94
CA LEU A 581 6.29 -20.58 -35.03
C LEU A 581 6.19 -21.05 -33.57
N SER A 582 4.99 -21.34 -33.09
CA SER A 582 4.81 -21.90 -31.74
C SER A 582 5.48 -23.27 -31.56
N SER A 583 5.57 -24.08 -32.61
CA SER A 583 6.28 -25.37 -32.60
C SER A 583 7.80 -25.29 -32.70
N MET A 584 8.42 -24.13 -33.00
CA MET A 584 9.90 -24.03 -33.19
C MET A 584 10.71 -24.52 -31.98
N LYS A 585 10.16 -24.37 -30.77
CA LYS A 585 10.76 -24.84 -29.51
C LYS A 585 11.02 -26.34 -29.48
N PHE A 586 10.23 -27.18 -30.17
CA PHE A 586 10.31 -28.64 -30.09
C PHE A 586 11.56 -29.28 -30.75
N LYS A 587 12.34 -28.54 -31.55
CA LYS A 587 13.58 -29.05 -32.16
C LYS A 587 14.55 -29.50 -31.09
N ASP A 588 15.03 -30.74 -31.17
CA ASP A 588 15.87 -31.34 -30.15
C ASP A 588 17.35 -31.35 -30.61
N PRO A 589 18.25 -30.59 -29.96
CA PRO A 589 19.65 -30.49 -30.36
C PRO A 589 20.45 -31.78 -30.10
N VAL A 590 19.91 -32.76 -29.37
CA VAL A 590 20.52 -34.09 -29.22
C VAL A 590 20.20 -34.97 -30.44
N LYS A 591 18.98 -34.84 -30.98
CA LYS A 591 18.51 -35.65 -32.12
C LYS A 591 18.90 -35.05 -33.47
N ASP A 592 18.82 -33.73 -33.58
CA ASP A 592 19.05 -32.97 -34.82
C ASP A 592 20.29 -32.07 -34.70
N GLY A 593 21.10 -32.01 -35.75
CA GLY A 593 22.29 -31.14 -35.82
C GLY A 593 21.97 -29.68 -36.14
N GLU A 594 22.98 -28.82 -36.00
CA GLU A 594 22.91 -27.39 -36.33
C GLU A 594 22.31 -27.14 -37.72
N ALA A 595 22.80 -27.87 -38.73
CA ALA A 595 22.40 -27.71 -40.11
C ALA A 595 20.89 -27.96 -40.30
N LYS A 596 20.35 -29.04 -39.72
CA LYS A 596 18.92 -29.35 -39.80
C LYS A 596 18.08 -28.30 -39.07
N ILE A 597 18.46 -27.94 -37.84
CA ILE A 597 17.69 -26.98 -37.04
C ILE A 597 17.65 -25.60 -37.74
N LYS A 598 18.79 -25.13 -38.26
CA LYS A 598 18.84 -23.91 -39.09
C LYS A 598 18.00 -24.04 -40.37
N ALA A 599 18.11 -25.14 -41.10
CA ALA A 599 17.35 -25.34 -42.34
C ALA A 599 15.84 -25.37 -42.09
N ASP A 600 15.39 -26.00 -41.01
CA ASP A 600 13.98 -26.03 -40.63
C ASP A 600 13.46 -24.62 -40.31
N TYR A 601 14.21 -23.85 -39.52
CA TYR A 601 13.84 -22.46 -39.22
C TYR A 601 13.90 -21.57 -40.47
N ALA A 602 14.88 -21.76 -41.35
CA ALA A 602 14.97 -21.03 -42.61
C ALA A 602 13.81 -21.37 -43.57
N GLN A 603 13.37 -22.63 -43.61
CA GLN A 603 12.20 -23.01 -44.39
C GLN A 603 10.95 -22.32 -43.85
N LEU A 604 10.76 -22.25 -42.53
CA LEU A 604 9.67 -21.49 -41.95
C LEU A 604 9.76 -20.00 -42.31
N LEU A 605 10.94 -19.40 -42.32
CA LEU A 605 11.08 -18.02 -42.77
C LEU A 605 10.64 -17.85 -44.23
N GLU A 606 10.92 -18.82 -45.10
CA GLU A 606 10.41 -18.80 -46.46
C GLU A 606 8.88 -19.03 -46.51
N ASP A 607 8.34 -19.93 -45.69
CA ASP A 607 6.89 -20.13 -45.57
C ASP A 607 6.18 -18.85 -45.13
N MET A 608 6.75 -18.13 -44.16
CA MET A 608 6.25 -16.81 -43.74
C MET A 608 6.25 -15.84 -44.90
N GLN A 609 7.39 -15.66 -45.57
CA GLN A 609 7.49 -14.73 -46.69
C GLN A 609 6.49 -15.08 -47.82
N ASN A 610 6.37 -16.36 -48.16
CA ASN A 610 5.44 -16.82 -49.19
C ASN A 610 3.99 -16.58 -48.77
N ALA A 611 3.65 -16.81 -47.50
CA ALA A 611 2.31 -16.53 -46.98
C ALA A 611 1.99 -15.03 -47.04
N PHE A 612 2.89 -14.16 -46.58
CA PHE A 612 2.70 -12.71 -46.68
C PHE A 612 2.64 -12.23 -48.14
N ARG A 613 3.44 -12.82 -49.04
CA ARG A 613 3.39 -12.52 -50.49
C ARG A 613 2.08 -13.00 -51.13
N SER A 614 1.43 -14.01 -50.55
CA SER A 614 0.13 -14.54 -51.00
C SER A 614 -1.08 -13.76 -50.47
N LEU A 615 -0.92 -12.86 -49.49
CA LEU A 615 -2.01 -12.10 -48.86
C LEU A 615 -2.66 -11.08 -49.82
N SER B 16 39.08 28.81 39.93
CA SER B 16 39.62 29.12 38.60
C SER B 16 38.57 28.90 37.52
N THR B 17 38.62 29.67 36.43
CA THR B 17 37.76 29.52 35.24
C THR B 17 38.21 28.41 34.28
N PHE B 18 39.36 27.78 34.49
CA PHE B 18 39.87 26.71 33.62
C PHE B 18 39.63 25.32 34.20
N GLY B 19 38.98 24.46 33.43
CA GLY B 19 39.03 23.00 33.54
C GLY B 19 39.87 22.39 32.43
N TYR B 20 39.97 21.08 32.34
CA TYR B 20 40.80 20.40 31.33
C TYR B 20 40.08 19.25 30.65
N VAL B 21 40.34 19.04 29.36
CA VAL B 21 39.71 17.97 28.58
C VAL B 21 40.12 16.60 29.12
N HIS B 22 39.16 15.80 29.55
CA HIS B 22 39.36 14.41 29.96
C HIS B 22 39.25 13.46 28.77
N GLY B 23 38.24 13.62 27.91
CA GLY B 23 38.03 12.74 26.77
C GLY B 23 37.24 13.41 25.66
N VAL B 24 37.38 12.90 24.43
CA VAL B 24 36.73 13.43 23.23
C VAL B 24 36.23 12.26 22.40
N SER B 25 35.00 12.33 21.91
CA SER B 25 34.42 11.33 21.03
C SER B 25 33.35 11.96 20.14
N GLY B 26 33.66 12.22 18.88
CA GLY B 26 32.79 13.02 18.02
C GLY B 26 32.73 14.48 18.51
N PRO B 27 31.60 15.18 18.40
CA PRO B 27 31.44 16.54 18.91
C PRO B 27 31.37 16.62 20.44
N VAL B 28 31.31 15.49 21.14
CA VAL B 28 31.17 15.47 22.59
C VAL B 28 32.54 15.51 23.24
N VAL B 29 32.76 16.52 24.07
CA VAL B 29 33.95 16.70 24.90
C VAL B 29 33.55 16.48 26.34
N THR B 30 34.35 15.79 27.12
CA THR B 30 34.16 15.64 28.55
C THR B 30 35.33 16.27 29.26
N ALA B 31 35.06 17.16 30.21
CA ALA B 31 36.08 17.98 30.85
C ALA B 31 36.01 17.86 32.37
N CYS B 32 37.12 18.08 33.06
CA CYS B 32 37.31 17.87 34.50
C CYS B 32 37.95 19.09 35.17
N ASP B 33 37.94 19.17 36.50
CA ASP B 33 38.05 20.41 37.27
C ASP B 33 36.97 21.47 36.95
N MET B 34 35.88 21.06 36.29
CA MET B 34 34.74 21.91 35.93
C MET B 34 33.76 22.13 37.08
N ALA B 35 34.17 21.93 38.33
CA ALA B 35 33.31 22.11 39.50
C ALA B 35 32.76 23.54 39.59
N GLY B 36 31.44 23.66 39.70
CA GLY B 36 30.74 24.95 39.74
C GLY B 36 30.42 25.59 38.38
N ALA B 37 30.77 24.96 37.28
CA ALA B 37 30.20 25.31 35.98
C ALA B 37 28.72 24.94 35.95
N ALA B 38 27.90 25.65 35.17
CA ALA B 38 26.44 25.56 35.26
C ALA B 38 25.79 25.04 33.97
N MET B 39 24.61 24.45 34.06
CA MET B 39 23.90 23.89 32.91
C MET B 39 23.69 24.90 31.79
N TYR B 40 23.95 24.47 30.56
CA TYR B 40 23.89 25.28 29.35
C TYR B 40 24.80 26.52 29.32
N GLU B 41 25.75 26.70 30.23
CA GLU B 41 26.82 27.65 30.00
C GLU B 41 27.56 27.33 28.72
N LEU B 42 28.09 28.36 28.07
CA LEU B 42 29.05 28.17 27.01
C LEU B 42 30.47 28.05 27.55
N VAL B 43 31.32 27.33 26.83
CA VAL B 43 32.74 27.16 27.12
C VAL B 43 33.58 27.41 25.87
N ARG B 44 34.87 27.64 26.06
CA ARG B 44 35.88 27.61 25.01
C ARG B 44 36.81 26.44 25.25
N VAL B 45 36.86 25.50 24.32
CA VAL B 45 37.59 24.22 24.39
C VAL B 45 38.84 24.26 23.52
N GLY B 46 39.97 23.79 24.04
CA GLY B 46 41.18 23.64 23.24
C GLY B 46 42.00 24.93 23.11
N HIS B 47 43.22 24.80 22.59
CA HIS B 47 44.11 25.93 22.33
C HIS B 47 43.61 26.85 21.22
N SER B 48 42.82 26.33 20.28
CA SER B 48 42.11 27.12 19.28
C SER B 48 40.75 27.65 19.74
N GLU B 49 40.33 27.40 20.98
CA GLU B 49 39.13 27.98 21.61
C GLU B 49 37.81 27.74 20.83
N LEU B 50 37.47 26.48 20.58
CA LEU B 50 36.20 26.08 19.98
C LEU B 50 35.05 26.33 20.95
N VAL B 51 33.90 26.81 20.49
CA VAL B 51 32.72 27.00 21.35
C VAL B 51 31.94 25.70 21.51
N GLY B 52 31.42 25.48 22.71
CA GLY B 52 30.44 24.44 23.00
C GLY B 52 29.59 24.81 24.19
N GLU B 53 28.60 24.00 24.53
CA GLU B 53 27.73 24.22 25.70
C GLU B 53 27.67 23.01 26.62
N ILE B 54 27.52 23.25 27.92
CA ILE B 54 27.48 22.19 28.94
C ILE B 54 26.10 21.53 28.99
N ILE B 55 26.04 20.23 28.70
CA ILE B 55 24.79 19.44 28.58
C ILE B 55 24.55 18.40 29.69
N ARG B 56 25.56 18.07 30.50
CA ARG B 56 25.46 17.24 31.71
C ARG B 56 26.44 17.76 32.74
N LEU B 57 26.17 17.53 34.03
CA LEU B 57 27.10 17.73 35.13
C LEU B 57 27.18 16.46 35.96
N GLU B 58 28.36 16.08 36.44
CA GLU B 58 28.56 14.87 37.24
C GLU B 58 29.84 14.97 38.07
N GLY B 59 29.74 15.18 39.38
CA GLY B 59 30.90 15.45 40.22
C GLY B 59 31.59 16.78 39.86
N ASP B 60 32.91 16.77 39.67
CA ASP B 60 33.64 17.89 39.09
C ASP B 60 33.64 17.92 37.55
N MET B 61 33.13 16.87 36.89
CA MET B 61 33.14 16.77 35.44
C MET B 61 31.91 17.41 34.80
N ALA B 62 32.07 17.82 33.55
CA ALA B 62 31.01 18.29 32.68
C ALA B 62 31.12 17.60 31.33
N THR B 63 29.99 17.45 30.65
CA THR B 63 29.95 17.06 29.25
C THR B 63 29.57 18.27 28.43
N ILE B 64 30.38 18.58 27.44
CA ILE B 64 30.26 19.72 26.56
C ILE B 64 29.85 19.18 25.20
N GLN B 65 28.78 19.72 24.64
CA GLN B 65 28.43 19.55 23.24
C GLN B 65 29.15 20.64 22.43
N VAL B 66 30.27 20.32 21.78
CA VAL B 66 31.03 21.31 20.98
C VAL B 66 30.32 21.57 19.67
N TYR B 67 30.23 22.84 19.26
CA TYR B 67 29.51 23.22 18.05
C TYR B 67 30.35 23.01 16.78
N GLU B 68 31.65 23.29 16.85
CA GLU B 68 32.58 23.25 15.72
C GLU B 68 33.29 21.89 15.60
N GLU B 69 34.22 21.75 14.65
CA GLU B 69 34.97 20.51 14.45
C GLU B 69 35.98 20.24 15.58
N THR B 70 35.81 19.13 16.30
CA THR B 70 36.71 18.68 17.38
C THR B 70 37.96 17.94 16.89
N SER B 71 38.14 17.67 15.60
CA SER B 71 39.37 17.07 15.05
C SER B 71 40.63 17.74 15.59
N GLY B 72 41.56 16.96 16.13
CA GLY B 72 42.82 17.48 16.64
C GLY B 72 42.79 18.05 18.05
N VAL B 73 41.65 18.12 18.74
CA VAL B 73 41.59 18.42 20.18
C VAL B 73 42.31 17.31 20.95
N SER B 74 43.01 17.60 22.04
CA SER B 74 43.81 16.62 22.79
C SER B 74 43.43 16.55 24.27
N VAL B 75 43.61 15.37 24.88
CA VAL B 75 43.46 15.22 26.33
C VAL B 75 44.40 16.18 27.04
N GLY B 76 43.95 16.75 28.15
CA GLY B 76 44.71 17.76 28.89
C GLY B 76 44.68 19.15 28.26
N ASP B 77 43.98 19.38 27.15
CA ASP B 77 43.73 20.73 26.66
C ASP B 77 42.93 21.56 27.67
N PRO B 78 43.10 22.88 27.73
CA PRO B 78 42.30 23.74 28.58
C PRO B 78 40.86 23.86 28.09
N VAL B 79 39.92 23.97 29.03
CA VAL B 79 38.54 24.39 28.79
C VAL B 79 38.28 25.61 29.65
N LEU B 80 37.92 26.73 29.05
CA LEU B 80 37.61 27.98 29.72
C LEU B 80 36.11 28.14 29.83
N ARG B 81 35.58 28.31 31.04
CA ARG B 81 34.14 28.56 31.24
C ARG B 81 33.78 30.04 31.07
N THR B 82 32.75 30.32 30.29
CA THR B 82 32.16 31.67 30.18
C THR B 82 30.98 31.73 31.15
N GLY B 83 30.86 32.77 31.95
CA GLY B 83 29.83 32.83 33.01
C GLY B 83 28.37 32.96 32.52
N LYS B 84 28.10 32.73 31.24
CA LYS B 84 26.87 33.05 30.53
C LYS B 84 26.35 31.81 29.81
N PRO B 85 25.03 31.63 29.68
CA PRO B 85 24.44 30.80 28.64
C PRO B 85 24.55 31.51 27.29
N LEU B 86 24.02 30.91 26.23
CA LEU B 86 23.94 31.54 24.91
C LEU B 86 23.19 32.87 24.97
N SER B 87 23.84 33.95 24.54
CA SER B 87 23.37 35.32 24.75
C SER B 87 23.83 36.26 23.64
N VAL B 88 23.10 37.37 23.47
CA VAL B 88 23.29 38.38 22.41
C VAL B 88 23.95 39.62 23.01
N GLU B 89 24.92 40.24 22.33
CA GLU B 89 25.33 41.61 22.65
C GLU B 89 24.39 42.61 22.00
N LEU B 90 23.78 43.47 22.79
CA LEU B 90 22.73 44.39 22.39
C LEU B 90 23.19 45.82 22.65
N GLY B 91 23.29 46.62 21.60
CA GLY B 91 23.84 47.96 21.69
C GLY B 91 24.04 48.57 20.31
N PRO B 92 24.67 49.75 20.20
CA PRO B 92 24.84 50.43 18.94
C PRO B 92 25.77 49.66 17.99
N GLY B 93 25.46 49.64 16.70
CA GLY B 93 26.18 48.88 15.69
C GLY B 93 25.47 47.63 15.17
N ILE B 94 24.21 47.40 15.55
CA ILE B 94 23.38 46.30 15.02
C ILE B 94 22.81 46.65 13.63
N MET B 95 22.42 47.90 13.38
CA MET B 95 21.86 48.28 12.09
C MET B 95 22.90 48.14 10.97
N GLY B 96 22.53 47.44 9.91
CA GLY B 96 23.40 47.11 8.79
C GLY B 96 24.31 45.90 9.02
N ALA B 97 24.23 45.21 10.16
CA ALA B 97 25.08 44.07 10.47
C ALA B 97 24.61 42.78 9.81
N ILE B 98 25.56 41.88 9.52
CA ILE B 98 25.31 40.50 9.11
C ILE B 98 25.84 39.58 10.21
N PHE B 99 24.98 38.74 10.76
CA PHE B 99 25.30 37.85 11.87
C PHE B 99 25.02 36.41 11.47
N ASP B 100 25.70 35.41 12.03
CA ASP B 100 25.18 34.04 11.98
C ASP B 100 24.22 33.75 13.16
N GLY B 101 23.71 32.53 13.26
CA GLY B 101 22.73 32.17 14.29
C GLY B 101 23.20 32.30 15.73
N ILE B 102 24.51 32.43 15.99
CA ILE B 102 25.10 32.72 17.30
C ILE B 102 25.83 34.08 17.33
N GLN B 103 25.40 35.00 16.47
CA GLN B 103 25.82 36.41 16.41
C GLN B 103 27.29 36.63 16.03
N ARG B 104 27.95 35.71 15.32
CA ARG B 104 29.28 36.01 14.75
C ARG B 104 29.16 37.00 13.59
N PRO B 105 29.92 38.10 13.55
CA PRO B 105 29.76 39.17 12.57
C PRO B 105 30.41 38.81 11.23
N LEU B 106 29.67 38.20 10.32
CA LEU B 106 30.24 37.59 9.12
C LEU B 106 30.98 38.56 8.21
N SER B 107 30.53 39.82 8.18
CA SER B 107 31.15 40.90 7.40
C SER B 107 32.39 41.50 8.04
N ASP B 108 32.57 41.35 9.35
CA ASP B 108 33.82 41.70 10.03
C ASP B 108 34.81 40.56 10.01
N ILE B 109 34.36 39.32 10.16
CA ILE B 109 35.21 38.14 10.04
C ILE B 109 35.89 38.09 8.67
N SER B 110 35.17 38.41 7.59
CA SER B 110 35.74 38.53 6.24
C SER B 110 36.76 39.65 6.14
N SER B 111 36.40 40.85 6.59
CA SER B 111 37.27 42.04 6.56
C SER B 111 38.59 41.86 7.33
N GLN B 112 38.52 41.33 8.54
CA GLN B 112 39.67 41.19 9.42
C GLN B 112 40.54 39.97 9.10
N THR B 113 39.97 38.87 8.62
CA THR B 113 40.73 37.64 8.31
C THR B 113 41.31 37.66 6.89
N GLN B 114 40.78 38.49 5.99
CA GLN B 114 41.11 38.51 4.56
C GLN B 114 40.99 37.12 3.92
N SER B 115 39.93 36.39 4.25
CA SER B 115 39.69 35.01 3.82
C SER B 115 38.25 34.73 3.47
N ILE B 116 38.04 33.85 2.50
CA ILE B 116 36.72 33.38 2.06
C ILE B 116 36.07 32.37 3.02
N TYR B 117 36.78 31.89 4.04
CA TYR B 117 36.28 30.90 5.01
C TYR B 117 35.99 31.49 6.39
N ILE B 118 35.30 30.74 7.25
CA ILE B 118 35.17 31.05 8.68
C ILE B 118 36.13 30.16 9.48
N PRO B 119 37.15 30.71 10.18
CA PRO B 119 38.11 29.92 10.94
C PRO B 119 37.45 29.12 12.06
N ARG B 120 38.00 27.95 12.43
CA ARG B 120 37.60 27.28 13.67
C ARG B 120 38.01 28.15 14.85
N GLY B 121 37.13 28.38 15.80
CA GLY B 121 37.45 29.15 17.00
C GLY B 121 37.72 30.64 16.73
N VAL B 122 37.14 31.22 15.69
CA VAL B 122 37.14 32.67 15.48
C VAL B 122 36.44 33.39 16.65
N ASN B 123 37.03 34.48 17.15
CA ASN B 123 36.57 35.19 18.36
C ASN B 123 36.53 36.72 18.16
N VAL B 124 35.97 37.18 17.04
CA VAL B 124 35.57 38.58 16.86
C VAL B 124 34.32 38.84 17.72
N SER B 125 34.31 39.91 18.54
CA SER B 125 33.14 40.30 19.33
C SER B 125 32.00 40.78 18.43
N ALA B 126 30.73 40.57 18.80
CA ALA B 126 29.61 40.83 17.90
C ALA B 126 29.49 42.30 17.48
N LEU B 127 29.69 43.24 18.42
CA LEU B 127 29.69 44.67 18.18
C LEU B 127 31.12 45.23 18.30
N SER B 128 31.52 46.13 17.40
CA SER B 128 32.86 46.72 17.41
C SER B 128 33.12 47.50 18.70
N ARG B 129 34.23 47.19 19.38
CA ARG B 129 34.75 47.97 20.50
C ARG B 129 35.74 49.06 20.03
N ASP B 130 35.84 49.28 18.72
CA ASP B 130 36.76 50.21 18.07
C ASP B 130 36.07 51.54 17.74
N ILE B 131 34.89 51.49 17.12
CA ILE B 131 34.16 52.68 16.66
C ILE B 131 33.76 53.55 17.86
N LYS B 132 33.78 54.87 17.67
CA LYS B 132 33.30 55.85 18.66
C LYS B 132 31.92 56.35 18.29
N TRP B 133 31.01 56.31 19.25
CA TRP B 133 29.60 56.63 19.09
C TRP B 133 29.23 57.94 19.78
N GLU B 134 28.54 58.81 19.05
CA GLU B 134 28.10 60.13 19.48
C GLU B 134 26.91 60.04 20.45
N PHE B 135 27.16 60.21 21.74
CA PHE B 135 26.24 59.96 22.86
C PHE B 135 25.69 61.24 23.47
N ILE B 136 24.37 61.31 23.63
CA ILE B 136 23.67 62.40 24.32
C ILE B 136 22.93 61.83 25.55
N PRO B 137 23.20 62.26 26.80
CA PRO B 137 22.45 61.84 27.98
C PRO B 137 20.99 62.28 27.97
N SER B 138 20.17 61.85 28.93
CA SER B 138 18.74 62.24 29.00
C SER B 138 18.46 63.68 29.46
N LYS B 139 19.50 64.50 29.73
CA LYS B 139 19.49 65.96 30.02
C LYS B 139 18.78 66.42 31.30
N ASN B 140 17.79 65.70 31.83
CA ASN B 140 17.22 65.95 33.16
C ASN B 140 17.49 64.83 34.19
N LEU B 141 18.25 63.78 33.83
CA LEU B 141 18.95 62.95 34.81
C LEU B 141 20.10 63.74 35.45
N ARG B 142 20.28 63.54 36.75
CA ARG B 142 21.33 64.15 37.59
C ARG B 142 21.84 63.13 38.61
N VAL B 143 23.01 63.33 39.19
CA VAL B 143 23.51 62.49 40.29
C VAL B 143 22.48 62.40 41.42
N GLY B 144 22.28 61.22 41.98
CA GLY B 144 21.27 60.90 42.97
C GLY B 144 19.87 60.55 42.42
N SER B 145 19.64 60.64 41.11
CA SER B 145 18.35 60.25 40.51
C SER B 145 18.04 58.77 40.72
N HIS B 146 16.77 58.43 40.94
CA HIS B 146 16.28 57.06 41.03
C HIS B 146 15.96 56.51 39.64
N ILE B 147 16.47 55.33 39.31
CA ILE B 147 16.47 54.77 37.96
C ILE B 147 16.17 53.26 38.00
N THR B 148 15.42 52.73 37.03
CA THR B 148 14.91 51.35 37.01
C THR B 148 15.09 50.69 35.64
N GLY B 149 15.01 49.36 35.56
CA GLY B 149 15.24 48.64 34.30
C GLY B 149 14.31 49.11 33.19
N GLY B 150 14.85 49.29 32.00
CA GLY B 150 14.16 49.85 30.84
C GLY B 150 14.20 51.38 30.73
N ASP B 151 14.72 52.09 31.71
CA ASP B 151 14.88 53.56 31.66
C ASP B 151 15.86 53.99 30.58
N ILE B 152 15.44 54.87 29.68
CA ILE B 152 16.35 55.48 28.70
C ILE B 152 17.21 56.53 29.41
N TYR B 153 18.52 56.35 29.39
CA TYR B 153 19.49 57.28 29.98
C TYR B 153 20.36 58.00 28.95
N GLY B 154 20.20 57.72 27.65
CA GLY B 154 20.79 58.52 26.59
C GLY B 154 20.37 58.07 25.20
N ILE B 155 20.90 58.70 24.16
CA ILE B 155 20.70 58.35 22.76
C ILE B 155 22.02 58.36 22.04
N VAL B 156 22.28 57.37 21.20
CA VAL B 156 23.38 57.36 20.23
C VAL B 156 22.83 57.66 18.84
N ASN B 157 23.41 58.64 18.17
CA ASN B 157 23.03 59.05 16.82
C ASN B 157 23.63 58.07 15.78
N GLU B 158 23.12 56.85 15.73
CA GLU B 158 23.69 55.74 14.96
C GLU B 158 23.72 55.99 13.46
N ASN B 159 22.61 56.44 12.87
CA ASN B 159 22.52 56.86 11.47
C ASN B 159 21.37 57.86 11.25
N SER B 160 21.04 58.20 10.01
CA SER B 160 19.99 59.18 9.67
C SER B 160 18.57 58.75 10.01
N LEU B 161 18.31 57.46 10.24
CA LEU B 161 16.97 56.94 10.53
C LEU B 161 16.77 56.56 12.00
N ILE B 162 17.71 55.81 12.58
CA ILE B 162 17.55 55.23 13.91
C ILE B 162 18.29 56.07 14.94
N LYS B 163 17.54 56.65 15.88
CA LYS B 163 18.06 57.04 17.19
C LYS B 163 18.21 55.78 18.02
N HIS B 164 19.43 55.40 18.36
CA HIS B 164 19.66 54.20 19.15
C HIS B 164 19.57 54.56 20.62
N LYS B 165 18.43 54.31 21.24
CA LYS B 165 18.15 54.71 22.62
C LYS B 165 18.89 53.79 23.59
N ILE B 166 19.76 54.36 24.42
CA ILE B 166 20.50 53.63 25.42
C ILE B 166 19.62 53.47 26.66
N MET B 167 19.36 52.24 27.07
CA MET B 167 18.43 51.88 28.14
C MET B 167 19.16 51.15 29.26
N LEU B 168 18.72 51.32 30.50
CA LEU B 168 19.19 50.52 31.62
C LEU B 168 18.72 49.06 31.45
N PRO B 169 19.57 48.03 31.66
CA PRO B 169 19.16 46.63 31.52
C PRO B 169 17.97 46.23 32.40
N PRO B 170 17.11 45.28 32.00
CA PRO B 170 16.19 44.67 32.95
C PRO B 170 16.99 44.02 34.08
N ARG B 171 16.39 43.84 35.26
CA ARG B 171 17.06 43.29 36.46
C ARG B 171 18.20 44.19 37.00
N SER B 172 18.29 45.46 36.57
CA SER B 172 19.17 46.50 37.11
C SER B 172 18.35 47.71 37.55
N ARG B 173 18.77 48.38 38.62
CA ARG B 173 18.10 49.52 39.28
C ARG B 173 19.05 50.25 40.22
N GLY B 174 18.72 51.47 40.64
CA GLY B 174 19.38 52.10 41.78
C GLY B 174 19.32 53.62 41.79
N SER B 175 20.31 54.21 42.46
CA SER B 175 20.55 55.65 42.47
C SER B 175 21.76 55.97 41.60
N VAL B 176 21.65 56.89 40.65
CA VAL B 176 22.75 57.30 39.77
C VAL B 176 23.89 57.91 40.57
N THR B 177 25.09 57.35 40.52
CA THR B 177 26.30 57.92 41.14
C THR B 177 27.13 58.72 40.15
N TYR B 178 27.06 58.40 38.86
CA TYR B 178 27.72 59.14 37.78
C TYR B 178 27.01 58.93 36.45
N ILE B 179 26.99 59.94 35.58
CA ILE B 179 26.55 59.86 34.19
C ILE B 179 27.51 60.68 33.32
N ALA B 180 27.87 60.18 32.15
CA ALA B 180 28.81 60.86 31.26
C ALA B 180 28.25 62.19 30.72
N PRO B 181 29.10 63.20 30.43
CA PRO B 181 28.73 64.35 29.62
C PRO B 181 28.57 63.96 28.14
N PRO B 182 27.94 64.78 27.28
CA PRO B 182 27.86 64.51 25.84
C PRO B 182 29.24 64.34 25.20
N GLY B 183 29.36 63.51 24.16
CA GLY B 183 30.62 63.31 23.47
C GLY B 183 30.68 62.01 22.65
N ASN B 184 31.88 61.62 22.25
CA ASN B 184 32.10 60.39 21.47
C ASN B 184 32.78 59.32 22.35
N TYR B 185 32.20 58.12 22.44
CA TYR B 185 32.66 57.06 23.35
C TYR B 185 32.80 55.70 22.65
N ASP B 186 33.72 54.86 23.12
CA ASP B 186 33.78 53.45 22.71
C ASP B 186 32.64 52.65 23.35
N ALA B 187 32.27 51.52 22.76
CA ALA B 187 31.37 50.55 23.41
C ALA B 187 31.94 49.94 24.72
N SER B 188 33.24 50.12 24.99
CA SER B 188 33.93 49.73 26.23
C SER B 188 34.05 50.85 27.28
N ASP B 189 33.68 52.09 26.97
CA ASP B 189 33.63 53.19 27.96
C ASP B 189 32.41 53.10 28.88
N VAL B 190 32.60 53.23 30.20
CA VAL B 190 31.50 53.34 31.16
C VAL B 190 30.83 54.70 31.05
N VAL B 191 29.54 54.73 30.73
CA VAL B 191 28.77 55.96 30.50
C VAL B 191 27.75 56.25 31.59
N LEU B 192 27.41 55.25 32.41
CA LEU B 192 26.55 55.40 33.59
C LEU B 192 27.10 54.55 34.72
N GLU B 193 27.00 55.03 35.94
CA GLU B 193 27.24 54.26 37.14
C GLU B 193 26.14 54.54 38.14
N LEU B 194 25.71 53.52 38.85
CA LEU B 194 24.66 53.61 39.84
C LEU B 194 24.96 52.70 41.04
N GLU B 195 24.21 52.90 42.12
CA GLU B 195 24.37 52.21 43.39
C GLU B 195 23.01 51.73 43.93
N PHE B 196 22.98 50.53 44.50
CA PHE B 196 21.84 50.01 45.24
C PHE B 196 22.33 49.14 46.40
N GLU B 197 21.80 49.33 47.60
CA GLU B 197 22.25 48.69 48.85
C GLU B 197 23.75 48.87 49.14
N GLY B 198 24.33 49.99 48.70
CA GLY B 198 25.77 50.26 48.80
C GLY B 198 26.64 49.48 47.82
N VAL B 199 26.05 48.68 46.92
CA VAL B 199 26.72 47.93 45.85
C VAL B 199 26.57 48.69 44.54
N LYS B 200 27.68 48.95 43.83
CA LYS B 200 27.68 49.66 42.56
C LYS B 200 27.49 48.75 41.35
N GLU B 201 27.01 49.33 40.25
CA GLU B 201 27.08 48.76 38.91
C GLU B 201 27.59 49.84 37.93
N LYS B 202 28.52 49.48 37.07
CA LYS B 202 29.10 50.33 36.00
C LYS B 202 28.60 49.84 34.65
N LEU B 203 28.10 50.73 33.80
CA LEU B 203 27.45 50.36 32.54
C LEU B 203 28.05 51.12 31.36
N SER B 204 28.44 50.40 30.31
CA SER B 204 28.70 50.98 28.98
C SER B 204 27.43 50.97 28.13
N MET B 205 27.53 51.32 26.86
CA MET B 205 26.40 51.34 25.92
C MET B 205 25.86 49.95 25.55
N VAL B 206 26.62 48.87 25.76
CA VAL B 206 26.25 47.51 25.33
C VAL B 206 25.80 46.67 26.52
N GLN B 207 24.61 46.06 26.44
CA GLN B 207 24.12 45.07 27.38
C GLN B 207 24.18 43.66 26.78
N VAL B 208 24.01 42.62 27.59
CA VAL B 208 24.02 41.21 27.15
C VAL B 208 22.78 40.50 27.68
N TRP B 209 22.07 39.76 26.83
CA TRP B 209 20.83 39.08 27.23
C TRP B 209 20.75 37.63 26.72
N PRO B 210 20.34 36.62 27.52
CA PRO B 210 20.21 35.23 27.08
C PRO B 210 19.16 35.03 26.00
N VAL B 211 19.47 34.31 24.92
CA VAL B 211 18.55 34.20 23.78
C VAL B 211 17.22 33.52 24.12
N ARG B 212 17.21 32.58 25.06
CA ARG B 212 16.01 31.79 25.42
C ARG B 212 15.14 32.39 26.52
N GLN B 213 15.43 33.60 27.01
CA GLN B 213 14.62 34.29 28.02
C GLN B 213 13.85 35.45 27.39
N VAL B 214 12.52 35.46 27.53
CA VAL B 214 11.65 36.52 27.00
C VAL B 214 11.98 37.85 27.68
N ARG B 215 12.26 38.91 26.90
CA ARG B 215 12.58 40.21 27.48
C ARG B 215 11.34 40.82 28.13
N PRO B 216 11.37 41.22 29.41
CA PRO B 216 10.17 41.61 30.16
C PRO B 216 9.59 42.96 29.72
N VAL B 217 8.29 43.17 29.98
CA VAL B 217 7.53 44.40 29.67
C VAL B 217 6.53 44.74 30.77
N THR B 218 6.12 46.01 30.87
CA THR B 218 5.14 46.46 31.89
C THR B 218 3.79 45.81 31.68
N GLU B 219 3.32 45.78 30.44
CA GLU B 219 2.05 45.14 30.09
C GLU B 219 2.09 44.67 28.64
N LYS B 220 1.38 43.60 28.32
CA LYS B 220 1.31 42.99 26.99
C LYS B 220 -0.10 43.17 26.45
N LEU B 221 -0.24 43.80 25.29
CA LEU B 221 -1.47 44.49 24.88
C LEU B 221 -2.12 43.84 23.65
N PRO B 222 -3.44 43.95 23.48
CA PRO B 222 -4.11 43.47 22.28
C PRO B 222 -3.62 44.24 21.05
N ALA B 223 -3.40 43.55 19.94
CA ALA B 223 -3.01 44.17 18.68
C ALA B 223 -4.20 44.86 17.99
N ASN B 224 -3.99 46.04 17.41
CA ASN B 224 -5.06 46.90 16.89
C ASN B 224 -4.79 47.45 15.49
N HIS B 225 -3.69 48.17 15.30
CA HIS B 225 -3.38 48.88 14.06
C HIS B 225 -2.91 47.92 12.96
N PRO B 226 -3.29 48.09 11.68
CA PRO B 226 -2.78 47.23 10.62
C PRO B 226 -1.29 47.43 10.36
N LEU B 227 -0.60 46.35 10.01
CA LEU B 227 0.69 46.37 9.32
C LEU B 227 0.40 46.51 7.82
N LEU B 228 0.71 47.66 7.22
CA LEU B 228 0.52 47.87 5.80
C LEU B 228 1.65 47.21 5.01
N THR B 229 1.33 46.58 3.88
CA THR B 229 2.33 46.06 2.94
C THR B 229 2.41 46.93 1.70
N GLY B 230 1.35 47.66 1.37
CA GLY B 230 1.21 48.35 0.10
C GLY B 230 0.65 47.47 -1.01
N GLN B 231 0.27 46.23 -0.71
CA GLN B 231 -0.36 45.31 -1.65
C GLN B 231 -1.88 45.33 -1.43
N ARG B 232 -2.69 45.34 -2.49
CA ARG B 232 -4.16 45.41 -2.41
C ARG B 232 -4.76 44.15 -1.78
N VAL B 233 -4.55 42.99 -2.39
CA VAL B 233 -4.62 41.73 -1.64
C VAL B 233 -3.54 41.77 -0.55
N LEU B 234 -3.65 41.01 0.52
CA LEU B 234 -2.97 41.25 1.80
C LEU B 234 -3.60 42.41 2.56
N ASP B 235 -3.41 43.68 2.18
CA ASP B 235 -3.90 44.80 3.01
C ASP B 235 -5.43 44.88 3.10
N ALA B 236 -6.17 44.52 2.05
CA ALA B 236 -7.63 44.49 2.07
C ALA B 236 -8.22 43.16 2.52
N LEU B 237 -7.99 42.07 1.78
CA LEU B 237 -8.67 40.80 2.03
C LEU B 237 -8.15 40.03 3.26
N PHE B 238 -6.85 40.11 3.57
CA PHE B 238 -6.20 39.23 4.56
C PHE B 238 -5.26 40.01 5.48
N PRO B 239 -5.75 41.02 6.22
CA PRO B 239 -4.90 41.99 6.90
C PRO B 239 -4.15 41.37 8.09
N CYS B 240 -2.95 41.87 8.35
CA CYS B 240 -2.17 41.58 9.55
C CYS B 240 -2.12 42.84 10.43
N VAL B 241 -2.15 42.67 11.75
CA VAL B 241 -1.95 43.73 12.74
C VAL B 241 -0.47 43.91 13.08
N GLN B 242 -0.06 45.08 13.54
CA GLN B 242 1.24 45.26 14.18
C GLN B 242 1.25 44.50 15.49
N GLY B 243 2.23 43.62 15.70
CA GLY B 243 2.20 42.65 16.79
C GLY B 243 1.57 41.30 16.41
N GLY B 244 1.21 41.11 15.15
CA GLY B 244 0.58 39.88 14.65
C GLY B 244 1.53 38.73 14.40
N THR B 245 0.97 37.57 14.05
CA THR B 245 1.72 36.38 13.64
C THR B 245 1.19 35.82 12.33
N THR B 246 2.07 35.50 11.39
CA THR B 246 1.73 35.09 10.02
C THR B 246 2.58 33.92 9.55
N ALA B 247 2.01 33.04 8.73
CA ALA B 247 2.78 32.07 7.96
C ALA B 247 2.57 32.24 6.46
N ILE B 248 3.59 31.88 5.70
CA ILE B 248 3.59 31.84 4.23
C ILE B 248 4.10 30.46 3.78
N PRO B 249 3.64 29.89 2.66
CA PRO B 249 4.19 28.66 2.14
C PRO B 249 5.53 28.95 1.47
N GLY B 250 6.61 28.43 2.04
CA GLY B 250 7.97 28.59 1.54
C GLY B 250 8.34 27.49 0.56
N ALA B 251 8.09 27.70 -0.73
CA ALA B 251 8.41 26.79 -1.84
C ALA B 251 8.78 27.57 -3.12
N PHE B 252 9.51 26.93 -4.03
CA PHE B 252 10.31 27.59 -5.07
C PHE B 252 9.54 28.56 -5.99
N GLY B 253 8.54 28.08 -6.72
CA GLY B 253 7.87 28.87 -7.77
C GLY B 253 6.92 29.96 -7.27
N CYS B 254 6.58 29.95 -5.98
CA CYS B 254 5.51 30.76 -5.40
C CYS B 254 5.80 32.27 -5.32
N GLY B 255 7.07 32.69 -5.42
CA GLY B 255 7.46 34.10 -5.43
C GLY B 255 7.49 34.78 -4.05
N LYS B 256 8.19 34.21 -3.06
CA LYS B 256 8.27 34.72 -1.68
C LYS B 256 8.76 36.17 -1.58
N THR B 257 9.58 36.63 -2.52
CA THR B 257 10.29 37.91 -2.41
C THR B 257 9.35 39.11 -2.34
N VAL B 258 8.14 39.06 -2.88
CA VAL B 258 7.18 40.18 -2.77
C VAL B 258 6.81 40.48 -1.34
N ILE B 259 6.74 39.48 -0.45
CA ILE B 259 6.43 39.69 0.97
C ILE B 259 7.59 40.40 1.63
N SER B 260 8.78 39.83 1.50
CA SER B 260 10.03 40.36 2.06
C SER B 260 10.33 41.78 1.60
N GLN B 261 10.23 42.08 0.30
CA GLN B 261 10.43 43.41 -0.23
C GLN B 261 9.32 44.40 0.16
N SER B 262 8.06 43.98 0.22
CA SER B 262 6.98 44.88 0.67
C SER B 262 7.18 45.29 2.12
N LEU B 263 7.51 44.33 3.00
CA LEU B 263 7.83 44.61 4.40
C LEU B 263 9.04 45.53 4.49
N SER B 264 10.12 45.20 3.80
CA SER B 264 11.38 45.93 3.88
C SER B 264 11.26 47.35 3.36
N LYS B 265 10.62 47.58 2.21
CA LYS B 265 10.58 48.89 1.57
C LYS B 265 9.41 49.76 2.00
N TYR B 266 8.21 49.20 2.14
CA TYR B 266 6.98 50.01 2.20
C TYR B 266 6.20 49.89 3.51
N SER B 267 6.42 48.88 4.34
CA SER B 267 5.60 48.73 5.55
C SER B 267 5.78 49.85 6.56
N ASN B 268 4.78 50.05 7.42
CA ASN B 268 4.82 50.94 8.58
C ASN B 268 5.60 50.33 9.78
N SER B 269 6.49 49.39 9.52
CA SER B 269 7.54 49.00 10.48
C SER B 269 8.52 50.16 10.68
N ASP B 270 9.17 50.23 11.84
CA ASP B 270 10.34 51.07 12.06
C ASP B 270 11.65 50.33 11.78
N VAL B 271 11.72 49.03 12.09
CA VAL B 271 12.93 48.20 12.04
C VAL B 271 12.62 46.84 11.44
N ILE B 272 13.56 46.24 10.73
CA ILE B 272 13.40 44.93 10.09
C ILE B 272 14.47 43.96 10.59
N ILE B 273 14.11 42.75 11.00
CA ILE B 273 15.05 41.67 11.30
C ILE B 273 14.76 40.49 10.39
N TYR B 274 15.75 40.05 9.61
CA TYR B 274 15.60 38.92 8.70
C TYR B 274 16.44 37.75 9.19
N VAL B 275 15.88 36.55 9.26
CA VAL B 275 16.58 35.34 9.70
C VAL B 275 16.59 34.28 8.62
N GLY B 276 17.76 33.85 8.16
CA GLY B 276 17.99 32.58 7.48
C GLY B 276 18.25 31.48 8.50
N CYS B 277 17.53 30.37 8.41
CA CYS B 277 17.57 29.30 9.40
C CYS B 277 18.51 28.16 9.03
N GLY B 278 18.74 27.92 7.74
CA GLY B 278 19.57 26.85 7.24
C GLY B 278 19.43 26.69 5.73
N GLU B 279 19.64 27.78 4.99
CA GLU B 279 19.34 27.87 3.56
C GLU B 279 20.43 27.24 2.68
N ARG B 280 20.12 26.94 1.41
CA ARG B 280 21.16 26.48 0.46
C ARG B 280 22.17 27.60 0.24
N GLY B 281 23.45 27.27 0.07
CA GLY B 281 24.52 28.22 -0.11
C GLY B 281 24.22 29.34 -1.11
N ASN B 282 23.76 28.98 -2.31
CA ASN B 282 23.45 29.94 -3.36
C ASN B 282 22.13 30.70 -3.11
N GLU B 283 21.13 30.12 -2.45
CA GLU B 283 19.92 30.85 -2.06
C GLU B 283 20.20 31.94 -1.02
N MET B 284 21.07 31.67 -0.04
CA MET B 284 21.47 32.67 0.94
C MET B 284 22.20 33.83 0.27
N SER B 285 23.04 33.53 -0.71
CA SER B 285 23.81 34.51 -1.47
C SER B 285 22.94 35.51 -2.21
N GLU B 286 21.78 35.09 -2.74
CA GLU B 286 20.85 36.02 -3.38
C GLU B 286 20.23 37.02 -2.40
N VAL B 287 19.88 36.61 -1.18
CA VAL B 287 19.37 37.52 -0.16
C VAL B 287 20.43 38.55 0.24
N LEU B 288 21.65 38.11 0.54
CA LEU B 288 22.75 38.98 0.92
C LEU B 288 23.25 39.87 -0.24
N ARG B 289 23.04 39.47 -1.49
CA ARG B 289 23.24 40.31 -2.68
C ARG B 289 22.17 41.40 -2.77
N ASP B 290 20.90 41.03 -2.69
CA ASP B 290 19.77 41.92 -2.95
C ASP B 290 19.49 42.91 -1.82
N PHE B 291 19.56 42.53 -0.55
CA PHE B 291 19.13 43.39 0.55
C PHE B 291 19.89 44.70 0.67
N PRO B 292 21.24 44.74 0.57
CA PRO B 292 21.98 46.00 0.61
C PRO B 292 21.67 46.96 -0.55
N GLU B 293 21.23 46.45 -1.69
CA GLU B 293 20.90 47.23 -2.88
C GLU B 293 19.50 47.85 -2.81
N LEU B 294 18.61 47.39 -1.94
CA LEU B 294 17.27 47.98 -1.79
C LEU B 294 17.34 49.38 -1.18
N THR B 295 16.42 50.24 -1.61
CA THR B 295 16.26 51.61 -1.11
C THR B 295 14.79 51.96 -0.89
N MET B 296 14.56 52.96 -0.06
CA MET B 296 13.25 53.58 0.20
C MET B 296 13.43 55.09 0.26
N GLU B 297 12.36 55.86 0.06
CA GLU B 297 12.42 57.31 0.19
C GLU B 297 11.82 57.75 1.51
N VAL B 298 12.53 58.60 2.26
CA VAL B 298 12.15 59.02 3.62
C VAL B 298 11.61 60.46 3.61
N ASP B 299 12.40 61.48 3.97
CA ASP B 299 11.96 62.88 3.98
C ASP B 299 12.20 63.57 2.64
N GLY B 300 11.74 62.95 1.55
CA GLY B 300 12.04 63.41 0.18
C GLY B 300 13.45 63.07 -0.31
N LYS B 301 14.15 62.16 0.38
CA LYS B 301 15.51 61.69 0.08
C LYS B 301 15.56 60.17 0.10
N VAL B 302 16.25 59.57 -0.85
CA VAL B 302 16.44 58.11 -0.97
C VAL B 302 17.46 57.63 0.06
N GLU B 303 17.10 56.59 0.81
CA GLU B 303 17.88 55.97 1.87
C GLU B 303 17.97 54.46 1.64
N SER B 304 19.09 53.83 2.02
CA SER B 304 19.23 52.38 1.95
C SER B 304 18.36 51.67 2.98
N ILE B 305 17.83 50.49 2.64
CA ILE B 305 17.11 49.63 3.59
C ILE B 305 17.99 49.20 4.76
N MET B 306 19.30 49.04 4.56
CA MET B 306 20.19 48.58 5.61
C MET B 306 20.40 49.58 6.76
N LYS B 307 19.94 50.82 6.64
CA LYS B 307 19.92 51.76 7.78
C LYS B 307 18.92 51.40 8.88
N ARG B 308 17.96 50.50 8.61
CA ARG B 308 16.96 50.02 9.57
C ARG B 308 16.86 48.49 9.69
N THR B 309 17.84 47.77 9.18
CA THR B 309 17.76 46.32 8.96
C THR B 309 18.98 45.62 9.52
N ALA B 310 18.81 44.43 10.08
CA ALA B 310 19.91 43.51 10.38
C ALA B 310 19.57 42.11 9.86
N LEU B 311 20.56 41.38 9.34
CA LEU B 311 20.36 40.04 8.79
C LEU B 311 21.06 38.98 9.65
N VAL B 312 20.36 37.92 10.01
CA VAL B 312 20.94 36.69 10.54
C VAL B 312 20.99 35.68 9.40
N ALA B 313 22.15 35.14 9.06
CA ALA B 313 22.36 34.31 7.88
C ALA B 313 23.01 32.98 8.24
N ASN B 314 22.44 31.87 7.76
CA ASN B 314 22.94 30.52 8.02
C ASN B 314 22.78 29.67 6.77
N THR B 315 23.86 29.23 6.15
CA THR B 315 23.83 28.19 5.12
C THR B 315 23.80 26.80 5.75
N SER B 316 23.43 25.77 5.00
CA SER B 316 23.18 24.44 5.55
C SER B 316 24.41 23.71 6.12
N ASN B 317 25.62 24.26 5.97
CA ASN B 317 26.85 23.77 6.58
C ASN B 317 27.34 24.58 7.80
N MET B 318 26.66 25.66 8.22
CA MET B 318 26.97 26.34 9.48
C MET B 318 26.67 25.41 10.67
N PRO B 319 27.32 25.54 11.84
CA PRO B 319 27.14 24.65 12.98
C PRO B 319 25.67 24.43 13.34
N VAL B 320 25.24 23.20 13.62
CA VAL B 320 23.81 22.91 13.81
C VAL B 320 23.19 23.67 14.97
N ALA B 321 23.98 23.97 16.00
CA ALA B 321 23.57 24.81 17.11
C ALA B 321 23.28 26.26 16.71
N ALA B 322 23.98 26.82 15.72
CA ALA B 322 23.64 28.12 15.15
C ALA B 322 22.33 28.06 14.37
N ARG B 323 22.11 27.00 13.58
CA ARG B 323 20.85 26.80 12.85
C ARG B 323 19.65 26.76 13.80
N GLU B 324 19.75 26.07 14.93
CA GLU B 324 18.70 26.03 15.96
C GLU B 324 18.59 27.33 16.80
N ALA B 325 19.70 27.99 17.13
CA ALA B 325 19.67 29.27 17.83
C ALA B 325 19.15 30.43 16.97
N SER B 326 19.14 30.29 15.64
CA SER B 326 18.94 31.39 14.70
C SER B 326 17.70 32.23 14.98
N ILE B 327 16.53 31.60 15.14
CA ILE B 327 15.30 32.33 15.44
C ILE B 327 15.31 32.96 16.84
N TYR B 328 16.01 32.40 17.82
CA TYR B 328 16.14 32.95 19.16
C TYR B 328 17.05 34.17 19.20
N THR B 329 18.12 34.18 18.41
CA THR B 329 18.91 35.38 18.18
C THR B 329 18.07 36.45 17.51
N GLY B 330 17.36 36.14 16.42
CA GLY B 330 16.55 37.11 15.69
C GLY B 330 15.40 37.72 16.50
N ILE B 331 14.69 36.92 17.29
CA ILE B 331 13.63 37.47 18.15
C ILE B 331 14.21 38.27 19.31
N THR B 332 15.34 37.88 19.89
CA THR B 332 15.96 38.68 20.95
C THR B 332 16.48 40.02 20.45
N LEU B 333 17.05 40.07 19.25
CA LEU B 333 17.35 41.33 18.56
C LEU B 333 16.08 42.13 18.29
N SER B 334 14.95 41.48 17.97
CA SER B 334 13.70 42.21 17.72
C SER B 334 13.12 42.80 18.99
N GLU B 335 13.08 42.03 20.07
CA GLU B 335 12.60 42.46 21.37
C GLU B 335 13.44 43.61 21.94
N TYR B 336 14.72 43.72 21.59
CA TYR B 336 15.53 44.85 22.01
C TYR B 336 15.10 46.17 21.36
N PHE B 337 14.71 46.18 20.09
CA PHE B 337 14.21 47.40 19.44
C PHE B 337 12.73 47.69 19.78
N ARG B 338 11.90 46.68 20.03
CA ARG B 338 10.58 46.85 20.65
C ARG B 338 10.68 47.66 21.93
N ASP B 339 11.61 47.33 22.81
CA ASP B 339 11.78 48.00 24.11
C ASP B 339 12.14 49.48 23.99
N MET B 340 12.74 49.93 22.89
CA MET B 340 12.96 51.35 22.59
C MET B 340 11.69 52.09 22.17
N GLY B 341 10.55 51.41 22.06
CA GLY B 341 9.30 51.97 21.57
C GLY B 341 9.18 51.99 20.04
N TYR B 342 9.88 51.11 19.34
CA TYR B 342 9.73 50.94 17.89
C TYR B 342 8.77 49.80 17.55
N HIS B 343 8.35 49.74 16.29
CA HIS B 343 7.62 48.63 15.71
C HIS B 343 8.55 47.81 14.82
N VAL B 344 8.80 46.56 15.16
CA VAL B 344 9.77 45.70 14.48
C VAL B 344 9.06 44.60 13.69
N SER B 345 9.49 44.34 12.46
CA SER B 345 9.03 43.17 11.70
C SER B 345 10.13 42.12 11.62
N MET B 346 9.82 40.88 11.99
CA MET B 346 10.71 39.75 11.84
C MET B 346 10.26 38.82 10.71
N MET B 347 11.17 38.39 9.86
CA MET B 347 10.95 37.38 8.82
C MET B 347 11.88 36.19 9.05
N ALA B 348 11.34 34.98 9.21
CA ALA B 348 12.11 33.74 9.25
C ALA B 348 12.01 32.96 7.92
N ASP B 349 13.15 32.69 7.27
CA ASP B 349 13.22 32.31 5.85
C ASP B 349 12.66 30.92 5.56
N SER B 350 12.85 29.98 6.50
CA SER B 350 12.01 28.78 6.64
C SER B 350 12.12 28.22 8.04
N THR B 351 11.02 28.14 8.77
CA THR B 351 10.99 27.50 10.09
C THR B 351 11.11 25.98 10.00
N SER B 352 10.88 25.37 8.84
CA SER B 352 11.14 23.94 8.63
C SER B 352 12.63 23.61 8.73
N ARG B 353 13.48 24.47 8.16
CA ARG B 353 14.93 24.32 8.25
C ARG B 353 15.45 24.48 9.68
N TRP B 354 14.73 25.22 10.52
CA TRP B 354 15.01 25.28 11.95
C TRP B 354 14.58 24.00 12.68
N ALA B 355 13.37 23.49 12.40
CA ALA B 355 12.89 22.26 13.03
C ALA B 355 13.72 21.04 12.65
N GLU B 356 14.31 20.97 11.46
CA GLU B 356 15.30 19.96 11.11
C GLU B 356 16.58 20.07 11.93
N ALA B 357 17.10 21.26 12.22
CA ALA B 357 18.21 21.43 13.15
C ALA B 357 17.84 20.97 14.58
N LEU B 358 16.62 21.25 15.03
CA LEU B 358 16.11 20.77 16.32
C LEU B 358 16.04 19.24 16.37
N ARG B 359 15.64 18.60 15.27
CA ARG B 359 15.67 17.15 15.10
C ARG B 359 17.09 16.60 15.12
N GLU B 360 18.04 17.22 14.43
CA GLU B 360 19.43 16.75 14.46
C GLU B 360 20.04 16.83 15.86
N ILE B 361 19.81 17.90 16.60
CA ILE B 361 20.37 18.08 17.94
C ILE B 361 19.80 17.05 18.91
N SER B 362 18.49 16.89 18.93
CA SER B 362 17.85 15.87 19.77
C SER B 362 18.23 14.45 19.35
N GLY B 363 18.45 14.20 18.06
CA GLY B 363 19.03 12.96 17.55
C GLY B 363 20.47 12.73 18.03
N ARG B 364 21.33 13.76 18.03
CA ARG B 364 22.71 13.68 18.56
C ARG B 364 22.73 13.41 20.06
N LEU B 365 21.77 13.94 20.80
CA LEU B 365 21.53 13.66 22.22
C LEU B 365 20.88 12.29 22.47
N ALA B 366 20.48 11.57 21.42
CA ALA B 366 19.74 10.30 21.46
C ALA B 366 18.45 10.37 22.30
N GLU B 367 17.66 11.43 22.10
CA GLU B 367 16.30 11.53 22.66
C GLU B 367 15.30 10.63 21.91
N MET B 368 14.23 10.23 22.59
CA MET B 368 13.13 9.41 22.05
C MET B 368 12.47 10.08 20.83
N PRO B 369 12.20 9.37 19.72
CA PRO B 369 11.87 10.00 18.43
C PRO B 369 10.42 10.49 18.23
N ALA B 370 9.56 10.45 19.26
CA ALA B 370 8.18 10.95 19.30
C ALA B 370 7.40 10.86 17.96
N ASP B 371 7.08 11.99 17.33
CA ASP B 371 6.29 12.11 16.09
C ASP B 371 7.19 12.46 14.89
N SER B 372 7.21 11.60 13.85
CA SER B 372 8.02 11.79 12.63
C SER B 372 9.51 12.08 12.88
N GLY B 373 10.06 11.55 13.97
CA GLY B 373 11.44 11.75 14.38
C GLY B 373 11.71 13.07 15.11
N TYR B 374 10.78 14.02 15.13
CA TYR B 374 10.94 15.27 15.87
C TYR B 374 10.90 15.04 17.38
N PRO B 375 11.58 15.86 18.20
CA PRO B 375 11.54 15.68 19.64
C PRO B 375 10.14 15.93 20.21
N ALA B 376 9.88 15.43 21.42
CA ALA B 376 8.59 15.58 22.10
C ALA B 376 8.16 17.04 22.28
N TYR B 377 9.10 17.97 22.44
CA TYR B 377 8.84 19.38 22.68
C TYR B 377 8.65 20.24 21.43
N LEU B 378 8.60 19.71 20.21
CA LEU B 378 8.54 20.53 18.99
C LEU B 378 7.44 21.61 19.04
N GLY B 379 6.22 21.23 19.42
CA GLY B 379 5.09 22.16 19.50
C GLY B 379 5.23 23.18 20.62
N ALA B 380 5.84 22.80 21.75
CA ALA B 380 6.10 23.72 22.85
C ALA B 380 7.14 24.78 22.48
N ARG B 381 8.18 24.42 21.73
CA ARG B 381 9.17 25.36 21.24
C ARG B 381 8.55 26.36 20.24
N LEU B 382 7.74 25.89 19.30
CA LEU B 382 7.05 26.77 18.34
C LEU B 382 6.01 27.69 19.02
N ALA B 383 5.23 27.20 19.97
CA ALA B 383 4.31 28.04 20.73
C ALA B 383 5.05 29.09 21.56
N SER B 384 6.11 28.71 22.27
CA SER B 384 6.95 29.67 23.02
C SER B 384 7.63 30.71 22.12
N PHE B 385 8.00 30.36 20.88
CA PHE B 385 8.54 31.31 19.91
C PHE B 385 7.50 32.32 19.44
N TYR B 386 6.40 31.89 18.83
CA TYR B 386 5.39 32.81 18.32
C TYR B 386 4.70 33.61 19.44
N GLU B 387 4.64 33.11 20.66
CA GLU B 387 4.13 33.85 21.82
C GLU B 387 4.90 35.16 22.10
N ARG B 388 6.15 35.33 21.65
CA ARG B 388 6.89 36.60 21.83
C ARG B 388 6.42 37.75 20.94
N ALA B 389 5.61 37.49 19.92
CA ALA B 389 4.97 38.53 19.12
C ALA B 389 3.97 39.33 19.95
N GLY B 390 3.68 40.57 19.57
CA GLY B 390 2.66 41.37 20.24
C GLY B 390 3.04 42.83 20.43
N ARG B 391 2.03 43.67 20.64
CA ARG B 391 2.18 45.05 21.10
C ARG B 391 2.41 45.07 22.60
N VAL B 392 3.23 45.98 23.10
CA VAL B 392 3.59 46.04 24.52
C VAL B 392 3.66 47.47 25.02
N LYS B 393 3.51 47.64 26.33
CA LYS B 393 3.87 48.85 27.06
C LYS B 393 5.21 48.57 27.74
N CYS B 394 6.26 49.27 27.31
CA CYS B 394 7.64 48.89 27.60
C CYS B 394 7.98 49.00 29.09
N LEU B 395 9.08 48.37 29.56
CA LEU B 395 9.57 48.65 30.90
C LEU B 395 10.11 50.08 31.00
N GLY B 396 10.22 50.60 32.21
CA GLY B 396 10.97 51.82 32.48
C GLY B 396 10.23 53.11 32.16
N ASN B 397 10.89 54.21 32.49
CA ASN B 397 10.25 55.45 32.85
C ASN B 397 9.61 56.25 31.71
N PRO B 398 10.25 56.54 30.57
CA PRO B 398 9.57 57.27 29.49
C PRO B 398 8.44 56.41 28.92
N GLU B 399 7.20 56.86 29.07
CA GLU B 399 6.02 56.07 28.75
C GLU B 399 5.94 55.85 27.23
N ARG B 400 5.95 54.59 26.77
CA ARG B 400 6.00 54.23 25.35
C ARG B 400 5.42 52.86 25.05
N GLU B 401 5.05 52.64 23.80
CA GLU B 401 4.62 51.35 23.27
C GLU B 401 5.43 50.94 22.05
N GLY B 402 5.65 49.65 21.89
CA GLY B 402 6.31 49.08 20.73
C GLY B 402 5.71 47.72 20.40
N SER B 403 6.19 47.07 19.35
CA SER B 403 5.70 45.73 18.99
C SER B 403 6.70 44.93 18.20
N VAL B 404 6.60 43.60 18.22
CA VAL B 404 7.25 42.72 17.25
C VAL B 404 6.17 41.97 16.49
N SER B 405 6.21 41.98 15.16
CA SER B 405 5.38 41.15 14.30
C SER B 405 6.23 40.02 13.74
N ILE B 406 5.73 38.79 13.71
CA ILE B 406 6.44 37.65 13.12
C ILE B 406 5.79 37.23 11.81
N VAL B 407 6.55 37.17 10.74
CA VAL B 407 6.23 36.36 9.56
C VAL B 407 7.19 35.19 9.54
N GLY B 408 6.70 33.96 9.43
CA GLY B 408 7.54 32.78 9.38
C GLY B 408 7.15 31.86 8.24
N ALA B 409 8.03 31.65 7.27
CA ALA B 409 7.76 30.68 6.22
C ALA B 409 7.80 29.25 6.76
N VAL B 410 7.10 28.34 6.10
CA VAL B 410 7.05 26.92 6.44
C VAL B 410 6.99 26.11 5.14
N SER B 411 7.60 24.94 5.12
CA SER B 411 7.85 24.18 3.88
C SER B 411 7.32 22.75 4.01
N PRO B 412 6.00 22.52 3.87
CA PRO B 412 5.43 21.18 3.92
C PRO B 412 5.96 20.30 2.77
N PRO B 413 6.27 19.02 3.01
CA PRO B 413 6.74 18.11 1.97
C PRO B 413 5.64 17.85 0.94
N GLY B 414 5.86 18.23 -0.32
CA GLY B 414 4.88 18.09 -1.39
C GLY B 414 3.53 18.79 -1.15
N GLY B 415 3.49 19.82 -0.29
CA GLY B 415 2.24 20.47 0.12
C GLY B 415 1.43 19.74 1.20
N ASP B 416 1.97 18.69 1.84
CA ASP B 416 1.30 17.98 2.93
C ASP B 416 1.31 18.77 4.26
N PHE B 417 0.22 19.49 4.53
CA PHE B 417 0.04 20.26 5.76
C PHE B 417 -0.06 19.41 7.04
N SER B 418 -0.18 18.07 6.94
CA SER B 418 -0.21 17.20 8.12
C SER B 418 1.18 16.98 8.75
N ASP B 419 2.25 17.42 8.09
CA ASP B 419 3.61 17.48 8.63
C ASP B 419 3.63 18.15 10.02
N PRO B 420 4.29 17.59 11.05
CA PRO B 420 4.21 18.13 12.42
C PRO B 420 4.57 19.61 12.56
N VAL B 421 5.59 20.08 11.86
CA VAL B 421 6.00 21.50 11.89
C VAL B 421 4.93 22.38 11.26
N THR B 422 4.45 22.04 10.06
CA THR B 422 3.40 22.80 9.37
C THR B 422 2.08 22.77 10.13
N SER B 423 1.66 21.61 10.62
CA SER B 423 0.46 21.45 11.44
C SER B 423 0.53 22.28 12.72
N ALA B 424 1.63 22.23 13.47
CA ALA B 424 1.82 23.09 14.63
C ALA B 424 1.81 24.58 14.25
N THR B 425 2.49 24.97 13.17
CA THR B 425 2.56 26.37 12.74
C THR B 425 1.19 26.91 12.39
N LEU B 426 0.42 26.25 11.53
CA LEU B 426 -0.93 26.68 11.17
C LEU B 426 -1.95 26.52 12.31
N GLY B 427 -1.62 25.72 13.32
CA GLY B 427 -2.38 25.65 14.56
C GLY B 427 -2.21 26.87 15.47
N ILE B 428 -1.15 27.67 15.24
CA ILE B 428 -0.75 28.78 16.12
C ILE B 428 -0.98 30.14 15.46
N VAL B 429 -0.47 30.36 14.25
CA VAL B 429 -0.52 31.68 13.58
C VAL B 429 -1.94 32.11 13.26
N GLN B 430 -2.17 33.42 13.22
CA GLN B 430 -3.49 34.01 12.99
C GLN B 430 -3.73 34.45 11.54
N VAL B 431 -2.74 34.37 10.66
CA VAL B 431 -2.85 34.71 9.24
C VAL B 431 -2.10 33.69 8.39
N PHE B 432 -2.68 33.28 7.27
CA PHE B 432 -2.00 32.51 6.24
C PHE B 432 -2.07 33.23 4.90
N TRP B 433 -0.94 33.66 4.34
CA TRP B 433 -0.84 34.28 3.02
C TRP B 433 -0.41 33.24 2.00
N GLY B 434 -1.36 32.47 1.48
CA GLY B 434 -1.11 31.28 0.68
C GLY B 434 -0.59 31.57 -0.72
N LEU B 435 0.66 32.02 -0.85
CA LEU B 435 1.36 32.14 -2.14
C LEU B 435 1.27 30.83 -2.92
N ASP B 436 1.12 30.89 -4.24
CA ASP B 436 0.74 29.72 -5.03
C ASP B 436 1.38 29.70 -6.41
N LYS B 437 2.20 28.66 -6.66
CA LYS B 437 2.86 28.40 -7.93
C LYS B 437 1.88 28.34 -9.10
N LYS B 438 0.69 27.75 -8.93
CA LYS B 438 -0.32 27.61 -9.99
C LYS B 438 -0.85 28.95 -10.47
N LEU B 439 -0.87 29.98 -9.61
CA LEU B 439 -1.16 31.36 -10.00
C LEU B 439 0.07 32.05 -10.58
N ALA B 440 1.26 31.84 -10.01
CA ALA B 440 2.51 32.44 -10.52
C ALA B 440 2.80 32.02 -11.97
N GLN B 441 2.50 30.77 -12.35
CA GLN B 441 2.62 30.28 -13.73
C GLN B 441 1.68 30.97 -14.73
N ARG B 442 0.60 31.61 -14.28
CA ARG B 442 -0.29 32.47 -15.10
C ARG B 442 0.22 33.91 -15.23
N LYS B 443 1.39 34.22 -14.65
CA LYS B 443 1.89 35.59 -14.42
C LYS B 443 0.93 36.45 -13.57
N HIS B 444 0.10 35.83 -12.73
CA HIS B 444 -0.76 36.50 -11.77
C HIS B 444 0.04 36.88 -10.53
N PHE B 445 0.30 38.17 -10.31
CA PHE B 445 1.14 38.66 -9.21
C PHE B 445 0.45 39.75 -8.39
N PRO B 446 0.59 39.75 -7.04
CA PRO B 446 1.21 38.71 -6.24
C PRO B 446 0.41 37.40 -6.28
N SER B 447 1.08 36.27 -6.07
CA SER B 447 0.57 34.92 -6.31
C SER B 447 -0.41 34.38 -5.26
N VAL B 448 -1.01 35.23 -4.43
CA VAL B 448 -1.78 34.84 -3.24
C VAL B 448 -3.08 34.13 -3.64
N ASN B 449 -3.24 32.88 -3.22
CA ASN B 449 -4.47 32.11 -3.40
C ASN B 449 -5.60 32.61 -2.49
N TRP B 450 -6.51 33.42 -3.03
CA TRP B 450 -7.58 34.07 -2.28
C TRP B 450 -8.69 33.12 -1.81
N LEU B 451 -8.63 31.83 -2.14
CA LEU B 451 -9.57 30.80 -1.67
C LEU B 451 -9.02 30.03 -0.46
N ILE B 452 -7.69 29.85 -0.38
CA ILE B 452 -6.99 29.19 0.72
C ILE B 452 -6.53 30.19 1.80
N SER B 453 -6.08 31.37 1.39
CA SER B 453 -5.55 32.40 2.28
C SER B 453 -6.62 32.95 3.24
N TYR B 454 -6.24 33.36 4.46
CA TYR B 454 -7.16 33.86 5.48
C TYR B 454 -6.46 34.77 6.50
N SER B 455 -7.25 35.57 7.24
CA SER B 455 -6.82 36.31 8.43
C SER B 455 -7.86 36.22 9.54
N LYS B 456 -7.44 36.00 10.78
CA LYS B 456 -8.29 35.96 11.97
C LYS B 456 -8.37 37.28 12.73
N TYR B 457 -7.61 38.31 12.32
CA TYR B 457 -7.56 39.60 13.00
C TYR B 457 -8.74 40.54 12.71
N MET B 458 -9.72 40.13 11.91
CA MET B 458 -10.79 41.03 11.46
C MET B 458 -11.72 41.51 12.59
N ARG B 459 -11.92 40.76 13.68
CA ARG B 459 -12.64 41.29 14.85
C ARG B 459 -11.83 42.29 15.67
N ALA B 460 -10.49 42.23 15.60
CA ALA B 460 -9.62 43.18 16.28
C ALA B 460 -9.45 44.49 15.50
N LEU B 461 -9.34 44.42 14.17
CA LEU B 461 -9.21 45.59 13.30
C LEU B 461 -10.52 46.36 13.10
N ASP B 462 -11.66 45.83 13.54
CA ASP B 462 -12.98 46.42 13.30
C ASP B 462 -13.06 47.91 13.71
N GLU B 463 -12.77 48.24 14.97
CA GLU B 463 -12.86 49.62 15.45
C GLU B 463 -11.80 50.57 14.85
N TYR B 464 -10.71 50.06 14.27
CA TYR B 464 -9.79 50.90 13.50
C TYR B 464 -10.41 51.29 12.15
N TYR B 465 -10.86 50.31 11.34
CA TYR B 465 -11.48 50.60 10.06
C TYR B 465 -12.74 51.45 10.24
N ASP B 466 -13.57 51.11 11.21
CA ASP B 466 -14.78 51.83 11.59
C ASP B 466 -14.51 53.34 11.78
N LYS B 467 -13.45 53.70 12.50
CA LYS B 467 -13.04 55.08 12.71
C LYS B 467 -12.43 55.73 11.46
N HIS B 468 -11.45 55.09 10.81
CA HIS B 468 -10.61 55.77 9.80
C HIS B 468 -11.09 55.66 8.34
N PHE B 469 -11.88 54.64 8.00
CA PHE B 469 -12.32 54.38 6.61
C PHE B 469 -13.82 54.13 6.47
N THR B 470 -14.43 53.48 7.46
CA THR B 470 -15.87 53.31 7.70
C THR B 470 -16.62 52.47 6.67
N GLU B 471 -16.59 52.83 5.39
CA GLU B 471 -17.28 52.07 4.34
C GLU B 471 -16.59 50.75 3.94
N PHE B 472 -15.31 50.58 4.32
CA PHE B 472 -14.50 49.45 3.85
C PHE B 472 -15.02 48.07 4.28
N VAL B 473 -15.54 47.91 5.50
CA VAL B 473 -15.93 46.58 6.01
C VAL B 473 -17.07 45.93 5.20
N PRO B 474 -18.16 46.63 4.84
CA PRO B 474 -19.12 46.13 3.86
C PRO B 474 -18.50 45.79 2.50
N LEU B 475 -17.59 46.64 1.99
CA LEU B 475 -16.96 46.41 0.68
C LEU B 475 -16.12 45.13 0.66
N ARG B 476 -15.32 44.89 1.70
CA ARG B 476 -14.56 43.64 1.86
C ARG B 476 -15.48 42.44 1.89
N THR B 477 -16.60 42.54 2.60
CA THR B 477 -17.58 41.46 2.72
C THR B 477 -18.21 41.09 1.38
N LYS B 478 -18.72 42.07 0.62
CA LYS B 478 -19.25 41.83 -0.73
C LYS B 478 -18.17 41.33 -1.70
N ALA B 479 -16.95 41.82 -1.61
CA ALA B 479 -15.87 41.37 -2.49
C ALA B 479 -15.54 39.89 -2.31
N LYS B 480 -15.41 39.43 -1.05
CA LYS B 480 -15.20 38.01 -0.76
C LYS B 480 -16.37 37.14 -1.22
N GLU B 481 -17.61 37.62 -1.12
CA GLU B 481 -18.77 36.90 -1.67
C GLU B 481 -18.73 36.78 -3.19
N ILE B 482 -18.48 37.86 -3.94
CA ILE B 482 -18.34 37.79 -5.41
C ILE B 482 -17.26 36.79 -5.81
N LEU B 483 -16.11 36.82 -5.14
CA LEU B 483 -14.99 35.89 -5.38
C LEU B 483 -15.29 34.45 -4.91
N GLN B 484 -16.33 34.21 -4.10
CA GLN B 484 -16.82 32.87 -3.80
C GLN B 484 -17.88 32.40 -4.80
N GLU B 485 -18.82 33.27 -5.18
CA GLU B 485 -19.86 32.91 -6.16
C GLU B 485 -19.23 32.50 -7.50
N GLU B 486 -18.16 33.16 -7.92
CA GLU B 486 -17.44 32.77 -9.13
C GLU B 486 -16.67 31.44 -9.00
N GLU B 487 -16.43 30.93 -7.79
CA GLU B 487 -16.01 29.53 -7.63
C GLU B 487 -17.22 28.61 -7.73
N ASP B 488 -18.33 28.94 -7.07
CA ASP B 488 -19.55 28.13 -7.10
C ASP B 488 -20.10 27.92 -8.53
N LEU B 489 -20.05 28.96 -9.36
CA LEU B 489 -20.44 28.93 -10.78
C LEU B 489 -19.45 28.18 -11.68
N ALA B 490 -18.22 27.90 -11.24
CA ALA B 490 -17.16 27.42 -12.13
C ALA B 490 -17.43 26.03 -12.74
N GLU B 491 -18.15 25.15 -12.04
CA GLU B 491 -18.65 23.89 -12.62
C GLU B 491 -19.89 24.12 -13.49
N ILE B 492 -20.86 24.88 -12.97
CA ILE B 492 -22.18 25.13 -13.59
C ILE B 492 -22.02 25.69 -15.01
N VAL B 493 -21.11 26.64 -15.21
CA VAL B 493 -20.83 27.25 -16.52
C VAL B 493 -20.48 26.22 -17.60
N GLN B 494 -19.83 25.11 -17.25
CA GLN B 494 -19.42 24.07 -18.19
C GLN B 494 -20.62 23.23 -18.68
N LEU B 495 -21.66 23.09 -17.86
CA LEU B 495 -22.91 22.39 -18.20
C LEU B 495 -23.92 23.32 -18.89
N VAL B 496 -24.06 24.54 -18.38
CA VAL B 496 -25.02 25.56 -18.85
C VAL B 496 -24.53 26.29 -20.11
N GLY B 497 -23.23 26.23 -20.41
CA GLY B 497 -22.64 26.75 -21.66
C GLY B 497 -22.55 28.28 -21.72
N LYS B 498 -22.43 28.95 -20.57
CA LYS B 498 -22.37 30.42 -20.36
C LYS B 498 -23.61 31.22 -20.79
N ALA B 499 -24.10 31.04 -22.02
CA ALA B 499 -25.18 31.84 -22.59
C ALA B 499 -26.52 31.73 -21.83
N SER B 500 -26.89 30.52 -21.40
CA SER B 500 -28.17 30.23 -20.73
C SER B 500 -28.21 30.59 -19.23
N LEU B 501 -27.12 31.13 -18.68
CA LEU B 501 -27.01 31.58 -17.29
C LEU B 501 -27.89 32.83 -17.00
N ALA B 502 -28.28 33.04 -15.74
CA ALA B 502 -28.99 34.24 -15.31
C ALA B 502 -28.14 35.53 -15.46
N GLU B 503 -28.76 36.65 -15.81
CA GLU B 503 -28.07 37.92 -16.03
C GLU B 503 -27.38 38.44 -14.75
N THR B 504 -27.99 38.23 -13.58
CA THR B 504 -27.37 38.49 -12.27
C THR B 504 -26.05 37.77 -12.09
N ASP B 505 -25.96 36.56 -12.63
CA ASP B 505 -24.83 35.66 -12.41
C ASP B 505 -23.77 35.89 -13.49
N LYS B 506 -24.16 36.29 -14.70
CA LYS B 506 -23.25 36.88 -15.69
C LYS B 506 -22.59 38.15 -15.14
N ILE B 507 -23.35 39.02 -14.48
CA ILE B 507 -22.80 40.18 -13.76
C ILE B 507 -21.79 39.72 -12.69
N THR B 508 -22.14 38.73 -11.86
CA THR B 508 -21.19 38.16 -10.89
C THR B 508 -19.92 37.65 -11.58
N LEU B 509 -20.01 36.85 -12.64
CA LEU B 509 -18.81 36.34 -13.32
C LEU B 509 -17.91 37.45 -13.84
N GLU B 510 -18.48 38.48 -14.46
CA GLU B 510 -17.67 39.49 -15.15
C GLU B 510 -17.27 40.68 -14.25
N VAL B 511 -17.93 40.90 -13.12
CA VAL B 511 -17.36 41.72 -12.03
C VAL B 511 -16.32 40.93 -11.24
N ALA B 512 -16.49 39.63 -11.05
CA ALA B 512 -15.43 38.80 -10.47
C ALA B 512 -14.17 38.84 -11.33
N LYS B 513 -14.30 38.76 -12.66
CA LYS B 513 -13.18 39.01 -13.59
C LYS B 513 -12.58 40.40 -13.40
N LEU B 514 -13.38 41.44 -13.26
CA LEU B 514 -12.87 42.80 -13.04
C LEU B 514 -12.05 42.90 -11.75
N ILE B 515 -12.54 42.36 -10.63
CA ILE B 515 -11.82 42.32 -9.35
C ILE B 515 -10.54 41.50 -9.49
N LYS B 516 -10.62 40.28 -10.02
CA LYS B 516 -9.50 39.37 -10.16
C LYS B 516 -8.39 39.92 -11.08
N ASP B 517 -8.75 40.58 -12.18
CA ASP B 517 -7.78 41.12 -13.14
C ASP B 517 -7.25 42.51 -12.76
N ASP B 518 -8.07 43.39 -12.19
CA ASP B 518 -7.70 44.81 -12.00
C ASP B 518 -7.60 45.28 -10.55
N PHE B 519 -8.15 44.55 -9.58
CA PHE B 519 -7.95 44.84 -8.16
C PHE B 519 -6.89 43.92 -7.54
N LEU B 520 -7.00 42.60 -7.65
CA LEU B 520 -6.09 41.66 -6.99
C LEU B 520 -4.71 41.65 -7.62
N GLN B 521 -4.59 41.73 -8.95
CA GLN B 521 -3.27 41.87 -9.58
C GLN B 521 -2.66 43.24 -9.30
N GLN B 522 -1.35 43.27 -9.06
CA GLN B 522 -0.58 44.47 -8.80
C GLN B 522 0.87 44.25 -9.23
N ASN B 523 1.24 44.79 -10.39
CA ASN B 523 2.60 44.70 -10.93
C ASN B 523 3.55 45.67 -10.20
N GLY B 524 4.29 45.17 -9.22
CA GLY B 524 5.18 45.97 -8.38
C GLY B 524 6.38 46.62 -9.09
N TYR B 525 6.67 46.26 -10.34
CA TYR B 525 7.69 46.94 -11.14
C TYR B 525 7.18 48.24 -11.78
N THR B 526 5.87 48.41 -11.94
CA THR B 526 5.28 49.60 -12.57
C THR B 526 5.26 50.79 -11.60
N PRO B 527 5.68 52.00 -11.98
CA PRO B 527 5.89 53.10 -11.04
C PRO B 527 4.66 53.51 -10.22
N TYR B 528 3.46 53.37 -10.80
CA TYR B 528 2.18 53.74 -10.19
C TYR B 528 1.59 52.69 -9.21
N ASP B 529 2.16 51.48 -9.13
CA ASP B 529 1.61 50.36 -8.35
C ASP B 529 2.65 49.59 -7.51
N ARG B 530 3.87 50.13 -7.38
CA ARG B 530 4.88 49.68 -6.39
C ARG B 530 4.30 49.59 -4.99
N PHE B 531 3.52 50.62 -4.62
CA PHE B 531 2.93 50.84 -3.31
C PHE B 531 1.54 51.44 -3.48
N CYS B 532 0.49 50.70 -3.13
CA CYS B 532 -0.90 51.11 -3.30
C CYS B 532 -1.49 51.53 -1.95
N PRO B 533 -1.49 52.83 -1.58
CA PRO B 533 -1.92 53.28 -0.26
C PRO B 533 -3.37 52.93 0.05
N PHE B 534 -3.73 52.88 1.32
CA PHE B 534 -5.02 52.29 1.68
C PHE B 534 -6.21 53.13 1.20
N TYR B 535 -6.10 54.45 1.10
CA TYR B 535 -7.16 55.27 0.49
C TYR B 535 -7.39 54.94 -1.00
N LYS B 536 -6.33 54.69 -1.79
CA LYS B 536 -6.46 54.17 -3.16
C LYS B 536 -7.12 52.79 -3.14
N THR B 537 -6.71 51.92 -2.23
CA THR B 537 -7.21 50.55 -2.13
C THR B 537 -8.70 50.48 -1.79
N VAL B 538 -9.22 51.26 -0.83
CA VAL B 538 -10.67 51.34 -0.59
C VAL B 538 -11.39 52.10 -1.71
N GLY B 539 -10.78 53.14 -2.30
CA GLY B 539 -11.38 53.90 -3.39
C GLY B 539 -11.72 53.02 -4.59
N MET B 540 -10.79 52.20 -5.06
CA MET B 540 -11.04 51.24 -6.15
C MET B 540 -12.16 50.25 -5.82
N LEU B 541 -12.09 49.59 -4.66
CA LEU B 541 -13.06 48.57 -4.31
C LEU B 541 -14.46 49.16 -4.13
N SER B 542 -14.55 50.38 -3.58
CA SER B 542 -15.81 51.11 -3.46
C SER B 542 -16.50 51.29 -4.82
N ASN B 543 -15.76 51.70 -5.84
CA ASN B 543 -16.33 51.84 -7.18
C ASN B 543 -16.73 50.49 -7.81
N MET B 544 -15.89 49.45 -7.71
CA MET B 544 -16.24 48.13 -8.27
C MET B 544 -17.51 47.57 -7.66
N ILE B 545 -17.65 47.64 -6.33
CA ILE B 545 -18.86 47.16 -5.66
C ILE B 545 -20.07 48.08 -5.94
N SER B 546 -19.87 49.38 -6.08
CA SER B 546 -20.94 50.29 -6.49
C SER B 546 -21.50 49.91 -7.86
N PHE B 547 -20.62 49.62 -8.83
CA PHE B 547 -21.04 49.14 -10.14
C PHE B 547 -21.79 47.80 -10.04
N TYR B 548 -21.33 46.87 -9.20
CA TYR B 548 -22.02 45.60 -8.99
C TYR B 548 -23.44 45.79 -8.48
N ASP B 549 -23.62 46.61 -7.43
CA ASP B 549 -24.95 46.90 -6.90
C ASP B 549 -25.86 47.54 -7.95
N MET B 550 -25.35 48.50 -8.71
CA MET B 550 -26.14 49.18 -9.75
C MET B 550 -26.52 48.22 -10.88
N ALA B 551 -25.60 47.39 -11.36
CA ALA B 551 -25.87 46.39 -12.38
C ALA B 551 -26.91 45.37 -11.91
N ARG B 552 -26.76 44.88 -10.67
CA ARG B 552 -27.75 43.99 -10.05
C ARG B 552 -29.12 44.67 -9.98
N ARG B 553 -29.17 45.93 -9.53
CA ARG B 553 -30.43 46.68 -9.43
C ARG B 553 -31.08 46.90 -10.78
N ALA B 554 -30.32 47.18 -11.84
CA ALA B 554 -30.86 47.38 -13.18
C ALA B 554 -31.52 46.10 -13.75
N VAL B 555 -30.90 44.94 -13.54
CA VAL B 555 -31.54 43.65 -13.85
C VAL B 555 -32.76 43.43 -12.96
N GLU B 556 -32.62 43.47 -11.65
CA GLU B 556 -33.71 43.16 -10.71
C GLU B 556 -34.93 44.09 -10.80
N THR B 557 -34.75 45.34 -11.24
CA THR B 557 -35.83 46.30 -11.48
C THR B 557 -36.71 45.91 -12.68
N THR B 558 -36.18 45.11 -13.62
CA THR B 558 -36.79 44.90 -14.95
C THR B 558 -37.05 43.43 -15.29
N ALA B 559 -36.32 42.49 -14.69
CA ALA B 559 -36.34 41.07 -15.03
C ALA B 559 -37.69 40.35 -14.82
N GLN B 560 -38.59 40.93 -14.02
CA GLN B 560 -39.89 40.33 -13.69
C GLN B 560 -40.87 40.28 -14.89
N SER B 561 -40.88 41.29 -15.76
CA SER B 561 -41.80 41.31 -16.93
C SER B 561 -41.46 42.31 -18.05
N ASP B 562 -40.47 43.19 -17.87
CA ASP B 562 -40.13 44.24 -18.85
C ASP B 562 -39.42 43.68 -20.10
N ASN B 563 -39.08 44.55 -21.06
CA ASN B 563 -37.96 44.33 -21.98
C ASN B 563 -36.63 44.43 -21.18
N LYS B 564 -36.38 43.41 -20.35
CA LYS B 564 -35.44 43.41 -19.22
C LYS B 564 -34.00 43.74 -19.59
N ILE B 565 -33.30 44.36 -18.65
CA ILE B 565 -31.86 44.61 -18.76
C ILE B 565 -31.08 43.27 -18.76
N THR B 566 -30.02 43.22 -19.54
CA THR B 566 -29.11 42.07 -19.63
C THR B 566 -27.68 42.56 -19.46
N TRP B 567 -26.78 41.68 -19.08
CA TRP B 567 -25.37 42.03 -18.96
C TRP B 567 -24.76 42.46 -20.30
N SER B 568 -25.27 41.93 -21.43
CA SER B 568 -24.94 42.46 -22.76
C SER B 568 -25.42 43.90 -22.94
N ILE B 569 -26.66 44.22 -22.56
CA ILE B 569 -27.15 45.60 -22.61
C ILE B 569 -26.27 46.53 -21.77
N ILE B 570 -25.88 46.10 -20.56
CA ILE B 570 -25.02 46.93 -19.69
C ILE B 570 -23.65 47.15 -20.35
N ARG B 571 -23.00 46.10 -20.86
CA ARG B 571 -21.72 46.22 -21.58
C ARG B 571 -21.82 47.10 -22.84
N GLU B 572 -22.94 47.05 -23.56
CA GLU B 572 -23.19 47.88 -24.73
C GLU B 572 -23.46 49.35 -24.36
N HIS B 573 -24.20 49.59 -23.27
CA HIS B 573 -24.58 50.93 -22.82
C HIS B 573 -23.52 51.63 -21.97
N MET B 574 -22.62 50.87 -21.32
CA MET B 574 -21.69 51.36 -20.29
C MET B 574 -20.24 50.90 -20.50
N GLY B 575 -19.87 50.44 -21.69
CA GLY B 575 -18.51 49.96 -21.98
C GLY B 575 -17.40 50.98 -21.70
N GLU B 576 -17.70 52.28 -21.83
CA GLU B 576 -16.79 53.36 -21.45
C GLU B 576 -16.55 53.37 -19.94
N ILE B 577 -17.60 53.27 -19.14
CA ILE B 577 -17.52 53.19 -17.68
C ILE B 577 -16.77 51.92 -17.27
N LEU B 578 -17.07 50.80 -17.91
CA LEU B 578 -16.39 49.53 -17.66
C LEU B 578 -14.88 49.62 -17.98
N TYR B 579 -14.48 50.39 -18.98
CA TYR B 579 -13.07 50.72 -19.23
C TYR B 579 -12.49 51.70 -18.19
N LYS B 580 -13.24 52.75 -17.79
CA LYS B 580 -12.77 53.66 -16.73
C LYS B 580 -12.51 52.91 -15.42
N LEU B 581 -13.34 51.93 -15.06
CA LEU B 581 -13.09 51.05 -13.91
C LEU B 581 -11.77 50.29 -14.04
N SER B 582 -11.51 49.64 -15.18
CA SER B 582 -10.20 49.02 -15.42
C SER B 582 -9.03 50.01 -15.44
N SER B 583 -9.29 51.29 -15.72
CA SER B 583 -8.28 52.35 -15.71
C SER B 583 -7.94 52.86 -14.29
N MET B 584 -8.70 52.50 -13.25
CA MET B 584 -8.49 53.06 -11.90
C MET B 584 -7.12 52.70 -11.29
N LYS B 585 -6.57 51.52 -11.60
CA LYS B 585 -5.29 51.07 -11.04
C LYS B 585 -4.10 51.92 -11.45
N PHE B 586 -4.18 52.63 -12.57
CA PHE B 586 -3.10 53.47 -13.11
C PHE B 586 -2.93 54.83 -12.39
N LYS B 587 -3.84 55.22 -11.49
CA LYS B 587 -3.70 56.45 -10.67
C LYS B 587 -2.48 56.35 -9.76
N ASP B 588 -1.71 57.44 -9.63
CA ASP B 588 -0.32 57.38 -9.15
C ASP B 588 -0.04 58.36 -8.01
N PRO B 589 0.07 57.91 -6.75
CA PRO B 589 0.35 58.76 -5.59
C PRO B 589 1.64 59.59 -5.67
N VAL B 590 2.59 59.27 -6.57
CA VAL B 590 3.80 60.07 -6.75
C VAL B 590 3.49 61.40 -7.46
N LYS B 591 2.48 61.42 -8.33
CA LYS B 591 2.16 62.56 -9.22
C LYS B 591 0.74 63.11 -9.02
N ASP B 592 -0.20 62.27 -8.57
CA ASP B 592 -1.56 62.65 -8.20
C ASP B 592 -1.64 62.80 -6.68
N GLY B 593 -2.19 63.91 -6.19
CA GLY B 593 -2.49 64.07 -4.77
C GLY B 593 -3.61 63.14 -4.30
N GLU B 594 -3.71 62.90 -3.00
CA GLU B 594 -4.82 62.15 -2.39
C GLU B 594 -6.18 62.75 -2.80
N ALA B 595 -6.32 64.08 -2.74
CA ALA B 595 -7.52 64.79 -3.16
C ALA B 595 -7.84 64.58 -4.65
N LYS B 596 -6.82 64.52 -5.53
CA LYS B 596 -7.02 64.26 -6.96
C LYS B 596 -7.52 62.84 -7.20
N ILE B 597 -6.89 61.84 -6.59
CA ILE B 597 -7.34 60.44 -6.73
C ILE B 597 -8.77 60.28 -6.21
N LYS B 598 -9.08 60.88 -5.05
CA LYS B 598 -10.44 60.90 -4.50
C LYS B 598 -11.44 61.57 -5.44
N ALA B 599 -11.08 62.72 -6.03
CA ALA B 599 -11.94 63.41 -6.98
C ALA B 599 -12.20 62.56 -8.24
N ASP B 600 -11.18 61.92 -8.80
CA ASP B 600 -11.35 61.06 -9.98
C ASP B 600 -12.24 59.86 -9.69
N TYR B 601 -12.01 59.15 -8.58
CA TYR B 601 -12.87 58.04 -8.21
C TYR B 601 -14.30 58.48 -7.88
N ALA B 602 -14.50 59.69 -7.35
CA ALA B 602 -15.84 60.27 -7.21
C ALA B 602 -16.48 60.60 -8.57
N GLN B 603 -15.71 61.09 -9.53
CA GLN B 603 -16.22 61.39 -10.87
C GLN B 603 -16.71 60.13 -11.59
N LEU B 604 -15.98 59.01 -11.49
CA LEU B 604 -16.45 57.72 -12.02
C LEU B 604 -17.77 57.30 -11.35
N LEU B 605 -17.96 57.60 -10.07
CA LEU B 605 -19.19 57.26 -9.36
C LEU B 605 -20.37 58.12 -9.84
N GLU B 606 -20.15 59.41 -10.15
CA GLU B 606 -21.16 60.24 -10.81
C GLU B 606 -21.45 59.74 -12.23
N ASP B 607 -20.41 59.48 -13.03
CA ASP B 607 -20.58 59.01 -14.41
C ASP B 607 -21.35 57.69 -14.49
N MET B 608 -21.04 56.70 -13.65
CA MET B 608 -21.77 55.44 -13.69
C MET B 608 -23.21 55.59 -13.22
N GLN B 609 -23.50 56.51 -12.28
CA GLN B 609 -24.87 56.83 -11.89
C GLN B 609 -25.64 57.46 -13.06
N ASN B 610 -25.05 58.42 -13.76
CA ASN B 610 -25.70 59.05 -14.92
C ASN B 610 -25.96 58.02 -16.03
N ALA B 611 -25.03 57.13 -16.28
CA ALA B 611 -25.19 56.05 -17.24
C ALA B 611 -26.31 55.08 -16.85
N PHE B 612 -26.34 54.56 -15.62
CA PHE B 612 -27.42 53.67 -15.18
C PHE B 612 -28.77 54.38 -15.10
N ARG B 613 -28.83 55.65 -14.67
CA ARG B 613 -30.08 56.44 -14.69
C ARG B 613 -30.59 56.69 -16.11
N SER B 614 -29.70 56.67 -17.11
CA SER B 614 -30.08 56.72 -18.53
C SER B 614 -30.60 55.36 -19.06
N LEU B 615 -30.54 54.30 -18.28
CA LEU B 615 -31.02 52.95 -18.62
C LEU B 615 -32.25 52.51 -17.78
N GLU B 616 -32.32 52.95 -16.52
CA GLU B 616 -33.43 52.74 -15.58
C GLU B 616 -34.78 53.28 -16.05
N SER C 16 15.60 -12.89 59.82
CA SER C 16 14.93 -11.60 60.05
C SER C 16 13.42 -11.73 59.86
N THR C 17 12.63 -11.04 60.68
CA THR C 17 11.18 -10.84 60.47
C THR C 17 10.84 -9.48 59.85
N PHE C 18 11.78 -8.52 59.87
CA PHE C 18 11.70 -7.25 59.17
C PHE C 18 12.89 -7.08 58.22
N GLY C 19 12.64 -6.56 57.03
CA GLY C 19 13.64 -5.84 56.25
C GLY C 19 13.40 -4.34 56.32
N TYR C 20 14.13 -3.56 55.53
CA TYR C 20 13.99 -2.12 55.46
C TYR C 20 13.91 -1.63 54.03
N VAL C 21 13.14 -0.58 53.76
CA VAL C 21 13.06 0.02 52.42
C VAL C 21 14.41 0.61 52.05
N HIS C 22 15.00 0.15 50.95
CA HIS C 22 16.22 0.72 50.40
C HIS C 22 15.92 1.80 49.36
N GLY C 23 14.89 1.63 48.53
CA GLY C 23 14.56 2.58 47.48
C GLY C 23 13.12 2.45 47.02
N VAL C 24 12.58 3.54 46.48
CA VAL C 24 11.19 3.65 46.00
C VAL C 24 11.15 4.35 44.65
N SER C 25 10.34 3.85 43.74
CA SER C 25 10.11 4.45 42.42
C SER C 25 8.74 4.01 41.89
N GLY C 26 7.75 4.90 41.90
CA GLY C 26 6.38 4.53 41.54
C GLY C 26 5.84 3.40 42.42
N PRO C 27 5.04 2.46 41.89
CA PRO C 27 4.49 1.35 42.67
C PRO C 27 5.49 0.27 43.11
N VAL C 28 6.78 0.39 42.76
CA VAL C 28 7.80 -0.64 43.03
C VAL C 28 8.74 -0.17 44.13
N VAL C 29 8.94 -1.01 45.14
CA VAL C 29 9.81 -0.79 46.29
C VAL C 29 10.91 -1.82 46.31
N THR C 30 12.12 -1.44 46.68
CA THR C 30 13.21 -2.38 46.95
C THR C 30 13.46 -2.40 48.44
N ALA C 31 13.60 -3.59 49.03
CA ALA C 31 13.87 -3.74 50.44
C ALA C 31 15.07 -4.64 50.70
N CYS C 32 15.79 -4.41 51.80
CA CYS C 32 17.05 -5.08 52.13
C CYS C 32 17.01 -5.64 53.55
N ASP C 33 17.95 -6.53 53.90
CA ASP C 33 17.79 -7.50 54.99
C ASP C 33 16.57 -8.43 54.82
N MET C 34 16.15 -8.64 53.57
CA MET C 34 15.09 -9.53 53.13
C MET C 34 15.60 -10.93 52.79
N ALA C 35 16.80 -11.32 53.22
CA ALA C 35 17.35 -12.65 52.98
C ALA C 35 16.44 -13.76 53.50
N GLY C 36 16.14 -14.74 52.66
CA GLY C 36 15.26 -15.87 52.96
C GLY C 36 13.77 -15.62 52.70
N ALA C 37 13.38 -14.44 52.20
CA ALA C 37 12.03 -14.17 51.73
C ALA C 37 11.77 -14.86 50.38
N ALA C 38 10.63 -15.52 50.20
CA ALA C 38 10.31 -16.26 48.99
C ALA C 38 9.62 -15.41 47.91
N MET C 39 9.77 -15.79 46.64
CA MET C 39 9.03 -15.21 45.53
C MET C 39 7.52 -15.25 45.78
N TYR C 40 6.83 -14.15 45.46
CA TYR C 40 5.40 -13.93 45.66
C TYR C 40 4.91 -14.03 47.11
N GLU C 41 5.76 -13.92 48.14
CA GLU C 41 5.26 -13.59 49.47
C GLU C 41 4.53 -12.26 49.47
N LEU C 42 3.54 -12.11 50.34
CA LEU C 42 3.13 -10.77 50.78
C LEU C 42 4.14 -10.18 51.75
N VAL C 43 4.21 -8.87 51.75
CA VAL C 43 4.94 -8.04 52.71
C VAL C 43 4.07 -6.85 53.07
N ARG C 44 4.36 -6.20 54.20
CA ARG C 44 3.76 -4.91 54.56
C ARG C 44 4.81 -3.82 54.66
N VAL C 45 4.66 -2.77 53.86
CA VAL C 45 5.68 -1.75 53.60
C VAL C 45 5.33 -0.44 54.29
N GLY C 46 6.28 0.20 54.95
CA GLY C 46 6.06 1.51 55.55
C GLY C 46 5.42 1.44 56.93
N HIS C 47 5.43 2.57 57.64
CA HIS C 47 4.86 2.68 59.00
C HIS C 47 3.33 2.52 59.03
N SER C 48 2.65 2.79 57.91
CA SER C 48 1.23 2.49 57.71
C SER C 48 0.96 1.11 57.10
N GLU C 49 1.97 0.24 56.96
CA GLU C 49 1.81 -1.17 56.56
C GLU C 49 1.01 -1.40 55.26
N LEU C 50 1.42 -0.75 54.18
CA LEU C 50 0.86 -0.95 52.84
C LEU C 50 1.10 -2.38 52.36
N VAL C 51 0.10 -3.07 51.83
CA VAL C 51 0.29 -4.42 51.29
C VAL C 51 1.10 -4.40 50.00
N GLY C 52 2.08 -5.29 49.86
CA GLY C 52 2.77 -5.52 48.61
C GLY C 52 3.20 -6.98 48.49
N GLU C 53 3.74 -7.37 47.34
CA GLU C 53 4.08 -8.76 47.04
C GLU C 53 5.46 -8.84 46.37
N ILE C 54 6.31 -9.79 46.75
CA ILE C 54 7.69 -9.89 46.25
C ILE C 54 7.74 -10.43 44.83
N ILE C 55 8.52 -9.81 43.95
CA ILE C 55 8.51 -10.08 42.50
C ILE C 55 9.90 -10.33 41.88
N ARG C 56 11.00 -10.01 42.59
CA ARG C 56 12.38 -10.35 42.22
C ARG C 56 13.22 -10.50 43.49
N LEU C 57 14.27 -11.32 43.47
CA LEU C 57 15.26 -11.45 44.56
C LEU C 57 16.67 -11.25 44.02
N GLU C 58 17.55 -10.63 44.79
CA GLU C 58 18.97 -10.51 44.46
C GLU C 58 19.81 -10.21 45.70
N GLY C 59 20.74 -11.10 46.05
CA GLY C 59 21.47 -11.01 47.31
C GLY C 59 20.54 -11.10 48.54
N ASP C 60 20.74 -10.23 49.54
CA ASP C 60 19.83 -10.06 50.68
C ASP C 60 18.63 -9.15 50.38
N MET C 61 18.48 -8.63 49.17
CA MET C 61 17.37 -7.75 48.77
C MET C 61 16.21 -8.47 48.10
N ALA C 62 15.06 -7.81 48.13
CA ALA C 62 13.85 -8.16 47.42
C ALA C 62 13.25 -6.92 46.74
N THR C 63 12.67 -7.10 45.56
CA THR C 63 11.88 -6.06 44.88
C THR C 63 10.41 -6.41 44.99
N ILE C 64 9.59 -5.42 45.30
CA ILE C 64 8.24 -5.56 45.83
C ILE C 64 7.28 -4.73 44.98
N GLN C 65 6.16 -5.33 44.61
CA GLN C 65 5.06 -4.73 43.87
C GLN C 65 4.00 -4.31 44.89
N VAL C 66 3.71 -3.02 45.05
CA VAL C 66 2.90 -2.53 46.18
C VAL C 66 1.47 -2.23 45.72
N TYR C 67 0.47 -2.80 46.39
CA TYR C 67 -0.95 -2.71 46.02
C TYR C 67 -1.67 -1.46 46.56
N GLU C 68 -0.96 -0.49 47.12
CA GLU C 68 -1.46 0.78 47.68
C GLU C 68 -0.47 1.91 47.34
N GLU C 69 -0.87 3.18 47.33
CA GLU C 69 0.02 4.26 46.85
C GLU C 69 1.28 4.43 47.72
N THR C 70 2.46 4.54 47.10
CA THR C 70 3.79 4.62 47.74
C THR C 70 4.24 6.05 48.06
N SER C 71 3.48 7.08 47.69
CA SER C 71 3.83 8.48 48.00
C SER C 71 4.04 8.70 49.50
N GLY C 72 5.13 9.35 49.89
CA GLY C 72 5.46 9.60 51.28
C GLY C 72 6.20 8.47 52.02
N VAL C 73 6.42 7.29 51.41
CA VAL C 73 7.27 6.24 51.97
C VAL C 73 8.73 6.71 51.99
N SER C 74 9.51 6.37 53.01
CA SER C 74 10.89 6.80 53.17
C SER C 74 11.89 5.65 53.23
N VAL C 75 13.11 5.90 52.74
CA VAL C 75 14.22 4.98 52.92
C VAL C 75 14.43 4.72 54.42
N GLY C 76 14.71 3.49 54.78
CA GLY C 76 14.77 3.04 56.17
C GLY C 76 13.43 2.67 56.79
N ASP C 77 12.29 2.88 56.15
CA ASP C 77 11.00 2.39 56.65
C ASP C 77 11.02 0.86 56.82
N PRO C 78 10.26 0.29 57.77
CA PRO C 78 10.20 -1.15 57.96
C PRO C 78 9.47 -1.86 56.83
N VAL C 79 9.82 -3.14 56.60
CA VAL C 79 9.15 -4.02 55.65
C VAL C 79 8.90 -5.36 56.34
N LEU C 80 7.66 -5.63 56.71
CA LEU C 80 7.30 -6.79 57.53
C LEU C 80 7.11 -8.02 56.64
N ARG C 81 7.96 -9.04 56.82
CA ARG C 81 7.91 -10.31 56.08
C ARG C 81 6.76 -11.17 56.58
N THR C 82 5.82 -11.54 55.70
CA THR C 82 4.68 -12.41 56.00
C THR C 82 4.89 -13.78 55.37
N GLY C 83 4.67 -14.87 56.10
CA GLY C 83 4.94 -16.24 55.63
C GLY C 83 3.96 -16.81 54.60
N LYS C 84 3.23 -15.99 53.84
CA LYS C 84 2.07 -16.38 53.03
C LYS C 84 2.03 -15.66 51.68
N PRO C 85 1.50 -16.28 50.62
CA PRO C 85 1.20 -15.62 49.35
C PRO C 85 -0.10 -14.83 49.39
N LEU C 86 -0.37 -14.02 48.36
CA LEU C 86 -1.67 -13.35 48.21
C LEU C 86 -2.79 -14.38 48.20
N SER C 87 -3.72 -14.27 49.14
CA SER C 87 -4.74 -15.30 49.41
C SER C 87 -6.03 -14.69 49.93
N VAL C 88 -7.12 -15.43 49.79
CA VAL C 88 -8.51 -14.94 49.88
C VAL C 88 -9.32 -15.77 50.87
N GLU C 89 -10.16 -15.13 51.69
CA GLU C 89 -11.10 -15.79 52.60
C GLU C 89 -12.34 -16.25 51.84
N LEU C 90 -12.67 -17.53 51.95
CA LEU C 90 -13.80 -18.17 51.29
C LEU C 90 -14.73 -18.74 52.35
N GLY C 91 -15.97 -18.30 52.39
CA GLY C 91 -16.90 -18.65 53.45
C GLY C 91 -18.19 -17.84 53.36
N PRO C 92 -19.17 -18.05 54.25
CA PRO C 92 -20.45 -17.36 54.17
C PRO C 92 -20.29 -15.85 54.40
N GLY C 93 -21.06 -15.03 53.68
CA GLY C 93 -20.95 -13.58 53.70
C GLY C 93 -20.30 -12.97 52.46
N ILE C 94 -20.15 -13.74 51.38
CA ILE C 94 -19.58 -13.28 50.10
C ILE C 94 -20.68 -12.78 49.16
N MET C 95 -21.87 -13.38 49.18
CA MET C 95 -22.97 -12.94 48.33
C MET C 95 -23.56 -11.62 48.79
N GLY C 96 -23.79 -10.71 47.84
CA GLY C 96 -24.26 -9.34 48.08
C GLY C 96 -23.18 -8.35 48.50
N ALA C 97 -21.93 -8.80 48.68
CA ALA C 97 -20.80 -7.96 49.04
C ALA C 97 -20.11 -7.33 47.82
N ILE C 98 -19.45 -6.19 48.05
CA ILE C 98 -18.51 -5.55 47.15
C ILE C 98 -17.14 -5.44 47.83
N PHE C 99 -16.09 -5.87 47.13
CA PHE C 99 -14.73 -5.93 47.61
C PHE C 99 -13.80 -5.09 46.73
N ASP C 100 -12.68 -4.63 47.26
CA ASP C 100 -11.59 -4.11 46.41
C ASP C 100 -10.72 -5.23 45.81
N GLY C 101 -9.68 -4.87 45.05
CA GLY C 101 -8.80 -5.84 44.39
C GLY C 101 -8.05 -6.80 45.32
N ILE C 102 -7.95 -6.53 46.62
CA ILE C 102 -7.34 -7.41 47.63
C ILE C 102 -8.38 -7.82 48.70
N GLN C 103 -9.63 -7.97 48.28
CA GLN C 103 -10.74 -8.52 49.05
C GLN C 103 -11.16 -7.72 50.29
N ARG C 104 -10.75 -6.46 50.47
CA ARG C 104 -11.26 -5.64 51.58
C ARG C 104 -12.71 -5.22 51.31
N PRO C 105 -13.63 -5.33 52.27
CA PRO C 105 -15.05 -5.05 52.06
C PRO C 105 -15.33 -3.55 52.05
N LEU C 106 -15.85 -3.01 50.94
CA LEU C 106 -16.00 -1.56 50.77
C LEU C 106 -17.15 -0.96 51.59
N SER C 107 -18.19 -1.74 51.88
CA SER C 107 -19.26 -1.35 52.82
C SER C 107 -18.72 -1.16 54.23
N ASP C 108 -17.84 -2.05 54.69
CA ASP C 108 -17.45 -2.09 56.10
C ASP C 108 -16.33 -1.10 56.40
N ILE C 109 -15.46 -0.81 55.43
CA ILE C 109 -14.58 0.36 55.47
C ILE C 109 -15.41 1.64 55.63
N SER C 110 -16.46 1.84 54.82
CA SER C 110 -17.32 3.03 54.92
C SER C 110 -17.97 3.17 56.29
N SER C 111 -18.41 2.05 56.87
CA SER C 111 -18.98 2.00 58.22
C SER C 111 -17.94 2.37 59.27
N GLN C 112 -16.77 1.75 59.28
CA GLN C 112 -15.75 1.98 60.31
C GLN C 112 -15.10 3.36 60.25
N THR C 113 -14.69 3.84 59.07
CA THR C 113 -13.98 5.13 58.93
C THR C 113 -14.91 6.34 58.96
N GLN C 114 -16.21 6.15 58.71
CA GLN C 114 -17.20 7.22 58.55
C GLN C 114 -16.84 8.23 57.44
N SER C 115 -15.97 7.86 56.49
CA SER C 115 -15.42 8.76 55.46
C SER C 115 -15.60 8.20 54.04
N ILE C 116 -15.68 9.09 53.05
CA ILE C 116 -15.90 8.74 51.64
C ILE C 116 -14.68 8.11 50.95
N TYR C 117 -13.51 8.11 51.58
CA TYR C 117 -12.27 7.58 51.03
C TYR C 117 -11.95 6.16 51.49
N ILE C 118 -11.00 5.48 50.84
CA ILE C 118 -10.39 4.24 51.34
C ILE C 118 -9.01 4.60 51.91
N PRO C 119 -8.79 4.52 53.24
CA PRO C 119 -7.51 4.91 53.84
C PRO C 119 -6.36 4.00 53.43
N ARG C 120 -5.16 4.55 53.24
CA ARG C 120 -3.97 3.77 52.89
C ARG C 120 -3.64 2.81 54.03
N GLY C 121 -3.43 1.54 53.73
CA GLY C 121 -3.07 0.54 54.72
C GLY C 121 -4.19 0.14 55.68
N VAL C 122 -5.46 0.42 55.37
CA VAL C 122 -6.59 -0.08 56.18
C VAL C 122 -6.70 -1.60 56.12
N ASN C 123 -6.85 -2.24 57.28
CA ASN C 123 -7.15 -3.67 57.42
C ASN C 123 -8.55 -3.90 57.97
N VAL C 124 -9.36 -4.69 57.27
CA VAL C 124 -10.62 -5.24 57.75
C VAL C 124 -10.67 -6.71 57.33
N SER C 125 -11.10 -7.62 58.20
CA SER C 125 -11.28 -9.03 57.83
C SER C 125 -12.26 -9.14 56.67
N ALA C 126 -11.98 -9.93 55.63
CA ALA C 126 -12.80 -9.91 54.43
C ALA C 126 -14.22 -10.40 54.68
N LEU C 127 -14.38 -11.41 55.54
CA LEU C 127 -15.68 -11.92 56.01
C LEU C 127 -15.92 -11.51 57.47
N SER C 128 -17.12 -11.02 57.79
CA SER C 128 -17.46 -10.58 59.15
C SER C 128 -17.34 -11.70 60.18
N ARG C 129 -16.65 -11.42 61.29
CA ARG C 129 -16.54 -12.36 62.43
C ARG C 129 -17.59 -12.09 63.52
N ASP C 130 -18.45 -11.11 63.34
CA ASP C 130 -19.55 -10.74 64.26
C ASP C 130 -20.91 -11.34 63.86
N ILE C 131 -21.19 -11.53 62.58
CA ILE C 131 -22.47 -12.08 62.10
C ILE C 131 -22.57 -13.57 62.47
N LYS C 132 -23.76 -14.02 62.89
CA LYS C 132 -24.06 -15.42 63.21
C LYS C 132 -24.79 -16.09 62.06
N TRP C 133 -24.33 -17.28 61.68
CA TRP C 133 -24.86 -18.06 60.56
C TRP C 133 -25.52 -19.35 61.02
N GLU C 134 -26.72 -19.64 60.51
CA GLU C 134 -27.43 -20.89 60.76
C GLU C 134 -26.79 -22.05 60.01
N PHE C 135 -26.07 -22.92 60.70
CA PHE C 135 -25.34 -24.06 60.15
C PHE C 135 -26.09 -25.36 60.43
N ILE C 136 -26.29 -26.18 59.40
CA ILE C 136 -26.83 -27.54 59.52
C ILE C 136 -25.75 -28.56 59.09
N PRO C 137 -25.30 -29.49 59.95
CA PRO C 137 -24.39 -30.58 59.57
C PRO C 137 -25.08 -31.60 58.67
N SER C 138 -24.31 -32.31 57.85
CA SER C 138 -24.83 -33.14 56.74
C SER C 138 -25.40 -34.54 57.10
N LYS C 139 -25.76 -34.80 58.36
CA LYS C 139 -26.43 -36.01 58.89
C LYS C 139 -25.70 -37.34 58.79
N ASN C 140 -25.25 -37.73 57.60
CA ASN C 140 -24.55 -39.00 57.37
C ASN C 140 -23.17 -39.03 58.03
N LEU C 141 -22.52 -37.87 58.20
CA LEU C 141 -21.27 -37.75 58.93
C LEU C 141 -21.48 -37.94 60.43
N ARG C 142 -20.59 -38.72 61.02
CA ARG C 142 -20.48 -39.04 62.45
C ARG C 142 -19.02 -39.01 62.87
N VAL C 143 -18.73 -38.95 64.17
CA VAL C 143 -17.37 -39.22 64.68
C VAL C 143 -16.85 -40.55 64.13
N GLY C 144 -15.61 -40.58 63.68
CA GLY C 144 -14.98 -41.74 63.03
C GLY C 144 -15.20 -41.85 61.51
N SER C 145 -15.96 -40.95 60.88
CA SER C 145 -16.11 -40.91 59.42
C SER C 145 -14.79 -40.54 58.75
N HIS C 146 -14.42 -41.24 57.68
CA HIS C 146 -13.33 -40.82 56.78
C HIS C 146 -13.83 -39.74 55.82
N ILE C 147 -13.06 -38.67 55.64
CA ILE C 147 -13.48 -37.47 54.92
C ILE C 147 -12.32 -36.90 54.12
N THR C 148 -12.59 -36.32 52.95
CA THR C 148 -11.55 -35.91 52.01
C THR C 148 -11.78 -34.51 51.45
N GLY C 149 -10.75 -33.89 50.88
CA GLY C 149 -10.83 -32.53 50.37
C GLY C 149 -11.98 -32.34 49.37
N GLY C 150 -12.72 -31.25 49.50
CA GLY C 150 -13.92 -30.99 48.72
C GLY C 150 -15.18 -31.71 49.20
N ASP C 151 -15.13 -32.58 50.22
CA ASP C 151 -16.35 -33.11 50.82
C ASP C 151 -17.17 -32.01 51.48
N ILE C 152 -18.45 -31.89 51.10
CA ILE C 152 -19.43 -31.06 51.78
C ILE C 152 -19.72 -31.70 53.12
N TYR C 153 -19.57 -30.95 54.22
CA TYR C 153 -19.84 -31.46 55.56
C TYR C 153 -20.98 -30.74 56.28
N GLY C 154 -21.33 -29.52 55.88
CA GLY C 154 -22.50 -28.80 56.38
C GLY C 154 -23.06 -27.82 55.36
N ILE C 155 -24.16 -27.16 55.67
CA ILE C 155 -24.80 -26.15 54.82
C ILE C 155 -25.22 -24.96 55.66
N VAL C 156 -25.00 -23.76 55.13
CA VAL C 156 -25.43 -22.49 55.72
C VAL C 156 -26.51 -21.84 54.86
N ASN C 157 -27.63 -21.44 55.46
CA ASN C 157 -28.62 -20.62 54.78
C ASN C 157 -28.11 -19.17 54.68
N GLU C 158 -27.32 -18.85 53.66
CA GLU C 158 -26.73 -17.51 53.53
C GLU C 158 -27.80 -16.46 53.26
N ASN C 159 -28.71 -16.74 52.32
CA ASN C 159 -29.90 -15.94 52.03
C ASN C 159 -30.94 -16.81 51.31
N SER C 160 -32.14 -16.28 51.06
CA SER C 160 -33.23 -17.03 50.45
C SER C 160 -32.98 -17.50 49.00
N LEU C 161 -31.90 -17.08 48.35
CA LEU C 161 -31.58 -17.41 46.97
C LEU C 161 -30.35 -18.35 46.83
N ILE C 162 -29.46 -18.39 47.82
CA ILE C 162 -28.23 -19.22 47.81
C ILE C 162 -28.13 -20.06 49.10
N LYS C 163 -27.93 -21.38 48.97
CA LYS C 163 -27.48 -22.23 50.09
C LYS C 163 -25.97 -22.40 49.99
N HIS C 164 -25.25 -22.04 51.03
CA HIS C 164 -23.80 -22.01 51.05
C HIS C 164 -23.27 -23.34 51.62
N LYS C 165 -22.88 -24.27 50.74
CA LYS C 165 -22.29 -25.55 51.13
C LYS C 165 -20.95 -25.31 51.81
N ILE C 166 -20.81 -25.74 53.06
CA ILE C 166 -19.56 -25.73 53.80
C ILE C 166 -18.84 -27.02 53.46
N MET C 167 -17.59 -26.94 53.01
CA MET C 167 -16.88 -28.10 52.50
C MET C 167 -15.42 -28.10 52.90
N LEU C 168 -14.85 -29.28 53.08
CA LEU C 168 -13.52 -29.47 53.59
C LEU C 168 -12.51 -28.87 52.60
N PRO C 169 -11.50 -28.10 53.04
CA PRO C 169 -10.54 -27.51 52.13
C PRO C 169 -9.88 -28.53 51.21
N PRO C 170 -9.46 -28.18 49.99
CA PRO C 170 -8.51 -29.00 49.26
C PRO C 170 -7.24 -29.13 50.10
N ARG C 171 -6.43 -30.15 49.85
CA ARG C 171 -5.21 -30.44 50.65
C ARG C 171 -5.47 -30.77 52.13
N SER C 172 -6.71 -31.08 52.52
CA SER C 172 -7.11 -31.54 53.85
C SER C 172 -7.87 -32.87 53.79
N ARG C 173 -7.70 -33.72 54.79
CA ARG C 173 -8.12 -35.12 54.84
C ARG C 173 -8.05 -35.66 56.27
N GLY C 174 -8.71 -36.78 56.55
CA GLY C 174 -8.57 -37.47 57.84
C GLY C 174 -9.83 -38.16 58.33
N SER C 175 -9.91 -38.37 59.64
CA SER C 175 -11.07 -38.92 60.33
C SER C 175 -11.77 -37.84 61.15
N VAL C 176 -13.09 -37.69 61.01
CA VAL C 176 -13.88 -36.74 61.80
C VAL C 176 -13.79 -37.08 63.27
N THR C 177 -13.24 -36.18 64.09
CA THR C 177 -13.16 -36.33 65.55
C THR C 177 -14.22 -35.52 66.30
N TYR C 178 -14.73 -34.45 65.68
CA TYR C 178 -15.84 -33.64 66.18
C TYR C 178 -16.62 -33.04 65.00
N ILE C 179 -17.94 -32.96 65.10
CA ILE C 179 -18.83 -32.32 64.13
C ILE C 179 -19.91 -31.56 64.89
N ALA C 180 -20.13 -30.29 64.57
CA ALA C 180 -21.01 -29.42 65.33
C ALA C 180 -22.50 -29.87 65.32
N PRO C 181 -23.27 -29.61 66.39
CA PRO C 181 -24.73 -29.66 66.35
C PRO C 181 -25.31 -28.60 65.39
N PRO C 182 -26.53 -28.77 64.86
CA PRO C 182 -27.26 -27.69 64.21
C PRO C 182 -27.35 -26.46 65.12
N GLY C 183 -27.13 -25.26 64.60
CA GLY C 183 -27.19 -24.04 65.43
C GLY C 183 -26.65 -22.80 64.73
N ASN C 184 -26.53 -21.70 65.47
CA ASN C 184 -25.99 -20.44 64.98
C ASN C 184 -24.53 -20.26 65.42
N TYR C 185 -23.62 -19.99 64.48
CA TYR C 185 -22.18 -19.88 64.76
C TYR C 185 -21.57 -18.61 64.17
N ASP C 186 -20.58 -18.03 64.84
CA ASP C 186 -19.74 -16.99 64.25
C ASP C 186 -18.74 -17.64 63.28
N ALA C 187 -18.26 -16.89 62.29
CA ALA C 187 -17.20 -17.37 61.38
C ALA C 187 -15.87 -17.73 62.08
N SER C 188 -15.68 -17.32 63.34
CA SER C 188 -14.56 -17.73 64.21
C SER C 188 -14.68 -19.15 64.79
N ASP C 189 -15.88 -19.70 64.88
CA ASP C 189 -16.17 -20.85 65.72
C ASP C 189 -15.84 -22.17 65.05
N VAL C 190 -15.19 -23.09 65.76
CA VAL C 190 -14.83 -24.42 65.23
C VAL C 190 -16.09 -25.26 65.06
N VAL C 191 -16.39 -25.68 63.84
CA VAL C 191 -17.56 -26.51 63.48
C VAL C 191 -17.19 -27.94 63.11
N LEU C 192 -15.92 -28.22 62.80
CA LEU C 192 -15.40 -29.56 62.54
C LEU C 192 -13.98 -29.69 63.13
N GLU C 193 -13.63 -30.85 63.68
CA GLU C 193 -12.24 -31.20 63.94
C GLU C 193 -11.97 -32.59 63.40
N LEU C 194 -10.79 -32.81 62.84
CA LEU C 194 -10.40 -34.08 62.24
C LEU C 194 -8.92 -34.38 62.45
N GLU C 195 -8.53 -35.63 62.39
CA GLU C 195 -7.13 -36.06 62.58
C GLU C 195 -6.61 -36.87 61.39
N PHE C 196 -5.29 -36.81 61.13
CA PHE C 196 -4.65 -37.60 60.09
C PHE C 196 -3.46 -38.41 60.62
N GLU C 197 -2.23 -37.91 60.56
CA GLU C 197 -1.02 -38.64 61.01
C GLU C 197 -0.85 -38.67 62.55
N GLY C 198 -1.95 -38.69 63.30
CA GLY C 198 -2.01 -38.40 64.74
C GLY C 198 -2.04 -36.90 65.07
N VAL C 199 -1.67 -36.03 64.13
CA VAL C 199 -1.91 -34.57 64.19
C VAL C 199 -3.40 -34.27 64.02
N LYS C 200 -3.90 -33.25 64.72
CA LYS C 200 -5.31 -32.83 64.74
C LYS C 200 -5.49 -31.43 64.14
N GLU C 201 -6.60 -31.22 63.44
CA GLU C 201 -6.91 -30.01 62.68
C GLU C 201 -8.31 -29.50 63.04
N LYS C 202 -8.42 -28.19 63.29
CA LYS C 202 -9.63 -27.49 63.73
C LYS C 202 -10.11 -26.53 62.66
N LEU C 203 -11.38 -26.61 62.26
CA LEU C 203 -11.93 -25.87 61.14
C LEU C 203 -13.19 -25.10 61.51
N SER C 204 -13.25 -23.82 61.11
CA SER C 204 -14.47 -23.02 61.13
C SER C 204 -15.08 -22.94 59.73
N MET C 205 -16.17 -22.18 59.56
CA MET C 205 -16.87 -22.03 58.28
C MET C 205 -16.07 -21.29 57.18
N VAL C 206 -14.91 -20.72 57.48
CA VAL C 206 -14.05 -19.99 56.53
C VAL C 206 -12.80 -20.79 56.19
N GLN C 207 -12.40 -20.81 54.91
CA GLN C 207 -11.14 -21.37 54.41
C GLN C 207 -10.34 -20.31 53.65
N VAL C 208 -9.02 -20.45 53.54
CA VAL C 208 -8.13 -19.48 52.88
C VAL C 208 -7.40 -20.13 51.70
N TRP C 209 -7.39 -19.50 50.53
CA TRP C 209 -6.78 -20.08 49.32
C TRP C 209 -5.84 -19.11 48.59
N PRO C 210 -4.67 -19.53 48.07
CA PRO C 210 -3.76 -18.68 47.29
C PRO C 210 -4.31 -18.31 45.92
N VAL C 211 -4.49 -17.03 45.60
CA VAL C 211 -5.27 -16.63 44.41
C VAL C 211 -4.63 -17.05 43.09
N ARG C 212 -3.31 -17.23 43.07
CA ARG C 212 -2.51 -17.59 41.90
C ARG C 212 -2.53 -19.10 41.59
N GLN C 213 -3.13 -19.94 42.44
CA GLN C 213 -3.17 -21.41 42.28
C GLN C 213 -4.58 -21.94 41.96
N VAL C 214 -4.71 -22.76 40.92
CA VAL C 214 -6.01 -23.29 40.45
C VAL C 214 -6.62 -24.24 41.45
N ARG C 215 -7.89 -24.05 41.85
CA ARG C 215 -8.58 -24.96 42.76
C ARG C 215 -8.86 -26.31 42.08
N PRO C 216 -8.52 -27.48 42.67
CA PRO C 216 -8.59 -28.75 41.98
C PRO C 216 -10.02 -29.22 41.70
N VAL C 217 -10.16 -30.15 40.74
CA VAL C 217 -11.41 -30.85 40.41
C VAL C 217 -11.15 -32.31 40.09
N THR C 218 -12.17 -33.17 40.18
CA THR C 218 -12.05 -34.56 39.79
C THR C 218 -11.78 -34.69 38.29
N GLU C 219 -12.53 -33.95 37.46
CA GLU C 219 -12.42 -34.01 36.01
C GLU C 219 -13.07 -32.79 35.33
N LYS C 220 -12.45 -32.21 34.30
CA LYS C 220 -13.11 -31.28 33.38
C LYS C 220 -13.97 -32.02 32.36
N LEU C 221 -15.11 -31.46 31.99
CA LEU C 221 -16.12 -32.07 31.14
C LEU C 221 -16.41 -31.21 29.90
N PRO C 222 -16.84 -31.80 28.77
CA PRO C 222 -17.37 -31.04 27.66
C PRO C 222 -18.61 -30.24 28.07
N ALA C 223 -18.73 -29.02 27.55
CA ALA C 223 -19.87 -28.14 27.76
C ALA C 223 -20.99 -28.47 26.76
N ASN C 224 -22.21 -28.51 27.27
CA ASN C 224 -23.37 -29.17 26.64
C ASN C 224 -24.68 -28.37 26.80
N HIS C 225 -24.63 -27.07 27.15
CA HIS C 225 -25.81 -26.29 27.51
C HIS C 225 -25.54 -24.80 27.30
N PRO C 226 -26.48 -24.01 26.77
CA PRO C 226 -26.21 -22.61 26.44
C PRO C 226 -26.23 -21.70 27.66
N LEU C 227 -25.37 -20.68 27.64
CA LEU C 227 -25.47 -19.50 28.50
C LEU C 227 -26.31 -18.46 27.77
N LEU C 228 -27.61 -18.39 28.06
CA LEU C 228 -28.51 -17.44 27.41
C LEU C 228 -28.23 -16.02 27.88
N THR C 229 -28.02 -15.09 26.96
CA THR C 229 -27.69 -13.70 27.28
C THR C 229 -28.92 -12.78 27.25
N GLY C 230 -30.01 -13.22 26.62
CA GLY C 230 -31.19 -12.41 26.40
C GLY C 230 -31.07 -11.39 25.25
N GLN C 231 -29.95 -11.37 24.53
CA GLN C 231 -29.81 -10.63 23.28
C GLN C 231 -30.21 -11.53 22.10
N ARG C 232 -30.85 -11.00 21.05
CA ARG C 232 -31.25 -11.77 19.85
C ARG C 232 -30.06 -12.17 19.00
N VAL C 233 -29.24 -11.21 18.58
CA VAL C 233 -27.83 -11.46 18.25
C VAL C 233 -27.14 -12.00 19.50
N LEU C 234 -25.95 -12.59 19.42
CA LEU C 234 -25.39 -13.43 20.49
C LEU C 234 -26.16 -14.75 20.66
N ASP C 235 -27.39 -14.78 21.18
CA ASP C 235 -28.08 -16.05 21.45
C ASP C 235 -28.43 -16.85 20.18
N ALA C 236 -28.78 -16.20 19.07
CA ALA C 236 -29.00 -16.89 17.80
C ALA C 236 -27.70 -17.10 17.01
N LEU C 237 -27.03 -16.01 16.63
CA LEU C 237 -25.92 -16.05 15.68
C LEU C 237 -24.62 -16.62 16.28
N PHE C 238 -24.27 -16.31 17.54
CA PHE C 238 -22.94 -16.58 18.12
C PHE C 238 -23.01 -17.15 19.54
N PRO C 239 -23.56 -18.37 19.72
CA PRO C 239 -23.88 -18.90 21.05
C PRO C 239 -22.68 -19.08 21.99
N CYS C 240 -22.94 -19.09 23.28
CA CYS C 240 -21.97 -19.35 24.35
C CYS C 240 -22.54 -20.40 25.31
N VAL C 241 -21.72 -21.01 26.17
CA VAL C 241 -22.09 -22.17 26.98
C VAL C 241 -21.73 -22.02 28.44
N GLN C 242 -22.39 -22.77 29.31
CA GLN C 242 -22.04 -22.86 30.72
C GLN C 242 -20.71 -23.60 30.86
N GLY C 243 -19.63 -22.87 31.17
CA GLY C 243 -18.25 -23.35 31.08
C GLY C 243 -17.44 -22.76 29.93
N GLY C 244 -18.00 -21.82 29.16
CA GLY C 244 -17.36 -21.26 27.98
C GLY C 244 -16.35 -20.15 28.26
N THR C 245 -15.56 -19.79 27.25
CA THR C 245 -14.69 -18.60 27.28
C THR C 245 -14.99 -17.66 26.13
N THR C 246 -15.22 -16.38 26.44
CA THR C 246 -15.62 -15.35 25.48
C THR C 246 -14.72 -14.13 25.57
N ALA C 247 -14.47 -13.48 24.44
CA ALA C 247 -13.91 -12.14 24.40
C ALA C 247 -14.88 -11.15 23.77
N ILE C 248 -14.91 -9.92 24.29
CA ILE C 248 -15.69 -8.82 23.72
C ILE C 248 -14.76 -7.63 23.43
N PRO C 249 -14.04 -7.60 22.30
CA PRO C 249 -13.24 -6.45 21.90
C PRO C 249 -14.10 -5.34 21.30
N GLY C 250 -13.72 -4.08 21.52
CA GLY C 250 -14.34 -2.94 20.84
C GLY C 250 -13.85 -1.58 21.34
N ALA C 251 -13.80 -0.59 20.47
CA ALA C 251 -13.46 0.80 20.78
C ALA C 251 -14.41 1.43 21.83
N PHE C 252 -14.06 2.61 22.35
CA PHE C 252 -14.84 3.27 23.41
C PHE C 252 -16.26 3.60 22.95
N GLY C 253 -17.25 3.30 23.78
CA GLY C 253 -18.66 3.59 23.52
C GLY C 253 -19.40 2.54 22.72
N CYS C 254 -18.78 1.39 22.41
CA CYS C 254 -19.44 0.33 21.65
C CYS C 254 -20.51 -0.43 22.43
N GLY C 255 -20.40 -0.54 23.75
CA GLY C 255 -21.39 -1.24 24.57
C GLY C 255 -20.86 -2.45 25.35
N LYS C 256 -19.56 -2.54 25.61
CA LYS C 256 -18.98 -3.70 26.32
C LYS C 256 -19.55 -3.82 27.72
N THR C 257 -19.60 -2.72 28.46
CA THR C 257 -20.13 -2.72 29.82
C THR C 257 -21.63 -2.93 29.84
N VAL C 258 -22.38 -2.43 28.86
CA VAL C 258 -23.82 -2.70 28.80
C VAL C 258 -24.10 -4.17 28.48
N ILE C 259 -23.33 -4.84 27.62
CA ILE C 259 -23.45 -6.30 27.40
C ILE C 259 -23.09 -7.04 28.69
N SER C 260 -22.00 -6.69 29.37
CA SER C 260 -21.61 -7.27 30.66
C SER C 260 -22.72 -7.11 31.71
N GLN C 261 -23.30 -5.93 31.84
CA GLN C 261 -24.39 -5.70 32.79
C GLN C 261 -25.66 -6.46 32.38
N SER C 262 -26.02 -6.49 31.11
CA SER C 262 -27.20 -7.23 30.65
C SER C 262 -27.08 -8.72 30.90
N LEU C 263 -25.91 -9.28 30.62
CA LEU C 263 -25.59 -10.68 30.89
C LEU C 263 -25.60 -10.99 32.39
N SER C 264 -25.12 -10.07 33.22
CA SER C 264 -25.18 -10.16 34.67
C SER C 264 -26.60 -10.13 35.23
N LYS C 265 -27.50 -9.34 34.64
CA LYS C 265 -28.88 -9.22 35.10
C LYS C 265 -29.77 -10.41 34.69
N TYR C 266 -29.64 -10.90 33.46
CA TYR C 266 -30.65 -11.77 32.84
C TYR C 266 -30.21 -13.20 32.47
N SER C 267 -28.97 -13.62 32.67
CA SER C 267 -28.51 -14.97 32.29
C SER C 267 -28.99 -16.11 33.20
N ASN C 268 -28.98 -17.33 32.67
CA ASN C 268 -29.32 -18.58 33.36
C ASN C 268 -28.17 -19.13 34.23
N SER C 269 -27.65 -18.31 35.13
CA SER C 269 -26.53 -18.64 36.03
C SER C 269 -26.97 -18.60 37.47
N ASP C 270 -26.42 -19.47 38.29
CA ASP C 270 -26.76 -19.57 39.71
C ASP C 270 -26.08 -18.48 40.55
N VAL C 271 -24.89 -18.02 40.12
CA VAL C 271 -24.09 -16.99 40.80
C VAL C 271 -23.43 -16.09 39.75
N ILE C 272 -23.28 -14.81 40.03
CA ILE C 272 -22.48 -13.88 39.22
C ILE C 272 -21.36 -13.28 40.05
N ILE C 273 -20.12 -13.31 39.53
CA ILE C 273 -19.00 -12.58 40.10
C ILE C 273 -18.59 -11.49 39.11
N TYR C 274 -18.69 -10.22 39.50
CA TYR C 274 -18.50 -9.11 38.58
C TYR C 274 -17.22 -8.35 38.90
N VAL C 275 -16.26 -8.29 37.98
CA VAL C 275 -14.95 -7.68 38.19
C VAL C 275 -14.78 -6.43 37.33
N GLY C 276 -14.46 -5.30 37.95
CA GLY C 276 -14.29 -4.01 37.29
C GLY C 276 -12.88 -3.44 37.44
N CYS C 277 -11.84 -4.20 37.07
CA CYS C 277 -10.47 -3.71 37.18
C CYS C 277 -10.17 -2.60 36.16
N GLY C 278 -9.66 -1.47 36.63
CA GLY C 278 -9.19 -0.37 35.82
C GLY C 278 -10.26 0.40 35.05
N GLU C 279 -11.54 0.23 35.35
CA GLU C 279 -12.67 0.91 34.69
C GLU C 279 -13.45 1.83 35.65
N ARG C 280 -14.48 2.54 35.19
CA ARG C 280 -15.07 3.71 35.87
C ARG C 280 -15.70 3.40 37.23
N GLY C 281 -15.64 4.33 38.18
CA GLY C 281 -16.39 4.23 39.42
C GLY C 281 -17.90 4.35 39.27
N ASN C 282 -18.40 5.16 38.32
CA ASN C 282 -19.84 5.23 38.02
C ASN C 282 -20.36 3.94 37.37
N GLU C 283 -19.58 3.21 36.57
CA GLU C 283 -20.00 1.89 36.06
C GLU C 283 -20.10 0.85 37.19
N MET C 284 -19.37 0.96 38.31
CA MET C 284 -19.64 0.16 39.52
C MET C 284 -20.87 0.64 40.30
N SER C 285 -21.02 1.95 40.48
CA SER C 285 -22.14 2.56 41.21
C SER C 285 -23.50 2.26 40.57
N GLU C 286 -23.57 2.18 39.24
CA GLU C 286 -24.78 1.78 38.52
C GLU C 286 -25.25 0.38 38.91
N VAL C 287 -24.33 -0.57 39.01
CA VAL C 287 -24.64 -1.95 39.41
C VAL C 287 -25.16 -2.00 40.84
N LEU C 288 -24.53 -1.29 41.77
CA LEU C 288 -24.99 -1.21 43.16
C LEU C 288 -26.35 -0.54 43.30
N ARG C 289 -26.68 0.45 42.46
CA ARG C 289 -27.98 1.12 42.45
C ARG C 289 -29.08 0.25 41.87
N ASP C 290 -28.83 -0.44 40.76
CA ASP C 290 -29.84 -1.23 40.04
C ASP C 290 -30.17 -2.59 40.67
N PHE C 291 -29.16 -3.42 40.97
CA PHE C 291 -29.37 -4.82 41.28
C PHE C 291 -30.20 -5.11 42.55
N PRO C 292 -30.32 -4.22 43.55
CA PRO C 292 -31.26 -4.42 44.66
C PRO C 292 -32.73 -4.27 44.24
N GLU C 293 -33.02 -3.41 43.28
CA GLU C 293 -34.37 -3.10 42.81
C GLU C 293 -34.90 -4.16 41.85
N LEU C 294 -34.05 -4.69 40.97
CA LEU C 294 -34.38 -5.72 40.00
C LEU C 294 -34.54 -7.10 40.67
N THR C 295 -35.57 -7.85 40.32
CA THR C 295 -35.91 -9.12 40.96
C THR C 295 -36.13 -10.26 39.97
N MET C 296 -35.62 -11.45 40.27
CA MET C 296 -36.01 -12.70 39.64
C MET C 296 -37.08 -13.41 40.48
N GLU C 297 -37.81 -14.38 39.93
CA GLU C 297 -38.86 -15.12 40.63
C GLU C 297 -38.46 -16.58 40.89
N VAL C 298 -38.66 -17.06 42.12
CA VAL C 298 -38.18 -18.37 42.60
C VAL C 298 -39.31 -19.41 42.67
N ASP C 299 -40.12 -19.39 43.72
CA ASP C 299 -41.20 -20.36 44.00
C ASP C 299 -42.58 -19.68 44.02
N GLY C 300 -42.85 -18.82 43.04
CA GLY C 300 -43.99 -17.89 43.07
C GLY C 300 -43.76 -16.64 43.94
N LYS C 301 -42.51 -16.40 44.33
CA LYS C 301 -42.03 -15.27 45.15
C LYS C 301 -40.85 -14.59 44.45
N VAL C 302 -40.78 -13.27 44.49
CA VAL C 302 -39.69 -12.48 43.89
C VAL C 302 -38.53 -12.25 44.85
N GLU C 303 -37.30 -12.26 44.34
CA GLU C 303 -36.07 -12.06 45.09
C GLU C 303 -35.09 -11.14 44.35
N SER C 304 -34.40 -10.24 45.05
CA SER C 304 -33.41 -9.35 44.44
C SER C 304 -32.24 -10.13 43.87
N ILE C 305 -31.80 -9.82 42.66
CA ILE C 305 -30.64 -10.48 42.05
C ILE C 305 -29.33 -10.15 42.76
N MET C 306 -29.26 -9.09 43.57
CA MET C 306 -28.11 -8.83 44.42
C MET C 306 -27.88 -9.97 45.44
N LYS C 307 -28.87 -10.80 45.77
CA LYS C 307 -28.68 -11.99 46.61
C LYS C 307 -27.79 -13.07 45.98
N ARG C 308 -27.59 -13.07 44.65
CA ARG C 308 -26.75 -14.02 43.89
C ARG C 308 -25.47 -13.42 43.30
N THR C 309 -25.10 -12.21 43.69
CA THR C 309 -24.04 -11.43 43.03
C THR C 309 -22.96 -11.06 44.02
N ALA C 310 -21.69 -11.11 43.61
CA ALA C 310 -20.58 -10.49 44.32
C ALA C 310 -19.80 -9.59 43.35
N LEU C 311 -19.21 -8.50 43.84
CA LEU C 311 -18.51 -7.53 43.01
C LEU C 311 -17.07 -7.32 43.49
N VAL C 312 -16.15 -7.07 42.56
CA VAL C 312 -14.74 -6.80 42.84
C VAL C 312 -14.33 -5.55 42.08
N ALA C 313 -14.24 -4.42 42.77
CA ALA C 313 -14.00 -3.11 42.19
C ALA C 313 -12.53 -2.69 42.35
N ASN C 314 -11.92 -2.14 41.30
CA ASN C 314 -10.63 -1.47 41.43
C ASN C 314 -10.52 -0.42 40.32
N THR C 315 -11.17 0.72 40.53
CA THR C 315 -11.48 1.69 39.48
C THR C 315 -10.24 2.32 38.85
N SER C 316 -10.41 2.99 37.72
CA SER C 316 -9.32 3.49 36.87
C SER C 316 -8.34 4.45 37.55
N ASN C 317 -8.66 5.04 38.70
CA ASN C 317 -7.78 5.87 39.52
C ASN C 317 -7.24 5.17 40.78
N MET C 318 -7.66 3.96 41.12
CA MET C 318 -7.08 3.17 42.21
C MET C 318 -5.72 2.58 41.79
N PRO C 319 -4.87 2.13 42.74
CA PRO C 319 -3.49 1.71 42.46
C PRO C 319 -3.34 0.69 41.34
N VAL C 320 -2.46 0.97 40.37
CA VAL C 320 -2.31 0.17 39.15
C VAL C 320 -1.95 -1.29 39.41
N ALA C 321 -1.11 -1.54 40.42
CA ALA C 321 -0.66 -2.89 40.77
C ALA C 321 -1.79 -3.79 41.28
N ALA C 322 -2.87 -3.23 41.82
CA ALA C 322 -3.96 -4.00 42.38
C ALA C 322 -4.88 -4.60 41.32
N ARG C 323 -4.79 -4.17 40.06
CA ARG C 323 -5.61 -4.73 38.96
C ARG C 323 -5.29 -6.21 38.70
N GLU C 324 -4.05 -6.65 38.88
CA GLU C 324 -3.69 -8.07 38.85
C GLU C 324 -4.41 -8.84 39.96
N ALA C 325 -4.42 -8.30 41.19
CA ALA C 325 -5.07 -8.93 42.32
C ALA C 325 -6.60 -9.00 42.16
N SER C 326 -7.24 -8.03 41.51
CA SER C 326 -8.67 -8.08 41.22
C SER C 326 -9.03 -9.29 40.37
N ILE C 327 -8.29 -9.54 39.30
CA ILE C 327 -8.54 -10.64 38.39
C ILE C 327 -8.43 -11.97 39.11
N TYR C 328 -7.34 -12.21 39.84
CA TYR C 328 -7.16 -13.49 40.52
C TYR C 328 -8.10 -13.68 41.70
N THR C 329 -8.47 -12.60 42.40
CA THR C 329 -9.52 -12.66 43.43
C THR C 329 -10.84 -13.09 42.82
N GLY C 330 -11.28 -12.45 41.73
CA GLY C 330 -12.57 -12.76 41.10
C GLY C 330 -12.66 -14.15 40.51
N ILE C 331 -11.60 -14.67 39.89
CA ILE C 331 -11.64 -16.06 39.40
C ILE C 331 -11.57 -17.06 40.56
N THR C 332 -10.83 -16.78 41.62
CA THR C 332 -10.81 -17.66 42.80
C THR C 332 -12.17 -17.71 43.49
N LEU C 333 -12.85 -16.58 43.66
CA LEU C 333 -14.22 -16.56 44.15
C LEU C 333 -15.14 -17.34 43.21
N SER C 334 -14.93 -17.32 41.89
CA SER C 334 -15.77 -18.08 40.97
C SER C 334 -15.57 -19.59 41.08
N GLU C 335 -14.33 -20.04 41.22
CA GLU C 335 -14.02 -21.45 41.43
C GLU C 335 -14.55 -21.98 42.76
N TYR C 336 -14.62 -21.15 43.80
CA TYR C 336 -15.19 -21.58 45.07
C TYR C 336 -16.67 -21.98 44.94
N PHE C 337 -17.52 -21.17 44.31
CA PHE C 337 -18.92 -21.52 44.08
C PHE C 337 -19.10 -22.63 43.03
N ARG C 338 -18.24 -22.74 42.01
CA ARG C 338 -18.22 -23.91 41.12
C ARG C 338 -18.09 -25.19 41.91
N ASP C 339 -17.22 -25.24 42.90
CA ASP C 339 -16.99 -26.45 43.70
C ASP C 339 -18.22 -26.84 44.55
N MET C 340 -19.14 -25.93 44.84
CA MET C 340 -20.43 -26.25 45.47
C MET C 340 -21.41 -26.90 44.49
N GLY C 341 -21.08 -27.00 43.21
CA GLY C 341 -21.99 -27.48 42.18
C GLY C 341 -22.87 -26.39 41.57
N TYR C 342 -22.51 -25.11 41.67
CA TYR C 342 -23.20 -24.03 40.98
C TYR C 342 -22.66 -23.79 39.57
N HIS C 343 -23.49 -23.24 38.71
CA HIS C 343 -23.09 -22.68 37.43
C HIS C 343 -22.85 -21.17 37.59
N VAL C 344 -21.60 -20.75 37.49
CA VAL C 344 -21.12 -19.40 37.77
C VAL C 344 -20.75 -18.67 36.48
N SER C 345 -20.94 -17.35 36.43
CA SER C 345 -20.39 -16.50 35.38
C SER C 345 -19.51 -15.42 35.97
N MET C 346 -18.33 -15.24 35.40
CA MET C 346 -17.42 -14.18 35.75
C MET C 346 -17.35 -13.15 34.62
N MET C 347 -17.56 -11.88 34.96
CA MET C 347 -17.38 -10.76 34.03
C MET C 347 -16.09 -10.06 34.40
N ALA C 348 -15.20 -9.78 33.44
CA ALA C 348 -13.96 -9.05 33.68
C ALA C 348 -13.92 -7.81 32.79
N ASP C 349 -14.44 -6.67 33.25
CA ASP C 349 -14.94 -5.64 32.33
C ASP C 349 -13.87 -4.88 31.52
N SER C 350 -12.58 -5.10 31.81
CA SER C 350 -11.54 -4.97 30.80
C SER C 350 -10.26 -5.69 31.21
N THR C 351 -9.87 -6.70 30.44
CA THR C 351 -8.59 -7.39 30.61
C THR C 351 -7.42 -6.58 30.04
N SER C 352 -7.65 -5.57 29.19
CA SER C 352 -6.60 -4.67 28.73
C SER C 352 -6.02 -3.84 29.85
N ARG C 353 -6.83 -3.48 30.84
CA ARG C 353 -6.39 -2.72 32.02
C ARG C 353 -5.43 -3.51 32.89
N TRP C 354 -5.53 -4.84 32.91
CA TRP C 354 -4.60 -5.75 33.56
C TRP C 354 -3.31 -5.89 32.75
N ALA C 355 -3.38 -6.10 31.44
CA ALA C 355 -2.20 -6.13 30.59
C ALA C 355 -1.40 -4.82 30.64
N GLU C 356 -2.09 -3.69 30.71
CA GLU C 356 -1.53 -2.35 30.85
C GLU C 356 -0.91 -2.11 32.23
N ALA C 357 -1.42 -2.74 33.30
CA ALA C 357 -0.76 -2.72 34.60
C ALA C 357 0.55 -3.51 34.60
N LEU C 358 0.56 -4.68 33.97
CA LEU C 358 1.78 -5.48 33.82
C LEU C 358 2.86 -4.69 33.08
N ARG C 359 2.50 -3.90 32.06
CA ARG C 359 3.45 -3.04 31.33
C ARG C 359 4.14 -2.00 32.20
N GLU C 360 3.45 -1.31 33.12
CA GLU C 360 4.14 -0.38 34.04
C GLU C 360 5.06 -1.11 35.02
N ILE C 361 4.60 -2.14 35.71
CA ILE C 361 5.42 -2.89 36.67
C ILE C 361 6.65 -3.46 35.96
N SER C 362 6.48 -4.09 34.81
CA SER C 362 7.55 -4.59 33.96
C SER C 362 8.50 -3.47 33.53
N GLY C 363 7.98 -2.30 33.19
CA GLY C 363 8.77 -1.14 32.81
C GLY C 363 9.64 -0.64 33.95
N ARG C 364 9.11 -0.53 35.17
CA ARG C 364 9.87 -0.09 36.35
C ARG C 364 10.86 -1.14 36.88
N LEU C 365 10.59 -2.42 36.66
CA LEU C 365 11.54 -3.53 36.82
C LEU C 365 12.63 -3.55 35.73
N ALA C 366 12.57 -2.67 34.74
CA ALA C 366 13.51 -2.53 33.62
C ALA C 366 13.68 -3.80 32.75
N GLU C 367 12.61 -4.58 32.58
CA GLU C 367 12.58 -5.77 31.71
C GLU C 367 12.57 -5.42 30.22
N MET C 368 13.07 -6.31 29.36
CA MET C 368 12.98 -6.16 27.89
C MET C 368 11.54 -6.37 27.40
N PRO C 369 10.98 -5.48 26.56
CA PRO C 369 9.62 -5.63 26.05
C PRO C 369 9.51 -6.62 24.88
N ALA C 370 8.34 -7.24 24.75
CA ALA C 370 7.89 -7.96 23.56
C ALA C 370 7.17 -7.01 22.59
N ASP C 371 5.97 -7.34 22.13
CA ASP C 371 5.16 -6.46 21.29
C ASP C 371 4.72 -5.19 22.04
N SER C 372 4.90 -4.02 21.45
CA SER C 372 4.40 -2.71 21.93
C SER C 372 4.56 -2.44 23.43
N GLY C 373 5.71 -2.80 23.98
CA GLY C 373 6.08 -2.54 25.37
C GLY C 373 5.61 -3.58 26.38
N TYR C 374 4.71 -4.51 26.03
CA TYR C 374 4.21 -5.51 26.97
C TYR C 374 5.29 -6.54 27.33
N PRO C 375 5.26 -7.15 28.52
CA PRO C 375 6.22 -8.17 28.88
C PRO C 375 5.99 -9.48 28.12
N ALA C 376 7.05 -10.26 27.87
CA ALA C 376 6.95 -11.47 27.06
C ALA C 376 6.04 -12.55 27.65
N TYR C 377 5.84 -12.54 28.97
CA TYR C 377 4.93 -13.44 29.68
C TYR C 377 3.44 -13.08 29.57
N LEU C 378 3.04 -11.97 28.93
CA LEU C 378 1.64 -11.57 28.83
C LEU C 378 0.72 -12.68 28.28
N GLY C 379 1.12 -13.35 27.20
CA GLY C 379 0.33 -14.44 26.63
C GLY C 379 0.14 -15.64 27.58
N ALA C 380 1.14 -15.96 28.38
CA ALA C 380 1.06 -17.01 29.40
C ALA C 380 0.17 -16.62 30.58
N ARG C 381 0.17 -15.34 30.98
CA ARG C 381 -0.70 -14.81 32.03
C ARG C 381 -2.16 -14.85 31.58
N LEU C 382 -2.46 -14.44 30.35
CA LEU C 382 -3.79 -14.55 29.76
C LEU C 382 -4.24 -16.01 29.62
N ALA C 383 -3.44 -16.86 28.99
CA ALA C 383 -3.85 -18.24 28.69
C ALA C 383 -4.13 -19.07 29.94
N SER C 384 -3.31 -18.93 30.97
CA SER C 384 -3.53 -19.63 32.24
C SER C 384 -4.71 -19.08 33.06
N PHE C 385 -5.13 -17.83 32.85
CA PHE C 385 -6.38 -17.30 33.41
C PHE C 385 -7.60 -17.90 32.71
N TYR C 386 -7.67 -17.88 31.39
CA TYR C 386 -8.80 -18.46 30.66
C TYR C 386 -8.94 -19.97 30.84
N GLU C 387 -7.86 -20.72 31.08
CA GLU C 387 -7.96 -22.15 31.44
C GLU C 387 -8.61 -22.42 32.81
N ARG C 388 -8.95 -21.42 33.62
CA ARG C 388 -9.70 -21.63 34.86
C ARG C 388 -11.21 -21.77 34.62
N ALA C 389 -11.71 -21.37 33.45
CA ALA C 389 -13.09 -21.64 33.02
C ALA C 389 -13.32 -23.11 32.71
N GLY C 390 -14.56 -23.57 32.76
CA GLY C 390 -14.93 -24.93 32.38
C GLY C 390 -16.14 -25.47 33.12
N ARG C 391 -16.57 -26.68 32.75
CA ARG C 391 -17.59 -27.46 33.45
C ARG C 391 -16.92 -28.68 34.06
N VAL C 392 -17.27 -29.09 35.27
CA VAL C 392 -16.44 -30.02 36.05
C VAL C 392 -17.25 -31.01 36.86
N LYS C 393 -16.65 -32.17 37.14
CA LYS C 393 -16.95 -32.97 38.34
C LYS C 393 -16.11 -32.43 39.48
N CYS C 394 -16.76 -31.91 40.51
CA CYS C 394 -16.11 -31.28 41.64
C CYS C 394 -15.25 -32.29 42.45
N LEU C 395 -14.33 -31.82 43.31
CA LEU C 395 -13.65 -32.69 44.28
C LEU C 395 -14.66 -33.23 45.31
N GLY C 396 -14.28 -34.25 46.07
CA GLY C 396 -15.13 -34.77 47.12
C GLY C 396 -16.25 -35.65 46.59
N ASN C 397 -17.12 -36.09 47.50
CA ASN C 397 -17.83 -37.36 47.31
C ASN C 397 -19.33 -37.29 47.07
N PRO C 398 -20.07 -36.22 47.39
CA PRO C 398 -21.45 -36.07 46.92
C PRO C 398 -21.64 -35.89 45.40
N GLU C 399 -20.62 -36.16 44.59
CA GLU C 399 -20.64 -36.32 43.12
C GLU C 399 -21.37 -35.24 42.30
N ARG C 400 -21.43 -33.99 42.78
CA ARG C 400 -22.01 -32.84 42.06
C ARG C 400 -21.16 -32.36 40.87
N GLU C 401 -21.79 -31.60 39.97
CA GLU C 401 -21.12 -30.93 38.84
C GLU C 401 -21.48 -29.44 38.83
N GLY C 402 -20.53 -28.58 38.44
CA GLY C 402 -20.65 -27.13 38.38
C GLY C 402 -19.81 -26.54 37.26
N SER C 403 -19.81 -25.22 37.07
CA SER C 403 -19.04 -24.60 35.99
C SER C 403 -18.70 -23.15 36.25
N VAL C 404 -17.69 -22.62 35.57
CA VAL C 404 -17.41 -21.18 35.46
C VAL C 404 -17.37 -20.80 33.98
N SER C 405 -18.18 -19.85 33.54
CA SER C 405 -18.00 -19.17 32.26
C SER C 405 -17.24 -17.87 32.45
N ILE C 406 -16.29 -17.53 31.59
CA ILE C 406 -15.56 -16.26 31.65
C ILE C 406 -15.89 -15.42 30.43
N VAL C 407 -16.28 -14.16 30.64
CA VAL C 407 -16.57 -13.20 29.58
C VAL C 407 -15.71 -11.96 29.75
N GLY C 408 -14.54 -11.99 29.13
CA GLY C 408 -13.55 -10.93 29.25
C GLY C 408 -13.72 -9.87 28.18
N ALA C 409 -14.00 -8.64 28.58
CA ALA C 409 -13.98 -7.52 27.66
C ALA C 409 -12.53 -7.12 27.36
N VAL C 410 -12.29 -6.58 26.17
CA VAL C 410 -10.96 -6.12 25.73
C VAL C 410 -11.09 -4.70 25.19
N SER C 411 -10.14 -3.83 25.49
CA SER C 411 -10.18 -2.40 25.17
C SER C 411 -9.01 -2.02 24.28
N PRO C 412 -9.00 -2.39 22.99
CA PRO C 412 -7.87 -2.19 22.12
C PRO C 412 -7.59 -0.70 21.93
N PRO C 413 -6.39 -0.18 22.26
CA PRO C 413 -6.07 1.21 22.04
C PRO C 413 -6.10 1.52 20.54
N GLY C 414 -6.64 2.68 20.17
CA GLY C 414 -6.90 3.08 18.78
C GLY C 414 -8.08 2.35 18.13
N GLY C 415 -8.73 1.41 18.81
CA GLY C 415 -9.85 0.62 18.29
C GLY C 415 -9.47 -0.51 17.34
N ASP C 416 -8.18 -0.80 17.15
CA ASP C 416 -7.68 -1.74 16.13
C ASP C 416 -7.31 -3.08 16.75
N PHE C 417 -7.92 -4.17 16.25
CA PHE C 417 -7.80 -5.51 16.82
C PHE C 417 -6.44 -6.19 16.57
N SER C 418 -5.51 -5.54 15.88
CA SER C 418 -4.09 -5.93 15.88
C SER C 418 -3.36 -5.61 17.20
N ASP C 419 -4.00 -4.89 18.13
CA ASP C 419 -3.60 -4.76 19.54
C ASP C 419 -3.03 -6.07 20.12
N PRO C 420 -1.87 -6.07 20.81
CA PRO C 420 -1.30 -7.26 21.42
C PRO C 420 -2.23 -8.00 22.38
N VAL C 421 -3.06 -7.30 23.15
CA VAL C 421 -3.95 -7.97 24.11
C VAL C 421 -5.09 -8.68 23.40
N THR C 422 -5.72 -8.02 22.42
CA THR C 422 -6.73 -8.61 21.56
C THR C 422 -6.16 -9.80 20.82
N SER C 423 -5.04 -9.61 20.13
CA SER C 423 -4.37 -10.65 19.33
C SER C 423 -4.01 -11.88 20.15
N ALA C 424 -3.48 -11.71 21.37
CA ALA C 424 -3.23 -12.80 22.30
C ALA C 424 -4.53 -13.49 22.75
N THR C 425 -5.55 -12.72 23.13
CA THR C 425 -6.82 -13.22 23.64
C THR C 425 -7.61 -14.01 22.61
N LEU C 426 -7.65 -13.57 21.35
CA LEU C 426 -8.35 -14.27 20.28
C LEU C 426 -7.71 -15.62 19.92
N GLY C 427 -6.45 -15.84 20.27
CA GLY C 427 -5.82 -17.16 20.19
C GLY C 427 -6.31 -18.14 21.27
N ILE C 428 -6.91 -17.63 22.35
CA ILE C 428 -7.21 -18.37 23.59
C ILE C 428 -8.72 -18.67 23.72
N VAL C 429 -9.59 -17.69 23.50
CA VAL C 429 -11.04 -17.84 23.72
C VAL C 429 -11.72 -18.67 22.63
N GLN C 430 -12.90 -19.20 22.92
CA GLN C 430 -13.70 -19.99 21.99
C GLN C 430 -14.85 -19.21 21.35
N VAL C 431 -15.19 -18.02 21.85
CA VAL C 431 -16.24 -17.14 21.29
C VAL C 431 -15.71 -15.73 21.18
N PHE C 432 -15.96 -15.08 20.04
CA PHE C 432 -15.55 -13.72 19.74
C PHE C 432 -16.76 -12.89 19.35
N TRP C 433 -17.11 -11.88 20.14
CA TRP C 433 -18.19 -10.93 19.88
C TRP C 433 -17.60 -9.56 19.56
N GLY C 434 -17.16 -9.36 18.33
CA GLY C 434 -16.39 -8.20 17.94
C GLY C 434 -17.29 -7.01 17.64
N LEU C 435 -17.28 -5.98 18.49
CA LEU C 435 -18.10 -4.79 18.33
C LEU C 435 -17.55 -3.82 17.26
N ASP C 436 -18.39 -2.95 16.72
CA ASP C 436 -18.02 -2.00 15.68
C ASP C 436 -18.53 -0.58 15.98
N LYS C 437 -17.61 0.39 16.02
CA LYS C 437 -17.94 1.79 16.29
C LYS C 437 -18.88 2.39 15.25
N LYS C 438 -18.82 1.98 13.98
CA LYS C 438 -19.72 2.50 12.94
C LYS C 438 -21.13 1.90 12.99
N LEU C 439 -21.36 0.84 13.78
CA LEU C 439 -22.69 0.43 14.20
C LEU C 439 -23.13 1.24 15.42
N ALA C 440 -22.26 1.41 16.42
CA ALA C 440 -22.56 2.22 17.60
C ALA C 440 -22.92 3.69 17.28
N GLN C 441 -22.26 4.34 16.32
CA GLN C 441 -22.60 5.73 15.93
C GLN C 441 -24.01 5.90 15.34
N ARG C 442 -24.53 4.89 14.63
CA ARG C 442 -25.92 4.82 14.15
C ARG C 442 -26.94 4.54 15.26
N LYS C 443 -26.49 4.39 16.51
CA LYS C 443 -27.22 3.76 17.61
C LYS C 443 -27.71 2.36 17.25
N HIS C 444 -26.94 1.58 16.48
CA HIS C 444 -27.20 0.17 16.24
C HIS C 444 -26.56 -0.63 17.37
N PHE C 445 -27.38 -1.10 18.30
CA PHE C 445 -26.96 -1.83 19.49
C PHE C 445 -27.72 -3.15 19.62
N PRO C 446 -27.09 -4.25 20.10
CA PRO C 446 -25.66 -4.41 20.32
C PRO C 446 -24.85 -4.20 19.05
N SER C 447 -23.73 -3.50 19.14
CA SER C 447 -22.94 -3.03 17.99
C SER C 447 -22.09 -4.15 17.36
N VAL C 448 -22.48 -5.41 17.50
CA VAL C 448 -21.72 -6.60 17.10
C VAL C 448 -21.61 -6.66 15.58
N ASN C 449 -20.39 -6.76 15.08
CA ASN C 449 -20.11 -7.07 13.70
C ASN C 449 -20.36 -8.56 13.46
N TRP C 450 -21.42 -8.89 12.74
CA TRP C 450 -21.80 -10.28 12.42
C TRP C 450 -20.94 -10.91 11.32
N LEU C 451 -20.09 -10.15 10.63
CA LEU C 451 -19.17 -10.68 9.63
C LEU C 451 -17.90 -11.25 10.27
N ILE C 452 -17.33 -10.58 11.28
CA ILE C 452 -16.09 -11.04 11.92
C ILE C 452 -16.32 -11.94 13.13
N SER C 453 -17.42 -11.77 13.87
CA SER C 453 -17.69 -12.53 15.08
C SER C 453 -17.83 -14.03 14.82
N TYR C 454 -17.58 -14.89 15.82
CA TYR C 454 -17.77 -16.34 15.70
C TYR C 454 -18.04 -17.00 17.05
N SER C 455 -18.53 -18.24 17.00
CA SER C 455 -18.54 -19.16 18.14
C SER C 455 -18.12 -20.56 17.73
N LYS C 456 -17.23 -21.20 18.49
CA LYS C 456 -16.82 -22.60 18.27
C LYS C 456 -17.75 -23.62 18.92
N TYR C 457 -18.77 -23.21 19.67
CA TYR C 457 -19.69 -24.11 20.37
C TYR C 457 -20.91 -24.56 19.56
N MET C 458 -21.10 -24.09 18.33
CA MET C 458 -22.28 -24.44 17.54
C MET C 458 -22.43 -25.95 17.30
N ARG C 459 -21.36 -26.67 16.98
CA ARG C 459 -21.43 -28.14 16.84
C ARG C 459 -21.74 -28.87 18.14
N ALA C 460 -21.42 -28.31 19.30
CA ALA C 460 -21.79 -28.88 20.59
C ALA C 460 -23.26 -28.60 20.96
N LEU C 461 -23.80 -27.43 20.60
CA LEU C 461 -25.16 -27.01 20.90
C LEU C 461 -26.21 -27.51 19.90
N ASP C 462 -25.84 -27.89 18.68
CA ASP C 462 -26.82 -28.36 17.69
C ASP C 462 -27.68 -29.52 18.23
N GLU C 463 -27.10 -30.46 18.98
CA GLU C 463 -27.87 -31.58 19.57
C GLU C 463 -28.75 -31.18 20.76
N TYR C 464 -28.54 -30.00 21.36
CA TYR C 464 -29.48 -29.40 22.31
C TYR C 464 -30.65 -28.76 21.57
N TYR C 465 -30.38 -27.94 20.55
CA TYR C 465 -31.42 -27.28 19.78
C TYR C 465 -32.35 -28.29 19.09
N ASP C 466 -31.81 -29.41 18.58
CA ASP C 466 -32.57 -30.52 18.02
C ASP C 466 -33.60 -31.13 18.99
N LYS C 467 -33.47 -30.92 20.30
CA LYS C 467 -34.37 -31.46 21.33
C LYS C 467 -35.34 -30.39 21.84
N HIS C 468 -34.86 -29.17 22.07
CA HIS C 468 -35.63 -28.11 22.74
C HIS C 468 -36.24 -27.06 21.81
N PHE C 469 -35.63 -26.80 20.65
CA PHE C 469 -36.06 -25.78 19.68
C PHE C 469 -35.83 -26.30 18.26
N THR C 470 -36.52 -27.38 17.92
CA THR C 470 -36.26 -28.26 16.76
C THR C 470 -36.08 -27.55 15.41
N GLU C 471 -36.78 -26.44 15.23
CA GLU C 471 -36.88 -25.63 14.02
C GLU C 471 -35.74 -24.61 13.86
N PHE C 472 -34.91 -24.38 14.88
CA PHE C 472 -33.96 -23.25 14.92
C PHE C 472 -32.75 -23.41 13.98
N VAL C 473 -32.12 -24.58 13.89
CA VAL C 473 -30.85 -24.74 13.14
C VAL C 473 -30.97 -24.39 11.65
N PRO C 474 -32.04 -24.75 10.91
CA PRO C 474 -32.27 -24.25 9.57
C PRO C 474 -32.40 -22.73 9.49
N LEU C 475 -33.12 -22.11 10.43
CA LEU C 475 -33.33 -20.67 10.46
C LEU C 475 -32.00 -19.92 10.68
N ARG C 476 -31.18 -20.38 11.62
CA ARG C 476 -29.82 -19.86 11.85
C ARG C 476 -28.98 -19.94 10.58
N THR C 477 -29.05 -21.05 9.88
CA THR C 477 -28.30 -21.28 8.62
C THR C 477 -28.74 -20.30 7.53
N LYS C 478 -30.05 -20.13 7.33
CA LYS C 478 -30.59 -19.20 6.33
C LYS C 478 -30.25 -17.75 6.66
N ALA C 479 -30.38 -17.34 7.93
CA ALA C 479 -30.11 -15.97 8.35
C ALA C 479 -28.66 -15.56 8.05
N LYS C 480 -27.70 -16.42 8.38
CA LYS C 480 -26.28 -16.21 8.03
C LYS C 480 -26.07 -16.09 6.52
N GLU C 481 -26.71 -16.92 5.72
CA GLU C 481 -26.59 -16.84 4.26
C GLU C 481 -27.18 -15.55 3.71
N ILE C 482 -28.34 -15.10 4.18
CA ILE C 482 -28.94 -13.83 3.74
C ILE C 482 -28.01 -12.66 4.04
N LEU C 483 -27.41 -12.62 5.23
CA LEU C 483 -26.45 -11.58 5.61
C LEU C 483 -25.16 -11.65 4.80
N GLN C 484 -24.65 -12.86 4.53
CA GLN C 484 -23.48 -13.05 3.68
C GLN C 484 -23.73 -12.62 2.23
N GLU C 485 -24.92 -12.91 1.69
CA GLU C 485 -25.32 -12.49 0.35
C GLU C 485 -25.44 -10.97 0.26
N GLU C 486 -26.08 -10.33 1.24
CA GLU C 486 -26.19 -8.88 1.25
C GLU C 486 -24.82 -8.19 1.35
N GLU C 487 -23.87 -8.75 2.11
CA GLU C 487 -22.50 -8.25 2.14
C GLU C 487 -21.80 -8.37 0.77
N ASP C 488 -21.98 -9.48 0.04
CA ASP C 488 -21.43 -9.60 -1.31
C ASP C 488 -22.10 -8.63 -2.30
N LEU C 489 -23.41 -8.38 -2.18
CA LEU C 489 -24.11 -7.42 -3.03
C LEU C 489 -23.71 -5.97 -2.73
N ALA C 490 -23.46 -5.61 -1.47
CA ALA C 490 -23.31 -4.21 -1.06
C ALA C 490 -22.15 -3.46 -1.73
N GLU C 491 -21.03 -4.11 -2.02
CA GLU C 491 -19.93 -3.47 -2.76
C GLU C 491 -20.30 -3.20 -4.23
N ILE C 492 -20.99 -4.16 -4.87
CA ILE C 492 -21.51 -4.00 -6.24
C ILE C 492 -22.53 -2.87 -6.28
N VAL C 493 -23.44 -2.81 -5.31
CA VAL C 493 -24.40 -1.69 -5.18
C VAL C 493 -23.70 -0.34 -5.07
N GLN C 494 -22.67 -0.24 -4.23
CA GLN C 494 -21.94 1.02 -4.00
C GLN C 494 -21.16 1.50 -5.23
N LEU C 495 -20.49 0.61 -5.96
CA LEU C 495 -19.72 0.98 -7.15
C LEU C 495 -20.60 1.14 -8.41
N VAL C 496 -21.60 0.27 -8.61
CA VAL C 496 -22.36 0.15 -9.86
C VAL C 496 -23.73 0.83 -9.83
N GLY C 497 -24.30 1.09 -8.64
CA GLY C 497 -25.52 1.91 -8.49
C GLY C 497 -26.86 1.17 -8.58
N LYS C 498 -26.93 -0.09 -8.13
CA LYS C 498 -28.15 -0.89 -7.87
C LYS C 498 -29.05 -1.29 -9.07
N ALA C 499 -29.11 -0.52 -10.15
CA ALA C 499 -30.04 -0.77 -11.26
C ALA C 499 -29.84 -2.11 -11.97
N SER C 500 -28.67 -2.74 -11.85
CA SER C 500 -28.32 -4.04 -12.40
C SER C 500 -28.92 -5.25 -11.65
N LEU C 501 -29.45 -5.09 -10.43
CA LEU C 501 -29.86 -6.23 -9.60
C LEU C 501 -31.13 -6.94 -10.08
N ALA C 502 -31.10 -8.28 -10.06
CA ALA C 502 -32.28 -9.12 -10.24
C ALA C 502 -33.25 -9.02 -9.05
N GLU C 503 -34.50 -9.40 -9.23
CA GLU C 503 -35.53 -9.31 -8.18
C GLU C 503 -35.24 -10.21 -6.96
N THR C 504 -34.60 -11.35 -7.16
CA THR C 504 -34.08 -12.18 -6.05
C THR C 504 -33.09 -11.41 -5.18
N ASP C 505 -32.31 -10.53 -5.79
CA ASP C 505 -31.23 -9.82 -5.13
C ASP C 505 -31.78 -8.58 -4.45
N LYS C 506 -32.75 -7.90 -5.06
CA LYS C 506 -33.55 -6.88 -4.37
C LYS C 506 -34.26 -7.44 -3.14
N ILE C 507 -34.92 -8.61 -3.25
CA ILE C 507 -35.54 -9.26 -2.09
C ILE C 507 -34.48 -9.60 -1.02
N THR C 508 -33.33 -10.12 -1.43
CA THR C 508 -32.25 -10.45 -0.49
C THR C 508 -31.72 -9.23 0.24
N LEU C 509 -31.50 -8.10 -0.44
CA LEU C 509 -31.17 -6.85 0.23
C LEU C 509 -32.27 -6.40 1.19
N GLU C 510 -33.53 -6.53 0.82
CA GLU C 510 -34.60 -6.03 1.67
C GLU C 510 -34.81 -6.88 2.93
N VAL C 511 -34.77 -8.21 2.83
CA VAL C 511 -34.88 -9.05 4.02
C VAL C 511 -33.61 -8.98 4.87
N ALA C 512 -32.43 -8.83 4.28
CA ALA C 512 -31.23 -8.53 5.06
C ALA C 512 -31.37 -7.22 5.83
N LYS C 513 -31.93 -6.16 5.22
CA LYS C 513 -32.24 -4.92 5.95
C LYS C 513 -33.28 -5.14 7.04
N LEU C 514 -34.32 -5.92 6.80
CA LEU C 514 -35.33 -6.23 7.80
C LEU C 514 -34.70 -6.92 9.02
N ILE C 515 -33.87 -7.95 8.80
CA ILE C 515 -33.19 -8.67 9.86
C ILE C 515 -32.23 -7.73 10.62
N LYS C 516 -31.41 -6.95 9.90
CA LYS C 516 -30.46 -6.02 10.50
C LYS C 516 -31.11 -4.97 11.38
N ASP C 517 -32.19 -4.36 10.91
CA ASP C 517 -32.84 -3.25 11.59
C ASP C 517 -33.84 -3.68 12.66
N ASP C 518 -34.51 -4.83 12.50
CA ASP C 518 -35.65 -5.23 13.34
C ASP C 518 -35.53 -6.60 14.01
N PHE C 519 -34.45 -7.36 13.78
CA PHE C 519 -34.12 -8.56 14.56
C PHE C 519 -32.80 -8.41 15.31
N LEU C 520 -31.68 -8.16 14.63
CA LEU C 520 -30.37 -8.06 15.27
C LEU C 520 -30.32 -6.90 16.29
N GLN C 521 -30.88 -5.76 15.92
CA GLN C 521 -30.94 -4.56 16.75
C GLN C 521 -31.92 -4.72 17.92
N GLN C 522 -31.51 -4.28 19.11
CA GLN C 522 -32.23 -4.48 20.37
C GLN C 522 -31.78 -3.45 21.40
N ASN C 523 -32.59 -2.42 21.67
CA ASN C 523 -32.28 -1.44 22.72
C ASN C 523 -32.39 -2.07 24.12
N GLY C 524 -31.30 -2.01 24.90
CA GLY C 524 -31.20 -2.70 26.18
C GLY C 524 -31.90 -2.03 27.37
N TYR C 525 -32.44 -0.81 27.21
CA TYR C 525 -33.06 -0.06 28.30
C TYR C 525 -34.58 0.00 28.23
N THR C 526 -35.16 -0.01 27.04
CA THR C 526 -36.60 0.09 26.83
C THR C 526 -37.36 -1.18 27.27
N PRO C 527 -38.51 -1.10 27.98
CA PRO C 527 -39.06 -2.22 28.75
C PRO C 527 -39.36 -3.54 28.02
N TYR C 528 -39.65 -3.51 26.72
CA TYR C 528 -39.98 -4.70 25.93
C TYR C 528 -38.76 -5.49 25.43
N ASP C 529 -37.54 -4.91 25.48
CA ASP C 529 -36.33 -5.47 24.86
C ASP C 529 -35.11 -5.55 25.79
N ARG C 530 -35.27 -5.22 27.09
CA ARG C 530 -34.25 -5.47 28.12
C ARG C 530 -33.72 -6.91 28.06
N PHE C 531 -34.66 -7.84 27.97
CA PHE C 531 -34.47 -9.28 27.86
C PHE C 531 -35.36 -9.82 26.75
N CYS C 532 -34.80 -10.59 25.81
CA CYS C 532 -35.57 -11.27 24.77
C CYS C 532 -35.48 -12.79 24.97
N PRO C 533 -36.56 -13.48 25.34
CA PRO C 533 -36.56 -14.93 25.53
C PRO C 533 -36.24 -15.71 24.27
N PHE C 534 -35.83 -16.97 24.41
CA PHE C 534 -35.46 -17.73 23.23
C PHE C 534 -36.68 -18.09 22.36
N TYR C 535 -37.87 -18.29 22.95
CA TYR C 535 -39.11 -18.47 22.18
C TYR C 535 -39.44 -17.23 21.33
N LYS C 536 -39.34 -16.01 21.88
CA LYS C 536 -39.53 -14.74 21.15
C LYS C 536 -38.49 -14.62 20.05
N THR C 537 -37.24 -14.97 20.33
CA THR C 537 -36.13 -14.94 19.36
C THR C 537 -36.36 -15.88 18.17
N VAL C 538 -36.72 -17.15 18.42
CA VAL C 538 -37.05 -18.11 17.35
C VAL C 538 -38.32 -17.73 16.60
N GLY C 539 -39.37 -17.27 17.29
CA GLY C 539 -40.61 -16.84 16.65
C GLY C 539 -40.41 -15.66 15.70
N MET C 540 -39.71 -14.62 16.15
CA MET C 540 -39.35 -13.47 15.31
C MET C 540 -38.55 -13.91 14.08
N LEU C 541 -37.51 -14.71 14.26
CA LEU C 541 -36.65 -15.15 13.17
C LEU C 541 -37.43 -15.99 12.16
N SER C 542 -38.26 -16.91 12.63
CA SER C 542 -39.06 -17.79 11.79
C SER C 542 -39.97 -17.00 10.85
N ASN C 543 -40.61 -15.94 11.32
CA ASN C 543 -41.45 -15.09 10.48
C ASN C 543 -40.63 -14.31 9.42
N MET C 544 -39.47 -13.76 9.76
CA MET C 544 -38.65 -13.05 8.78
C MET C 544 -38.09 -14.00 7.71
N ILE C 545 -37.59 -15.17 8.09
CA ILE C 545 -37.14 -16.16 7.13
C ILE C 545 -38.29 -16.71 6.30
N SER C 546 -39.47 -16.92 6.89
CA SER C 546 -40.64 -17.38 6.15
C SER C 546 -41.08 -16.35 5.10
N PHE C 547 -41.07 -15.06 5.43
CA PHE C 547 -41.31 -14.00 4.44
C PHE C 547 -40.30 -14.04 3.30
N TYR C 548 -39.01 -14.28 3.56
CA TYR C 548 -38.00 -14.43 2.50
C TYR C 548 -38.38 -15.55 1.54
N ASP C 549 -38.71 -16.72 2.05
CA ASP C 549 -39.07 -17.87 1.22
C ASP C 549 -40.36 -17.64 0.45
N MET C 550 -41.37 -16.96 1.01
CA MET C 550 -42.59 -16.61 0.27
C MET C 550 -42.36 -15.55 -0.80
N ALA C 551 -41.64 -14.47 -0.49
CA ALA C 551 -41.34 -13.43 -1.47
C ALA C 551 -40.49 -13.99 -2.63
N ARG C 552 -39.46 -14.78 -2.32
CA ARG C 552 -38.64 -15.47 -3.32
C ARG C 552 -39.48 -16.45 -4.13
N ARG C 553 -40.29 -17.30 -3.51
CA ARG C 553 -41.22 -18.21 -4.23
C ARG C 553 -42.08 -17.44 -5.24
N ALA C 554 -42.67 -16.32 -4.85
CA ALA C 554 -43.54 -15.54 -5.73
C ALA C 554 -42.79 -15.01 -6.97
N VAL C 555 -41.61 -14.43 -6.79
CA VAL C 555 -40.77 -14.00 -7.93
C VAL C 555 -40.31 -15.19 -8.76
N GLU C 556 -39.72 -16.21 -8.12
CA GLU C 556 -39.10 -17.36 -8.78
C GLU C 556 -40.11 -18.21 -9.57
N THR C 557 -41.38 -18.22 -9.16
CA THR C 557 -42.48 -18.87 -9.89
C THR C 557 -42.95 -18.07 -11.11
N THR C 558 -42.85 -16.73 -11.08
CA THR C 558 -43.50 -15.86 -12.08
C THR C 558 -42.56 -15.10 -13.01
N ALA C 559 -41.26 -15.02 -12.72
CA ALA C 559 -40.30 -14.23 -13.51
C ALA C 559 -40.18 -14.63 -14.99
N GLN C 560 -40.57 -15.85 -15.35
CA GLN C 560 -40.61 -16.35 -16.73
C GLN C 560 -41.82 -15.82 -17.54
N SER C 561 -42.93 -15.47 -16.88
CA SER C 561 -44.20 -15.10 -17.51
C SER C 561 -44.25 -13.66 -18.04
N ASP C 562 -45.22 -13.38 -18.92
CA ASP C 562 -45.47 -12.03 -19.47
C ASP C 562 -45.94 -11.04 -18.39
N ASN C 563 -46.74 -11.50 -17.42
CA ASN C 563 -47.13 -10.78 -16.21
C ASN C 563 -46.43 -11.42 -15.00
N LYS C 564 -45.65 -10.63 -14.24
CA LYS C 564 -44.69 -11.16 -13.25
C LYS C 564 -44.54 -10.27 -12.02
N ILE C 565 -44.21 -10.89 -10.88
CA ILE C 565 -43.99 -10.20 -9.60
C ILE C 565 -42.61 -9.52 -9.57
N THR C 566 -42.51 -8.41 -8.85
CA THR C 566 -41.29 -7.66 -8.56
C THR C 566 -41.30 -7.23 -7.10
N TRP C 567 -40.16 -6.88 -6.51
CA TRP C 567 -40.19 -6.43 -5.12
C TRP C 567 -40.97 -5.12 -4.94
N SER C 568 -41.00 -4.25 -5.94
CA SER C 568 -41.85 -3.05 -5.93
C SER C 568 -43.35 -3.40 -5.79
N ILE C 569 -43.82 -4.43 -6.51
CA ILE C 569 -45.19 -4.96 -6.36
C ILE C 569 -45.37 -5.52 -4.95
N ILE C 570 -44.45 -6.35 -4.46
CA ILE C 570 -44.54 -6.96 -3.13
C ILE C 570 -44.63 -5.88 -2.04
N ARG C 571 -43.80 -4.84 -2.10
CA ARG C 571 -43.83 -3.69 -1.19
C ARG C 571 -45.18 -3.00 -1.20
N GLU C 572 -45.66 -2.60 -2.38
CA GLU C 572 -46.91 -1.85 -2.53
C GLU C 572 -48.13 -2.68 -2.11
N HIS C 573 -48.11 -3.99 -2.34
CA HIS C 573 -49.18 -4.91 -1.97
C HIS C 573 -49.22 -5.22 -0.46
N MET C 574 -48.12 -5.05 0.28
CA MET C 574 -47.93 -5.64 1.62
C MET C 574 -47.40 -4.68 2.71
N GLY C 575 -47.49 -3.37 2.53
CA GLY C 575 -46.97 -2.38 3.48
C GLY C 575 -47.45 -2.56 4.93
N GLU C 576 -48.68 -3.01 5.16
CA GLU C 576 -49.19 -3.35 6.49
C GLU C 576 -48.50 -4.57 7.11
N ILE C 577 -48.16 -5.58 6.31
CA ILE C 577 -47.45 -6.78 6.77
C ILE C 577 -45.98 -6.43 7.03
N LEU C 578 -45.37 -5.58 6.22
CA LEU C 578 -44.03 -5.06 6.50
C LEU C 578 -44.01 -4.28 7.81
N TYR C 579 -44.99 -3.41 8.08
CA TYR C 579 -45.02 -2.69 9.36
C TYR C 579 -45.32 -3.60 10.56
N LYS C 580 -46.09 -4.69 10.37
CA LYS C 580 -46.23 -5.73 11.39
C LYS C 580 -44.91 -6.48 11.66
N LEU C 581 -44.16 -6.86 10.63
CA LEU C 581 -42.84 -7.50 10.79
C LEU C 581 -41.86 -6.58 11.53
N SER C 582 -41.74 -5.31 11.16
CA SER C 582 -40.94 -4.36 11.93
C SER C 582 -41.41 -4.15 13.37
N SER C 583 -42.70 -4.33 13.67
CA SER C 583 -43.26 -4.16 15.01
C SER C 583 -43.10 -5.36 15.95
N MET C 584 -42.71 -6.54 15.46
CA MET C 584 -42.64 -7.76 16.29
C MET C 584 -41.78 -7.60 17.56
N LYS C 585 -40.72 -6.80 17.48
CA LYS C 585 -39.82 -6.51 18.59
C LYS C 585 -40.51 -5.83 19.78
N PHE C 586 -41.57 -5.05 19.55
CA PHE C 586 -42.29 -4.31 20.60
C PHE C 586 -43.16 -5.19 21.51
N LYS C 587 -43.41 -6.45 21.16
CA LYS C 587 -44.20 -7.37 22.00
C LYS C 587 -43.41 -7.76 23.25
N ASP C 588 -44.08 -7.76 24.40
CA ASP C 588 -43.42 -7.66 25.71
C ASP C 588 -43.49 -8.98 26.50
N PRO C 589 -42.34 -9.57 26.90
CA PRO C 589 -42.30 -10.88 27.56
C PRO C 589 -43.07 -11.00 28.88
N VAL C 590 -43.42 -9.91 29.56
CA VAL C 590 -44.09 -9.93 30.88
C VAL C 590 -45.42 -9.18 30.89
N LYS C 591 -45.57 -8.14 30.07
CA LYS C 591 -46.85 -7.43 29.90
C LYS C 591 -47.79 -8.18 28.95
N ASP C 592 -47.27 -8.80 27.89
CA ASP C 592 -48.05 -9.67 27.00
C ASP C 592 -47.96 -11.14 27.41
N GLY C 593 -46.74 -11.66 27.58
CA GLY C 593 -46.48 -13.05 27.99
C GLY C 593 -46.40 -14.07 26.84
N GLU C 594 -45.92 -15.27 27.16
CA GLU C 594 -45.65 -16.29 26.10
C GLU C 594 -46.84 -16.52 25.20
N ALA C 595 -47.98 -16.88 25.77
CA ALA C 595 -49.15 -17.24 24.98
C ALA C 595 -49.52 -16.16 23.96
N LYS C 596 -49.62 -14.90 24.41
CA LYS C 596 -49.97 -13.76 23.55
C LYS C 596 -48.93 -13.51 22.47
N ILE C 597 -47.65 -13.62 22.80
CA ILE C 597 -46.56 -13.46 21.83
C ILE C 597 -46.65 -14.54 20.74
N LYS C 598 -46.72 -15.82 21.12
CA LYS C 598 -46.78 -16.92 20.15
C LYS C 598 -48.07 -16.91 19.32
N ALA C 599 -49.20 -16.53 19.90
CA ALA C 599 -50.44 -16.31 19.16
C ALA C 599 -50.31 -15.20 18.11
N ASP C 600 -49.77 -14.04 18.46
CA ASP C 600 -49.58 -12.94 17.52
C ASP C 600 -48.65 -13.33 16.37
N TYR C 601 -47.53 -13.99 16.65
CA TYR C 601 -46.59 -14.37 15.59
C TYR C 601 -47.20 -15.41 14.64
N ALA C 602 -48.06 -16.31 15.12
CA ALA C 602 -48.83 -17.18 14.23
C ALA C 602 -49.84 -16.39 13.38
N GLN C 603 -50.45 -15.33 13.93
CA GLN C 603 -51.35 -14.47 13.14
C GLN C 603 -50.60 -13.74 12.02
N LEU C 604 -49.38 -13.25 12.25
CA LEU C 604 -48.58 -12.64 11.17
C LEU C 604 -48.30 -13.63 10.03
N LEU C 605 -48.15 -14.91 10.35
CA LEU C 605 -47.91 -15.92 9.32
C LEU C 605 -49.13 -16.09 8.42
N GLU C 606 -50.34 -16.19 8.97
CA GLU C 606 -51.55 -16.14 8.15
C GLU C 606 -51.72 -14.78 7.43
N ASP C 607 -51.46 -13.65 8.08
CA ASP C 607 -51.57 -12.32 7.44
C ASP C 607 -50.69 -12.19 6.20
N MET C 608 -49.45 -12.67 6.23
CA MET C 608 -48.60 -12.68 5.04
C MET C 608 -48.98 -13.80 4.06
N GLN C 609 -49.41 -14.98 4.54
CA GLN C 609 -49.84 -16.05 3.65
C GLN C 609 -51.06 -15.63 2.83
N ASN C 610 -52.07 -14.98 3.40
CA ASN C 610 -53.21 -14.46 2.65
C ASN C 610 -52.82 -13.42 1.60
N ALA C 611 -51.86 -12.54 1.90
CA ALA C 611 -51.35 -11.61 0.90
C ALA C 611 -50.65 -12.33 -0.27
N PHE C 612 -49.89 -13.39 -0.01
CA PHE C 612 -49.26 -14.19 -1.08
C PHE C 612 -50.20 -15.18 -1.78
N ARG C 613 -51.27 -15.65 -1.13
CA ARG C 613 -52.42 -16.30 -1.81
C ARG C 613 -53.11 -15.32 -2.78
N SER C 614 -53.00 -14.02 -2.51
CA SER C 614 -53.58 -12.92 -3.29
C SER C 614 -52.62 -12.29 -4.32
N LEU C 615 -51.66 -13.07 -4.87
CA LEU C 615 -50.80 -12.70 -6.00
C LEU C 615 -50.80 -13.80 -7.07
N ASN D 38 30.70 -47.28 31.20
CA ASN D 38 31.11 -46.46 32.35
C ASN D 38 29.94 -45.61 32.89
N TYR D 39 30.06 -45.13 34.13
CA TYR D 39 29.02 -44.39 34.84
C TYR D 39 29.61 -43.16 35.54
N LEU D 40 28.75 -42.21 35.91
CA LEU D 40 29.07 -41.20 36.91
C LEU D 40 28.88 -41.81 38.30
N SER D 41 29.94 -42.41 38.85
CA SER D 41 29.93 -43.08 40.15
C SER D 41 30.20 -42.16 41.34
N GLN D 42 30.73 -40.97 41.09
CA GLN D 42 31.09 -39.97 42.09
C GLN D 42 29.86 -39.19 42.60
N PRO D 43 29.89 -38.64 43.83
CA PRO D 43 28.72 -37.98 44.43
C PRO D 43 28.30 -36.68 43.73
N ARG D 44 27.11 -36.18 44.06
CA ARG D 44 26.57 -34.92 43.54
C ARG D 44 26.64 -33.82 44.58
N LEU D 45 27.24 -32.69 44.22
CA LEU D 45 27.27 -31.50 45.06
C LEU D 45 25.89 -30.86 45.15
N THR D 46 25.52 -30.40 46.35
CA THR D 46 24.28 -29.67 46.62
C THR D 46 24.60 -28.30 47.18
N TYR D 47 24.08 -27.24 46.57
CA TYR D 47 24.35 -25.85 46.90
C TYR D 47 23.12 -25.14 47.46
N LYS D 48 23.21 -24.49 48.63
CA LYS D 48 22.27 -23.46 49.09
C LYS D 48 22.68 -22.04 48.67
N THR D 49 23.71 -21.90 47.83
CA THR D 49 24.29 -20.63 47.38
C THR D 49 23.53 -19.95 46.25
N VAL D 50 22.19 -19.94 46.30
CA VAL D 50 21.35 -19.17 45.36
C VAL D 50 21.55 -17.68 45.60
N SER D 51 21.72 -16.89 44.54
CA SER D 51 22.14 -15.48 44.61
C SER D 51 21.21 -14.49 43.93
N GLY D 52 20.25 -14.95 43.14
CA GLY D 52 19.28 -14.11 42.46
C GLY D 52 18.19 -14.94 41.79
N VAL D 53 16.98 -14.40 41.68
CA VAL D 53 15.82 -15.07 41.11
C VAL D 53 15.01 -14.06 40.31
N ASN D 54 14.67 -14.35 39.06
CA ASN D 54 14.09 -13.38 38.15
C ASN D 54 13.36 -14.09 37.00
N GLY D 55 12.03 -14.00 36.93
CA GLY D 55 11.28 -14.66 35.87
C GLY D 55 11.51 -16.17 35.88
N PRO D 56 11.88 -16.82 34.77
CA PRO D 56 12.18 -18.24 34.74
C PRO D 56 13.59 -18.62 35.25
N LEU D 57 14.44 -17.67 35.64
CA LEU D 57 15.86 -17.89 35.91
C LEU D 57 16.21 -17.84 37.41
N VAL D 58 17.02 -18.79 37.86
CA VAL D 58 17.70 -18.80 39.16
C VAL D 58 19.20 -18.67 38.91
N ILE D 59 19.91 -17.84 39.68
CA ILE D 59 21.33 -17.60 39.51
C ILE D 59 22.07 -18.12 40.75
N LEU D 60 23.05 -19.01 40.58
CA LEU D 60 23.85 -19.56 41.67
C LEU D 60 25.30 -19.10 41.58
N ASP D 61 26.00 -19.05 42.71
CA ASP D 61 27.43 -18.71 42.79
C ASP D 61 28.17 -19.70 43.71
N HIS D 62 29.50 -19.70 43.72
CA HIS D 62 30.37 -20.69 44.37
C HIS D 62 30.24 -22.11 43.82
N VAL D 63 29.69 -22.27 42.62
CA VAL D 63 29.55 -23.55 41.92
C VAL D 63 30.91 -24.04 41.46
N LYS D 64 31.28 -25.30 41.77
CA LYS D 64 32.58 -25.91 41.47
C LYS D 64 32.63 -26.43 40.03
N PHE D 65 33.54 -25.91 39.23
CA PHE D 65 33.73 -26.24 37.80
C PHE D 65 32.40 -26.38 37.04
N PRO D 66 31.61 -25.30 36.85
CA PRO D 66 30.28 -25.43 36.27
C PRO D 66 30.31 -26.02 34.85
N ARG D 67 29.31 -26.80 34.46
CA ARG D 67 29.17 -27.42 33.14
C ARG D 67 27.99 -26.85 32.36
N TYR D 68 28.23 -26.33 31.15
CA TYR D 68 27.17 -25.78 30.33
C TYR D 68 26.16 -26.85 29.88
N ALA D 69 24.87 -26.50 29.83
CA ALA D 69 23.73 -27.37 29.54
C ALA D 69 23.42 -28.45 30.59
N GLU D 70 24.14 -28.53 31.69
CA GLU D 70 23.92 -29.47 32.80
C GLU D 70 22.51 -29.36 33.39
N ILE D 71 21.98 -30.47 33.91
CA ILE D 71 20.72 -30.51 34.65
C ILE D 71 20.90 -30.36 36.15
N VAL D 72 20.00 -29.60 36.76
CA VAL D 72 19.98 -29.22 38.17
C VAL D 72 18.62 -29.61 38.75
N HIS D 73 18.58 -30.18 39.95
CA HIS D 73 17.35 -30.47 40.68
C HIS D 73 17.23 -29.59 41.91
N LEU D 74 16.13 -28.84 42.01
CA LEU D 74 15.91 -27.84 43.06
C LEU D 74 14.91 -28.38 44.08
N THR D 75 15.26 -28.37 45.36
CA THR D 75 14.32 -28.67 46.45
C THR D 75 13.98 -27.39 47.19
N LEU D 76 12.70 -27.03 47.16
CA LEU D 76 12.16 -25.81 47.74
C LEU D 76 12.06 -25.92 49.27
N PRO D 77 11.75 -24.83 49.99
CA PRO D 77 11.71 -24.84 51.45
C PRO D 77 10.61 -25.75 52.01
N ASP D 78 9.50 -25.91 51.27
CA ASP D 78 8.41 -26.83 51.60
C ASP D 78 8.61 -28.26 51.05
N GLY D 79 9.77 -28.57 50.47
CA GLY D 79 10.08 -29.89 49.95
C GLY D 79 9.56 -30.18 48.54
N THR D 80 8.87 -29.25 47.88
CA THR D 80 8.53 -29.35 46.45
C THR D 80 9.81 -29.52 45.64
N LYS D 81 9.82 -30.40 44.64
CA LYS D 81 10.96 -30.60 43.74
C LYS D 81 10.68 -30.02 42.36
N ARG D 82 11.58 -29.17 41.88
CA ARG D 82 11.61 -28.64 40.51
C ARG D 82 12.89 -29.06 39.82
N SER D 83 13.02 -28.81 38.53
CA SER D 83 14.17 -29.18 37.73
C SER D 83 14.51 -28.07 36.74
N GLY D 84 15.78 -27.97 36.37
CA GLY D 84 16.25 -26.88 35.55
C GLY D 84 17.53 -27.20 34.82
N GLN D 85 17.96 -26.28 33.97
CA GLN D 85 19.09 -26.46 33.08
C GLN D 85 20.00 -25.24 33.06
N VAL D 86 21.31 -25.44 33.09
CA VAL D 86 22.31 -24.36 33.07
C VAL D 86 22.40 -23.74 31.67
N LEU D 87 21.93 -22.50 31.52
CA LEU D 87 21.98 -21.71 30.28
C LEU D 87 23.26 -20.92 30.05
N GLU D 88 24.04 -20.66 31.10
CA GLU D 88 25.29 -19.91 31.02
C GLU D 88 26.17 -20.30 32.19
N VAL D 89 27.49 -20.29 31.99
CA VAL D 89 28.47 -20.42 33.07
C VAL D 89 29.52 -19.34 32.96
N SER D 90 30.02 -18.84 34.08
CA SER D 90 31.15 -17.91 34.13
C SER D 90 31.83 -17.97 35.49
N GLY D 91 33.09 -18.38 35.55
CA GLY D 91 33.80 -18.51 36.81
C GLY D 91 33.07 -19.48 37.75
N SER D 92 32.66 -19.02 38.93
CA SER D 92 31.87 -19.81 39.89
C SER D 92 30.36 -19.63 39.77
N LYS D 93 29.86 -18.89 38.77
CA LYS D 93 28.45 -18.51 38.65
C LYS D 93 27.75 -19.22 37.49
N ALA D 94 26.56 -19.75 37.75
CA ALA D 94 25.74 -20.48 36.78
C ALA D 94 24.30 -19.95 36.75
N VAL D 95 23.72 -19.80 35.56
CA VAL D 95 22.35 -19.32 35.37
C VAL D 95 21.48 -20.48 34.95
N VAL D 96 20.45 -20.79 35.73
CA VAL D 96 19.63 -21.98 35.57
C VAL D 96 18.24 -21.55 35.11
N GLN D 97 17.73 -22.04 33.98
CA GLN D 97 16.30 -21.94 33.68
C GLN D 97 15.54 -23.04 34.41
N VAL D 98 14.45 -22.72 35.10
CA VAL D 98 13.67 -23.69 35.88
C VAL D 98 12.42 -24.07 35.11
N PHE D 99 12.21 -25.34 34.79
CA PHE D 99 11.16 -25.74 33.88
C PHE D 99 9.77 -25.50 34.45
N GLU D 100 9.56 -25.81 35.74
CA GLU D 100 8.27 -25.65 36.39
C GLU D 100 8.00 -24.25 37.00
N GLY D 101 8.86 -23.25 36.76
CA GLY D 101 8.71 -21.86 37.21
C GLY D 101 9.30 -21.56 38.59
N THR D 102 9.56 -20.29 38.92
CA THR D 102 10.33 -19.89 40.11
C THR D 102 9.50 -19.45 41.33
N SER D 103 8.16 -19.52 41.27
CA SER D 103 7.33 -19.18 42.43
C SER D 103 7.68 -20.04 43.66
N GLY D 104 7.70 -19.45 44.85
CA GLY D 104 8.06 -20.12 46.10
C GLY D 104 9.56 -20.34 46.34
N ILE D 105 10.43 -20.12 45.35
CA ILE D 105 11.89 -20.17 45.53
C ILE D 105 12.38 -18.94 46.32
N ASP D 106 13.45 -19.12 47.10
CA ASP D 106 14.03 -18.10 47.96
C ASP D 106 15.57 -18.15 47.93
N ALA D 107 16.24 -17.10 48.41
CA ALA D 107 17.69 -16.98 48.35
C ALA D 107 18.46 -17.59 49.53
N LYS D 108 17.86 -18.48 50.36
CA LYS D 108 18.51 -19.00 51.57
C LYS D 108 18.22 -20.47 51.89
N LYS D 109 16.98 -20.93 51.74
CA LYS D 109 16.53 -22.27 52.14
C LYS D 109 16.47 -23.24 50.96
N THR D 110 16.06 -22.78 49.79
CA THR D 110 16.03 -23.58 48.55
C THR D 110 17.45 -24.05 48.19
N SER D 111 17.61 -25.33 47.83
CA SER D 111 18.92 -25.91 47.48
C SER D 111 18.91 -26.61 46.13
N CYS D 112 20.00 -26.48 45.39
CA CYS D 112 20.18 -27.10 44.07
C CYS D 112 21.21 -28.22 44.09
N GLU D 113 20.85 -29.39 43.60
CA GLU D 113 21.74 -30.52 43.37
C GLU D 113 22.11 -30.56 41.89
N PHE D 114 23.39 -30.59 41.58
CA PHE D 114 23.90 -30.58 40.21
C PHE D 114 24.20 -32.01 39.78
N THR D 115 23.60 -32.47 38.69
CA THR D 115 23.62 -33.90 38.33
C THR D 115 24.93 -34.38 37.69
N GLY D 116 25.81 -33.50 37.26
CA GLY D 116 27.08 -33.84 36.59
C GLY D 116 26.96 -34.07 35.09
N ASP D 117 25.75 -34.03 34.52
CA ASP D 117 25.47 -34.43 33.15
C ASP D 117 24.40 -33.56 32.49
N ILE D 118 24.37 -33.58 31.16
CA ILE D 118 23.33 -32.97 30.34
C ILE D 118 22.05 -33.80 30.35
N LEU D 119 20.96 -33.29 29.76
CA LEU D 119 19.66 -33.96 29.77
C LEU D 119 19.60 -35.16 28.82
N ARG D 120 19.55 -36.37 29.39
CA ARG D 120 19.30 -37.63 28.67
C ARG D 120 17.94 -38.19 29.07
N THR D 121 17.07 -38.42 28.10
CA THR D 121 15.75 -39.04 28.34
C THR D 121 15.89 -40.56 28.28
N PRO D 122 15.19 -41.33 29.12
CA PRO D 122 15.00 -42.75 28.86
C PRO D 122 14.14 -42.96 27.62
N VAL D 123 14.34 -44.06 26.90
CA VAL D 123 13.52 -44.48 25.74
C VAL D 123 13.25 -45.99 25.75
N SER D 124 12.15 -46.40 25.15
CA SER D 124 11.86 -47.80 24.83
C SER D 124 10.73 -47.91 23.82
N GLU D 125 10.56 -49.06 23.20
CA GLU D 125 9.42 -49.35 22.33
C GLU D 125 8.09 -49.41 23.11
N ASP D 126 8.14 -49.66 24.42
CA ASP D 126 6.96 -49.63 25.29
C ASP D 126 6.35 -48.23 25.47
N MET D 127 6.98 -47.17 24.96
CA MET D 127 6.44 -45.81 24.94
C MET D 127 5.30 -45.62 23.95
N LEU D 128 5.14 -46.49 22.95
CA LEU D 128 3.93 -46.48 22.12
C LEU D 128 2.75 -46.99 22.94
N GLY D 129 1.63 -46.27 22.93
CA GLY D 129 0.48 -46.55 23.77
C GLY D 129 0.60 -46.03 25.20
N ARG D 130 1.38 -44.98 25.43
CA ARG D 130 1.56 -44.26 26.69
C ARG D 130 1.25 -42.77 26.54
N VAL D 131 0.88 -42.11 27.63
CA VAL D 131 0.64 -40.67 27.70
C VAL D 131 1.54 -40.02 28.74
N PHE D 132 2.27 -38.97 28.34
CA PHE D 132 3.24 -38.26 29.17
C PHE D 132 2.95 -36.75 29.17
N ASN D 133 3.41 -36.03 30.19
CA ASN D 133 3.37 -34.58 30.19
C ASN D 133 4.51 -33.96 29.37
N GLY D 134 4.60 -32.63 29.29
CA GLY D 134 5.68 -31.95 28.57
C GLY D 134 7.09 -32.20 29.10
N SER D 135 7.24 -32.61 30.37
CA SER D 135 8.51 -33.06 30.95
C SER D 135 8.79 -34.55 30.72
N GLY D 136 7.90 -35.30 30.09
CA GLY D 136 8.06 -36.73 29.86
C GLY D 136 7.68 -37.63 31.04
N LYS D 137 7.09 -37.10 32.11
CA LYS D 137 6.54 -37.92 33.22
C LYS D 137 5.16 -38.47 32.86
N PRO D 138 4.79 -39.70 33.27
CA PRO D 138 3.52 -40.31 32.89
C PRO D 138 2.30 -39.58 33.43
N ILE D 139 1.21 -39.59 32.67
CA ILE D 139 -0.11 -39.10 33.11
C ILE D 139 -1.24 -40.11 32.82
N ASP D 140 -0.93 -41.30 32.32
CA ASP D 140 -1.88 -42.38 32.08
C ASP D 140 -2.10 -43.30 33.30
N ARG D 141 -1.54 -42.95 34.46
CA ARG D 141 -1.47 -43.77 35.70
C ARG D 141 -0.67 -45.06 35.56
N GLY D 142 0.09 -45.24 34.49
CA GLY D 142 1.12 -46.27 34.37
C GLY D 142 2.41 -45.91 35.12
N PRO D 143 3.40 -46.82 35.11
CA PRO D 143 4.72 -46.56 35.69
C PRO D 143 5.58 -45.66 34.80
N VAL D 144 6.69 -45.17 35.35
CA VAL D 144 7.76 -44.50 34.60
C VAL D 144 8.46 -45.45 33.62
N VAL D 145 9.15 -44.91 32.61
CA VAL D 145 9.80 -45.73 31.58
C VAL D 145 10.94 -46.56 32.18
N LEU D 146 10.88 -47.89 32.08
CA LEU D 146 12.03 -48.77 32.29
C LEU D 146 12.83 -48.81 30.99
N ALA D 147 13.97 -48.15 30.95
CA ALA D 147 14.67 -47.80 29.73
C ALA D 147 15.22 -49.00 28.94
N GLU D 148 15.18 -48.95 27.61
CA GLU D 148 16.07 -49.70 26.73
C GLU D 148 17.38 -48.94 26.48
N ASP D 149 17.37 -47.61 26.61
CA ASP D 149 18.55 -46.74 26.53
C ASP D 149 18.26 -45.35 27.15
N PHE D 150 19.31 -44.57 27.41
CA PHE D 150 19.19 -43.13 27.71
C PHE D 150 19.79 -42.33 26.56
N LEU D 151 19.04 -41.43 25.93
CA LEU D 151 19.49 -40.65 24.78
C LEU D 151 19.56 -39.15 25.10
N ASP D 152 20.61 -38.48 24.64
CA ASP D 152 20.72 -37.02 24.72
C ASP D 152 19.59 -36.37 23.91
N ILE D 153 18.78 -35.51 24.53
CA ILE D 153 17.61 -34.94 23.86
C ILE D 153 17.93 -34.02 22.68
N MET D 154 19.17 -33.53 22.55
CA MET D 154 19.61 -32.77 21.37
C MET D 154 19.87 -33.67 20.14
N GLY D 155 19.86 -34.98 20.31
CA GLY D 155 20.23 -35.92 19.25
C GLY D 155 21.70 -35.81 18.86
N GLN D 156 22.04 -36.45 17.74
CA GLN D 156 23.43 -36.43 17.23
C GLN D 156 23.38 -36.09 15.73
N PRO D 157 24.29 -35.27 15.15
CA PRO D 157 24.22 -34.86 13.75
C PRO D 157 24.33 -36.05 12.81
N ILE D 158 23.34 -36.27 11.95
CA ILE D 158 23.39 -37.28 10.90
C ILE D 158 24.14 -36.71 9.70
N ASN D 159 25.09 -37.47 9.17
CA ASN D 159 25.97 -37.05 8.09
C ASN D 159 25.16 -36.84 6.79
N PRO D 160 25.26 -35.68 6.10
CA PRO D 160 24.60 -35.47 4.81
C PRO D 160 24.92 -36.51 3.74
N GLN D 161 26.07 -37.16 3.80
CA GLN D 161 26.41 -38.26 2.90
C GLN D 161 25.52 -39.50 3.11
N CYS D 162 25.02 -39.72 4.33
CA CYS D 162 24.30 -40.92 4.75
C CYS D 162 22.77 -40.81 4.66
N ARG D 163 22.21 -39.65 4.35
CA ARG D 163 20.78 -39.48 4.16
C ARG D 163 20.32 -40.05 2.82
N ILE D 164 19.06 -40.47 2.73
CA ILE D 164 18.41 -40.93 1.50
C ILE D 164 17.33 -39.92 1.08
N TYR D 165 17.28 -39.57 -0.19
CA TYR D 165 16.27 -38.67 -0.74
C TYR D 165 14.88 -39.35 -0.80
N PRO D 166 13.82 -38.79 -0.20
CA PRO D 166 12.52 -39.46 -0.11
C PRO D 166 11.69 -39.38 -1.40
N GLU D 167 11.20 -40.52 -1.89
CA GLU D 167 10.41 -40.61 -3.12
C GLU D 167 9.07 -41.37 -2.99
N GLU D 168 8.82 -42.12 -1.93
CA GLU D 168 7.49 -42.72 -1.70
C GLU D 168 6.47 -41.65 -1.34
N MET D 169 5.37 -41.52 -2.08
CA MET D 169 4.28 -40.60 -1.74
C MET D 169 3.42 -41.15 -0.60
N ILE D 170 3.13 -40.33 0.40
CA ILE D 170 2.04 -40.56 1.34
C ILE D 170 0.75 -40.08 0.68
N GLN D 171 -0.19 -40.98 0.44
CA GLN D 171 -1.57 -40.66 0.12
C GLN D 171 -2.25 -40.24 1.42
N THR D 172 -2.46 -38.94 1.64
CA THR D 172 -3.14 -38.44 2.83
C THR D 172 -4.64 -38.62 2.76
N GLY D 173 -5.19 -38.91 1.57
CA GLY D 173 -6.62 -39.04 1.37
C GLY D 173 -7.34 -37.72 1.12
N ILE D 174 -6.63 -36.59 1.15
CA ILE D 174 -7.19 -35.23 0.99
C ILE D 174 -6.77 -34.70 -0.37
N SER D 175 -7.71 -34.38 -1.25
CA SER D 175 -7.39 -34.01 -2.64
C SER D 175 -6.53 -32.76 -2.79
N ALA D 176 -6.79 -31.71 -2.01
CA ALA D 176 -5.99 -30.49 -2.02
C ALA D 176 -4.52 -30.71 -1.62
N ILE D 177 -4.21 -31.79 -0.92
CA ILE D 177 -2.85 -32.21 -0.63
C ILE D 177 -2.37 -33.18 -1.71
N ASP D 178 -3.04 -34.32 -1.90
CA ASP D 178 -2.53 -35.38 -2.77
C ASP D 178 -2.47 -34.98 -4.26
N GLY D 179 -3.32 -34.07 -4.70
CA GLY D 179 -3.37 -33.62 -6.09
C GLY D 179 -2.39 -32.49 -6.42
N MET D 180 -2.19 -31.53 -5.52
CA MET D 180 -1.47 -30.28 -5.81
C MET D 180 -0.33 -29.93 -4.84
N ASN D 181 -0.21 -30.62 -3.71
CA ASN D 181 0.80 -30.35 -2.68
C ASN D 181 1.35 -31.65 -2.08
N SER D 182 1.51 -32.68 -2.92
CA SER D 182 1.73 -34.06 -2.49
C SER D 182 2.94 -34.23 -1.55
N ILE D 183 2.82 -35.14 -0.57
CA ILE D 183 3.79 -35.32 0.52
C ILE D 183 4.59 -36.59 0.31
N ALA D 184 5.91 -36.53 0.35
CA ALA D 184 6.76 -37.71 0.39
C ALA D 184 6.97 -38.22 1.82
N ARG D 185 7.12 -39.53 1.99
CA ARG D 185 7.43 -40.16 3.28
C ARG D 185 8.88 -39.89 3.66
N GLY D 186 9.09 -39.10 4.70
CA GLY D 186 10.39 -38.54 5.08
C GLY D 186 10.53 -37.03 4.85
N GLN D 187 9.47 -36.33 4.45
CA GLN D 187 9.46 -34.88 4.30
C GLN D 187 9.22 -34.13 5.62
N LYS D 188 9.61 -32.86 5.67
CA LYS D 188 9.19 -31.88 6.69
C LYS D 188 8.21 -30.92 6.05
N ILE D 189 6.95 -30.86 6.49
CA ILE D 189 5.95 -29.98 5.88
C ILE D 189 4.92 -29.47 6.89
N PRO D 190 4.95 -28.18 7.27
CA PRO D 190 4.07 -27.61 8.27
C PRO D 190 2.67 -27.31 7.74
N ILE D 191 1.70 -27.21 8.64
CA ILE D 191 0.41 -26.57 8.38
C ILE D 191 0.48 -25.17 8.98
N PHE D 192 0.30 -24.15 8.15
CA PHE D 192 0.18 -22.76 8.57
C PHE D 192 -1.30 -22.42 8.67
N SER D 193 -1.72 -21.95 9.83
CA SER D 193 -3.11 -21.69 10.13
C SER D 193 -3.24 -20.46 11.01
N ALA D 194 -4.39 -20.22 11.63
CA ALA D 194 -4.63 -19.08 12.49
C ALA D 194 -5.74 -19.37 13.50
N ALA D 195 -5.97 -18.46 14.44
CA ALA D 195 -7.01 -18.60 15.45
C ALA D 195 -8.41 -18.79 14.85
N GLY D 196 -9.18 -19.73 15.39
CA GLY D 196 -10.54 -20.08 14.98
C GLY D 196 -10.65 -21.08 13.82
N LEU D 197 -9.60 -21.26 13.02
CA LEU D 197 -9.59 -22.17 11.86
C LEU D 197 -9.45 -23.64 12.28
N PRO D 198 -9.82 -24.63 11.44
CA PRO D 198 -9.89 -26.04 11.81
C PRO D 198 -8.60 -26.84 11.53
N HIS D 199 -7.42 -26.31 11.86
CA HIS D 199 -6.16 -27.05 11.63
C HIS D 199 -6.05 -28.35 12.43
N ASN D 200 -6.69 -28.45 13.59
CA ASN D 200 -6.72 -29.69 14.36
C ASN D 200 -7.46 -30.80 13.62
N GLU D 201 -8.58 -30.50 12.97
CA GLU D 201 -9.30 -31.46 12.16
C GLU D 201 -8.48 -31.93 10.96
N ILE D 202 -7.75 -31.04 10.29
CA ILE D 202 -6.86 -31.44 9.18
C ILE D 202 -5.76 -32.38 9.69
N ALA D 203 -5.17 -32.07 10.84
CA ALA D 203 -4.15 -32.91 11.45
C ALA D 203 -4.69 -34.29 11.83
N ALA D 204 -5.83 -34.35 12.52
CA ALA D 204 -6.48 -35.60 12.88
C ALA D 204 -6.86 -36.41 11.65
N GLN D 205 -7.43 -35.77 10.62
CA GLN D 205 -7.78 -36.46 9.38
C GLN D 205 -6.56 -37.03 8.67
N ILE D 206 -5.44 -36.32 8.60
CA ILE D 206 -4.20 -36.88 8.06
C ILE D 206 -3.77 -38.12 8.87
N CYS D 207 -3.84 -38.08 10.20
CA CYS D 207 -3.48 -39.23 11.04
C CYS D 207 -4.39 -40.44 10.84
N ARG D 208 -5.70 -40.23 10.63
CA ARG D 208 -6.65 -41.32 10.31
C ARG D 208 -6.39 -41.93 8.93
N GLN D 209 -6.14 -41.10 7.92
CA GLN D 209 -6.24 -41.48 6.52
C GLN D 209 -4.90 -41.77 5.82
N ALA D 210 -3.75 -41.37 6.38
CA ALA D 210 -2.47 -41.53 5.71
C ALA D 210 -2.08 -43.00 5.46
N GLY D 211 -1.50 -43.26 4.29
CA GLY D 211 -0.86 -44.52 3.91
C GLY D 211 -0.04 -44.31 2.62
N LEU D 212 0.62 -45.35 2.11
CA LEU D 212 1.24 -45.28 0.78
C LEU D 212 0.20 -45.41 -0.35
N VAL D 213 0.54 -44.91 -1.53
CA VAL D 213 -0.23 -45.13 -2.77
C VAL D 213 -0.13 -46.61 -3.20
N LYS D 214 -1.27 -47.23 -3.54
CA LYS D 214 -1.34 -48.60 -4.08
C LYS D 214 -1.69 -48.57 -5.57
N LYS D 215 -0.92 -49.27 -6.41
CA LYS D 215 -1.02 -49.22 -7.88
C LYS D 215 -2.40 -49.64 -8.39
N GLU D 225 2.69 -50.70 4.74
CA GLU D 225 3.10 -50.22 6.08
C GLU D 225 2.07 -49.26 6.66
N ASN D 226 2.02 -49.11 7.99
CA ASN D 226 1.18 -48.14 8.71
C ASN D 226 1.98 -47.46 9.84
N PHE D 227 1.71 -46.18 10.08
CA PHE D 227 2.58 -45.32 10.89
C PHE D 227 2.51 -45.58 12.38
N ALA D 228 3.66 -45.59 13.05
CA ALA D 228 3.75 -45.21 14.45
C ALA D 228 3.59 -43.69 14.52
N ILE D 229 2.86 -43.16 15.49
CA ILE D 229 2.62 -41.72 15.59
C ILE D 229 3.25 -41.20 16.87
N VAL D 230 4.02 -40.12 16.78
CA VAL D 230 4.47 -39.40 17.97
C VAL D 230 3.88 -38.00 17.93
N PHE D 231 3.13 -37.65 18.96
CA PHE D 231 2.32 -36.45 19.00
C PHE D 231 2.75 -35.57 20.16
N ALA D 232 3.15 -34.34 19.88
CA ALA D 232 3.53 -33.36 20.90
C ALA D 232 2.56 -32.18 20.88
N ALA D 233 2.20 -31.70 22.07
CA ALA D 233 1.40 -30.52 22.25
C ALA D 233 2.08 -29.52 23.16
N MET D 234 2.25 -28.29 22.67
CA MET D 234 2.72 -27.14 23.44
C MET D 234 1.58 -26.13 23.56
N GLY D 235 1.18 -25.76 24.77
CA GLY D 235 0.23 -24.66 24.99
C GLY D 235 -1.19 -24.87 24.46
N VAL D 236 -1.61 -26.11 24.23
CA VAL D 236 -2.99 -26.45 23.81
C VAL D 236 -4.00 -26.27 24.94
N ASN D 237 -5.26 -25.95 24.65
CA ASN D 237 -6.32 -26.02 25.64
C ASN D 237 -6.81 -27.45 25.87
N MET D 238 -7.55 -27.67 26.96
CA MET D 238 -8.07 -28.98 27.34
C MET D 238 -8.95 -29.62 26.26
N GLU D 239 -9.79 -28.86 25.56
CA GLU D 239 -10.61 -29.37 24.47
C GLU D 239 -9.77 -29.88 23.29
N THR D 240 -8.64 -29.24 22.96
CA THR D 240 -7.73 -29.73 21.93
C THR D 240 -7.08 -31.02 22.36
N ALA D 241 -6.56 -31.11 23.58
CA ALA D 241 -5.94 -32.34 24.07
C ALA D 241 -6.94 -33.50 24.09
N ARG D 242 -8.16 -33.27 24.57
CA ARG D 242 -9.25 -34.25 24.57
C ARG D 242 -9.64 -34.67 23.15
N PHE D 243 -9.73 -33.74 22.20
CA PHE D 243 -10.08 -34.05 20.81
C PHE D 243 -9.11 -35.06 20.19
N PHE D 244 -7.80 -34.81 20.24
CA PHE D 244 -6.82 -35.71 19.64
C PHE D 244 -6.79 -37.07 20.35
N LYS D 245 -6.74 -37.09 21.68
CA LYS D 245 -6.75 -38.34 22.46
C LYS D 245 -8.00 -39.16 22.17
N SER D 246 -9.16 -38.51 22.12
CA SER D 246 -10.44 -39.14 21.77
C SER D 246 -10.45 -39.67 20.34
N ASP D 247 -9.87 -38.97 19.38
CA ASP D 247 -9.81 -39.43 18.00
C ASP D 247 -8.96 -40.71 17.85
N PHE D 248 -7.79 -40.77 18.46
CA PHE D 248 -6.96 -41.97 18.40
C PHE D 248 -7.63 -43.17 19.10
N GLU D 249 -8.40 -42.95 20.15
CA GLU D 249 -9.22 -43.99 20.77
C GLU D 249 -10.43 -44.37 19.91
N GLU D 250 -11.10 -43.42 19.26
CA GLU D 250 -12.23 -43.63 18.34
C GLU D 250 -11.82 -44.44 17.11
N ASN D 251 -10.63 -44.17 16.57
CA ASN D 251 -10.02 -44.97 15.51
C ASN D 251 -9.56 -46.36 16.00
N GLY D 252 -9.53 -46.61 17.31
CA GLY D 252 -9.15 -47.90 17.89
C GLY D 252 -7.67 -48.24 17.71
N SER D 253 -6.78 -47.25 17.71
CA SER D 253 -5.36 -47.41 17.35
C SER D 253 -4.36 -46.85 18.36
N MET D 254 -4.75 -46.68 19.63
CA MET D 254 -3.86 -46.04 20.61
C MET D 254 -2.60 -46.85 20.92
N ASP D 255 -2.59 -48.16 20.69
CA ASP D 255 -1.40 -49.00 20.89
C ASP D 255 -0.23 -48.65 19.95
N ASN D 256 -0.42 -47.78 18.96
CA ASN D 256 0.59 -47.38 17.98
C ASN D 256 0.94 -45.89 18.04
N VAL D 257 0.57 -45.17 19.10
CA VAL D 257 0.83 -43.73 19.23
C VAL D 257 1.37 -43.35 20.61
N CYS D 258 2.32 -42.43 20.66
CA CYS D 258 2.85 -41.84 21.89
C CYS D 258 2.44 -40.37 21.99
N LEU D 259 1.88 -39.91 23.13
CA LEU D 259 1.48 -38.51 23.34
C LEU D 259 2.31 -37.82 24.42
N PHE D 260 2.87 -36.65 24.12
CA PHE D 260 3.48 -35.72 25.08
C PHE D 260 2.64 -34.44 25.16
N LEU D 261 2.02 -34.15 26.30
CA LEU D 261 1.08 -33.05 26.44
C LEU D 261 1.56 -31.97 27.41
N ASN D 262 1.69 -30.73 26.94
CA ASN D 262 1.83 -29.55 27.77
C ASN D 262 0.65 -28.63 27.44
N LEU D 263 -0.31 -28.55 28.36
CA LEU D 263 -1.53 -27.77 28.19
C LEU D 263 -1.29 -26.30 28.57
N ALA D 264 -2.24 -25.42 28.25
CA ALA D 264 -2.09 -23.98 28.48
C ALA D 264 -2.04 -23.56 29.96
N ASN D 265 -2.41 -24.44 30.90
CA ASN D 265 -2.19 -24.24 32.34
C ASN D 265 -0.88 -24.85 32.87
N ASP D 266 -0.20 -25.71 32.11
CA ASP D 266 1.12 -26.26 32.47
C ASP D 266 2.24 -25.22 32.28
N PRO D 267 3.42 -25.38 32.91
CA PRO D 267 4.50 -24.39 32.86
C PRO D 267 5.03 -24.14 31.44
N THR D 268 5.30 -22.88 31.08
CA THR D 268 5.72 -22.55 29.71
C THR D 268 7.15 -22.98 29.37
N ILE D 269 8.06 -23.06 30.32
CA ILE D 269 9.45 -23.40 30.00
C ILE D 269 9.62 -24.90 29.70
N GLU D 270 8.69 -25.77 30.11
CA GLU D 270 8.65 -27.16 29.63
C GLU D 270 8.52 -27.26 28.11
N ARG D 271 8.01 -26.23 27.45
CA ARG D 271 7.88 -26.21 25.99
C ARG D 271 9.25 -26.23 25.34
N ILE D 272 10.29 -25.72 25.99
CA ILE D 272 11.64 -25.74 25.44
C ILE D 272 12.14 -27.18 25.19
N ILE D 273 11.73 -28.14 26.02
CA ILE D 273 12.13 -29.55 25.91
C ILE D 273 11.09 -30.45 25.26
N THR D 274 9.81 -30.10 25.26
CA THR D 274 8.75 -30.98 24.76
C THR D 274 8.96 -31.47 23.32
N PRO D 275 9.31 -30.64 22.33
CA PRO D 275 9.59 -31.11 20.97
C PRO D 275 10.79 -32.04 20.90
N ARG D 276 11.73 -31.86 21.82
CA ARG D 276 13.01 -32.59 21.86
C ARG D 276 12.86 -33.93 22.54
N LEU D 277 11.94 -34.09 23.49
CA LEU D 277 11.51 -35.40 23.99
C LEU D 277 10.78 -36.19 22.92
N ALA D 278 9.84 -35.57 22.23
CA ALA D 278 9.09 -36.19 21.16
C ALA D 278 10.00 -36.67 20.03
N LEU D 279 10.87 -35.81 19.50
CA LEU D 279 11.75 -36.18 18.40
C LEU D 279 12.85 -37.16 18.79
N THR D 280 13.34 -37.15 20.03
CA THR D 280 14.27 -38.18 20.51
C THR D 280 13.62 -39.55 20.58
N THR D 281 12.34 -39.63 20.95
CA THR D 281 11.56 -40.86 20.91
C THR D 281 11.33 -41.34 19.48
N ALA D 282 10.96 -40.44 18.56
CA ALA D 282 10.81 -40.77 17.15
C ALA D 282 12.09 -41.27 16.49
N GLU D 283 13.25 -40.75 16.86
CA GLU D 283 14.54 -41.21 16.35
C GLU D 283 14.94 -42.59 16.86
N PHE D 284 14.59 -42.97 18.09
CA PHE D 284 14.77 -44.35 18.54
C PHE D 284 13.88 -45.30 17.77
N LEU D 285 12.57 -45.01 17.72
CA LEU D 285 11.60 -45.83 17.02
C LEU D 285 11.93 -45.98 15.54
N ALA D 286 12.35 -44.92 14.87
CA ALA D 286 12.67 -44.97 13.45
C ALA D 286 14.02 -45.62 13.14
N TYR D 287 15.11 -45.17 13.76
CA TYR D 287 16.47 -45.55 13.37
C TYR D 287 17.07 -46.68 14.20
N GLN D 288 16.38 -47.19 15.23
CA GLN D 288 16.83 -48.38 15.99
C GLN D 288 15.79 -49.50 16.00
N CYS D 289 14.50 -49.20 16.05
CA CYS D 289 13.42 -50.18 15.90
C CYS D 289 12.81 -50.27 14.49
N GLU D 290 13.34 -49.54 13.50
CA GLU D 290 12.94 -49.59 12.09
C GLU D 290 11.46 -49.29 11.77
N LYS D 291 10.76 -48.51 12.61
CA LYS D 291 9.37 -48.10 12.32
C LYS D 291 9.30 -46.95 11.33
N HIS D 292 8.15 -46.78 10.68
CA HIS D 292 7.82 -45.56 9.95
C HIS D 292 7.03 -44.64 10.88
N VAL D 293 7.61 -43.51 11.25
CA VAL D 293 7.06 -42.60 12.26
C VAL D 293 6.50 -41.35 11.58
N LEU D 294 5.33 -40.91 12.01
CA LEU D 294 4.79 -39.60 11.70
C LEU D 294 4.79 -38.75 12.97
N VAL D 295 5.41 -37.58 12.94
CA VAL D 295 5.54 -36.69 14.10
C VAL D 295 4.71 -35.44 13.91
N ILE D 296 3.80 -35.19 14.85
CA ILE D 296 2.90 -34.03 14.85
C ILE D 296 3.29 -33.11 16.00
N LEU D 297 3.59 -31.84 15.74
CA LEU D 297 4.01 -30.85 16.74
C LEU D 297 3.01 -29.67 16.75
N THR D 298 2.03 -29.67 17.66
CA THR D 298 0.74 -29.00 17.40
C THR D 298 0.60 -27.51 17.67
N ASP D 299 1.55 -26.80 18.27
CA ASP D 299 1.66 -25.36 17.97
C ASP D 299 3.06 -24.81 18.15
N MET D 300 3.81 -24.69 17.06
CA MET D 300 5.14 -24.11 17.10
C MET D 300 5.12 -22.64 17.52
N SER D 301 3.97 -21.96 17.41
CA SER D 301 3.87 -20.57 17.85
C SER D 301 3.95 -20.43 19.37
N SER D 302 3.47 -21.42 20.14
CA SER D 302 3.52 -21.39 21.60
C SER D 302 4.86 -21.90 22.13
N TYR D 303 5.60 -22.69 21.36
CA TYR D 303 7.02 -22.96 21.56
C TYR D 303 7.88 -21.69 21.41
N ALA D 304 7.73 -20.97 20.29
CA ALA D 304 8.49 -19.77 20.01
C ALA D 304 8.26 -18.66 21.05
N GLU D 305 7.08 -18.56 21.64
CA GLU D 305 6.83 -17.64 22.75
C GLU D 305 7.58 -18.02 24.03
N ALA D 306 7.73 -19.31 24.36
CA ALA D 306 8.54 -19.74 25.49
C ALA D 306 10.02 -19.40 25.31
N LEU D 307 10.55 -19.48 24.08
CA LEU D 307 11.89 -18.99 23.79
C LEU D 307 11.99 -17.49 24.03
N ARG D 308 11.01 -16.70 23.58
CA ARG D 308 11.02 -15.25 23.78
C ARG D 308 10.99 -14.88 25.26
N GLU D 309 10.26 -15.59 26.12
CA GLU D 309 10.35 -15.37 27.57
C GLU D 309 11.77 -15.55 28.11
N VAL D 310 12.43 -16.66 27.79
CA VAL D 310 13.78 -16.95 28.30
C VAL D 310 14.78 -15.93 27.77
N SER D 311 14.71 -15.61 26.49
CA SER D 311 15.57 -14.61 25.88
C SER D 311 15.38 -13.22 26.47
N ALA D 312 14.13 -12.81 26.69
CA ALA D 312 13.82 -11.55 27.33
C ALA D 312 14.31 -11.51 28.78
N ALA D 313 14.15 -12.60 29.54
CA ALA D 313 14.62 -12.68 30.92
C ALA D 313 16.15 -12.63 31.02
N ARG D 314 16.86 -13.15 30.02
CA ARG D 314 18.33 -13.05 29.91
C ARG D 314 18.82 -11.70 29.39
N GLU D 315 17.94 -10.81 28.94
CA GLU D 315 18.28 -9.50 28.40
C GLU D 315 19.19 -9.58 27.16
N GLU D 316 19.00 -10.61 26.34
CA GLU D 316 19.73 -10.83 25.08
C GLU D 316 19.36 -9.78 24.01
N VAL D 317 20.21 -9.56 23.01
CA VAL D 317 19.90 -8.64 21.90
C VAL D 317 18.77 -9.20 21.02
N PRO D 318 17.66 -8.47 20.78
CA PRO D 318 16.51 -8.98 20.04
C PRO D 318 16.74 -9.28 18.56
N GLY D 319 15.91 -10.15 18.02
CA GLY D 319 15.54 -10.21 16.60
C GLY D 319 14.25 -9.43 16.33
N ARG D 320 13.58 -9.72 15.21
CA ARG D 320 12.28 -9.11 14.86
C ARG D 320 11.21 -9.43 15.90
N ARG D 321 10.26 -8.52 16.14
CA ARG D 321 9.13 -8.67 17.09
C ARG D 321 9.55 -9.11 18.50
N GLY D 322 10.81 -8.88 18.88
CA GLY D 322 11.39 -9.26 20.17
C GLY D 322 11.85 -10.72 20.31
N PHE D 323 11.69 -11.59 19.31
CA PHE D 323 12.12 -12.99 19.36
C PHE D 323 13.64 -13.10 19.49
N PRO D 324 14.21 -14.24 19.92
CA PRO D 324 15.65 -14.38 20.02
C PRO D 324 16.36 -14.17 18.69
N GLY D 325 17.56 -13.60 18.68
CA GLY D 325 18.35 -13.42 17.46
C GLY D 325 18.77 -14.74 16.79
N TYR D 326 18.79 -15.83 17.56
CA TYR D 326 19.09 -17.21 17.16
C TYR D 326 17.85 -18.08 16.87
N MET D 327 16.67 -17.50 16.64
CA MET D 327 15.44 -18.28 16.45
C MET D 327 15.52 -19.24 15.25
N TYR D 328 16.08 -18.83 14.13
CA TYR D 328 16.25 -19.72 12.96
C TYR D 328 17.09 -20.95 13.32
N THR D 329 18.24 -20.73 13.95
CA THR D 329 19.16 -21.81 14.30
C THR D 329 18.55 -22.73 15.34
N ASP D 330 17.75 -22.23 16.30
CA ASP D 330 17.03 -23.10 17.22
C ASP D 330 15.92 -23.91 16.54
N LEU D 331 15.00 -23.28 15.80
CA LEU D 331 13.94 -23.99 15.09
C LEU D 331 14.50 -25.08 14.20
N ALA D 332 15.61 -24.81 13.51
CA ALA D 332 16.25 -25.78 12.64
C ALA D 332 16.69 -27.05 13.37
N THR D 333 17.02 -27.00 14.65
CA THR D 333 17.35 -28.21 15.42
C THR D 333 16.15 -29.12 15.65
N ILE D 334 14.92 -28.60 15.55
CA ILE D 334 13.68 -29.38 15.68
C ILE D 334 13.26 -29.85 14.29
N TYR D 335 13.19 -28.95 13.31
CA TYR D 335 12.72 -29.30 11.98
C TYR D 335 13.63 -30.23 11.19
N GLU D 336 14.96 -30.19 11.33
CA GLU D 336 15.85 -31.06 10.55
C GLU D 336 15.99 -32.50 11.09
N ARG D 337 15.30 -32.85 12.18
CA ARG D 337 15.21 -34.22 12.72
C ARG D 337 14.11 -34.98 12.00
N ALA D 338 14.36 -35.39 10.76
CA ALA D 338 13.37 -35.99 9.88
C ALA D 338 14.04 -36.83 8.78
N GLY D 339 13.26 -37.58 8.02
CA GLY D 339 13.73 -38.24 6.80
C GLY D 339 14.29 -39.62 7.03
N ARG D 340 15.18 -40.02 6.12
CA ARG D 340 15.65 -41.40 5.91
C ARG D 340 17.17 -41.49 5.96
N VAL D 341 17.70 -42.62 6.38
CA VAL D 341 19.15 -42.86 6.43
C VAL D 341 19.52 -44.16 5.74
N GLU D 342 20.70 -44.20 5.15
CA GLU D 342 21.17 -45.33 4.37
C GLU D 342 21.45 -46.56 5.25
N GLY D 343 20.91 -47.71 4.85
CA GLY D 343 21.11 -48.99 5.53
C GLY D 343 20.17 -49.27 6.72
N ARG D 344 19.18 -48.42 6.99
CA ARG D 344 18.15 -48.63 8.03
C ARG D 344 16.74 -48.44 7.47
N ASN D 345 15.80 -49.32 7.81
CA ASN D 345 14.52 -49.41 7.08
C ASN D 345 13.44 -48.41 7.54
N GLY D 346 13.58 -47.75 8.69
CA GLY D 346 12.61 -46.80 9.23
C GLY D 346 12.71 -45.38 8.67
N SER D 347 11.81 -44.50 9.07
CA SER D 347 11.76 -43.10 8.61
C SER D 347 11.00 -42.20 9.57
N ILE D 348 11.20 -40.88 9.52
CA ILE D 348 10.39 -39.90 10.27
C ILE D 348 9.81 -38.87 9.30
N THR D 349 8.50 -38.67 9.28
CA THR D 349 7.85 -37.56 8.56
C THR D 349 7.41 -36.52 9.56
N GLN D 350 7.66 -35.24 9.31
CA GLN D 350 7.32 -34.18 10.25
C GLN D 350 6.21 -33.29 9.74
N ILE D 351 5.16 -33.11 10.55
CA ILE D 351 4.08 -32.16 10.32
C ILE D 351 3.93 -31.24 11.54
N PRO D 352 4.69 -30.14 11.61
CA PRO D 352 4.43 -29.06 12.55
C PRO D 352 3.11 -28.35 12.27
N ILE D 353 2.54 -27.65 13.25
CA ILE D 353 1.40 -26.76 13.05
C ILE D 353 1.71 -25.39 13.64
N LEU D 354 1.33 -24.33 12.96
CA LEU D 354 1.53 -22.94 13.39
C LEU D 354 0.20 -22.20 13.44
N THR D 355 -0.10 -21.58 14.56
CA THR D 355 -1.05 -20.46 14.61
C THR D 355 -0.33 -19.17 14.24
N MET D 356 -0.54 -18.63 13.05
CA MET D 356 -0.02 -17.34 12.63
C MET D 356 -0.76 -16.17 13.30
N PRO D 357 -0.09 -15.23 13.98
CA PRO D 357 -0.77 -14.09 14.61
C PRO D 357 -1.22 -13.06 13.57
N ASN D 358 -2.42 -12.50 13.74
CA ASN D 358 -3.03 -11.53 12.82
C ASN D 358 -3.13 -12.04 11.35
N ASP D 359 -3.11 -13.36 11.13
CA ASP D 359 -2.97 -14.01 9.81
C ASP D 359 -1.71 -13.57 9.02
N ASP D 360 -0.69 -12.99 9.66
CA ASP D 360 0.51 -12.46 8.99
C ASP D 360 1.53 -13.57 8.67
N ILE D 361 1.56 -14.05 7.43
CA ILE D 361 2.56 -15.03 6.97
C ILE D 361 4.00 -14.49 6.98
N THR D 362 4.21 -13.18 7.06
CA THR D 362 5.54 -12.57 7.14
C THR D 362 6.03 -12.39 8.58
N HIS D 363 5.23 -12.79 9.58
CA HIS D 363 5.64 -12.79 10.98
C HIS D 363 6.86 -13.71 11.18
N PRO D 364 7.82 -13.42 12.07
CA PRO D 364 9.03 -14.22 12.21
C PRO D 364 8.83 -15.72 12.43
N ILE D 365 7.72 -16.18 13.02
CA ILE D 365 7.47 -17.60 13.25
C ILE D 365 7.17 -18.36 11.94
N PRO D 366 6.12 -18.04 11.14
CA PRO D 366 5.89 -18.66 9.85
C PRO D 366 6.93 -18.29 8.80
N ASP D 367 7.52 -17.10 8.86
CA ASP D 367 8.57 -16.68 7.92
C ASP D 367 9.80 -17.60 8.00
N LEU D 368 10.41 -17.74 9.18
CA LEU D 368 11.58 -18.61 9.37
C LEU D 368 11.26 -20.07 9.16
N THR D 369 10.04 -20.54 9.45
CA THR D 369 9.69 -21.94 9.21
C THR D 369 9.74 -22.31 7.73
N GLY D 370 9.42 -21.39 6.82
CA GLY D 370 9.51 -21.63 5.38
C GLY D 370 10.95 -21.77 4.88
N TYR D 371 11.92 -21.11 5.51
CA TYR D 371 13.35 -21.19 5.18
C TYR D 371 14.02 -22.51 5.62
N ILE D 372 13.28 -23.43 6.26
CA ILE D 372 13.82 -24.68 6.84
C ILE D 372 13.04 -25.91 6.39
N THR D 373 11.71 -25.84 6.34
CA THR D 373 10.83 -26.96 5.98
C THR D 373 10.61 -27.05 4.47
N GLU D 374 10.28 -28.23 3.94
CA GLU D 374 10.15 -28.46 2.50
C GLU D 374 8.76 -28.12 1.94
N GLY D 375 8.14 -27.04 2.40
CA GLY D 375 6.81 -26.61 1.94
C GLY D 375 6.00 -25.87 2.99
N GLN D 376 4.72 -25.66 2.72
CA GLN D 376 3.69 -25.36 3.71
C GLN D 376 2.32 -25.76 3.17
N ILE D 377 1.38 -26.11 4.03
CA ILE D 377 -0.04 -26.19 3.70
C ILE D 377 -0.72 -25.04 4.40
N TYR D 378 -1.50 -24.24 3.68
CA TYR D 378 -2.01 -22.97 4.19
C TYR D 378 -3.51 -23.06 4.41
N VAL D 379 -3.99 -22.81 5.62
CA VAL D 379 -5.40 -22.85 5.98
C VAL D 379 -5.94 -21.43 5.99
N ASP D 380 -7.01 -21.16 5.24
CA ASP D 380 -7.45 -19.81 4.87
C ASP D 380 -8.80 -19.42 5.47
N ARG D 381 -8.82 -18.30 6.19
CA ARG D 381 -10.03 -17.74 6.81
C ARG D 381 -11.13 -17.45 5.80
N GLN D 382 -10.81 -17.02 4.58
CA GLN D 382 -11.83 -16.72 3.57
C GLN D 382 -12.56 -17.96 3.09
N LEU D 383 -11.88 -19.10 3.00
CA LEU D 383 -12.52 -20.37 2.71
C LEU D 383 -13.32 -20.86 3.93
N HIS D 384 -12.78 -20.71 5.13
CA HIS D 384 -13.48 -21.12 6.36
C HIS D 384 -14.77 -20.34 6.60
N ASN D 385 -14.78 -19.02 6.40
CA ASN D 385 -15.98 -18.19 6.52
C ASN D 385 -17.11 -18.59 5.57
N ARG D 386 -16.81 -19.33 4.48
CA ARG D 386 -17.77 -19.87 3.49
C ARG D 386 -18.15 -21.33 3.75
N GLN D 387 -17.74 -21.88 4.89
CA GLN D 387 -17.96 -23.28 5.29
C GLN D 387 -17.43 -24.31 4.27
N ILE D 388 -16.35 -23.99 3.58
CA ILE D 388 -15.54 -24.95 2.82
C ILE D 388 -14.70 -25.75 3.81
N TYR D 389 -14.57 -27.06 3.62
CA TYR D 389 -13.64 -27.90 4.39
C TYR D 389 -12.98 -28.95 3.50
N PRO D 390 -11.65 -29.13 3.55
CA PRO D 390 -10.66 -28.31 4.25
C PRO D 390 -10.59 -26.87 3.73
N PRO D 391 -10.36 -25.85 4.57
CA PRO D 391 -10.12 -24.47 4.12
C PRO D 391 -8.75 -24.24 3.46
N ILE D 392 -8.15 -25.24 2.82
CA ILE D 392 -6.80 -25.14 2.28
C ILE D 392 -6.79 -24.23 1.06
N ASN D 393 -5.99 -23.16 1.06
CA ASN D 393 -5.78 -22.33 -0.13
C ASN D 393 -4.58 -22.86 -0.91
N VAL D 394 -4.83 -23.36 -2.12
CA VAL D 394 -3.79 -24.02 -2.92
C VAL D 394 -2.75 -23.07 -3.49
N LEU D 395 -2.99 -21.76 -3.52
CA LEU D 395 -2.05 -20.79 -4.07
C LEU D 395 -0.81 -20.58 -3.17
N PRO D 396 -0.92 -20.16 -1.89
CA PRO D 396 0.23 -20.03 -0.98
C PRO D 396 0.78 -21.37 -0.47
N SER D 397 0.02 -22.45 -0.52
CA SER D 397 0.50 -23.80 -0.21
C SER D 397 1.55 -24.29 -1.20
N LEU D 398 2.50 -25.13 -0.76
CA LEU D 398 3.60 -25.67 -1.57
C LEU D 398 4.10 -26.98 -0.96
N SER D 399 4.57 -27.92 -1.78
CA SER D 399 5.36 -29.07 -1.34
C SER D 399 6.55 -29.28 -2.26
N ARG D 400 7.77 -29.00 -1.78
CA ARG D 400 8.98 -28.95 -2.61
C ARG D 400 9.45 -30.33 -3.07
N LEU D 401 9.11 -31.39 -2.35
CA LEU D 401 9.49 -32.76 -2.69
C LEU D 401 8.47 -33.49 -3.59
N MET D 402 7.35 -32.86 -3.98
CA MET D 402 6.34 -33.53 -4.82
C MET D 402 6.80 -33.82 -6.25
N LYS D 403 7.66 -32.97 -6.81
CA LYS D 403 8.16 -33.03 -8.20
C LYS D 403 8.71 -34.41 -8.61
N SER D 404 9.25 -35.15 -7.66
CA SER D 404 9.90 -36.45 -7.84
C SER D 404 9.13 -37.62 -7.22
N ALA D 405 8.11 -37.35 -6.40
CA ALA D 405 7.27 -38.37 -5.75
C ALA D 405 6.07 -38.80 -6.60
N ILE D 406 5.65 -37.99 -7.57
CA ILE D 406 4.48 -38.23 -8.46
C ILE D 406 4.89 -38.75 -9.84
N GLY D 407 3.92 -39.16 -10.65
CA GLY D 407 4.08 -39.36 -12.09
C GLY D 407 4.14 -40.83 -12.51
N GLU D 408 4.74 -41.10 -13.68
CA GLU D 408 4.85 -42.46 -14.22
C GLU D 408 5.63 -43.39 -13.29
N GLY D 409 5.11 -44.60 -13.09
CA GLY D 409 5.60 -45.59 -12.12
C GLY D 409 5.30 -45.26 -10.65
N MET D 410 5.22 -43.97 -10.29
CA MET D 410 4.96 -43.54 -8.92
C MET D 410 3.46 -43.53 -8.59
N THR D 411 2.66 -42.87 -9.42
CA THR D 411 1.20 -42.66 -9.23
C THR D 411 0.45 -42.87 -10.55
N ARG D 412 0.42 -41.88 -11.44
CA ARG D 412 -0.05 -41.95 -12.83
C ARG D 412 0.61 -40.87 -13.69
N LYS D 413 0.81 -41.13 -14.98
CA LYS D 413 1.63 -40.31 -15.89
C LYS D 413 1.14 -38.87 -16.13
N ASP D 414 -0.13 -38.57 -15.86
CA ASP D 414 -0.74 -37.25 -16.02
C ASP D 414 -0.60 -36.34 -14.78
N HIS D 415 -0.22 -36.90 -13.62
CA HIS D 415 -0.32 -36.22 -12.33
C HIS D 415 0.43 -34.89 -12.28
N ALA D 416 1.61 -34.81 -12.91
CA ALA D 416 2.36 -33.57 -13.01
C ALA D 416 1.61 -32.48 -13.82
N ASP D 417 1.06 -32.85 -14.96
CA ASP D 417 0.43 -31.92 -15.92
C ASP D 417 -0.89 -31.38 -15.38
N VAL D 418 -1.71 -32.27 -14.80
CA VAL D 418 -3.01 -31.92 -14.23
C VAL D 418 -2.85 -30.96 -13.06
N SER D 419 -1.87 -31.19 -12.17
CA SER D 419 -1.58 -30.27 -11.06
C SER D 419 -1.20 -28.87 -11.56
N ASN D 420 -0.32 -28.77 -12.56
CA ASN D 420 0.07 -27.49 -13.14
C ASN D 420 -1.15 -26.78 -13.76
N GLN D 421 -1.95 -27.49 -14.55
CA GLN D 421 -3.08 -26.86 -15.21
C GLN D 421 -4.18 -26.46 -14.23
N LEU D 422 -4.54 -27.30 -13.25
CA LEU D 422 -5.50 -26.91 -12.21
C LEU D 422 -5.04 -25.66 -11.46
N TYR D 423 -3.74 -25.56 -11.15
CA TYR D 423 -3.18 -24.39 -10.48
C TYR D 423 -3.35 -23.13 -11.36
N ALA D 424 -2.93 -23.19 -12.62
CA ALA D 424 -3.03 -22.06 -13.52
C ALA D 424 -4.49 -21.61 -13.74
N CYS D 425 -5.44 -22.55 -13.84
CA CYS D 425 -6.86 -22.21 -13.96
C CYS D 425 -7.39 -21.49 -12.72
N TYR D 426 -7.02 -21.93 -11.51
CA TYR D 426 -7.44 -21.27 -10.28
C TYR D 426 -6.80 -19.89 -10.13
N ALA D 427 -5.52 -19.74 -10.49
CA ALA D 427 -4.83 -18.44 -10.49
C ALA D 427 -5.50 -17.43 -11.42
N ILE D 428 -5.80 -17.83 -12.67
CA ILE D 428 -6.53 -16.98 -13.62
C ILE D 428 -7.95 -16.68 -13.13
N GLY D 429 -8.70 -17.68 -12.67
CA GLY D 429 -10.06 -17.50 -12.16
C GLY D 429 -10.14 -16.53 -10.99
N LYS D 430 -9.19 -16.56 -10.06
CA LYS D 430 -9.08 -15.58 -8.96
C LYS D 430 -8.78 -14.17 -9.48
N ASP D 431 -8.04 -14.01 -10.57
CA ASP D 431 -7.83 -12.69 -11.18
C ASP D 431 -9.10 -12.18 -11.89
N VAL D 432 -9.82 -13.05 -12.60
CA VAL D 432 -11.12 -12.70 -13.22
C VAL D 432 -12.15 -12.31 -12.15
N GLN D 433 -12.24 -13.07 -11.05
CA GLN D 433 -13.11 -12.75 -9.93
C GLN D 433 -12.80 -11.35 -9.34
N ALA D 434 -11.53 -11.03 -9.12
CA ALA D 434 -11.11 -9.74 -8.60
C ALA D 434 -11.43 -8.58 -9.56
N MET D 435 -11.25 -8.78 -10.87
CA MET D 435 -11.67 -7.79 -11.87
C MET D 435 -13.19 -7.60 -11.89
N LYS D 436 -13.97 -8.69 -11.87
CA LYS D 436 -15.42 -8.67 -12.02
C LYS D 436 -16.12 -7.78 -11.01
N ALA D 437 -15.67 -7.78 -9.75
CA ALA D 437 -16.23 -6.93 -8.70
C ALA D 437 -16.09 -5.42 -8.98
N VAL D 438 -15.17 -5.00 -9.84
CA VAL D 438 -15.04 -3.60 -10.29
C VAL D 438 -16.00 -3.29 -11.44
N VAL D 439 -16.13 -4.19 -12.42
CA VAL D 439 -16.76 -3.88 -13.73
C VAL D 439 -18.13 -4.49 -13.98
N GLY D 440 -18.56 -5.50 -13.20
CA GLY D 440 -19.80 -6.24 -13.43
C GLY D 440 -19.73 -7.27 -14.58
N GLU D 441 -20.60 -8.27 -14.55
CA GLU D 441 -20.56 -9.42 -15.46
C GLU D 441 -20.72 -9.04 -16.96
N GLU D 442 -21.32 -7.90 -17.29
CA GLU D 442 -21.46 -7.43 -18.67
C GLU D 442 -20.12 -7.16 -19.37
N ALA D 443 -19.05 -6.91 -18.61
CA ALA D 443 -17.70 -6.73 -19.15
C ALA D 443 -16.95 -8.05 -19.42
N LEU D 444 -17.36 -9.16 -18.82
CA LEU D 444 -16.68 -10.46 -18.94
C LEU D 444 -16.99 -11.13 -20.28
N THR D 445 -15.99 -11.73 -20.91
CA THR D 445 -16.15 -12.57 -22.11
C THR D 445 -16.68 -13.95 -21.75
N SER D 446 -17.08 -14.73 -22.76
CA SER D 446 -17.40 -16.15 -22.57
C SER D 446 -16.23 -16.94 -21.95
N ASP D 447 -14.99 -16.64 -22.31
CA ASP D 447 -13.81 -17.28 -21.70
C ASP D 447 -13.65 -16.88 -20.22
N ASP D 448 -13.89 -15.62 -19.87
CA ASP D 448 -13.86 -15.21 -18.47
C ASP D 448 -14.93 -15.94 -17.65
N LEU D 449 -16.10 -16.21 -18.24
CA LEU D 449 -17.10 -17.06 -17.60
C LEU D 449 -16.68 -18.54 -17.52
N LEU D 450 -15.85 -19.07 -18.43
CA LEU D 450 -15.29 -20.42 -18.26
C LEU D 450 -14.36 -20.48 -17.04
N TYR D 451 -13.46 -19.51 -16.89
CA TYR D 451 -12.61 -19.45 -15.69
C TYR D 451 -13.41 -19.21 -14.42
N LEU D 452 -14.42 -18.34 -14.45
CA LEU D 452 -15.24 -18.05 -13.29
C LEU D 452 -16.17 -19.21 -12.91
N GLU D 453 -16.63 -20.02 -13.87
CA GLU D 453 -17.30 -21.29 -13.62
C GLU D 453 -16.36 -22.32 -12.99
N PHE D 454 -15.16 -22.51 -13.56
CA PHE D 454 -14.16 -23.44 -13.03
C PHE D 454 -13.86 -23.13 -11.56
N LEU D 455 -13.64 -21.86 -11.21
CA LEU D 455 -13.35 -21.45 -9.84
C LEU D 455 -14.41 -21.93 -8.85
N GLN D 456 -15.69 -21.87 -9.20
CA GLN D 456 -16.75 -22.42 -8.36
C GLN D 456 -16.70 -23.95 -8.33
N LYS D 457 -16.64 -24.61 -9.48
CA LYS D 457 -16.68 -26.08 -9.53
C LYS D 457 -15.48 -26.70 -8.80
N PHE D 458 -14.31 -26.09 -8.87
CA PHE D 458 -13.11 -26.47 -8.14
C PHE D 458 -13.28 -26.38 -6.63
N GLU D 459 -13.75 -25.26 -6.09
CA GLU D 459 -13.97 -25.14 -4.65
C GLU D 459 -15.10 -26.03 -4.14
N LYS D 460 -16.16 -26.22 -4.92
CA LYS D 460 -17.31 -27.06 -4.59
C LYS D 460 -17.03 -28.57 -4.66
N ASN D 461 -16.18 -29.03 -5.58
CA ASN D 461 -15.96 -30.47 -5.83
C ASN D 461 -14.55 -30.94 -5.51
N PHE D 462 -13.50 -30.20 -5.89
CA PHE D 462 -12.12 -30.64 -5.69
C PHE D 462 -11.63 -30.31 -4.28
N ILE D 463 -11.69 -29.04 -3.84
CA ILE D 463 -11.28 -28.66 -2.49
C ILE D 463 -12.25 -29.19 -1.45
N THR D 464 -13.54 -28.87 -1.53
CA THR D 464 -14.51 -29.33 -0.52
C THR D 464 -14.58 -30.86 -0.49
N GLN D 465 -14.53 -31.46 0.71
CA GLN D 465 -14.40 -32.91 0.86
C GLN D 465 -15.18 -33.52 2.03
N GLY D 466 -15.13 -32.93 3.22
CA GLY D 466 -15.77 -33.46 4.45
C GLY D 466 -14.85 -34.35 5.30
N PRO D 467 -15.04 -34.46 6.63
CA PRO D 467 -13.97 -34.89 7.54
C PRO D 467 -13.58 -36.37 7.53
N TYR D 468 -14.47 -37.26 7.12
CA TYR D 468 -14.25 -38.71 7.09
C TYR D 468 -14.25 -39.30 5.68
N GLU D 469 -14.43 -38.48 4.64
CA GLU D 469 -14.21 -38.88 3.24
C GLU D 469 -12.72 -39.06 2.97
N ASN D 470 -12.32 -40.20 2.40
CA ASN D 470 -10.94 -40.51 2.01
C ASN D 470 -10.89 -40.76 0.50
N ARG D 471 -10.22 -39.91 -0.27
CA ARG D 471 -10.08 -40.02 -1.73
C ARG D 471 -8.70 -40.52 -2.10
N THR D 472 -8.60 -41.53 -2.95
CA THR D 472 -7.31 -41.90 -3.51
C THR D 472 -6.72 -40.80 -4.38
N VAL D 473 -5.45 -40.95 -4.74
CA VAL D 473 -4.83 -40.13 -5.79
C VAL D 473 -5.59 -40.28 -7.10
N TYR D 474 -6.05 -41.48 -7.41
CA TYR D 474 -6.77 -41.74 -8.65
C TYR D 474 -8.12 -41.02 -8.69
N GLU D 475 -8.89 -41.07 -7.61
CA GLU D 475 -10.11 -40.26 -7.49
C GLU D 475 -9.78 -38.78 -7.49
N THR D 476 -8.70 -38.36 -6.84
CA THR D 476 -8.28 -36.96 -6.84
C THR D 476 -7.96 -36.47 -8.26
N LEU D 477 -7.25 -37.26 -9.07
CA LEU D 477 -6.91 -36.91 -10.44
C LEU D 477 -8.12 -36.89 -11.34
N ASP D 478 -9.03 -37.86 -11.20
CA ASP D 478 -10.19 -37.98 -12.06
C ASP D 478 -11.37 -37.09 -11.66
N ILE D 479 -11.43 -36.60 -10.41
CA ILE D 479 -12.19 -35.38 -10.08
C ILE D 479 -11.54 -34.18 -10.76
N GLY D 480 -10.21 -34.10 -10.78
CA GLY D 480 -9.47 -33.05 -11.46
C GLY D 480 -9.80 -32.96 -12.95
N TRP D 481 -9.75 -34.07 -13.69
CA TRP D 481 -10.08 -34.07 -15.11
C TRP D 481 -11.51 -33.64 -15.41
N GLN D 482 -12.49 -33.94 -14.55
CA GLN D 482 -13.86 -33.45 -14.73
C GLN D 482 -13.95 -31.92 -14.69
N LEU D 483 -13.01 -31.25 -14.03
CA LEU D 483 -12.91 -29.79 -14.07
C LEU D 483 -12.13 -29.32 -15.28
N LEU D 484 -11.04 -29.99 -15.67
CA LEU D 484 -10.28 -29.57 -16.85
C LEU D 484 -11.10 -29.69 -18.15
N ARG D 485 -12.08 -30.60 -18.22
CA ARG D 485 -13.05 -30.70 -19.32
C ARG D 485 -14.01 -29.51 -19.42
N ILE D 486 -14.07 -28.58 -18.45
CA ILE D 486 -14.84 -27.34 -18.58
C ILE D 486 -14.36 -26.52 -19.78
N PHE D 487 -13.05 -26.53 -20.06
CA PHE D 487 -12.44 -25.79 -21.15
C PHE D 487 -12.32 -26.63 -22.45
N PRO D 488 -12.34 -26.00 -23.63
CA PRO D 488 -11.86 -26.64 -24.86
C PRO D 488 -10.35 -26.92 -24.77
N LYS D 489 -9.87 -27.92 -25.51
CA LYS D 489 -8.46 -28.37 -25.48
C LYS D 489 -7.45 -27.25 -25.70
N GLU D 490 -7.76 -26.27 -26.56
CA GLU D 490 -6.87 -25.16 -26.91
C GLU D 490 -6.51 -24.24 -25.74
N MET D 491 -7.28 -24.24 -24.64
CA MET D 491 -6.97 -23.42 -23.45
C MET D 491 -6.02 -24.11 -22.47
N LEU D 492 -5.82 -25.43 -22.54
CA LEU D 492 -5.07 -26.20 -21.55
C LEU D 492 -3.55 -26.16 -21.77
N LYS D 493 -2.98 -24.96 -21.88
CA LYS D 493 -1.59 -24.71 -22.33
C LYS D 493 -0.50 -25.42 -21.54
N ARG D 494 -0.69 -25.68 -20.24
CA ARG D 494 0.32 -26.37 -19.41
C ARG D 494 0.44 -27.86 -19.75
N ILE D 495 -0.51 -28.44 -20.49
CA ILE D 495 -0.59 -29.89 -20.74
C ILE D 495 -0.08 -30.21 -22.16
N PRO D 496 0.86 -31.15 -22.33
CA PRO D 496 1.33 -31.58 -23.64
C PRO D 496 0.27 -32.42 -24.37
N GLN D 497 0.31 -32.41 -25.70
CA GLN D 497 -0.69 -33.06 -26.55
C GLN D 497 -0.85 -34.56 -26.26
N SER D 498 0.19 -35.28 -25.89
CA SER D 498 0.07 -36.70 -25.53
C SER D 498 -0.82 -36.92 -24.31
N THR D 499 -0.69 -36.09 -23.27
CA THR D 499 -1.55 -36.17 -22.08
C THR D 499 -2.99 -35.77 -22.41
N LEU D 500 -3.20 -34.72 -23.21
CA LEU D 500 -4.55 -34.36 -23.67
C LEU D 500 -5.18 -35.50 -24.47
N SER D 501 -4.47 -36.03 -25.45
CA SER D 501 -4.93 -37.11 -26.33
C SER D 501 -5.32 -38.37 -25.55
N GLU D 502 -4.58 -38.73 -24.51
CA GLU D 502 -4.83 -39.95 -23.74
C GLU D 502 -5.93 -39.80 -22.67
N PHE D 503 -6.09 -38.63 -22.04
CA PHE D 503 -6.97 -38.46 -20.86
C PHE D 503 -8.15 -37.49 -21.02
N TYR D 504 -8.12 -36.55 -21.97
CA TYR D 504 -9.23 -35.62 -22.19
C TYR D 504 -10.52 -36.27 -22.77
N PRO D 505 -10.46 -37.24 -23.72
CA PRO D 505 -11.68 -37.74 -24.39
C PRO D 505 -12.63 -38.59 -23.54
N ARG D 506 -12.19 -39.01 -22.35
CA ARG D 506 -12.80 -40.09 -21.55
C ARG D 506 -14.25 -39.81 -21.15
N ASN E 38 57.73 26.53 13.26
CA ASN E 38 56.71 26.07 12.29
C ASN E 38 56.55 24.55 12.31
N TYR E 39 57.52 23.79 11.81
CA TYR E 39 57.43 22.32 11.68
C TYR E 39 57.38 21.59 13.02
N LEU E 40 56.73 20.42 13.06
CA LEU E 40 56.39 19.69 14.29
C LEU E 40 57.61 19.21 15.10
N SER E 41 58.72 18.94 14.42
CA SER E 41 60.10 18.78 14.93
C SER E 41 60.41 17.65 15.93
N GLN E 42 59.55 17.33 16.90
CA GLN E 42 59.82 16.37 17.98
C GLN E 42 59.47 14.91 17.61
N PRO E 43 60.13 13.90 18.20
CA PRO E 43 60.07 12.50 17.76
C PRO E 43 58.79 11.76 18.15
N ARG E 44 58.34 10.84 17.29
CA ARG E 44 57.11 10.06 17.47
C ARG E 44 57.26 8.97 18.52
N LEU E 45 56.27 8.81 19.40
CA LEU E 45 56.19 7.70 20.34
C LEU E 45 55.68 6.43 19.67
N THR E 46 56.21 5.28 20.08
CA THR E 46 55.71 3.96 19.70
C THR E 46 55.30 3.18 20.94
N TYR E 47 54.18 2.46 20.88
CA TYR E 47 53.57 1.77 22.00
C TYR E 47 53.34 0.28 21.71
N LYS E 48 53.55 -0.60 22.68
CA LYS E 48 53.06 -2.00 22.72
C LYS E 48 51.91 -2.20 23.72
N THR E 49 51.26 -1.13 24.15
CA THR E 49 50.26 -1.12 25.21
C THR E 49 48.84 -1.42 24.73
N VAL E 50 48.66 -2.32 23.77
CA VAL E 50 47.32 -2.75 23.31
C VAL E 50 46.59 -3.43 24.46
N SER E 51 45.45 -2.89 24.89
CA SER E 51 44.59 -3.45 25.94
C SER E 51 43.52 -4.38 25.41
N GLY E 52 43.05 -4.20 24.18
CA GLY E 52 41.95 -4.99 23.63
C GLY E 52 41.73 -4.76 22.16
N VAL E 53 41.13 -5.73 21.49
CA VAL E 53 40.84 -5.72 20.06
C VAL E 53 39.44 -6.24 19.86
N ASN E 54 38.62 -5.51 19.12
CA ASN E 54 37.18 -5.69 19.18
C ASN E 54 36.54 -5.25 17.85
N GLY E 55 36.29 -6.19 16.94
CA GLY E 55 35.84 -5.84 15.59
C GLY E 55 36.88 -5.00 14.86
N PRO E 56 36.55 -3.83 14.28
CA PRO E 56 37.51 -2.97 13.59
C PRO E 56 38.40 -2.11 14.50
N LEU E 57 38.22 -2.17 15.83
CA LEU E 57 38.86 -1.28 16.79
C LEU E 57 40.01 -1.95 17.55
N VAL E 58 41.12 -1.22 17.69
CA VAL E 58 42.21 -1.53 18.61
C VAL E 58 42.23 -0.49 19.70
N ILE E 59 42.29 -0.92 20.95
CA ILE E 59 42.33 -0.05 22.13
C ILE E 59 43.73 -0.10 22.71
N LEU E 60 44.32 1.06 22.97
CA LEU E 60 45.61 1.21 23.62
C LEU E 60 45.46 2.02 24.89
N ASP E 61 46.35 1.81 25.85
CA ASP E 61 46.36 2.50 27.14
C ASP E 61 47.77 3.03 27.46
N HIS E 62 47.92 3.87 28.48
CA HIS E 62 49.14 4.58 28.82
C HIS E 62 49.62 5.54 27.73
N VAL E 63 48.73 5.96 26.82
CA VAL E 63 49.04 6.88 25.72
C VAL E 63 49.24 8.29 26.27
N LYS E 64 50.29 8.99 25.84
CA LYS E 64 50.71 10.30 26.35
C LYS E 64 49.97 11.45 25.65
N PHE E 65 49.02 12.07 26.33
CA PHE E 65 48.14 13.13 25.81
C PHE E 65 47.51 12.80 24.44
N PRO E 66 46.63 11.80 24.33
CA PRO E 66 46.01 11.43 23.06
C PRO E 66 45.39 12.61 22.32
N ARG E 67 45.50 12.62 20.99
CA ARG E 67 44.88 13.62 20.11
C ARG E 67 43.74 12.98 19.32
N TYR E 68 42.56 13.56 19.38
CA TYR E 68 41.41 13.04 18.67
C TYR E 68 41.60 13.17 17.15
N ALA E 69 41.17 12.16 16.37
CA ALA E 69 41.35 12.06 14.92
C ALA E 69 42.80 11.98 14.42
N GLU E 70 43.79 11.84 15.30
CA GLU E 70 45.19 11.59 14.97
C GLU E 70 45.36 10.30 14.16
N ILE E 71 46.29 10.30 13.21
CA ILE E 71 46.66 9.12 12.43
C ILE E 71 47.76 8.34 13.13
N VAL E 72 47.66 7.01 13.12
CA VAL E 72 48.62 6.10 13.75
C VAL E 72 48.98 4.96 12.82
N HIS E 73 50.21 4.45 12.90
CA HIS E 73 50.68 3.33 12.08
C HIS E 73 50.93 2.10 12.93
N LEU E 74 50.35 0.96 12.59
CA LEU E 74 50.50 -0.29 13.30
C LEU E 74 51.49 -1.20 12.57
N THR E 75 52.35 -1.90 13.31
CA THR E 75 53.15 -3.01 12.78
C THR E 75 52.73 -4.29 13.46
N LEU E 76 52.32 -5.29 12.68
CA LEU E 76 51.83 -6.57 13.16
C LEU E 76 52.97 -7.51 13.54
N PRO E 77 52.70 -8.63 14.22
CA PRO E 77 53.73 -9.54 14.71
C PRO E 77 54.61 -10.12 13.59
N ASP E 78 54.05 -10.29 12.40
CA ASP E 78 54.75 -10.79 11.20
C ASP E 78 55.46 -9.69 10.38
N GLY E 79 55.49 -8.45 10.88
CA GLY E 79 56.09 -7.30 10.20
C GLY E 79 55.19 -6.62 9.16
N THR E 80 53.96 -7.08 8.93
CA THR E 80 53.00 -6.36 8.08
C THR E 80 52.69 -4.98 8.67
N LYS E 81 52.57 -3.94 7.85
CA LYS E 81 52.20 -2.59 8.32
C LYS E 81 50.78 -2.23 7.93
N ARG E 82 50.05 -1.61 8.86
CA ARG E 82 48.66 -1.14 8.75
C ARG E 82 48.55 0.27 9.30
N SER E 83 47.40 0.89 9.11
CA SER E 83 47.18 2.29 9.46
C SER E 83 45.85 2.43 10.17
N GLY E 84 45.69 3.48 10.95
CA GLY E 84 44.43 3.72 11.64
C GLY E 84 44.27 5.17 12.02
N GLN E 85 43.08 5.49 12.51
CA GLN E 85 42.75 6.82 13.01
C GLN E 85 42.16 6.71 14.40
N VAL E 86 42.59 7.57 15.32
CA VAL E 86 42.06 7.63 16.67
C VAL E 86 40.59 8.05 16.63
N LEU E 87 39.70 7.10 16.87
CA LEU E 87 38.26 7.23 16.82
C LEU E 87 37.68 7.88 18.07
N GLU E 88 38.35 7.74 19.21
CA GLU E 88 37.96 8.33 20.48
C GLU E 88 39.16 8.32 21.45
N VAL E 89 39.14 9.20 22.44
CA VAL E 89 40.14 9.29 23.51
C VAL E 89 39.48 9.51 24.85
N SER E 90 40.09 9.03 25.93
CA SER E 90 39.64 9.29 27.30
C SER E 90 40.75 8.99 28.30
N GLY E 91 41.26 9.99 29.01
CA GLY E 91 42.39 9.84 29.91
C GLY E 91 43.63 9.31 29.20
N SER E 92 44.19 8.20 29.67
CA SER E 92 45.33 7.51 29.03
C SER E 92 44.94 6.56 27.89
N LYS E 93 43.65 6.35 27.59
CA LYS E 93 43.21 5.44 26.53
C LYS E 93 42.94 6.15 25.22
N ALA E 94 43.35 5.52 24.13
CA ALA E 94 42.99 5.88 22.78
C ALA E 94 42.43 4.65 22.08
N VAL E 95 41.35 4.80 21.34
CA VAL E 95 40.81 3.73 20.51
C VAL E 95 40.97 4.11 19.07
N VAL E 96 41.54 3.19 18.30
CA VAL E 96 41.94 3.37 16.92
C VAL E 96 41.03 2.52 16.06
N GLN E 97 40.36 3.09 15.07
CA GLN E 97 39.85 2.27 13.98
C GLN E 97 40.98 2.01 13.00
N VAL E 98 41.38 0.75 12.82
CA VAL E 98 42.35 0.34 11.80
C VAL E 98 41.67 0.40 10.42
N PHE E 99 42.31 0.96 9.40
CA PHE E 99 41.71 1.05 8.06
C PHE E 99 41.62 -0.34 7.44
N GLU E 100 42.74 -1.03 7.33
CA GLU E 100 42.75 -2.47 7.04
C GLU E 100 42.04 -3.26 8.17
N GLY E 101 41.90 -4.58 8.06
CA GLY E 101 41.29 -5.37 9.13
C GLY E 101 42.10 -5.40 10.43
N THR E 102 41.49 -5.80 11.54
CA THR E 102 42.21 -6.13 12.79
C THR E 102 42.70 -7.58 12.87
N SER E 103 42.47 -8.42 11.86
CA SER E 103 42.91 -9.82 11.87
C SER E 103 44.43 -9.98 12.04
N GLY E 104 44.87 -11.00 12.76
CA GLY E 104 46.29 -11.23 13.03
C GLY E 104 46.94 -10.30 14.05
N ILE E 105 46.27 -9.23 14.49
CA ILE E 105 46.71 -8.41 15.62
C ILE E 105 46.61 -9.21 16.91
N ASP E 106 47.59 -9.06 17.79
CA ASP E 106 47.63 -9.64 19.13
C ASP E 106 47.79 -8.55 20.20
N ALA E 107 47.83 -8.92 21.47
CA ALA E 107 48.15 -7.98 22.55
C ALA E 107 49.67 -7.82 22.78
N LYS E 108 50.45 -8.91 22.73
CA LYS E 108 51.88 -8.91 23.10
C LYS E 108 52.77 -8.21 22.09
N LYS E 109 52.79 -8.64 20.82
CA LYS E 109 53.84 -8.29 19.84
C LYS E 109 53.51 -7.11 18.95
N THR E 110 52.24 -6.88 18.63
CA THR E 110 51.80 -5.77 17.78
C THR E 110 52.17 -4.43 18.41
N SER E 111 52.67 -3.48 17.63
CA SER E 111 53.06 -2.14 18.11
C SER E 111 52.48 -1.04 17.23
N CYS E 112 52.32 0.17 17.78
CA CYS E 112 51.64 1.29 17.15
C CYS E 112 52.41 2.60 17.34
N GLU E 113 52.60 3.37 16.28
CA GLU E 113 53.29 4.66 16.27
C GLU E 113 52.32 5.79 15.98
N PHE E 114 52.21 6.75 16.89
CA PHE E 114 51.27 7.86 16.74
C PHE E 114 51.98 9.01 16.01
N THR E 115 51.46 9.43 14.87
CA THR E 115 52.19 10.35 13.97
C THR E 115 52.32 11.79 14.48
N GLY E 116 51.59 12.18 15.52
CA GLY E 116 51.62 13.53 16.09
C GLY E 116 50.58 14.47 15.51
N ASP E 117 49.84 14.08 14.46
CA ASP E 117 48.97 15.00 13.71
C ASP E 117 47.75 14.31 13.08
N ILE E 118 46.73 15.10 12.76
CA ILE E 118 45.53 14.67 12.04
C ILE E 118 45.84 14.41 10.56
N LEU E 119 44.88 13.86 9.82
CA LEU E 119 45.05 13.62 8.38
C LEU E 119 45.05 14.93 7.58
N ARG E 120 46.13 15.16 6.85
CA ARG E 120 46.30 16.23 5.86
C ARG E 120 46.64 15.64 4.50
N THR E 121 46.27 16.30 3.43
CA THR E 121 46.62 15.89 2.07
C THR E 121 47.69 16.80 1.48
N PRO E 122 48.72 16.28 0.80
CA PRO E 122 49.49 17.08 -0.14
C PRO E 122 48.62 17.48 -1.31
N VAL E 123 48.77 18.69 -1.82
CA VAL E 123 47.96 19.22 -2.92
C VAL E 123 48.84 20.01 -3.89
N SER E 124 48.52 19.99 -5.18
CA SER E 124 49.21 20.77 -6.21
C SER E 124 48.39 20.84 -7.49
N GLU E 125 48.77 21.72 -8.41
CA GLU E 125 48.24 21.74 -9.77
C GLU E 125 48.69 20.51 -10.60
N ASP E 126 49.77 19.83 -10.20
CA ASP E 126 50.26 18.60 -10.85
C ASP E 126 49.40 17.36 -10.61
N MET E 127 48.32 17.44 -9.80
CA MET E 127 47.36 16.36 -9.63
C MET E 127 46.43 16.16 -10.84
N LEU E 128 46.34 17.12 -11.75
CA LEU E 128 45.58 16.95 -13.00
C LEU E 128 46.32 15.99 -13.95
N GLY E 129 45.63 15.00 -14.50
CA GLY E 129 46.23 13.94 -15.31
C GLY E 129 46.70 12.72 -14.52
N ARG E 130 46.36 12.63 -13.23
CA ARG E 130 46.77 11.58 -12.29
C ARG E 130 45.60 10.73 -11.79
N VAL E 131 45.84 9.49 -11.40
CA VAL E 131 44.85 8.57 -10.80
C VAL E 131 45.28 8.15 -9.41
N PHE E 132 44.39 8.29 -8.43
CA PHE E 132 44.65 8.02 -7.02
C PHE E 132 43.64 7.04 -6.45
N ASN E 133 44.01 6.34 -5.38
CA ASN E 133 43.05 5.59 -4.58
C ASN E 133 42.29 6.49 -3.58
N GLY E 134 41.38 5.92 -2.80
CA GLY E 134 40.56 6.68 -1.84
C GLY E 134 41.29 7.25 -0.62
N SER E 135 42.59 7.04 -0.50
CA SER E 135 43.47 7.58 0.55
C SER E 135 44.63 8.40 -0.05
N GLY E 136 44.58 8.73 -1.34
CA GLY E 136 45.49 9.67 -1.98
C GLY E 136 46.81 9.08 -2.46
N LYS E 137 47.02 7.76 -2.38
CA LYS E 137 48.18 7.08 -2.96
C LYS E 137 48.00 7.00 -4.50
N PRO E 138 49.04 7.22 -5.31
CA PRO E 138 48.94 7.06 -6.75
C PRO E 138 48.69 5.62 -7.17
N ILE E 139 47.89 5.42 -8.22
CA ILE E 139 47.64 4.11 -8.85
C ILE E 139 47.76 4.17 -10.38
N ASP E 140 48.60 5.07 -10.89
CA ASP E 140 48.83 5.36 -12.32
C ASP E 140 50.27 5.10 -12.79
N ARG E 141 51.12 4.48 -11.97
CA ARG E 141 52.57 4.29 -12.22
C ARG E 141 53.37 5.59 -12.35
N GLY E 142 52.83 6.74 -11.96
CA GLY E 142 53.59 7.97 -11.75
C GLY E 142 54.15 8.08 -10.33
N PRO E 143 55.01 9.06 -10.05
CA PRO E 143 55.55 9.31 -8.72
C PRO E 143 54.52 9.92 -7.76
N VAL E 144 54.82 9.89 -6.46
CA VAL E 144 54.04 10.57 -5.43
C VAL E 144 54.07 12.10 -5.60
N VAL E 145 53.02 12.79 -5.16
CA VAL E 145 52.85 14.24 -5.33
C VAL E 145 53.89 15.02 -4.50
N LEU E 146 54.63 15.94 -5.11
CA LEU E 146 55.29 17.02 -4.36
C LEU E 146 54.24 18.05 -3.99
N ALA E 147 54.06 18.33 -2.70
CA ALA E 147 53.10 19.31 -2.25
C ALA E 147 53.47 20.72 -2.72
N GLU E 148 52.50 21.48 -3.24
CA GLU E 148 52.54 22.95 -3.19
C GLU E 148 52.06 23.45 -1.83
N ASP E 149 51.20 22.70 -1.15
CA ASP E 149 50.78 22.92 0.24
C ASP E 149 50.28 21.63 0.89
N PHE E 150 50.17 21.62 2.22
CA PHE E 150 49.46 20.58 2.97
C PHE E 150 48.17 21.14 3.57
N LEU E 151 47.04 20.47 3.37
CA LEU E 151 45.73 20.94 3.81
C LEU E 151 45.01 19.90 4.66
N ASP E 152 44.33 20.33 5.73
CA ASP E 152 43.39 19.49 6.48
C ASP E 152 42.19 19.18 5.59
N ILE E 153 41.91 17.90 5.35
CA ILE E 153 40.86 17.49 4.41
C ILE E 153 39.45 17.93 4.85
N MET E 154 39.24 18.17 6.14
CA MET E 154 37.95 18.64 6.66
C MET E 154 37.64 20.08 6.24
N GLY E 155 38.67 20.86 5.89
CA GLY E 155 38.54 22.23 5.42
C GLY E 155 37.89 23.16 6.44
N GLN E 156 37.29 24.24 5.95
CA GLN E 156 36.54 25.25 6.71
C GLN E 156 35.34 25.70 5.88
N PRO E 157 34.20 26.08 6.48
CA PRO E 157 33.04 26.53 5.72
C PRO E 157 33.29 27.87 5.05
N ILE E 158 32.86 28.02 3.78
CA ILE E 158 32.88 29.30 3.06
C ILE E 158 31.97 30.29 3.76
N ASN E 159 32.41 31.52 3.94
CA ASN E 159 31.65 32.58 4.60
C ASN E 159 30.46 32.99 3.74
N PRO E 160 29.20 33.00 4.23
CA PRO E 160 28.04 33.46 3.48
C PRO E 160 28.20 34.87 2.88
N GLN E 161 28.97 35.76 3.52
CA GLN E 161 29.24 37.09 2.97
C GLN E 161 30.10 37.05 1.71
N CYS E 162 31.00 36.07 1.57
CA CYS E 162 31.91 35.96 0.42
C CYS E 162 31.27 35.29 -0.79
N ARG E 163 30.37 34.32 -0.61
CA ARG E 163 29.80 33.55 -1.72
C ARG E 163 28.90 34.43 -2.57
N ILE E 164 29.06 34.43 -3.88
CA ILE E 164 28.31 35.26 -4.83
C ILE E 164 27.46 34.40 -5.77
N TYR E 165 26.34 34.93 -6.24
CA TYR E 165 25.32 34.13 -6.92
C TYR E 165 25.88 33.50 -8.22
N PRO E 166 25.53 32.24 -8.55
CA PRO E 166 25.96 31.56 -9.77
C PRO E 166 25.63 32.33 -11.05
N GLU E 167 26.35 32.02 -12.13
CA GLU E 167 26.19 32.74 -13.38
C GLU E 167 26.28 31.81 -14.60
N GLU E 168 27.21 32.03 -15.53
CA GLU E 168 27.15 31.44 -16.87
C GLU E 168 27.16 29.91 -16.89
N MET E 169 26.76 29.31 -18.01
CA MET E 169 26.58 27.88 -18.13
C MET E 169 27.88 27.05 -18.07
N ILE E 170 27.80 25.82 -17.53
CA ILE E 170 28.69 24.67 -17.76
C ILE E 170 28.09 23.84 -18.88
N GLN E 171 28.74 23.74 -20.03
CA GLN E 171 28.26 22.96 -21.16
C GLN E 171 28.59 21.49 -20.95
N THR E 172 27.62 20.63 -20.63
CA THR E 172 27.91 19.21 -20.40
C THR E 172 28.00 18.42 -21.70
N GLY E 173 27.49 18.94 -22.80
CA GLY E 173 27.48 18.26 -24.10
C GLY E 173 26.31 17.31 -24.31
N ILE E 174 25.39 17.18 -23.34
CA ILE E 174 24.21 16.30 -23.39
C ILE E 174 22.95 17.16 -23.57
N SER E 175 22.20 17.00 -24.66
CA SER E 175 21.09 17.92 -24.97
C SER E 175 19.95 17.91 -23.97
N ALA E 176 19.65 16.80 -23.31
CA ALA E 176 18.61 16.76 -22.28
C ALA E 176 18.98 17.54 -21.00
N ILE E 177 20.26 17.81 -20.77
CA ILE E 177 20.75 18.63 -19.65
C ILE E 177 21.00 20.06 -20.13
N ASP E 178 21.79 20.27 -21.18
CA ASP E 178 22.12 21.61 -21.66
C ASP E 178 20.92 22.36 -22.24
N GLY E 179 20.00 21.67 -22.90
CA GLY E 179 18.81 22.28 -23.49
C GLY E 179 17.75 22.67 -22.46
N MET E 180 17.40 21.75 -21.55
CA MET E 180 16.20 21.88 -20.70
C MET E 180 16.45 21.82 -19.18
N ASN E 181 17.67 21.58 -18.72
CA ASN E 181 18.04 21.51 -17.30
C ASN E 181 19.41 22.17 -17.05
N SER E 182 19.65 23.29 -17.72
CA SER E 182 20.96 23.91 -17.85
C SER E 182 21.64 24.19 -16.50
N ILE E 183 22.97 24.01 -16.42
CA ILE E 183 23.74 24.05 -15.17
C ILE E 183 24.56 25.33 -15.11
N ALA E 184 24.37 26.14 -14.07
CA ALA E 184 25.11 27.38 -13.83
C ALA E 184 26.47 27.13 -13.18
N ARG E 185 27.49 27.93 -13.47
CA ARG E 185 28.78 27.89 -12.76
C ARG E 185 28.59 28.24 -11.29
N GLY E 186 28.84 27.29 -10.41
CA GLY E 186 28.65 27.43 -8.97
C GLY E 186 27.36 26.79 -8.43
N GLN E 187 26.49 26.26 -9.28
CA GLN E 187 25.37 25.44 -8.86
C GLN E 187 25.85 24.10 -8.30
N LYS E 188 25.03 23.46 -7.47
CA LYS E 188 25.16 22.05 -7.13
C LYS E 188 23.86 21.33 -7.42
N ILE E 189 23.88 20.29 -8.25
CA ILE E 189 22.69 19.69 -8.85
C ILE E 189 22.85 18.17 -9.00
N PRO E 190 22.13 17.34 -8.23
CA PRO E 190 22.31 15.91 -8.26
C PRO E 190 21.70 15.23 -9.48
N ILE E 191 22.22 14.05 -9.82
CA ILE E 191 21.55 13.10 -10.71
C ILE E 191 20.97 11.99 -9.84
N PHE E 192 19.67 11.74 -9.97
CA PHE E 192 18.99 10.66 -9.27
C PHE E 192 18.81 9.49 -10.22
N SER E 193 19.29 8.33 -9.81
CA SER E 193 19.26 7.07 -10.56
C SER E 193 18.83 5.91 -9.67
N ALA E 194 18.95 4.67 -10.15
CA ALA E 194 18.56 3.45 -9.45
C ALA E 194 19.37 2.24 -9.94
N ALA E 195 19.29 1.12 -9.25
CA ALA E 195 20.04 -0.09 -9.59
C ALA E 195 19.80 -0.54 -11.05
N GLY E 196 20.89 -0.79 -11.76
CA GLY E 196 20.91 -1.26 -13.15
C GLY E 196 20.85 -0.17 -14.24
N LEU E 197 20.48 1.06 -13.91
CA LEU E 197 20.43 2.18 -14.85
C LEU E 197 21.84 2.69 -15.23
N PRO E 198 22.04 3.41 -16.35
CA PRO E 198 23.36 3.73 -16.89
C PRO E 198 23.98 5.02 -16.32
N HIS E 199 23.84 5.30 -15.02
CA HIS E 199 24.36 6.55 -14.45
C HIS E 199 25.88 6.63 -14.46
N ASN E 200 26.62 5.53 -14.44
CA ASN E 200 28.07 5.56 -14.56
C ASN E 200 28.52 5.90 -15.99
N GLU E 201 27.79 5.47 -17.01
CA GLU E 201 28.04 5.85 -18.39
C GLU E 201 27.73 7.33 -18.62
N ILE E 202 26.64 7.86 -18.08
CA ILE E 202 26.35 9.30 -18.14
C ILE E 202 27.43 10.09 -17.39
N ALA E 203 27.83 9.68 -16.19
CA ALA E 203 28.90 10.34 -15.45
C ALA E 203 30.20 10.39 -16.24
N ALA E 204 30.59 9.27 -16.84
CA ALA E 204 31.77 9.21 -17.69
C ALA E 204 31.62 10.07 -18.95
N GLN E 205 30.43 10.14 -19.54
CA GLN E 205 30.18 11.02 -20.69
C GLN E 205 30.27 12.49 -20.32
N ILE E 206 29.69 12.92 -19.21
CA ILE E 206 29.83 14.30 -18.72
C ILE E 206 31.29 14.61 -18.46
N CYS E 207 32.03 13.72 -17.81
CA CYS E 207 33.45 13.87 -17.58
C CYS E 207 34.27 14.00 -18.87
N ARG E 208 33.96 13.22 -19.92
CA ARG E 208 34.63 13.31 -21.23
C ARG E 208 34.29 14.56 -22.05
N GLN E 209 33.14 15.19 -21.80
CA GLN E 209 32.59 16.21 -22.69
C GLN E 209 32.45 17.61 -22.08
N ALA E 210 32.39 17.75 -20.75
CA ALA E 210 32.09 19.03 -20.11
C ALA E 210 33.14 20.12 -20.34
N GLY E 211 32.69 21.36 -20.44
CA GLY E 211 33.55 22.54 -20.59
C GLY E 211 32.78 23.85 -20.48
N LEU E 212 33.44 24.96 -20.78
CA LEU E 212 32.83 26.29 -20.91
C LEU E 212 32.29 26.48 -22.35
N VAL E 213 31.29 27.35 -22.58
CA VAL E 213 30.48 27.27 -23.81
C VAL E 213 31.16 27.70 -25.12
N LYS E 214 32.33 28.34 -25.09
CA LYS E 214 33.05 28.79 -26.31
C LYS E 214 32.18 29.68 -27.21
N LYS E 215 31.59 30.70 -26.57
CA LYS E 215 30.90 31.82 -27.22
C LYS E 215 31.88 32.74 -27.97
N SER E 216 31.37 33.49 -28.94
CA SER E 216 32.13 34.41 -29.81
C SER E 216 33.37 33.77 -30.43
N GLU E 224 39.42 24.02 -24.08
CA GLU E 224 39.41 24.44 -22.68
C GLU E 224 40.68 25.23 -22.35
N GLU E 225 40.66 26.04 -21.29
CA GLU E 225 41.84 26.79 -20.82
C GLU E 225 41.92 26.83 -19.29
N ASN E 226 40.97 27.50 -18.63
CA ASN E 226 40.85 27.57 -17.17
C ASN E 226 39.72 26.65 -16.67
N PHE E 227 39.74 25.38 -17.05
CA PHE E 227 38.78 24.37 -16.63
C PHE E 227 39.48 23.16 -16.01
N ALA E 228 38.86 22.50 -15.04
CA ALA E 228 39.33 21.25 -14.48
C ALA E 228 38.16 20.35 -14.04
N ILE E 229 38.36 19.05 -14.00
CA ILE E 229 37.38 18.09 -13.51
C ILE E 229 37.99 17.29 -12.37
N VAL E 230 37.32 17.20 -11.24
CA VAL E 230 37.70 16.29 -10.17
C VAL E 230 36.64 15.22 -10.09
N PHE E 231 37.04 13.98 -10.36
CA PHE E 231 36.13 12.86 -10.39
C PHE E 231 36.41 11.96 -9.21
N ALA E 232 35.43 11.78 -8.34
CA ALA E 232 35.55 10.94 -7.16
C ALA E 232 34.48 9.86 -7.20
N ALA E 233 34.88 8.61 -7.01
CA ALA E 233 33.96 7.49 -7.12
C ALA E 233 34.07 6.57 -5.92
N MET E 234 32.96 6.31 -5.24
CA MET E 234 32.89 5.59 -3.95
C MET E 234 32.25 4.21 -4.11
N GLY E 235 32.85 3.17 -3.52
CA GLY E 235 32.25 1.84 -3.50
C GLY E 235 32.09 1.20 -4.88
N VAL E 236 32.95 1.55 -5.82
CA VAL E 236 32.90 1.15 -7.23
C VAL E 236 33.28 -0.31 -7.41
N ASN E 237 32.51 -1.16 -8.10
CA ASN E 237 32.99 -2.52 -8.37
C ASN E 237 34.16 -2.50 -9.37
N MET E 238 35.03 -3.50 -9.36
CA MET E 238 36.24 -3.49 -10.20
C MET E 238 35.94 -3.29 -11.69
N GLU E 239 34.86 -3.86 -12.21
CA GLU E 239 34.47 -3.67 -13.62
C GLU E 239 34.14 -2.22 -13.95
N THR E 240 33.54 -1.48 -13.03
CA THR E 240 33.23 -0.06 -13.19
C THR E 240 34.47 0.79 -12.97
N ALA E 241 35.33 0.45 -12.02
CA ALA E 241 36.57 1.18 -11.77
C ALA E 241 37.51 1.11 -12.98
N ARG E 242 37.59 -0.07 -13.62
CA ARG E 242 38.34 -0.26 -14.87
C ARG E 242 37.73 0.48 -16.05
N PHE E 243 36.40 0.55 -16.14
CA PHE E 243 35.70 1.34 -17.14
C PHE E 243 36.08 2.81 -17.08
N PHE E 244 36.00 3.48 -15.91
CA PHE E 244 36.43 4.88 -15.79
C PHE E 244 37.89 5.07 -16.18
N LYS E 245 38.83 4.31 -15.58
CA LYS E 245 40.26 4.51 -15.85
C LYS E 245 40.59 4.28 -17.32
N SER E 246 40.03 3.25 -17.94
CA SER E 246 40.23 2.95 -19.34
C SER E 246 39.62 4.02 -20.25
N ASP E 247 38.35 4.39 -20.05
CA ASP E 247 37.66 5.31 -20.94
C ASP E 247 38.25 6.74 -20.93
N PHE E 248 38.79 7.22 -19.80
CA PHE E 248 39.41 8.54 -19.74
C PHE E 248 40.80 8.60 -20.38
N GLU E 249 41.57 7.51 -20.39
CA GLU E 249 42.82 7.42 -21.15
C GLU E 249 42.56 7.20 -22.64
N GLU E 250 41.67 6.28 -22.97
CA GLU E 250 41.38 5.89 -24.36
C GLU E 250 40.85 7.06 -25.17
N ASN E 251 39.96 7.86 -24.57
CA ASN E 251 39.39 9.07 -25.19
C ASN E 251 40.14 10.34 -24.79
N GLY E 252 41.44 10.24 -24.48
CA GLY E 252 42.39 11.36 -24.45
C GLY E 252 42.27 12.38 -23.34
N SER E 253 41.12 12.48 -22.67
CA SER E 253 40.75 13.65 -21.88
C SER E 253 41.45 13.79 -20.52
N MET E 254 42.39 12.91 -20.14
CA MET E 254 42.97 12.90 -18.80
C MET E 254 43.63 14.21 -18.39
N ASP E 255 44.16 15.04 -19.29
CA ASP E 255 44.90 16.24 -18.87
C ASP E 255 44.07 17.29 -18.10
N ASN E 256 42.74 17.25 -18.17
CA ASN E 256 41.82 18.06 -17.38
C ASN E 256 41.40 17.39 -16.07
N VAL E 257 41.64 16.10 -15.88
CA VAL E 257 40.94 15.27 -14.91
C VAL E 257 41.86 14.86 -13.78
N CYS E 258 41.43 15.06 -12.55
CA CYS E 258 41.99 14.37 -11.39
C CYS E 258 41.01 13.29 -10.97
N LEU E 259 41.45 12.04 -10.82
CA LEU E 259 40.58 10.89 -10.57
C LEU E 259 40.92 10.20 -9.26
N PHE E 260 39.93 10.06 -8.37
CA PHE E 260 40.03 9.28 -7.13
C PHE E 260 39.12 8.05 -7.23
N LEU E 261 39.68 6.85 -7.10
CA LEU E 261 38.94 5.59 -7.12
C LEU E 261 38.91 4.91 -5.75
N ASN E 262 37.72 4.64 -5.23
CA ASN E 262 37.52 3.77 -4.09
C ASN E 262 36.68 2.56 -4.51
N LEU E 263 37.25 1.36 -4.44
CA LEU E 263 36.61 0.13 -4.86
C LEU E 263 35.68 -0.44 -3.78
N ALA E 264 34.73 -1.30 -4.17
CA ALA E 264 33.73 -1.89 -3.29
C ALA E 264 34.33 -2.73 -2.14
N ASN E 265 35.57 -3.20 -2.29
CA ASN E 265 36.31 -3.97 -1.28
C ASN E 265 37.58 -3.25 -0.78
N ASP E 266 37.74 -1.95 -1.02
CA ASP E 266 38.67 -1.11 -0.27
C ASP E 266 38.16 -0.85 1.16
N PRO E 267 39.01 -0.44 2.13
CA PRO E 267 38.57 -0.04 3.45
C PRO E 267 37.49 1.03 3.43
N THR E 268 36.44 0.91 4.25
CA THR E 268 35.33 1.87 4.23
C THR E 268 35.68 3.25 4.80
N ILE E 269 36.72 3.42 5.62
CA ILE E 269 37.18 4.78 5.98
C ILE E 269 37.79 5.50 4.77
N GLU E 270 38.41 4.82 3.81
CA GLU E 270 38.84 5.51 2.58
C GLU E 270 37.64 6.10 1.82
N ARG E 271 36.46 5.49 1.95
CA ARG E 271 35.24 6.04 1.36
C ARG E 271 34.76 7.31 2.06
N ILE E 272 34.98 7.43 3.36
CA ILE E 272 34.72 8.68 4.09
C ILE E 272 35.73 9.76 3.70
N ILE E 273 36.98 9.39 3.50
CA ILE E 273 38.06 10.31 3.14
C ILE E 273 37.91 10.79 1.69
N THR E 274 37.43 9.96 0.77
CA THR E 274 37.44 10.24 -0.68
C THR E 274 36.75 11.55 -1.08
N PRO E 275 35.51 11.88 -0.67
CA PRO E 275 34.90 13.17 -0.98
C PRO E 275 35.69 14.35 -0.46
N ARG E 276 36.40 14.18 0.65
CA ARG E 276 37.13 15.23 1.34
C ARG E 276 38.48 15.49 0.70
N LEU E 277 39.16 14.47 0.19
CA LEU E 277 40.32 14.64 -0.69
C LEU E 277 39.92 15.31 -2.01
N ALA E 278 38.82 14.89 -2.61
CA ALA E 278 38.32 15.45 -3.84
C ALA E 278 37.97 16.93 -3.68
N LEU E 279 37.15 17.29 -2.70
CA LEU E 279 36.77 18.68 -2.49
C LEU E 279 37.91 19.53 -1.97
N THR E 280 38.86 18.98 -1.20
CA THR E 280 40.07 19.73 -0.84
C THR E 280 40.93 20.04 -2.05
N THR E 281 40.96 19.17 -3.06
CA THR E 281 41.63 19.43 -4.33
C THR E 281 40.86 20.43 -5.19
N ALA E 282 39.53 20.35 -5.24
CA ALA E 282 38.71 21.31 -5.95
C ALA E 282 38.81 22.72 -5.35
N GLU E 283 38.88 22.86 -4.04
CA GLU E 283 39.05 24.15 -3.38
C GLU E 283 40.41 24.78 -3.64
N PHE E 284 41.48 24.01 -3.68
CA PHE E 284 42.78 24.53 -4.09
C PHE E 284 42.75 24.99 -5.55
N LEU E 285 42.28 24.15 -6.47
CA LEU E 285 42.26 24.48 -7.89
C LEU E 285 41.35 25.66 -8.21
N ALA E 286 40.18 25.76 -7.61
CA ALA E 286 39.27 26.85 -7.86
C ALA E 286 39.65 28.15 -7.14
N TYR E 287 39.88 28.13 -5.84
CA TYR E 287 40.05 29.34 -5.06
C TYR E 287 41.51 29.77 -4.86
N GLN E 288 42.50 29.04 -5.38
CA GLN E 288 43.89 29.47 -5.42
C GLN E 288 44.44 29.50 -6.84
N CYS E 289 44.32 28.42 -7.60
CA CYS E 289 44.77 28.38 -9.00
C CYS E 289 43.76 28.95 -10.02
N GLU E 290 42.66 29.55 -9.58
CA GLU E 290 41.69 30.28 -10.39
C GLU E 290 41.00 29.50 -11.53
N LYS E 291 40.89 28.18 -11.43
CA LYS E 291 40.18 27.37 -12.43
C LYS E 291 38.67 27.33 -12.17
N HIS E 292 37.87 27.05 -13.19
CA HIS E 292 36.49 26.61 -13.01
C HIS E 292 36.50 25.09 -12.88
N VAL E 293 36.07 24.54 -11.75
CA VAL E 293 36.15 23.11 -11.45
C VAL E 293 34.76 22.50 -11.53
N LEU E 294 34.63 21.34 -12.18
CA LEU E 294 33.46 20.50 -12.08
C LEU E 294 33.81 19.28 -11.24
N VAL E 295 33.07 19.04 -10.16
CA VAL E 295 33.28 17.91 -9.29
C VAL E 295 32.15 16.93 -9.48
N ILE E 296 32.47 15.68 -9.81
CA ILE E 296 31.50 14.60 -9.94
C ILE E 296 31.76 13.61 -8.81
N LEU E 297 30.74 13.35 -8.00
CA LEU E 297 30.80 12.48 -6.82
C LEU E 297 29.92 11.27 -7.10
N THR E 298 30.51 10.07 -7.19
CA THR E 298 29.79 8.96 -7.81
C THR E 298 29.30 7.99 -6.76
N ASP E 299 27.97 7.89 -6.72
CA ASP E 299 27.17 7.15 -5.76
C ASP E 299 27.34 7.61 -4.30
N MET E 300 26.67 8.71 -3.96
CA MET E 300 26.52 9.14 -2.58
C MET E 300 25.77 8.13 -1.71
N SER E 301 25.00 7.21 -2.28
CA SER E 301 24.37 6.15 -1.49
C SER E 301 25.40 5.12 -1.02
N SER E 302 26.52 4.95 -1.74
CA SER E 302 27.67 4.18 -1.27
C SER E 302 28.46 4.92 -0.20
N TYR E 303 28.45 6.25 -0.18
CA TYR E 303 29.06 7.03 0.90
C TYR E 303 28.23 6.92 2.19
N ALA E 304 26.91 7.08 2.11
CA ALA E 304 26.00 6.95 3.24
C ALA E 304 26.04 5.56 3.88
N GLU E 305 26.21 4.51 3.09
CA GLU E 305 26.45 3.14 3.56
C GLU E 305 27.66 3.06 4.51
N ALA E 306 28.81 3.63 4.14
CA ALA E 306 30.00 3.65 4.99
C ALA E 306 29.86 4.57 6.20
N LEU E 307 29.14 5.67 6.08
CA LEU E 307 28.91 6.60 7.18
C LEU E 307 28.14 5.92 8.32
N ARG E 308 27.15 5.10 7.98
CA ARG E 308 26.40 4.25 8.92
C ARG E 308 27.28 3.21 9.61
N GLU E 309 28.20 2.60 8.88
CA GLU E 309 29.16 1.63 9.38
C GLU E 309 30.16 2.21 10.39
N VAL E 310 30.66 3.43 10.17
CA VAL E 310 31.48 4.15 11.15
C VAL E 310 30.70 4.48 12.41
N SER E 311 29.46 4.98 12.27
CA SER E 311 28.57 5.32 13.38
C SER E 311 28.27 4.12 14.29
N ALA E 312 28.03 2.94 13.71
CA ALA E 312 27.85 1.71 14.48
C ALA E 312 29.10 1.27 15.25
N ALA E 313 30.32 1.49 14.74
CA ALA E 313 31.56 1.19 15.47
C ALA E 313 31.76 2.09 16.70
N ARG E 314 31.27 3.34 16.66
CA ARG E 314 31.16 4.24 17.82
C ARG E 314 30.05 3.84 18.81
N GLU E 315 29.33 2.75 18.57
CA GLU E 315 28.20 2.26 19.36
C GLU E 315 27.01 3.23 19.43
N GLU E 316 26.88 4.17 18.48
CA GLU E 316 25.75 5.10 18.40
C GLU E 316 24.45 4.38 18.02
N VAL E 317 23.30 4.85 18.50
CA VAL E 317 21.99 4.27 18.19
C VAL E 317 21.59 4.62 16.76
N PRO E 318 21.12 3.68 15.91
CA PRO E 318 20.62 3.96 14.58
C PRO E 318 19.50 5.00 14.61
N GLY E 319 19.61 6.01 13.75
CA GLY E 319 18.61 7.10 13.72
C GLY E 319 17.37 6.80 12.90
N ARG E 320 17.11 7.57 11.84
CA ARG E 320 15.82 7.41 11.10
C ARG E 320 15.99 6.58 9.83
N ARG E 321 15.21 5.51 9.70
CA ARG E 321 15.27 4.60 8.53
C ARG E 321 16.66 3.98 8.49
N GLY E 322 17.34 3.96 9.64
CA GLY E 322 18.64 3.29 9.72
C GLY E 322 19.84 4.20 9.61
N PHE E 323 19.68 5.48 9.24
CA PHE E 323 20.94 6.22 9.05
C PHE E 323 21.27 7.10 10.25
N PRO E 324 22.51 7.62 10.40
CA PRO E 324 22.88 8.45 11.54
C PRO E 324 22.05 9.72 11.64
N GLY E 325 21.73 10.18 12.86
CA GLY E 325 20.88 11.36 13.07
C GLY E 325 21.46 12.65 12.45
N TYR E 326 22.78 12.77 12.44
CA TYR E 326 23.55 13.88 11.87
C TYR E 326 23.82 13.76 10.36
N MET E 327 23.21 12.84 9.63
CA MET E 327 23.53 12.66 8.21
C MET E 327 23.20 13.87 7.33
N TYR E 328 22.20 14.69 7.68
CA TYR E 328 21.99 15.96 6.98
C TYR E 328 23.21 16.88 7.11
N THR E 329 23.70 17.13 8.32
CA THR E 329 24.93 17.91 8.53
C THR E 329 26.12 17.32 7.80
N ASP E 330 26.25 16.00 7.78
CA ASP E 330 27.36 15.33 7.13
C ASP E 330 27.35 15.49 5.60
N LEU E 331 26.21 15.29 4.94
CA LEU E 331 26.07 15.56 3.51
C LEU E 331 26.23 17.05 3.21
N ALA E 332 25.66 17.93 4.01
CA ALA E 332 25.77 19.37 3.77
C ALA E 332 27.20 19.87 3.84
N THR E 333 28.05 19.20 4.60
CA THR E 333 29.50 19.47 4.67
C THR E 333 30.22 19.15 3.36
N ILE E 334 29.71 18.21 2.55
CA ILE E 334 30.24 17.88 1.22
C ILE E 334 29.64 18.81 0.18
N TYR E 335 28.31 18.93 0.18
CA TYR E 335 27.62 19.68 -0.86
C TYR E 335 27.89 21.18 -0.80
N GLU E 336 27.94 21.82 0.36
CA GLU E 336 28.13 23.27 0.41
C GLU E 336 29.60 23.71 0.20
N ARG E 337 30.53 22.80 -0.10
CA ARG E 337 31.88 23.12 -0.61
C ARG E 337 31.81 23.42 -2.11
N ALA E 338 31.08 24.45 -2.48
CA ALA E 338 30.68 24.77 -3.85
C ALA E 338 30.42 26.28 -4.03
N GLY E 339 30.37 26.73 -5.27
CA GLY E 339 29.96 28.09 -5.62
C GLY E 339 31.09 28.98 -6.10
N ARG E 340 30.71 30.21 -6.45
CA ARG E 340 31.62 31.32 -6.75
C ARG E 340 31.87 32.13 -5.48
N VAL E 341 33.02 32.77 -5.35
CA VAL E 341 33.31 33.67 -4.21
C VAL E 341 33.85 35.01 -4.68
N GLU E 342 33.57 36.08 -3.97
CA GLU E 342 34.00 37.43 -4.36
C GLU E 342 35.52 37.58 -4.35
N GLY E 343 36.03 38.25 -5.37
CA GLY E 343 37.46 38.57 -5.52
C GLY E 343 38.29 37.50 -6.19
N ARG E 344 37.69 36.38 -6.62
CA ARG E 344 38.39 35.25 -7.27
C ARG E 344 37.65 34.80 -8.52
N ASN E 345 38.38 34.53 -9.60
CA ASN E 345 37.85 34.18 -10.91
C ASN E 345 37.43 32.72 -11.03
N GLY E 346 37.95 31.83 -10.18
CA GLY E 346 37.56 30.42 -10.17
C GLY E 346 36.20 30.14 -9.53
N SER E 347 35.73 28.91 -9.63
CA SER E 347 34.46 28.44 -9.05
C SER E 347 34.44 26.92 -8.89
N ILE E 348 33.57 26.37 -8.05
CA ILE E 348 33.32 24.92 -7.98
C ILE E 348 31.85 24.63 -8.29
N THR E 349 31.57 23.78 -9.26
CA THR E 349 30.23 23.25 -9.56
C THR E 349 30.21 21.77 -9.18
N GLN E 350 29.12 21.25 -8.63
CA GLN E 350 29.05 19.85 -8.22
C GLN E 350 27.90 19.09 -8.87
N ILE E 351 28.14 17.82 -9.22
CA ILE E 351 27.11 16.85 -9.61
C ILE E 351 27.20 15.60 -8.72
N PRO E 352 26.50 15.55 -7.59
CA PRO E 352 26.35 14.34 -6.81
C PRO E 352 25.50 13.31 -7.54
N ILE E 353 25.95 12.07 -7.68
CA ILE E 353 25.19 11.02 -8.34
C ILE E 353 24.69 10.05 -7.29
N LEU E 354 23.40 9.71 -7.32
CA LEU E 354 22.73 8.94 -6.29
C LEU E 354 21.96 7.78 -6.89
N THR E 355 21.83 6.73 -6.10
CA THR E 355 21.03 5.55 -6.40
C THR E 355 19.93 5.43 -5.36
N MET E 356 18.66 5.38 -5.76
CA MET E 356 17.51 5.30 -4.87
C MET E 356 17.02 3.85 -4.73
N PRO E 357 16.82 3.31 -3.52
CA PRO E 357 16.27 1.97 -3.34
C PRO E 357 14.78 1.94 -3.70
N ASN E 358 14.29 0.82 -4.25
CA ASN E 358 12.92 0.66 -4.76
C ASN E 358 12.49 1.74 -5.78
N ASP E 359 13.44 2.44 -6.41
CA ASP E 359 13.21 3.66 -7.18
C ASP E 359 12.41 4.74 -6.39
N ASP E 360 12.45 4.75 -5.05
CA ASP E 360 11.63 5.59 -4.17
C ASP E 360 12.34 6.88 -3.73
N ILE E 361 11.94 8.02 -4.29
CA ILE E 361 12.47 9.35 -4.00
C ILE E 361 12.28 9.81 -2.54
N THR E 362 11.46 9.14 -1.73
CA THR E 362 11.21 9.54 -0.33
C THR E 362 12.16 8.90 0.69
N HIS E 363 13.09 8.05 0.25
CA HIS E 363 14.15 7.48 1.10
C HIS E 363 15.07 8.59 1.67
N PRO E 364 15.68 8.46 2.87
CA PRO E 364 16.44 9.56 3.47
C PRO E 364 17.52 10.17 2.59
N ILE E 365 18.23 9.36 1.80
CA ILE E 365 19.38 9.84 1.03
C ILE E 365 18.94 10.83 -0.09
N PRO E 366 18.03 10.49 -1.01
CA PRO E 366 17.52 11.44 -1.98
C PRO E 366 16.67 12.55 -1.34
N ASP E 367 15.96 12.28 -0.24
CA ASP E 367 15.17 13.28 0.49
C ASP E 367 16.05 14.42 1.04
N LEU E 368 17.01 14.10 1.92
CA LEU E 368 17.91 15.09 2.51
C LEU E 368 18.76 15.79 1.47
N THR E 369 19.18 15.12 0.40
CA THR E 369 19.93 15.76 -0.70
C THR E 369 19.12 16.84 -1.40
N GLY E 370 17.81 16.66 -1.54
CA GLY E 370 16.92 17.66 -2.12
C GLY E 370 16.80 18.94 -1.31
N TYR E 371 16.99 18.90 0.02
CA TYR E 371 16.95 20.10 0.86
C TYR E 371 18.25 20.91 0.84
N ILE E 372 19.35 20.35 0.33
CA ILE E 372 20.66 21.00 0.34
C ILE E 372 21.07 21.48 -1.05
N THR E 373 20.73 20.73 -2.09
CA THR E 373 21.09 21.02 -3.49
C THR E 373 19.95 21.68 -4.26
N GLU E 374 20.23 22.26 -5.42
CA GLU E 374 19.32 23.18 -6.13
C GLU E 374 19.00 22.70 -7.56
N GLY E 375 18.26 21.59 -7.62
CA GLY E 375 17.78 20.92 -8.83
C GLY E 375 17.70 19.40 -8.64
N GLN E 376 17.29 18.67 -9.66
CA GLN E 376 17.59 17.24 -9.84
C GLN E 376 17.50 16.88 -11.31
N ILE E 377 18.36 15.98 -11.79
CA ILE E 377 18.21 15.35 -13.10
C ILE E 377 17.86 13.90 -12.87
N TYR E 378 16.87 13.39 -13.58
CA TYR E 378 16.17 12.18 -13.20
C TYR E 378 16.31 11.09 -14.27
N VAL E 379 17.03 10.01 -13.94
CA VAL E 379 17.28 8.86 -14.84
C VAL E 379 16.12 7.85 -14.72
N ASP E 380 15.59 7.37 -15.84
CA ASP E 380 14.26 6.74 -15.92
C ASP E 380 14.28 5.31 -16.47
N ARG E 381 13.71 4.37 -15.70
CA ARG E 381 13.65 2.96 -16.05
C ARG E 381 12.79 2.67 -17.29
N GLN E 382 11.73 3.42 -17.57
CA GLN E 382 10.96 3.19 -18.80
C GLN E 382 11.72 3.59 -20.05
N LEU E 383 12.44 4.70 -20.05
CA LEU E 383 13.30 5.07 -21.18
C LEU E 383 14.44 4.06 -21.35
N HIS E 384 15.03 3.58 -20.27
CA HIS E 384 16.05 2.53 -20.33
C HIS E 384 15.49 1.24 -20.92
N ASN E 385 14.32 0.78 -20.49
CA ASN E 385 13.67 -0.41 -21.04
C ASN E 385 13.31 -0.25 -22.52
N ARG E 386 12.96 0.95 -22.96
CA ARG E 386 12.69 1.18 -24.42
C ARG E 386 13.99 1.35 -25.20
N GLN E 387 15.16 1.22 -24.55
CA GLN E 387 16.47 1.23 -25.20
C GLN E 387 16.93 2.62 -25.66
N ILE E 388 16.43 3.69 -25.04
CA ILE E 388 16.87 5.07 -25.27
C ILE E 388 18.12 5.37 -24.41
N TYR E 389 19.09 6.09 -24.95
CA TYR E 389 20.24 6.60 -24.20
C TYR E 389 20.52 8.06 -24.58
N PRO E 390 20.83 8.96 -23.61
CA PRO E 390 20.71 8.76 -22.18
C PRO E 390 19.24 8.71 -21.74
N PRO E 391 18.84 7.79 -20.85
CA PRO E 391 17.46 7.68 -20.40
C PRO E 391 17.13 8.73 -19.32
N ILE E 392 17.17 10.01 -19.66
CA ILE E 392 16.83 11.13 -18.76
C ILE E 392 15.39 11.56 -19.05
N ASN E 393 14.52 11.58 -18.04
CA ASN E 393 13.15 12.08 -18.21
C ASN E 393 13.09 13.57 -17.88
N VAL E 394 12.75 14.38 -18.88
CA VAL E 394 12.74 15.83 -18.76
C VAL E 394 11.56 16.38 -17.96
N LEU E 395 10.51 15.61 -17.68
CA LEU E 395 9.34 16.09 -16.95
C LEU E 395 9.59 16.29 -15.44
N PRO E 396 10.07 15.29 -14.67
CA PRO E 396 10.38 15.47 -13.25
C PRO E 396 11.74 16.13 -13.00
N SER E 397 12.63 16.20 -13.98
CA SER E 397 13.91 16.90 -13.89
C SER E 397 13.73 18.42 -13.76
N LEU E 398 14.66 19.11 -13.10
CA LEU E 398 14.65 20.56 -12.93
C LEU E 398 16.07 21.07 -12.65
N SER E 399 16.46 22.22 -13.20
CA SER E 399 17.59 23.00 -12.68
C SER E 399 17.08 24.33 -12.15
N ARG E 400 17.21 24.58 -10.84
CA ARG E 400 16.61 25.78 -10.22
C ARG E 400 17.31 27.08 -10.62
N LEU E 401 18.60 27.01 -10.93
CA LEU E 401 19.43 28.15 -11.32
C LEU E 401 19.53 28.33 -12.85
N MET E 402 18.77 27.59 -13.65
CA MET E 402 18.81 27.65 -15.12
C MET E 402 18.70 29.07 -15.67
N LYS E 403 17.80 29.91 -15.16
CA LYS E 403 17.63 31.30 -15.61
C LYS E 403 18.90 32.15 -15.55
N SER E 404 19.84 31.81 -14.66
CA SER E 404 21.12 32.50 -14.51
C SER E 404 22.23 31.97 -15.45
N ALA E 405 22.09 30.76 -15.97
CA ALA E 405 23.01 30.14 -16.91
C ALA E 405 22.75 30.53 -18.37
N ILE E 406 21.48 30.55 -18.79
CA ILE E 406 21.03 30.75 -20.16
C ILE E 406 20.85 32.22 -20.52
N GLY E 407 20.78 32.53 -21.82
CA GLY E 407 20.38 33.83 -22.34
C GLY E 407 21.50 34.56 -23.05
N GLU E 408 21.22 35.75 -23.59
CA GLU E 408 22.14 36.42 -24.51
C GLU E 408 23.44 36.85 -23.81
N GLY E 409 24.57 36.53 -24.43
CA GLY E 409 25.90 36.69 -23.87
C GLY E 409 26.37 35.53 -22.98
N MET E 410 25.51 34.55 -22.69
CA MET E 410 25.82 33.38 -21.87
C MET E 410 25.53 32.04 -22.58
N THR E 411 24.51 32.00 -23.44
CA THR E 411 24.28 30.94 -24.45
C THR E 411 23.81 31.59 -25.76
N ARG E 412 22.50 31.78 -25.95
CA ARG E 412 21.86 32.51 -27.06
C ARG E 412 20.51 33.08 -26.57
N LYS E 413 20.04 34.19 -27.14
CA LYS E 413 18.79 34.85 -26.76
C LYS E 413 17.52 33.99 -26.76
N ASP E 414 17.43 32.95 -27.57
CA ASP E 414 16.24 32.11 -27.73
C ASP E 414 16.18 30.92 -26.74
N HIS E 415 17.24 30.65 -25.98
CA HIS E 415 17.34 29.46 -25.13
C HIS E 415 16.24 29.39 -24.07
N ALA E 416 15.93 30.51 -23.41
CA ALA E 416 14.84 30.59 -22.46
C ALA E 416 13.46 30.28 -23.08
N ASP E 417 13.22 30.70 -24.32
CA ASP E 417 11.95 30.47 -25.01
C ASP E 417 11.83 29.02 -25.49
N VAL E 418 12.87 28.50 -26.15
CA VAL E 418 12.88 27.17 -26.74
C VAL E 418 12.78 26.08 -25.69
N SER E 419 13.42 26.23 -24.54
CA SER E 419 13.30 25.26 -23.43
C SER E 419 11.87 25.14 -22.92
N ASN E 420 11.18 26.26 -22.71
CA ASN E 420 9.79 26.29 -22.25
C ASN E 420 8.83 25.73 -23.29
N GLN E 421 8.99 26.05 -24.57
CA GLN E 421 8.11 25.49 -25.59
C GLN E 421 8.34 24.00 -25.81
N LEU E 422 9.57 23.49 -25.80
CA LEU E 422 9.82 22.05 -25.91
C LEU E 422 9.19 21.28 -24.75
N TYR E 423 9.32 21.77 -23.52
CA TYR E 423 8.71 21.12 -22.37
C TYR E 423 7.19 21.03 -22.52
N ALA E 424 6.54 22.13 -22.89
CA ALA E 424 5.10 22.16 -23.10
C ALA E 424 4.65 21.13 -24.15
N CYS E 425 5.29 21.09 -25.33
CA CYS E 425 4.94 20.13 -26.36
C CYS E 425 5.19 18.68 -25.94
N TYR E 426 6.25 18.39 -25.18
CA TYR E 426 6.48 17.04 -24.66
C TYR E 426 5.42 16.64 -23.65
N ALA E 427 5.03 17.53 -22.75
CA ALA E 427 3.97 17.26 -21.77
C ALA E 427 2.63 16.97 -22.46
N ILE E 428 2.24 17.78 -23.45
CA ILE E 428 1.00 17.59 -24.22
C ILE E 428 1.08 16.29 -25.04
N GLY E 429 2.19 16.03 -25.73
CA GLY E 429 2.38 14.81 -26.50
C GLY E 429 2.24 13.54 -25.66
N LYS E 430 2.81 13.50 -24.45
CA LYS E 430 2.64 12.38 -23.51
C LYS E 430 1.18 12.17 -23.11
N ASP E 431 0.38 13.22 -23.01
CA ASP E 431 -1.05 13.12 -22.69
C ASP E 431 -1.85 12.55 -23.87
N VAL E 432 -1.59 13.02 -25.09
CA VAL E 432 -2.22 12.49 -26.30
C VAL E 432 -1.86 11.02 -26.51
N GLN E 433 -0.60 10.63 -26.32
CA GLN E 433 -0.20 9.24 -26.42
C GLN E 433 -0.97 8.33 -25.46
N ALA E 434 -1.21 8.78 -24.23
CA ALA E 434 -1.99 8.02 -23.26
C ALA E 434 -3.45 7.86 -23.70
N MET E 435 -4.11 8.93 -24.17
CA MET E 435 -5.50 8.82 -24.63
C MET E 435 -5.67 8.06 -25.95
N LYS E 436 -4.65 7.96 -26.81
CA LYS E 436 -4.74 7.26 -28.10
C LYS E 436 -5.28 5.84 -27.94
N ALA E 437 -4.82 5.11 -26.92
CA ALA E 437 -5.32 3.76 -26.64
C ALA E 437 -6.70 3.72 -25.95
N VAL E 438 -7.15 4.83 -25.36
CA VAL E 438 -8.49 4.97 -24.75
C VAL E 438 -9.55 5.25 -25.81
N VAL E 439 -9.32 6.21 -26.71
CA VAL E 439 -10.34 6.63 -27.70
C VAL E 439 -10.12 6.08 -29.11
N GLY E 440 -8.92 5.58 -29.42
CA GLY E 440 -8.49 5.21 -30.77
C GLY E 440 -8.07 6.43 -31.59
N GLU E 441 -7.01 6.33 -32.40
CA GLU E 441 -6.45 7.50 -33.10
C GLU E 441 -7.41 8.19 -34.08
N GLU E 442 -8.46 7.51 -34.57
CA GLU E 442 -9.47 8.13 -35.43
C GLU E 442 -10.34 9.18 -34.72
N ALA E 443 -10.37 9.19 -33.38
CA ALA E 443 -11.05 10.23 -32.61
C ALA E 443 -10.22 11.51 -32.44
N LEU E 444 -8.92 11.48 -32.68
CA LEU E 444 -7.99 12.59 -32.42
C LEU E 444 -8.15 13.73 -33.42
N THR E 445 -7.99 14.97 -32.97
CA THR E 445 -8.02 16.16 -33.82
C THR E 445 -6.73 16.27 -34.63
N SER E 446 -6.71 17.10 -35.67
CA SER E 446 -5.46 17.42 -36.36
C SER E 446 -4.40 18.04 -35.43
N ASP E 447 -4.81 18.83 -34.42
CA ASP E 447 -3.88 19.36 -33.42
C ASP E 447 -3.25 18.24 -32.61
N ASP E 448 -4.01 17.26 -32.15
CA ASP E 448 -3.45 16.11 -31.41
C ASP E 448 -2.45 15.33 -32.26
N LEU E 449 -2.70 15.21 -33.57
CA LEU E 449 -1.81 14.48 -34.46
C LEU E 449 -0.47 15.21 -34.69
N LEU E 450 -0.42 16.54 -34.63
CA LEU E 450 0.85 17.26 -34.63
C LEU E 450 1.66 16.96 -33.36
N TYR E 451 1.03 16.95 -32.18
CA TYR E 451 1.73 16.63 -30.94
C TYR E 451 2.21 15.20 -30.90
N LEU E 452 1.43 14.23 -31.38
CA LEU E 452 1.85 12.84 -31.39
C LEU E 452 2.96 12.57 -32.42
N GLU E 453 3.08 13.35 -33.48
CA GLU E 453 4.26 13.36 -34.35
C GLU E 453 5.46 14.00 -33.67
N PHE E 454 5.29 15.12 -32.95
CA PHE E 454 6.38 15.75 -32.22
C PHE E 454 6.99 14.81 -31.19
N LEU E 455 6.16 14.13 -30.39
CA LEU E 455 6.62 13.23 -29.34
C LEU E 455 7.62 12.20 -29.85
N GLN E 456 7.28 11.53 -30.95
CA GLN E 456 8.12 10.48 -31.51
C GLN E 456 9.44 11.02 -32.03
N LYS E 457 9.43 12.21 -32.63
CA LYS E 457 10.63 12.84 -33.20
C LYS E 457 11.49 13.50 -32.14
N PHE E 458 10.92 14.01 -31.05
CA PHE E 458 11.66 14.50 -29.89
C PHE E 458 12.47 13.39 -29.23
N GLU E 459 11.89 12.22 -28.99
CA GLU E 459 12.62 11.13 -28.34
C GLU E 459 13.68 10.51 -29.26
N LYS E 460 13.46 10.43 -30.56
CA LYS E 460 14.47 9.96 -31.52
C LYS E 460 15.58 10.96 -31.79
N ASN E 461 15.29 12.26 -31.93
CA ASN E 461 16.28 13.23 -32.39
C ASN E 461 16.91 14.02 -31.25
N PHE E 462 16.12 14.47 -30.27
CA PHE E 462 16.61 15.33 -29.21
C PHE E 462 17.10 14.52 -28.01
N ILE E 463 16.25 13.70 -27.39
CA ILE E 463 16.64 12.94 -26.19
C ILE E 463 17.72 11.90 -26.52
N THR E 464 17.50 11.04 -27.51
CA THR E 464 18.49 10.05 -27.92
C THR E 464 19.76 10.68 -28.48
N GLN E 465 20.92 10.26 -27.98
CA GLN E 465 22.25 10.76 -28.32
C GLN E 465 23.26 9.62 -28.22
N GLY E 466 24.38 9.63 -28.96
CA GLY E 466 25.42 8.61 -28.79
C GLY E 466 26.27 8.83 -27.53
N PRO E 467 26.76 7.78 -26.84
CA PRO E 467 27.68 7.91 -25.70
C PRO E 467 29.02 8.55 -26.04
N TYR E 468 29.34 8.63 -27.34
CA TYR E 468 30.52 9.29 -27.92
C TYR E 468 30.13 10.39 -28.91
N GLU E 469 28.91 10.94 -28.82
CA GLU E 469 28.44 12.10 -29.60
C GLU E 469 28.44 13.34 -28.72
N ASN E 470 29.03 14.45 -29.17
CA ASN E 470 29.16 15.69 -28.40
C ASN E 470 28.42 16.84 -29.10
N ARG E 471 27.41 17.41 -28.46
CA ARG E 471 26.62 18.54 -29.00
C ARG E 471 26.90 19.79 -28.19
N THR E 472 27.30 20.88 -28.82
CA THR E 472 27.29 22.17 -28.14
C THR E 472 25.86 22.57 -27.79
N VAL E 473 25.73 23.62 -27.00
CA VAL E 473 24.44 24.23 -26.74
C VAL E 473 23.80 24.72 -28.02
N TYR E 474 24.57 25.08 -29.03
CA TYR E 474 24.04 25.52 -30.32
C TYR E 474 23.49 24.35 -31.11
N GLU E 475 24.18 23.21 -31.21
CA GLU E 475 23.54 22.03 -31.81
C GLU E 475 22.31 21.61 -31.02
N THR E 476 22.35 21.71 -29.69
CA THR E 476 21.19 21.42 -28.86
C THR E 476 20.01 22.33 -29.17
N LEU E 477 20.23 23.62 -29.37
CA LEU E 477 19.18 24.58 -29.69
C LEU E 477 18.68 24.41 -31.12
N ASP E 478 19.57 24.12 -32.06
CA ASP E 478 19.19 23.94 -33.45
C ASP E 478 18.39 22.66 -33.68
N ILE E 479 18.70 21.55 -33.00
CA ILE E 479 17.84 20.36 -33.02
C ILE E 479 16.48 20.69 -32.41
N GLY E 480 16.42 21.57 -31.41
CA GLY E 480 15.18 22.08 -30.86
C GLY E 480 14.33 22.78 -31.91
N TRP E 481 14.90 23.71 -32.69
CA TRP E 481 14.16 24.36 -33.77
C TRP E 481 13.73 23.41 -34.87
N GLN E 482 14.52 22.41 -35.24
CA GLN E 482 14.05 21.41 -36.23
C GLN E 482 12.79 20.67 -35.77
N LEU E 483 12.55 20.50 -34.46
CA LEU E 483 11.34 19.89 -33.93
C LEU E 483 10.21 20.89 -33.76
N LEU E 484 10.47 22.12 -33.31
CA LEU E 484 9.40 23.11 -33.16
C LEU E 484 8.78 23.48 -34.50
N ARG E 485 9.54 23.46 -35.60
CA ARG E 485 9.05 23.67 -36.97
C ARG E 485 8.05 22.61 -37.48
N ILE E 486 7.73 21.57 -36.71
CA ILE E 486 6.62 20.67 -37.01
C ILE E 486 5.30 21.42 -36.87
N PHE E 487 5.19 22.41 -35.98
CA PHE E 487 3.96 23.14 -35.69
C PHE E 487 3.82 24.44 -36.49
N PRO E 488 2.60 24.86 -36.88
CA PRO E 488 2.36 26.21 -37.33
C PRO E 488 2.76 27.21 -36.25
N LYS E 489 3.43 28.30 -36.58
CA LYS E 489 3.98 29.22 -35.57
C LYS E 489 2.93 29.78 -34.60
N GLU E 490 1.67 29.92 -35.01
CA GLU E 490 0.59 30.34 -34.10
C GLU E 490 0.26 29.32 -32.99
N MET E 491 0.69 28.06 -33.08
CA MET E 491 0.56 27.09 -31.99
C MET E 491 1.69 27.16 -30.97
N LEU E 492 2.79 27.87 -31.25
CA LEU E 492 3.95 28.00 -30.37
C LEU E 492 3.70 29.06 -29.28
N LYS E 493 2.72 28.83 -28.42
CA LYS E 493 2.17 29.80 -27.46
C LYS E 493 3.20 30.40 -26.50
N ARG E 494 4.24 29.67 -26.12
CA ARG E 494 5.23 30.10 -25.12
C ARG E 494 6.32 31.00 -25.72
N ILE E 495 6.44 31.08 -27.05
CA ILE E 495 7.52 31.83 -27.71
C ILE E 495 6.98 33.19 -28.19
N PRO E 496 7.61 34.31 -27.85
CA PRO E 496 7.19 35.62 -28.32
C PRO E 496 7.48 35.82 -29.81
N GLN E 497 6.68 36.65 -30.47
CA GLN E 497 6.74 36.87 -31.92
C GLN E 497 8.09 37.43 -32.40
N SER E 498 8.82 38.16 -31.57
CA SER E 498 10.18 38.62 -31.89
C SER E 498 11.14 37.46 -32.11
N THR E 499 11.13 36.45 -31.23
CA THR E 499 11.96 35.25 -31.36
C THR E 499 11.52 34.43 -32.59
N LEU E 500 10.23 34.21 -32.77
CA LEU E 500 9.73 33.46 -33.93
C LEU E 500 10.13 34.11 -35.25
N SER E 501 10.10 35.43 -35.36
CA SER E 501 10.47 36.14 -36.58
C SER E 501 11.92 35.88 -37.00
N GLU E 502 12.84 35.79 -36.04
CA GLU E 502 14.27 35.59 -36.32
C GLU E 502 14.64 34.12 -36.56
N PHE E 503 14.00 33.18 -35.85
CA PHE E 503 14.45 31.79 -35.79
C PHE E 503 13.52 30.76 -36.41
N TYR E 504 12.21 31.02 -36.59
CA TYR E 504 11.32 30.00 -37.13
C TYR E 504 11.62 29.67 -38.60
N PRO E 505 11.84 30.61 -39.52
CA PRO E 505 12.14 30.28 -40.91
C PRO E 505 13.50 29.61 -41.07
N ARG E 506 13.62 28.63 -41.98
CA ARG E 506 14.91 28.12 -42.43
C ARG E 506 15.69 29.21 -43.15
N ASP E 507 16.98 29.34 -42.85
CA ASP E 507 17.90 30.26 -43.51
C ASP E 507 18.53 29.65 -44.77
N SER E 508 19.05 30.48 -45.67
CA SER E 508 19.80 30.07 -46.88
C SER E 508 21.21 29.55 -46.58
N ASN F 38 -0.24 16.33 63.92
CA ASN F 38 0.67 17.24 64.64
C ASN F 38 1.58 17.99 63.67
N TYR F 39 2.06 19.18 64.05
CA TYR F 39 2.93 19.99 63.21
C TYR F 39 4.34 19.41 63.08
N LEU F 40 5.01 19.67 61.97
CA LEU F 40 6.42 19.34 61.74
C LEU F 40 7.30 20.33 62.51
N SER F 41 7.61 20.02 63.76
CA SER F 41 8.31 20.90 64.69
C SER F 41 9.82 20.77 64.65
N GLN F 42 10.37 19.70 64.06
CA GLN F 42 11.82 19.50 63.90
C GLN F 42 12.35 20.25 62.66
N PRO F 43 13.58 20.80 62.66
CA PRO F 43 14.00 21.75 61.64
C PRO F 43 14.37 21.12 60.30
N ARG F 44 14.27 21.88 59.20
CA ARG F 44 14.58 21.41 57.85
C ARG F 44 16.09 21.33 57.59
N LEU F 45 16.54 20.27 56.94
CA LEU F 45 17.90 20.17 56.41
C LEU F 45 18.04 20.88 55.06
N THR F 46 19.22 21.42 54.82
CA THR F 46 19.63 22.05 53.57
C THR F 46 20.92 21.42 53.06
N TYR F 47 21.04 21.19 51.77
CA TYR F 47 22.13 20.43 51.15
C TYR F 47 22.75 21.16 49.96
N LYS F 48 24.08 21.19 49.89
CA LYS F 48 24.86 21.51 48.69
C LYS F 48 25.36 20.27 47.93
N THR F 49 24.96 19.08 48.37
CA THR F 49 25.40 17.78 47.87
C THR F 49 24.78 17.34 46.54
N VAL F 50 24.59 18.27 45.60
CA VAL F 50 24.17 17.97 44.22
C VAL F 50 25.29 17.22 43.50
N SER F 51 25.09 15.95 43.23
CA SER F 51 26.07 15.04 42.62
C SER F 51 26.01 15.02 41.08
N GLY F 52 24.91 15.44 40.47
CA GLY F 52 24.79 15.48 39.02
C GLY F 52 23.51 16.14 38.53
N VAL F 53 23.50 16.54 37.26
CA VAL F 53 22.38 17.22 36.58
C VAL F 53 22.31 16.72 35.15
N ASN F 54 21.11 16.37 34.68
CA ASN F 54 20.89 15.85 33.33
C ASN F 54 19.41 16.03 32.95
N GLY F 55 19.11 16.62 31.81
CA GLY F 55 17.73 16.88 31.42
C GLY F 55 17.00 17.72 32.47
N PRO F 56 15.73 17.44 32.81
CA PRO F 56 14.99 18.12 33.85
C PRO F 56 15.31 17.63 35.27
N LEU F 57 16.27 16.72 35.45
CA LEU F 57 16.56 16.02 36.71
C LEU F 57 17.85 16.49 37.38
N VAL F 58 17.78 16.70 38.69
CA VAL F 58 18.91 17.03 39.58
C VAL F 58 19.05 15.90 40.58
N ILE F 59 20.27 15.52 40.94
CA ILE F 59 20.51 14.28 41.71
C ILE F 59 21.36 14.59 42.93
N LEU F 60 20.74 14.59 44.11
CA LEU F 60 21.41 14.80 45.39
C LEU F 60 21.89 13.49 45.98
N ASP F 61 22.95 13.56 46.77
CA ASP F 61 23.53 12.44 47.50
C ASP F 61 23.79 12.84 48.97
N HIS F 62 24.10 11.89 49.84
CA HIS F 62 24.20 12.09 51.30
C HIS F 62 22.90 12.61 51.96
N VAL F 63 21.74 12.37 51.35
CA VAL F 63 20.45 12.82 51.87
C VAL F 63 20.04 11.96 53.07
N LYS F 64 19.62 12.58 54.18
CA LYS F 64 19.20 11.87 55.41
C LYS F 64 17.78 11.33 55.27
N PHE F 65 17.63 10.01 55.19
CA PHE F 65 16.35 9.29 55.05
C PHE F 65 15.39 9.89 54.00
N PRO F 66 15.69 9.81 52.70
CA PRO F 66 14.84 10.40 51.66
C PRO F 66 13.39 9.94 51.73
N ARG F 67 12.45 10.82 51.42
CA ARG F 67 11.01 10.54 51.30
C ARG F 67 10.57 10.65 49.85
N TYR F 68 9.95 9.61 49.32
CA TYR F 68 9.47 9.62 47.94
C TYR F 68 8.32 10.62 47.76
N ALA F 69 8.29 11.33 46.63
CA ALA F 69 7.35 12.41 46.32
C ALA F 69 7.42 13.68 47.21
N GLU F 70 8.42 13.82 48.06
CA GLU F 70 8.70 15.03 48.82
C GLU F 70 8.97 16.26 47.95
N ILE F 71 8.68 17.45 48.45
CA ILE F 71 9.03 18.73 47.80
C ILE F 71 10.34 19.32 48.33
N VAL F 72 11.13 19.84 47.39
CA VAL F 72 12.47 20.40 47.59
C VAL F 72 12.50 21.82 47.00
N HIS F 73 13.07 22.78 47.73
CA HIS F 73 13.26 24.14 47.25
C HIS F 73 14.73 24.38 46.94
N LEU F 74 15.03 24.80 45.70
CA LEU F 74 16.37 25.03 45.20
C LEU F 74 16.64 26.52 45.13
N THR F 75 17.77 26.97 45.66
CA THR F 75 18.27 28.34 45.50
C THR F 75 19.48 28.28 44.58
N LEU F 76 19.41 28.96 43.45
CA LEU F 76 20.48 29.00 42.45
C LEU F 76 21.59 29.98 42.86
N PRO F 77 22.76 29.98 42.19
CA PRO F 77 23.87 30.86 42.54
C PRO F 77 23.54 32.35 42.44
N ASP F 78 22.71 32.73 41.47
CA ASP F 78 22.21 34.09 41.26
C ASP F 78 21.07 34.48 42.21
N GLY F 79 20.70 33.61 43.15
CA GLY F 79 19.64 33.83 44.12
C GLY F 79 18.22 33.55 43.63
N THR F 80 18.01 33.10 42.38
CA THR F 80 16.70 32.65 41.89
C THR F 80 16.22 31.42 42.66
N LYS F 81 14.98 31.40 43.14
CA LYS F 81 14.38 30.20 43.72
C LYS F 81 13.62 29.39 42.68
N ARG F 82 13.74 28.07 42.74
CA ARG F 82 12.97 27.09 41.97
C ARG F 82 12.50 25.97 42.89
N SER F 83 11.52 25.18 42.47
CA SER F 83 11.03 24.04 43.25
C SER F 83 11.04 22.77 42.43
N GLY F 84 11.18 21.64 43.11
CA GLY F 84 11.12 20.34 42.48
C GLY F 84 10.58 19.30 43.43
N GLN F 85 10.31 18.11 42.88
CA GLN F 85 9.73 17.00 43.61
C GLN F 85 10.58 15.76 43.46
N VAL F 86 10.73 14.99 44.54
CA VAL F 86 11.53 13.77 44.56
C VAL F 86 10.83 12.68 43.75
N LEU F 87 11.39 12.34 42.60
CA LEU F 87 10.91 11.35 41.63
C LEU F 87 11.49 9.96 41.85
N GLU F 88 12.58 9.81 42.60
CA GLU F 88 13.17 8.51 42.93
C GLU F 88 14.02 8.61 44.19
N VAL F 89 14.11 7.55 44.98
CA VAL F 89 15.02 7.46 46.13
C VAL F 89 15.73 6.12 46.16
N SER F 90 17.00 6.10 46.52
CA SER F 90 17.79 4.88 46.65
C SER F 90 18.94 5.11 47.61
N GLY F 91 18.90 4.53 48.80
CA GLY F 91 19.91 4.75 49.83
C GLY F 91 20.06 6.24 50.16
N SER F 92 21.26 6.78 50.01
CA SER F 92 21.58 8.19 50.26
C SER F 92 21.21 9.15 49.12
N LYS F 93 20.71 8.67 47.98
CA LYS F 93 20.41 9.49 46.81
C LYS F 93 18.94 9.78 46.65
N ALA F 94 18.63 11.00 46.23
CA ALA F 94 17.32 11.43 45.78
C ALA F 94 17.39 12.09 44.41
N VAL F 95 16.49 11.76 43.51
CA VAL F 95 16.37 12.36 42.17
C VAL F 95 15.20 13.32 42.17
N VAL F 96 15.44 14.56 41.81
CA VAL F 96 14.48 15.66 41.83
C VAL F 96 14.15 16.08 40.40
N GLN F 97 12.89 16.19 40.00
CA GLN F 97 12.54 16.94 38.78
C GLN F 97 12.21 18.39 39.16
N VAL F 98 12.74 19.36 38.43
CA VAL F 98 12.62 20.79 38.78
C VAL F 98 11.58 21.46 37.90
N PHE F 99 10.54 22.06 38.48
CA PHE F 99 9.38 22.49 37.71
C PHE F 99 9.71 23.59 36.71
N GLU F 100 10.57 24.55 37.07
CA GLU F 100 10.98 25.64 36.19
C GLU F 100 12.19 25.30 35.29
N GLY F 101 12.63 24.04 35.24
CA GLY F 101 13.77 23.57 34.46
C GLY F 101 15.13 23.69 35.16
N THR F 102 16.16 23.05 34.60
CA THR F 102 17.51 22.91 35.20
C THR F 102 18.56 23.90 34.68
N SER F 103 18.24 24.76 33.72
CA SER F 103 19.18 25.74 33.16
C SER F 103 19.80 26.63 34.24
N GLY F 104 21.13 26.78 34.24
CA GLY F 104 21.83 27.62 35.21
C GLY F 104 22.05 27.02 36.60
N ILE F 105 21.52 25.83 36.92
CA ILE F 105 21.91 25.04 38.10
C ILE F 105 23.35 24.55 37.94
N ASP F 106 24.09 24.44 39.03
CA ASP F 106 25.48 24.01 39.07
C ASP F 106 25.73 23.02 40.22
N ALA F 107 26.84 22.30 40.19
CA ALA F 107 27.16 21.27 41.18
C ALA F 107 27.74 21.80 42.51
N LYS F 108 28.04 23.10 42.66
CA LYS F 108 28.83 23.63 43.79
C LYS F 108 28.10 24.65 44.65
N LYS F 109 27.46 25.65 44.04
CA LYS F 109 26.81 26.78 44.72
C LYS F 109 25.31 26.60 44.89
N THR F 110 24.63 25.88 44.01
CA THR F 110 23.21 25.56 44.16
C THR F 110 22.95 24.84 45.48
N SER F 111 21.89 25.22 46.20
CA SER F 111 21.54 24.70 47.52
C SER F 111 20.08 24.25 47.55
N CYS F 112 19.80 23.09 48.13
CA CYS F 112 18.47 22.48 48.19
C CYS F 112 17.96 22.30 49.63
N GLU F 113 16.77 22.79 49.93
CA GLU F 113 16.11 22.64 51.22
C GLU F 113 14.95 21.65 51.08
N PHE F 114 14.90 20.63 51.93
CA PHE F 114 13.89 19.58 51.85
C PHE F 114 12.78 19.87 52.87
N THR F 115 11.54 19.91 52.42
CA THR F 115 10.43 20.42 53.22
C THR F 115 9.87 19.44 54.27
N GLY F 116 10.25 18.18 54.25
CA GLY F 116 9.75 17.15 55.17
C GLY F 116 8.41 16.53 54.77
N ASP F 117 7.82 16.95 53.65
CA ASP F 117 6.44 16.63 53.30
C ASP F 117 6.20 16.59 51.78
N ILE F 118 5.14 15.93 51.36
CA ILE F 118 4.66 15.88 49.97
C ILE F 118 4.01 17.21 49.57
N LEU F 119 3.65 17.39 48.30
CA LEU F 119 3.04 18.63 47.80
C LEU F 119 1.61 18.81 48.31
N ARG F 120 1.38 19.85 49.12
CA ARG F 120 0.06 20.27 49.60
C ARG F 120 -0.24 21.70 49.19
N THR F 121 -1.51 22.00 48.95
CA THR F 121 -1.98 23.33 48.55
C THR F 121 -2.83 23.94 49.67
N PRO F 122 -2.64 25.23 50.04
CA PRO F 122 -3.50 25.92 50.98
C PRO F 122 -4.84 26.24 50.32
N VAL F 123 -5.95 25.88 50.95
CA VAL F 123 -7.28 26.08 50.37
C VAL F 123 -8.19 26.83 51.34
N SER F 124 -8.97 27.78 50.82
CA SER F 124 -10.04 28.44 51.54
C SER F 124 -11.15 28.86 50.58
N GLU F 125 -12.34 29.14 51.10
CA GLU F 125 -13.46 29.68 50.33
C GLU F 125 -13.23 31.11 49.84
N ASP F 126 -12.12 31.77 50.22
CA ASP F 126 -11.66 33.03 49.65
C ASP F 126 -11.17 32.90 48.20
N MET F 127 -10.87 31.68 47.72
CA MET F 127 -10.30 31.44 46.41
C MET F 127 -11.25 31.71 45.25
N LEU F 128 -12.56 31.80 45.47
CA LEU F 128 -13.50 32.28 44.45
C LEU F 128 -13.35 33.79 44.25
N GLY F 129 -13.16 34.24 43.02
CA GLY F 129 -12.86 35.62 42.69
C GLY F 129 -11.37 35.97 42.78
N ARG F 130 -10.48 34.99 42.59
CA ARG F 130 -9.02 35.14 42.54
C ARG F 130 -8.45 34.62 41.23
N VAL F 131 -7.28 35.11 40.84
CA VAL F 131 -6.49 34.58 39.72
C VAL F 131 -5.11 34.14 40.19
N PHE F 132 -4.72 32.93 39.82
CA PHE F 132 -3.47 32.29 40.18
C PHE F 132 -2.71 31.84 38.94
N ASN F 133 -1.39 31.69 39.02
CA ASN F 133 -0.62 31.03 37.98
C ASN F 133 -0.71 29.48 38.12
N GLY F 134 -0.09 28.74 37.20
CA GLY F 134 -0.16 27.26 37.17
C GLY F 134 0.47 26.53 38.36
N SER F 135 1.22 27.21 39.23
CA SER F 135 1.73 26.68 40.49
C SER F 135 1.04 27.30 41.71
N GLY F 136 -0.08 28.00 41.52
CA GLY F 136 -0.97 28.44 42.60
C GLY F 136 -0.56 29.74 43.29
N LYS F 137 0.46 30.45 42.80
CA LYS F 137 0.83 31.77 43.28
C LYS F 137 -0.13 32.83 42.72
N PRO F 138 -0.57 33.85 43.47
CA PRO F 138 -1.49 34.86 42.97
C PRO F 138 -0.89 35.71 41.84
N ILE F 139 -1.73 36.14 40.90
CA ILE F 139 -1.36 37.07 39.82
C ILE F 139 -2.36 38.22 39.64
N ASP F 140 -3.29 38.38 40.56
CA ASP F 140 -4.31 39.45 40.56
C ASP F 140 -3.95 40.66 41.42
N ARG F 141 -2.70 40.76 41.89
CA ARG F 141 -2.20 41.75 42.86
C ARG F 141 -2.85 41.65 44.26
N GLY F 142 -3.65 40.63 44.55
CA GLY F 142 -4.12 40.32 45.90
C GLY F 142 -3.09 39.55 46.72
N PRO F 143 -3.36 39.31 48.01
CA PRO F 143 -2.46 38.59 48.89
C PRO F 143 -2.43 37.08 48.64
N VAL F 144 -1.48 36.38 49.25
CA VAL F 144 -1.47 34.91 49.37
C VAL F 144 -2.66 34.40 50.17
N VAL F 145 -3.03 33.14 49.97
CA VAL F 145 -4.19 32.53 50.62
C VAL F 145 -3.93 32.28 52.11
N LEU F 146 -4.80 32.74 53.00
CA LEU F 146 -4.90 32.19 54.36
C LEU F 146 -5.67 30.88 54.32
N ALA F 147 -5.00 29.77 54.56
CA ALA F 147 -5.60 28.44 54.48
C ALA F 147 -6.73 28.26 55.51
N GLU F 148 -7.86 27.69 55.11
CA GLU F 148 -8.74 26.97 56.02
C GLU F 148 -8.24 25.54 56.23
N ASP F 149 -7.52 24.97 55.25
CA ASP F 149 -6.81 23.72 55.38
C ASP F 149 -5.69 23.58 54.35
N PHE F 150 -4.75 22.68 54.58
CA PHE F 150 -3.76 22.28 53.58
C PHE F 150 -4.11 20.89 53.05
N LEU F 151 -4.37 20.76 51.75
CA LEU F 151 -4.81 19.51 51.14
C LEU F 151 -3.76 18.92 50.21
N ASP F 152 -3.60 17.60 50.23
CA ASP F 152 -2.72 16.89 49.32
C ASP F 152 -3.22 17.03 47.88
N ILE F 153 -2.36 17.56 47.02
CA ILE F 153 -2.68 17.88 45.63
C ILE F 153 -3.18 16.65 44.84
N MET F 154 -2.69 15.46 45.18
CA MET F 154 -2.98 14.21 44.49
C MET F 154 -4.40 13.70 44.74
N GLY F 155 -5.14 14.33 45.65
CA GLY F 155 -6.46 13.86 46.07
C GLY F 155 -6.38 12.50 46.72
N GLN F 156 -7.47 11.76 46.69
CA GLN F 156 -7.59 10.43 47.30
C GLN F 156 -8.79 9.70 46.69
N PRO F 157 -8.67 8.47 46.18
CA PRO F 157 -9.78 7.76 45.55
C PRO F 157 -11.01 7.64 46.44
N ILE F 158 -12.15 8.13 45.95
CA ILE F 158 -13.46 7.97 46.60
C ILE F 158 -13.89 6.51 46.50
N ASN F 159 -14.44 5.97 47.57
CA ASN F 159 -14.94 4.60 47.64
C ASN F 159 -16.18 4.43 46.72
N PRO F 160 -16.22 3.47 45.77
CA PRO F 160 -17.39 3.21 44.94
C PRO F 160 -18.69 2.96 45.70
N GLN F 161 -18.64 2.49 46.94
CA GLN F 161 -19.81 2.40 47.83
C GLN F 161 -20.41 3.78 48.13
N CYS F 162 -19.59 4.82 48.26
CA CYS F 162 -20.00 6.17 48.65
C CYS F 162 -20.35 7.08 47.46
N ARG F 163 -20.14 6.65 46.23
CA ARG F 163 -20.57 7.41 45.04
C ARG F 163 -22.08 7.33 44.91
N ILE F 164 -22.70 8.45 44.53
CA ILE F 164 -24.11 8.51 44.14
C ILE F 164 -24.15 8.67 42.63
N TYR F 165 -24.97 7.88 41.94
CA TYR F 165 -25.07 8.00 40.49
C TYR F 165 -25.71 9.34 40.08
N PRO F 166 -25.11 10.11 39.16
CA PRO F 166 -25.65 11.41 38.77
C PRO F 166 -26.87 11.26 37.85
N GLU F 167 -27.99 11.91 38.20
CA GLU F 167 -29.27 11.79 37.48
C GLU F 167 -30.00 13.13 37.25
N GLU F 168 -29.57 14.22 37.87
CA GLU F 168 -30.19 15.53 37.64
C GLU F 168 -29.67 16.14 36.34
N MET F 169 -30.48 16.26 35.29
CA MET F 169 -30.03 16.87 34.05
C MET F 169 -29.75 18.37 34.20
N ILE F 170 -28.60 18.82 33.70
CA ILE F 170 -28.29 20.21 33.41
C ILE F 170 -28.83 20.55 32.02
N GLN F 171 -29.63 21.61 31.93
CA GLN F 171 -29.99 22.27 30.69
C GLN F 171 -28.86 23.24 30.32
N THR F 172 -28.07 22.98 29.29
CA THR F 172 -27.12 23.96 28.74
C THR F 172 -27.82 24.97 27.83
N GLY F 173 -29.02 24.63 27.39
CA GLY F 173 -29.78 25.34 26.38
C GLY F 173 -29.26 25.15 24.96
N ILE F 174 -28.13 24.48 24.75
CA ILE F 174 -27.58 24.15 23.44
C ILE F 174 -28.27 22.88 22.93
N SER F 175 -29.10 22.95 21.89
CA SER F 175 -29.95 21.82 21.49
C SER F 175 -29.18 20.56 21.13
N ALA F 176 -28.03 20.68 20.46
CA ALA F 176 -27.19 19.55 20.08
C ALA F 176 -26.61 18.78 21.29
N ILE F 177 -26.53 19.43 22.45
CA ILE F 177 -26.12 18.82 23.72
C ILE F 177 -27.37 18.34 24.44
N ASP F 178 -28.31 19.24 24.75
CA ASP F 178 -29.46 18.92 25.61
C ASP F 178 -30.38 17.84 25.04
N GLY F 179 -30.64 17.83 23.74
CA GLY F 179 -31.58 16.90 23.12
C GLY F 179 -30.99 15.54 22.74
N MET F 180 -29.68 15.44 22.56
CA MET F 180 -29.02 14.28 21.97
C MET F 180 -27.75 13.82 22.68
N ASN F 181 -27.32 14.52 23.74
CA ASN F 181 -26.17 14.18 24.58
C ASN F 181 -26.32 14.72 26.01
N SER F 182 -27.50 14.61 26.62
CA SER F 182 -27.85 15.32 27.86
C SER F 182 -26.82 15.14 28.97
N ILE F 183 -26.49 16.22 29.70
CA ILE F 183 -25.43 16.23 30.70
C ILE F 183 -26.06 16.10 32.09
N ALA F 184 -25.71 15.08 32.86
CA ALA F 184 -26.14 14.97 34.25
C ALA F 184 -25.21 15.79 35.17
N ARG F 185 -25.74 16.40 36.23
CA ARG F 185 -24.95 17.12 37.23
C ARG F 185 -24.03 16.14 37.97
N GLY F 186 -22.71 16.27 37.79
CA GLY F 186 -21.69 15.33 38.27
C GLY F 186 -20.95 14.52 37.20
N GLN F 187 -21.24 14.72 35.91
CA GLN F 187 -20.62 14.00 34.82
C GLN F 187 -19.19 14.47 34.48
N LYS F 188 -18.40 13.61 33.82
CA LYS F 188 -17.26 14.01 32.98
C LYS F 188 -17.65 13.95 31.52
N ILE F 189 -17.67 15.06 30.81
CA ILE F 189 -17.99 15.06 29.38
C ILE F 189 -17.12 16.08 28.63
N PRO F 190 -15.95 15.67 28.12
CA PRO F 190 -15.05 16.57 27.44
C PRO F 190 -15.56 17.06 26.09
N ILE F 191 -15.01 18.17 25.63
CA ILE F 191 -15.24 18.72 24.28
C ILE F 191 -14.03 18.36 23.42
N PHE F 192 -14.19 17.42 22.49
CA PHE F 192 -13.19 17.08 21.50
C PHE F 192 -13.28 18.05 20.36
N SER F 193 -12.24 18.84 20.17
CA SER F 193 -12.16 19.86 19.13
C SER F 193 -10.81 19.82 18.44
N ALA F 194 -10.49 20.81 17.62
CA ALA F 194 -9.21 20.92 16.94
C ALA F 194 -8.80 22.39 16.77
N ALA F 195 -7.55 22.65 16.38
CA ALA F 195 -7.06 24.02 16.20
C ALA F 195 -7.89 24.79 15.16
N GLY F 196 -8.28 26.02 15.51
CA GLY F 196 -9.11 26.90 14.70
C GLY F 196 -10.63 26.77 14.89
N LEU F 197 -11.12 25.76 15.60
CA LEU F 197 -12.55 25.58 15.90
C LEU F 197 -12.98 26.39 17.13
N PRO F 198 -14.28 26.60 17.38
CA PRO F 198 -14.76 27.52 18.42
C PRO F 198 -15.05 26.84 19.78
N HIS F 199 -14.21 25.93 20.25
CA HIS F 199 -14.39 25.25 21.53
C HIS F 199 -14.30 26.18 22.74
N ASN F 200 -13.56 27.28 22.64
CA ASN F 200 -13.57 28.29 23.70
C ASN F 200 -14.96 28.91 23.81
N GLU F 201 -15.56 29.33 22.69
CA GLU F 201 -16.86 29.96 22.65
C GLU F 201 -17.97 29.02 23.10
N ILE F 202 -17.94 27.75 22.71
CA ILE F 202 -18.89 26.76 23.22
C ILE F 202 -18.72 26.59 24.73
N ALA F 203 -17.51 26.42 25.23
CA ALA F 203 -17.28 26.28 26.66
C ALA F 203 -17.74 27.50 27.46
N ALA F 204 -17.51 28.71 26.94
CA ALA F 204 -18.04 29.93 27.53
C ALA F 204 -19.57 29.96 27.49
N GLN F 205 -20.21 29.55 26.39
CA GLN F 205 -21.67 29.48 26.33
C GLN F 205 -22.22 28.50 27.36
N ILE F 206 -21.59 27.34 27.53
CA ILE F 206 -22.01 26.37 28.55
C ILE F 206 -21.90 26.98 29.95
N CYS F 207 -20.79 27.64 30.29
CA CYS F 207 -20.64 28.32 31.57
C CYS F 207 -21.69 29.42 31.79
N ARG F 208 -22.05 30.14 30.73
CA ARG F 208 -23.03 31.22 30.73
C ARG F 208 -24.48 30.73 30.88
N GLN F 209 -24.80 29.51 30.45
CA GLN F 209 -26.18 29.03 30.32
C GLN F 209 -26.55 27.85 31.22
N ALA F 210 -25.60 27.14 31.81
CA ALA F 210 -25.90 25.95 32.61
C ALA F 210 -26.84 26.23 33.80
N GLY F 211 -27.86 25.39 33.95
CA GLY F 211 -28.80 25.40 35.07
C GLY F 211 -29.66 24.14 35.04
N LEU F 212 -30.40 23.85 36.10
CA LEU F 212 -31.23 22.64 36.18
C LEU F 212 -32.50 22.80 35.33
N VAL F 213 -33.03 21.70 34.78
CA VAL F 213 -34.26 21.69 33.97
C VAL F 213 -35.47 22.20 34.76
N ASN F 226 -26.73 28.35 41.71
CA ASN F 226 -25.66 28.70 40.75
C ASN F 226 -24.54 27.68 40.80
N PHE F 227 -23.81 27.49 39.70
CA PHE F 227 -22.52 26.80 39.70
C PHE F 227 -21.41 27.73 40.19
N ALA F 228 -20.48 27.23 41.00
CA ALA F 228 -19.16 27.83 41.15
C ALA F 228 -18.27 27.31 40.02
N ILE F 229 -17.44 28.15 39.39
CA ILE F 229 -16.57 27.70 38.30
C ILE F 229 -15.13 27.70 38.74
N VAL F 230 -14.44 26.57 38.55
CA VAL F 230 -12.99 26.48 38.68
C VAL F 230 -12.41 26.22 37.30
N PHE F 231 -11.56 27.11 36.83
CA PHE F 231 -11.04 27.11 35.49
C PHE F 231 -9.52 26.98 35.49
N ALA F 232 -9.00 25.97 34.80
CA ALA F 232 -7.57 25.77 34.60
C ALA F 232 -7.20 25.94 33.13
N ALA F 233 -6.10 26.62 32.86
CA ALA F 233 -5.54 26.75 31.53
C ALA F 233 -4.13 26.18 31.47
N MET F 234 -3.86 25.27 30.53
CA MET F 234 -2.52 24.76 30.27
C MET F 234 -2.07 25.17 28.87
N GLY F 235 -1.00 25.96 28.76
CA GLY F 235 -0.36 26.28 27.49
C GLY F 235 -1.14 27.22 26.56
N VAL F 236 -2.06 28.02 27.09
CA VAL F 236 -2.88 28.98 26.32
C VAL F 236 -2.08 30.20 25.86
N ASN F 237 -2.40 30.76 24.70
CA ASN F 237 -1.91 32.07 24.26
C ASN F 237 -2.64 33.20 24.99
N MET F 238 -2.07 34.40 25.06
CA MET F 238 -2.68 35.51 25.81
C MET F 238 -4.09 35.88 25.31
N GLU F 239 -4.42 35.76 24.02
CA GLU F 239 -5.76 36.06 23.55
C GLU F 239 -6.79 35.05 24.03
N THR F 240 -6.41 33.78 24.25
CA THR F 240 -7.29 32.79 24.89
C THR F 240 -7.48 33.12 26.37
N ALA F 241 -6.41 33.48 27.08
CA ALA F 241 -6.50 33.86 28.48
C ALA F 241 -7.39 35.10 28.68
N ARG F 242 -7.26 36.10 27.81
CA ARG F 242 -8.12 37.29 27.80
C ARG F 242 -9.57 36.95 27.51
N PHE F 243 -9.86 36.08 26.54
CA PHE F 243 -11.23 35.74 26.18
C PHE F 243 -12.05 35.27 27.38
N PHE F 244 -11.57 34.25 28.10
CA PHE F 244 -12.29 33.74 29.26
C PHE F 244 -12.41 34.79 30.36
N LYS F 245 -11.31 35.43 30.76
CA LYS F 245 -11.34 36.39 31.87
C LYS F 245 -12.28 37.57 31.56
N SER F 246 -12.26 38.04 30.32
CA SER F 246 -13.17 39.05 29.81
C SER F 246 -14.62 38.59 29.88
N ASP F 247 -14.95 37.42 29.36
CA ASP F 247 -16.31 36.90 29.34
C ASP F 247 -16.87 36.71 30.75
N PHE F 248 -16.08 36.17 31.68
CA PHE F 248 -16.49 36.04 33.07
C PHE F 248 -16.71 37.40 33.75
N GLU F 249 -15.93 38.43 33.45
CA GLU F 249 -16.17 39.79 33.94
C GLU F 249 -17.34 40.49 33.24
N GLU F 250 -17.57 40.23 31.96
CA GLU F 250 -18.65 40.83 31.17
C GLU F 250 -20.01 40.31 31.59
N ASN F 251 -20.11 39.02 31.93
CA ASN F 251 -21.31 38.43 32.52
C ASN F 251 -21.44 38.71 34.03
N GLY F 252 -20.58 39.56 34.61
CA GLY F 252 -20.59 39.91 36.04
C GLY F 252 -20.22 38.77 36.99
N SER F 253 -19.95 37.57 36.46
CA SER F 253 -19.81 36.33 37.22
C SER F 253 -18.52 36.21 38.04
N MET F 254 -17.52 37.07 37.81
CA MET F 254 -16.14 36.85 38.24
C MET F 254 -15.95 36.68 39.76
N ASP F 255 -16.84 37.21 40.60
CA ASP F 255 -16.77 36.99 42.06
C ASP F 255 -17.11 35.56 42.50
N ASN F 256 -17.42 34.68 41.54
CA ASN F 256 -17.82 33.28 41.69
C ASN F 256 -17.03 32.37 40.71
N VAL F 257 -15.84 32.80 40.28
CA VAL F 257 -14.94 32.06 39.40
C VAL F 257 -13.54 32.03 39.98
N CYS F 258 -12.87 30.89 39.95
CA CYS F 258 -11.46 30.74 40.31
C CYS F 258 -10.65 30.37 39.06
N LEU F 259 -9.60 31.12 38.71
CA LEU F 259 -8.77 30.86 37.53
C LEU F 259 -7.33 30.47 37.91
N PHE F 260 -6.82 29.38 37.32
CA PHE F 260 -5.40 29.04 37.32
C PHE F 260 -4.85 29.15 35.89
N LEU F 261 -3.89 30.01 35.63
CA LEU F 261 -3.34 30.25 34.31
C LEU F 261 -1.89 29.79 34.19
N ASN F 262 -1.62 28.86 33.28
CA ASN F 262 -0.29 28.59 32.76
C ASN F 262 -0.35 28.87 31.26
N LEU F 263 0.33 29.92 30.81
CA LEU F 263 0.33 30.36 29.42
C LEU F 263 1.42 29.67 28.60
N ALA F 264 1.41 29.83 27.28
CA ALA F 264 2.30 29.14 26.36
C ALA F 264 3.79 29.38 26.61
N ASN F 265 4.17 30.49 27.24
CA ASN F 265 5.53 30.83 27.64
C ASN F 265 5.90 30.40 29.08
N ASP F 266 4.94 29.99 29.91
CA ASP F 266 5.21 29.53 31.27
C ASP F 266 5.89 28.13 31.29
N PRO F 267 6.47 27.68 32.41
CA PRO F 267 7.14 26.38 32.48
C PRO F 267 6.25 25.20 32.14
N THR F 268 6.78 24.21 31.42
CA THR F 268 5.98 23.06 30.98
C THR F 268 5.57 22.16 32.15
N ILE F 269 6.45 21.93 33.12
CA ILE F 269 6.18 20.95 34.19
C ILE F 269 5.18 21.49 35.23
N GLU F 270 4.92 22.81 35.28
CA GLU F 270 3.74 23.30 36.00
C GLU F 270 2.43 22.70 35.46
N ARG F 271 2.36 22.40 34.16
CA ARG F 271 1.12 21.93 33.53
C ARG F 271 0.67 20.61 34.13
N ILE F 272 1.58 19.78 34.60
CA ILE F 272 1.20 18.50 35.19
C ILE F 272 0.75 18.60 36.65
N ILE F 273 0.88 19.76 37.30
CA ILE F 273 0.26 20.02 38.61
C ILE F 273 -0.93 20.97 38.53
N THR F 274 -1.02 21.80 37.49
CA THR F 274 -2.11 22.77 37.32
C THR F 274 -3.50 22.15 37.47
N PRO F 275 -3.88 21.05 36.78
CA PRO F 275 -5.22 20.50 36.93
C PRO F 275 -5.42 19.84 38.30
N ARG F 276 -4.36 19.45 39.00
CA ARG F 276 -4.44 18.86 40.33
C ARG F 276 -4.62 19.91 41.41
N LEU F 277 -4.06 21.11 41.25
CA LEU F 277 -4.40 22.28 42.07
C LEU F 277 -5.86 22.68 41.90
N ALA F 278 -6.32 22.77 40.65
CA ALA F 278 -7.70 23.13 40.35
C ALA F 278 -8.69 22.11 40.92
N LEU F 279 -8.47 20.81 40.71
CA LEU F 279 -9.37 19.78 41.20
C LEU F 279 -9.34 19.64 42.72
N THR F 280 -8.21 19.91 43.38
CA THR F 280 -8.17 19.99 44.84
C THR F 280 -9.04 21.13 45.38
N THR F 281 -9.09 22.25 44.68
CA THR F 281 -9.95 23.38 45.02
C THR F 281 -11.42 23.03 44.81
N ALA F 282 -11.76 22.35 43.73
CA ALA F 282 -13.11 21.88 43.48
C ALA F 282 -13.56 20.85 44.53
N GLU F 283 -12.70 19.97 45.00
CA GLU F 283 -13.02 18.98 46.03
C GLU F 283 -13.27 19.59 47.40
N PHE F 284 -12.55 20.65 47.80
CA PHE F 284 -12.87 21.41 49.01
C PHE F 284 -14.22 22.10 48.89
N LEU F 285 -14.42 22.85 47.79
CA LEU F 285 -15.66 23.59 47.55
C LEU F 285 -16.86 22.66 47.48
N ALA F 286 -16.77 21.53 46.79
CA ALA F 286 -17.86 20.59 46.65
C ALA F 286 -18.09 19.72 47.89
N TYR F 287 -17.06 19.06 48.43
CA TYR F 287 -17.23 18.02 49.43
C TYR F 287 -17.00 18.47 50.87
N GLN F 288 -16.62 19.73 51.11
CA GLN F 288 -16.60 20.31 52.46
C GLN F 288 -17.50 21.54 52.58
N CYS F 289 -17.44 22.49 51.65
CA CYS F 289 -18.35 23.63 51.60
C CYS F 289 -19.68 23.36 50.85
N GLU F 290 -19.95 22.14 50.42
CA GLU F 290 -21.23 21.71 49.84
C GLU F 290 -21.73 22.46 48.57
N LYS F 291 -20.85 23.13 47.81
CA LYS F 291 -21.21 23.83 46.56
C LYS F 291 -21.38 22.88 45.37
N HIS F 292 -22.03 23.34 44.31
CA HIS F 292 -22.01 22.67 43.01
C HIS F 292 -20.96 23.32 42.13
N VAL F 293 -19.92 22.57 41.77
CA VAL F 293 -18.75 23.06 41.06
C VAL F 293 -18.75 22.59 39.62
N LEU F 294 -18.46 23.48 38.68
CA LEU F 294 -18.16 23.15 37.30
C LEU F 294 -16.67 23.40 37.07
N VAL F 295 -15.92 22.37 36.67
CA VAL F 295 -14.48 22.46 36.47
C VAL F 295 -14.19 22.38 34.99
N ILE F 296 -13.48 23.39 34.49
CA ILE F 296 -13.07 23.52 33.10
C ILE F 296 -11.56 23.37 33.02
N LEU F 297 -11.08 22.39 32.25
CA LEU F 297 -9.65 22.13 32.08
C LEU F 297 -9.30 22.40 30.62
N THR F 298 -8.48 23.41 30.35
CA THR F 298 -8.38 23.96 29.00
C THR F 298 -7.16 23.43 28.27
N ASP F 299 -7.44 22.72 27.19
CA ASP F 299 -6.51 21.94 26.38
C ASP F 299 -5.71 20.89 27.17
N MET F 300 -6.37 19.77 27.43
CA MET F 300 -5.71 18.57 27.96
C MET F 300 -4.63 18.04 27.02
N SER F 301 -4.64 18.37 25.74
CA SER F 301 -3.54 17.99 24.86
C SER F 301 -2.24 18.68 25.27
N SER F 302 -2.29 19.87 25.86
CA SER F 302 -1.10 20.51 26.46
C SER F 302 -0.61 19.80 27.71
N TYR F 303 -1.51 19.23 28.49
CA TYR F 303 -1.15 18.40 29.64
C TYR F 303 -0.48 17.11 29.19
N ALA F 304 -1.08 16.39 28.24
CA ALA F 304 -0.52 15.17 27.70
C ALA F 304 0.85 15.38 27.02
N GLU F 305 1.03 16.47 26.28
CA GLU F 305 2.31 16.82 25.65
C GLU F 305 3.40 17.15 26.67
N ALA F 306 3.08 17.85 27.76
CA ALA F 306 4.00 18.07 28.86
C ALA F 306 4.35 16.76 29.59
N LEU F 307 3.38 15.85 29.74
CA LEU F 307 3.59 14.56 30.37
C LEU F 307 4.52 13.66 29.54
N ARG F 308 4.35 13.66 28.21
CA ARG F 308 5.24 12.97 27.27
C ARG F 308 6.65 13.50 27.36
N GLU F 309 6.82 14.82 27.37
CA GLU F 309 8.12 15.48 27.50
C GLU F 309 8.83 15.16 28.82
N VAL F 310 8.10 15.13 29.94
CA VAL F 310 8.65 14.70 31.23
C VAL F 310 9.05 13.23 31.22
N SER F 311 8.18 12.35 30.73
CA SER F 311 8.42 10.91 30.77
C SER F 311 9.55 10.48 29.83
N ALA F 312 9.66 11.11 28.65
CA ALA F 312 10.74 10.89 27.71
C ALA F 312 12.13 11.11 28.32
N ALA F 313 12.27 12.02 29.28
CA ALA F 313 13.52 12.26 29.98
C ALA F 313 13.89 11.15 30.99
N ARG F 314 12.89 10.46 31.58
CA ARG F 314 13.13 9.30 32.47
C ARG F 314 13.27 7.97 31.71
N GLU F 315 12.93 7.93 30.42
CA GLU F 315 12.99 6.74 29.55
C GLU F 315 12.10 5.58 30.02
N GLU F 316 10.94 5.93 30.57
CA GLU F 316 9.87 4.99 30.88
C GLU F 316 9.30 4.37 29.59
N VAL F 317 8.64 3.21 29.67
CA VAL F 317 8.17 2.47 28.48
C VAL F 317 7.19 3.32 27.66
N PRO F 318 7.38 3.51 26.35
CA PRO F 318 6.44 4.25 25.53
C PRO F 318 5.19 3.41 25.20
N GLY F 319 4.05 4.06 25.10
CA GLY F 319 2.84 3.56 24.45
C GLY F 319 2.74 4.04 23.00
N ARG F 320 1.53 4.06 22.43
CA ARG F 320 1.30 4.56 21.07
C ARG F 320 1.76 6.00 20.91
N ARG F 321 2.28 6.35 19.73
CA ARG F 321 2.73 7.70 19.33
C ARG F 321 3.65 8.37 20.37
N GLY F 322 4.41 7.57 21.12
CA GLY F 322 5.46 8.03 22.03
C GLY F 322 4.99 8.55 23.39
N PHE F 323 3.68 8.52 23.69
CA PHE F 323 3.16 8.91 25.00
C PHE F 323 3.58 7.91 26.09
N PRO F 324 3.52 8.26 27.38
CA PRO F 324 3.95 7.34 28.44
C PRO F 324 3.08 6.09 28.49
N GLY F 325 3.64 4.93 28.83
CA GLY F 325 2.88 3.68 28.90
C GLY F 325 1.72 3.71 29.91
N TYR F 326 1.81 4.57 30.93
CA TYR F 326 0.81 4.79 31.98
C TYR F 326 -0.14 5.96 31.73
N MET F 327 -0.17 6.57 30.54
CA MET F 327 -0.99 7.76 30.30
C MET F 327 -2.48 7.58 30.62
N TYR F 328 -3.05 6.39 30.37
CA TYR F 328 -4.44 6.09 30.75
C TYR F 328 -4.65 6.27 32.25
N THR F 329 -3.79 5.69 33.08
CA THR F 329 -3.88 5.80 34.52
C THR F 329 -3.77 7.26 34.94
N ASP F 330 -2.80 7.98 34.36
CA ASP F 330 -2.55 9.36 34.73
C ASP F 330 -3.75 10.27 34.46
N LEU F 331 -4.27 10.26 33.24
CA LEU F 331 -5.51 10.96 32.89
C LEU F 331 -6.68 10.51 33.78
N ALA F 332 -6.79 9.22 34.11
CA ALA F 332 -7.84 8.72 34.98
C ALA F 332 -7.75 9.30 36.39
N THR F 333 -6.57 9.60 36.92
CA THR F 333 -6.47 10.27 38.22
C THR F 333 -7.02 11.69 38.22
N ILE F 334 -7.22 12.31 37.06
CA ILE F 334 -7.79 13.65 36.90
C ILE F 334 -9.29 13.54 36.63
N TYR F 335 -9.68 12.76 35.64
CA TYR F 335 -11.08 12.65 35.25
C TYR F 335 -11.96 11.94 36.28
N GLU F 336 -11.47 10.98 37.06
CA GLU F 336 -12.28 10.35 38.10
C GLU F 336 -12.53 11.27 39.31
N ARG F 337 -11.91 12.45 39.39
CA ARG F 337 -12.16 13.46 40.44
C ARG F 337 -13.38 14.31 40.07
N ALA F 338 -14.52 13.64 39.89
CA ALA F 338 -15.82 14.24 39.58
C ALA F 338 -16.96 13.40 40.16
N GLY F 339 -18.16 13.96 40.28
CA GLY F 339 -19.37 13.24 40.71
C GLY F 339 -20.01 13.74 41.99
N ARG F 340 -21.07 13.05 42.41
CA ARG F 340 -21.76 13.21 43.70
C ARG F 340 -21.28 12.15 44.69
N VAL F 341 -21.47 12.38 45.98
CA VAL F 341 -21.16 11.42 47.06
C VAL F 341 -22.27 11.36 48.11
N GLU F 342 -22.30 10.28 48.88
CA GLU F 342 -23.31 10.05 49.92
C GLU F 342 -23.31 11.13 51.01
N GLY F 343 -24.49 11.61 51.39
CA GLY F 343 -24.69 12.46 52.56
C GLY F 343 -24.16 13.90 52.48
N ARG F 344 -23.62 14.32 51.32
CA ARG F 344 -23.13 15.69 51.08
C ARG F 344 -23.85 16.31 49.90
N ASN F 345 -24.29 17.56 49.99
CA ASN F 345 -25.08 18.20 48.93
C ASN F 345 -24.27 18.51 47.66
N GLY F 346 -23.00 18.87 47.79
CA GLY F 346 -22.20 19.36 46.68
C GLY F 346 -21.90 18.32 45.60
N SER F 347 -21.35 18.78 44.47
CA SER F 347 -21.00 17.93 43.33
C SER F 347 -19.92 18.57 42.46
N ILE F 348 -19.12 17.78 41.76
CA ILE F 348 -18.15 18.29 40.76
C ILE F 348 -18.54 17.80 39.37
N THR F 349 -18.76 18.69 38.42
CA THR F 349 -18.92 18.37 36.99
C THR F 349 -17.65 18.75 36.27
N GLN F 350 -17.10 17.89 35.41
CA GLN F 350 -15.92 18.22 34.63
C GLN F 350 -16.23 18.35 33.16
N ILE F 351 -15.72 19.41 32.53
CA ILE F 351 -15.76 19.58 31.08
C ILE F 351 -14.33 19.90 30.59
N PRO F 352 -13.45 18.89 30.45
CA PRO F 352 -12.14 19.07 29.86
C PRO F 352 -12.24 19.39 28.37
N ILE F 353 -11.40 20.26 27.85
CA ILE F 353 -11.40 20.62 26.43
C ILE F 353 -10.14 20.02 25.78
N LEU F 354 -10.27 19.38 24.62
CA LEU F 354 -9.18 18.72 23.91
C LEU F 354 -9.00 19.31 22.53
N THR F 355 -7.73 19.39 22.10
CA THR F 355 -7.38 19.58 20.69
C THR F 355 -6.89 18.25 20.13
N MET F 356 -7.59 17.69 19.17
CA MET F 356 -7.22 16.47 18.45
C MET F 356 -6.13 16.75 17.40
N PRO F 357 -4.94 16.14 17.48
CA PRO F 357 -3.89 16.38 16.49
C PRO F 357 -4.30 15.89 15.09
N ASN F 358 -4.21 16.76 14.08
CA ASN F 358 -4.67 16.51 12.71
C ASN F 358 -6.14 16.02 12.61
N ASP F 359 -7.00 16.42 13.54
CA ASP F 359 -8.41 16.02 13.64
C ASP F 359 -8.65 14.51 13.82
N ASP F 360 -7.64 13.74 14.23
CA ASP F 360 -7.69 12.27 14.34
C ASP F 360 -8.20 11.79 15.70
N ILE F 361 -9.45 11.32 15.78
CA ILE F 361 -10.04 10.79 17.02
C ILE F 361 -9.37 9.49 17.52
N THR F 362 -8.56 8.82 16.69
CA THR F 362 -7.84 7.60 17.09
C THR F 362 -6.49 7.90 17.74
N HIS F 363 -6.04 9.16 17.74
CA HIS F 363 -4.81 9.59 18.40
C HIS F 363 -4.90 9.30 19.91
N PRO F 364 -3.83 8.89 20.60
CA PRO F 364 -3.90 8.49 22.01
C PRO F 364 -4.58 9.48 22.96
N ILE F 365 -4.53 10.78 22.72
CA ILE F 365 -5.11 11.77 23.64
C ILE F 365 -6.65 11.71 23.66
N PRO F 366 -7.38 11.92 22.53
CA PRO F 366 -8.82 11.71 22.48
C PRO F 366 -9.24 10.26 22.71
N ASP F 367 -8.43 9.29 22.28
CA ASP F 367 -8.69 7.87 22.47
C ASP F 367 -8.73 7.48 23.94
N LEU F 368 -7.63 7.65 24.69
CA LEU F 368 -7.60 7.28 26.10
C LEU F 368 -8.53 8.16 26.95
N THR F 369 -8.81 9.38 26.53
CA THR F 369 -9.82 10.21 27.18
C THR F 369 -11.23 9.66 26.98
N GLY F 370 -11.60 9.22 25.79
CA GLY F 370 -12.92 8.65 25.54
C GLY F 370 -13.12 7.32 26.28
N TYR F 371 -12.06 6.56 26.49
CA TYR F 371 -12.11 5.35 27.30
C TYR F 371 -12.43 5.63 28.78
N ILE F 372 -12.16 6.83 29.30
CA ILE F 372 -12.36 7.15 30.72
C ILE F 372 -13.63 7.98 30.94
N THR F 373 -13.85 8.99 30.11
CA THR F 373 -14.90 9.99 30.34
C THR F 373 -16.27 9.45 29.97
N GLU F 374 -17.35 10.08 30.44
CA GLU F 374 -18.72 9.55 30.31
C GLU F 374 -19.42 10.00 29.03
N GLY F 375 -18.66 10.11 27.95
CA GLY F 375 -19.11 10.66 26.68
C GLY F 375 -18.12 11.68 26.13
N GLN F 376 -18.50 12.34 25.05
CA GLN F 376 -17.75 13.45 24.48
C GLN F 376 -18.70 14.30 23.64
N ILE F 377 -18.43 15.60 23.54
CA ILE F 377 -19.04 16.49 22.55
C ILE F 377 -17.98 16.69 21.48
N TYR F 378 -18.35 16.55 20.21
CA TYR F 378 -17.41 16.57 19.10
C TYR F 378 -17.65 17.81 18.23
N VAL F 379 -16.65 18.66 18.09
CA VAL F 379 -16.73 19.90 17.30
C VAL F 379 -16.09 19.62 15.94
N ASP F 380 -16.82 19.87 14.84
CA ASP F 380 -16.48 19.38 13.51
C ASP F 380 -16.05 20.50 12.58
N ARG F 381 -14.84 20.36 11.99
CA ARG F 381 -14.31 21.32 11.03
C ARG F 381 -15.21 21.49 9.82
N GLN F 382 -15.86 20.43 9.35
CA GLN F 382 -16.69 20.51 8.15
C GLN F 382 -17.98 21.29 8.38
N LEU F 383 -18.52 21.28 9.61
CA LEU F 383 -19.64 22.15 9.99
C LEU F 383 -19.16 23.60 10.22
N HIS F 384 -17.98 23.78 10.82
CA HIS F 384 -17.41 25.11 11.02
C HIS F 384 -17.10 25.83 9.70
N ASN F 385 -16.53 25.14 8.72
CA ASN F 385 -16.28 25.67 7.38
C ASN F 385 -17.59 26.11 6.67
N ARG F 386 -18.71 25.43 6.93
CA ARG F 386 -20.05 25.80 6.45
C ARG F 386 -20.72 26.94 7.25
N GLN F 387 -19.99 27.57 8.17
CA GLN F 387 -20.42 28.72 8.97
C GLN F 387 -21.59 28.44 9.94
N ILE F 388 -21.85 27.17 10.27
CA ILE F 388 -22.81 26.76 11.30
C ILE F 388 -22.22 27.07 12.70
N TYR F 389 -23.06 27.46 13.66
CA TYR F 389 -22.68 27.52 15.08
C TYR F 389 -23.78 26.95 15.99
N PRO F 390 -23.47 26.12 17.00
CA PRO F 390 -22.17 25.52 17.26
C PRO F 390 -21.86 24.38 16.27
N PRO F 391 -20.60 24.12 15.89
CA PRO F 391 -20.24 23.05 14.95
C PRO F 391 -20.34 21.61 15.49
N ILE F 392 -21.31 21.30 16.35
CA ILE F 392 -21.38 19.99 17.02
C ILE F 392 -21.94 18.94 16.07
N ASN F 393 -21.10 18.07 15.53
CA ASN F 393 -21.54 16.89 14.79
C ASN F 393 -21.99 15.81 15.77
N VAL F 394 -23.27 15.46 15.77
CA VAL F 394 -23.80 14.52 16.76
C VAL F 394 -23.28 13.08 16.58
N LEU F 395 -22.86 12.62 15.40
CA LEU F 395 -22.56 11.19 15.23
C LEU F 395 -21.37 10.70 16.07
N PRO F 396 -20.18 11.35 16.10
CA PRO F 396 -19.08 10.92 16.95
C PRO F 396 -19.23 11.30 18.43
N SER F 397 -20.26 12.07 18.78
CA SER F 397 -20.52 12.52 20.16
C SER F 397 -21.31 11.47 20.96
N LEU F 398 -21.23 11.52 22.30
CA LEU F 398 -21.92 10.61 23.20
C LEU F 398 -22.19 11.29 24.54
N SER F 399 -23.25 10.90 25.25
CA SER F 399 -23.34 11.00 26.72
C SER F 399 -23.84 9.68 27.31
N ARG F 400 -23.12 9.09 28.27
CA ARG F 400 -23.47 7.80 28.90
C ARG F 400 -24.53 7.95 29.99
N LEU F 401 -24.42 9.00 30.80
CA LEU F 401 -25.34 9.31 31.89
C LEU F 401 -26.69 9.89 31.42
N MET F 402 -26.83 10.23 30.14
CA MET F 402 -28.10 10.67 29.54
C MET F 402 -29.24 9.67 29.74
N LYS F 403 -28.98 8.36 29.58
CA LYS F 403 -29.99 7.30 29.56
C LYS F 403 -30.93 7.24 30.77
N SER F 404 -30.49 7.74 31.92
CA SER F 404 -31.24 7.77 33.19
C SER F 404 -31.58 9.17 33.68
N ALA F 405 -31.04 10.23 33.09
CA ALA F 405 -31.33 11.62 33.42
C ALA F 405 -32.53 12.21 32.65
N ILE F 406 -33.23 11.42 31.82
CA ILE F 406 -34.28 11.85 30.88
C ILE F 406 -35.52 10.95 30.97
N GLY F 407 -36.61 11.40 30.37
CA GLY F 407 -37.85 10.62 30.24
C GLY F 407 -38.94 11.11 31.17
N GLU F 408 -39.89 10.25 31.52
CA GLU F 408 -41.03 10.60 32.38
C GLU F 408 -40.57 11.10 33.75
N GLY F 409 -41.17 12.19 34.23
CA GLY F 409 -40.81 12.89 35.47
C GLY F 409 -39.50 13.68 35.41
N MET F 410 -38.52 13.21 34.63
CA MET F 410 -37.21 13.83 34.45
C MET F 410 -37.26 15.01 33.47
N THR F 411 -37.82 14.80 32.29
CA THR F 411 -37.92 15.80 31.20
C THR F 411 -39.29 15.74 30.53
N ARG F 412 -39.51 14.80 29.59
CA ARG F 412 -40.80 14.45 28.98
C ARG F 412 -40.75 13.00 28.49
N LYS F 413 -41.91 12.33 28.41
CA LYS F 413 -42.01 10.89 28.07
C LYS F 413 -41.42 10.52 26.69
N ASP F 414 -41.42 11.44 25.73
CA ASP F 414 -40.92 11.21 24.37
C ASP F 414 -39.39 11.30 24.24
N HIS F 415 -38.67 11.86 25.22
CA HIS F 415 -37.30 12.34 25.04
C HIS F 415 -36.36 11.21 24.62
N ALA F 416 -36.49 10.05 25.23
CA ALA F 416 -35.68 8.88 24.92
C ALA F 416 -35.97 8.28 23.54
N ASP F 417 -37.16 8.49 22.98
CA ASP F 417 -37.57 7.95 21.67
C ASP F 417 -37.19 8.91 20.54
N VAL F 418 -37.50 10.20 20.70
CA VAL F 418 -37.21 11.26 19.73
C VAL F 418 -35.72 11.35 19.47
N SER F 419 -34.91 11.29 20.53
CA SER F 419 -33.47 11.38 20.42
C SER F 419 -32.88 10.26 19.55
N ASN F 420 -33.28 9.01 19.81
CA ASN F 420 -32.85 7.84 19.04
C ASN F 420 -33.34 7.89 17.59
N GLN F 421 -34.55 8.38 17.31
CA GLN F 421 -35.00 8.51 15.93
C GLN F 421 -34.28 9.63 15.18
N LEU F 422 -33.95 10.76 15.81
CA LEU F 422 -33.12 11.80 15.19
C LEU F 422 -31.73 11.27 14.84
N TYR F 423 -31.09 10.48 15.70
CA TYR F 423 -29.83 9.80 15.36
C TYR F 423 -29.98 8.88 14.14
N ALA F 424 -31.02 8.05 14.08
CA ALA F 424 -31.24 7.16 12.96
C ALA F 424 -31.43 7.90 11.63
N CYS F 425 -32.28 8.93 11.60
CA CYS F 425 -32.53 9.68 10.37
C CYS F 425 -31.31 10.48 9.94
N TYR F 426 -30.50 10.98 10.87
CA TYR F 426 -29.29 11.72 10.55
C TYR F 426 -28.20 10.81 9.98
N ALA F 427 -28.06 9.60 10.52
CA ALA F 427 -27.15 8.61 10.00
C ALA F 427 -27.52 8.14 8.59
N ILE F 428 -28.81 7.89 8.35
CA ILE F 428 -29.33 7.52 7.03
C ILE F 428 -29.22 8.69 6.04
N GLY F 429 -29.52 9.92 6.46
CA GLY F 429 -29.33 11.11 5.64
C GLY F 429 -27.89 11.29 5.17
N LYS F 430 -26.91 11.07 6.05
CA LYS F 430 -25.49 11.01 5.69
C LYS F 430 -25.18 9.90 4.67
N ASP F 431 -25.75 8.71 4.83
CA ASP F 431 -25.56 7.62 3.86
C ASP F 431 -26.14 7.94 2.47
N VAL F 432 -27.30 8.60 2.40
CA VAL F 432 -27.88 9.04 1.12
C VAL F 432 -27.06 10.14 0.48
N GLN F 433 -26.58 11.12 1.25
CA GLN F 433 -25.69 12.16 0.74
C GLN F 433 -24.38 11.58 0.19
N ALA F 434 -23.86 10.51 0.81
CA ALA F 434 -22.71 9.78 0.30
C ALA F 434 -23.02 8.97 -0.97
N MET F 435 -24.23 8.42 -1.11
CA MET F 435 -24.68 7.75 -2.33
C MET F 435 -24.82 8.74 -3.49
N LYS F 436 -25.46 9.89 -3.25
CA LYS F 436 -25.62 10.98 -4.24
C LYS F 436 -24.31 11.39 -4.90
N ALA F 437 -23.23 11.48 -4.14
CA ALA F 437 -21.91 11.84 -4.68
C ALA F 437 -21.37 10.85 -5.74
N VAL F 438 -21.81 9.59 -5.73
CA VAL F 438 -21.44 8.60 -6.75
C VAL F 438 -22.43 8.59 -7.91
N VAL F 439 -23.73 8.42 -7.64
CA VAL F 439 -24.75 8.17 -8.68
C VAL F 439 -25.52 9.39 -9.20
N GLY F 440 -25.45 10.54 -8.53
CA GLY F 440 -26.20 11.75 -8.89
C GLY F 440 -27.69 11.70 -8.56
N GLU F 441 -28.35 12.87 -8.51
CA GLU F 441 -29.74 13.01 -8.02
C GLU F 441 -30.77 12.16 -8.77
N GLU F 442 -30.65 11.99 -10.08
CA GLU F 442 -31.61 11.22 -10.88
C GLU F 442 -31.75 9.75 -10.43
N ALA F 443 -30.75 9.19 -9.75
CA ALA F 443 -30.83 7.82 -9.23
C ALA F 443 -31.63 7.68 -7.92
N LEU F 444 -31.79 8.77 -7.16
CA LEU F 444 -32.42 8.76 -5.83
C LEU F 444 -33.94 8.54 -5.91
N THR F 445 -34.50 7.63 -5.12
CA THR F 445 -35.96 7.51 -4.99
C THR F 445 -36.52 8.57 -4.03
N SER F 446 -37.82 8.86 -4.05
CA SER F 446 -38.42 9.87 -3.16
C SER F 446 -38.14 9.61 -1.68
N ASP F 447 -38.05 8.33 -1.27
CA ASP F 447 -37.67 7.98 0.10
C ASP F 447 -36.25 8.44 0.45
N ASP F 448 -35.32 8.41 -0.49
CA ASP F 448 -33.97 8.95 -0.30
C ASP F 448 -34.02 10.48 -0.20
N LEU F 449 -34.85 11.13 -1.01
CA LEU F 449 -35.02 12.58 -0.96
C LEU F 449 -35.66 13.06 0.35
N LEU F 450 -36.51 12.27 1.01
CA LEU F 450 -37.02 12.62 2.35
C LEU F 450 -35.87 12.71 3.36
N TYR F 451 -35.01 11.69 3.45
CA TYR F 451 -33.84 11.74 4.35
C TYR F 451 -32.90 12.88 4.01
N LEU F 452 -32.72 13.19 2.72
CA LEU F 452 -31.86 14.27 2.27
C LEU F 452 -32.48 15.67 2.48
N GLU F 453 -33.80 15.77 2.64
CA GLU F 453 -34.49 16.99 3.11
C GLU F 453 -34.43 17.12 4.63
N PHE F 454 -34.63 16.03 5.38
CA PHE F 454 -34.44 16.02 6.82
C PHE F 454 -33.04 16.52 7.17
N LEU F 455 -32.02 16.05 6.45
CA LEU F 455 -30.63 16.41 6.70
C LEU F 455 -30.41 17.93 6.66
N GLN F 456 -30.94 18.60 5.64
CA GLN F 456 -30.79 20.04 5.50
C GLN F 456 -31.52 20.80 6.60
N LYS F 457 -32.77 20.42 6.90
CA LYS F 457 -33.58 21.08 7.93
C LYS F 457 -33.04 20.84 9.34
N PHE F 458 -32.47 19.66 9.63
CA PHE F 458 -31.86 19.34 10.93
C PHE F 458 -30.66 20.24 11.24
N GLU F 459 -29.74 20.39 10.30
CA GLU F 459 -28.55 21.22 10.52
C GLU F 459 -28.89 22.73 10.64
N LYS F 460 -29.92 23.22 9.96
CA LYS F 460 -30.40 24.62 10.09
C LYS F 460 -31.27 24.89 11.31
N ASN F 461 -32.13 23.96 11.74
CA ASN F 461 -33.09 24.20 12.83
C ASN F 461 -32.62 23.62 14.17
N PHE F 462 -32.19 22.36 14.20
CA PHE F 462 -31.82 21.69 15.45
C PHE F 462 -30.39 22.02 15.87
N ILE F 463 -29.41 21.91 14.96
CA ILE F 463 -28.00 22.21 15.30
C ILE F 463 -27.76 23.71 15.41
N THR F 464 -27.94 24.48 14.32
CA THR F 464 -27.62 25.91 14.29
C THR F 464 -28.44 26.70 15.30
N GLN F 465 -27.80 27.61 16.03
CA GLN F 465 -28.38 28.24 17.22
C GLN F 465 -27.94 29.70 17.48
N GLY F 466 -26.68 30.05 17.26
CA GLY F 466 -26.13 31.39 17.56
C GLY F 466 -25.80 31.63 19.04
N PRO F 467 -24.84 32.53 19.38
CA PRO F 467 -24.05 32.40 20.61
C PRO F 467 -24.75 32.70 21.95
N TYR F 468 -25.93 33.31 21.94
CA TYR F 468 -26.66 33.73 23.16
C TYR F 468 -28.07 33.15 23.24
N GLU F 469 -28.49 32.33 22.29
CA GLU F 469 -29.79 31.66 22.30
C GLU F 469 -29.80 30.53 23.33
N ASN F 470 -30.84 30.45 24.15
CA ASN F 470 -30.90 29.59 25.33
C ASN F 470 -32.22 28.79 25.35
N ARG F 471 -32.30 27.75 24.51
CA ARG F 471 -33.51 26.95 24.30
C ARG F 471 -33.82 26.10 25.52
N THR F 472 -35.08 25.98 25.91
CA THR F 472 -35.46 24.93 26.86
C THR F 472 -35.31 23.53 26.25
N VAL F 473 -35.28 22.51 27.11
CA VAL F 473 -35.41 21.12 26.67
C VAL F 473 -36.68 20.94 25.85
N TYR F 474 -37.79 21.54 26.29
CA TYR F 474 -39.08 21.40 25.62
C TYR F 474 -39.10 22.04 24.24
N GLU F 475 -38.47 23.20 24.04
CA GLU F 475 -38.23 23.72 22.69
C GLU F 475 -37.40 22.74 21.87
N THR F 476 -36.32 22.20 22.44
CA THR F 476 -35.47 21.26 21.72
C THR F 476 -36.25 20.01 21.30
N LEU F 477 -37.11 19.45 22.17
CA LEU F 477 -37.93 18.29 21.86
C LEU F 477 -38.96 18.58 20.78
N ASP F 478 -39.63 19.72 20.83
CA ASP F 478 -40.64 20.05 19.83
C ASP F 478 -40.01 20.44 18.48
N ILE F 479 -38.84 21.08 18.48
CA ILE F 479 -38.05 21.24 17.24
C ILE F 479 -37.63 19.87 16.71
N GLY F 480 -37.36 18.90 17.58
CA GLY F 480 -37.17 17.50 17.22
C GLY F 480 -38.38 16.92 16.47
N TRP F 481 -39.57 16.99 17.06
CA TRP F 481 -40.76 16.36 16.43
C TRP F 481 -41.05 16.98 15.07
N GLN F 482 -40.81 18.28 14.91
CA GLN F 482 -41.16 18.97 13.63
C GLN F 482 -40.34 18.39 12.48
N LEU F 483 -39.04 18.16 12.69
CA LEU F 483 -38.18 17.54 11.65
C LEU F 483 -38.60 16.09 11.40
N LEU F 484 -38.94 15.34 12.46
CA LEU F 484 -39.39 13.94 12.33
C LEU F 484 -40.74 13.88 11.61
N ARG F 485 -41.55 14.93 11.73
CA ARG F 485 -42.92 14.94 11.13
C ARG F 485 -42.84 14.83 9.61
N ILE F 486 -41.69 15.18 9.02
CA ILE F 486 -41.55 15.16 7.54
C ILE F 486 -41.86 13.73 7.09
N PHE F 487 -41.30 12.75 7.77
CA PHE F 487 -41.48 11.33 7.36
C PHE F 487 -42.87 10.72 7.63
N PRO F 488 -43.55 10.04 6.67
CA PRO F 488 -44.72 9.23 6.98
C PRO F 488 -44.48 8.33 8.19
N LYS F 489 -45.42 8.25 9.14
CA LYS F 489 -45.12 7.71 10.48
C LYS F 489 -44.60 6.27 10.48
N GLU F 490 -45.00 5.42 9.54
CA GLU F 490 -44.49 4.04 9.44
C GLU F 490 -42.99 3.93 9.13
N MET F 491 -42.31 5.03 8.75
CA MET F 491 -40.85 5.05 8.63
C MET F 491 -40.13 5.24 9.97
N LEU F 492 -40.81 5.67 11.03
CA LEU F 492 -40.22 6.05 12.32
C LEU F 492 -39.97 4.83 13.24
N LYS F 493 -39.22 3.86 12.75
CA LYS F 493 -39.09 2.50 13.32
C LYS F 493 -38.25 2.38 14.61
N ARG F 494 -37.69 3.47 15.16
CA ARG F 494 -37.20 3.50 16.55
C ARG F 494 -38.29 3.82 17.57
N ILE F 495 -39.44 4.35 17.14
CA ILE F 495 -40.49 4.88 18.02
C ILE F 495 -41.67 3.89 18.10
N PRO F 496 -42.12 3.48 19.30
CA PRO F 496 -43.29 2.60 19.45
C PRO F 496 -44.60 3.32 19.16
N GLN F 497 -45.65 2.57 18.81
CA GLN F 497 -46.97 3.10 18.45
C GLN F 497 -47.54 4.05 19.50
N SER F 498 -47.39 3.71 20.79
CA SER F 498 -47.92 4.51 21.91
C SER F 498 -47.29 5.90 22.03
N THR F 499 -46.05 6.10 21.59
CA THR F 499 -45.44 7.42 21.52
C THR F 499 -45.89 8.16 20.25
N LEU F 500 -45.86 7.49 19.08
CA LEU F 500 -46.27 8.12 17.82
C LEU F 500 -47.71 8.64 17.89
N SER F 501 -48.65 7.83 18.36
CA SER F 501 -50.07 8.19 18.43
C SER F 501 -50.37 9.33 19.42
N GLU F 502 -49.42 9.73 20.27
CA GLU F 502 -49.59 10.81 21.24
C GLU F 502 -48.96 12.13 20.77
N PHE F 503 -47.79 12.10 20.12
CA PHE F 503 -47.01 13.29 19.80
C PHE F 503 -46.88 13.62 18.30
N TYR F 504 -47.03 12.66 17.40
CA TYR F 504 -46.80 13.00 15.97
C TYR F 504 -47.97 13.86 15.43
N PRO F 505 -49.29 13.66 15.73
CA PRO F 505 -50.39 14.38 15.09
C PRO F 505 -50.50 15.89 15.38
N ARG F 506 -49.65 16.43 16.26
CA ARG F 506 -49.83 17.86 16.65
C ARG F 506 -49.53 18.75 15.44
N THR G 2 -23.21 17.92 -91.87
CA THR G 2 -22.06 17.02 -91.61
C THR G 2 -22.52 15.84 -90.78
N GLU G 3 -22.13 14.63 -91.15
CA GLU G 3 -22.48 13.38 -90.47
C GLU G 3 -21.43 12.33 -90.80
N PHE G 4 -21.03 11.49 -89.85
CA PHE G 4 -20.16 10.34 -90.13
C PHE G 4 -20.79 9.07 -89.64
N TRP G 5 -20.55 7.95 -90.32
CA TRP G 5 -20.87 6.62 -89.83
C TRP G 5 -19.57 5.95 -89.44
N LEU G 6 -19.39 5.55 -88.19
CA LEU G 6 -18.40 4.55 -87.82
C LEU G 6 -19.01 3.22 -88.12
N ILE G 7 -18.25 2.35 -88.74
CA ILE G 7 -18.56 0.93 -88.84
C ILE G 7 -17.34 0.16 -88.43
N SER G 8 -17.51 -1.11 -88.12
CA SER G 8 -16.40 -2.02 -87.95
C SER G 8 -16.77 -3.38 -88.48
N ALA G 9 -15.82 -4.07 -89.11
CA ALA G 9 -16.03 -5.40 -89.64
C ALA G 9 -14.77 -6.24 -89.46
N PRO G 10 -14.88 -7.56 -89.29
CA PRO G 10 -13.73 -8.43 -89.19
C PRO G 10 -12.81 -8.29 -90.40
N GLY G 11 -11.51 -8.51 -90.21
CA GLY G 11 -10.59 -8.71 -91.32
C GLY G 11 -10.96 -10.01 -92.03
N GLU G 12 -11.36 -9.98 -93.31
CA GLU G 12 -11.90 -11.19 -93.96
C GLU G 12 -10.89 -12.36 -93.92
N LYS G 13 -9.59 -12.03 -93.98
CA LYS G 13 -8.49 -12.80 -93.40
C LYS G 13 -7.61 -11.85 -92.57
N THR G 14 -7.43 -10.61 -93.03
CA THR G 14 -6.66 -9.53 -92.37
C THR G 14 -7.38 -8.19 -92.52
N CYS G 15 -7.01 -7.22 -91.68
CA CYS G 15 -7.67 -5.91 -91.62
C CYS G 15 -7.66 -5.16 -92.96
N GLN G 16 -6.49 -5.11 -93.62
CA GLN G 16 -6.28 -4.32 -94.83
C GLN G 16 -7.27 -4.67 -95.94
N GLN G 17 -7.54 -5.96 -96.11
CA GLN G 17 -8.47 -6.47 -97.11
C GLN G 17 -9.87 -5.87 -96.94
N THR G 18 -10.38 -5.91 -95.71
CA THR G 18 -11.73 -5.45 -95.39
C THR G 18 -11.89 -3.97 -95.73
N TRP G 19 -10.91 -3.14 -95.37
CA TRP G 19 -10.97 -1.72 -95.73
C TRP G 19 -10.89 -1.50 -97.24
N GLU G 20 -9.92 -2.12 -97.90
CA GLU G 20 -9.72 -1.94 -99.34
C GLU G 20 -10.98 -2.35 -100.13
N LYS G 21 -11.56 -3.50 -99.80
CA LYS G 21 -12.75 -4.04 -100.46
C LYS G 21 -13.93 -3.08 -100.37
N LEU G 22 -14.18 -2.54 -99.17
CA LEU G 22 -15.24 -1.57 -98.97
C LEU G 22 -14.94 -0.23 -99.66
N HIS G 23 -13.71 0.25 -99.56
CA HIS G 23 -13.29 1.51 -100.16
C HIS G 23 -13.40 1.45 -101.68
N ALA G 24 -13.05 0.31 -102.29
CA ALA G 24 -13.27 0.07 -103.70
C ALA G 24 -14.75 0.21 -104.08
N ALA G 25 -15.64 -0.49 -103.38
CA ALA G 25 -17.07 -0.46 -103.65
C ALA G 25 -17.67 0.94 -103.44
N THR G 26 -17.46 1.53 -102.27
CA THR G 26 -18.19 2.72 -101.83
C THR G 26 -17.55 4.03 -102.26
N THR G 27 -16.22 4.07 -102.37
CA THR G 27 -15.45 5.31 -102.55
C THR G 27 -14.78 5.38 -103.91
N LYS G 28 -14.08 4.33 -104.38
CA LYS G 28 -13.45 4.33 -105.71
C LYS G 28 -14.49 4.25 -106.84
N ASN G 29 -15.37 3.25 -106.80
CA ASN G 29 -16.26 2.94 -107.91
C ASN G 29 -17.52 3.83 -107.93
N ASN G 30 -18.37 3.72 -106.91
CA ASN G 30 -19.70 4.32 -106.93
C ASN G 30 -19.77 5.73 -106.33
N ASN G 31 -18.70 6.17 -105.65
CA ASN G 31 -18.55 7.53 -105.11
C ASN G 31 -19.73 7.99 -104.22
N LEU G 32 -20.22 7.09 -103.37
CA LEU G 32 -21.36 7.34 -102.46
C LEU G 32 -20.91 8.02 -101.15
N ALA G 33 -19.67 7.80 -100.73
CA ALA G 33 -19.09 8.40 -99.53
C ALA G 33 -17.58 8.50 -99.63
N VAL G 34 -16.99 9.55 -99.07
CA VAL G 34 -15.56 9.53 -98.70
C VAL G 34 -15.40 8.61 -97.50
N SER G 35 -14.30 7.86 -97.42
CA SER G 35 -14.07 6.93 -96.32
C SER G 35 -12.59 6.73 -96.00
N SER G 36 -12.27 6.36 -94.75
CA SER G 36 -10.90 6.09 -94.28
C SER G 36 -10.90 5.26 -92.99
N LYS G 37 -9.75 4.70 -92.62
CA LYS G 37 -9.61 3.90 -91.40
C LYS G 37 -9.74 4.76 -90.13
N PHE G 38 -10.13 4.15 -89.02
CA PHE G 38 -10.26 4.77 -87.70
C PHE G 38 -9.41 3.98 -86.70
N ASN G 39 -8.57 4.65 -85.90
CA ASN G 39 -7.37 4.05 -85.32
C ASN G 39 -7.51 3.56 -83.87
N ILE G 40 -8.54 2.79 -83.53
CA ILE G 40 -8.74 2.29 -82.16
C ILE G 40 -7.52 1.47 -81.71
N PRO G 41 -6.91 1.70 -80.54
CA PRO G 41 -5.71 0.99 -80.09
C PRO G 41 -6.01 -0.40 -79.54
N ASP G 42 -4.98 -1.12 -79.11
CA ASP G 42 -5.07 -2.47 -78.51
C ASP G 42 -5.60 -2.44 -77.07
N LEU G 43 -6.84 -2.01 -76.87
CA LEU G 43 -7.49 -1.97 -75.55
C LEU G 43 -7.55 -3.37 -74.90
N LYS G 44 -7.45 -3.40 -73.57
CA LYS G 44 -7.34 -4.63 -72.77
C LYS G 44 -8.71 -5.22 -72.43
N VAL G 45 -9.08 -6.35 -73.04
CA VAL G 45 -10.40 -6.97 -72.84
C VAL G 45 -10.60 -7.49 -71.42
N GLY G 46 -11.81 -7.33 -70.88
CA GLY G 46 -12.26 -8.01 -69.65
C GLY G 46 -12.87 -9.38 -69.95
N THR G 47 -13.43 -10.05 -68.94
CA THR G 47 -14.27 -11.24 -69.17
C THR G 47 -15.65 -10.86 -69.75
N LEU G 48 -16.38 -11.82 -70.32
CA LEU G 48 -17.64 -11.57 -71.04
C LEU G 48 -18.66 -10.78 -70.20
N ASP G 49 -18.79 -11.10 -68.92
CA ASP G 49 -19.72 -10.43 -68.00
C ASP G 49 -19.42 -8.93 -67.83
N VAL G 50 -18.20 -8.48 -68.14
CA VAL G 50 -17.89 -7.05 -68.21
C VAL G 50 -18.51 -6.43 -69.47
N LEU G 51 -18.19 -7.00 -70.64
CA LEU G 51 -18.56 -6.40 -71.92
C LEU G 51 -20.08 -6.29 -72.09
N VAL G 52 -20.84 -7.29 -71.66
CA VAL G 52 -22.31 -7.21 -71.73
C VAL G 52 -22.89 -6.11 -70.83
N GLY G 53 -22.15 -5.65 -69.82
CA GLY G 53 -22.47 -4.46 -69.03
C GLY G 53 -22.08 -3.18 -69.76
N LEU G 54 -20.88 -3.12 -70.33
CA LEU G 54 -20.39 -1.95 -71.04
C LEU G 54 -21.31 -1.53 -72.18
N SER G 55 -21.83 -2.47 -72.98
CA SER G 55 -22.73 -2.11 -74.07
C SER G 55 -24.09 -1.56 -73.60
N ASP G 56 -24.38 -1.57 -72.30
CA ASP G 56 -25.41 -0.70 -71.71
C ASP G 56 -24.80 0.60 -71.15
N GLU G 57 -23.74 0.48 -70.36
CA GLU G 57 -23.18 1.61 -69.62
C GLU G 57 -22.64 2.70 -70.54
N LEU G 58 -21.87 2.33 -71.54
CA LEU G 58 -21.35 3.27 -72.52
C LEU G 58 -22.49 3.88 -73.33
N ALA G 59 -23.53 3.11 -73.65
CA ALA G 59 -24.67 3.63 -74.39
C ALA G 59 -25.39 4.72 -73.61
N LYS G 60 -25.48 4.58 -72.28
CA LYS G 60 -25.98 5.65 -71.40
C LYS G 60 -25.00 6.81 -71.32
N LEU G 61 -23.71 6.51 -71.16
CA LEU G 61 -22.69 7.53 -71.00
C LEU G 61 -22.57 8.44 -72.23
N ASP G 62 -22.63 7.88 -73.43
CA ASP G 62 -22.62 8.63 -74.69
C ASP G 62 -23.78 9.61 -74.76
N ALA G 63 -24.99 9.18 -74.41
CA ALA G 63 -26.15 10.06 -74.36
C ALA G 63 -26.08 11.12 -73.26
N PHE G 64 -25.14 11.02 -72.32
CA PHE G 64 -24.79 12.11 -71.42
C PHE G 64 -23.74 13.04 -72.01
N VAL G 65 -22.60 12.53 -72.48
CA VAL G 65 -21.55 13.40 -73.00
C VAL G 65 -21.99 14.17 -74.24
N GLU G 66 -22.83 13.59 -75.10
CA GLU G 66 -23.45 14.36 -76.19
C GLU G 66 -24.25 15.52 -75.63
N GLY G 67 -24.99 15.30 -74.54
CA GLY G 67 -25.76 16.34 -73.87
C GLY G 67 -24.86 17.46 -73.34
N VAL G 68 -23.72 17.12 -72.75
CA VAL G 68 -22.77 18.10 -72.24
C VAL G 68 -22.12 18.89 -73.37
N VAL G 69 -21.65 18.23 -74.44
CA VAL G 69 -21.05 18.91 -75.58
C VAL G 69 -22.04 19.89 -76.19
N LYS G 70 -23.30 19.49 -76.36
CA LYS G 70 -24.32 20.38 -76.88
C LYS G 70 -24.60 21.53 -75.95
N LYS G 71 -24.64 21.34 -74.62
CA LYS G 71 -24.86 22.44 -73.69
C LYS G 71 -23.76 23.46 -73.77
N VAL G 72 -22.50 23.06 -73.73
CA VAL G 72 -21.38 24.02 -73.74
C VAL G 72 -21.19 24.70 -75.09
N ALA G 73 -21.63 24.11 -76.20
CA ALA G 73 -21.67 24.80 -77.48
C ALA G 73 -22.88 25.73 -77.59
N GLN G 74 -24.08 25.29 -77.21
CA GLN G 74 -25.27 26.13 -77.22
C GLN G 74 -25.04 27.39 -76.39
N TYR G 75 -24.54 27.24 -75.18
CA TYR G 75 -24.29 28.37 -74.32
C TYR G 75 -23.21 29.31 -74.88
N MET G 76 -22.25 28.79 -75.62
CA MET G 76 -21.28 29.66 -76.27
C MET G 76 -21.90 30.50 -77.37
N ALA G 77 -22.93 30.03 -78.07
CA ALA G 77 -23.63 30.88 -79.00
C ALA G 77 -24.39 31.98 -78.27
N ASP G 78 -25.02 31.66 -77.15
CA ASP G 78 -25.75 32.64 -76.35
C ASP G 78 -24.82 33.72 -75.77
N VAL G 79 -23.67 33.35 -75.21
CA VAL G 79 -22.69 34.32 -74.71
C VAL G 79 -22.11 35.20 -75.82
N LEU G 80 -21.90 34.66 -77.02
CA LEU G 80 -21.40 35.42 -78.16
C LEU G 80 -22.51 36.23 -78.86
N GLU G 81 -23.78 35.98 -78.52
CA GLU G 81 -24.98 36.68 -78.95
C GLU G 81 -25.37 36.60 -80.44
N ASP G 82 -24.42 36.51 -81.38
CA ASP G 82 -24.65 36.79 -82.80
C ASP G 82 -25.38 35.68 -83.59
N SER G 83 -24.69 34.69 -84.16
CA SER G 83 -25.28 33.75 -85.14
C SER G 83 -24.60 32.37 -85.21
N LYS G 84 -25.38 31.33 -85.54
CA LYS G 84 -24.91 29.93 -85.58
C LYS G 84 -23.69 29.72 -86.47
N ASP G 85 -23.66 30.32 -87.65
CA ASP G 85 -22.53 30.22 -88.56
C ASP G 85 -21.23 30.76 -87.93
N LYS G 86 -21.29 31.95 -87.31
CA LYS G 86 -20.12 32.57 -86.68
C LYS G 86 -19.58 31.70 -85.54
N VAL G 87 -20.47 31.03 -84.82
CA VAL G 87 -20.08 30.05 -83.81
C VAL G 87 -19.50 28.78 -84.46
N GLN G 88 -20.17 28.19 -85.44
CA GLN G 88 -19.72 26.97 -86.12
C GLN G 88 -18.33 27.15 -86.76
N GLU G 89 -18.01 28.33 -87.30
CA GLU G 89 -16.67 28.69 -87.78
C GLU G 89 -15.57 28.55 -86.71
N ASN G 90 -15.95 28.55 -85.43
CA ASN G 90 -15.07 28.53 -84.28
C ASN G 90 -15.29 27.30 -83.37
N LEU G 91 -16.17 26.37 -83.73
CA LEU G 91 -16.21 25.06 -83.12
C LEU G 91 -15.01 24.23 -83.58
N LEU G 92 -14.13 23.89 -82.65
CA LEU G 92 -12.81 23.32 -82.87
C LEU G 92 -12.50 22.24 -81.84
N ALA G 93 -11.59 21.33 -82.15
CA ALA G 93 -10.97 20.44 -81.21
C ALA G 93 -9.47 20.46 -81.44
N SER G 94 -8.63 20.53 -80.41
CA SER G 94 -7.16 20.62 -80.56
C SER G 94 -6.64 21.74 -81.48
N GLY G 95 -7.44 22.76 -81.79
CA GLY G 95 -7.08 23.79 -82.78
C GLY G 95 -7.30 23.42 -84.25
N VAL G 96 -8.16 22.45 -84.57
CA VAL G 96 -8.62 22.15 -85.94
C VAL G 96 -10.13 21.98 -85.98
N ASP G 97 -10.77 22.07 -87.14
CA ASP G 97 -12.22 21.92 -87.23
C ASP G 97 -12.67 20.48 -86.96
N LEU G 98 -13.95 20.30 -86.64
CA LEU G 98 -14.47 19.01 -86.19
C LEU G 98 -14.23 17.92 -87.23
N VAL G 99 -14.48 18.20 -88.50
CA VAL G 99 -14.23 17.24 -89.58
C VAL G 99 -12.79 16.78 -89.59
N THR G 100 -11.82 17.69 -89.49
CA THR G 100 -10.42 17.31 -89.48
C THR G 100 -10.13 16.42 -88.29
N TYR G 101 -10.56 16.81 -87.09
CA TYR G 101 -10.28 16.00 -85.89
C TYR G 101 -10.87 14.60 -85.98
N ILE G 102 -12.14 14.42 -86.35
CA ILE G 102 -12.72 13.08 -86.39
C ILE G 102 -12.01 12.23 -87.44
N THR G 103 -11.63 12.82 -88.57
CA THR G 103 -10.96 12.10 -89.65
C THR G 103 -9.60 11.57 -89.20
N ARG G 104 -8.82 12.36 -88.45
CA ARG G 104 -7.44 12.07 -88.06
C ARG G 104 -7.28 11.59 -86.63
N PHE G 105 -8.28 10.95 -86.05
CA PHE G 105 -8.26 10.53 -84.66
C PHE G 105 -7.07 9.64 -84.32
N GLN G 106 -6.37 9.94 -83.22
CA GLN G 106 -5.44 8.99 -82.56
C GLN G 106 -5.65 9.04 -81.05
N TRP G 107 -5.75 7.89 -80.41
CA TRP G 107 -6.18 7.78 -79.01
C TRP G 107 -5.25 8.54 -78.09
N ASP G 108 -5.78 9.37 -77.20
CA ASP G 108 -4.99 10.33 -76.42
C ASP G 108 -4.46 9.74 -75.13
N MET G 109 -3.56 8.78 -75.22
CA MET G 109 -3.18 7.94 -74.09
C MET G 109 -2.47 8.66 -72.95
N ALA G 110 -2.12 9.93 -73.08
CA ALA G 110 -1.75 10.74 -71.93
C ALA G 110 -2.94 10.87 -70.96
N LYS G 111 -4.14 11.15 -71.46
CA LYS G 111 -5.35 11.41 -70.67
C LYS G 111 -6.11 10.16 -70.29
N TYR G 112 -6.30 9.22 -71.21
CA TYR G 112 -7.14 8.03 -71.04
C TYR G 112 -6.31 6.75 -71.24
N PRO G 113 -5.55 6.26 -70.25
CA PRO G 113 -4.43 5.38 -70.52
C PRO G 113 -4.86 4.01 -71.03
N ILE G 114 -4.17 3.49 -72.05
CA ILE G 114 -4.58 2.30 -72.79
C ILE G 114 -4.59 1.06 -71.92
N LYS G 115 -3.67 0.94 -70.96
CA LYS G 115 -3.53 -0.26 -70.11
C LYS G 115 -4.45 -0.30 -68.89
N GLN G 116 -5.26 0.72 -68.65
CA GLN G 116 -6.40 0.60 -67.74
C GLN G 116 -7.42 -0.42 -68.27
N SER G 117 -8.20 -1.06 -67.39
CA SER G 117 -9.33 -1.89 -67.82
C SER G 117 -10.41 -1.05 -68.47
N LEU G 118 -11.26 -1.63 -69.34
CA LEU G 118 -12.32 -0.88 -70.02
C LEU G 118 -13.28 -0.18 -69.04
N LYS G 119 -13.52 -0.77 -67.86
CA LYS G 119 -14.30 -0.11 -66.83
C LYS G 119 -13.58 1.11 -66.27
N ASN G 120 -12.27 1.04 -66.04
CA ASN G 120 -11.52 2.18 -65.53
C ASN G 120 -11.45 3.34 -66.54
N ILE G 121 -11.20 3.07 -67.82
CA ILE G 121 -11.22 4.11 -68.85
C ILE G 121 -12.58 4.83 -68.85
N SER G 122 -13.68 4.07 -68.84
CA SER G 122 -15.04 4.62 -68.75
C SER G 122 -15.17 5.64 -67.63
N GLU G 123 -14.74 5.30 -66.42
CA GLU G 123 -14.88 6.22 -65.29
C GLU G 123 -13.99 7.46 -65.39
N ILE G 124 -12.79 7.39 -66.01
CA ILE G 124 -11.98 8.59 -66.25
C ILE G 124 -12.78 9.55 -67.11
N ILE G 125 -13.31 9.09 -68.24
CA ILE G 125 -14.01 9.94 -69.19
C ILE G 125 -15.30 10.48 -68.58
N ALA G 126 -16.03 9.68 -67.81
CA ALA G 126 -17.22 10.14 -67.12
C ALA G 126 -16.90 11.22 -66.07
N LYS G 127 -15.81 11.10 -65.32
CA LYS G 127 -15.47 12.12 -64.31
C LYS G 127 -15.08 13.45 -64.93
N GLY G 128 -14.25 13.43 -65.97
CA GLY G 128 -13.86 14.64 -66.69
C GLY G 128 -15.07 15.38 -67.26
N VAL G 129 -15.92 14.71 -68.04
CA VAL G 129 -17.10 15.35 -68.60
C VAL G 129 -18.08 15.80 -67.53
N THR G 130 -18.20 15.09 -66.40
CA THR G 130 -19.04 15.55 -65.28
C THR G 130 -18.54 16.85 -64.68
N GLN G 131 -17.23 17.00 -64.50
CA GLN G 131 -16.67 18.24 -63.98
C GLN G 131 -16.98 19.38 -64.94
N ILE G 132 -16.82 19.22 -66.25
CA ILE G 132 -17.15 20.28 -67.20
C ILE G 132 -18.62 20.65 -67.12
N ASP G 133 -19.55 19.70 -67.00
CA ASP G 133 -20.96 20.03 -66.85
C ASP G 133 -21.24 20.87 -65.61
N ASN G 134 -20.59 20.55 -64.48
CA ASN G 134 -20.75 21.34 -63.26
C ASN G 134 -20.15 22.74 -63.42
N ASP G 135 -18.93 22.83 -63.95
CA ASP G 135 -18.26 24.11 -64.02
C ASP G 135 -18.91 25.03 -65.05
N LEU G 136 -19.48 24.50 -66.13
CA LEU G 136 -20.34 25.29 -67.00
C LEU G 136 -21.51 25.86 -66.21
N LYS G 137 -22.22 25.04 -65.42
CA LYS G 137 -23.41 25.49 -64.71
C LYS G 137 -23.10 26.67 -63.81
N SER G 138 -22.02 26.57 -63.03
CA SER G 138 -21.56 27.68 -62.20
C SER G 138 -21.19 28.91 -63.01
N ARG G 139 -20.30 28.76 -64.00
CA ARG G 139 -19.81 29.90 -64.79
C ARG G 139 -20.92 30.58 -65.57
N ALA G 140 -21.92 29.83 -66.02
CA ALA G 140 -23.06 30.37 -66.74
C ALA G 140 -24.01 31.12 -65.81
N SER G 141 -24.28 30.58 -64.62
CA SER G 141 -25.08 31.29 -63.63
C SER G 141 -24.45 32.63 -63.24
N ALA G 142 -23.17 32.59 -62.91
CA ALA G 142 -22.42 33.77 -62.48
C ALA G 142 -22.41 34.87 -63.53
N TYR G 143 -22.19 34.55 -64.81
CA TYR G 143 -22.21 35.57 -65.85
C TYR G 143 -23.62 36.01 -66.22
N ASN G 144 -24.61 35.11 -66.31
CA ASN G 144 -25.96 35.51 -66.71
C ASN G 144 -26.59 36.51 -65.74
N ASN G 145 -26.33 36.39 -64.44
CA ASN G 145 -26.83 37.35 -63.46
C ASN G 145 -26.41 38.77 -63.77
N LEU G 146 -25.16 39.03 -64.16
CA LEU G 146 -24.75 40.38 -64.52
C LEU G 146 -25.60 40.94 -65.66
N LYS G 147 -25.79 40.16 -66.72
CA LYS G 147 -26.56 40.57 -67.88
C LYS G 147 -28.02 40.80 -67.51
N GLY G 148 -28.62 39.93 -66.70
CA GLY G 148 -29.99 40.09 -66.24
C GLY G 148 -30.20 41.36 -65.43
N ASN G 149 -29.39 41.57 -64.40
CA ASN G 149 -29.49 42.76 -63.55
C ASN G 149 -29.22 44.05 -64.33
N LEU G 150 -28.22 44.08 -65.23
CA LEU G 150 -27.95 45.25 -66.04
C LEU G 150 -29.13 45.61 -66.94
N GLN G 151 -29.79 44.63 -67.56
CA GLN G 151 -31.01 44.89 -68.31
C GLN G 151 -32.13 45.41 -67.39
N ASN G 152 -32.25 44.93 -66.16
CA ASN G 152 -33.26 45.43 -65.24
C ASN G 152 -33.04 46.91 -64.90
N LEU G 153 -31.79 47.36 -64.76
CA LEU G 153 -31.53 48.79 -64.61
C LEU G 153 -31.93 49.57 -65.88
N GLU G 154 -31.66 49.03 -67.07
CA GLU G 154 -32.16 49.67 -68.30
C GLU G 154 -33.69 49.73 -68.33
N ARG G 155 -34.39 48.67 -67.90
CA ARG G 155 -35.85 48.64 -67.75
C ARG G 155 -36.38 49.67 -66.75
N LYS G 156 -35.52 50.23 -65.89
CA LYS G 156 -35.83 51.33 -64.96
C LYS G 156 -35.27 52.69 -65.39
N ASN G 157 -34.46 52.74 -66.45
CA ASN G 157 -34.21 53.96 -67.21
C ASN G 157 -35.35 54.21 -68.20
N ALA G 158 -35.80 53.13 -68.84
CA ALA G 158 -37.09 53.02 -69.50
C ALA G 158 -38.24 52.92 -68.48
N GLY G 159 -39.45 52.64 -68.96
CA GLY G 159 -40.65 52.49 -68.14
C GLY G 159 -41.32 53.80 -67.75
N SER G 160 -42.43 53.69 -67.02
CA SER G 160 -43.26 54.82 -66.58
C SER G 160 -42.54 55.75 -65.60
N LEU G 161 -42.88 57.04 -65.60
CA LEU G 161 -42.47 58.00 -64.59
C LEU G 161 -42.82 57.55 -63.15
N LEU G 162 -43.84 56.70 -63.02
CA LEU G 162 -44.25 56.02 -61.79
C LEU G 162 -43.21 55.03 -61.22
N THR G 163 -42.23 54.60 -62.01
CA THR G 163 -41.26 53.54 -61.63
C THR G 163 -39.82 53.83 -62.07
N ARG G 164 -39.61 54.75 -63.01
CA ARG G 164 -38.32 55.16 -63.55
C ARG G 164 -37.43 55.79 -62.47
N SER G 165 -36.13 55.53 -62.48
CA SER G 165 -35.21 56.08 -61.46
C SER G 165 -35.25 57.62 -61.45
N LEU G 166 -35.37 58.20 -60.25
CA LEU G 166 -35.44 59.64 -60.04
C LEU G 166 -34.06 60.29 -59.83
N ALA G 167 -32.97 59.50 -59.84
CA ALA G 167 -31.64 59.95 -59.38
C ALA G 167 -31.02 61.09 -60.21
N GLU G 168 -31.42 61.25 -61.48
CA GLU G 168 -31.04 62.40 -62.31
C GLU G 168 -32.07 63.55 -62.28
N ILE G 169 -33.22 63.35 -61.64
CA ILE G 169 -34.36 64.29 -61.62
C ILE G 169 -34.32 65.21 -60.39
N VAL G 170 -34.02 64.66 -59.22
CA VAL G 170 -34.19 65.34 -57.92
C VAL G 170 -32.90 65.39 -57.10
N LYS G 171 -32.79 66.40 -56.23
CA LYS G 171 -31.68 66.62 -55.27
C LYS G 171 -32.22 67.02 -53.90
N LYS G 172 -31.40 66.90 -52.85
CA LYS G 172 -31.81 67.20 -51.46
C LYS G 172 -32.50 68.57 -51.33
N ASP G 173 -31.95 69.57 -52.01
CA ASP G 173 -32.45 70.96 -52.01
C ASP G 173 -33.90 71.11 -52.49
N ASP G 174 -34.43 70.11 -53.20
CA ASP G 174 -35.80 70.10 -53.70
C ASP G 174 -36.84 69.69 -52.65
N PHE G 175 -36.44 69.27 -51.45
CA PHE G 175 -37.32 68.73 -50.40
C PHE G 175 -37.16 69.42 -49.06
N VAL G 176 -38.24 69.50 -48.28
CA VAL G 176 -38.19 69.60 -46.82
C VAL G 176 -37.83 68.23 -46.23
N LEU G 177 -36.73 68.20 -45.48
CA LEU G 177 -36.08 67.04 -44.88
C LEU G 177 -35.49 67.40 -43.51
N ASP G 178 -35.04 66.41 -42.74
CA ASP G 178 -34.37 66.60 -41.45
C ASP G 178 -35.24 67.39 -40.45
N SER G 179 -36.51 67.02 -40.37
CA SER G 179 -37.56 67.70 -39.61
C SER G 179 -38.40 66.72 -38.79
N GLU G 180 -39.01 67.21 -37.72
CA GLU G 180 -39.90 66.46 -36.85
C GLU G 180 -41.33 66.42 -37.37
N TYR G 181 -41.78 67.47 -38.05
CA TYR G 181 -43.21 67.69 -38.31
C TYR G 181 -43.55 68.08 -39.75
N LEU G 182 -42.59 68.29 -40.65
CA LEU G 182 -42.85 68.49 -42.08
C LEU G 182 -42.14 67.45 -42.93
N VAL G 183 -42.77 67.09 -44.06
CA VAL G 183 -42.16 66.25 -45.10
C VAL G 183 -42.58 66.79 -46.48
N THR G 184 -41.66 66.82 -47.45
CA THR G 184 -41.98 66.96 -48.87
C THR G 184 -42.11 65.60 -49.53
N LEU G 185 -43.12 65.43 -50.38
CA LEU G 185 -43.45 64.20 -51.08
C LEU G 185 -43.66 64.46 -52.58
N LEU G 186 -43.54 63.40 -53.38
CA LEU G 186 -43.63 63.46 -54.84
C LEU G 186 -44.95 62.89 -55.33
N VAL G 187 -45.60 63.58 -56.26
CA VAL G 187 -46.85 63.14 -56.89
C VAL G 187 -46.69 63.23 -58.40
N VAL G 188 -47.18 62.21 -59.09
CA VAL G 188 -47.32 62.17 -60.53
C VAL G 188 -48.79 62.35 -60.90
N VAL G 189 -49.04 63.24 -61.85
CA VAL G 189 -50.39 63.63 -62.27
C VAL G 189 -50.44 63.73 -63.79
N PRO G 190 -51.52 63.32 -64.46
CA PRO G 190 -51.67 63.51 -65.90
C PRO G 190 -51.57 64.99 -66.28
N LYS G 191 -50.91 65.28 -67.40
CA LYS G 191 -50.67 66.67 -67.86
C LYS G 191 -51.98 67.45 -68.03
N LEU G 192 -53.03 66.77 -68.48
CA LEU G 192 -54.38 67.35 -68.61
C LEU G 192 -55.01 67.72 -67.26
N ASN G 193 -54.68 67.01 -66.19
CA ASN G 193 -55.19 67.23 -64.85
C ASN G 193 -54.28 68.13 -63.99
N HIS G 194 -53.25 68.76 -64.58
CA HIS G 194 -52.38 69.72 -63.89
C HIS G 194 -53.18 70.80 -63.14
N ASN G 195 -54.11 71.46 -63.82
CA ASN G 195 -54.93 72.50 -63.20
C ASN G 195 -55.87 71.92 -62.13
N ASP G 196 -56.35 70.69 -62.27
CA ASP G 196 -57.18 70.02 -61.27
C ASP G 196 -56.40 69.73 -59.99
N TRP G 197 -55.16 69.27 -60.12
CA TRP G 197 -54.28 69.11 -58.97
C TRP G 197 -53.93 70.46 -58.32
N ILE G 198 -53.71 71.52 -59.11
CA ILE G 198 -53.54 72.89 -58.59
C ILE G 198 -54.77 73.35 -57.81
N LYS G 199 -56.00 73.12 -58.30
CA LYS G 199 -57.24 73.41 -57.55
C LYS G 199 -57.26 72.64 -56.23
N GLN G 200 -56.87 71.37 -56.24
CA GLN G 200 -56.87 70.50 -55.05
C GLN G 200 -55.69 70.71 -54.09
N TYR G 201 -54.58 71.31 -54.52
CA TYR G 201 -53.37 71.42 -53.69
C TYR G 201 -53.65 72.04 -52.30
N GLU G 202 -54.44 73.11 -52.29
CA GLU G 202 -54.82 73.84 -51.07
C GLU G 202 -55.81 73.08 -50.17
N THR G 203 -56.41 71.98 -50.64
CA THR G 203 -57.67 71.44 -50.09
C THR G 203 -57.71 69.92 -49.92
N LEU G 204 -56.87 69.15 -50.61
CA LEU G 204 -57.04 67.69 -50.71
C LEU G 204 -56.91 66.97 -49.36
N ALA G 205 -56.07 67.45 -48.46
CA ALA G 205 -55.95 66.95 -47.09
C ALA G 205 -55.65 68.09 -46.10
N GLU G 206 -55.97 67.88 -44.83
CA GLU G 206 -55.64 68.81 -43.74
C GLU G 206 -54.11 68.97 -43.55
N MET G 207 -53.69 70.12 -43.02
CA MET G 207 -52.30 70.38 -42.60
C MET G 207 -51.27 70.24 -43.74
N VAL G 208 -51.69 70.34 -45.00
CA VAL G 208 -50.80 70.56 -46.15
C VAL G 208 -50.24 71.99 -46.10
N VAL G 209 -48.98 72.19 -46.44
CA VAL G 209 -48.40 73.54 -46.48
C VAL G 209 -49.00 74.31 -47.66
N PRO G 210 -49.65 75.47 -47.43
CA PRO G 210 -50.28 76.23 -48.51
C PRO G 210 -49.29 76.77 -49.53
N ARG G 211 -49.73 76.86 -50.79
CA ARG G 211 -49.07 77.59 -51.90
C ARG G 211 -47.57 77.30 -52.03
N SER G 212 -47.22 76.02 -52.08
CA SER G 212 -45.82 75.54 -52.09
C SER G 212 -45.61 74.27 -52.92
N SER G 213 -46.27 74.18 -54.09
CA SER G 213 -45.98 73.16 -55.12
C SER G 213 -44.69 73.45 -55.89
N ASN G 214 -44.10 72.44 -56.54
CA ASN G 214 -42.99 72.63 -57.48
C ASN G 214 -42.85 71.44 -58.45
N VAL G 215 -43.13 71.64 -59.74
CA VAL G 215 -42.97 70.61 -60.78
C VAL G 215 -41.48 70.35 -61.02
N LEU G 216 -41.04 69.10 -60.86
CA LEU G 216 -39.65 68.69 -61.04
C LEU G 216 -39.39 67.90 -62.32
N SER G 217 -40.42 67.30 -62.93
CA SER G 217 -40.31 66.68 -64.25
C SER G 217 -41.64 66.68 -65.00
N GLU G 218 -41.59 66.62 -66.33
CA GLU G 218 -42.76 66.43 -67.19
C GLU G 218 -42.46 65.48 -68.35
N ASP G 219 -43.46 64.70 -68.74
CA ASP G 219 -43.39 63.58 -69.67
C ASP G 219 -44.66 63.54 -70.54
N GLN G 220 -44.69 62.70 -71.58
CA GLN G 220 -45.72 62.69 -72.62
C GLN G 220 -47.17 62.62 -72.10
N ASP G 221 -47.42 61.88 -71.01
CA ASP G 221 -48.74 61.73 -70.41
C ASP G 221 -48.97 62.54 -69.12
N SER G 222 -47.89 62.90 -68.41
CA SER G 222 -47.94 63.24 -66.98
C SER G 222 -46.73 64.05 -66.52
N TYR G 223 -46.81 64.61 -65.33
CA TYR G 223 -45.74 65.38 -64.71
C TYR G 223 -45.59 64.99 -63.24
N LEU G 224 -44.37 65.18 -62.71
CA LEU G 224 -43.98 64.89 -61.33
C LEU G 224 -43.75 66.21 -60.58
N CYS G 225 -44.32 66.32 -59.39
CA CYS G 225 -44.30 67.55 -58.61
C CYS G 225 -44.17 67.29 -57.11
N ASN G 226 -43.58 68.26 -56.40
CA ASN G 226 -43.61 68.34 -54.95
C ASN G 226 -45.01 68.65 -54.41
N VAL G 227 -45.28 68.08 -53.25
CA VAL G 227 -46.21 68.61 -52.23
C VAL G 227 -45.46 68.62 -50.90
N THR G 228 -45.78 69.53 -49.98
CA THR G 228 -45.21 69.52 -48.63
C THR G 228 -46.31 69.58 -47.59
N LEU G 229 -46.21 68.78 -46.53
CA LEU G 229 -47.28 68.62 -45.54
C LEU G 229 -46.76 68.31 -44.14
N PHE G 230 -47.64 68.53 -43.16
CA PHE G 230 -47.46 68.08 -41.79
C PHE G 230 -47.34 66.55 -41.73
N LYS G 231 -46.38 66.02 -40.95
CA LYS G 231 -45.93 64.63 -41.04
C LYS G 231 -47.03 63.57 -40.86
N LYS G 232 -48.11 63.86 -40.12
CA LYS G 232 -49.30 62.99 -40.05
C LYS G 232 -49.93 62.75 -41.42
N ALA G 233 -50.07 63.82 -42.21
CA ALA G 233 -51.01 63.90 -43.31
C ALA G 233 -50.66 63.01 -44.51
N VAL G 234 -49.48 62.39 -44.56
CA VAL G 234 -49.06 61.52 -45.66
C VAL G 234 -50.09 60.45 -46.03
N ASP G 235 -50.68 59.77 -45.05
CA ASP G 235 -51.69 58.73 -45.30
C ASP G 235 -53.00 59.31 -45.81
N ASP G 236 -53.46 60.40 -45.21
CA ASP G 236 -54.68 61.10 -45.59
C ASP G 236 -54.56 61.64 -47.02
N PHE G 237 -53.43 62.31 -47.29
CA PHE G 237 -53.09 62.86 -48.58
C PHE G 237 -52.98 61.76 -49.63
N ARG G 238 -52.17 60.71 -49.42
CA ARG G 238 -51.97 59.69 -50.47
C ARG G 238 -53.24 58.93 -50.78
N HIS G 239 -54.09 58.69 -49.78
CA HIS G 239 -55.40 58.10 -49.99
C HIS G 239 -56.29 59.03 -50.83
N LYS G 240 -56.46 60.28 -50.40
CA LYS G 240 -57.33 61.22 -51.12
C LYS G 240 -56.76 61.62 -52.48
N ALA G 241 -55.44 61.57 -52.67
CA ALA G 241 -54.80 61.71 -53.96
C ALA G 241 -55.22 60.58 -54.90
N ARG G 242 -55.16 59.32 -54.43
CA ARG G 242 -55.67 58.17 -55.17
C ARG G 242 -57.17 58.29 -55.48
N GLU G 243 -57.98 58.81 -54.55
CA GLU G 243 -59.41 59.11 -54.83
C GLU G 243 -59.56 60.16 -55.94
N ASN G 244 -58.68 61.16 -55.98
CA ASN G 244 -58.61 62.17 -57.03
C ASN G 244 -57.78 61.74 -58.27
N LYS G 245 -57.37 60.47 -58.36
CA LYS G 245 -56.53 59.91 -59.44
C LYS G 245 -55.18 60.63 -59.63
N PHE G 246 -54.67 61.23 -58.57
CA PHE G 246 -53.32 61.78 -58.48
C PHE G 246 -52.43 60.74 -57.80
N ILE G 247 -51.26 60.43 -58.35
CA ILE G 247 -50.53 59.22 -57.97
C ILE G 247 -49.31 59.58 -57.14
N VAL G 248 -49.27 59.18 -55.87
CA VAL G 248 -48.08 59.39 -55.05
C VAL G 248 -46.95 58.48 -55.51
N ARG G 249 -45.83 59.08 -55.90
CA ARG G 249 -44.59 58.40 -56.29
C ARG G 249 -43.80 58.09 -55.01
N ASP G 250 -43.97 56.89 -54.47
CA ASP G 250 -43.45 56.54 -53.15
C ASP G 250 -41.91 56.43 -53.15
N PHE G 251 -41.25 57.53 -52.80
CA PHE G 251 -39.81 57.68 -52.69
C PHE G 251 -39.47 58.70 -51.59
N GLN G 252 -38.36 58.49 -50.89
CA GLN G 252 -37.82 59.42 -49.89
C GLN G 252 -36.31 59.57 -50.10
N TYR G 253 -35.82 60.81 -50.02
CA TYR G 253 -34.45 61.12 -50.42
C TYR G 253 -33.40 60.48 -49.49
N ASN G 254 -32.36 59.91 -50.09
CA ASN G 254 -31.10 59.58 -49.42
C ASN G 254 -29.98 59.65 -50.46
N GLU G 255 -29.04 60.57 -50.28
CA GLU G 255 -27.99 60.81 -51.26
C GLU G 255 -27.07 59.59 -51.48
N GLU G 256 -26.93 58.72 -50.48
CA GLU G 256 -26.17 57.47 -50.62
C GLU G 256 -26.75 56.60 -51.74
N GLU G 257 -28.07 56.49 -51.78
CA GLU G 257 -28.79 55.66 -52.75
C GLU G 257 -28.83 56.34 -54.11
N MET G 258 -28.97 57.67 -54.12
CA MET G 258 -28.93 58.43 -55.36
C MET G 258 -27.54 58.43 -56.00
N ARG G 259 -26.47 58.29 -55.21
CA ARG G 259 -25.14 57.96 -55.70
C ARG G 259 -25.08 56.50 -56.18
N ALA G 260 -25.59 55.57 -55.38
CA ALA G 260 -25.51 54.14 -55.69
C ALA G 260 -26.09 53.77 -57.06
N ASP G 261 -27.22 54.33 -57.49
CA ASP G 261 -27.73 54.10 -58.86
C ASP G 261 -26.68 54.42 -59.93
N LYS G 262 -25.94 55.52 -59.75
CA LYS G 262 -24.95 56.04 -60.70
C LYS G 262 -23.64 55.27 -60.62
N GLU G 263 -23.31 54.73 -59.45
CA GLU G 263 -22.25 53.72 -59.36
C GLU G 263 -22.66 52.44 -60.08
N GLU G 264 -23.81 51.86 -59.76
CA GLU G 264 -24.14 50.49 -60.14
C GLU G 264 -24.30 50.30 -61.64
N MET G 265 -25.03 51.16 -62.37
CA MET G 265 -25.19 50.94 -63.81
C MET G 265 -23.90 51.22 -64.62
N ASN G 266 -22.92 51.91 -64.05
CA ASN G 266 -21.56 51.92 -64.57
C ASN G 266 -20.77 50.67 -64.16
N ARG G 267 -20.86 50.25 -62.89
CA ARG G 267 -20.17 49.08 -62.38
C ARG G 267 -20.53 47.81 -63.15
N LEU G 268 -21.81 47.50 -63.29
CA LEU G 268 -22.24 46.30 -64.00
C LEU G 268 -21.79 46.32 -65.46
N SER G 269 -21.92 47.47 -66.13
CA SER G 269 -21.39 47.66 -67.49
C SER G 269 -19.87 47.47 -67.56
N THR G 270 -19.16 47.66 -66.45
CA THR G 270 -17.72 47.40 -66.36
C THR G 270 -17.43 45.92 -66.08
N ASP G 271 -18.06 45.34 -65.06
CA ASP G 271 -17.84 43.96 -64.65
C ASP G 271 -18.23 42.95 -65.73
N LYS G 272 -19.27 43.22 -66.50
CA LYS G 272 -19.60 42.45 -67.69
C LYS G 272 -18.42 42.37 -68.65
N LYS G 273 -17.70 43.47 -68.87
CA LYS G 273 -16.49 43.49 -69.72
C LYS G 273 -15.30 42.80 -69.07
N LYS G 274 -15.16 42.81 -67.75
CA LYS G 274 -14.11 42.02 -67.08
C LYS G 274 -14.33 40.53 -67.32
N GLN G 275 -15.54 40.03 -67.11
CA GLN G 275 -15.83 38.60 -67.18
C GLN G 275 -15.90 38.01 -68.60
N PHE G 276 -16.36 38.76 -69.59
CA PHE G 276 -16.60 38.21 -70.92
C PHE G 276 -15.38 37.51 -71.53
N GLY G 277 -14.20 38.13 -71.47
CA GLY G 277 -12.99 37.56 -72.05
C GLY G 277 -12.65 36.19 -71.47
N PRO G 278 -12.44 36.07 -70.16
CA PRO G 278 -12.16 34.80 -69.52
C PRO G 278 -13.25 33.77 -69.74
N LEU G 279 -14.53 34.15 -69.74
CA LEU G 279 -15.60 33.20 -69.98
C LEU G 279 -15.53 32.63 -71.39
N VAL G 280 -15.29 33.43 -72.42
CA VAL G 280 -15.17 32.92 -73.77
C VAL G 280 -13.94 32.05 -73.94
N ARG G 281 -12.79 32.37 -73.32
CA ARG G 281 -11.65 31.46 -73.36
C ARG G 281 -11.96 30.15 -72.64
N TRP G 282 -12.62 30.18 -71.49
CA TRP G 282 -13.00 28.95 -70.80
C TRP G 282 -13.95 28.10 -71.64
N LEU G 283 -14.95 28.69 -72.29
CA LEU G 283 -15.85 27.94 -73.15
C LEU G 283 -15.11 27.35 -74.34
N LYS G 284 -14.30 28.12 -75.08
CA LYS G 284 -13.59 27.59 -76.25
C LYS G 284 -12.60 26.49 -75.89
N VAL G 285 -12.04 26.49 -74.68
CA VAL G 285 -11.20 25.40 -74.21
C VAL G 285 -12.02 24.21 -73.78
N ASN G 286 -13.07 24.38 -72.98
CA ASN G 286 -13.78 23.22 -72.46
C ASN G 286 -14.79 22.63 -73.42
N PHE G 287 -15.22 23.32 -74.45
CA PHE G 287 -15.81 22.64 -75.59
C PHE G 287 -14.81 21.70 -76.23
N SER G 288 -13.56 22.08 -76.45
CA SER G 288 -12.58 21.15 -77.00
C SER G 288 -12.42 19.95 -76.10
N GLU G 289 -12.22 20.12 -74.81
CA GLU G 289 -12.01 19.00 -73.91
C GLU G 289 -13.20 18.08 -73.79
N ALA G 290 -14.44 18.57 -73.85
CA ALA G 290 -15.62 17.72 -73.88
C ALA G 290 -15.89 17.10 -75.26
N PHE G 291 -15.49 17.73 -76.36
CA PHE G 291 -15.61 17.11 -77.67
C PHE G 291 -14.64 15.96 -77.82
N ILE G 292 -13.39 16.16 -77.48
CA ILE G 292 -12.39 15.09 -77.51
C ILE G 292 -12.84 13.91 -76.66
N ALA G 293 -13.48 14.14 -75.53
CA ALA G 293 -13.98 13.08 -74.68
C ALA G 293 -15.08 12.30 -75.36
N TRP G 294 -15.88 12.93 -76.21
CA TRP G 294 -16.97 12.25 -76.90
C TRP G 294 -16.47 11.24 -77.91
N ILE G 295 -15.49 11.61 -78.72
CA ILE G 295 -14.92 10.71 -79.71
C ILE G 295 -14.24 9.52 -79.06
N HIS G 296 -13.63 9.67 -77.88
CA HIS G 296 -13.10 8.51 -77.18
C HIS G 296 -14.20 7.54 -76.73
N ILE G 297 -15.37 7.99 -76.30
CA ILE G 297 -16.45 7.05 -75.98
C ILE G 297 -16.94 6.32 -77.22
N LYS G 298 -17.08 6.95 -78.40
CA LYS G 298 -17.36 6.19 -79.62
C LYS G 298 -16.30 5.11 -79.84
N ALA G 299 -15.04 5.44 -79.65
CA ALA G 299 -13.98 4.47 -79.85
C ALA G 299 -14.00 3.32 -78.82
N LEU G 300 -14.57 3.48 -77.64
CA LEU G 300 -14.89 2.31 -76.81
C LEU G 300 -16.05 1.55 -77.42
N ARG G 301 -17.15 2.22 -77.78
CA ARG G 301 -18.37 1.53 -78.22
C ARG G 301 -18.14 0.70 -79.49
N VAL G 302 -17.37 1.18 -80.45
CA VAL G 302 -16.97 0.37 -81.60
C VAL G 302 -16.10 -0.79 -81.18
N PHE G 303 -15.20 -0.60 -80.23
CA PHE G 303 -14.34 -1.69 -79.80
C PHE G 303 -15.17 -2.77 -79.14
N VAL G 304 -15.88 -2.44 -78.07
CA VAL G 304 -16.62 -3.40 -77.27
C VAL G 304 -17.61 -4.18 -78.12
N GLU G 305 -18.39 -3.49 -78.95
CA GLU G 305 -19.36 -4.19 -79.78
C GLU G 305 -18.70 -5.07 -80.85
N SER G 306 -17.55 -4.68 -81.39
CA SER G 306 -16.80 -5.54 -82.29
C SER G 306 -16.17 -6.74 -81.58
N VAL G 307 -15.94 -6.68 -80.28
CA VAL G 307 -15.50 -7.84 -79.50
C VAL G 307 -16.68 -8.75 -79.16
N LEU G 308 -17.89 -8.21 -79.00
CA LEU G 308 -19.08 -9.03 -78.78
C LEU G 308 -19.59 -9.69 -80.06
N ARG G 309 -19.75 -8.94 -81.15
CA ARG G 309 -20.45 -9.39 -82.36
C ARG G 309 -19.58 -10.12 -83.37
N TYR G 310 -18.27 -10.08 -83.21
CA TYR G 310 -17.32 -10.91 -83.97
C TYR G 310 -16.56 -11.86 -83.03
N GLY G 311 -15.74 -12.76 -83.58
CA GLY G 311 -15.02 -13.78 -82.80
C GLY G 311 -14.05 -13.19 -81.77
N LEU G 312 -13.82 -13.89 -80.66
CA LEU G 312 -13.04 -13.38 -79.52
C LEU G 312 -11.57 -13.03 -79.85
N PRO G 313 -10.83 -13.79 -80.69
CA PRO G 313 -9.52 -13.36 -81.18
C PRO G 313 -9.67 -12.07 -82.01
N VAL G 314 -9.17 -10.95 -81.48
CA VAL G 314 -9.42 -9.62 -82.06
C VAL G 314 -8.76 -9.48 -83.41
N ASN G 315 -9.57 -9.38 -84.46
CA ASN G 315 -9.15 -9.21 -85.85
C ASN G 315 -10.26 -8.47 -86.62
N PHE G 316 -10.44 -7.18 -86.33
CA PHE G 316 -11.38 -6.32 -87.03
C PHE G 316 -10.77 -4.97 -87.34
N GLN G 317 -11.31 -4.30 -88.35
CA GLN G 317 -10.98 -2.93 -88.72
C GLN G 317 -12.18 -2.04 -88.47
N ALA G 318 -12.00 -0.92 -87.78
CA ALA G 318 -12.99 0.15 -87.73
C ALA G 318 -12.76 1.14 -88.87
N MET G 319 -13.84 1.63 -89.45
CA MET G 319 -13.84 2.45 -90.65
C MET G 319 -14.76 3.62 -90.45
N LEU G 320 -14.40 4.77 -91.01
CA LEU G 320 -15.18 5.98 -90.93
C LEU G 320 -15.67 6.32 -92.32
N LEU G 321 -16.98 6.44 -92.50
CA LEU G 321 -17.62 6.77 -93.77
C LEU G 321 -18.33 8.11 -93.61
N GLN G 322 -18.32 8.93 -94.64
CA GLN G 322 -18.93 10.25 -94.63
C GLN G 322 -19.85 10.36 -95.86
N PRO G 323 -21.17 10.14 -95.72
CA PRO G 323 -22.06 10.02 -96.87
C PRO G 323 -22.26 11.32 -97.65
N ASN G 324 -22.30 11.22 -98.99
CA ASN G 324 -22.62 12.34 -99.88
C ASN G 324 -24.12 12.68 -99.86
N LYS G 325 -24.45 13.92 -100.24
CA LYS G 325 -25.83 14.44 -100.30
C LYS G 325 -26.74 13.51 -101.10
N LYS G 326 -27.96 13.30 -100.61
CA LYS G 326 -29.02 12.45 -101.20
C LYS G 326 -28.66 10.99 -101.49
N SER G 327 -27.45 10.55 -101.13
CA SER G 327 -26.90 9.25 -101.57
C SER G 327 -27.17 8.10 -100.61
N VAL G 328 -27.89 8.38 -99.52
CA VAL G 328 -27.98 7.53 -98.33
C VAL G 328 -28.47 6.12 -98.65
N LYS G 329 -29.58 5.97 -99.38
CA LYS G 329 -30.16 4.65 -99.65
C LYS G 329 -29.19 3.73 -100.38
N LYS G 330 -28.54 4.22 -101.44
CA LYS G 330 -27.56 3.43 -102.19
C LYS G 330 -26.42 2.96 -101.29
N LEU G 331 -25.95 3.81 -100.38
CA LEU G 331 -24.92 3.41 -99.44
C LEU G 331 -25.41 2.33 -98.48
N ARG G 332 -26.59 2.52 -97.88
CA ARG G 332 -27.23 1.54 -96.98
C ARG G 332 -27.35 0.18 -97.66
N GLU G 333 -27.80 0.17 -98.91
CA GLU G 333 -27.92 -1.03 -99.74
C GLU G 333 -26.56 -1.68 -99.98
N VAL G 334 -25.53 -0.90 -100.33
CA VAL G 334 -24.18 -1.44 -100.57
C VAL G 334 -23.60 -2.08 -99.31
N LEU G 335 -23.73 -1.43 -98.15
CA LEU G 335 -23.24 -2.02 -96.91
C LEU G 335 -23.98 -3.33 -96.61
N HIS G 336 -25.30 -3.37 -96.83
CA HIS G 336 -26.05 -4.60 -96.63
C HIS G 336 -25.53 -5.71 -97.54
N GLU G 337 -25.29 -5.39 -98.82
CA GLU G 337 -24.72 -6.33 -99.77
C GLU G 337 -23.32 -6.80 -99.35
N LEU G 338 -22.51 -5.94 -98.73
CA LEU G 338 -21.17 -6.30 -98.29
C LEU G 338 -21.14 -7.19 -97.05
N TYR G 339 -22.16 -7.15 -96.18
CA TYR G 339 -22.08 -7.79 -94.85
C TYR G 339 -23.26 -8.67 -94.43
N LYS G 340 -24.33 -8.81 -95.22
CA LYS G 340 -25.51 -9.63 -94.88
C LYS G 340 -25.21 -11.08 -94.44
N HIS G 341 -24.08 -11.64 -94.84
CA HIS G 341 -23.64 -12.98 -94.45
C HIS G 341 -23.22 -13.12 -92.98
N LEU G 342 -22.98 -12.03 -92.25
CA LEU G 342 -22.65 -12.06 -90.82
C LEU G 342 -23.85 -12.46 -89.93
N ASP G 343 -25.09 -12.34 -90.41
CA ASP G 343 -26.28 -12.79 -89.68
C ASP G 343 -26.31 -14.32 -89.59
N GLU G 365 -32.72 1.00 -85.39
CA GLU G 365 -32.37 0.15 -86.56
C GLU G 365 -31.39 -0.95 -86.16
N TYR G 366 -31.34 -2.03 -86.94
CA TYR G 366 -30.36 -3.11 -86.83
C TYR G 366 -29.55 -3.24 -88.13
N TYR G 367 -28.30 -3.67 -88.03
CA TYR G 367 -27.44 -3.97 -89.17
C TYR G 367 -26.57 -5.20 -88.90
N PRO G 368 -26.18 -5.96 -89.93
CA PRO G 368 -25.31 -7.13 -89.81
C PRO G 368 -23.84 -6.77 -89.54
N TYR G 369 -23.56 -5.56 -89.08
CA TYR G 369 -22.24 -5.05 -88.72
C TYR G 369 -22.33 -4.03 -87.59
N VAL G 370 -21.23 -3.78 -86.91
CA VAL G 370 -21.13 -2.75 -85.87
C VAL G 370 -21.26 -1.37 -86.48
N TYR G 371 -22.17 -0.52 -85.99
CA TYR G 371 -22.44 0.81 -86.53
C TYR G 371 -22.74 1.84 -85.45
N TYR G 372 -22.20 3.06 -85.58
CA TYR G 372 -22.59 4.23 -84.79
C TYR G 372 -22.50 5.50 -85.61
N LYS G 373 -23.38 6.46 -85.36
CA LYS G 373 -23.43 7.72 -86.10
C LYS G 373 -22.81 8.82 -85.26
N ILE G 374 -21.88 9.59 -85.82
CA ILE G 374 -21.34 10.81 -85.23
C ILE G 374 -21.94 12.00 -85.95
N ASP G 375 -22.76 12.77 -85.27
CA ASP G 375 -23.30 14.04 -85.76
C ASP G 375 -22.26 15.16 -85.59
N CYS G 376 -22.47 16.30 -86.24
CA CYS G 376 -21.71 17.53 -86.00
C CYS G 376 -22.59 18.79 -86.04
N ASN G 377 -23.92 18.68 -86.06
CA ASN G 377 -24.83 19.82 -85.93
C ASN G 377 -25.04 20.22 -84.45
N LEU G 378 -23.95 20.51 -83.72
CA LEU G 378 -24.02 20.78 -82.27
C LEU G 378 -24.96 21.94 -81.90
N LEU G 379 -25.09 22.95 -82.75
CA LEU G 379 -25.91 24.13 -82.48
C LEU G 379 -27.41 23.89 -82.71
N GLU G 380 -27.81 22.67 -83.08
CA GLU G 380 -29.21 22.26 -83.39
C GLU G 380 -29.91 23.21 -84.37
N LYS H 4 -15.70 -0.78 4.59
CA LYS H 4 -14.45 -0.75 5.39
C LYS H 4 -13.58 0.46 5.02
N ASP H 5 -12.86 1.03 5.98
CA ASP H 5 -12.06 2.24 5.77
C ASP H 5 -10.72 1.99 5.07
N ARG H 6 -10.18 0.77 5.13
CA ARG H 6 -8.84 0.40 4.65
C ARG H 6 -8.83 -0.95 3.93
N ILE H 7 -7.77 -1.21 3.15
CA ILE H 7 -7.63 -2.37 2.25
C ILE H 7 -7.04 -3.63 2.90
N GLU H 8 -6.65 -3.57 4.18
CA GLU H 8 -6.27 -4.74 4.99
C GLU H 8 -5.00 -5.50 4.53
N ILE H 9 -4.12 -4.84 3.77
CA ILE H 9 -2.71 -5.27 3.68
C ILE H 9 -2.00 -5.05 5.04
N PHE H 10 -0.90 -5.76 5.33
CA PHE H 10 -0.22 -5.67 6.62
C PHE H 10 1.05 -4.77 6.56
N PRO H 11 1.25 -3.81 7.49
CA PRO H 11 2.30 -2.79 7.37
C PRO H 11 3.72 -3.32 7.17
N SER H 12 4.35 -2.88 6.09
CA SER H 12 5.71 -3.22 5.65
C SER H 12 6.15 -2.24 4.55
N ARG H 13 7.43 -2.19 4.20
CA ARG H 13 7.88 -1.42 3.00
C ARG H 13 7.34 -2.02 1.70
N MET H 14 7.10 -3.32 1.68
CA MET H 14 6.39 -4.01 0.60
C MET H 14 4.98 -3.45 0.44
N ALA H 15 4.24 -3.30 1.55
CA ALA H 15 2.91 -2.70 1.52
C ALA H 15 2.95 -1.26 1.02
N GLN H 16 3.89 -0.42 1.47
CA GLN H 16 4.04 0.93 0.92
C GLN H 16 4.21 0.89 -0.60
N THR H 17 5.08 0.01 -1.10
CA THR H 17 5.34 -0.13 -2.54
C THR H 17 4.07 -0.50 -3.30
N ILE H 18 3.29 -1.44 -2.79
CA ILE H 18 2.00 -1.83 -3.38
C ILE H 18 0.99 -0.69 -3.34
N MET H 19 0.76 -0.06 -2.18
CA MET H 19 -0.26 0.97 -2.06
C MET H 19 0.07 2.22 -2.87
N LYS H 20 1.35 2.60 -2.98
CA LYS H 20 1.77 3.69 -3.86
C LYS H 20 1.52 3.34 -5.33
N ALA H 21 1.75 2.09 -5.74
CA ALA H 21 1.46 1.65 -7.10
C ALA H 21 -0.04 1.72 -7.40
N ARG H 22 -0.89 1.21 -6.49
CA ARG H 22 -2.35 1.33 -6.59
C ARG H 22 -2.80 2.79 -6.70
N LEU H 23 -2.24 3.70 -5.92
CA LEU H 23 -2.65 5.09 -5.93
C LEU H 23 -2.37 5.76 -7.28
N LYS H 24 -1.21 5.53 -7.89
CA LYS H 24 -0.95 5.99 -9.27
C LYS H 24 -1.84 5.32 -10.29
N GLY H 25 -2.14 4.03 -10.12
CA GLY H 25 -3.08 3.30 -10.97
C GLY H 25 -4.49 3.90 -10.95
N ALA H 26 -5.04 4.20 -9.78
CA ALA H 26 -6.35 4.80 -9.61
C ALA H 26 -6.39 6.25 -10.13
N GLN H 27 -5.38 7.07 -9.83
CA GLN H 27 -5.29 8.45 -10.34
C GLN H 27 -5.11 8.50 -11.86
N THR H 28 -4.42 7.53 -12.45
CA THR H 28 -4.35 7.39 -13.92
C THR H 28 -5.70 6.98 -14.47
N GLY H 29 -6.31 5.94 -13.90
CA GLY H 29 -7.61 5.43 -14.35
C GLY H 29 -8.69 6.50 -14.32
N ARG H 30 -8.77 7.29 -13.26
CA ARG H 30 -9.66 8.45 -13.18
C ARG H 30 -9.50 9.36 -14.40
N ASN H 31 -8.27 9.77 -14.69
CA ASN H 31 -8.01 10.79 -15.70
C ASN H 31 -8.26 10.29 -17.12
N LEU H 32 -7.99 9.01 -17.39
CA LEU H 32 -8.36 8.37 -18.67
C LEU H 32 -9.88 8.21 -18.82
N LEU H 33 -10.61 7.84 -17.77
CA LEU H 33 -12.08 7.75 -17.84
C LEU H 33 -12.76 9.12 -17.93
N LYS H 34 -12.13 10.14 -17.36
CA LYS H 34 -12.68 11.52 -17.55
C LYS H 34 -12.54 11.87 -19.03
N LYS H 35 -11.38 11.61 -19.65
CA LYS H 35 -11.24 11.81 -21.09
C LYS H 35 -12.28 11.04 -21.90
N LYS H 36 -12.54 9.77 -21.59
CA LYS H 36 -13.57 8.98 -22.29
C LYS H 36 -14.95 9.64 -22.18
N SER H 37 -15.32 10.18 -21.04
CA SER H 37 -16.58 10.91 -20.88
C SER H 37 -16.68 12.10 -21.85
N ASP H 38 -15.64 12.92 -21.96
CA ASP H 38 -15.61 14.05 -22.90
C ASP H 38 -15.76 13.60 -24.35
N ALA H 39 -15.07 12.52 -24.75
CA ALA H 39 -15.15 11.97 -26.09
C ALA H 39 -16.57 11.46 -26.43
N LEU H 40 -17.22 10.73 -25.51
CA LEU H 40 -18.59 10.28 -25.71
C LEU H 40 -19.57 11.46 -25.78
N THR H 41 -19.38 12.45 -24.92
CA THR H 41 -20.21 13.67 -24.87
C THR H 41 -20.14 14.47 -26.17
N LEU H 42 -18.96 14.57 -26.79
CA LEU H 42 -18.79 15.33 -28.03
C LEU H 42 -19.62 14.72 -29.16
N ARG H 43 -19.49 13.41 -29.42
CA ARG H 43 -20.34 12.71 -30.40
C ARG H 43 -21.82 12.85 -30.07
N PHE H 44 -22.17 12.72 -28.80
CA PHE H 44 -23.56 12.78 -28.35
C PHE H 44 -24.22 14.11 -28.71
N ARG H 45 -23.60 15.23 -28.35
CA ARG H 45 -24.15 16.55 -28.66
C ARG H 45 -24.14 16.85 -30.16
N GLN H 46 -23.21 16.29 -30.93
CA GLN H 46 -23.28 16.36 -32.39
C GLN H 46 -24.49 15.60 -32.94
N ILE H 47 -24.72 14.34 -32.54
CA ILE H 47 -25.87 13.60 -33.09
C ILE H 47 -27.20 14.14 -32.58
N LEU H 48 -27.24 14.77 -31.41
CA LEU H 48 -28.40 15.53 -30.95
C LEU H 48 -28.78 16.64 -31.93
N LYS H 49 -27.82 17.44 -32.38
CA LYS H 49 -28.08 18.48 -33.39
C LYS H 49 -28.54 17.86 -34.71
N LYS H 50 -27.98 16.72 -35.11
CA LYS H 50 -28.45 16.00 -36.30
C LYS H 50 -29.83 15.38 -36.13
N ILE H 51 -30.20 14.97 -34.92
CA ILE H 51 -31.55 14.47 -34.61
C ILE H 51 -32.56 15.58 -34.88
N ILE H 52 -32.40 16.73 -34.24
CA ILE H 52 -33.34 17.83 -34.42
C ILE H 52 -33.31 18.38 -35.85
N GLU H 53 -32.16 18.39 -36.51
CA GLU H 53 -32.06 18.82 -37.92
C GLU H 53 -32.75 17.84 -38.88
N THR H 54 -32.66 16.53 -38.63
CA THR H 54 -33.43 15.53 -39.38
C THR H 54 -34.93 15.75 -39.18
N LYS H 55 -35.35 16.02 -37.95
CA LYS H 55 -36.76 16.34 -37.62
C LYS H 55 -37.25 17.61 -38.31
N MET H 56 -36.41 18.64 -38.45
CA MET H 56 -36.78 19.84 -39.25
C MET H 56 -37.00 19.48 -40.72
N LEU H 57 -36.15 18.64 -41.31
CA LEU H 57 -36.34 18.16 -42.68
C LEU H 57 -37.59 17.28 -42.80
N MET H 58 -37.90 16.46 -41.80
CA MET H 58 -39.14 15.69 -41.77
C MET H 58 -40.37 16.58 -41.75
N GLY H 59 -40.32 17.68 -41.00
CA GLY H 59 -41.35 18.71 -40.98
C GLY H 59 -41.67 19.30 -42.36
N GLU H 60 -40.75 19.25 -43.30
CA GLU H 60 -40.99 19.55 -44.71
C GLU H 60 -41.46 18.30 -45.48
N VAL H 61 -40.63 17.28 -45.65
CA VAL H 61 -40.90 16.26 -46.68
C VAL H 61 -42.10 15.36 -46.36
N MET H 62 -42.44 15.13 -45.08
CA MET H 62 -43.62 14.33 -44.73
C MET H 62 -44.91 15.05 -45.11
N ARG H 63 -44.98 16.37 -44.93
CA ARG H 63 -46.08 17.21 -45.43
C ARG H 63 -46.18 17.10 -46.95
N GLU H 64 -45.07 17.20 -47.66
CA GLU H 64 -45.07 17.06 -49.13
C GLU H 64 -45.47 15.66 -49.59
N ALA H 65 -45.09 14.61 -48.87
CA ALA H 65 -45.49 13.24 -49.17
C ALA H 65 -46.99 13.00 -48.86
N ALA H 66 -47.50 13.54 -47.76
CA ALA H 66 -48.91 13.52 -47.43
C ALA H 66 -49.75 14.27 -48.48
N PHE H 67 -49.29 15.45 -48.90
CA PHE H 67 -49.84 16.18 -50.04
C PHE H 67 -49.75 15.33 -51.32
N SER H 68 -48.65 14.63 -51.55
CA SER H 68 -48.50 13.75 -52.73
C SER H 68 -49.52 12.63 -52.71
N LEU H 69 -49.79 12.04 -51.53
CA LEU H 69 -50.84 11.05 -51.37
C LEU H 69 -52.23 11.63 -51.62
N ALA H 70 -52.53 12.80 -51.08
CA ALA H 70 -53.81 13.46 -51.31
C ALA H 70 -54.02 13.79 -52.81
N GLU H 71 -52.99 14.28 -53.49
CA GLU H 71 -53.03 14.54 -54.94
C GLU H 71 -53.11 13.25 -55.77
N ALA H 72 -52.36 12.21 -55.41
CA ALA H 72 -52.42 10.94 -56.10
C ALA H 72 -53.79 10.28 -55.93
N LYS H 73 -54.39 10.34 -54.73
CA LYS H 73 -55.76 9.88 -54.47
C LYS H 73 -56.78 10.71 -55.26
N PHE H 74 -56.65 12.04 -55.25
CA PHE H 74 -57.48 12.93 -56.07
C PHE H 74 -57.40 12.58 -57.58
N THR H 75 -56.23 12.12 -58.03
CA THR H 75 -55.99 11.70 -59.42
C THR H 75 -56.59 10.32 -59.74
N ALA H 76 -56.42 9.33 -58.86
CA ALA H 76 -56.74 7.92 -59.11
C ALA H 76 -58.07 7.43 -58.46
N GLY H 77 -58.75 8.26 -57.67
CA GLY H 77 -59.86 7.88 -56.81
C GLY H 77 -59.38 7.53 -55.40
N ASP H 78 -58.70 6.39 -55.24
CA ASP H 78 -58.05 5.98 -53.99
C ASP H 78 -56.98 4.88 -54.21
N PHE H 79 -56.11 4.69 -53.22
CA PHE H 79 -55.32 3.47 -53.01
C PHE H 79 -55.55 2.85 -51.62
N SER H 80 -55.89 3.63 -50.61
CA SER H 80 -55.82 3.21 -49.20
C SER H 80 -56.80 2.08 -48.88
N THR H 81 -57.97 2.10 -49.50
CA THR H 81 -58.97 1.03 -49.43
C THR H 81 -58.41 -0.32 -49.92
N THR H 82 -57.56 -0.32 -50.95
CA THR H 82 -57.06 -1.56 -51.58
C THR H 82 -55.70 -1.98 -51.04
N VAL H 83 -54.68 -1.13 -51.06
CA VAL H 83 -53.28 -1.54 -50.77
C VAL H 83 -53.05 -2.01 -49.33
N ILE H 84 -53.86 -1.53 -48.38
CA ILE H 84 -53.81 -1.97 -46.97
C ILE H 84 -54.34 -3.41 -46.82
N GLN H 85 -55.36 -3.78 -47.60
CA GLN H 85 -55.88 -5.17 -47.64
C GLN H 85 -54.97 -6.08 -48.48
N ASN H 86 -54.44 -5.56 -49.60
CA ASN H 86 -53.60 -6.28 -50.56
C ASN H 86 -52.12 -6.38 -50.14
N VAL H 87 -51.85 -6.52 -48.83
CA VAL H 87 -50.50 -6.66 -48.27
C VAL H 87 -49.85 -7.99 -48.71
N ASN H 88 -48.55 -7.97 -49.00
CA ASN H 88 -47.77 -9.10 -49.55
C ASN H 88 -46.26 -8.92 -49.25
N LYS H 89 -45.36 -9.48 -50.06
CA LYS H 89 -43.91 -9.18 -50.04
C LYS H 89 -43.62 -7.71 -50.36
N ALA H 90 -42.57 -7.14 -49.76
CA ALA H 90 -42.14 -5.75 -49.94
C ALA H 90 -40.73 -5.65 -50.54
N GLN H 91 -40.48 -4.65 -51.38
CA GLN H 91 -39.21 -4.46 -52.06
C GLN H 91 -38.24 -3.49 -51.35
N VAL H 92 -38.69 -2.62 -50.45
CA VAL H 92 -37.83 -1.66 -49.72
C VAL H 92 -37.81 -1.96 -48.21
N LYS H 93 -36.62 -2.08 -47.63
CA LYS H 93 -36.35 -2.62 -46.28
C LYS H 93 -35.10 -1.96 -45.63
N ILE H 94 -34.81 -2.34 -44.38
CA ILE H 94 -33.66 -1.86 -43.59
C ILE H 94 -32.64 -2.98 -43.34
N ARG H 95 -31.35 -2.66 -43.39
CA ARG H 95 -30.27 -3.45 -42.77
C ARG H 95 -29.86 -2.80 -41.45
N ALA H 96 -29.79 -3.57 -40.37
CA ALA H 96 -29.20 -3.12 -39.10
C ALA H 96 -27.67 -3.02 -39.24
N LYS H 97 -27.07 -2.00 -38.62
CA LYS H 97 -25.69 -1.57 -38.84
C LYS H 97 -25.07 -1.01 -37.56
N LYS H 98 -23.73 -0.92 -37.48
CA LYS H 98 -22.98 -0.53 -36.27
C LYS H 98 -21.94 0.55 -36.54
N ASP H 99 -21.61 1.32 -35.50
CA ASP H 99 -20.49 2.27 -35.44
C ASP H 99 -19.77 2.13 -34.09
N ASN H 100 -18.53 2.60 -33.97
CA ASN H 100 -17.75 2.55 -32.72
C ASN H 100 -17.18 3.91 -32.35
N VAL H 101 -17.26 4.26 -31.06
CA VAL H 101 -16.89 5.58 -30.50
C VAL H 101 -16.25 5.37 -29.14
N ALA H 102 -14.96 5.65 -29.03
CA ALA H 102 -14.19 5.47 -27.79
C ALA H 102 -14.35 4.08 -27.13
N GLY H 103 -14.50 3.02 -27.95
CA GLY H 103 -14.72 1.65 -27.49
C GLY H 103 -16.17 1.28 -27.14
N VAL H 104 -17.11 2.23 -27.18
CA VAL H 104 -18.56 1.96 -27.14
C VAL H 104 -19.05 1.63 -28.55
N THR H 105 -19.94 0.65 -28.70
CA THR H 105 -20.55 0.31 -29.99
C THR H 105 -21.98 0.85 -30.06
N LEU H 106 -22.30 1.58 -31.13
CA LEU H 106 -23.56 2.31 -31.29
C LEU H 106 -24.41 1.74 -32.46
N PRO H 107 -25.72 1.49 -32.28
CA PRO H 107 -26.61 0.99 -33.32
C PRO H 107 -27.05 2.07 -34.31
N VAL H 108 -27.13 1.70 -35.59
CA VAL H 108 -27.57 2.53 -36.73
C VAL H 108 -28.27 1.67 -37.78
N PHE H 109 -28.93 2.29 -38.76
CA PHE H 109 -29.71 1.62 -39.81
C PHE H 109 -29.31 2.07 -41.21
N GLU H 110 -29.48 1.18 -42.20
CA GLU H 110 -29.21 1.42 -43.61
C GLU H 110 -30.42 1.05 -44.48
N HIS H 111 -30.86 1.96 -45.35
CA HIS H 111 -31.94 1.75 -46.32
C HIS H 111 -31.47 0.88 -47.51
N TYR H 112 -32.26 -0.11 -47.93
CA TYR H 112 -31.94 -0.94 -49.11
C TYR H 112 -33.17 -1.46 -49.86
N HIS H 113 -32.96 -1.85 -51.12
CA HIS H 113 -33.95 -2.49 -51.99
C HIS H 113 -33.62 -3.98 -52.18
N GLU H 114 -34.60 -4.85 -51.94
CA GLU H 114 -34.48 -6.31 -51.95
C GLU H 114 -35.09 -6.93 -53.21
N GLY H 128 -51.10 6.85 -63.20
CA GLY H 128 -50.94 8.31 -63.24
C GLY H 128 -49.70 8.75 -62.49
N GLU H 129 -48.92 9.68 -63.06
CA GLU H 129 -47.58 10.08 -62.59
C GLU H 129 -47.54 10.66 -61.16
N GLN H 130 -48.66 11.15 -60.60
CA GLN H 130 -48.71 11.56 -59.19
C GLN H 130 -48.31 10.43 -58.23
N LEU H 131 -48.61 9.16 -58.56
CA LEU H 131 -48.16 8.01 -57.77
C LEU H 131 -46.63 7.78 -57.85
N ALA H 132 -45.97 8.15 -58.96
CA ALA H 132 -44.51 8.10 -59.07
C ALA H 132 -43.84 9.23 -58.28
N LYS H 133 -44.36 10.46 -58.38
CA LYS H 133 -43.96 11.62 -57.55
C LYS H 133 -44.12 11.30 -56.05
N LEU H 134 -45.24 10.68 -55.69
CA LEU H 134 -45.53 10.17 -54.36
C LEU H 134 -44.45 9.19 -53.89
N LYS H 135 -44.15 8.14 -54.67
CA LYS H 135 -43.14 7.14 -54.30
C LYS H 135 -41.78 7.77 -54.03
N ARG H 136 -41.35 8.73 -54.87
CA ARG H 136 -40.12 9.51 -54.62
C ARG H 136 -40.21 10.33 -53.33
N ASN H 137 -41.30 11.05 -53.09
CA ASN H 137 -41.44 11.86 -51.87
C ASN H 137 -41.50 11.01 -50.59
N TYR H 138 -42.16 9.84 -50.61
CA TYR H 138 -42.08 8.89 -49.49
C TYR H 138 -40.69 8.24 -49.37
N ALA H 139 -39.96 8.01 -50.46
CA ALA H 139 -38.57 7.55 -50.40
C ALA H 139 -37.67 8.58 -49.66
N LYS H 140 -37.80 9.88 -49.99
CA LYS H 140 -37.11 10.96 -49.24
C LYS H 140 -37.47 10.88 -47.76
N ALA H 141 -38.76 10.80 -47.45
CA ALA H 141 -39.24 10.74 -46.09
C ALA H 141 -38.66 9.55 -45.31
N VAL H 142 -38.71 8.33 -45.85
CA VAL H 142 -38.17 7.17 -45.13
C VAL H 142 -36.65 7.20 -45.00
N GLU H 143 -35.92 7.87 -45.91
CA GLU H 143 -34.50 8.08 -45.69
C GLU H 143 -34.26 8.98 -44.46
N LEU H 144 -35.10 10.01 -44.25
CA LEU H 144 -35.05 10.77 -43.00
C LEU H 144 -35.47 9.94 -41.79
N LEU H 145 -36.44 9.03 -41.92
CA LEU H 145 -36.86 8.17 -40.81
C LEU H 145 -35.76 7.18 -40.44
N VAL H 146 -35.08 6.58 -41.41
CA VAL H 146 -33.89 5.74 -41.20
C VAL H 146 -32.76 6.54 -40.58
N GLU H 147 -32.52 7.77 -41.06
CA GLU H 147 -31.51 8.66 -40.51
C GLU H 147 -31.81 9.01 -39.05
N LEU H 148 -33.04 9.48 -38.76
CA LEU H 148 -33.43 9.84 -37.40
C LEU H 148 -33.34 8.64 -36.47
N ALA H 149 -33.90 7.50 -36.85
CA ALA H 149 -33.87 6.28 -36.06
C ALA H 149 -32.43 5.85 -35.75
N SER H 150 -31.53 5.95 -36.74
CA SER H 150 -30.11 5.65 -36.54
C SER H 150 -29.52 6.57 -35.49
N LEU H 151 -29.71 7.88 -35.65
CA LEU H 151 -29.15 8.85 -34.73
C LEU H 151 -29.74 8.69 -33.33
N GLN H 152 -31.06 8.50 -33.22
CA GLN H 152 -31.74 8.36 -31.93
C GLN H 152 -31.36 7.07 -31.21
N THR H 153 -31.29 5.93 -31.89
CA THR H 153 -30.87 4.67 -31.23
C THR H 153 -29.40 4.71 -30.82
N SER H 154 -28.54 5.31 -31.64
CA SER H 154 -27.18 5.68 -31.22
C SER H 154 -27.20 6.58 -29.98
N PHE H 155 -27.93 7.68 -30.01
CA PHE H 155 -28.05 8.65 -28.93
C PHE H 155 -28.50 8.01 -27.62
N VAL H 156 -29.52 7.17 -27.62
CA VAL H 156 -29.96 6.44 -26.42
C VAL H 156 -28.85 5.56 -25.86
N THR H 157 -28.16 4.83 -26.74
CA THR H 157 -27.06 3.96 -26.31
C THR H 157 -25.89 4.77 -25.75
N LEU H 158 -25.59 5.90 -26.37
CA LEU H 158 -24.50 6.78 -26.01
C LEU H 158 -24.78 7.55 -24.72
N ASP H 159 -26.02 7.94 -24.47
CA ASP H 159 -26.46 8.56 -23.21
C ASP H 159 -26.20 7.62 -22.03
N GLU H 160 -26.59 6.34 -22.18
CA GLU H 160 -26.32 5.34 -21.16
C GLU H 160 -24.81 5.16 -20.93
N ALA H 161 -24.01 5.14 -21.99
CA ALA H 161 -22.57 5.02 -21.88
C ALA H 161 -21.93 6.22 -21.17
N ILE H 162 -22.43 7.44 -21.40
CA ILE H 162 -21.97 8.63 -20.68
C ILE H 162 -22.30 8.51 -19.19
N LYS H 163 -23.52 8.13 -18.84
CA LYS H 163 -23.93 7.93 -17.44
C LYS H 163 -23.08 6.88 -16.74
N ILE H 164 -22.84 5.74 -17.38
CA ILE H 164 -21.96 4.68 -16.84
C ILE H 164 -20.54 5.22 -16.63
N THR H 165 -19.98 5.94 -17.60
CA THR H 165 -18.62 6.47 -17.48
C THR H 165 -18.50 7.46 -16.34
N ASN H 166 -19.45 8.39 -16.22
CA ASN H 166 -19.44 9.36 -15.13
C ASN H 166 -19.56 8.66 -13.76
N ARG H 167 -20.39 7.62 -13.66
CA ARG H 167 -20.52 6.82 -12.44
C ARG H 167 -19.19 6.18 -12.04
N ARG H 168 -18.43 5.61 -13.00
CA ARG H 168 -17.09 5.09 -12.73
C ARG H 168 -16.12 6.16 -12.28
N VAL H 169 -16.09 7.33 -12.93
CA VAL H 169 -15.21 8.43 -12.52
C VAL H 169 -15.51 8.85 -11.08
N ASN H 170 -16.79 8.99 -10.71
CA ASN H 170 -17.17 9.34 -9.35
C ASN H 170 -16.77 8.26 -8.35
N ALA H 171 -16.93 6.97 -8.67
CA ALA H 171 -16.49 5.89 -7.80
C ALA H 171 -14.96 5.90 -7.57
N ILE H 172 -14.16 6.12 -8.60
CA ILE H 172 -12.70 6.20 -8.44
C ILE H 172 -12.33 7.40 -7.56
N GLU H 173 -12.93 8.56 -7.79
CA GLU H 173 -12.68 9.78 -7.03
C GLU H 173 -13.18 9.77 -5.58
N HIS H 174 -14.34 9.16 -5.30
CA HIS H 174 -15.02 9.25 -3.98
C HIS H 174 -15.07 7.96 -3.17
N VAL H 175 -14.82 6.79 -3.75
CA VAL H 175 -14.80 5.51 -3.02
C VAL H 175 -13.39 4.94 -2.99
N ILE H 176 -12.76 4.75 -4.15
CA ILE H 176 -11.53 3.96 -4.26
C ILE H 176 -10.31 4.75 -3.80
N ILE H 177 -10.08 5.97 -4.30
CA ILE H 177 -8.88 6.73 -3.94
C ILE H 177 -8.82 7.03 -2.44
N PRO H 178 -9.89 7.48 -1.76
CA PRO H 178 -9.85 7.69 -0.32
C PRO H 178 -9.49 6.42 0.47
N ARG H 179 -10.01 5.25 0.09
CA ARG H 179 -9.70 3.98 0.75
C ARG H 179 -8.22 3.61 0.63
N ILE H 180 -7.62 3.87 -0.52
CA ILE H 180 -6.18 3.68 -0.73
C ILE H 180 -5.38 4.68 0.11
N GLU H 181 -5.74 5.96 0.11
CA GLU H 181 -5.03 6.98 0.89
C GLU H 181 -5.12 6.78 2.41
N ARG H 182 -6.26 6.33 2.94
CA ARG H 182 -6.34 5.94 4.36
C ARG H 182 -5.43 4.75 4.66
N THR H 183 -5.43 3.74 3.81
CA THR H 183 -4.58 2.56 3.95
C THR H 183 -3.10 2.94 3.97
N LEU H 184 -2.68 3.78 3.03
CA LEU H 184 -1.32 4.28 2.93
C LEU H 184 -0.90 5.08 4.16
N ALA H 185 -1.77 5.92 4.71
CA ALA H 185 -1.50 6.69 5.93
C ALA H 185 -1.32 5.80 7.16
N TYR H 186 -2.14 4.75 7.30
CA TYR H 186 -2.01 3.76 8.36
C TYR H 186 -0.67 3.04 8.29
N ILE H 187 -0.27 2.56 7.12
CA ILE H 187 1.02 1.86 6.94
C ILE H 187 2.18 2.76 7.33
N ILE H 188 2.17 4.01 6.88
CA ILE H 188 3.21 4.99 7.22
C ILE H 188 3.25 5.27 8.72
N THR H 189 2.11 5.21 9.39
CA THR H 189 2.03 5.39 10.85
C THR H 189 2.56 4.19 11.60
N GLU H 190 2.13 2.98 11.27
CA GLU H 190 2.59 1.77 11.95
C GLU H 190 4.08 1.50 11.79
N LEU H 191 4.68 1.81 10.64
CA LEU H 191 6.12 1.74 10.46
C LEU H 191 6.90 2.66 11.41
N ASP H 192 6.38 3.82 11.77
CA ASP H 192 7.00 4.65 12.82
C ASP H 192 6.84 4.04 14.21
N GLU H 193 5.73 3.34 14.49
CA GLU H 193 5.54 2.68 15.77
C GLU H 193 6.50 1.51 15.95
N ARG H 194 6.65 0.64 14.94
CA ARG H 194 7.65 -0.44 14.96
C ARG H 194 9.06 0.10 15.14
N GLU H 195 9.38 1.21 14.48
CA GLU H 195 10.69 1.85 14.61
C GLU H 195 10.95 2.40 16.01
N ARG H 196 9.93 2.95 16.69
CA ARG H 196 10.08 3.43 18.07
C ARG H 196 10.19 2.29 19.07
N GLU H 197 9.48 1.18 18.85
CA GLU H 197 9.63 -0.03 19.65
C GLU H 197 11.05 -0.58 19.57
N GLU H 198 11.64 -0.61 18.37
CA GLU H 198 13.03 -1.00 18.17
C GLU H 198 14.02 -0.03 18.82
N PHE H 199 13.85 1.28 18.65
CA PHE H 199 14.76 2.26 19.26
C PHE H 199 14.83 2.11 20.78
N TYR H 200 13.70 1.90 21.44
CA TYR H 200 13.62 1.73 22.88
C TYR H 200 14.37 0.49 23.39
N ARG H 201 14.55 -0.55 22.55
CA ARG H 201 15.34 -1.74 22.86
C ARG H 201 16.82 -1.61 22.52
N LEU H 202 17.22 -0.66 21.66
CA LEU H 202 18.63 -0.38 21.40
C LEU H 202 19.23 0.55 22.47
N LYS H 203 18.47 1.56 22.93
CA LYS H 203 18.63 2.06 24.30
C LYS H 203 18.19 0.95 25.26
N LYS H 204 18.33 1.08 26.58
CA LYS H 204 18.25 -0.05 27.54
C LYS H 204 19.34 -1.11 27.38
N ILE H 205 19.63 -1.62 26.19
CA ILE H 205 20.81 -2.47 25.98
C ILE H 205 22.11 -1.68 26.14
N GLN H 206 22.20 -0.45 25.61
CA GLN H 206 23.30 0.46 25.95
C GLN H 206 23.44 0.68 27.47
N GLU H 207 22.33 0.92 28.18
CA GLU H 207 22.36 1.20 29.62
C GLU H 207 22.86 -0.01 30.42
N LYS H 208 22.39 -1.22 30.11
CA LYS H 208 22.83 -2.46 30.74
C LYS H 208 24.33 -2.71 30.50
N LYS H 209 24.83 -2.47 29.29
CA LYS H 209 26.28 -2.50 28.99
C LYS H 209 27.06 -1.46 29.80
N LYS H 210 26.58 -0.21 29.91
CA LYS H 210 27.23 0.83 30.72
C LYS H 210 27.33 0.43 32.19
N ILE H 211 26.27 -0.10 32.78
CA ILE H 211 26.27 -0.58 34.16
C ILE H 211 27.29 -1.70 34.35
N ILE H 212 27.36 -2.67 33.42
CA ILE H 212 28.35 -3.76 33.48
C ILE H 212 29.77 -3.19 33.42
N LYS H 213 30.07 -2.25 32.50
CA LYS H 213 31.40 -1.62 32.43
C LYS H 213 31.74 -0.85 33.71
N GLU H 214 30.80 -0.10 34.28
CA GLU H 214 31.04 0.56 35.57
C GLU H 214 31.34 -0.43 36.69
N LYS H 215 30.53 -1.48 36.87
CA LYS H 215 30.80 -2.50 37.90
C LYS H 215 32.11 -3.25 37.65
N SER H 216 32.50 -3.47 36.39
CA SER H 216 33.79 -4.04 36.03
C SER H 216 34.94 -3.12 36.46
N GLU H 217 34.95 -1.86 36.05
CA GLU H 217 35.98 -0.89 36.45
C GLU H 217 36.05 -0.72 37.96
N LYS H 218 34.91 -0.61 38.63
CA LYS H 218 34.80 -0.51 40.09
C LYS H 218 35.23 -1.80 40.81
N ASP H 219 35.29 -2.94 40.12
CA ASP H 219 35.98 -4.13 40.63
C ASP H 219 37.50 -4.06 40.44
N LEU H 220 37.99 -3.47 39.34
CA LEU H 220 39.43 -3.28 39.15
C LEU H 220 40.02 -2.36 40.24
N GLU H 221 39.23 -1.42 40.78
CA GLU H 221 39.62 -0.63 41.96
C GLU H 221 39.81 -1.45 43.26
N ARG H 222 39.38 -2.72 43.28
CA ARG H 222 39.61 -3.68 44.38
C ARG H 222 40.77 -4.65 44.11
N ARG H 223 41.37 -4.63 42.92
CA ARG H 223 42.46 -5.52 42.47
C ARG H 223 43.84 -4.88 42.57
N GLN I 9 -78.51 -64.48 -40.25
CA GLN I 9 -78.15 -64.38 -38.82
C GLN I 9 -76.73 -63.90 -38.57
N LYS I 10 -75.66 -64.57 -39.07
CA LYS I 10 -74.24 -64.33 -38.71
C LYS I 10 -73.79 -62.87 -38.70
N GLN I 11 -74.26 -62.06 -39.65
CA GLN I 11 -73.92 -60.64 -39.79
C GLN I 11 -74.30 -59.82 -38.53
N ILE I 12 -75.43 -60.13 -37.87
CA ILE I 12 -75.87 -59.45 -36.65
C ILE I 12 -74.85 -59.72 -35.52
N LYS I 13 -74.53 -60.99 -35.27
CA LYS I 13 -73.55 -61.40 -34.26
C LYS I 13 -72.15 -60.87 -34.56
N HIS I 14 -71.76 -60.82 -35.83
CA HIS I 14 -70.52 -60.17 -36.28
C HIS I 14 -70.52 -58.67 -35.92
N MET I 15 -71.58 -57.91 -36.21
CA MET I 15 -71.66 -56.51 -35.81
C MET I 15 -71.68 -56.33 -34.28
N MET I 16 -72.33 -57.21 -33.53
CA MET I 16 -72.30 -57.19 -32.06
C MET I 16 -70.88 -57.41 -31.52
N ALA I 17 -70.18 -58.42 -32.03
CA ALA I 17 -68.78 -58.66 -31.69
C ALA I 17 -67.89 -57.49 -32.12
N PHE I 18 -68.14 -56.87 -33.28
CA PHE I 18 -67.44 -55.69 -33.76
C PHE I 18 -67.64 -54.47 -32.86
N ILE I 19 -68.88 -54.13 -32.45
CA ILE I 19 -69.08 -52.97 -31.59
C ILE I 19 -68.51 -53.19 -30.18
N GLU I 20 -68.55 -54.42 -29.66
CA GLU I 20 -67.81 -54.71 -28.43
C GLU I 20 -66.30 -54.71 -28.65
N GLN I 21 -65.78 -55.14 -29.80
CA GLN I 21 -64.35 -55.00 -30.14
C GLN I 21 -63.94 -53.52 -30.25
N GLU I 22 -64.83 -52.68 -30.78
CA GLU I 22 -64.68 -51.23 -30.84
C GLU I 22 -64.59 -50.59 -29.45
N ALA I 23 -65.00 -51.29 -28.39
CA ALA I 23 -64.65 -50.97 -27.01
C ALA I 23 -63.43 -51.74 -26.49
N ASN I 24 -63.25 -53.03 -26.83
CA ASN I 24 -62.10 -53.83 -26.36
C ASN I 24 -60.77 -53.19 -26.74
N GLU I 25 -60.69 -52.63 -27.96
CA GLU I 25 -59.49 -51.94 -28.46
C GLU I 25 -59.18 -50.70 -27.63
N LYS I 26 -60.16 -49.82 -27.40
CA LYS I 26 -59.99 -48.68 -26.49
C LYS I 26 -59.63 -49.14 -25.08
N ALA I 27 -60.31 -50.16 -24.58
CA ALA I 27 -60.12 -50.66 -23.24
C ALA I 27 -58.70 -51.22 -23.02
N GLU I 28 -58.16 -51.99 -23.96
CA GLU I 28 -56.76 -52.40 -23.97
C GLU I 28 -55.81 -51.21 -24.04
N GLU I 29 -56.12 -50.19 -24.84
CA GLU I 29 -55.29 -48.99 -24.94
C GLU I 29 -55.23 -48.23 -23.61
N ILE I 30 -56.38 -48.08 -22.95
CA ILE I 30 -56.52 -47.40 -21.67
C ILE I 30 -55.83 -48.19 -20.56
N ASP I 31 -56.04 -49.51 -20.49
CA ASP I 31 -55.32 -50.39 -19.58
C ASP I 31 -53.81 -50.30 -19.78
N ALA I 32 -53.32 -50.38 -21.02
CA ALA I 32 -51.88 -50.33 -21.33
C ALA I 32 -51.24 -48.96 -21.03
N LYS I 33 -51.89 -47.84 -21.38
CA LYS I 33 -51.36 -46.49 -21.10
C LYS I 33 -51.28 -46.20 -19.60
N ALA I 34 -52.25 -46.69 -18.82
CA ALA I 34 -52.26 -46.55 -17.37
C ALA I 34 -51.40 -47.60 -16.61
N GLU I 35 -51.04 -48.74 -17.23
CA GLU I 35 -50.27 -49.83 -16.61
C GLU I 35 -48.97 -49.36 -15.94
N GLU I 36 -48.26 -48.43 -16.59
CA GLU I 36 -47.01 -47.87 -16.10
C GLU I 36 -47.21 -47.03 -14.83
N GLU I 37 -48.32 -46.30 -14.69
CA GLU I 37 -48.51 -45.33 -13.60
C GLU I 37 -48.67 -46.01 -12.24
N PHE I 38 -49.41 -47.12 -12.21
CA PHE I 38 -49.52 -48.00 -11.05
C PHE I 38 -48.15 -48.58 -10.64
N ASN I 39 -47.40 -49.10 -11.63
CA ASN I 39 -46.07 -49.66 -11.39
C ASN I 39 -45.08 -48.60 -10.87
N ILE I 40 -45.09 -47.40 -11.45
CA ILE I 40 -44.27 -46.27 -11.00
C ILE I 40 -44.64 -45.87 -9.58
N GLU I 41 -45.91 -45.68 -9.24
CA GLU I 41 -46.30 -45.20 -7.92
C GLU I 41 -45.90 -46.17 -6.80
N LYS I 42 -46.09 -47.48 -7.02
CA LYS I 42 -45.63 -48.51 -6.09
C LYS I 42 -44.10 -48.48 -5.99
N GLY I 43 -43.40 -48.55 -7.13
CA GLY I 43 -41.94 -48.58 -7.16
C GLY I 43 -41.29 -47.36 -6.51
N ARG I 44 -41.82 -46.16 -6.77
CA ARG I 44 -41.39 -44.87 -6.24
C ARG I 44 -41.41 -44.88 -4.72
N LEU I 45 -42.57 -45.20 -4.14
CA LEU I 45 -42.74 -45.25 -2.68
C LEU I 45 -41.89 -46.34 -2.05
N VAL I 46 -41.89 -47.55 -2.64
CA VAL I 46 -41.10 -48.70 -2.14
C VAL I 46 -39.61 -48.39 -2.11
N GLN I 47 -39.03 -47.90 -3.21
CA GLN I 47 -37.61 -47.53 -3.26
C GLN I 47 -37.31 -46.41 -2.27
N THR I 48 -38.16 -45.37 -2.22
CA THR I 48 -37.97 -44.23 -1.31
C THR I 48 -37.87 -44.68 0.14
N GLN I 49 -38.82 -45.48 0.61
CA GLN I 49 -38.82 -45.94 2.00
C GLN I 49 -37.74 -47.00 2.27
N ARG I 50 -37.51 -47.96 1.36
CA ARG I 50 -36.46 -48.98 1.55
C ARG I 50 -35.04 -48.39 1.59
N LEU I 51 -34.76 -47.30 0.86
CA LEU I 51 -33.50 -46.57 0.98
C LEU I 51 -33.36 -45.89 2.35
N LYS I 52 -34.39 -45.17 2.82
CA LYS I 52 -34.36 -44.53 4.16
C LYS I 52 -34.11 -45.55 5.27
N ILE I 53 -34.86 -46.65 5.25
CA ILE I 53 -34.81 -47.70 6.29
C ILE I 53 -33.49 -48.48 6.24
N MET I 54 -32.93 -48.74 5.05
CA MET I 54 -31.60 -49.33 4.88
C MET I 54 -30.54 -48.51 5.63
N GLU I 55 -30.49 -47.21 5.32
CA GLU I 55 -29.51 -46.28 5.89
C GLU I 55 -29.71 -46.06 7.39
N TYR I 56 -30.95 -46.05 7.88
CA TYR I 56 -31.24 -45.90 9.30
C TYR I 56 -30.63 -47.05 10.13
N TYR I 57 -30.96 -48.30 9.82
CA TYR I 57 -30.38 -49.43 10.54
C TYR I 57 -28.87 -49.59 10.27
N GLU I 58 -28.36 -49.17 9.10
CA GLU I 58 -26.90 -49.06 8.89
C GLU I 58 -26.26 -48.06 9.85
N LYS I 59 -26.86 -46.88 10.04
CA LYS I 59 -26.36 -45.86 10.96
C LYS I 59 -26.28 -46.40 12.39
N LYS I 60 -27.34 -47.09 12.86
CA LYS I 60 -27.34 -47.73 14.17
C LYS I 60 -26.29 -48.84 14.27
N GLU I 61 -26.17 -49.67 13.23
CA GLU I 61 -25.15 -50.73 13.17
C GLU I 61 -23.73 -50.15 13.26
N LYS I 62 -23.45 -49.10 12.49
CA LYS I 62 -22.16 -48.39 12.51
C LYS I 62 -21.87 -47.77 13.87
N GLN I 63 -22.88 -47.28 14.58
CA GLN I 63 -22.69 -46.82 15.97
C GLN I 63 -22.32 -47.98 16.90
N ILE I 64 -22.90 -49.18 16.74
CA ILE I 64 -22.46 -50.37 17.49
C ILE I 64 -21.01 -50.73 17.13
N GLU I 65 -20.64 -50.74 15.85
CA GLU I 65 -19.25 -50.96 15.42
C GLU I 65 -18.27 -49.96 16.06
N GLN I 66 -18.63 -48.68 16.08
CA GLN I 66 -17.83 -47.65 16.73
C GLN I 66 -17.69 -47.88 18.24
N GLN I 67 -18.78 -48.27 18.91
CA GLN I 67 -18.77 -48.59 20.33
C GLN I 67 -17.90 -49.80 20.64
N LYS I 68 -17.96 -50.87 19.82
CA LYS I 68 -17.10 -52.04 19.97
C LYS I 68 -15.61 -51.67 19.95
N LYS I 69 -15.18 -50.87 18.97
CA LYS I 69 -13.77 -50.43 18.88
C LYS I 69 -13.33 -49.71 20.14
N ILE I 70 -14.13 -48.77 20.64
CA ILE I 70 -13.79 -47.97 21.83
C ILE I 70 -13.74 -48.86 23.08
N GLN I 71 -14.71 -49.74 23.28
CA GLN I 71 -14.76 -50.63 24.44
C GLN I 71 -13.58 -51.61 24.45
N MET I 72 -13.31 -52.30 23.34
CA MET I 72 -12.14 -53.17 23.22
C MET I 72 -10.83 -52.41 23.43
N SER I 73 -10.72 -51.19 22.90
CA SER I 73 -9.54 -50.36 23.06
C SER I 73 -9.26 -50.07 24.53
N ASN I 74 -10.29 -49.72 25.31
CA ASN I 74 -10.15 -49.49 26.75
C ASN I 74 -9.70 -50.74 27.52
N LEU I 75 -10.19 -51.92 27.17
CA LEU I 75 -9.68 -53.18 27.75
C LEU I 75 -8.20 -53.32 27.47
N MET I 76 -7.78 -53.17 26.21
CA MET I 76 -6.39 -53.38 25.83
C MET I 76 -5.44 -52.36 26.47
N ASN I 77 -5.86 -51.10 26.63
CA ASN I 77 -5.07 -50.09 27.34
C ASN I 77 -4.84 -50.47 28.80
N GLN I 78 -5.87 -50.95 29.51
CA GLN I 78 -5.68 -51.46 30.88
C GLN I 78 -4.79 -52.70 30.91
N ALA I 79 -4.96 -53.64 29.97
CA ALA I 79 -4.14 -54.84 29.89
C ALA I 79 -2.65 -54.53 29.70
N ARG I 80 -2.30 -53.56 28.85
CA ARG I 80 -0.90 -53.10 28.72
C ARG I 80 -0.40 -52.52 30.03
N LEU I 81 -1.14 -51.61 30.66
CA LEU I 81 -0.69 -51.00 31.92
C LEU I 81 -0.51 -52.01 33.06
N LYS I 82 -1.37 -53.03 33.19
CA LYS I 82 -1.18 -54.11 34.18
C LYS I 82 0.15 -54.83 34.03
N VAL I 83 0.52 -55.20 32.80
CA VAL I 83 1.80 -55.88 32.53
C VAL I 83 3.00 -54.97 32.81
N LEU I 84 2.91 -53.67 32.53
CA LEU I 84 3.97 -52.71 32.87
C LEU I 84 4.11 -52.51 34.38
N ARG I 85 3.01 -52.33 35.12
CA ARG I 85 3.07 -52.22 36.59
C ARG I 85 3.68 -53.46 37.22
N ALA I 86 3.38 -54.65 36.68
CA ALA I 86 4.01 -55.88 37.13
C ALA I 86 5.55 -55.80 37.06
N ARG I 87 6.15 -55.29 35.97
CA ARG I 87 7.61 -55.10 35.91
C ARG I 87 8.11 -54.16 36.98
N ASP I 88 7.52 -52.97 37.11
CA ASP I 88 8.08 -51.98 38.04
C ASP I 88 7.91 -52.38 39.51
N ASP I 89 6.89 -53.16 39.83
CA ASP I 89 6.82 -53.82 41.12
C ASP I 89 8.01 -54.75 41.32
N LEU I 90 8.32 -55.64 40.37
CA LEU I 90 9.49 -56.52 40.49
C LEU I 90 10.81 -55.75 40.59
N ILE I 91 11.00 -54.69 39.81
CA ILE I 91 12.18 -53.84 39.90
C ILE I 91 12.26 -53.19 41.28
N THR I 92 11.16 -52.71 41.83
CA THR I 92 11.15 -52.07 43.15
C THR I 92 11.47 -53.07 44.25
N ASP I 93 10.97 -54.29 44.14
CA ASP I 93 11.33 -55.39 45.02
C ASP I 93 12.82 -55.74 44.93
N LEU I 94 13.41 -55.73 43.74
CA LEU I 94 14.85 -55.94 43.58
C LEU I 94 15.65 -54.83 44.27
N LEU I 95 15.30 -53.57 44.09
CA LEU I 95 15.98 -52.47 44.78
C LEU I 95 15.82 -52.58 46.31
N ASN I 96 14.68 -53.07 46.81
CA ASN I 96 14.53 -53.35 48.23
C ASN I 96 15.43 -54.51 48.69
N GLU I 97 15.63 -55.56 47.90
CA GLU I 97 16.61 -56.59 48.22
C GLU I 97 18.03 -56.03 48.19
N ALA I 98 18.37 -55.14 47.26
CA ALA I 98 19.68 -54.50 47.22
C ALA I 98 19.97 -53.70 48.50
N LYS I 99 18.98 -52.96 49.01
CA LYS I 99 19.09 -52.24 50.28
C LYS I 99 19.30 -53.19 51.46
N GLN I 100 18.63 -54.34 51.48
CA GLN I 100 18.82 -55.35 52.53
C GLN I 100 20.21 -55.99 52.45
N ARG I 101 20.68 -56.36 51.26
CA ARG I 101 22.05 -56.86 51.04
C ARG I 101 23.11 -55.88 51.53
N LEU I 102 22.95 -54.57 51.29
CA LEU I 102 23.88 -53.55 51.81
C LEU I 102 23.85 -53.45 53.33
N SER I 103 22.69 -53.61 53.95
CA SER I 103 22.56 -53.52 55.41
C SER I 103 23.38 -54.59 56.14
N LYS I 104 23.65 -55.75 55.51
CA LYS I 104 24.60 -56.75 56.03
C LYS I 104 26.06 -56.30 55.95
N VAL I 105 26.46 -55.62 54.87
CA VAL I 105 27.83 -55.09 54.73
C VAL I 105 28.16 -54.13 55.88
N VAL I 106 27.19 -53.32 56.30
CA VAL I 106 27.31 -52.40 57.44
C VAL I 106 27.60 -53.12 58.76
N LYS I 107 26.96 -54.27 59.01
CA LYS I 107 27.20 -55.10 60.20
C LYS I 107 28.54 -55.82 60.16
N ASP I 108 29.07 -56.09 58.97
CA ASP I 108 30.38 -56.70 58.74
C ASP I 108 31.51 -55.66 58.89
N THR I 109 31.81 -55.26 60.13
CA THR I 109 32.53 -54.00 60.43
C THR I 109 33.90 -53.86 59.77
N THR I 110 34.60 -54.94 59.44
CA THR I 110 35.83 -54.87 58.65
C THR I 110 35.56 -54.31 57.25
N ARG I 111 34.64 -54.91 56.49
CA ARG I 111 34.24 -54.38 55.18
C ARG I 111 33.57 -53.03 55.30
N TYR I 112 32.77 -52.78 56.33
CA TYR I 112 32.18 -51.45 56.51
C TYR I 112 33.26 -50.39 56.68
N GLN I 113 34.35 -50.65 57.40
CA GLN I 113 35.47 -49.71 57.45
C GLN I 113 36.12 -49.52 56.07
N VAL I 114 36.29 -50.58 55.29
CA VAL I 114 36.87 -50.48 53.93
C VAL I 114 36.00 -49.62 53.01
N LEU I 115 34.66 -49.70 53.10
CA LEU I 115 33.78 -48.76 52.42
C LEU I 115 33.98 -47.35 52.99
N LEU I 116 33.85 -47.21 54.30
CA LEU I 116 33.77 -45.91 54.97
C LEU I 116 35.07 -45.11 54.87
N ASP I 117 36.23 -45.76 54.76
CA ASP I 117 37.51 -45.14 54.38
C ASP I 117 37.43 -44.43 53.02
N GLY I 118 36.75 -45.04 52.06
CA GLY I 118 36.54 -44.51 50.72
C GLY I 118 35.43 -43.46 50.69
N LEU I 119 34.32 -43.66 51.39
CA LEU I 119 33.21 -42.71 51.41
C LEU I 119 33.63 -41.33 51.93
N VAL I 120 34.53 -41.27 52.92
CA VAL I 120 35.07 -39.98 53.39
C VAL I 120 35.96 -39.34 52.34
N LEU I 121 37.01 -40.02 51.88
CA LEU I 121 37.98 -39.44 50.94
C LEU I 121 37.33 -39.02 49.62
N GLN I 122 36.35 -39.78 49.14
CA GLN I 122 35.62 -39.41 47.93
C GLN I 122 34.83 -38.11 48.09
N GLY I 123 34.27 -37.82 49.27
CA GLY I 123 33.58 -36.57 49.52
C GLY I 123 34.54 -35.38 49.57
N LEU I 124 35.68 -35.53 50.27
CA LEU I 124 36.72 -34.51 50.35
C LEU I 124 37.21 -34.08 48.97
N TYR I 125 37.40 -35.02 48.04
CA TYR I 125 37.80 -34.71 46.66
C TYR I 125 36.73 -34.01 45.80
N GLN I 126 35.45 -34.02 46.18
CA GLN I 126 34.44 -33.18 45.50
C GLN I 126 34.49 -31.75 46.02
N LEU I 127 34.59 -31.56 47.34
CA LEU I 127 34.47 -30.26 47.97
C LEU I 127 35.73 -29.38 47.85
N LEU I 128 36.92 -29.94 48.05
CA LEU I 128 38.21 -29.26 47.93
C LEU I 128 38.35 -27.96 48.76
N GLU I 129 37.66 -27.84 49.89
CA GLU I 129 37.67 -26.63 50.74
C GLU I 129 38.86 -26.59 51.72
N PRO I 130 39.27 -25.40 52.23
CA PRO I 130 40.26 -25.30 53.30
C PRO I 130 39.82 -25.95 54.61
N ARG I 131 38.52 -25.92 54.92
CA ARG I 131 37.92 -26.51 56.12
C ARG I 131 36.61 -27.20 55.79
N MET I 132 36.39 -28.39 56.33
CA MET I 132 35.22 -29.24 56.04
C MET I 132 34.69 -29.91 57.30
N ILE I 133 33.41 -30.30 57.27
CA ILE I 133 32.73 -30.93 58.39
C ILE I 133 32.07 -32.21 57.92
N VAL I 134 32.30 -33.31 58.63
CA VAL I 134 31.73 -34.62 58.34
C VAL I 134 30.59 -34.88 59.30
N ARG I 135 29.44 -35.28 58.77
CA ARG I 135 28.27 -35.70 59.52
C ARG I 135 28.03 -37.16 59.25
N CYS I 136 27.78 -37.92 60.29
CA CYS I 136 27.82 -39.38 60.28
C CYS I 136 26.72 -39.96 61.15
N ARG I 137 26.47 -41.26 61.02
CA ARG I 137 25.56 -42.00 61.90
C ARG I 137 26.26 -42.20 63.25
N LYS I 138 25.59 -41.92 64.38
CA LYS I 138 26.22 -41.85 65.71
C LYS I 138 26.93 -43.15 66.10
N GLN I 139 26.28 -44.27 65.85
CA GLN I 139 26.77 -45.62 66.14
C GLN I 139 28.06 -45.97 65.38
N ASP I 140 28.40 -45.22 64.33
CA ASP I 140 29.57 -45.44 63.48
C ASP I 140 30.73 -44.49 63.81
N PHE I 141 30.58 -43.60 64.80
CA PHE I 141 31.54 -42.52 65.06
C PHE I 141 33.01 -42.96 65.13
N PRO I 142 33.40 -44.03 65.84
CA PRO I 142 34.81 -44.47 65.85
C PRO I 142 35.32 -44.88 64.48
N LEU I 143 34.45 -45.45 63.64
CA LEU I 143 34.80 -45.95 62.31
C LEU I 143 35.03 -44.80 61.35
N VAL I 144 34.18 -43.78 61.39
CA VAL I 144 34.37 -42.58 60.57
C VAL I 144 35.51 -41.71 61.11
N LYS I 145 35.73 -41.65 62.43
CA LYS I 145 36.90 -40.97 63.01
C LYS I 145 38.21 -41.60 62.55
N ALA I 146 38.30 -42.93 62.48
CA ALA I 146 39.43 -43.62 61.87
C ALA I 146 39.54 -43.30 60.37
N ALA I 147 38.43 -43.31 59.63
CA ALA I 147 38.41 -43.01 58.20
C ALA I 147 38.91 -41.59 57.89
N VAL I 148 38.50 -40.58 58.66
CA VAL I 148 39.02 -39.20 58.53
C VAL I 148 40.53 -39.15 58.70
N GLN I 149 41.07 -39.80 59.74
CA GLN I 149 42.52 -39.81 59.98
C GLN I 149 43.32 -40.49 58.87
N LYS I 150 42.76 -41.52 58.20
CA LYS I 150 43.35 -42.11 56.99
C LYS I 150 43.20 -41.22 55.77
N ALA I 151 42.09 -40.50 55.64
CA ALA I 151 41.82 -39.64 54.50
C ALA I 151 42.75 -38.43 54.43
N ILE I 152 42.96 -37.70 55.53
CA ILE I 152 43.73 -36.44 55.53
C ILE I 152 45.13 -36.53 54.90
N PRO I 153 46.02 -37.51 55.18
CA PRO I 153 47.31 -37.58 54.50
C PRO I 153 47.19 -37.84 53.00
N MET I 154 46.27 -38.70 52.54
CA MET I 154 46.03 -38.92 51.12
C MET I 154 45.43 -37.69 50.43
N TYR I 155 44.63 -36.92 51.14
CA TYR I 155 44.12 -35.64 50.65
C TYR I 155 45.25 -34.64 50.43
N LYS I 156 46.15 -34.45 51.40
CA LYS I 156 47.29 -33.52 51.26
C LYS I 156 48.25 -33.94 50.16
N ILE I 157 48.52 -35.24 50.02
CA ILE I 157 49.38 -35.78 48.96
C ILE I 157 48.78 -35.56 47.58
N ALA I 158 47.48 -35.85 47.39
CA ALA I 158 46.85 -35.72 46.08
C ALA I 158 46.60 -34.27 45.67
N THR I 159 46.10 -33.42 46.57
CA THR I 159 45.70 -32.05 46.23
C THR I 159 46.82 -31.02 46.34
N LYS I 160 47.89 -31.31 47.10
CA LYS I 160 48.93 -30.35 47.53
C LYS I 160 48.43 -29.20 48.41
N LYS I 161 47.20 -29.25 48.91
CA LYS I 161 46.59 -28.25 49.79
C LYS I 161 46.50 -28.73 51.23
N ASP I 162 46.78 -27.86 52.20
CA ASP I 162 46.49 -28.13 53.60
C ASP I 162 44.98 -28.16 53.88
N VAL I 163 44.52 -28.85 54.93
CA VAL I 163 43.10 -29.00 55.25
C VAL I 163 42.82 -29.15 56.75
N ASP I 164 41.66 -28.68 57.19
CA ASP I 164 41.09 -28.95 58.51
C ASP I 164 39.76 -29.71 58.34
N VAL I 165 39.65 -30.92 58.89
CA VAL I 165 38.42 -31.72 58.82
C VAL I 165 37.92 -32.04 60.22
N GLN I 166 36.66 -31.75 60.49
CA GLN I 166 36.02 -31.95 61.79
C GLN I 166 34.83 -32.89 61.66
N ILE I 167 34.49 -33.64 62.70
CA ILE I 167 33.31 -34.50 62.72
C ILE I 167 32.27 -33.90 63.66
N ASP I 168 31.01 -33.84 63.26
CA ASP I 168 29.93 -33.42 64.16
C ASP I 168 29.75 -34.43 65.31
N LEU I 169 29.76 -33.93 66.54
CA LEU I 169 29.38 -34.66 67.76
C LEU I 169 27.98 -34.23 68.24
N GLU I 170 27.54 -33.05 67.84
CA GLU I 170 26.35 -32.33 68.29
C GLU I 170 25.09 -32.70 67.49
N ALA I 171 25.27 -33.21 66.27
CA ALA I 171 24.21 -33.66 65.38
C ALA I 171 24.69 -34.86 64.54
N TYR I 172 23.78 -35.73 64.13
CA TYR I 172 24.08 -36.98 63.45
C TYR I 172 23.05 -37.30 62.38
N LEU I 173 23.41 -38.17 61.44
CA LEU I 173 22.46 -38.79 60.53
C LEU I 173 21.50 -39.71 61.35
N PRO I 174 20.21 -39.78 61.01
CA PRO I 174 19.26 -40.64 61.73
C PRO I 174 19.66 -42.13 61.75
N GLU I 175 19.24 -42.86 62.79
CA GLU I 175 19.42 -44.32 62.87
C GLU I 175 18.74 -45.08 61.72
N ASP I 176 17.72 -44.49 61.08
CA ASP I 176 17.06 -45.04 59.89
C ASP I 176 17.99 -45.16 58.67
N ILE I 177 19.05 -44.34 58.58
CA ILE I 177 20.04 -44.36 57.51
C ILE I 177 20.86 -45.65 57.57
N ALA I 178 21.06 -46.33 56.45
CA ALA I 178 21.84 -47.56 56.42
C ALA I 178 23.29 -47.35 56.83
N GLY I 179 23.93 -46.27 56.37
CA GLY I 179 25.30 -45.92 56.72
C GLY I 179 25.91 -44.88 55.80
N GLY I 180 27.21 -44.64 55.94
CA GLY I 180 27.94 -43.61 55.20
C GLY I 180 27.88 -42.24 55.86
N VAL I 181 28.14 -41.19 55.08
CA VAL I 181 28.41 -39.83 55.58
C VAL I 181 27.83 -38.74 54.70
N GLU I 182 27.72 -37.54 55.24
CA GLU I 182 27.63 -36.31 54.47
C GLU I 182 28.78 -35.40 54.84
N ILE I 183 29.35 -34.67 53.88
CA ILE I 183 30.44 -33.75 54.15
C ILE I 183 30.00 -32.36 53.69
N TYR I 184 30.32 -31.35 54.48
CA TYR I 184 29.88 -29.98 54.34
C TYR I 184 31.05 -29.03 54.19
N ASN I 185 30.85 -27.95 53.46
CA ASN I 185 31.69 -26.75 53.52
C ASN I 185 31.78 -26.21 54.96
N GLY I 186 32.80 -25.41 55.28
CA GLY I 186 32.97 -24.85 56.63
C GLY I 186 31.81 -23.97 57.14
N ASP I 187 30.99 -23.40 56.25
CA ASP I 187 29.77 -22.66 56.59
C ASP I 187 28.47 -23.42 56.28
N ARG I 188 28.57 -24.69 55.87
CA ARG I 188 27.46 -25.57 55.51
C ARG I 188 26.55 -25.11 54.35
N LYS I 189 26.96 -24.14 53.52
CA LYS I 189 26.20 -23.75 52.30
C LYS I 189 26.36 -24.72 51.12
N ILE I 190 27.38 -25.57 51.13
CA ILE I 190 27.59 -26.61 50.12
C ILE I 190 27.79 -27.93 50.83
N LYS I 191 27.19 -29.00 50.34
CA LYS I 191 27.41 -30.36 50.85
C LYS I 191 27.56 -31.37 49.74
N VAL I 192 28.17 -32.48 50.07
CA VAL I 192 28.21 -33.69 49.27
C VAL I 192 27.62 -34.83 50.10
N SER I 193 26.59 -35.49 49.60
CA SER I 193 25.88 -36.53 50.35
C SER I 193 26.31 -37.89 49.85
N ASN I 194 26.83 -38.73 50.74
CA ASN I 194 27.51 -39.97 50.42
C ASN I 194 27.09 -41.08 51.39
N THR I 195 25.78 -41.18 51.61
CA THR I 195 25.17 -42.28 52.33
C THR I 195 25.10 -43.52 51.43
N LEU I 196 24.91 -44.70 51.99
CA LEU I 196 24.74 -45.91 51.17
C LEU I 196 23.47 -45.83 50.31
N GLU I 197 22.39 -45.22 50.80
CA GLU I 197 21.18 -44.97 50.01
C GLU I 197 21.43 -44.01 48.84
N SER I 198 22.29 -43.00 49.02
CA SER I 198 22.74 -42.15 47.92
C SER I 198 23.46 -42.97 46.86
N ARG I 199 24.44 -43.80 47.22
CA ARG I 199 25.12 -44.66 46.24
C ARG I 199 24.20 -45.69 45.59
N LEU I 200 23.36 -46.37 46.36
CA LEU I 200 22.44 -47.36 45.82
C LEU I 200 21.56 -46.75 44.74
N ASP I 201 20.91 -45.62 45.02
CA ASP I 201 20.07 -44.94 44.05
C ASP I 201 20.89 -44.44 42.84
N LEU I 202 21.98 -43.70 43.09
CA LEU I 202 22.82 -43.12 42.05
C LEU I 202 23.33 -44.15 41.03
N ILE I 203 23.72 -45.34 41.49
CA ILE I 203 24.15 -46.43 40.63
C ILE I 203 22.95 -47.14 40.00
N ALA I 204 21.90 -47.44 40.76
CA ALA I 204 20.75 -48.18 40.26
C ALA I 204 20.05 -47.49 39.09
N GLN I 205 19.89 -46.16 39.09
CA GLN I 205 19.24 -45.48 37.97
C GLN I 205 20.06 -45.60 36.68
N GLN I 206 21.37 -45.36 36.74
CA GLN I 206 22.25 -45.42 35.57
C GLN I 206 22.30 -46.84 34.99
N MET I 207 22.17 -47.88 35.82
CA MET I 207 22.12 -49.27 35.38
C MET I 207 20.78 -49.71 34.77
N MET I 208 19.72 -48.89 34.77
CA MET I 208 18.40 -49.37 34.33
C MET I 208 18.33 -50.01 32.94
N PRO I 209 19.06 -49.56 31.90
CA PRO I 209 19.08 -50.24 30.60
C PRO I 209 19.68 -51.65 30.66
N GLU I 210 20.54 -51.90 31.64
CA GLU I 210 21.28 -53.14 31.78
C GLU I 210 20.56 -54.15 32.68
N VAL I 211 19.89 -53.69 33.75
CA VAL I 211 19.02 -54.56 34.55
C VAL I 211 17.76 -54.94 33.79
N ARG I 212 17.19 -54.09 32.93
CA ARG I 212 16.08 -54.50 32.04
C ARG I 212 16.50 -55.68 31.16
N GLY I 213 17.63 -55.57 30.47
CA GLY I 213 18.16 -56.63 29.60
C GLY I 213 18.55 -57.90 30.37
N ALA I 214 19.23 -57.77 31.51
CA ALA I 214 19.62 -58.92 32.31
C ALA I 214 18.43 -59.69 32.88
N LEU I 215 17.40 -59.02 33.38
CA LEU I 215 16.21 -59.66 33.95
C LEU I 215 15.26 -60.21 32.89
N PHE I 216 14.87 -59.40 31.90
CA PHE I 216 13.74 -59.70 31.00
C PHE I 216 14.18 -60.04 29.56
N GLY I 217 15.47 -60.04 29.27
CA GLY I 217 16.01 -60.28 27.92
C GLY I 217 15.89 -59.06 27.00
N ALA I 218 16.68 -59.04 25.94
CA ALA I 218 16.70 -57.94 24.97
C ALA I 218 15.45 -57.91 24.08
N ASN I 219 15.08 -56.71 23.60
CA ASN I 219 14.01 -56.52 22.62
C ASN I 219 14.43 -57.06 21.25
N ALA I 220 13.65 -57.95 20.65
CA ALA I 220 13.94 -58.53 19.36
C ALA I 220 13.84 -57.54 18.18
N ASN I 221 13.08 -56.45 18.32
CA ASN I 221 12.89 -55.45 17.26
C ASN I 221 14.05 -54.45 17.15
N ARG I 222 14.84 -54.26 18.21
CA ARG I 222 15.97 -53.31 18.23
C ARG I 222 17.13 -53.86 17.41
N LYS I 223 17.13 -53.60 16.10
CA LYS I 223 18.13 -54.07 15.15
C LYS I 223 19.48 -53.34 15.28
N PHE I 224 19.48 -52.07 15.67
CA PHE I 224 20.69 -51.26 15.82
C PHE I 224 20.85 -50.70 17.23
N LEU I 225 22.09 -50.60 17.70
CA LEU I 225 22.46 -49.95 18.96
C LEU I 225 23.07 -48.55 18.74
N ASP I 226 23.68 -48.32 17.58
CA ASP I 226 24.34 -47.07 17.18
C ASP I 226 23.33 -45.95 16.88
N SER J 4 -27.27 -28.69 -82.30
CA SER J 4 -26.87 -28.98 -80.89
C SER J 4 -25.37 -29.21 -80.74
N ASP J 5 -24.85 -30.41 -81.01
CA ASP J 5 -23.58 -30.83 -80.39
C ASP J 5 -22.35 -30.20 -81.06
N ALA J 6 -22.41 -29.89 -82.36
CA ALA J 6 -21.39 -29.05 -83.00
C ALA J 6 -21.40 -27.62 -82.44
N ASP J 7 -22.57 -27.09 -82.09
CA ASP J 7 -22.71 -25.75 -81.50
C ASP J 7 -22.22 -25.71 -80.06
N VAL J 8 -22.38 -26.81 -79.32
CA VAL J 8 -21.68 -27.00 -78.03
C VAL J 8 -20.17 -26.94 -78.27
N GLN J 9 -19.64 -27.62 -79.29
CA GLN J 9 -18.21 -27.53 -79.61
C GLN J 9 -17.78 -26.10 -80.00
N LYS J 10 -18.61 -25.34 -80.73
CA LYS J 10 -18.36 -23.89 -80.94
C LYS J 10 -18.27 -23.14 -79.62
N GLN J 11 -19.20 -23.38 -78.70
CA GLN J 11 -19.17 -22.76 -77.38
C GLN J 11 -17.93 -23.19 -76.57
N ILE J 12 -17.54 -24.46 -76.62
CA ILE J 12 -16.30 -24.97 -76.03
C ILE J 12 -15.08 -24.27 -76.65
N LYS J 13 -15.06 -24.01 -77.96
CA LYS J 13 -13.99 -23.24 -78.62
C LYS J 13 -13.98 -21.79 -78.15
N HIS J 14 -15.14 -21.15 -77.98
CA HIS J 14 -15.20 -19.82 -77.37
C HIS J 14 -14.69 -19.84 -75.92
N MET J 15 -15.04 -20.84 -75.13
CA MET J 15 -14.55 -21.00 -73.76
C MET J 15 -13.03 -21.19 -73.75
N MET J 16 -12.49 -22.01 -74.66
CA MET J 16 -11.05 -22.22 -74.84
C MET J 16 -10.35 -20.90 -75.19
N ALA J 17 -10.92 -20.12 -76.10
CA ALA J 17 -10.41 -18.81 -76.44
C ALA J 17 -10.43 -17.86 -75.24
N PHE J 18 -11.51 -17.82 -74.45
CA PHE J 18 -11.55 -17.04 -73.21
C PHE J 18 -10.49 -17.50 -72.22
N ILE J 19 -10.33 -18.81 -72.01
CA ILE J 19 -9.35 -19.36 -71.07
C ILE J 19 -7.94 -18.93 -71.49
N GLU J 20 -7.58 -19.12 -72.75
CA GLU J 20 -6.28 -18.71 -73.27
C GLU J 20 -6.09 -17.19 -73.20
N GLN J 21 -7.12 -16.41 -73.54
CA GLN J 21 -7.04 -14.96 -73.48
C GLN J 21 -6.81 -14.48 -72.04
N GLU J 22 -7.66 -14.88 -71.10
CA GLU J 22 -7.51 -14.44 -69.71
C GLU J 22 -6.23 -14.98 -69.07
N ALA J 23 -5.74 -16.16 -69.49
CA ALA J 23 -4.42 -16.61 -69.09
C ALA J 23 -3.31 -15.69 -69.63
N ASN J 24 -3.41 -15.25 -70.88
CA ASN J 24 -2.47 -14.26 -71.43
C ASN J 24 -2.57 -12.93 -70.68
N GLU J 25 -3.78 -12.47 -70.35
CA GLU J 25 -3.95 -11.25 -69.54
C GLU J 25 -3.31 -11.41 -68.16
N LYS J 26 -3.50 -12.56 -67.48
CA LYS J 26 -2.85 -12.82 -66.19
C LYS J 26 -1.33 -12.80 -66.31
N ALA J 27 -0.77 -13.38 -67.36
CA ALA J 27 0.67 -13.31 -67.60
C ALA J 27 1.13 -11.86 -67.81
N GLU J 28 0.42 -11.08 -68.62
CA GLU J 28 0.67 -9.65 -68.86
C GLU J 28 0.63 -8.84 -67.55
N GLU J 29 -0.38 -9.04 -66.72
CA GLU J 29 -0.52 -8.34 -65.45
C GLU J 29 0.61 -8.69 -64.49
N ILE J 30 0.87 -9.98 -64.29
CA ILE J 30 1.91 -10.42 -63.35
C ILE J 30 3.29 -10.00 -63.82
N ASP J 31 3.59 -10.06 -65.11
CA ASP J 31 4.85 -9.56 -65.65
C ASP J 31 4.99 -8.03 -65.48
N ALA J 32 3.90 -7.26 -65.61
CA ALA J 32 3.95 -5.84 -65.37
C ALA J 32 4.17 -5.53 -63.87
N LYS J 33 3.39 -6.16 -63.00
CA LYS J 33 3.49 -5.97 -61.54
C LYS J 33 4.80 -6.47 -60.97
N ALA J 34 5.48 -7.41 -61.61
CA ALA J 34 6.87 -7.76 -61.29
C ALA J 34 7.82 -6.58 -61.50
N GLU J 35 7.76 -5.94 -62.66
CA GLU J 35 8.65 -4.82 -62.96
C GLU J 35 8.32 -3.56 -62.15
N GLU J 36 7.05 -3.29 -61.89
CA GLU J 36 6.66 -2.22 -60.98
C GLU J 36 7.20 -2.44 -59.57
N GLU J 37 6.98 -3.61 -58.98
CA GLU J 37 7.44 -3.86 -57.62
C GLU J 37 8.97 -4.00 -57.53
N PHE J 38 9.66 -4.37 -58.61
CA PHE J 38 11.11 -4.22 -58.69
C PHE J 38 11.54 -2.76 -58.59
N ASN J 39 10.93 -1.85 -59.37
CA ASN J 39 11.25 -0.42 -59.29
C ASN J 39 10.99 0.12 -57.88
N ILE J 40 9.85 -0.21 -57.27
CA ILE J 40 9.49 0.27 -55.93
C ILE J 40 10.45 -0.27 -54.86
N GLU J 41 10.60 -1.59 -54.77
CA GLU J 41 11.38 -2.23 -53.71
C GLU J 41 12.86 -1.90 -53.80
N LYS J 42 13.49 -1.95 -54.99
CA LYS J 42 14.87 -1.51 -55.17
C LYS J 42 15.03 -0.07 -54.73
N GLY J 43 14.17 0.82 -55.23
CA GLY J 43 14.24 2.25 -54.94
C GLY J 43 14.12 2.56 -53.45
N ARG J 44 13.13 2.01 -52.75
CA ARG J 44 12.98 2.16 -51.30
C ARG J 44 14.19 1.62 -50.55
N LEU J 45 14.69 0.45 -50.93
CA LEU J 45 15.74 -0.23 -50.18
C LEU J 45 17.08 0.51 -50.29
N VAL J 46 17.50 0.88 -51.50
CA VAL J 46 18.72 1.69 -51.67
C VAL J 46 18.57 3.03 -50.98
N GLN J 47 17.46 3.74 -51.18
CA GLN J 47 17.32 5.10 -50.67
C GLN J 47 17.28 5.15 -49.14
N THR J 48 16.76 4.12 -48.49
CA THR J 48 16.77 4.00 -47.03
C THR J 48 18.18 3.82 -46.50
N GLN J 49 18.92 2.81 -47.00
CA GLN J 49 20.26 2.49 -46.49
C GLN J 49 21.27 3.58 -46.85
N ARG J 50 21.22 4.11 -48.07
CA ARG J 50 22.09 5.19 -48.54
C ARG J 50 22.01 6.41 -47.64
N LEU J 51 20.82 6.74 -47.14
CA LEU J 51 20.62 7.89 -46.29
C LEU J 51 21.08 7.69 -44.85
N LYS J 52 21.04 6.46 -44.32
CA LYS J 52 21.65 6.12 -43.02
C LYS J 52 23.18 6.22 -43.07
N ILE J 53 23.79 5.69 -44.13
CA ILE J 53 25.24 5.82 -44.39
C ILE J 53 25.65 7.29 -44.46
N MET J 54 24.89 8.10 -45.20
CA MET J 54 25.18 9.51 -45.39
C MET J 54 25.28 10.26 -44.05
N GLU J 55 24.40 9.99 -43.10
CA GLU J 55 24.46 10.63 -41.78
C GLU J 55 25.56 10.07 -40.88
N TYR J 56 25.87 8.77 -40.92
CA TYR J 56 26.98 8.20 -40.16
C TYR J 56 28.31 8.86 -40.54
N TYR J 57 28.64 8.93 -41.82
CA TYR J 57 29.86 9.60 -42.25
C TYR J 57 29.78 11.12 -42.06
N GLU J 58 28.61 11.74 -42.02
CA GLU J 58 28.51 13.16 -41.65
C GLU J 58 28.91 13.40 -40.18
N LYS J 59 28.58 12.49 -39.26
CA LYS J 59 29.10 12.53 -37.88
C LYS J 59 30.61 12.25 -37.84
N LYS J 60 31.11 11.20 -38.50
CA LYS J 60 32.54 10.88 -38.53
C LYS J 60 33.36 12.02 -39.09
N GLU J 61 32.95 12.62 -40.20
CA GLU J 61 33.61 13.77 -40.83
C GLU J 61 33.62 15.01 -39.93
N LYS J 62 32.74 15.06 -38.91
CA LYS J 62 32.70 16.11 -37.88
C LYS J 62 33.51 15.80 -36.63
N GLN J 63 33.76 14.52 -36.31
CA GLN J 63 34.58 14.11 -35.17
C GLN J 63 36.10 14.40 -35.33
N ILE J 64 36.59 14.67 -36.55
CA ILE J 64 38.03 14.65 -36.88
C ILE J 64 38.86 15.56 -35.97
N GLU J 65 38.37 16.74 -35.60
CA GLU J 65 39.06 17.66 -34.67
C GLU J 65 39.32 17.01 -33.30
N GLN J 66 38.28 16.50 -32.65
CA GLN J 66 38.39 15.80 -31.38
C GLN J 66 39.27 14.55 -31.53
N GLN J 67 39.09 13.78 -32.61
CA GLN J 67 39.80 12.52 -32.84
C GLN J 67 41.33 12.69 -32.79
N LYS J 68 41.87 13.77 -33.37
CA LYS J 68 43.32 14.04 -33.27
C LYS J 68 43.69 14.71 -31.95
N LYS J 69 42.90 15.65 -31.46
CA LYS J 69 43.24 16.39 -30.22
C LYS J 69 43.25 15.48 -28.98
N ILE J 70 42.52 14.37 -29.01
CA ILE J 70 42.66 13.22 -28.10
C ILE J 70 44.09 12.70 -28.04
N GLN J 71 44.77 12.54 -29.17
CA GLN J 71 46.15 12.09 -29.20
C GLN J 71 47.07 13.16 -28.61
N MET J 72 46.85 14.43 -28.94
CA MET J 72 47.67 15.53 -28.43
C MET J 72 47.61 15.64 -26.91
N SER J 73 46.43 15.57 -26.29
CA SER J 73 46.31 15.59 -24.84
C SER J 73 46.93 14.35 -24.18
N ASN J 74 46.83 13.17 -24.81
CA ASN J 74 47.54 11.99 -24.32
C ASN J 74 49.06 12.17 -24.40
N LEU J 75 49.59 12.61 -25.54
CA LEU J 75 51.03 12.82 -25.73
C LEU J 75 51.59 13.86 -24.76
N MET J 76 50.92 15.00 -24.58
CA MET J 76 51.35 16.02 -23.63
C MET J 76 51.35 15.49 -22.19
N ASN J 77 50.34 14.73 -21.79
CA ASN J 77 50.32 14.14 -20.44
C ASN J 77 51.41 13.06 -20.27
N GLN J 78 51.68 12.24 -21.28
CA GLN J 78 52.79 11.28 -21.24
C GLN J 78 54.15 11.98 -21.12
N ALA J 79 54.34 13.06 -21.88
CA ALA J 79 55.60 13.84 -21.77
C ALA J 79 55.72 14.37 -20.34
N ARG J 80 54.62 14.85 -19.76
CA ARG J 80 54.64 15.40 -18.37
C ARG J 80 55.01 14.29 -17.38
N LEU J 81 54.48 13.08 -17.58
CA LEU J 81 54.81 11.93 -16.69
C LEU J 81 56.33 11.76 -16.65
N LYS J 82 56.99 11.81 -17.82
CA LYS J 82 58.47 11.73 -17.85
C LYS J 82 59.09 12.84 -17.00
N VAL J 83 58.59 14.07 -17.13
CA VAL J 83 59.09 15.23 -16.38
C VAL J 83 58.89 15.05 -14.87
N LEU J 84 57.73 14.55 -14.43
CA LEU J 84 57.48 14.27 -13.03
C LEU J 84 58.43 13.20 -12.47
N ARG J 85 58.68 12.10 -13.19
CA ARG J 85 59.66 11.10 -12.75
C ARG J 85 61.07 11.69 -12.62
N ALA J 86 61.48 12.54 -13.55
CA ALA J 86 62.76 13.23 -13.43
C ALA J 86 62.82 14.10 -12.16
N ARG J 87 61.78 14.91 -11.93
CA ARG J 87 61.71 15.80 -10.76
C ARG J 87 61.74 15.05 -9.44
N ASP J 88 61.07 13.89 -9.36
CA ASP J 88 61.12 13.02 -8.21
C ASP J 88 62.55 12.49 -7.93
N ASP J 89 63.27 12.06 -8.96
CA ASP J 89 64.64 11.60 -8.78
C ASP J 89 65.57 12.74 -8.32
N LEU J 90 65.39 13.96 -8.82
CA LEU J 90 66.14 15.11 -8.34
C LEU J 90 65.89 15.38 -6.85
N ILE J 91 64.64 15.31 -6.39
CA ILE J 91 64.35 15.38 -4.97
C ILE J 91 65.01 14.23 -4.22
N THR J 92 64.97 13.02 -4.77
CA THR J 92 65.55 11.85 -4.11
C THR J 92 67.05 12.03 -3.91
N ASP J 93 67.74 12.60 -4.88
CA ASP J 93 69.17 12.88 -4.73
C ASP J 93 69.48 14.06 -3.82
N LEU J 94 68.56 14.99 -3.64
CA LEU J 94 68.69 16.01 -2.60
C LEU J 94 68.71 15.33 -1.23
N LEU J 95 67.77 14.41 -0.96
CA LEU J 95 67.75 13.67 0.29
C LEU J 95 68.99 12.75 0.43
N ASN J 96 69.49 12.15 -0.65
CA ASN J 96 70.73 11.39 -0.60
C ASN J 96 71.94 12.26 -0.21
N GLU J 97 72.08 13.45 -0.77
CA GLU J 97 73.13 14.39 -0.37
C GLU J 97 72.96 14.83 1.07
N ALA J 98 71.74 15.13 1.51
CA ALA J 98 71.49 15.52 2.91
C ALA J 98 71.94 14.42 3.86
N LYS J 99 71.63 13.17 3.54
CA LYS J 99 72.05 12.00 4.34
C LYS J 99 73.56 11.84 4.41
N GLN J 100 74.28 12.05 3.31
CA GLN J 100 75.75 12.01 3.29
C GLN J 100 76.38 13.15 4.08
N ARG J 101 75.91 14.39 3.91
CA ARG J 101 76.38 15.53 4.73
C ARG J 101 76.15 15.28 6.22
N LEU J 102 75.00 14.73 6.59
CA LEU J 102 74.66 14.42 7.99
C LEU J 102 75.63 13.40 8.60
N SER J 103 76.14 12.44 7.82
CA SER J 103 77.17 11.50 8.29
C SER J 103 78.47 12.21 8.71
N LYS J 104 78.85 13.32 8.06
CA LYS J 104 80.01 14.12 8.49
C LYS J 104 79.79 14.79 9.84
N VAL J 105 78.57 15.22 10.15
CA VAL J 105 78.25 15.80 11.46
C VAL J 105 78.36 14.75 12.58
N VAL J 106 78.18 13.48 12.26
CA VAL J 106 78.44 12.36 13.18
C VAL J 106 79.94 12.10 13.36
N LYS J 107 80.74 12.19 12.29
CA LYS J 107 82.20 12.01 12.36
C LYS J 107 82.91 13.11 13.15
N ASP J 108 82.42 14.34 13.09
CA ASP J 108 82.92 15.46 13.90
C ASP J 108 82.46 15.34 15.36
N THR J 109 83.22 14.62 16.19
CA THR J 109 82.77 14.22 17.54
C THR J 109 82.42 15.40 18.45
N THR J 110 82.99 16.58 18.25
CA THR J 110 82.61 17.77 19.02
C THR J 110 81.19 18.24 18.68
N ARG J 111 80.85 18.36 17.38
CA ARG J 111 79.46 18.64 16.97
C ARG J 111 78.54 17.51 17.37
N TYR J 112 78.95 16.25 17.17
CA TYR J 112 78.10 15.12 17.49
C TYR J 112 77.74 15.09 18.97
N GLN J 113 78.63 15.42 19.89
CA GLN J 113 78.27 15.53 21.31
C GLN J 113 77.12 16.50 21.53
N VAL J 114 77.14 17.66 20.87
CA VAL J 114 76.08 18.65 21.01
C VAL J 114 74.75 18.12 20.47
N LEU J 115 74.78 17.24 19.46
CA LEU J 115 73.57 16.52 19.05
C LEU J 115 73.15 15.50 20.11
N LEU J 116 74.03 14.64 20.64
CA LEU J 116 73.64 13.71 21.70
C LEU J 116 73.04 14.44 22.91
N ASP J 117 73.62 15.56 23.32
CA ASP J 117 73.08 16.40 24.39
C ASP J 117 71.65 16.90 24.11
N GLY J 118 71.27 17.08 22.85
CA GLY J 118 69.93 17.48 22.44
C GLY J 118 69.00 16.29 22.28
N LEU J 119 69.41 15.27 21.52
CA LEU J 119 68.60 14.09 21.19
C LEU J 119 68.22 13.28 22.42
N VAL J 120 69.09 13.17 23.42
CA VAL J 120 68.77 12.48 24.68
C VAL J 120 67.67 13.23 25.42
N LEU J 121 67.86 14.52 25.70
CA LEU J 121 66.88 15.29 26.47
C LEU J 121 65.53 15.41 25.75
N GLN J 122 65.54 15.55 24.42
CA GLN J 122 64.32 15.52 23.61
C GLN J 122 63.57 14.18 23.72
N GLY J 123 64.25 13.07 23.96
CA GLY J 123 63.60 11.82 24.31
C GLY J 123 62.98 11.87 25.71
N LEU J 124 63.73 12.29 26.72
CA LEU J 124 63.27 12.29 28.10
C LEU J 124 62.01 13.16 28.29
N TYR J 125 61.96 14.34 27.66
CA TYR J 125 60.78 15.19 27.65
C TYR J 125 59.54 14.59 26.95
N GLN J 126 59.68 13.61 26.07
CA GLN J 126 58.53 12.94 25.46
C GLN J 126 57.96 11.86 26.37
N LEU J 127 58.80 11.11 27.09
CA LEU J 127 58.34 10.01 27.94
C LEU J 127 57.81 10.48 29.30
N LEU J 128 58.52 11.37 30.00
CA LEU J 128 58.19 11.85 31.35
C LEU J 128 57.99 10.74 32.41
N GLU J 129 58.62 9.59 32.21
CA GLU J 129 58.53 8.40 33.08
C GLU J 129 59.38 8.50 34.36
N PRO J 130 59.16 7.64 35.37
CA PRO J 130 60.03 7.54 36.54
C PRO J 130 61.41 6.91 36.22
N ARG J 131 61.44 5.94 35.32
CA ARG J 131 62.64 5.19 34.93
C ARG J 131 62.70 5.03 33.42
N MET J 132 63.84 5.28 32.81
CA MET J 132 64.00 5.24 31.34
C MET J 132 65.30 4.59 30.94
N ILE J 133 65.26 3.75 29.91
CA ILE J 133 66.43 3.06 29.39
C ILE J 133 66.81 3.72 28.07
N VAL J 134 68.06 4.14 27.95
CA VAL J 134 68.62 4.75 26.74
C VAL J 134 69.39 3.70 25.98
N ARG J 135 69.23 3.62 24.66
CA ARG J 135 69.92 2.67 23.79
C ARG J 135 70.60 3.42 22.66
N CYS J 136 71.85 3.08 22.38
CA CYS J 136 72.74 3.79 21.47
C CYS J 136 73.62 2.81 20.67
N ARG J 137 74.33 3.29 19.65
CA ARG J 137 75.40 2.50 19.01
C ARG J 137 76.54 2.29 20.00
N LYS J 138 77.23 1.16 19.95
CA LYS J 138 78.25 0.81 20.96
C LYS J 138 79.37 1.85 21.06
N GLN J 139 79.92 2.27 19.92
CA GLN J 139 81.02 3.22 19.86
C GLN J 139 80.64 4.66 20.28
N ASP J 140 79.36 4.99 20.34
CA ASP J 140 78.88 6.31 20.78
C ASP J 140 78.75 6.40 22.31
N PHE J 141 78.85 5.27 23.03
CA PHE J 141 78.61 5.20 24.47
C PHE J 141 79.32 6.27 25.30
N PRO J 142 80.60 6.60 25.08
CA PRO J 142 81.27 7.66 25.84
C PRO J 142 80.62 9.04 25.68
N LEU J 143 80.07 9.36 24.50
CA LEU J 143 79.37 10.61 24.27
C LEU J 143 77.98 10.55 24.91
N VAL J 144 77.29 9.42 24.76
CA VAL J 144 75.95 9.22 25.31
C VAL J 144 75.94 9.24 26.83
N LYS J 145 76.95 8.66 27.49
CA LYS J 145 77.08 8.71 28.95
C LYS J 145 77.25 10.15 29.45
N ALA J 146 78.04 10.97 28.77
CA ALA J 146 78.13 12.40 29.06
C ALA J 146 76.79 13.12 28.82
N ALA J 147 76.12 12.82 27.71
CA ALA J 147 74.84 13.44 27.37
C ALA J 147 73.75 13.14 28.41
N VAL J 148 73.63 11.90 28.87
CA VAL J 148 72.72 11.50 29.95
C VAL J 148 73.05 12.24 31.26
N GLN J 149 74.33 12.32 31.65
CA GLN J 149 74.73 13.07 32.85
C GLN J 149 74.40 14.56 32.77
N LYS J 150 74.52 15.19 31.59
CA LYS J 150 74.08 16.58 31.39
C LYS J 150 72.55 16.73 31.39
N ALA J 151 71.82 15.74 30.88
CA ALA J 151 70.37 15.79 30.76
C ALA J 151 69.63 15.69 32.12
N ILE J 152 70.07 14.83 33.05
CA ILE J 152 69.32 14.57 34.29
C ILE J 152 69.03 15.82 35.13
N PRO J 153 70.00 16.74 35.40
CA PRO J 153 69.72 17.97 36.12
C PRO J 153 68.73 18.88 35.40
N MET J 154 68.88 19.07 34.08
CA MET J 154 67.96 19.89 33.28
C MET J 154 66.54 19.31 33.30
N TYR J 155 66.42 17.99 33.16
CA TYR J 155 65.14 17.30 33.22
C TYR J 155 64.46 17.54 34.57
N LYS J 156 65.17 17.36 35.70
CA LYS J 156 64.56 17.56 37.03
C LYS J 156 64.14 19.01 37.24
N ILE J 157 64.95 19.98 36.84
CA ILE J 157 64.61 21.41 36.94
C ILE J 157 63.36 21.76 36.12
N ALA J 158 63.27 21.27 34.89
CA ALA J 158 62.20 21.61 33.96
C ALA J 158 60.87 20.88 34.22
N THR J 159 60.91 19.65 34.76
CA THR J 159 59.72 18.80 34.97
C THR J 159 59.24 18.71 36.42
N LYS J 160 60.10 19.04 37.39
CA LYS J 160 59.88 18.85 38.84
C LYS J 160 59.62 17.39 39.25
N LYS J 161 60.34 16.44 38.63
CA LYS J 161 60.32 15.00 38.96
C LYS J 161 61.71 14.46 39.31
N ASP J 162 61.78 13.47 40.18
CA ASP J 162 62.93 12.56 40.25
C ASP J 162 62.93 11.59 39.06
N VAL J 163 64.09 11.11 38.62
CA VAL J 163 64.22 10.24 37.46
C VAL J 163 65.40 9.26 37.57
N ASP J 164 65.31 8.14 36.88
CA ASP J 164 66.35 7.12 36.80
C ASP J 164 66.62 6.76 35.34
N VAL J 165 67.64 7.38 34.74
CA VAL J 165 68.00 7.16 33.33
C VAL J 165 69.23 6.28 33.25
N GLN J 166 69.14 5.13 32.56
CA GLN J 166 70.23 4.14 32.50
C GLN J 166 70.50 3.67 31.08
N ILE J 167 71.76 3.51 30.69
CA ILE J 167 72.13 3.10 29.34
C ILE J 167 72.08 1.57 29.22
N ASP J 168 71.49 1.06 28.14
CA ASP J 168 71.50 -0.35 27.78
C ASP J 168 72.90 -0.77 27.34
N LEU J 169 73.59 -1.55 28.19
CA LEU J 169 74.94 -2.06 27.93
C LEU J 169 74.96 -3.41 27.20
N GLU J 170 73.82 -4.08 27.01
CA GLU J 170 73.74 -5.43 26.47
C GLU J 170 73.27 -5.48 25.01
N ALA J 171 72.37 -4.59 24.60
CA ALA J 171 71.74 -4.62 23.28
C ALA J 171 71.82 -3.26 22.59
N TYR J 172 73.01 -2.88 22.14
CA TYR J 172 73.25 -1.65 21.37
C TYR J 172 72.45 -1.60 20.05
N LEU J 173 72.24 -0.40 19.52
CA LEU J 173 71.74 -0.22 18.14
C LEU J 173 72.74 -0.80 17.13
N PRO J 174 72.30 -1.22 15.93
CA PRO J 174 73.21 -1.66 14.87
C PRO J 174 74.20 -0.56 14.49
N GLU J 175 75.44 -0.92 14.17
CA GLU J 175 76.44 0.03 13.67
C GLU J 175 76.11 0.58 12.27
N ASP J 176 75.14 -0.02 11.58
CA ASP J 176 74.59 0.48 10.32
C ASP J 176 73.76 1.76 10.49
N ILE J 177 73.29 2.06 11.71
CA ILE J 177 72.57 3.30 12.03
C ILE J 177 73.50 4.50 11.86
N ALA J 178 73.00 5.58 11.24
CA ALA J 178 73.77 6.79 11.01
C ALA J 178 74.23 7.45 12.31
N GLY J 179 73.39 7.45 13.35
CA GLY J 179 73.71 7.98 14.67
C GLY J 179 72.45 8.28 15.47
N GLY J 180 72.59 8.95 16.60
CA GLY J 180 71.47 9.24 17.51
C GLY J 180 71.10 8.05 18.39
N VAL J 181 69.94 8.12 19.05
CA VAL J 181 69.60 7.25 20.19
C VAL J 181 68.12 6.87 20.23
N GLU J 182 67.78 5.81 20.95
CA GLU J 182 66.40 5.48 21.32
C GLU J 182 66.25 5.47 22.83
N ILE J 183 65.06 5.83 23.34
CA ILE J 183 64.78 5.81 24.77
C ILE J 183 63.51 5.01 24.98
N TYR J 184 63.48 4.19 26.03
CA TYR J 184 62.40 3.30 26.40
C TYR J 184 61.94 3.65 27.81
N ASN J 185 60.66 3.46 28.11
CA ASN J 185 60.23 3.39 29.50
C ASN J 185 60.81 2.14 30.19
N GLY J 186 60.68 2.03 31.51
CA GLY J 186 61.33 0.98 32.30
C GLY J 186 61.08 -0.45 31.82
N ASP J 187 59.84 -0.79 31.50
CA ASP J 187 59.45 -2.12 31.01
C ASP J 187 59.44 -2.27 29.48
N ARG J 188 60.00 -1.31 28.75
CA ARG J 188 60.08 -1.27 27.27
C ARG J 188 58.74 -1.26 26.53
N LYS J 189 57.58 -1.12 27.19
CA LYS J 189 56.28 -1.04 26.52
C LYS J 189 56.09 0.24 25.69
N ILE J 190 56.88 1.28 25.92
CA ILE J 190 56.83 2.56 25.20
C ILE J 190 58.25 2.96 24.82
N LYS J 191 58.47 3.42 23.59
CA LYS J 191 59.76 3.97 23.16
C LYS J 191 59.62 5.24 22.33
N VAL J 192 60.70 6.00 22.25
CA VAL J 192 60.84 7.18 21.39
C VAL J 192 62.15 7.09 20.63
N SER J 193 62.14 7.34 19.33
CA SER J 193 63.30 7.13 18.47
C SER J 193 63.87 8.43 17.93
N ASN J 194 65.11 8.73 18.31
CA ASN J 194 65.88 9.91 17.90
C ASN J 194 67.09 9.51 17.05
N THR J 195 67.01 8.43 16.25
CA THR J 195 68.09 8.14 15.30
C THR J 195 68.13 9.24 14.25
N LEU J 196 69.30 9.56 13.70
CA LEU J 196 69.45 10.72 12.83
C LEU J 196 68.76 10.58 11.47
N GLU J 197 68.49 9.37 10.99
CA GLU J 197 67.64 9.17 9.80
C GLU J 197 66.18 9.47 10.12
N SER J 198 65.72 9.17 11.34
CA SER J 198 64.39 9.56 11.80
C SER J 198 64.23 11.07 11.81
N ARG J 199 65.19 11.80 12.40
CA ARG J 199 65.22 13.27 12.37
C ARG J 199 65.17 13.79 10.94
N LEU J 200 66.12 13.40 10.10
CA LEU J 200 66.20 13.91 8.73
C LEU J 200 64.91 13.64 7.94
N ASP J 201 64.39 12.42 8.00
CA ASP J 201 63.19 12.05 7.25
C ASP J 201 61.96 12.84 7.71
N LEU J 202 61.76 13.00 9.02
CA LEU J 202 60.63 13.76 9.55
C LEU J 202 60.70 15.24 9.17
N ILE J 203 61.87 15.86 9.18
CA ILE J 203 62.01 17.25 8.74
C ILE J 203 61.83 17.34 7.22
N ALA J 204 62.47 16.45 6.45
CA ALA J 204 62.49 16.55 5.00
C ALA J 204 61.11 16.40 4.38
N GLN J 205 60.26 15.52 4.91
CA GLN J 205 58.87 15.40 4.47
C GLN J 205 58.06 16.67 4.75
N GLN J 206 58.28 17.32 5.89
CA GLN J 206 57.48 18.46 6.30
C GLN J 206 57.81 19.72 5.52
N MET J 207 59.08 20.00 5.26
CA MET J 207 59.48 21.18 4.49
C MET J 207 59.46 20.97 2.97
N MET J 208 58.84 19.89 2.48
CA MET J 208 58.72 19.60 1.05
C MET J 208 58.07 20.71 0.20
N PRO J 209 57.09 21.51 0.69
CA PRO J 209 56.57 22.66 -0.05
C PRO J 209 57.61 23.78 -0.25
N GLU J 210 58.46 24.03 0.74
CA GLU J 210 59.56 25.00 0.64
C GLU J 210 60.70 24.48 -0.24
N VAL J 211 60.98 23.18 -0.20
CA VAL J 211 61.91 22.52 -1.12
C VAL J 211 61.45 22.64 -2.57
N ARG J 212 60.18 22.33 -2.89
CA ARG J 212 59.61 22.50 -4.23
C ARG J 212 59.71 23.95 -4.70
N GLY J 213 59.36 24.91 -3.84
CA GLY J 213 59.47 26.34 -4.13
C GLY J 213 60.90 26.80 -4.41
N ALA J 214 61.88 26.34 -3.63
CA ALA J 214 63.28 26.71 -3.80
C ALA J 214 63.96 26.07 -5.03
N LEU J 215 63.77 24.78 -5.28
CA LEU J 215 64.47 24.05 -6.34
C LEU J 215 63.90 24.25 -7.73
N PHE J 216 62.60 24.50 -7.87
CA PHE J 216 61.92 24.54 -9.18
C PHE J 216 61.12 25.83 -9.42
N GLY J 217 61.17 26.78 -8.49
CA GLY J 217 60.46 28.05 -8.58
C GLY J 217 58.99 27.95 -8.17
N ALA J 218 58.40 29.08 -7.79
CA ALA J 218 56.99 29.16 -7.45
C ALA J 218 56.08 28.93 -8.66
N ASN J 219 54.89 28.38 -8.44
CA ASN J 219 53.86 28.22 -9.48
C ASN J 219 53.31 29.59 -9.89
N ALA J 220 53.38 29.93 -11.18
CA ALA J 220 52.86 31.18 -11.70
C ALA J 220 51.33 31.31 -11.60
N ASN J 221 50.60 30.19 -11.54
CA ASN J 221 49.14 30.19 -11.49
C ASN J 221 48.55 30.41 -10.09
N ARG J 222 49.31 30.14 -9.02
CA ARG J 222 48.80 30.21 -7.64
C ARG J 222 48.67 31.67 -7.17
N LYS J 223 47.61 32.35 -7.61
CA LYS J 223 47.35 33.77 -7.35
C LYS J 223 47.19 34.09 -5.87
N PHE J 224 46.55 33.20 -5.12
CA PHE J 224 46.20 33.36 -3.71
C PHE J 224 46.75 32.22 -2.86
N LEU J 225 47.15 32.50 -1.61
CA LEU J 225 47.68 31.51 -0.67
C LEU J 225 46.67 31.12 0.43
N ASP J 226 45.54 31.82 0.52
CA ASP J 226 44.38 31.52 1.38
C ASP J 226 43.49 30.42 0.80
N GLN K 9 -50.60 82.92 -46.26
CA GLN K 9 -51.94 82.39 -45.92
C GLN K 9 -52.01 81.95 -44.45
N LYS K 10 -53.19 81.96 -43.85
CA LYS K 10 -53.38 81.84 -42.38
C LYS K 10 -52.98 80.50 -41.75
N GLN K 11 -53.13 79.38 -42.45
CA GLN K 11 -53.04 78.04 -41.86
C GLN K 11 -51.66 77.70 -41.28
N ILE K 12 -50.58 78.34 -41.77
CA ILE K 12 -49.23 78.13 -41.22
C ILE K 12 -49.14 78.52 -39.74
N LYS K 13 -49.91 79.51 -39.29
CA LYS K 13 -49.96 79.93 -37.88
C LYS K 13 -50.53 78.82 -37.00
N HIS K 14 -51.64 78.21 -37.44
CA HIS K 14 -52.23 77.03 -36.80
C HIS K 14 -51.26 75.85 -36.81
N MET K 15 -50.62 75.55 -37.95
CA MET K 15 -49.69 74.42 -38.06
C MET K 15 -48.50 74.58 -37.09
N MET K 16 -47.94 75.78 -36.95
CA MET K 16 -46.95 76.09 -35.90
C MET K 16 -47.55 75.92 -34.51
N ALA K 17 -48.65 76.61 -34.21
CA ALA K 17 -49.28 76.58 -32.89
C ALA K 17 -49.61 75.15 -32.43
N PHE K 18 -49.94 74.25 -33.36
CA PHE K 18 -50.20 72.85 -33.07
C PHE K 18 -48.94 72.15 -32.55
N ILE K 19 -47.83 72.22 -33.30
CA ILE K 19 -46.58 71.56 -32.89
C ILE K 19 -45.95 72.25 -31.67
N GLU K 20 -46.14 73.56 -31.55
CA GLU K 20 -45.76 74.34 -30.38
C GLU K 20 -46.55 73.88 -29.16
N GLN K 21 -47.86 73.65 -29.29
CA GLN K 21 -48.69 73.17 -28.19
C GLN K 21 -48.32 71.73 -27.81
N GLU K 22 -48.01 70.87 -28.78
CA GLU K 22 -47.43 69.58 -28.45
C GLU K 22 -46.12 69.73 -27.66
N ALA K 23 -45.26 70.67 -28.03
CA ALA K 23 -44.02 70.92 -27.29
C ALA K 23 -44.29 71.46 -25.88
N ASN K 24 -45.26 72.35 -25.72
CA ASN K 24 -45.70 72.85 -24.42
C ASN K 24 -46.11 71.67 -23.53
N GLU K 25 -46.98 70.79 -24.03
CA GLU K 25 -47.46 69.62 -23.30
C GLU K 25 -46.34 68.62 -23.00
N LYS K 26 -45.42 68.37 -23.94
CA LYS K 26 -44.28 67.48 -23.74
C LYS K 26 -43.32 68.02 -22.68
N ALA K 27 -43.01 69.32 -22.73
CA ALA K 27 -42.21 69.96 -21.70
C ALA K 27 -42.89 69.85 -20.32
N GLU K 28 -44.18 70.14 -20.24
CA GLU K 28 -44.93 70.03 -18.99
C GLU K 28 -44.99 68.61 -18.44
N GLU K 29 -45.10 67.59 -19.31
CA GLU K 29 -44.94 66.20 -18.89
C GLU K 29 -43.55 65.94 -18.31
N ILE K 30 -42.48 66.36 -18.97
CA ILE K 30 -41.12 66.15 -18.46
C ILE K 30 -40.95 66.89 -17.13
N ASP K 31 -41.48 68.10 -17.00
CA ASP K 31 -41.49 68.86 -15.74
C ASP K 31 -42.29 68.16 -14.62
N ALA K 32 -43.39 67.47 -14.92
CA ALA K 32 -44.13 66.66 -13.95
C ALA K 32 -43.33 65.42 -13.55
N LYS K 33 -42.83 64.68 -14.53
CA LYS K 33 -42.07 63.43 -14.37
C LYS K 33 -40.78 63.65 -13.58
N ALA K 34 -40.17 64.82 -13.70
CA ALA K 34 -39.02 65.24 -12.90
C ALA K 34 -39.36 65.26 -11.40
N GLU K 35 -40.41 65.99 -11.00
CA GLU K 35 -40.84 66.04 -9.59
C GLU K 35 -41.24 64.66 -9.06
N GLU K 36 -41.95 63.86 -9.86
CA GLU K 36 -42.29 62.48 -9.50
C GLU K 36 -41.03 61.63 -9.20
N GLU K 37 -39.98 61.73 -10.03
CA GLU K 37 -38.72 61.06 -9.75
C GLU K 37 -38.03 61.60 -8.48
N PHE K 38 -38.04 62.90 -8.22
CA PHE K 38 -37.40 63.47 -7.02
C PHE K 38 -38.05 63.01 -5.71
N ASN K 39 -39.36 62.77 -5.71
CA ASN K 39 -40.04 62.19 -4.54
C ASN K 39 -39.65 60.72 -4.32
N ILE K 40 -39.40 59.95 -5.39
CA ILE K 40 -38.86 58.59 -5.29
C ILE K 40 -37.40 58.62 -4.81
N GLU K 41 -36.60 59.53 -5.37
CA GLU K 41 -35.17 59.70 -5.06
C GLU K 41 -34.92 60.00 -3.57
N LYS K 42 -35.64 60.98 -3.00
CA LYS K 42 -35.58 61.26 -1.56
C LYS K 42 -36.04 60.06 -0.73
N GLY K 43 -37.05 59.33 -1.20
CA GLY K 43 -37.54 58.11 -0.53
C GLY K 43 -36.49 57.00 -0.47
N ARG K 44 -35.73 56.81 -1.53
CA ARG K 44 -34.57 55.90 -1.56
C ARG K 44 -33.46 56.35 -0.61
N LEU K 45 -33.06 57.62 -0.71
CA LEU K 45 -31.94 58.19 0.04
C LEU K 45 -32.18 58.26 1.55
N VAL K 46 -33.19 59.03 1.98
CA VAL K 46 -33.32 59.45 3.38
C VAL K 46 -33.54 58.26 4.31
N GLN K 47 -34.42 57.34 3.91
CA GLN K 47 -34.70 56.15 4.71
C GLN K 47 -33.48 55.24 4.84
N THR K 48 -32.74 55.02 3.75
CA THR K 48 -31.53 54.18 3.78
C THR K 48 -30.47 54.79 4.70
N GLN K 49 -30.21 56.09 4.57
CA GLN K 49 -29.23 56.79 5.41
C GLN K 49 -29.66 56.82 6.88
N ARG K 50 -30.95 57.08 7.17
CA ARG K 50 -31.51 57.01 8.53
C ARG K 50 -31.29 55.63 9.13
N LEU K 51 -31.56 54.57 8.38
CA LEU K 51 -31.35 53.20 8.84
C LEU K 51 -29.86 52.91 9.10
N LYS K 52 -28.95 53.39 8.25
CA LYS K 52 -27.50 53.28 8.49
C LYS K 52 -27.07 54.02 9.76
N ILE K 53 -27.61 55.22 9.99
CA ILE K 53 -27.38 55.99 11.21
C ILE K 53 -27.88 55.22 12.44
N MET K 54 -29.08 54.65 12.38
CA MET K 54 -29.63 53.84 13.46
C MET K 54 -28.81 52.57 13.70
N GLU K 55 -28.39 51.86 12.66
CA GLU K 55 -27.52 50.69 12.78
C GLU K 55 -26.16 51.03 13.39
N TYR K 56 -25.60 52.21 13.09
CA TYR K 56 -24.38 52.69 13.72
C TYR K 56 -24.58 52.92 15.23
N TYR K 57 -25.59 53.67 15.65
CA TYR K 57 -25.82 53.89 17.08
C TYR K 57 -26.28 52.64 17.83
N GLU K 58 -26.99 51.72 17.17
CA GLU K 58 -27.28 50.38 17.71
C GLU K 58 -26.00 49.59 18.04
N LYS K 59 -24.93 49.74 17.25
CA LYS K 59 -23.62 49.16 17.57
C LYS K 59 -23.02 49.84 18.81
N LYS K 60 -22.88 51.17 18.78
CA LYS K 60 -22.14 51.92 19.82
C LYS K 60 -22.83 51.89 21.19
N GLU K 61 -24.15 51.84 21.27
CA GLU K 61 -24.86 51.75 22.56
C GLU K 61 -24.53 50.47 23.33
N LYS K 62 -24.43 49.32 22.65
CA LYS K 62 -24.08 48.04 23.31
C LYS K 62 -22.68 48.05 23.91
N GLN K 63 -21.75 48.75 23.27
CA GLN K 63 -20.39 48.95 23.79
C GLN K 63 -20.39 49.77 25.09
N ILE K 64 -21.34 50.69 25.30
CA ILE K 64 -21.47 51.39 26.60
C ILE K 64 -21.88 50.38 27.69
N GLU K 65 -22.90 49.55 27.44
CA GLU K 65 -23.38 48.58 28.41
C GLU K 65 -22.32 47.53 28.78
N GLN K 66 -21.57 47.02 27.80
CA GLN K 66 -20.44 46.13 28.07
C GLN K 66 -19.38 46.82 28.94
N GLN K 67 -18.99 48.05 28.60
CA GLN K 67 -18.04 48.80 29.42
C GLN K 67 -18.56 49.04 30.83
N LYS K 68 -19.85 49.36 31.00
CA LYS K 68 -20.47 49.51 32.32
C LYS K 68 -20.35 48.22 33.14
N LYS K 69 -20.64 47.06 32.55
CA LYS K 69 -20.50 45.77 33.25
C LYS K 69 -19.05 45.47 33.60
N ILE K 70 -18.10 45.70 32.69
CA ILE K 70 -16.68 45.53 32.99
C ILE K 70 -16.22 46.48 34.10
N GLN K 71 -16.70 47.72 34.12
CA GLN K 71 -16.37 48.70 35.16
C GLN K 71 -16.93 48.28 36.51
N MET K 72 -18.17 47.79 36.58
CA MET K 72 -18.74 47.20 37.79
C MET K 72 -17.91 46.01 38.25
N SER K 73 -17.55 45.08 37.37
CA SER K 73 -16.75 43.92 37.76
C SER K 73 -15.38 44.32 38.30
N ASN K 74 -14.71 45.31 37.71
CA ASN K 74 -13.44 45.82 38.24
C ASN K 74 -13.62 46.50 39.60
N LEU K 75 -14.65 47.34 39.77
CA LEU K 75 -14.96 47.99 41.03
C LEU K 75 -15.16 46.96 42.15
N MET K 76 -15.97 45.93 41.90
CA MET K 76 -16.23 44.85 42.85
C MET K 76 -14.97 44.02 43.16
N ASN K 77 -14.12 43.71 42.17
CA ASN K 77 -12.86 43.04 42.44
C ASN K 77 -11.93 43.87 43.33
N GLN K 78 -11.70 45.14 43.01
CA GLN K 78 -10.85 46.00 43.84
C GLN K 78 -11.40 46.14 45.26
N ALA K 79 -12.71 46.28 45.44
CA ALA K 79 -13.32 46.35 46.76
C ALA K 79 -13.06 45.10 47.61
N ARG K 80 -13.00 43.92 46.98
CA ARG K 80 -12.66 42.65 47.62
C ARG K 80 -11.17 42.54 47.93
N LEU K 81 -10.29 42.93 47.01
CA LEU K 81 -8.85 42.90 47.26
C LEU K 81 -8.44 43.85 48.39
N LYS K 82 -9.10 44.99 48.58
CA LYS K 82 -8.86 45.87 49.75
C LYS K 82 -9.07 45.12 51.06
N VAL K 83 -10.18 44.40 51.20
CA VAL K 83 -10.50 43.62 52.41
C VAL K 83 -9.47 42.51 52.63
N LEU K 84 -9.11 41.78 51.58
CA LEU K 84 -8.13 40.70 51.68
C LEU K 84 -6.73 41.22 52.06
N ARG K 85 -6.26 42.32 51.46
CA ARG K 85 -4.99 42.94 51.85
C ARG K 85 -4.99 43.40 53.32
N ALA K 86 -6.08 44.00 53.81
CA ALA K 86 -6.17 44.36 55.22
C ALA K 86 -6.03 43.13 56.14
N ARG K 87 -6.74 42.04 55.82
CA ARG K 87 -6.67 40.78 56.58
C ARG K 87 -5.26 40.20 56.59
N ASP K 88 -4.50 40.33 55.51
CA ASP K 88 -3.09 39.92 55.43
C ASP K 88 -2.17 40.83 56.26
N ASP K 89 -2.34 42.14 56.17
CA ASP K 89 -1.53 43.10 56.93
C ASP K 89 -1.68 42.89 58.44
N LEU K 90 -2.88 42.56 58.93
CA LEU K 90 -3.09 42.28 60.33
C LEU K 90 -2.28 41.06 60.79
N ILE K 91 -2.28 39.96 60.05
CA ILE K 91 -1.43 38.81 60.39
C ILE K 91 0.06 39.14 60.19
N THR K 92 0.41 40.02 59.27
CA THR K 92 1.78 40.49 59.15
C THR K 92 2.22 41.23 60.41
N ASP K 93 1.33 42.00 61.03
CA ASP K 93 1.57 42.62 62.32
C ASP K 93 1.59 41.63 63.50
N LEU K 94 0.82 40.56 63.45
CA LEU K 94 0.94 39.47 64.42
C LEU K 94 2.35 38.86 64.39
N LEU K 95 2.90 38.61 63.20
CA LEU K 95 4.25 38.06 63.05
C LEU K 95 5.34 39.11 63.35
N ASN K 96 5.08 40.41 63.20
CA ASN K 96 5.96 41.46 63.74
C ASN K 96 5.97 41.44 65.27
N GLU K 97 4.81 41.38 65.91
CA GLU K 97 4.69 41.38 67.36
C GLU K 97 5.30 40.13 68.00
N ALA K 98 5.25 38.98 67.30
CA ALA K 98 5.95 37.78 67.73
C ALA K 98 7.48 37.92 67.76
N LYS K 99 8.12 38.64 66.82
CA LYS K 99 9.56 38.93 66.90
C LYS K 99 9.90 39.83 68.08
N GLN K 100 9.06 40.82 68.39
CA GLN K 100 9.24 41.65 69.59
C GLN K 100 9.19 40.80 70.86
N ARG K 101 8.14 39.99 71.02
CA ARG K 101 7.96 39.06 72.16
C ARG K 101 9.16 38.11 72.31
N LEU K 102 9.61 37.49 71.24
CA LEU K 102 10.79 36.61 71.28
C LEU K 102 12.07 37.33 71.69
N SER K 103 12.29 38.57 71.26
CA SER K 103 13.50 39.31 71.66
C SER K 103 13.61 39.52 73.18
N LYS K 104 12.49 39.67 73.90
CA LYS K 104 12.45 39.72 75.36
C LYS K 104 12.81 38.37 75.98
N VAL K 105 12.30 37.26 75.44
CA VAL K 105 12.65 35.90 75.88
C VAL K 105 14.13 35.59 75.65
N VAL K 106 14.77 36.18 74.63
CA VAL K 106 16.23 36.09 74.44
C VAL K 106 17.00 36.90 75.48
N LYS K 107 16.53 38.09 75.86
CA LYS K 107 17.17 38.91 76.90
C LYS K 107 17.14 38.26 78.28
N ASP K 108 16.09 37.50 78.62
CA ASP K 108 16.10 36.64 79.80
C ASP K 108 17.06 35.45 79.61
N THR K 109 18.25 35.52 80.20
CA THR K 109 19.24 34.43 80.13
C THR K 109 18.72 33.11 80.71
N THR K 110 17.77 33.16 81.65
CA THR K 110 17.17 31.96 82.26
C THR K 110 16.44 31.13 81.21
N ARG K 111 15.47 31.74 80.49
CA ARG K 111 14.79 31.08 79.37
C ARG K 111 15.74 30.83 78.21
N TYR K 112 16.56 31.80 77.83
CA TYR K 112 17.35 31.66 76.62
C TYR K 112 18.38 30.53 76.70
N GLN K 113 18.99 30.26 77.85
CA GLN K 113 19.84 29.08 77.99
C GLN K 113 19.04 27.80 77.74
N VAL K 114 17.83 27.68 78.29
CA VAL K 114 16.95 26.52 78.07
C VAL K 114 16.55 26.39 76.59
N LEU K 115 16.31 27.50 75.88
CA LEU K 115 16.13 27.45 74.44
C LEU K 115 17.38 26.93 73.76
N LEU K 116 18.56 27.49 74.01
CA LEU K 116 19.78 27.03 73.35
C LEU K 116 20.10 25.57 73.65
N ASP K 117 19.90 25.11 74.89
CA ASP K 117 20.02 23.69 75.25
C ASP K 117 19.11 22.80 74.40
N GLY K 118 17.94 23.30 74.00
CA GLY K 118 17.03 22.62 73.09
C GLY K 118 17.48 22.75 71.63
N LEU K 119 17.70 23.97 71.15
CA LEU K 119 17.99 24.26 69.75
C LEU K 119 19.26 23.57 69.27
N VAL K 120 20.27 23.46 70.13
CA VAL K 120 21.50 22.76 69.80
C VAL K 120 21.22 21.27 69.63
N LEU K 121 20.75 20.60 70.68
CA LEU K 121 20.55 19.15 70.63
C LEU K 121 19.59 18.76 69.50
N GLN K 122 18.51 19.52 69.32
CA GLN K 122 17.58 19.33 68.22
C GLN K 122 18.26 19.31 66.86
N GLY K 123 19.21 20.22 66.62
CA GLY K 123 19.96 20.26 65.37
C GLY K 123 20.93 19.10 65.23
N LEU K 124 21.63 18.72 66.30
CA LEU K 124 22.53 17.57 66.28
C LEU K 124 21.77 16.28 65.93
N TYR K 125 20.57 16.09 66.47
CA TYR K 125 19.70 14.95 66.15
C TYR K 125 19.22 14.92 64.70
N GLN K 126 19.22 16.03 63.94
CA GLN K 126 18.91 15.99 62.51
C GLN K 126 20.13 15.59 61.68
N LEU K 127 21.33 16.08 62.04
CA LEU K 127 22.54 15.83 61.28
C LEU K 127 23.08 14.40 61.47
N LEU K 128 23.11 13.90 62.71
CA LEU K 128 23.63 12.56 63.06
C LEU K 128 25.06 12.26 62.56
N GLU K 129 25.86 13.29 62.32
CA GLU K 129 27.25 13.19 61.84
C GLU K 129 28.25 12.83 62.97
N PRO K 130 29.50 12.43 62.66
CA PRO K 130 30.55 12.24 63.65
C PRO K 130 31.21 13.56 64.09
N ARG K 131 31.28 14.57 63.22
CA ARG K 131 31.81 15.91 63.51
C ARG K 131 30.84 16.98 63.02
N MET K 132 30.59 18.00 63.82
CA MET K 132 29.60 19.05 63.54
C MET K 132 30.10 20.42 64.00
N ILE K 133 29.75 21.47 63.27
CA ILE K 133 30.11 22.84 63.60
C ILE K 133 28.85 23.62 63.91
N VAL K 134 28.77 24.16 65.12
CA VAL K 134 27.71 25.07 65.55
C VAL K 134 28.15 26.50 65.30
N ARG K 135 27.25 27.37 64.86
CA ARG K 135 27.50 28.81 64.62
C ARG K 135 26.41 29.63 65.29
N CYS K 136 26.78 30.77 65.87
CA CYS K 136 25.93 31.56 66.76
C CYS K 136 26.28 33.06 66.68
N ARG K 137 25.52 33.92 67.35
CA ARG K 137 25.91 35.34 67.54
C ARG K 137 27.09 35.44 68.50
N LYS K 138 27.91 36.49 68.38
CA LYS K 138 29.10 36.69 69.24
C LYS K 138 28.75 36.68 70.73
N GLN K 139 27.77 37.48 71.15
CA GLN K 139 27.41 37.64 72.56
C GLN K 139 26.72 36.40 73.17
N ASP K 140 26.21 35.49 72.35
CA ASP K 140 25.58 34.24 72.81
C ASP K 140 26.61 33.13 73.05
N PHE K 141 27.87 33.30 72.62
CA PHE K 141 28.90 32.28 72.65
C PHE K 141 29.02 31.52 73.99
N PRO K 142 29.06 32.18 75.17
CA PRO K 142 29.12 31.46 76.45
C PRO K 142 27.90 30.56 76.69
N LEU K 143 26.71 31.00 76.29
CA LEU K 143 25.48 30.23 76.49
C LEU K 143 25.42 29.05 75.53
N VAL K 144 25.88 29.25 74.28
CA VAL K 144 25.99 28.18 73.30
C VAL K 144 27.04 27.17 73.74
N LYS K 145 28.17 27.62 74.30
CA LYS K 145 29.19 26.73 74.85
C LYS K 145 28.66 25.88 76.02
N ALA K 146 27.91 26.48 76.94
CA ALA K 146 27.22 25.74 77.99
C ALA K 146 26.25 24.72 77.41
N ALA K 147 25.42 25.12 76.44
CA ALA K 147 24.47 24.25 75.75
C ALA K 147 25.14 23.07 75.04
N VAL K 148 26.23 23.27 74.29
CA VAL K 148 26.96 22.19 73.62
C VAL K 148 27.52 21.19 74.64
N GLN K 149 28.19 21.64 75.70
CA GLN K 149 28.74 20.73 76.71
C GLN K 149 27.65 19.92 77.43
N LYS K 150 26.47 20.51 77.62
CA LYS K 150 25.28 19.81 78.15
C LYS K 150 24.66 18.85 77.13
N ALA K 151 24.70 19.17 75.84
CA ALA K 151 24.11 18.38 74.76
C ALA K 151 24.94 17.15 74.34
N ILE K 152 26.28 17.21 74.33
CA ILE K 152 27.12 16.09 73.87
C ILE K 152 26.81 14.75 74.58
N PRO K 153 26.66 14.68 75.92
CA PRO K 153 26.30 13.43 76.57
C PRO K 153 24.93 12.89 76.13
N MET K 154 23.94 13.78 75.98
CA MET K 154 22.60 13.40 75.50
C MET K 154 22.63 12.90 74.05
N TYR K 155 23.49 13.45 73.20
CA TYR K 155 23.71 12.92 71.86
C TYR K 155 24.30 11.51 71.91
N LYS K 156 25.38 11.32 72.68
CA LYS K 156 26.05 10.02 72.81
C LYS K 156 25.13 8.95 73.41
N ILE K 157 24.36 9.27 74.45
CA ILE K 157 23.42 8.34 75.08
C ILE K 157 22.34 7.88 74.09
N ALA K 158 21.73 8.78 73.33
CA ALA K 158 20.66 8.43 72.41
C ALA K 158 21.17 7.67 71.17
N THR K 159 22.18 8.19 70.48
CA THR K 159 22.70 7.63 69.22
C THR K 159 23.73 6.52 69.39
N LYS K 160 24.25 6.32 70.61
CA LYS K 160 25.41 5.46 70.92
C LYS K 160 26.73 5.89 70.25
N LYS K 161 26.74 6.93 69.40
CA LYS K 161 27.92 7.38 68.65
C LYS K 161 28.86 8.24 69.51
N ASP K 162 30.15 8.15 69.23
CA ASP K 162 31.08 9.23 69.56
C ASP K 162 30.79 10.47 68.68
N VAL K 163 31.04 11.67 69.20
CA VAL K 163 30.78 12.91 68.47
C VAL K 163 31.79 14.00 68.81
N ASP K 164 32.08 14.83 67.82
CA ASP K 164 33.07 15.90 67.87
C ASP K 164 32.44 17.24 67.48
N VAL K 165 31.56 17.76 68.34
CA VAL K 165 30.91 19.05 68.14
C VAL K 165 31.88 20.18 68.45
N GLN K 166 31.97 21.16 67.57
CA GLN K 166 32.82 22.35 67.72
C GLN K 166 32.01 23.61 67.48
N ILE K 167 32.41 24.74 68.05
CA ILE K 167 31.74 26.04 67.83
C ILE K 167 32.62 26.89 66.91
N ASP K 168 32.03 27.46 65.87
CA ASP K 168 32.71 28.40 64.98
C ASP K 168 33.05 29.70 65.72
N LEU K 169 34.35 29.99 65.82
CA LEU K 169 34.90 31.23 66.38
C LEU K 169 35.38 32.21 65.30
N GLU K 170 35.43 31.80 64.04
CA GLU K 170 35.95 32.60 62.93
C GLU K 170 34.86 33.38 62.19
N ALA K 171 33.64 32.84 62.15
CA ALA K 171 32.45 33.50 61.62
C ALA K 171 31.24 33.28 62.54
N TYR K 172 30.31 34.23 62.51
CA TYR K 172 29.21 34.34 63.46
C TYR K 172 27.91 34.74 62.73
N LEU K 173 26.77 34.50 63.36
CA LEU K 173 25.50 35.05 62.91
C LEU K 173 25.47 36.58 63.15
N PRO K 174 24.88 37.39 62.27
CA PRO K 174 24.80 38.84 62.44
C PRO K 174 24.09 39.28 63.73
N GLU K 175 24.47 40.45 64.25
CA GLU K 175 23.86 41.03 65.47
C GLU K 175 22.36 41.35 65.31
N ASP K 176 21.88 41.43 64.08
CA ASP K 176 20.47 41.66 63.73
C ASP K 176 19.57 40.43 63.99
N ILE K 177 20.13 39.22 64.05
CA ILE K 177 19.39 37.97 64.28
C ILE K 177 18.79 37.95 65.68
N ALA K 178 17.54 37.50 65.84
CA ALA K 178 16.88 37.46 67.13
C ALA K 178 17.58 36.50 68.12
N GLY K 179 17.95 35.30 67.68
CA GLY K 179 18.69 34.34 68.49
C GLY K 179 18.75 32.94 67.88
N GLY K 180 19.29 31.96 68.61
CA GLY K 180 19.45 30.57 68.18
C GLY K 180 20.76 30.30 67.43
N VAL K 181 20.82 29.19 66.68
CA VAL K 181 22.07 28.67 66.08
C VAL K 181 21.87 28.17 64.65
N GLU K 182 22.97 27.97 63.94
CA GLU K 182 23.03 27.08 62.78
C GLU K 182 24.02 25.95 63.05
N ILE K 183 23.76 24.75 62.53
CA ILE K 183 24.66 23.62 62.69
C ILE K 183 24.97 23.00 61.34
N TYR K 184 26.23 22.66 61.12
CA TYR K 184 26.79 22.19 59.88
C TYR K 184 27.44 20.82 60.09
N ASN K 185 27.44 19.99 59.06
CA ASN K 185 28.32 18.82 59.03
C ASN K 185 29.79 19.25 58.87
N GLY K 186 30.73 18.32 59.01
CA GLY K 186 32.16 18.61 59.06
C GLY K 186 32.73 19.42 57.89
N ASP K 187 32.26 19.17 56.66
CA ASP K 187 32.70 19.88 55.45
C ASP K 187 31.76 21.01 55.02
N ARG K 188 30.74 21.34 55.81
CA ARG K 188 29.73 22.36 55.54
C ARG K 188 28.89 22.14 54.26
N LYS K 189 28.91 20.96 53.64
CA LYS K 189 27.99 20.64 52.52
C LYS K 189 26.53 20.51 52.96
N ILE K 190 26.25 20.40 54.25
CA ILE K 190 24.91 20.22 54.81
C ILE K 190 24.74 21.16 56.01
N LYS K 191 23.59 21.82 56.16
CA LYS K 191 23.26 22.57 57.38
C LYS K 191 21.82 22.40 57.82
N VAL K 192 21.60 22.56 59.11
CA VAL K 192 20.29 22.73 59.74
C VAL K 192 20.25 24.08 60.41
N SER K 193 19.25 24.89 60.10
CA SER K 193 19.14 26.26 60.60
C SER K 193 18.10 26.31 61.70
N ASN K 194 18.48 26.73 62.90
CA ASN K 194 17.65 26.70 64.09
C ASN K 194 17.75 28.04 64.83
N THR K 195 17.56 29.13 64.08
CA THR K 195 17.38 30.47 64.63
C THR K 195 15.96 30.64 65.13
N LEU K 196 15.69 31.62 65.98
CA LEU K 196 14.32 31.88 66.44
C LEU K 196 13.40 32.31 65.29
N GLU K 197 13.91 33.03 64.29
CA GLU K 197 13.15 33.30 63.07
C GLU K 197 12.84 32.04 62.27
N SER K 198 13.74 31.04 62.25
CA SER K 198 13.45 29.74 61.63
C SER K 198 12.28 29.07 62.32
N ARG K 199 12.31 28.90 63.65
CA ARG K 199 11.20 28.28 64.38
C ARG K 199 9.91 29.06 64.23
N LEU K 200 9.97 30.39 64.32
CA LEU K 200 8.78 31.24 64.16
C LEU K 200 8.12 30.99 62.80
N ASP K 201 8.86 30.97 61.71
CA ASP K 201 8.27 30.70 60.39
C ASP K 201 7.82 29.24 60.22
N LEU K 202 8.58 28.24 60.67
CA LEU K 202 8.15 26.85 60.61
C LEU K 202 6.81 26.64 61.31
N ILE K 203 6.66 27.20 62.51
CA ILE K 203 5.46 27.02 63.32
C ILE K 203 4.32 27.90 62.80
N ALA K 204 4.53 29.20 62.57
CA ALA K 204 3.46 30.12 62.19
C ALA K 204 2.82 29.75 60.84
N GLN K 205 3.60 29.35 59.84
CA GLN K 205 3.05 28.93 58.55
C GLN K 205 2.16 27.70 58.68
N GLN K 206 2.55 26.72 59.50
CA GLN K 206 1.75 25.51 59.73
C GLN K 206 0.52 25.77 60.61
N MET K 207 0.61 26.66 61.59
CA MET K 207 -0.53 27.05 62.43
C MET K 207 -1.55 27.94 61.71
N MET K 208 -1.28 28.40 60.49
CA MET K 208 -2.09 29.44 59.85
C MET K 208 -3.61 29.17 59.79
N PRO K 209 -4.12 27.93 59.62
CA PRO K 209 -5.55 27.64 59.71
C PRO K 209 -6.15 27.88 61.10
N GLU K 210 -5.42 27.60 62.17
CA GLU K 210 -5.85 27.86 63.54
C GLU K 210 -5.74 29.34 63.89
N VAL K 211 -4.71 30.03 63.39
CA VAL K 211 -4.58 31.50 63.50
C VAL K 211 -5.74 32.21 62.82
N ARG K 212 -6.09 31.83 61.58
CA ARG K 212 -7.22 32.36 60.82
C ARG K 212 -8.53 32.17 61.57
N GLY K 213 -8.79 30.97 62.09
CA GLY K 213 -10.00 30.65 62.84
C GLY K 213 -10.10 31.41 64.16
N ALA K 214 -9.01 31.54 64.91
CA ALA K 214 -8.99 32.27 66.17
C ALA K 214 -9.17 33.77 65.98
N LEU K 215 -8.43 34.42 65.08
CA LEU K 215 -8.46 35.87 64.90
C LEU K 215 -9.75 36.38 64.24
N PHE K 216 -10.29 35.65 63.26
CA PHE K 216 -11.38 36.16 62.41
C PHE K 216 -12.64 35.27 62.39
N GLY K 217 -12.68 34.21 63.20
CA GLY K 217 -13.82 33.30 63.33
C GLY K 217 -13.90 32.21 62.25
N ALA K 218 -14.52 31.09 62.58
CA ALA K 218 -14.68 29.94 61.69
C ALA K 218 -15.65 30.23 60.54
N ASN K 219 -15.46 29.54 59.41
CA ASN K 219 -16.35 29.58 58.26
C ASN K 219 -17.67 28.83 58.55
N ALA K 220 -18.81 29.51 58.45
CA ALA K 220 -20.12 28.90 58.69
C ALA K 220 -20.54 27.85 57.64
N ASN K 221 -19.97 27.92 56.43
CA ASN K 221 -20.37 27.09 55.30
C ASN K 221 -19.70 25.70 55.29
N ARG K 222 -18.52 25.56 55.90
CA ARG K 222 -17.73 24.32 55.90
C ARG K 222 -18.39 23.28 56.82
N LYS K 223 -19.16 22.34 56.26
CA LYS K 223 -19.90 21.34 57.04
C LYS K 223 -19.10 20.09 57.38
N PHE K 224 -17.99 19.84 56.70
CA PHE K 224 -17.16 18.64 56.85
C PHE K 224 -15.67 18.99 56.83
N LEU K 225 -14.83 18.13 57.41
CA LEU K 225 -13.38 18.34 57.50
C LEU K 225 -12.53 17.44 56.59
N ASP K 226 -13.13 16.43 55.94
CA ASP K 226 -12.47 15.51 55.01
C ASP K 226 -13.03 15.58 53.57
N ARG L 4 -33.37 -10.76 -46.21
CA ARG L 4 -34.17 -10.73 -44.94
C ARG L 4 -34.32 -9.32 -44.36
N GLY L 5 -33.27 -8.68 -43.86
CA GLY L 5 -33.30 -7.32 -43.30
C GLY L 5 -34.26 -7.14 -42.11
N LYS L 6 -34.83 -5.93 -42.03
CA LYS L 6 -35.76 -5.41 -41.01
C LYS L 6 -36.82 -4.52 -41.65
N LEU L 7 -37.95 -4.36 -40.97
CA LEU L 7 -39.13 -3.66 -41.48
C LEU L 7 -39.47 -2.38 -40.68
N ILE L 8 -40.10 -1.44 -41.38
CA ILE L 8 -40.64 -0.18 -40.84
C ILE L 8 -42.13 -0.36 -40.53
N ALA L 9 -42.49 -0.67 -39.29
CA ALA L 9 -43.89 -0.82 -38.87
C ALA L 9 -44.62 0.54 -38.81
N VAL L 10 -45.94 0.55 -38.99
CA VAL L 10 -46.74 1.80 -39.03
C VAL L 10 -48.04 1.70 -38.23
N ILE L 11 -48.35 2.69 -37.39
CA ILE L 11 -49.65 2.82 -36.71
C ILE L 11 -50.14 4.26 -36.87
N GLY L 12 -51.36 4.45 -37.38
CA GLY L 12 -51.88 5.79 -37.63
C GLY L 12 -53.16 5.84 -38.46
N ASP L 13 -53.55 7.06 -38.84
CA ASP L 13 -54.59 7.33 -39.82
C ASP L 13 -54.37 6.55 -41.14
N GLU L 14 -55.46 6.21 -41.86
CA GLU L 14 -55.41 5.32 -43.02
C GLU L 14 -54.52 5.84 -44.17
N ASP L 15 -54.52 7.15 -44.42
CA ASP L 15 -53.61 7.75 -45.39
C ASP L 15 -52.16 7.68 -44.89
N THR L 16 -51.88 7.97 -43.61
CA THR L 16 -50.53 7.79 -43.06
C THR L 16 -50.06 6.33 -42.97
N VAL L 17 -50.96 5.34 -43.10
CA VAL L 17 -50.63 3.91 -43.27
C VAL L 17 -50.46 3.54 -44.75
N THR L 18 -51.03 4.32 -45.66
CA THR L 18 -50.88 4.19 -47.13
C THR L 18 -49.59 4.84 -47.62
N GLY L 19 -49.28 6.03 -47.12
CA GLY L 19 -47.92 6.53 -47.06
C GLY L 19 -47.03 5.59 -46.24
N PHE L 20 -45.72 5.56 -46.51
CA PHE L 20 -44.78 4.58 -45.93
C PHE L 20 -45.14 3.10 -46.23
N LEU L 21 -46.02 2.85 -47.21
CA LEU L 21 -46.44 1.56 -47.74
C LEU L 21 -46.39 1.57 -49.26
N LEU L 22 -47.01 2.58 -49.90
CA LEU L 22 -46.96 2.79 -51.35
C LEU L 22 -45.54 2.91 -51.93
N GLY L 23 -44.56 3.31 -51.12
CA GLY L 23 -43.13 3.26 -51.47
C GLY L 23 -42.55 1.86 -51.69
N GLY L 24 -43.37 0.80 -51.56
CA GLY L 24 -42.96 -0.60 -51.73
C GLY L 24 -42.51 -1.26 -50.42
N ILE L 25 -43.17 -0.92 -49.31
CA ILE L 25 -42.67 -1.11 -47.94
C ILE L 25 -43.70 -1.87 -47.08
N GLY L 26 -43.23 -2.78 -46.22
CA GLY L 26 -44.05 -3.47 -45.21
C GLY L 26 -44.79 -4.71 -45.73
N GLU L 27 -44.82 -5.76 -44.90
CA GLU L 27 -45.30 -7.10 -45.26
C GLU L 27 -46.35 -7.64 -44.27
N LEU L 28 -46.80 -8.87 -44.49
CA LEU L 28 -47.35 -9.75 -43.45
C LEU L 28 -46.44 -10.98 -43.26
N ASN L 29 -46.14 -11.35 -42.01
CA ASN L 29 -45.16 -12.41 -41.74
C ASN L 29 -45.76 -13.82 -41.81
N LYS L 30 -45.02 -14.85 -41.39
CA LYS L 30 -45.48 -16.26 -41.47
C LYS L 30 -46.79 -16.52 -40.71
N ASN L 31 -47.04 -15.82 -39.61
CA ASN L 31 -48.29 -15.84 -38.84
C ASN L 31 -49.39 -14.96 -39.46
N ARG L 32 -49.15 -14.39 -40.65
CA ARG L 32 -50.01 -13.45 -41.40
C ARG L 32 -50.32 -12.14 -40.67
N HIS L 33 -49.62 -11.86 -39.57
CA HIS L 33 -49.75 -10.59 -38.86
C HIS L 33 -49.10 -9.46 -39.68
N PRO L 34 -49.83 -8.40 -40.03
CA PRO L 34 -49.29 -7.30 -40.85
C PRO L 34 -48.23 -6.47 -40.10
N ASN L 35 -47.48 -5.70 -40.88
CA ASN L 35 -46.53 -4.68 -40.43
C ASN L 35 -47.19 -3.38 -39.92
N PHE L 36 -48.52 -3.24 -40.02
CA PHE L 36 -49.21 -1.98 -39.75
C PHE L 36 -50.63 -2.14 -39.20
N LEU L 37 -51.15 -1.07 -38.58
CA LEU L 37 -52.56 -0.93 -38.17
C LEU L 37 -53.10 0.46 -38.51
N VAL L 38 -54.31 0.51 -39.10
CA VAL L 38 -55.09 1.73 -39.28
C VAL L 38 -55.87 2.06 -38.00
N VAL L 39 -55.65 3.26 -37.44
CA VAL L 39 -56.48 3.81 -36.38
C VAL L 39 -57.72 4.45 -37.00
N GLU L 40 -58.78 3.66 -37.15
CA GLU L 40 -60.11 4.21 -37.42
C GLU L 40 -60.64 5.02 -36.22
N LYS L 41 -61.57 5.95 -36.45
CA LYS L 41 -62.04 6.92 -35.43
C LYS L 41 -62.57 6.30 -34.13
N ASP L 42 -63.01 5.04 -34.14
CA ASP L 42 -63.57 4.32 -32.98
C ASP L 42 -62.59 3.37 -32.29
N THR L 43 -61.32 3.31 -32.73
CA THR L 43 -60.31 2.34 -32.25
C THR L 43 -60.03 2.50 -30.75
N THR L 44 -60.16 1.43 -29.97
CA THR L 44 -59.90 1.46 -28.52
C THR L 44 -58.43 1.73 -28.24
N ILE L 45 -58.12 2.53 -27.21
CA ILE L 45 -56.73 2.82 -26.80
C ILE L 45 -55.88 1.54 -26.58
N ASN L 46 -56.49 0.47 -26.06
CA ASN L 46 -55.87 -0.85 -25.95
C ASN L 46 -55.41 -1.40 -27.31
N GLU L 47 -56.26 -1.39 -28.35
CA GLU L 47 -55.88 -1.89 -29.68
C GLU L 47 -54.64 -1.17 -30.23
N ILE L 48 -54.51 0.12 -29.93
CA ILE L 48 -53.33 0.93 -30.31
C ILE L 48 -52.10 0.53 -29.48
N GLU L 49 -52.18 0.55 -28.13
CA GLU L 49 -51.00 0.23 -27.30
C GLU L 49 -50.60 -1.24 -27.38
N ASP L 50 -51.54 -2.17 -27.44
CA ASP L 50 -51.29 -3.61 -27.57
C ASP L 50 -50.74 -3.97 -28.95
N THR L 51 -51.15 -3.31 -30.03
CA THR L 51 -50.52 -3.49 -31.35
C THR L 51 -49.12 -2.88 -31.38
N PHE L 52 -48.94 -1.70 -30.77
CA PHE L 52 -47.61 -1.12 -30.55
C PHE L 52 -46.70 -2.09 -29.76
N ARG L 53 -47.16 -2.64 -28.63
CA ARG L 53 -46.45 -3.65 -27.83
C ARG L 53 -46.08 -4.90 -28.63
N GLN L 54 -46.93 -5.34 -29.57
CA GLN L 54 -46.64 -6.45 -30.49
C GLN L 54 -45.56 -6.11 -31.54
N PHE L 55 -45.61 -4.93 -32.17
CA PHE L 55 -44.56 -4.48 -33.10
C PHE L 55 -43.23 -4.20 -32.37
N LEU L 56 -43.29 -3.71 -31.13
CA LEU L 56 -42.17 -3.40 -30.26
C LEU L 56 -41.40 -4.63 -29.75
N ASN L 57 -41.95 -5.83 -29.93
CA ASN L 57 -41.35 -7.09 -29.49
C ASN L 57 -41.47 -8.17 -30.60
N ARG L 58 -41.18 -7.77 -31.84
CA ARG L 58 -41.16 -8.62 -33.04
C ARG L 58 -39.86 -8.44 -33.83
N ASP L 59 -39.08 -9.51 -33.97
CA ASP L 59 -37.77 -9.51 -34.63
C ASP L 59 -37.78 -9.09 -36.11
N ASP L 60 -38.93 -9.12 -36.79
CA ASP L 60 -39.11 -8.57 -38.13
C ASP L 60 -38.76 -7.05 -38.19
N ILE L 61 -39.00 -6.31 -37.10
CA ILE L 61 -39.08 -4.84 -37.08
C ILE L 61 -37.75 -4.18 -36.67
N GLY L 62 -37.45 -3.04 -37.30
CA GLY L 62 -36.37 -2.12 -36.90
C GLY L 62 -36.86 -0.73 -36.46
N ILE L 63 -37.93 -0.22 -37.10
CA ILE L 63 -38.53 1.09 -36.79
C ILE L 63 -40.04 0.92 -36.65
N ILE L 64 -40.68 1.60 -35.69
CA ILE L 64 -42.14 1.81 -35.65
C ILE L 64 -42.44 3.30 -35.86
N LEU L 65 -43.35 3.61 -36.78
CA LEU L 65 -43.86 4.96 -37.02
C LEU L 65 -45.24 5.08 -36.38
N ILE L 66 -45.44 6.11 -35.57
CA ILE L 66 -46.68 6.33 -34.81
C ILE L 66 -47.10 7.79 -34.93
N ASN L 67 -48.34 8.11 -35.31
CA ASN L 67 -48.78 9.52 -35.36
C ASN L 67 -48.64 10.20 -33.98
N GLN L 68 -48.09 11.41 -33.85
CA GLN L 68 -47.81 11.94 -32.50
C GLN L 68 -49.07 12.07 -31.60
N TYR L 69 -50.25 12.34 -32.17
CA TYR L 69 -51.49 12.36 -31.39
C TYR L 69 -51.88 10.99 -30.80
N ILE L 70 -51.54 9.86 -31.44
CA ILE L 70 -51.71 8.52 -30.82
C ILE L 70 -50.45 8.08 -30.05
N ALA L 71 -49.27 8.62 -30.36
CA ALA L 71 -48.08 8.46 -29.51
C ALA L 71 -48.31 9.05 -28.12
N GLU L 72 -49.09 10.13 -28.04
CA GLU L 72 -49.59 10.70 -26.78
C GLU L 72 -50.62 9.79 -26.06
N MET L 73 -51.38 8.97 -26.79
CA MET L 73 -52.25 7.94 -26.19
C MET L 73 -51.43 6.77 -25.64
N VAL L 74 -50.49 6.23 -26.42
CA VAL L 74 -49.57 5.14 -25.98
C VAL L 74 -48.39 5.65 -25.14
N ARG L 75 -48.43 6.90 -24.68
CA ARG L 75 -47.34 7.62 -23.99
C ARG L 75 -46.80 6.85 -22.77
N HIS L 76 -47.67 6.08 -22.13
CA HIS L 76 -47.36 5.22 -20.99
C HIS L 76 -46.36 4.10 -21.33
N ALA L 77 -46.67 3.21 -22.27
CA ALA L 77 -45.69 2.21 -22.72
C ALA L 77 -44.53 2.80 -23.56
N LEU L 78 -44.79 3.90 -24.28
CA LEU L 78 -43.84 4.47 -25.22
C LEU L 78 -42.63 5.13 -24.53
N ASP L 79 -42.84 6.02 -23.57
CA ASP L 79 -41.71 6.63 -22.83
C ASP L 79 -41.04 5.64 -21.87
N ALA L 80 -41.74 4.57 -21.46
CA ALA L 80 -41.13 3.46 -20.74
C ALA L 80 -40.13 2.63 -21.58
N HIS L 81 -40.12 2.77 -22.92
CA HIS L 81 -39.16 2.07 -23.78
C HIS L 81 -37.74 2.68 -23.70
N GLN L 82 -36.95 2.23 -22.73
CA GLN L 82 -35.56 2.66 -22.50
C GLN L 82 -34.53 1.98 -23.42
N ARG L 83 -34.91 0.86 -24.07
CA ARG L 83 -34.03 0.10 -24.97
C ARG L 83 -33.67 0.93 -26.22
N SER L 84 -32.55 0.62 -26.86
CA SER L 84 -32.14 1.20 -28.15
C SER L 84 -32.22 0.23 -29.34
N ILE L 85 -32.84 -0.94 -29.17
CA ILE L 85 -32.91 -1.99 -30.20
C ILE L 85 -33.84 -1.58 -31.36
N PRO L 86 -35.18 -1.48 -31.20
CA PRO L 86 -36.03 -0.80 -32.18
C PRO L 86 -36.01 0.72 -31.98
N ALA L 87 -36.37 1.48 -33.01
CA ALA L 87 -36.69 2.91 -32.91
C ALA L 87 -38.21 3.13 -32.96
N VAL L 88 -38.73 4.06 -32.16
CA VAL L 88 -40.14 4.49 -32.21
C VAL L 88 -40.20 5.97 -32.57
N LEU L 89 -40.85 6.30 -33.69
CA LEU L 89 -40.87 7.66 -34.24
C LEU L 89 -42.29 8.25 -34.21
N GLU L 90 -42.42 9.37 -33.50
CA GLU L 90 -43.67 10.08 -33.24
C GLU L 90 -44.04 10.99 -34.45
N ILE L 91 -44.26 10.38 -35.61
CA ILE L 91 -44.45 11.03 -36.92
C ILE L 91 -45.70 11.97 -37.00
N PRO L 92 -45.75 12.90 -37.98
CA PRO L 92 -46.92 13.78 -38.21
C PRO L 92 -48.15 13.07 -38.84
N SER L 93 -49.23 13.84 -39.05
CA SER L 93 -50.37 13.48 -39.92
C SER L 93 -50.88 14.73 -40.66
N LYS L 94 -51.69 14.60 -41.71
CA LYS L 94 -52.18 15.73 -42.53
C LYS L 94 -52.86 16.82 -41.70
N GLU L 95 -53.51 16.42 -40.60
CA GLU L 95 -54.37 17.22 -39.74
C GLU L 95 -53.65 17.83 -38.53
N HIS L 96 -52.32 17.76 -38.45
CA HIS L 96 -51.61 17.85 -37.17
C HIS L 96 -50.30 18.67 -37.25
N PRO L 97 -49.85 19.30 -36.14
CA PRO L 97 -48.49 19.83 -36.04
C PRO L 97 -47.43 18.78 -36.38
N TYR L 98 -46.28 19.23 -36.89
CA TYR L 98 -45.17 18.36 -37.27
C TYR L 98 -44.37 17.83 -36.07
N ASP L 99 -43.62 16.75 -36.30
CA ASP L 99 -42.80 16.10 -35.27
C ASP L 99 -41.59 16.94 -34.84
N ALA L 100 -41.68 17.60 -33.68
CA ALA L 100 -40.57 18.34 -33.06
C ALA L 100 -40.65 18.29 -31.53
N ALA L 101 -41.80 18.69 -30.96
CA ALA L 101 -42.04 18.71 -29.52
C ALA L 101 -42.21 17.31 -28.89
N LYS L 102 -42.17 17.26 -27.56
CA LYS L 102 -42.46 16.11 -26.65
C LYS L 102 -41.58 14.86 -26.75
N ASP L 103 -40.98 14.60 -27.91
CA ASP L 103 -40.30 13.38 -28.33
C ASP L 103 -39.57 12.65 -27.19
N SER L 104 -40.07 11.46 -26.90
CA SER L 104 -39.68 10.52 -25.85
C SER L 104 -38.18 10.21 -25.77
N ILE L 105 -37.45 10.24 -26.90
CA ILE L 105 -36.00 10.09 -26.91
C ILE L 105 -35.34 11.46 -26.76
N LEU L 106 -35.72 12.45 -27.56
CA LEU L 106 -35.10 13.79 -27.57
C LEU L 106 -35.12 14.45 -26.18
N ARG L 107 -36.19 14.21 -25.41
CA ARG L 107 -36.42 14.79 -24.08
C ARG L 107 -35.40 14.39 -23.01
N ARG L 108 -34.52 13.41 -23.27
CA ARG L 108 -33.33 13.12 -22.45
C ARG L 108 -32.43 14.36 -22.33
N ALA L 109 -32.25 15.09 -23.42
CA ALA L 109 -31.43 16.30 -23.51
C ALA L 109 -32.14 17.55 -22.96
N LYS L 110 -32.73 17.44 -21.75
CA LYS L 110 -33.69 18.35 -21.07
C LYS L 110 -33.27 19.82 -20.84
N GLY L 111 -32.17 20.25 -21.45
CA GLY L 111 -31.65 21.63 -21.44
C GLY L 111 -30.47 21.83 -22.40
N MET L 112 -30.38 21.02 -23.47
CA MET L 112 -29.15 20.83 -24.25
C MET L 112 -29.36 20.87 -25.78
N PHE L 113 -30.59 20.68 -26.30
CA PHE L 113 -30.90 20.92 -27.72
C PHE L 113 -31.02 22.41 -28.05
N GLN M 6 -85.11 -57.66 -34.27
CA GLN M 6 -83.95 -58.37 -33.68
C GLN M 6 -82.65 -57.57 -33.84
N GLY M 7 -82.12 -57.42 -35.07
CA GLY M 7 -80.71 -57.06 -35.32
C GLY M 7 -80.24 -55.77 -34.65
N ILE M 8 -80.90 -54.64 -34.94
CA ILE M 8 -80.51 -53.35 -34.36
C ILE M 8 -80.65 -53.32 -32.83
N GLN M 9 -81.67 -53.99 -32.26
CA GLN M 9 -81.85 -54.06 -30.82
C GLN M 9 -80.70 -54.81 -30.14
N GLN M 10 -80.33 -55.98 -30.67
CA GLN M 10 -79.18 -56.74 -30.16
C GLN M 10 -77.85 -56.00 -30.40
N LEU M 11 -77.71 -55.27 -31.51
CA LEU M 11 -76.54 -54.45 -31.78
C LEU M 11 -76.43 -53.25 -30.83
N LEU M 12 -77.54 -52.57 -30.50
CA LEU M 12 -77.58 -51.52 -29.49
C LEU M 12 -77.29 -52.07 -28.09
N GLN M 13 -77.72 -53.28 -27.77
CA GLN M 13 -77.33 -53.95 -26.52
C GLN M 13 -75.82 -54.24 -26.48
N ALA M 14 -75.25 -54.74 -27.57
CA ALA M 14 -73.80 -54.89 -27.69
C ALA M 14 -73.06 -53.55 -27.61
N GLU M 15 -73.61 -52.47 -28.18
CA GLU M 15 -73.08 -51.12 -28.05
C GLU M 15 -73.14 -50.61 -26.61
N LYS M 16 -74.22 -50.89 -25.88
CA LYS M 16 -74.35 -50.56 -24.46
C LYS M 16 -73.29 -51.30 -23.64
N ARG M 17 -73.11 -52.60 -23.87
CA ARG M 17 -72.04 -53.39 -23.24
C ARG M 17 -70.65 -52.88 -23.62
N ALA M 18 -70.44 -52.50 -24.87
CA ALA M 18 -69.20 -51.88 -25.31
C ALA M 18 -68.90 -50.60 -24.52
N ALA M 19 -69.87 -49.68 -24.45
CA ALA M 19 -69.75 -48.42 -23.71
C ALA M 19 -69.44 -48.64 -22.21
N GLU M 20 -70.10 -49.62 -21.58
CA GLU M 20 -69.81 -50.01 -20.20
C GLU M 20 -68.39 -50.58 -20.04
N LYS M 21 -67.94 -51.45 -20.95
CA LYS M 21 -66.60 -52.06 -20.90
C LYS M 21 -65.47 -51.01 -21.02
N VAL M 22 -65.57 -50.04 -21.94
CA VAL M 22 -64.59 -48.95 -22.03
C VAL M 22 -64.70 -47.97 -20.85
N SER M 23 -65.89 -47.74 -20.31
CA SER M 23 -66.07 -46.93 -19.08
C SER M 23 -65.40 -47.59 -17.87
N GLU M 24 -65.46 -48.92 -17.75
CA GLU M 24 -64.76 -49.66 -16.71
C GLU M 24 -63.23 -49.63 -16.90
N ALA M 25 -62.73 -49.66 -18.15
CA ALA M 25 -61.31 -49.49 -18.43
C ALA M 25 -60.76 -48.14 -17.92
N ARG M 26 -61.53 -47.05 -18.03
CA ARG M 26 -61.24 -45.74 -17.41
C ARG M 26 -61.28 -45.73 -15.87
N LYS M 27 -61.51 -46.88 -15.21
CA LYS M 27 -61.57 -47.05 -13.75
C LYS M 27 -60.60 -48.11 -13.21
N ARG M 28 -60.38 -49.22 -13.93
CA ARG M 28 -59.58 -50.39 -13.46
C ARG M 28 -58.22 -50.01 -12.86
N LYS M 29 -57.34 -49.43 -13.68
CA LYS M 29 -55.97 -49.11 -13.28
C LYS M 29 -55.89 -47.93 -12.29
N ASN M 30 -56.89 -47.06 -12.25
CA ASN M 30 -57.02 -46.00 -11.26
C ASN M 30 -57.17 -46.58 -9.83
N ARG M 31 -57.92 -47.68 -9.66
CA ARG M 31 -58.03 -48.40 -8.39
C ARG M 31 -56.69 -49.05 -7.98
N ARG M 32 -55.98 -49.68 -8.92
CA ARG M 32 -54.61 -50.20 -8.71
C ARG M 32 -53.62 -49.09 -8.34
N LEU M 33 -53.69 -47.93 -8.98
CA LEU M 33 -52.85 -46.75 -8.69
C LEU M 33 -53.05 -46.23 -7.26
N LYS M 34 -54.27 -46.23 -6.72
CA LYS M 34 -54.50 -45.97 -5.29
C LYS M 34 -53.87 -47.07 -4.43
N GLN M 35 -54.14 -48.34 -4.74
CA GLN M 35 -53.63 -49.48 -3.97
C GLN M 35 -52.09 -49.58 -3.98
N ALA M 36 -51.39 -49.03 -4.99
CA ALA M 36 -49.94 -48.89 -4.98
C ALA M 36 -49.42 -48.19 -3.71
N LYS M 37 -50.14 -47.16 -3.23
CA LYS M 37 -49.84 -46.40 -2.02
C LYS M 37 -50.04 -47.21 -0.73
N GLU M 38 -50.78 -48.30 -0.81
CA GLU M 38 -51.14 -49.20 0.29
C GLU M 38 -50.21 -50.43 0.31
N GLU M 39 -49.91 -50.99 -0.87
CA GLU M 39 -48.91 -52.05 -1.03
C GLU M 39 -47.51 -51.54 -0.63
N ALA M 40 -47.20 -50.28 -0.96
CA ALA M 40 -46.02 -49.56 -0.46
C ALA M 40 -46.06 -49.20 1.04
N GLN M 41 -46.94 -49.82 1.83
CA GLN M 41 -46.86 -49.86 3.30
C GLN M 41 -46.63 -51.30 3.78
N ALA M 42 -47.34 -52.28 3.21
CA ALA M 42 -47.16 -53.71 3.52
C ALA M 42 -45.73 -54.19 3.21
N GLU M 43 -45.16 -53.78 2.08
CA GLU M 43 -43.76 -54.03 1.73
C GLU M 43 -42.76 -53.41 2.73
N ILE M 44 -43.12 -52.27 3.31
CA ILE M 44 -42.22 -51.41 4.08
C ILE M 44 -42.12 -51.91 5.52
N GLU M 45 -43.23 -52.28 6.15
CA GLU M 45 -43.19 -52.81 7.53
C GLU M 45 -42.43 -54.14 7.61
N GLN M 46 -42.63 -55.05 6.66
CA GLN M 46 -41.88 -56.31 6.60
C GLN M 46 -40.37 -56.06 6.44
N TYR M 47 -39.99 -55.09 5.60
CA TYR M 47 -38.60 -54.69 5.42
C TYR M 47 -38.01 -54.02 6.67
N ARG M 48 -38.76 -53.13 7.32
CA ARG M 48 -38.37 -52.49 8.59
C ARG M 48 -38.13 -53.51 9.70
N LEU M 49 -39.03 -54.49 9.81
CA LEU M 49 -38.88 -55.63 10.72
C LEU M 49 -37.65 -56.47 10.37
N GLN M 50 -37.43 -56.78 9.10
CA GLN M 50 -36.26 -57.56 8.67
C GLN M 50 -34.94 -56.83 8.99
N ARG M 51 -34.85 -55.53 8.68
CA ARG M 51 -33.68 -54.70 8.97
C ARG M 51 -33.43 -54.57 10.47
N GLU M 52 -34.48 -54.44 11.28
CA GLU M 52 -34.34 -54.45 12.73
C GLU M 52 -33.86 -55.81 13.26
N LYS M 53 -34.38 -56.93 12.73
CA LYS M 53 -33.92 -58.27 13.11
C LYS M 53 -32.44 -58.47 12.78
N GLU M 54 -32.00 -58.05 11.60
CA GLU M 54 -30.57 -58.06 11.22
C GLU M 54 -29.72 -57.23 12.20
N PHE M 55 -30.17 -56.01 12.50
CA PHE M 55 -29.51 -55.13 13.47
C PHE M 55 -29.46 -55.75 14.87
N LYS M 56 -30.56 -56.33 15.35
CA LYS M 56 -30.66 -56.96 16.68
C LYS M 56 -29.83 -58.23 16.78
N ALA M 57 -29.75 -59.02 15.72
CA ALA M 57 -28.82 -60.15 15.64
C ALA M 57 -27.36 -59.68 15.74
N LYS M 58 -27.02 -58.57 15.06
CA LYS M 58 -25.69 -57.96 15.15
C LYS M 58 -25.40 -57.36 16.54
N GLU M 59 -26.40 -56.76 17.19
CA GLU M 59 -26.28 -56.28 18.58
C GLU M 59 -26.03 -57.45 19.55
N ALA M 60 -26.78 -58.56 19.41
CA ALA M 60 -26.54 -59.76 20.22
C ALA M 60 -25.13 -60.34 19.98
N ALA M 61 -24.66 -60.39 18.73
CA ALA M 61 -23.29 -60.80 18.41
C ALA M 61 -22.23 -59.86 19.02
N ALA M 62 -22.46 -58.54 18.99
CA ALA M 62 -21.59 -57.56 19.62
C ALA M 62 -21.45 -57.81 21.13
N LEU M 63 -22.59 -57.95 21.82
CA LEU M 63 -22.64 -58.20 23.27
C LEU M 63 -21.91 -59.51 23.65
N GLY M 64 -22.06 -60.58 22.85
CA GLY M 64 -21.30 -61.82 23.04
C GLY M 64 -19.79 -61.65 22.79
N SER M 65 -19.41 -60.93 21.73
CA SER M 65 -18.00 -60.75 21.35
C SER M 65 -17.19 -59.98 22.40
N HIS M 66 -17.80 -59.03 23.11
CA HIS M 66 -17.14 -58.26 24.16
C HIS M 66 -16.65 -59.14 25.32
N GLY M 67 -17.49 -60.05 25.80
CA GLY M 67 -17.12 -61.02 26.84
C GLY M 67 -16.02 -61.98 26.39
N SER M 68 -16.07 -62.44 25.13
CA SER M 68 -15.01 -63.25 24.53
C SER M 68 -13.67 -62.48 24.49
N CYS M 69 -13.67 -61.25 23.98
CA CYS M 69 -12.46 -60.41 23.97
C CYS M 69 -11.93 -60.19 25.39
N SER M 70 -12.78 -59.86 26.36
CA SER M 70 -12.39 -59.69 27.76
C SER M 70 -11.74 -60.95 28.34
N SER M 71 -12.32 -62.13 28.07
CA SER M 71 -11.75 -63.43 28.46
C SER M 71 -10.33 -63.62 27.91
N GLU M 72 -10.13 -63.41 26.61
CA GLU M 72 -8.82 -63.65 26.01
C GLU M 72 -7.79 -62.61 26.47
N VAL M 73 -8.19 -61.34 26.60
CA VAL M 73 -7.34 -60.26 27.12
C VAL M 73 -6.92 -60.55 28.56
N GLU M 74 -7.81 -61.03 29.40
CA GLU M 74 -7.48 -61.44 30.76
C GLU M 74 -6.46 -62.58 30.76
N LYS M 75 -6.72 -63.65 30.00
CA LYS M 75 -5.81 -64.81 29.96
C LYS M 75 -4.44 -64.43 29.42
N GLU M 76 -4.37 -63.60 28.38
CA GLU M 76 -3.11 -63.06 27.89
C GLU M 76 -2.40 -62.19 28.92
N THR M 77 -3.12 -61.40 29.71
CA THR M 77 -2.54 -60.62 30.81
C THR M 77 -1.92 -61.55 31.85
N GLN M 78 -2.62 -62.62 32.24
CA GLN M 78 -2.10 -63.59 33.20
C GLN M 78 -0.90 -64.37 32.67
N GLU M 79 -0.88 -64.72 31.38
CA GLU M 79 0.27 -65.35 30.75
C GLU M 79 1.50 -64.44 30.78
N LYS M 80 1.36 -63.19 30.30
CA LYS M 80 2.44 -62.20 30.28
C LYS M 80 2.99 -61.96 31.68
N MET M 81 2.14 -61.75 32.69
CA MET M 81 2.58 -61.57 34.08
C MET M 81 3.27 -62.82 34.63
N THR M 82 2.82 -64.01 34.27
CA THR M 82 3.50 -65.25 34.66
C THR M 82 4.90 -65.35 34.06
N ILE M 83 5.06 -65.02 32.77
CA ILE M 83 6.35 -65.07 32.08
C ILE M 83 7.35 -64.11 32.73
N LEU M 84 6.95 -62.87 33.04
CA LEU M 84 7.82 -61.90 33.71
C LEU M 84 8.35 -62.42 35.05
N GLN M 85 7.50 -63.00 35.88
CA GLN M 85 7.92 -63.49 37.19
C GLN M 85 8.90 -64.68 37.09
N ASN M 86 8.77 -65.52 36.06
CA ASN M 86 9.72 -66.60 35.79
C ASN M 86 11.07 -66.06 35.28
N TYR M 87 11.07 -65.15 34.31
CA TYR M 87 12.30 -64.53 33.81
C TYR M 87 13.02 -63.74 34.91
N PHE M 88 12.27 -63.06 35.78
CA PHE M 88 12.83 -62.37 36.93
C PHE M 88 13.52 -63.33 37.89
N GLU M 89 12.83 -64.35 38.42
CA GLU M 89 13.45 -65.23 39.43
C GLU M 89 14.64 -66.04 38.89
N GLN M 90 14.70 -66.31 37.59
CA GLN M 90 15.85 -66.92 36.95
C GLN M 90 17.09 -66.01 36.86
N ASN M 91 16.95 -64.69 37.07
CA ASN M 91 18.03 -63.71 36.88
C ASN M 91 18.25 -62.77 38.09
N ARG M 92 17.32 -62.69 39.05
CA ARG M 92 17.30 -61.76 40.19
C ARG M 92 18.63 -61.72 40.97
N ASP M 93 19.16 -62.87 41.36
CA ASP M 93 20.38 -62.91 42.16
C ASP M 93 21.63 -62.49 41.37
N GLU M 94 21.73 -62.82 40.08
CA GLU M 94 22.86 -62.37 39.25
C GLU M 94 22.91 -60.85 39.08
N VAL M 95 21.74 -60.20 39.02
CA VAL M 95 21.67 -58.74 38.93
C VAL M 95 22.08 -58.08 40.24
N LEU M 96 21.56 -58.55 41.38
CA LEU M 96 21.93 -58.02 42.68
C LEU M 96 23.44 -58.12 42.93
N ASP M 97 24.04 -59.25 42.58
CA ASP M 97 25.48 -59.44 42.74
C ASP M 97 26.33 -58.49 41.89
N ASN M 98 25.81 -57.95 40.78
CA ASN M 98 26.48 -56.90 40.01
C ASN M 98 26.19 -55.50 40.54
N LEU M 99 24.97 -55.19 40.99
CA LEU M 99 24.66 -53.90 41.61
C LEU M 99 25.57 -53.64 42.79
N LEU M 100 25.67 -54.57 43.75
CA LEU M 100 26.50 -54.35 44.93
C LEU M 100 27.99 -54.33 44.60
N ALA M 101 28.44 -55.01 43.56
CA ALA M 101 29.82 -54.91 43.10
C ALA M 101 30.15 -53.50 42.59
N PHE M 102 29.22 -52.81 41.92
CA PHE M 102 29.40 -51.39 41.59
C PHE M 102 29.26 -50.49 42.82
N VAL M 103 28.31 -50.74 43.73
CA VAL M 103 28.12 -49.88 44.91
C VAL M 103 29.33 -49.88 45.83
N CYS M 104 29.90 -51.05 46.14
CA CYS M 104 30.97 -51.20 47.13
C CYS M 104 32.40 -50.94 46.61
N ASP M 105 32.58 -50.68 45.32
CA ASP M 105 33.87 -50.40 44.68
C ASP M 105 34.04 -48.89 44.47
N ILE M 106 34.43 -48.16 45.52
CA ILE M 106 34.28 -46.69 45.61
C ILE M 106 35.14 -45.93 44.59
N ARG M 107 36.47 -46.15 44.58
CA ARG M 107 37.45 -45.47 43.69
C ARG M 107 37.37 -43.92 43.69
N PRO M 108 37.89 -43.23 44.72
CA PRO M 108 37.92 -41.78 44.79
C PRO M 108 38.69 -41.14 43.62
N GLU M 109 38.22 -40.00 43.11
CA GLU M 109 38.89 -39.21 42.05
C GLU M 109 38.67 -37.71 42.22
N ILE M 110 39.65 -36.89 41.83
CA ILE M 110 39.54 -35.44 41.71
C ILE M 110 39.09 -35.07 40.28
N HIS M 111 38.31 -34.00 40.11
CA HIS M 111 37.85 -33.49 38.81
C HIS M 111 39.01 -33.19 37.86
N GLU M 112 38.94 -33.59 36.59
CA GLU M 112 40.07 -33.45 35.66
C GLU M 112 40.49 -32.01 35.34
N ASN M 113 39.64 -31.01 35.62
CA ASN M 113 39.99 -29.59 35.48
C ASN M 113 40.77 -29.04 36.68
N TYR M 114 40.98 -29.81 37.75
CA TYR M 114 41.77 -29.36 38.90
C TYR M 114 43.24 -29.13 38.54
N ARG M 115 43.78 -28.01 39.01
CA ARG M 115 45.16 -27.56 38.81
C ARG M 115 45.74 -27.01 40.10
N ILE M 116 46.99 -27.36 40.40
CA ILE M 116 47.74 -26.88 41.58
C ILE M 116 48.25 -25.44 41.43
N GLN N 4 -17.21 -35.89 -79.30
CA GLN N 4 -17.62 -34.79 -78.38
C GLN N 4 -16.61 -34.59 -77.23
N SER N 5 -16.41 -35.58 -76.35
CA SER N 5 -15.66 -35.44 -75.07
C SER N 5 -14.20 -34.96 -75.21
N GLN N 6 -13.54 -35.21 -76.34
CA GLN N 6 -12.17 -34.77 -76.63
C GLN N 6 -11.99 -33.26 -76.48
N GLY N 7 -12.98 -32.44 -76.86
CA GLY N 7 -12.91 -30.98 -76.68
C GLY N 7 -12.83 -30.57 -75.21
N ILE N 8 -13.44 -31.35 -74.31
CA ILE N 8 -13.40 -31.10 -72.88
C ILE N 8 -12.02 -31.47 -72.33
N GLN N 9 -11.37 -32.50 -72.90
CA GLN N 9 -9.97 -32.82 -72.60
C GLN N 9 -9.04 -31.71 -73.11
N GLN N 10 -9.34 -31.12 -74.27
CA GLN N 10 -8.64 -29.94 -74.75
C GLN N 10 -8.86 -28.72 -73.81
N LEU N 11 -10.01 -28.58 -73.14
CA LEU N 11 -10.16 -27.59 -72.07
C LEU N 11 -9.31 -27.91 -70.83
N LEU N 12 -9.16 -29.19 -70.44
CA LEU N 12 -8.17 -29.55 -69.41
C LEU N 12 -6.75 -29.18 -69.83
N GLN N 13 -6.40 -29.39 -71.10
CA GLN N 13 -5.09 -29.00 -71.63
C GLN N 13 -4.92 -27.48 -71.62
N ALA N 14 -5.96 -26.72 -71.99
CA ALA N 14 -5.95 -25.27 -71.89
C ALA N 14 -5.85 -24.78 -70.44
N GLU N 15 -6.55 -25.41 -69.50
CA GLU N 15 -6.43 -25.17 -68.07
C GLU N 15 -5.00 -25.45 -67.57
N LYS N 16 -4.39 -26.54 -68.02
CA LYS N 16 -3.02 -26.91 -67.69
C LYS N 16 -2.04 -25.88 -68.23
N ARG N 17 -2.19 -25.46 -69.49
CA ARG N 17 -1.41 -24.37 -70.07
C ARG N 17 -1.62 -23.05 -69.32
N ALA N 18 -2.84 -22.74 -68.88
CA ALA N 18 -3.11 -21.55 -68.09
C ALA N 18 -2.40 -21.61 -66.73
N ALA N 19 -2.50 -22.73 -66.01
CA ALA N 19 -1.78 -22.95 -64.77
C ALA N 19 -0.27 -22.87 -64.96
N GLU N 20 0.27 -23.40 -66.05
CA GLU N 20 1.68 -23.27 -66.41
C GLU N 20 2.06 -21.81 -66.65
N LYS N 21 1.34 -21.08 -67.51
CA LYS N 21 1.58 -19.66 -67.79
C LYS N 21 1.57 -18.83 -66.52
N VAL N 22 0.56 -19.02 -65.67
CA VAL N 22 0.46 -18.37 -64.36
C VAL N 22 1.64 -18.74 -63.48
N SER N 23 2.03 -20.01 -63.42
CA SER N 23 3.17 -20.45 -62.61
C SER N 23 4.48 -19.85 -63.09
N GLU N 24 4.71 -19.77 -64.39
CA GLU N 24 5.92 -19.17 -64.95
C GLU N 24 5.98 -17.67 -64.66
N ALA N 25 4.87 -16.94 -64.85
CA ALA N 25 4.80 -15.53 -64.51
C ALA N 25 5.04 -15.30 -63.01
N ARG N 26 4.43 -16.11 -62.13
CA ARG N 26 4.65 -16.05 -60.68
C ARG N 26 6.11 -16.35 -60.32
N LYS N 27 6.74 -17.35 -60.94
CA LYS N 27 8.17 -17.64 -60.72
C LYS N 27 9.06 -16.51 -61.22
N ARG N 28 8.79 -15.91 -62.39
CA ARG N 28 9.48 -14.70 -62.84
C ARG N 28 9.37 -13.59 -61.80
N LYS N 29 8.15 -13.32 -61.29
CA LYS N 29 7.94 -12.30 -60.25
C LYS N 29 8.72 -12.61 -58.97
N ASN N 30 8.70 -13.85 -58.48
CA ASN N 30 9.45 -14.25 -57.29
C ASN N 30 10.95 -14.01 -57.46
N ARG N 31 11.54 -14.38 -58.61
CA ARG N 31 12.95 -14.10 -58.91
C ARG N 31 13.22 -12.60 -59.05
N ARG N 32 12.40 -11.89 -59.82
CA ARG N 32 12.55 -10.45 -60.10
C ARG N 32 12.48 -9.61 -58.82
N LEU N 33 11.60 -9.97 -57.88
CA LEU N 33 11.54 -9.33 -56.56
C LEU N 33 12.84 -9.54 -55.76
N LYS N 34 13.44 -10.74 -55.80
CA LYS N 34 14.73 -10.99 -55.16
C LYS N 34 15.90 -10.25 -55.84
N GLN N 35 15.90 -10.14 -57.17
CA GLN N 35 16.90 -9.34 -57.90
C GLN N 35 16.96 -7.88 -57.43
N ALA N 36 15.82 -7.31 -57.01
CA ALA N 36 15.79 -5.95 -56.46
C ALA N 36 16.70 -5.81 -55.23
N LYS N 37 16.68 -6.80 -54.32
CA LYS N 37 17.52 -6.82 -53.13
C LYS N 37 19.01 -6.92 -53.49
N GLU N 38 19.33 -7.81 -54.43
CA GLU N 38 20.69 -8.05 -54.87
C GLU N 38 21.31 -6.80 -55.55
N GLU N 39 20.58 -6.13 -56.44
CA GLU N 39 21.07 -4.90 -57.05
C GLU N 39 21.12 -3.71 -56.08
N ALA N 40 20.14 -3.59 -55.17
CA ALA N 40 20.19 -2.56 -54.14
C ALA N 40 21.47 -2.69 -53.29
N GLN N 41 21.80 -3.90 -52.83
CA GLN N 41 22.99 -4.13 -52.01
C GLN N 41 24.29 -3.75 -52.72
N ALA N 42 24.41 -4.02 -54.02
CA ALA N 42 25.57 -3.58 -54.79
C ALA N 42 25.68 -2.04 -54.87
N GLU N 43 24.57 -1.34 -55.09
CA GLU N 43 24.55 0.12 -55.18
C GLU N 43 24.75 0.80 -53.81
N ILE N 44 24.25 0.20 -52.74
CA ILE N 44 24.53 0.63 -51.36
C ILE N 44 26.03 0.55 -51.09
N GLU N 45 26.67 -0.58 -51.37
CA GLU N 45 28.10 -0.74 -51.14
C GLU N 45 28.94 0.24 -51.99
N GLN N 46 28.56 0.47 -53.24
CA GLN N 46 29.20 1.48 -54.08
C GLN N 46 29.18 2.86 -53.41
N TYR N 47 28.06 3.27 -52.83
CA TYR N 47 27.97 4.53 -52.11
C TYR N 47 28.77 4.51 -50.80
N ARG N 48 28.68 3.43 -50.02
CA ARG N 48 29.41 3.29 -48.75
C ARG N 48 30.91 3.45 -48.96
N LEU N 49 31.45 2.78 -49.97
CA LEU N 49 32.85 2.90 -50.36
C LEU N 49 33.20 4.32 -50.85
N GLN N 50 32.27 5.02 -51.49
CA GLN N 50 32.51 6.41 -51.88
C GLN N 50 32.61 7.35 -50.67
N ARG N 51 31.67 7.29 -49.72
CA ARG N 51 31.75 8.11 -48.50
C ARG N 51 32.95 7.72 -47.64
N GLU N 52 33.29 6.43 -47.58
CA GLU N 52 34.53 5.96 -46.94
C GLU N 52 35.77 6.63 -47.56
N LYS N 53 35.88 6.65 -48.89
CA LYS N 53 36.98 7.33 -49.59
C LYS N 53 37.00 8.83 -49.32
N GLU N 54 35.86 9.50 -49.39
CA GLU N 54 35.76 10.94 -49.12
C GLU N 54 36.16 11.27 -47.67
N PHE N 55 35.72 10.46 -46.71
CA PHE N 55 36.10 10.61 -45.31
C PHE N 55 37.59 10.36 -45.09
N LYS N 56 38.15 9.31 -45.69
CA LYS N 56 39.59 9.03 -45.64
C LYS N 56 40.40 10.18 -46.23
N ALA N 57 39.96 10.75 -47.34
CA ALA N 57 40.58 11.93 -47.93
C ALA N 57 40.51 13.16 -47.01
N LYS N 58 39.35 13.43 -46.40
CA LYS N 58 39.16 14.53 -45.43
C LYS N 58 40.07 14.37 -44.21
N GLU N 59 40.14 13.17 -43.64
CA GLU N 59 41.02 12.86 -42.52
C GLU N 59 42.50 13.04 -42.90
N ALA N 60 42.93 12.51 -44.04
CA ALA N 60 44.31 12.64 -44.51
C ALA N 60 44.71 14.12 -44.74
N ALA N 61 43.82 14.90 -45.36
CA ALA N 61 44.05 16.31 -45.64
C ALA N 61 44.12 17.17 -44.37
N ALA N 62 43.26 16.88 -43.38
CA ALA N 62 43.26 17.61 -42.11
C ALA N 62 44.42 17.22 -41.19
N LEU N 63 44.68 15.93 -41.02
CA LEU N 63 45.55 15.43 -39.94
C LEU N 63 47.04 15.37 -40.29
N GLY N 64 47.43 15.42 -41.56
CA GLY N 64 48.86 15.37 -41.96
C GLY N 64 49.73 16.49 -41.36
N SER N 65 49.17 17.70 -41.24
CA SER N 65 49.83 18.85 -40.58
C SER N 65 50.09 18.57 -39.09
N HIS N 66 49.07 18.16 -38.33
CA HIS N 66 49.20 17.76 -36.93
C HIS N 66 50.14 16.56 -36.75
N GLY N 67 50.16 15.63 -37.72
CA GLY N 67 51.13 14.53 -37.79
C GLY N 67 52.58 15.02 -37.81
N SER N 68 52.89 16.02 -38.64
CA SER N 68 54.23 16.64 -38.64
C SER N 68 54.54 17.34 -37.31
N CYS N 69 53.59 18.10 -36.75
CA CYS N 69 53.73 18.85 -35.50
C CYS N 69 53.93 17.95 -34.25
N SER N 70 53.46 16.69 -34.30
CA SER N 70 53.58 15.73 -33.21
C SER N 70 55.04 15.34 -32.89
N SER N 71 55.99 15.69 -33.76
CA SER N 71 57.44 15.52 -33.55
C SER N 71 57.97 16.36 -32.38
N GLU N 72 57.34 17.49 -32.05
CA GLU N 72 57.87 18.49 -31.11
C GLU N 72 57.85 18.02 -29.64
N VAL N 73 57.00 17.05 -29.29
CA VAL N 73 56.72 16.65 -27.89
C VAL N 73 57.98 16.20 -27.15
N GLU N 74 58.81 15.36 -27.78
CA GLU N 74 60.04 14.89 -27.13
C GLU N 74 61.09 16.01 -27.01
N LYS N 75 61.22 16.89 -28.00
CA LYS N 75 62.09 18.08 -27.91
C LYS N 75 61.68 18.96 -26.72
N GLU N 76 60.40 19.28 -26.61
CA GLU N 76 59.87 20.05 -25.48
C GLU N 76 60.07 19.33 -24.15
N THR N 77 59.96 18.01 -24.11
CA THR N 77 60.26 17.22 -22.91
C THR N 77 61.72 17.39 -22.50
N GLN N 78 62.66 17.32 -23.44
CA GLN N 78 64.08 17.51 -23.15
C GLN N 78 64.39 18.95 -22.73
N GLU N 79 63.71 19.94 -23.30
CA GLU N 79 63.82 21.33 -22.84
C GLU N 79 63.29 21.51 -21.42
N LYS N 80 62.14 20.93 -21.07
CA LYS N 80 61.60 20.94 -19.71
C LYS N 80 62.55 20.26 -18.73
N MET N 81 63.09 19.09 -19.08
CA MET N 81 64.12 18.45 -18.26
C MET N 81 65.40 19.29 -18.15
N THR N 82 65.78 20.00 -19.20
CA THR N 82 66.92 20.93 -19.15
C THR N 82 66.64 22.08 -18.18
N ILE N 83 65.42 22.60 -18.14
CA ILE N 83 65.01 23.60 -17.16
C ILE N 83 65.06 23.02 -15.75
N LEU N 84 64.59 21.79 -15.51
CA LEU N 84 64.73 21.14 -14.20
C LEU N 84 66.19 21.04 -13.77
N GLN N 85 67.08 20.53 -14.64
CA GLN N 85 68.50 20.40 -14.33
C GLN N 85 69.12 21.76 -13.97
N ASN N 86 68.88 22.78 -14.79
CA ASN N 86 69.44 24.11 -14.54
C ASN N 86 68.91 24.72 -13.23
N TYR N 87 67.59 24.67 -12.99
CA TYR N 87 67.01 25.27 -11.79
C TYR N 87 67.44 24.53 -10.52
N PHE N 88 67.53 23.20 -10.57
CA PHE N 88 67.99 22.40 -9.45
C PHE N 88 69.44 22.70 -9.11
N GLU N 89 70.33 22.64 -10.10
CA GLU N 89 71.77 22.83 -9.89
C GLU N 89 72.12 24.23 -9.40
N GLN N 90 71.29 25.23 -9.73
CA GLN N 90 71.44 26.60 -9.25
C GLN N 90 71.03 26.81 -7.79
N ASN N 91 70.37 25.84 -7.14
CA ASN N 91 69.76 26.01 -5.81
C ASN N 91 70.06 24.90 -4.79
N ARG N 92 70.39 23.68 -5.20
CA ARG N 92 70.46 22.51 -4.29
C ARG N 92 71.27 22.72 -3.01
N ASP N 93 72.43 23.35 -3.07
CA ASP N 93 73.26 23.53 -1.87
C ASP N 93 72.73 24.62 -0.93
N GLU N 94 71.96 25.59 -1.40
CA GLU N 94 71.23 26.48 -0.48
C GLU N 94 70.15 25.71 0.27
N VAL N 95 69.44 24.83 -0.43
CA VAL N 95 68.40 24.00 0.19
C VAL N 95 69.01 23.05 1.22
N LEU N 96 70.10 22.36 0.88
CA LEU N 96 70.85 21.51 1.81
C LEU N 96 71.37 22.29 3.03
N ASP N 97 71.92 23.49 2.82
CA ASP N 97 72.41 24.32 3.91
C ASP N 97 71.30 24.72 4.90
N ASN N 98 70.07 24.90 4.43
CA ASN N 98 68.90 25.16 5.28
C ASN N 98 68.34 23.90 5.92
N LEU N 99 68.14 22.84 5.13
CA LEU N 99 67.60 21.57 5.60
C LEU N 99 68.43 20.97 6.73
N LEU N 100 69.75 20.90 6.55
CA LEU N 100 70.63 20.34 7.56
C LEU N 100 70.72 21.23 8.82
N ALA N 101 70.53 22.55 8.70
CA ALA N 101 70.42 23.42 9.87
C ALA N 101 69.15 23.14 10.69
N PHE N 102 68.00 22.88 10.06
CA PHE N 102 66.81 22.43 10.79
C PHE N 102 67.05 21.10 11.51
N VAL N 103 67.78 20.17 10.87
CA VAL N 103 68.08 18.86 11.48
C VAL N 103 69.03 18.99 12.68
N CYS N 104 70.02 19.88 12.64
CA CYS N 104 70.99 20.04 13.74
C CYS N 104 70.53 20.96 14.88
N ASP N 105 69.58 21.86 14.66
CA ASP N 105 69.08 22.81 15.68
C ASP N 105 67.89 22.21 16.43
N ILE N 106 68.17 21.42 17.48
CA ILE N 106 67.21 20.48 18.10
C ILE N 106 66.12 21.17 18.92
N ARG N 107 66.48 22.01 19.90
CA ARG N 107 65.57 22.75 20.79
C ARG N 107 64.53 21.85 21.52
N PRO N 108 64.94 20.98 22.46
CA PRO N 108 64.03 20.12 23.23
C PRO N 108 62.93 20.91 23.97
N GLU N 109 61.70 20.40 23.98
CA GLU N 109 60.61 20.98 24.78
C GLU N 109 59.58 19.95 25.28
N ILE N 110 58.90 20.26 26.38
CA ILE N 110 57.87 19.44 27.01
C ILE N 110 56.49 19.73 26.36
N HIS N 111 55.59 18.76 26.29
CA HIS N 111 54.23 18.95 25.76
C HIS N 111 53.47 20.03 26.53
N GLU N 112 52.81 20.97 25.85
CA GLU N 112 52.20 22.13 26.51
C GLU N 112 51.05 21.78 27.46
N ASN N 113 50.45 20.59 27.38
CA ASN N 113 49.40 20.16 28.29
C ASN N 113 49.95 19.60 29.62
N TYR N 114 51.25 19.36 29.75
CA TYR N 114 51.84 18.93 31.01
C TYR N 114 51.75 20.04 32.07
N ARG N 115 51.43 19.68 33.32
CA ARG N 115 51.30 20.60 34.46
C ARG N 115 52.01 20.05 35.68
N ILE N 116 52.70 20.93 36.41
CA ILE N 116 53.59 20.63 37.55
C ILE N 116 52.83 20.02 38.74
N GLN O 4 -40.25 77.62 -52.13
CA GLN O 4 -40.06 77.53 -50.66
C GLN O 4 -41.13 78.30 -49.85
N SER O 5 -41.65 79.43 -50.33
CA SER O 5 -42.85 80.13 -49.78
C SER O 5 -42.76 80.66 -48.33
N GLN O 6 -41.58 80.64 -47.71
CA GLN O 6 -41.18 81.20 -46.42
C GLN O 6 -41.87 80.65 -45.16
N GLY O 7 -43.15 80.29 -45.19
CA GLY O 7 -43.86 79.71 -44.04
C GLY O 7 -43.19 78.42 -43.54
N ILE O 8 -42.61 77.64 -44.45
CA ILE O 8 -41.79 76.46 -44.13
C ILE O 8 -40.65 76.83 -43.16
N GLN O 9 -39.97 77.95 -43.39
CA GLN O 9 -38.89 78.41 -42.51
C GLN O 9 -39.42 78.77 -41.13
N GLN O 10 -40.61 79.36 -41.06
CA GLN O 10 -41.28 79.67 -39.79
C GLN O 10 -41.65 78.38 -39.05
N LEU O 11 -42.15 77.36 -39.76
CA LEU O 11 -42.43 76.05 -39.17
C LEU O 11 -41.15 75.36 -38.71
N LEU O 12 -40.04 75.46 -39.45
CA LEU O 12 -38.75 74.96 -39.01
C LEU O 12 -38.28 75.68 -37.73
N GLN O 13 -38.49 77.00 -37.63
CA GLN O 13 -38.23 77.74 -36.40
C GLN O 13 -39.17 77.29 -35.26
N ALA O 14 -40.42 76.96 -35.55
CA ALA O 14 -41.32 76.35 -34.58
C ALA O 14 -40.84 74.95 -34.16
N GLU O 15 -40.19 74.17 -35.03
CA GLU O 15 -39.52 72.94 -34.58
C GLU O 15 -38.35 73.26 -33.65
N LYS O 16 -37.55 74.27 -33.99
CA LYS O 16 -36.41 74.69 -33.17
C LYS O 16 -36.89 75.09 -31.77
N ARG O 17 -37.96 75.90 -31.68
CA ARG O 17 -38.58 76.29 -30.41
C ARG O 17 -39.24 75.11 -29.71
N ALA O 18 -39.86 74.19 -30.45
CA ALA O 18 -40.43 72.97 -29.87
C ALA O 18 -39.36 72.12 -29.18
N ALA O 19 -38.25 71.86 -29.87
CA ALA O 19 -37.09 71.17 -29.30
C ALA O 19 -36.54 71.91 -28.07
N GLU O 20 -36.37 73.24 -28.18
CA GLU O 20 -35.91 74.06 -27.06
C GLU O 20 -36.83 73.94 -25.85
N LYS O 21 -38.16 74.00 -26.01
CA LYS O 21 -39.11 73.89 -24.89
C LYS O 21 -38.96 72.58 -24.12
N VAL O 22 -38.91 71.46 -24.82
CA VAL O 22 -38.73 70.16 -24.15
C VAL O 22 -37.30 70.05 -23.58
N SER O 23 -36.31 70.64 -24.24
CA SER O 23 -34.95 70.75 -23.72
C SER O 23 -34.90 71.57 -22.44
N GLU O 24 -35.69 72.64 -22.29
CA GLU O 24 -35.79 73.35 -21.00
C GLU O 24 -36.26 72.41 -19.90
N ALA O 25 -37.28 71.59 -20.16
CA ALA O 25 -37.78 70.65 -19.17
C ALA O 25 -36.74 69.57 -18.82
N ARG O 26 -35.97 69.09 -19.80
CA ARG O 26 -34.81 68.21 -19.55
C ARG O 26 -33.75 68.90 -18.69
N LYS O 27 -33.43 70.16 -18.97
CA LYS O 27 -32.45 70.95 -18.20
C LYS O 27 -32.94 71.22 -16.77
N ARG O 28 -34.21 71.61 -16.59
CA ARG O 28 -34.87 71.71 -15.28
C ARG O 28 -34.77 70.39 -14.51
N LYS O 29 -35.05 69.25 -15.14
CA LYS O 29 -34.88 67.93 -14.52
C LYS O 29 -33.44 67.69 -14.09
N ASN O 30 -32.47 67.89 -15.00
CA ASN O 30 -31.06 67.65 -14.72
C ASN O 30 -30.52 68.53 -13.58
N ARG O 31 -30.95 69.80 -13.49
CA ARG O 31 -30.59 70.68 -12.36
C ARG O 31 -31.26 70.28 -11.06
N ARG O 32 -32.58 70.05 -11.06
CA ARG O 32 -33.35 69.73 -9.85
C ARG O 32 -33.04 68.35 -9.24
N LEU O 33 -32.47 67.42 -10.00
CA LEU O 33 -32.01 66.13 -9.46
C LEU O 33 -31.04 66.29 -8.27
N LYS O 34 -30.15 67.28 -8.29
CA LYS O 34 -29.25 67.56 -7.16
C LYS O 34 -29.94 68.25 -5.98
N GLN O 35 -31.05 68.97 -6.19
CA GLN O 35 -31.88 69.47 -5.10
C GLN O 35 -32.45 68.32 -4.25
N ALA O 36 -32.83 67.21 -4.86
CA ALA O 36 -33.30 66.02 -4.12
C ALA O 36 -32.23 65.49 -3.15
N LYS O 37 -30.96 65.43 -3.59
CA LYS O 37 -29.82 65.05 -2.73
C LYS O 37 -29.52 66.10 -1.65
N GLU O 38 -29.54 67.39 -1.98
CA GLU O 38 -29.35 68.45 -0.99
C GLU O 38 -30.45 68.47 0.09
N GLU O 39 -31.70 68.25 -0.29
CA GLU O 39 -32.82 68.10 0.65
C GLU O 39 -32.65 66.83 1.50
N ALA O 40 -32.28 65.69 0.91
CA ALA O 40 -32.00 64.48 1.67
C ALA O 40 -30.85 64.67 2.68
N GLN O 41 -29.77 65.33 2.28
CA GLN O 41 -28.62 65.64 3.15
C GLN O 41 -29.01 66.51 4.35
N ALA O 42 -29.97 67.43 4.20
CA ALA O 42 -30.50 68.20 5.30
C ALA O 42 -31.30 67.32 6.29
N GLU O 43 -32.16 66.43 5.79
CA GLU O 43 -32.98 65.55 6.65
C GLU O 43 -32.14 64.54 7.45
N ILE O 44 -31.21 63.83 6.79
CA ILE O 44 -30.45 62.74 7.42
C ILE O 44 -29.58 63.24 8.59
N GLU O 45 -29.11 64.48 8.51
CA GLU O 45 -28.36 65.11 9.60
C GLU O 45 -29.21 65.27 10.87
N GLN O 46 -30.53 65.46 10.75
CA GLN O 46 -31.40 65.60 11.91
C GLN O 46 -31.44 64.30 12.71
N TYR O 47 -31.65 63.17 12.03
CA TYR O 47 -31.59 61.85 12.67
C TYR O 47 -30.21 61.59 13.28
N ARG O 48 -29.12 61.94 12.57
CA ARG O 48 -27.76 61.80 13.09
C ARG O 48 -27.58 62.58 14.39
N LEU O 49 -27.96 63.86 14.40
CA LEU O 49 -27.91 64.71 15.60
C LEU O 49 -28.78 64.16 16.74
N GLN O 50 -30.00 63.68 16.44
CA GLN O 50 -30.88 63.12 17.44
C GLN O 50 -30.25 61.89 18.11
N ARG O 51 -29.75 60.93 17.32
CA ARG O 51 -29.09 59.74 17.87
C ARG O 51 -27.79 60.09 18.58
N GLU O 52 -27.02 61.07 18.09
CA GLU O 52 -25.84 61.56 18.78
C GLU O 52 -26.19 62.11 20.18
N LYS O 53 -27.20 62.96 20.28
CA LYS O 53 -27.67 63.54 21.54
C LYS O 53 -28.21 62.47 22.49
N GLU O 54 -28.97 61.51 21.98
CA GLU O 54 -29.46 60.37 22.75
C GLU O 54 -28.31 59.49 23.28
N PHE O 55 -27.28 59.23 22.47
CA PHE O 55 -26.10 58.50 22.88
C PHE O 55 -25.31 59.25 23.97
N LYS O 56 -25.11 60.57 23.80
CA LYS O 56 -24.49 61.43 24.81
C LYS O 56 -25.29 61.45 26.12
N ALA O 57 -26.62 61.41 26.06
CA ALA O 57 -27.48 61.28 27.24
C ALA O 57 -27.25 59.93 27.97
N LYS O 58 -27.18 58.81 27.24
CA LYS O 58 -26.83 57.51 27.83
C LYS O 58 -25.44 57.50 28.46
N GLU O 59 -24.45 58.13 27.83
CA GLU O 59 -23.11 58.25 28.40
C GLU O 59 -23.11 59.00 29.74
N ALA O 60 -23.77 60.17 29.81
CA ALA O 60 -23.90 60.93 31.06
C ALA O 60 -24.62 60.13 32.16
N ALA O 61 -25.68 59.40 31.83
CA ALA O 61 -26.39 58.53 32.76
C ALA O 61 -25.51 57.40 33.30
N ALA O 62 -24.73 56.74 32.43
CA ALA O 62 -23.78 55.69 32.83
C ALA O 62 -22.67 56.23 33.75
N LEU O 63 -22.09 57.39 33.43
CA LEU O 63 -21.05 58.03 34.25
C LEU O 63 -21.56 58.36 35.67
N GLY O 64 -22.76 58.94 35.79
CA GLY O 64 -23.37 59.24 37.08
C GLY O 64 -23.69 57.99 37.91
N SER O 65 -24.24 56.95 37.26
CA SER O 65 -24.52 55.66 37.90
C SER O 65 -23.23 55.00 38.44
N HIS O 66 -22.17 54.96 37.64
CA HIS O 66 -20.87 54.42 38.03
C HIS O 66 -20.26 55.18 39.22
N GLY O 67 -20.28 56.52 39.19
CA GLY O 67 -19.80 57.34 40.30
C GLY O 67 -20.59 57.11 41.60
N SER O 68 -21.91 56.95 41.49
CA SER O 68 -22.75 56.59 42.63
C SER O 68 -22.35 55.22 43.20
N CYS O 69 -22.28 54.19 42.35
CA CYS O 69 -21.92 52.84 42.77
C CYS O 69 -20.51 52.78 43.39
N SER O 70 -19.56 53.53 42.84
CA SER O 70 -18.21 53.65 43.42
C SER O 70 -18.28 54.23 44.84
N SER O 71 -19.09 55.27 45.03
CA SER O 71 -19.30 55.90 46.34
C SER O 71 -20.00 54.95 47.34
N GLU O 72 -20.94 54.15 46.86
CA GLU O 72 -21.67 53.16 47.67
C GLU O 72 -20.76 52.01 48.12
N VAL O 73 -20.00 51.42 47.19
CA VAL O 73 -19.09 50.30 47.46
C VAL O 73 -17.95 50.70 48.40
N GLU O 74 -17.40 51.90 48.25
CA GLU O 74 -16.28 52.37 49.09
C GLU O 74 -16.66 52.49 50.58
N LYS O 75 -17.93 52.68 50.92
CA LYS O 75 -18.40 52.60 52.31
C LYS O 75 -18.32 51.18 52.84
N GLU O 76 -18.86 50.23 52.11
CA GLU O 76 -18.99 48.84 52.57
C GLU O 76 -17.64 48.17 52.78
N THR O 77 -16.66 48.39 51.89
CA THR O 77 -15.32 47.84 52.06
C THR O 77 -14.66 48.36 53.35
N GLN O 78 -14.90 49.61 53.73
CA GLN O 78 -14.41 50.17 54.99
C GLN O 78 -15.13 49.60 56.21
N GLU O 79 -16.42 49.29 56.12
CA GLU O 79 -17.11 48.58 57.20
C GLU O 79 -16.49 47.19 57.43
N LYS O 80 -16.26 46.43 56.36
CA LYS O 80 -15.61 45.12 56.45
C LYS O 80 -14.22 45.22 57.05
N MET O 81 -13.41 46.18 56.60
CA MET O 81 -12.10 46.43 57.22
C MET O 81 -12.23 46.81 58.70
N THR O 82 -13.24 47.58 59.08
CA THR O 82 -13.47 47.94 60.49
C THR O 82 -13.81 46.72 61.32
N ILE O 83 -14.64 45.82 60.79
CA ILE O 83 -14.98 44.56 61.46
C ILE O 83 -13.73 43.69 61.62
N LEU O 84 -12.88 43.55 60.60
CA LEU O 84 -11.62 42.81 60.72
C LEU O 84 -10.70 43.44 61.78
N GLN O 85 -10.57 44.77 61.79
CA GLN O 85 -9.74 45.49 62.76
C GLN O 85 -10.23 45.32 64.20
N ASN O 86 -11.54 45.18 64.41
CA ASN O 86 -12.12 44.81 65.70
C ASN O 86 -11.78 43.36 66.04
N TYR O 87 -12.00 42.41 65.13
CA TYR O 87 -11.79 40.99 65.37
C TYR O 87 -10.34 40.66 65.74
N PHE O 88 -9.37 41.25 65.05
CA PHE O 88 -7.96 41.10 65.40
C PHE O 88 -7.65 41.62 66.80
N GLU O 89 -8.12 42.83 67.13
CA GLU O 89 -7.85 43.46 68.42
C GLU O 89 -8.48 42.70 69.60
N GLN O 90 -9.59 41.98 69.41
CA GLN O 90 -10.17 41.14 70.46
C GLN O 90 -9.37 39.85 70.75
N ASN O 91 -8.53 39.38 69.83
CA ASN O 91 -7.99 38.01 69.86
C ASN O 91 -6.45 37.90 69.85
N ARG O 92 -5.73 38.92 69.36
CA ARG O 92 -4.27 38.90 69.16
C ARG O 92 -3.45 38.37 70.34
N ASP O 93 -3.83 38.67 71.57
CA ASP O 93 -3.09 38.23 72.77
C ASP O 93 -3.16 36.71 72.99
N GLU O 94 -4.32 36.10 72.79
CA GLU O 94 -4.45 34.65 72.94
C GLU O 94 -3.70 33.91 71.84
N VAL O 95 -3.74 34.44 70.62
CA VAL O 95 -3.06 33.83 69.48
C VAL O 95 -1.55 33.93 69.61
N LEU O 96 -1.03 35.08 70.06
CA LEU O 96 0.40 35.22 70.34
C LEU O 96 0.88 34.31 71.46
N ASP O 97 0.16 34.22 72.57
CA ASP O 97 0.57 33.34 73.67
C ASP O 97 0.56 31.86 73.25
N ASN O 98 -0.38 31.44 72.40
CA ASN O 98 -0.37 30.10 71.83
C ASN O 98 0.76 29.87 70.81
N LEU O 99 1.04 30.81 69.90
CA LEU O 99 2.20 30.72 69.01
C LEU O 99 3.50 30.56 69.81
N LEU O 100 3.74 31.45 70.77
CA LEU O 100 5.00 31.47 71.51
C LEU O 100 5.16 30.23 72.38
N ALA O 101 4.08 29.64 72.89
CA ALA O 101 4.12 28.34 73.55
C ALA O 101 4.69 27.25 72.61
N PHE O 102 4.21 27.14 71.36
CA PHE O 102 4.79 26.18 70.40
C PHE O 102 6.23 26.52 70.04
N VAL O 103 6.57 27.80 69.88
CA VAL O 103 7.94 28.19 69.52
C VAL O 103 8.93 27.81 70.62
N CYS O 104 8.59 27.97 71.89
CA CYS O 104 9.49 27.66 73.02
C CYS O 104 9.48 26.20 73.49
N ASP O 105 8.42 25.43 73.23
CA ASP O 105 8.30 24.01 73.60
C ASP O 105 9.03 23.10 72.59
N ILE O 106 10.37 23.06 72.65
CA ILE O 106 11.22 22.50 71.57
C ILE O 106 11.03 20.98 71.38
N ARG O 107 11.34 20.17 72.39
CA ARG O 107 11.33 18.68 72.35
C ARG O 107 12.15 18.06 71.19
N PRO O 108 13.49 17.92 71.34
CA PRO O 108 14.34 17.25 70.36
C PRO O 108 13.93 15.81 70.08
N GLU O 109 13.92 15.39 68.82
CA GLU O 109 13.62 14.01 68.39
C GLU O 109 14.54 13.55 67.25
N ILE O 110 14.94 12.27 67.28
CA ILE O 110 15.63 11.58 66.18
C ILE O 110 14.60 10.99 65.21
N HIS O 111 14.90 10.92 63.90
CA HIS O 111 14.03 10.29 62.91
C HIS O 111 13.68 8.85 63.28
N GLU O 112 12.42 8.43 63.16
CA GLU O 112 11.97 7.10 63.56
C GLU O 112 12.61 5.93 62.80
N ASN O 113 13.22 6.18 61.64
CA ASN O 113 13.94 5.16 60.88
C ASN O 113 15.37 4.90 61.41
N TYR O 114 15.89 5.71 62.34
CA TYR O 114 17.24 5.51 62.86
C TYR O 114 17.37 4.25 63.73
N ARG O 115 18.36 3.40 63.44
CA ARG O 115 18.60 2.10 64.08
C ARG O 115 19.94 2.05 64.81
N ILE O 116 19.94 1.44 66.00
CA ILE O 116 21.05 1.34 66.98
C ILE O 116 21.47 2.71 67.50
N ASN P 17 -62.36 -59.34 -37.42
CA ASN P 17 -63.27 -59.79 -38.52
C ASN P 17 -63.46 -61.31 -38.54
N ILE P 18 -62.56 -62.11 -39.15
CA ILE P 18 -62.81 -63.53 -39.46
C ILE P 18 -63.13 -64.37 -38.21
N ILE P 19 -62.39 -64.17 -37.12
CA ILE P 19 -62.55 -64.94 -35.89
C ILE P 19 -63.96 -64.74 -35.28
N ALA P 20 -64.45 -63.49 -35.21
CA ALA P 20 -65.82 -63.22 -34.76
C ALA P 20 -66.89 -63.82 -35.69
N ALA P 21 -66.71 -63.69 -37.01
CA ALA P 21 -67.63 -64.24 -38.00
C ALA P 21 -67.71 -65.78 -37.94
N LYS P 22 -66.58 -66.48 -37.72
CA LYS P 22 -66.56 -67.94 -37.53
C LYS P 22 -67.07 -68.34 -36.15
N ALA P 23 -66.75 -67.60 -35.08
CA ALA P 23 -67.27 -67.86 -33.74
C ALA P 23 -68.80 -67.76 -33.66
N ALA P 24 -69.43 -66.85 -34.43
CA ALA P 24 -70.89 -66.78 -34.55
C ALA P 24 -71.53 -68.07 -35.10
N GLU P 25 -70.80 -68.87 -35.90
CA GLU P 25 -71.18 -70.24 -36.25
C GLU P 25 -70.78 -71.25 -35.15
N VAL P 26 -69.52 -71.23 -34.70
CA VAL P 26 -68.96 -72.27 -33.83
C VAL P 26 -69.59 -72.28 -32.42
N ARG P 27 -70.10 -71.16 -31.90
CA ARG P 27 -70.91 -71.12 -30.67
C ARG P 27 -72.21 -71.94 -30.76
N ALA P 28 -72.76 -72.09 -31.97
CA ALA P 28 -73.90 -72.96 -32.26
C ALA P 28 -73.50 -74.44 -32.53
N ASN P 29 -72.22 -74.74 -32.70
CA ASN P 29 -71.70 -76.09 -32.96
C ASN P 29 -71.63 -76.94 -31.67
N LYS P 30 -72.77 -77.14 -31.01
CA LYS P 30 -72.90 -78.02 -29.83
C LYS P 30 -72.60 -79.48 -30.18
N VAL P 31 -72.19 -80.27 -29.18
CA VAL P 31 -71.47 -81.55 -29.38
C VAL P 31 -72.14 -82.71 -28.62
N ASN P 32 -72.20 -83.88 -29.26
CA ASN P 32 -72.57 -85.14 -28.62
C ASN P 32 -71.37 -85.73 -27.84
N TRP P 33 -71.11 -85.23 -26.64
CA TRP P 33 -69.99 -85.70 -25.80
C TRP P 33 -70.12 -87.17 -25.39
N GLN P 34 -71.34 -87.68 -25.22
CA GLN P 34 -71.59 -89.10 -24.98
C GLN P 34 -71.05 -90.00 -26.11
N SER P 35 -71.07 -89.53 -27.37
CA SER P 35 -70.45 -90.25 -28.49
C SER P 35 -68.92 -90.33 -28.36
N TYR P 36 -68.26 -89.21 -28.05
CA TYR P 36 -66.81 -89.22 -27.79
C TYR P 36 -66.44 -90.05 -26.53
N LEU P 37 -67.26 -90.02 -25.48
CA LEU P 37 -67.07 -90.84 -24.29
C LEU P 37 -67.23 -92.34 -24.61
N GLN P 38 -68.27 -92.73 -25.33
CA GLN P 38 -68.48 -94.10 -25.79
C GLN P 38 -67.35 -94.58 -26.72
N GLY P 39 -66.85 -93.70 -27.58
CA GLY P 39 -65.66 -93.92 -28.42
C GLY P 39 -64.33 -93.91 -27.65
N GLN P 40 -64.35 -93.74 -26.33
CA GLN P 40 -63.18 -93.67 -25.43
C GLN P 40 -62.20 -92.52 -25.75
N MET P 41 -62.60 -91.53 -26.55
CA MET P 41 -61.76 -90.40 -26.96
C MET P 41 -61.59 -89.35 -25.83
N ILE P 42 -62.47 -89.39 -24.82
CA ILE P 42 -62.49 -88.52 -23.64
C ILE P 42 -62.77 -89.35 -22.38
N SER P 43 -62.36 -88.86 -21.21
CA SER P 43 -62.73 -89.47 -19.93
C SER P 43 -64.15 -89.06 -19.51
N ALA P 44 -64.75 -89.84 -18.60
CA ALA P 44 -66.01 -89.46 -17.97
C ALA P 44 -65.90 -88.13 -17.21
N GLU P 45 -64.75 -87.82 -16.60
CA GLU P 45 -64.49 -86.53 -15.96
C GLU P 45 -64.54 -85.36 -16.95
N ASP P 46 -63.94 -85.50 -18.13
CA ASP P 46 -64.01 -84.46 -19.17
C ASP P 46 -65.45 -84.26 -19.65
N CYS P 47 -66.14 -85.37 -19.90
CA CYS P 47 -67.52 -85.36 -20.40
C CYS P 47 -68.49 -84.72 -19.40
N GLU P 48 -68.43 -85.15 -18.14
CA GLU P 48 -69.26 -84.59 -17.07
C GLU P 48 -68.98 -83.09 -16.87
N PHE P 49 -67.71 -82.69 -16.85
CA PHE P 49 -67.40 -81.28 -16.69
C PHE P 49 -67.96 -80.46 -17.84
N ILE P 50 -67.67 -80.81 -19.10
CA ILE P 50 -68.12 -79.99 -20.21
C ILE P 50 -69.65 -79.98 -20.31
N GLN P 51 -70.33 -81.08 -19.96
CA GLN P 51 -71.79 -81.09 -19.83
C GLN P 51 -72.28 -80.13 -18.73
N ARG P 52 -71.70 -80.16 -17.52
CA ARG P 52 -72.08 -79.22 -16.45
C ARG P 52 -71.79 -77.77 -16.84
N PHE P 53 -70.64 -77.51 -17.46
CA PHE P 53 -70.28 -76.19 -17.95
C PHE P 53 -71.21 -75.68 -19.06
N GLU P 54 -71.68 -76.56 -19.95
CA GLU P 54 -72.72 -76.23 -20.94
C GLU P 54 -74.09 -75.98 -20.29
N MET P 55 -74.41 -76.64 -19.17
CA MET P 55 -75.67 -76.41 -18.43
C MET P 55 -75.67 -75.12 -17.60
N LYS P 56 -74.53 -74.70 -17.03
CA LYS P 56 -74.39 -73.41 -16.33
C LYS P 56 -74.49 -72.25 -17.32
N ARG P 57 -75.46 -71.35 -17.11
CA ARG P 57 -76.11 -70.56 -18.17
C ARG P 57 -75.45 -69.23 -18.55
N CYS P 58 -74.62 -68.67 -17.65
CA CYS P 58 -74.10 -67.31 -17.73
C CYS P 58 -72.74 -67.18 -17.01
N SER P 59 -72.03 -66.07 -17.19
CA SER P 59 -70.67 -65.89 -16.62
C SER P 59 -70.60 -66.07 -15.11
N GLU P 60 -71.64 -65.71 -14.34
CA GLU P 60 -71.69 -65.98 -12.90
C GLU P 60 -71.88 -67.47 -12.59
N GLU P 61 -72.73 -68.17 -13.34
CA GLU P 61 -72.91 -69.62 -13.19
C GLU P 61 -71.66 -70.41 -13.62
N LYS P 62 -70.90 -69.90 -14.60
CA LYS P 62 -69.56 -70.40 -14.93
C LYS P 62 -68.56 -70.09 -13.81
N GLN P 63 -68.68 -68.94 -13.13
CA GLN P 63 -67.85 -68.65 -11.96
C GLN P 63 -68.14 -69.61 -10.80
N GLU P 64 -69.41 -69.99 -10.57
CA GLU P 64 -69.75 -71.06 -9.63
C GLU P 64 -69.13 -72.42 -10.03
N MET P 65 -69.12 -72.73 -11.34
CA MET P 65 -68.46 -73.93 -11.85
C MET P 65 -66.94 -73.90 -11.61
N LEU P 66 -66.29 -72.77 -11.84
CA LEU P 66 -64.86 -72.57 -11.56
C LEU P 66 -64.56 -72.57 -10.05
N GLN P 67 -65.47 -72.06 -9.22
CA GLN P 67 -65.34 -72.06 -7.76
C GLN P 67 -65.46 -73.47 -7.16
N THR P 68 -66.24 -74.36 -7.80
CA THR P 68 -66.49 -75.73 -7.31
C THR P 68 -65.64 -76.79 -8.00
N GLU P 69 -65.22 -76.58 -9.25
CA GLU P 69 -64.52 -77.56 -10.10
C GLU P 69 -63.41 -76.92 -10.97
N GLY P 70 -62.71 -75.90 -10.46
CA GLY P 70 -61.75 -75.09 -11.24
C GLY P 70 -60.55 -75.87 -11.81
N SER P 71 -59.94 -76.76 -11.03
CA SER P 71 -58.83 -77.60 -11.53
C SER P 71 -59.31 -78.61 -12.57
N GLN P 72 -60.50 -79.20 -12.34
CA GLN P 72 -61.16 -80.11 -13.28
C GLN P 72 -61.57 -79.40 -14.57
N CYS P 73 -61.93 -78.11 -14.51
CA CYS P 73 -62.16 -77.26 -15.67
C CYS P 73 -60.91 -77.15 -16.54
N ALA P 74 -59.79 -76.69 -15.98
CA ALA P 74 -58.53 -76.54 -16.72
C ALA P 74 -58.06 -77.87 -17.34
N LYS P 75 -58.12 -78.96 -16.55
CA LYS P 75 -57.91 -80.34 -17.00
C LYS P 75 -58.78 -80.68 -18.21
N THR P 76 -60.09 -80.44 -18.12
CA THR P 76 -61.04 -80.76 -19.18
C THR P 76 -60.78 -79.98 -20.45
N PHE P 77 -60.57 -78.66 -20.39
CA PHE P 77 -60.27 -77.87 -21.58
C PHE P 77 -59.02 -78.39 -22.29
N ILE P 78 -57.92 -78.60 -21.55
CA ILE P 78 -56.68 -79.11 -22.10
C ILE P 78 -56.89 -80.51 -22.72
N ASN P 79 -57.57 -81.41 -22.01
CA ASN P 79 -57.90 -82.73 -22.53
C ASN P 79 -58.73 -82.67 -23.81
N LEU P 80 -59.83 -81.92 -23.82
CA LEU P 80 -60.72 -81.83 -24.97
C LEU P 80 -60.11 -81.09 -26.17
N MET P 81 -59.08 -80.27 -25.97
CA MET P 81 -58.23 -79.77 -27.07
C MET P 81 -57.23 -80.82 -27.55
N THR P 82 -56.66 -81.60 -26.62
CA THR P 82 -55.55 -82.52 -26.91
C THR P 82 -56.00 -83.83 -27.56
N HIS P 83 -56.98 -84.51 -26.97
CA HIS P 83 -57.32 -85.90 -27.32
C HIS P 83 -58.35 -86.04 -28.44
N ILE P 84 -59.15 -85.00 -28.69
CA ILE P 84 -60.11 -84.98 -29.80
C ILE P 84 -59.36 -84.82 -31.13
N SER P 85 -59.66 -85.66 -32.12
CA SER P 85 -59.11 -85.52 -33.47
C SER P 85 -59.73 -84.35 -34.24
N LYS P 86 -61.07 -84.26 -34.27
CA LYS P 86 -61.85 -83.33 -35.10
C LYS P 86 -61.60 -81.85 -34.76
N GLU P 87 -61.07 -81.12 -35.73
CA GLU P 87 -60.69 -79.70 -35.61
C GLU P 87 -61.81 -78.79 -35.11
N GLN P 88 -63.03 -78.93 -35.63
CA GLN P 88 -64.14 -78.04 -35.31
C GLN P 88 -64.70 -78.25 -33.90
N THR P 89 -64.61 -79.48 -33.35
CA THR P 89 -64.88 -79.72 -31.93
C THR P 89 -63.81 -79.04 -31.06
N VAL P 90 -62.54 -79.11 -31.45
CA VAL P 90 -61.46 -78.40 -30.75
C VAL P 90 -61.64 -76.89 -30.85
N GLN P 91 -62.10 -76.36 -31.98
CA GLN P 91 -62.46 -74.95 -32.12
C GLN P 91 -63.62 -74.56 -31.21
N TYR P 92 -64.64 -75.40 -31.07
CA TYR P 92 -65.73 -75.14 -30.14
C TYR P 92 -65.21 -75.08 -28.71
N ILE P 93 -64.38 -76.04 -28.31
CA ILE P 93 -63.73 -76.03 -26.99
C ILE P 93 -62.86 -74.78 -26.81
N LEU P 94 -62.05 -74.41 -27.82
CA LEU P 94 -61.27 -73.18 -27.83
C LEU P 94 -62.16 -71.93 -27.72
N THR P 95 -63.29 -71.89 -28.43
CA THR P 95 -64.25 -70.77 -28.39
C THR P 95 -64.83 -70.63 -27.00
N MET P 96 -65.17 -71.75 -26.36
CA MET P 96 -65.73 -71.76 -25.01
C MET P 96 -64.73 -71.22 -23.98
N VAL P 97 -63.45 -71.63 -24.01
CA VAL P 97 -62.44 -71.00 -23.13
C VAL P 97 -62.10 -69.57 -23.55
N ASP P 98 -62.05 -69.24 -24.84
CA ASP P 98 -61.75 -67.89 -25.32
C ASP P 98 -62.78 -66.87 -24.81
N ASP P 99 -64.06 -67.24 -24.84
CA ASP P 99 -65.16 -66.50 -24.22
C ASP P 99 -65.09 -66.52 -22.68
N MET P 100 -64.79 -67.67 -22.07
CA MET P 100 -64.66 -67.76 -20.60
C MET P 100 -63.56 -66.83 -20.06
N LEU P 101 -62.44 -66.69 -20.77
CA LEU P 101 -61.38 -65.73 -20.44
C LEU P 101 -61.73 -64.29 -20.84
N GLN P 102 -62.64 -64.09 -21.81
CA GLN P 102 -63.17 -62.76 -22.16
C GLN P 102 -64.11 -62.23 -21.05
N GLU P 103 -64.89 -63.11 -20.43
CA GLU P 103 -65.79 -62.77 -19.32
C GLU P 103 -65.05 -62.28 -18.06
N ASN P 104 -63.88 -62.84 -17.76
CA ASN P 104 -62.96 -62.36 -16.72
C ASN P 104 -61.52 -62.80 -17.02
N HIS P 105 -60.62 -61.85 -17.24
CA HIS P 105 -59.20 -62.10 -17.52
C HIS P 105 -58.46 -62.82 -16.37
N GLN P 106 -58.91 -62.68 -15.12
CA GLN P 106 -58.26 -63.28 -13.94
C GLN P 106 -58.25 -64.82 -13.96
N ARG P 107 -59.17 -65.43 -14.72
CA ARG P 107 -59.36 -66.89 -14.79
C ARG P 107 -58.16 -67.66 -15.33
N VAL P 108 -57.23 -66.99 -16.02
CA VAL P 108 -55.94 -67.57 -16.43
C VAL P 108 -55.18 -68.21 -15.25
N SER P 109 -55.29 -67.62 -14.05
CA SER P 109 -54.68 -68.14 -12.82
C SER P 109 -55.07 -69.58 -12.48
N ILE P 110 -56.27 -70.01 -12.88
CA ILE P 110 -56.80 -71.35 -12.64
C ILE P 110 -56.04 -72.39 -13.49
N PHE P 111 -55.69 -72.02 -14.74
CA PHE P 111 -54.89 -72.86 -15.62
C PHE P 111 -53.45 -72.96 -15.14
N PHE P 112 -52.85 -71.88 -14.63
CA PHE P 112 -51.53 -71.93 -14.01
C PHE P 112 -51.52 -72.76 -12.71
N ASP P 113 -52.56 -72.65 -11.88
CA ASP P 113 -52.73 -73.51 -10.70
C ASP P 113 -52.80 -74.99 -11.10
N TYR P 114 -53.63 -75.34 -12.09
CA TYR P 114 -53.68 -76.69 -12.64
C TYR P 114 -52.32 -77.15 -13.20
N ALA P 115 -51.59 -76.31 -13.92
CA ALA P 115 -50.27 -76.65 -14.43
C ALA P 115 -49.27 -76.92 -13.28
N LYS P 116 -49.27 -76.09 -12.23
CA LYS P 116 -48.46 -76.28 -11.02
C LYS P 116 -48.83 -77.56 -10.27
N ARG P 117 -50.13 -77.88 -10.14
CA ARG P 117 -50.61 -79.18 -9.62
C ARG P 117 -50.17 -80.35 -10.50
N SER P 118 -50.09 -80.13 -11.80
CA SER P 118 -49.55 -81.06 -12.80
C SER P 118 -48.01 -81.06 -12.89
N LYS P 119 -47.32 -80.37 -11.96
CA LYS P 119 -45.85 -80.27 -11.86
C LYS P 119 -45.19 -79.75 -13.15
N SER P 120 -45.81 -78.75 -13.78
CA SER P 120 -45.43 -78.22 -15.10
C SER P 120 -45.66 -76.71 -15.19
N THR P 121 -44.94 -76.04 -16.10
CA THR P 121 -45.41 -74.77 -16.69
C THR P 121 -46.67 -75.00 -17.53
N ALA P 122 -47.41 -73.94 -17.84
CA ALA P 122 -48.64 -74.01 -18.63
C ALA P 122 -48.40 -74.27 -20.12
N TRP P 123 -47.36 -73.66 -20.72
CA TRP P 123 -47.16 -73.57 -22.17
C TRP P 123 -47.19 -74.90 -22.95
N PRO P 124 -46.63 -76.02 -22.45
CA PRO P 124 -46.69 -77.32 -23.12
C PRO P 124 -48.11 -77.85 -23.37
N TYR P 125 -49.11 -77.41 -22.60
CA TYR P 125 -50.51 -77.81 -22.79
C TYR P 125 -51.22 -77.06 -23.94
N PHE P 126 -50.67 -75.93 -24.41
CA PHE P 126 -51.33 -75.05 -25.39
C PHE P 126 -50.53 -74.87 -26.69
N LEU P 127 -49.21 -74.72 -26.62
CA LEU P 127 -48.36 -74.49 -27.80
C LEU P 127 -48.50 -75.58 -28.90
N PRO P 128 -48.68 -76.88 -28.59
CA PRO P 128 -48.94 -77.89 -29.61
C PRO P 128 -50.15 -77.58 -30.51
N MET P 129 -51.15 -76.86 -30.02
CA MET P 129 -52.35 -76.50 -30.78
C MET P 129 -52.09 -75.45 -31.88
N LEU P 130 -50.91 -74.80 -31.92
CA LEU P 130 -50.48 -73.98 -33.06
C LEU P 130 -50.23 -74.82 -34.33
N ASN P 131 -50.10 -76.16 -34.22
CA ASN P 131 -49.96 -77.09 -35.35
C ASN P 131 -51.31 -77.63 -35.88
N ARG P 132 -52.44 -77.16 -35.34
CA ARG P 132 -53.77 -77.65 -35.69
C ARG P 132 -54.13 -77.42 -37.17
N GLN P 133 -54.96 -78.31 -37.72
CA GLN P 133 -55.11 -78.47 -39.17
C GLN P 133 -56.09 -77.46 -39.81
N ASP P 134 -56.97 -76.83 -39.03
CA ASP P 134 -57.88 -75.77 -39.49
C ASP P 134 -57.38 -74.40 -38.99
N PRO P 135 -57.24 -73.39 -39.89
CA PRO P 135 -56.78 -72.05 -39.53
C PRO P 135 -57.51 -71.42 -38.34
N PHE P 136 -58.83 -71.62 -38.19
CA PHE P 136 -59.55 -71.08 -37.05
C PHE P 136 -59.07 -71.72 -35.73
N THR P 137 -58.76 -73.02 -35.73
CA THR P 137 -58.21 -73.69 -34.54
C THR P 137 -56.90 -73.06 -34.11
N VAL P 138 -55.95 -72.86 -35.04
CA VAL P 138 -54.64 -72.30 -34.68
C VAL P 138 -54.73 -70.85 -34.26
N HIS P 139 -55.59 -70.04 -34.88
CA HIS P 139 -55.81 -68.66 -34.43
C HIS P 139 -56.48 -68.60 -33.06
N MET P 140 -57.45 -69.46 -32.79
CA MET P 140 -58.08 -69.50 -31.47
C MET P 140 -57.11 -70.05 -30.41
N ALA P 141 -56.28 -71.04 -30.76
CA ALA P 141 -55.19 -71.49 -29.90
C ALA P 141 -54.21 -70.34 -29.61
N ALA P 142 -53.84 -69.56 -30.62
CA ALA P 142 -53.00 -68.39 -30.45
C ALA P 142 -53.65 -67.34 -29.53
N ARG P 143 -54.95 -67.08 -29.64
CA ARG P 143 -55.67 -66.19 -28.71
C ARG P 143 -55.57 -66.67 -27.27
N ILE P 144 -55.78 -67.97 -27.02
CA ILE P 144 -55.63 -68.55 -25.68
C ILE P 144 -54.19 -68.37 -25.18
N ILE P 145 -53.19 -68.67 -26.01
CA ILE P 145 -51.78 -68.54 -25.63
C ILE P 145 -51.46 -67.07 -25.33
N ALA P 146 -51.87 -66.13 -26.19
CA ALA P 146 -51.68 -64.71 -25.99
C ALA P 146 -52.36 -64.20 -24.71
N LYS P 147 -53.60 -64.63 -24.43
CA LYS P 147 -54.32 -64.26 -23.19
C LYS P 147 -53.60 -64.78 -21.95
N LEU P 148 -53.19 -66.05 -21.94
CA LEU P 148 -52.41 -66.63 -20.84
C LEU P 148 -51.09 -65.87 -20.66
N ALA P 149 -50.35 -65.66 -21.74
CA ALA P 149 -49.04 -65.03 -21.74
C ALA P 149 -49.07 -63.55 -21.35
N ALA P 150 -50.16 -62.83 -21.66
CA ALA P 150 -50.35 -61.42 -21.32
C ALA P 150 -50.80 -61.23 -19.85
N TRP P 151 -51.72 -62.06 -19.38
CA TRP P 151 -52.46 -61.84 -18.12
C TRP P 151 -51.98 -62.72 -16.94
N GLY P 152 -51.21 -63.77 -17.19
CA GLY P 152 -50.68 -64.67 -16.16
C GLY P 152 -49.60 -64.06 -15.26
N LYS P 153 -49.43 -64.62 -14.06
CA LYS P 153 -48.28 -64.35 -13.18
C LYS P 153 -47.01 -65.07 -13.68
N GLU P 154 -47.17 -66.31 -14.14
CA GLU P 154 -46.18 -67.04 -14.94
C GLU P 154 -46.10 -66.46 -16.37
N LEU P 155 -44.89 -66.36 -16.92
CA LEU P 155 -44.59 -65.75 -18.23
C LEU P 155 -43.87 -66.72 -19.16
N MET P 156 -44.06 -66.54 -20.47
CA MET P 156 -43.35 -67.29 -21.50
C MET P 156 -41.85 -66.96 -21.51
N GLU P 157 -41.02 -67.90 -21.99
CA GLU P 157 -39.56 -67.77 -22.04
C GLU P 157 -38.97 -68.55 -23.22
N GLY P 158 -37.78 -68.14 -23.67
CA GLY P 158 -36.90 -68.93 -24.54
C GLY P 158 -37.58 -69.57 -25.74
N SER P 159 -37.40 -70.88 -25.91
CA SER P 159 -37.92 -71.64 -27.04
C SER P 159 -39.45 -71.57 -27.17
N ASP P 160 -40.20 -71.52 -26.07
CA ASP P 160 -41.67 -71.39 -26.11
C ASP P 160 -42.09 -70.02 -26.67
N LEU P 161 -41.49 -68.96 -26.13
CA LEU P 161 -41.72 -67.58 -26.54
C LEU P 161 -41.33 -67.37 -28.01
N ASN P 162 -40.15 -67.84 -28.38
CA ASN P 162 -39.63 -67.75 -29.74
C ASN P 162 -40.43 -68.62 -30.72
N TYR P 163 -40.90 -69.81 -30.34
CA TYR P 163 -41.75 -70.65 -31.19
C TYR P 163 -43.10 -69.99 -31.47
N TYR P 164 -43.77 -69.46 -30.44
CA TYR P 164 -45.03 -68.76 -30.66
C TYR P 164 -44.83 -67.51 -31.53
N PHE P 165 -43.75 -66.76 -31.33
CA PHE P 165 -43.43 -65.66 -32.24
C PHE P 165 -43.09 -66.12 -33.66
N ASN P 166 -42.47 -67.28 -33.86
CA ASN P 166 -42.27 -67.81 -35.21
C ASN P 166 -43.60 -68.20 -35.86
N TRP P 167 -44.58 -68.71 -35.09
CA TRP P 167 -45.94 -68.88 -35.61
C TRP P 167 -46.57 -67.54 -35.99
N ILE P 168 -46.52 -66.54 -35.11
CA ILE P 168 -47.04 -65.18 -35.39
C ILE P 168 -46.40 -64.61 -36.66
N LYS P 169 -45.06 -64.63 -36.76
CA LYS P 169 -44.31 -64.13 -37.92
C LYS P 169 -44.68 -64.87 -39.20
N THR P 170 -44.93 -66.19 -39.12
CA THR P 170 -45.44 -66.99 -40.24
C THR P 170 -46.83 -66.51 -40.66
N GLN P 171 -47.75 -66.25 -39.73
CA GLN P 171 -49.08 -65.74 -40.09
C GLN P 171 -49.03 -64.30 -40.63
N LEU P 172 -48.19 -63.41 -40.07
CA LEU P 172 -47.99 -62.07 -40.65
C LEU P 172 -47.43 -62.14 -42.09
N SER P 173 -46.61 -63.15 -42.39
CA SER P 173 -46.04 -63.39 -43.73
C SER P 173 -47.03 -63.96 -44.75
N SER P 174 -48.31 -64.18 -44.38
CA SER P 174 -49.33 -64.80 -45.24
C SER P 174 -49.95 -63.87 -46.31
N GLN P 175 -49.61 -62.57 -46.33
CA GLN P 175 -50.04 -61.62 -47.38
C GLN P 175 -49.45 -61.94 -48.76
N SER P 192 -58.65 -61.05 -49.64
CA SER P 192 -58.18 -60.33 -48.45
C SER P 192 -58.05 -61.21 -47.20
N ASP P 193 -58.38 -62.51 -47.31
CA ASP P 193 -58.51 -63.44 -46.16
C ASP P 193 -57.27 -63.46 -45.26
N SER P 194 -56.05 -63.49 -45.82
CA SER P 194 -54.80 -63.44 -45.06
C SER P 194 -54.72 -62.20 -44.15
N SER P 195 -54.99 -61.01 -44.71
CA SER P 195 -55.01 -59.75 -43.96
C SER P 195 -56.10 -59.75 -42.89
N GLN P 196 -57.28 -60.28 -43.19
CA GLN P 196 -58.38 -60.32 -42.23
C GLN P 196 -58.17 -61.35 -41.09
N TYR P 197 -57.52 -62.50 -41.35
CA TYR P 197 -57.00 -63.38 -40.29
C TYR P 197 -55.91 -62.67 -39.47
N VAL P 198 -55.01 -61.94 -40.12
CA VAL P 198 -53.92 -61.19 -39.47
C VAL P 198 -54.39 -60.12 -38.49
N GLN P 199 -55.65 -59.68 -38.53
CA GLN P 199 -56.21 -58.84 -37.46
C GLN P 199 -56.19 -59.55 -36.10
N CYS P 200 -56.53 -60.84 -36.06
CA CYS P 200 -56.43 -61.68 -34.87
C CYS P 200 -54.98 -61.84 -34.45
N VAL P 201 -54.08 -62.04 -35.42
CA VAL P 201 -52.64 -62.18 -35.18
C VAL P 201 -52.06 -60.91 -34.56
N ALA P 202 -52.47 -59.74 -35.05
CA ALA P 202 -52.11 -58.45 -34.50
C ALA P 202 -52.65 -58.29 -33.07
N GLY P 203 -53.92 -58.61 -32.80
CA GLY P 203 -54.48 -58.59 -31.45
C GLY P 203 -53.69 -59.50 -30.48
N CYS P 204 -53.37 -60.72 -30.89
CA CYS P 204 -52.53 -61.63 -30.13
C CYS P 204 -51.13 -61.06 -29.90
N LEU P 205 -50.55 -60.41 -30.92
CA LEU P 205 -49.23 -59.80 -30.81
C LEU P 205 -49.26 -58.57 -29.90
N GLN P 206 -50.32 -57.77 -29.91
CA GLN P 206 -50.52 -56.68 -28.96
C GLN P 206 -50.63 -57.22 -27.54
N LEU P 207 -51.45 -58.26 -27.32
CA LEU P 207 -51.53 -58.97 -26.05
C LEU P 207 -50.15 -59.43 -25.58
N MET P 208 -49.33 -60.04 -26.45
CA MET P 208 -47.95 -60.37 -26.10
C MET P 208 -47.13 -59.13 -25.71
N LEU P 209 -47.19 -58.07 -26.51
CA LEU P 209 -46.39 -56.85 -26.32
C LEU P 209 -46.84 -55.99 -25.10
N ARG P 210 -47.93 -56.36 -24.40
CA ARG P 210 -48.22 -55.90 -23.02
C ARG P 210 -47.09 -56.25 -22.04
N VAL P 211 -46.31 -57.30 -22.30
CA VAL P 211 -45.21 -57.78 -21.45
C VAL P 211 -43.87 -57.34 -22.01
N ASN P 212 -43.02 -56.78 -21.15
CA ASN P 212 -41.79 -56.10 -21.55
C ASN P 212 -40.77 -57.02 -22.25
N GLU P 213 -40.39 -58.13 -21.64
CA GLU P 213 -39.33 -59.00 -22.17
C GLU P 213 -39.73 -59.68 -23.49
N TYR P 214 -41.04 -59.83 -23.74
CA TYR P 214 -41.56 -60.33 -25.00
C TYR P 214 -41.25 -59.35 -26.16
N ARG P 215 -41.15 -58.04 -25.89
CA ARG P 215 -40.77 -57.01 -26.88
C ARG P 215 -39.35 -57.27 -27.39
N PHE P 216 -38.42 -57.50 -26.47
CA PHE P 216 -37.03 -57.85 -26.81
C PHE P 216 -36.98 -59.16 -27.59
N ALA P 217 -37.71 -60.19 -27.18
CA ALA P 217 -37.78 -61.46 -27.93
C ALA P 217 -38.38 -61.28 -29.35
N TRP P 218 -39.37 -60.42 -29.54
CA TRP P 218 -39.92 -60.12 -30.88
C TRP P 218 -38.93 -59.34 -31.77
N VAL P 219 -38.19 -58.39 -31.18
CA VAL P 219 -37.08 -57.70 -31.86
C VAL P 219 -35.90 -58.64 -32.16
N GLU P 220 -35.65 -59.65 -31.32
CA GLU P 220 -34.67 -60.72 -31.57
C GLU P 220 -35.15 -61.70 -32.66
N ALA P 221 -36.45 -61.98 -32.73
CA ALA P 221 -37.09 -62.63 -33.89
C ALA P 221 -37.16 -61.70 -35.12
N ASP P 222 -36.81 -60.43 -34.96
CA ASP P 222 -36.82 -59.35 -35.95
C ASP P 222 -38.21 -59.06 -36.56
N GLY P 223 -39.29 -59.40 -35.85
CA GLY P 223 -40.65 -59.46 -36.39
C GLY P 223 -41.30 -58.10 -36.68
N VAL P 224 -40.73 -57.00 -36.19
CA VAL P 224 -41.21 -55.63 -36.50
C VAL P 224 -41.12 -55.33 -38.00
N ASN P 225 -40.22 -56.00 -38.75
CA ASN P 225 -40.19 -55.97 -40.21
C ASN P 225 -41.56 -56.34 -40.83
N CYS P 226 -42.23 -57.36 -40.29
CA CYS P 226 -43.53 -57.81 -40.78
C CYS P 226 -44.65 -56.81 -40.44
N ILE P 227 -44.62 -56.21 -39.24
CA ILE P 227 -45.55 -55.14 -38.83
C ILE P 227 -45.41 -53.93 -39.78
N MET P 228 -44.17 -53.49 -39.98
CA MET P 228 -43.80 -52.44 -40.92
C MET P 228 -44.22 -52.79 -42.35
N GLY P 229 -44.05 -54.05 -42.76
CA GLY P 229 -44.48 -54.57 -44.06
C GLY P 229 -45.99 -54.47 -44.27
N VAL P 230 -46.79 -54.85 -43.28
CA VAL P 230 -48.26 -54.72 -43.35
C VAL P 230 -48.66 -53.25 -43.51
N LEU P 231 -48.04 -52.36 -42.74
CA LEU P 231 -48.28 -50.91 -42.85
C LEU P 231 -47.79 -50.33 -44.19
N SER P 232 -46.69 -50.87 -44.74
CA SER P 232 -46.18 -50.55 -46.08
C SER P 232 -47.09 -51.06 -47.20
N ASN P 233 -47.83 -52.15 -46.96
CA ASN P 233 -48.82 -52.72 -47.89
C ASN P 233 -50.18 -51.98 -47.88
N LYS P 234 -50.26 -50.82 -47.21
CA LYS P 234 -51.42 -49.90 -47.19
C LYS P 234 -52.72 -50.61 -46.76
N CYS P 235 -52.62 -51.37 -45.68
CA CYS P 235 -53.72 -52.14 -45.06
C CYS P 235 -54.89 -51.25 -44.60
N GLY P 236 -56.06 -51.85 -44.35
CA GLY P 236 -57.24 -51.18 -43.83
C GLY P 236 -57.08 -50.66 -42.38
N PHE P 237 -57.95 -49.74 -41.97
CA PHE P 237 -57.80 -48.97 -40.71
C PHE P 237 -57.74 -49.82 -39.44
N GLN P 238 -58.41 -50.98 -39.44
CA GLN P 238 -58.35 -51.95 -38.34
C GLN P 238 -56.92 -52.45 -38.12
N LEU P 239 -56.25 -52.88 -39.20
CA LEU P 239 -54.84 -53.29 -39.17
C LEU P 239 -53.92 -52.10 -38.92
N GLN P 240 -54.20 -50.92 -39.47
CA GLN P 240 -53.42 -49.72 -39.17
C GLN P 240 -53.37 -49.48 -37.67
N TYR P 241 -54.53 -49.48 -37.01
CA TYR P 241 -54.59 -49.34 -35.56
C TYR P 241 -53.83 -50.47 -34.86
N GLN P 242 -54.16 -51.72 -35.12
CA GLN P 242 -53.61 -52.89 -34.42
C GLN P 242 -52.09 -53.04 -34.60
N MET P 243 -51.55 -52.76 -35.79
CA MET P 243 -50.12 -52.79 -36.06
C MET P 243 -49.41 -51.60 -35.41
N ILE P 244 -49.98 -50.40 -35.47
CA ILE P 244 -49.37 -49.24 -34.84
C ILE P 244 -49.51 -49.31 -33.31
N PHE P 245 -50.52 -50.02 -32.78
CA PHE P 245 -50.64 -50.37 -31.37
C PHE P 245 -49.52 -51.34 -30.98
N SER P 246 -49.22 -52.30 -31.83
CA SER P 246 -48.06 -53.18 -31.63
C SER P 246 -46.77 -52.36 -31.56
N ILE P 247 -46.61 -51.34 -32.42
CA ILE P 247 -45.46 -50.44 -32.42
C ILE P 247 -45.44 -49.52 -31.19
N TRP P 248 -46.59 -49.02 -30.76
CA TRP P 248 -46.72 -48.24 -29.55
C TRP P 248 -46.30 -49.03 -28.32
N LEU P 249 -46.75 -50.29 -28.20
CA LEU P 249 -46.33 -51.21 -27.15
C LEU P 249 -44.82 -51.51 -27.20
N LEU P 250 -44.26 -51.74 -28.40
CA LEU P 250 -42.80 -51.89 -28.58
C LEU P 250 -42.03 -50.67 -28.06
N ALA P 251 -42.57 -49.47 -28.27
CA ALA P 251 -41.95 -48.22 -27.87
C ALA P 251 -42.04 -47.87 -26.36
N PHE P 252 -42.52 -48.75 -25.47
CA PHE P 252 -42.58 -48.48 -24.02
C PHE P 252 -41.21 -48.41 -23.32
N SER P 253 -40.16 -49.06 -23.87
CA SER P 253 -38.84 -49.15 -23.23
C SER P 253 -37.82 -48.21 -23.89
N PRO P 254 -37.03 -47.44 -23.13
CA PRO P 254 -35.92 -46.65 -23.66
C PRO P 254 -34.92 -47.47 -24.49
N GLN P 255 -34.59 -48.69 -24.03
CA GLN P 255 -33.67 -49.58 -24.73
C GLN P 255 -34.26 -50.09 -26.05
N MET P 256 -35.58 -50.32 -26.10
CA MET P 256 -36.26 -50.62 -27.37
C MET P 256 -36.28 -49.40 -28.30
N CYS P 257 -36.59 -48.19 -27.81
CA CYS P 257 -36.59 -46.97 -28.64
C CYS P 257 -35.21 -46.68 -29.26
N GLU P 258 -34.12 -46.91 -28.54
CA GLU P 258 -32.76 -46.80 -29.08
C GLU P 258 -32.53 -47.76 -30.28
N HIS P 259 -33.11 -48.95 -30.25
CA HIS P 259 -32.90 -50.01 -31.25
C HIS P 259 -33.91 -50.00 -32.42
N LEU P 260 -35.18 -49.64 -32.18
CA LEU P 260 -36.28 -49.72 -33.16
C LEU P 260 -36.09 -48.82 -34.40
N ARG P 261 -35.14 -47.89 -34.38
CA ARG P 261 -34.86 -46.94 -35.48
C ARG P 261 -34.56 -47.62 -36.83
N ARG P 262 -33.89 -48.77 -36.83
CA ARG P 262 -33.46 -49.48 -38.06
C ARG P 262 -34.60 -50.06 -38.90
N TYR P 263 -35.82 -50.18 -38.36
CA TYR P 263 -37.00 -50.65 -39.09
C TYR P 263 -37.64 -49.56 -40.01
N ASN P 264 -37.17 -48.30 -39.96
CA ASN P 264 -37.72 -47.17 -40.74
C ASN P 264 -39.24 -46.98 -40.55
N ILE P 265 -39.68 -46.97 -39.29
CA ILE P 265 -41.11 -47.05 -38.93
C ILE P 265 -41.84 -45.69 -38.92
N ILE P 266 -41.12 -44.60 -38.67
CA ILE P 266 -41.71 -43.24 -38.61
C ILE P 266 -42.37 -42.83 -39.95
N PRO P 267 -41.77 -43.10 -41.14
CA PRO P 267 -42.44 -42.87 -42.41
C PRO P 267 -43.78 -43.60 -42.58
N VAL P 268 -43.91 -44.88 -42.19
CA VAL P 268 -45.19 -45.59 -42.39
C VAL P 268 -46.26 -45.06 -41.43
N LEU P 269 -45.92 -44.74 -40.18
CA LEU P 269 -46.85 -44.06 -39.28
C LEU P 269 -47.22 -42.68 -39.83
N SER P 270 -46.26 -41.90 -40.36
CA SER P 270 -46.51 -40.57 -40.92
C SER P 270 -47.37 -40.61 -42.18
N ASP P 271 -47.22 -41.65 -43.01
CA ASP P 271 -48.11 -41.91 -44.14
C ASP P 271 -49.54 -42.14 -43.64
N ILE P 272 -49.74 -43.10 -42.72
CA ILE P 272 -51.06 -43.35 -42.17
C ILE P 272 -51.62 -42.09 -41.48
N LEU P 273 -50.80 -41.29 -40.81
CA LEU P 273 -51.23 -40.04 -40.16
C LEU P 273 -51.79 -39.00 -41.15
N GLN P 274 -51.35 -39.06 -42.41
CA GLN P 274 -51.89 -38.25 -43.51
C GLN P 274 -53.09 -38.94 -44.19
N GLU P 275 -52.99 -40.25 -44.42
CA GLU P 275 -53.96 -41.05 -45.20
C GLU P 275 -55.18 -41.51 -44.40
N SER P 276 -55.14 -41.46 -43.06
CA SER P 276 -56.14 -42.05 -42.17
C SER P 276 -56.38 -41.19 -40.92
N VAL P 277 -57.39 -40.31 -41.01
CA VAL P 277 -57.84 -39.42 -39.92
C VAL P 277 -58.72 -40.11 -38.88
N LYS P 278 -58.97 -41.43 -39.01
CA LYS P 278 -59.75 -42.25 -38.07
C LYS P 278 -59.29 -42.00 -36.62
N GLU P 279 -60.23 -41.81 -35.70
CA GLU P 279 -59.94 -41.39 -34.32
C GLU P 279 -58.95 -42.32 -33.63
N LYS P 280 -59.21 -43.64 -33.66
CA LYS P 280 -58.32 -44.64 -33.08
C LYS P 280 -56.93 -44.63 -33.71
N VAL P 281 -56.85 -44.53 -35.04
CA VAL P 281 -55.59 -44.58 -35.80
C VAL P 281 -54.74 -43.34 -35.53
N THR P 282 -55.40 -42.19 -35.52
CA THR P 282 -54.81 -40.91 -35.13
C THR P 282 -54.21 -41.03 -33.73
N ARG P 283 -55.00 -41.46 -32.75
CA ARG P 283 -54.58 -41.59 -31.35
C ARG P 283 -53.41 -42.56 -31.16
N ILE P 284 -53.41 -43.72 -31.80
CA ILE P 284 -52.34 -44.71 -31.61
C ILE P 284 -51.04 -44.30 -32.33
N ILE P 285 -51.09 -43.54 -33.42
CA ILE P 285 -49.89 -42.92 -34.00
C ILE P 285 -49.33 -41.90 -33.02
N LEU P 286 -50.17 -40.99 -32.50
CA LEU P 286 -49.73 -40.01 -31.52
C LEU P 286 -49.12 -40.68 -30.28
N ALA P 287 -49.71 -41.78 -29.84
CA ALA P 287 -49.20 -42.60 -28.75
C ALA P 287 -47.83 -43.23 -29.10
N ALA P 288 -47.70 -43.86 -30.27
CA ALA P 288 -46.45 -44.44 -30.74
C ALA P 288 -45.33 -43.38 -30.88
N PHE P 289 -45.62 -42.26 -31.54
CA PHE P 289 -44.70 -41.14 -31.69
C PHE P 289 -44.29 -40.53 -30.35
N ARG P 290 -45.24 -40.31 -29.43
CA ARG P 290 -44.94 -39.86 -28.07
C ARG P 290 -44.04 -40.87 -27.34
N ASN P 291 -44.36 -42.17 -27.35
CA ASN P 291 -43.51 -43.18 -26.74
C ASN P 291 -42.08 -43.20 -27.32
N PHE P 292 -41.90 -43.20 -28.65
CA PHE P 292 -40.58 -43.16 -29.27
C PHE P 292 -39.73 -41.97 -28.79
N LEU P 293 -40.30 -40.76 -28.85
CA LEU P 293 -39.61 -39.53 -28.47
C LEU P 293 -39.40 -39.45 -26.95
N GLU P 294 -40.46 -39.56 -26.15
CA GLU P 294 -40.44 -39.36 -24.70
C GLU P 294 -39.65 -40.45 -23.95
N LYS P 295 -39.72 -41.72 -24.38
CA LYS P 295 -38.90 -42.79 -23.78
C LYS P 295 -37.45 -42.81 -24.26
N SER P 296 -37.08 -42.05 -25.29
CA SER P 296 -35.67 -41.91 -25.68
C SER P 296 -34.88 -41.09 -24.65
N THR P 297 -34.35 -41.76 -23.63
CA THR P 297 -33.46 -41.15 -22.64
C THR P 297 -32.12 -40.71 -23.25
N GLU P 298 -31.67 -41.38 -24.31
CA GLU P 298 -30.57 -40.89 -25.14
C GLU P 298 -31.01 -39.67 -25.98
N ARG P 299 -30.34 -38.54 -25.75
CA ARG P 299 -30.63 -37.24 -26.38
C ARG P 299 -30.51 -37.31 -27.90
N GLU P 300 -29.50 -38.01 -28.41
CA GLU P 300 -29.35 -38.26 -29.85
C GLU P 300 -30.56 -39.00 -30.41
N THR P 301 -31.09 -39.99 -29.69
CA THR P 301 -32.22 -40.78 -30.13
C THR P 301 -33.51 -39.97 -30.07
N ARG P 302 -33.67 -39.15 -29.02
CA ARG P 302 -34.78 -38.20 -28.83
C ARG P 302 -34.83 -37.19 -29.98
N GLN P 303 -33.68 -36.56 -30.26
CA GLN P 303 -33.51 -35.65 -31.39
C GLN P 303 -33.80 -36.37 -32.71
N GLU P 304 -33.29 -37.59 -32.90
CA GLU P 304 -33.49 -38.36 -34.12
C GLU P 304 -34.96 -38.72 -34.35
N TYR P 305 -35.72 -39.11 -33.33
CA TYR P 305 -37.17 -39.35 -33.50
C TYR P 305 -37.93 -38.04 -33.79
N ALA P 306 -37.65 -36.96 -33.07
CA ALA P 306 -38.23 -35.66 -33.36
C ALA P 306 -37.90 -35.19 -34.78
N LEU P 307 -36.66 -35.41 -35.24
CA LEU P 307 -36.19 -34.99 -36.56
C LEU P 307 -36.72 -35.90 -37.67
N ALA P 308 -36.78 -37.22 -37.49
CA ALA P 308 -37.38 -38.13 -38.46
C ALA P 308 -38.87 -37.79 -38.71
N MET P 309 -39.62 -37.48 -37.64
CA MET P 309 -40.98 -36.96 -37.76
C MET P 309 -41.02 -35.64 -38.54
N ILE P 310 -40.05 -34.74 -38.34
CA ILE P 310 -39.93 -33.50 -39.10
C ILE P 310 -39.45 -33.70 -40.55
N GLN P 311 -38.63 -34.70 -40.85
CA GLN P 311 -38.31 -35.09 -42.23
C GLN P 311 -39.56 -35.68 -42.93
N CYS P 312 -40.44 -36.33 -42.17
CA CYS P 312 -41.79 -36.70 -42.62
C CYS P 312 -42.82 -35.55 -42.53
N LYS P 313 -42.40 -34.35 -42.09
CA LYS P 313 -43.19 -33.11 -41.88
C LYS P 313 -44.47 -33.32 -41.05
N VAL P 314 -44.41 -34.25 -40.08
CA VAL P 314 -45.49 -34.63 -39.16
C VAL P 314 -46.09 -33.43 -38.43
N LEU P 315 -45.28 -32.45 -38.01
CA LEU P 315 -45.74 -31.26 -37.28
C LEU P 315 -46.84 -30.49 -38.01
N LYS P 316 -46.74 -30.30 -39.33
CA LYS P 316 -47.81 -29.66 -40.12
C LYS P 316 -49.09 -30.47 -40.09
N GLN P 317 -48.99 -31.80 -40.19
CA GLN P 317 -50.16 -32.67 -40.08
C GLN P 317 -50.73 -32.68 -38.65
N LEU P 318 -49.91 -32.59 -37.62
CA LEU P 318 -50.36 -32.41 -36.25
C LEU P 318 -51.11 -31.08 -36.08
N GLU P 319 -50.70 -30.00 -36.73
CA GLU P 319 -51.50 -28.76 -36.77
C GLU P 319 -52.82 -28.95 -37.52
N ASN P 320 -52.83 -29.69 -38.64
CA ASN P 320 -54.08 -30.03 -39.34
C ASN P 320 -55.01 -30.82 -38.41
N LEU P 321 -54.46 -31.77 -37.64
CA LEU P 321 -55.19 -32.59 -36.69
C LEU P 321 -55.59 -31.82 -35.42
N GLU P 322 -54.85 -30.77 -35.04
CA GLU P 322 -55.24 -29.83 -33.98
C GLU P 322 -56.48 -29.01 -34.39
N GLN P 323 -56.54 -28.60 -35.67
CA GLN P 323 -57.70 -27.88 -36.22
C GLN P 323 -58.90 -28.82 -36.49
N GLN P 324 -58.66 -30.09 -36.84
CA GLN P 324 -59.72 -31.09 -36.99
C GLN P 324 -60.45 -31.34 -35.65
N LYS P 325 -61.77 -31.59 -35.71
CA LYS P 325 -62.57 -31.90 -34.52
C LYS P 325 -62.24 -33.30 -33.98
N TYR P 326 -61.73 -33.35 -32.74
CA TYR P 326 -61.57 -34.58 -31.95
C TYR P 326 -62.03 -34.33 -30.51
N ASP P 327 -62.76 -35.30 -29.94
CA ASP P 327 -63.35 -35.19 -28.60
C ASP P 327 -62.46 -35.77 -27.48
N ASP P 328 -61.28 -36.31 -27.82
CA ASP P 328 -60.43 -37.08 -26.92
C ASP P 328 -59.17 -36.32 -26.47
N GLU P 329 -58.97 -36.19 -25.17
CA GLU P 329 -57.75 -35.61 -24.60
C GLU P 329 -56.51 -36.43 -24.95
N ASP P 330 -56.63 -37.76 -25.04
CA ASP P 330 -55.51 -38.62 -25.45
C ASP P 330 -55.12 -38.43 -26.94
N ILE P 331 -55.93 -37.73 -27.73
CA ILE P 331 -55.52 -37.15 -29.02
C ILE P 331 -54.94 -35.74 -28.79
N SER P 332 -55.75 -34.84 -28.22
CA SER P 332 -55.43 -33.40 -28.08
C SER P 332 -54.11 -33.11 -27.37
N GLU P 333 -53.85 -33.75 -26.24
CA GLU P 333 -52.69 -33.46 -25.41
C GLU P 333 -51.40 -34.08 -25.97
N ASP P 334 -51.52 -35.21 -26.67
CA ASP P 334 -50.37 -35.83 -27.36
C ASP P 334 -50.05 -35.15 -28.70
N ILE P 335 -51.05 -34.56 -29.40
CA ILE P 335 -50.80 -33.60 -30.50
C ILE P 335 -49.94 -32.45 -29.98
N LYS P 336 -50.38 -31.76 -28.92
CA LYS P 336 -49.68 -30.59 -28.39
C LYS P 336 -48.28 -30.92 -27.86
N PHE P 337 -48.12 -32.10 -27.22
CA PHE P 337 -46.80 -32.62 -26.84
C PHE P 337 -45.88 -32.72 -28.08
N LEU P 338 -46.29 -33.46 -29.12
CA LEU P 338 -45.46 -33.64 -30.30
C LEU P 338 -45.22 -32.32 -31.04
N LEU P 339 -46.22 -31.46 -31.16
CA LEU P 339 -46.03 -30.11 -31.72
C LEU P 339 -44.94 -29.32 -30.99
N GLU P 340 -44.82 -29.46 -29.67
CA GLU P 340 -43.76 -28.80 -28.90
C GLU P 340 -42.38 -29.41 -29.21
N LYS P 341 -42.26 -30.75 -29.17
CA LYS P 341 -40.96 -31.44 -29.36
C LYS P 341 -40.47 -31.40 -30.80
N LEU P 342 -41.35 -31.65 -31.77
CA LEU P 342 -41.06 -31.45 -33.19
C LEU P 342 -40.89 -29.95 -33.47
N GLY P 343 -41.47 -29.09 -32.64
CA GLY P 343 -41.20 -27.65 -32.61
C GLY P 343 -39.75 -27.31 -32.27
N GLU P 344 -38.96 -28.25 -31.75
CA GLU P 344 -37.49 -28.13 -31.71
C GLU P 344 -36.90 -28.49 -33.08
N SER P 345 -37.11 -29.72 -33.56
CA SER P 345 -36.42 -30.26 -34.73
C SER P 345 -36.86 -29.62 -36.05
N VAL P 346 -38.00 -28.94 -36.10
CA VAL P 346 -38.38 -28.10 -37.24
C VAL P 346 -37.37 -26.97 -37.46
N GLN P 347 -36.77 -26.45 -36.39
CA GLN P 347 -35.76 -25.39 -36.46
C GLN P 347 -34.42 -25.94 -37.01
N ASP P 348 -34.09 -27.18 -36.63
CA ASP P 348 -32.93 -27.92 -37.15
C ASP P 348 -33.08 -28.19 -38.67
N LEU P 349 -34.22 -28.75 -39.10
CA LEU P 349 -34.45 -29.07 -40.50
C LEU P 349 -34.56 -27.81 -41.38
N SER P 350 -35.35 -26.81 -40.95
CA SER P 350 -35.62 -25.58 -41.73
C SER P 350 -34.42 -24.63 -41.86
N SER P 351 -33.26 -25.05 -41.36
CA SER P 351 -31.96 -24.55 -41.77
C SER P 351 -31.75 -24.65 -43.29
N PHE P 352 -30.60 -24.20 -43.77
CA PHE P 352 -30.05 -24.74 -45.02
C PHE P 352 -29.99 -26.28 -44.98
N ASP P 353 -29.97 -26.92 -43.81
CA ASP P 353 -29.97 -28.37 -43.69
C ASP P 353 -31.17 -29.11 -44.28
N GLU P 354 -32.22 -28.45 -44.74
CA GLU P 354 -33.16 -29.11 -45.64
C GLU P 354 -32.44 -29.66 -46.90
N TYR P 355 -31.40 -28.96 -47.40
CA TYR P 355 -30.47 -29.47 -48.41
C TYR P 355 -29.63 -30.63 -47.88
N SER P 356 -29.09 -30.52 -46.67
CA SER P 356 -28.32 -31.60 -46.04
C SER P 356 -29.14 -32.89 -45.99
N SER P 357 -30.39 -32.81 -45.55
CA SER P 357 -31.31 -33.95 -45.54
C SER P 357 -31.64 -34.44 -46.95
N GLU P 358 -31.88 -33.57 -47.93
CA GLU P 358 -32.09 -33.99 -49.33
C GLU P 358 -30.88 -34.76 -49.87
N LEU P 359 -29.65 -34.37 -49.54
CA LEU P 359 -28.47 -35.17 -49.86
C LEU P 359 -28.45 -36.49 -49.06
N LYS P 360 -28.58 -36.43 -47.73
CA LYS P 360 -28.51 -37.62 -46.86
C LYS P 360 -29.52 -38.70 -47.24
N SER P 361 -30.73 -38.28 -47.59
CA SER P 361 -31.82 -39.14 -48.04
C SER P 361 -31.75 -39.49 -49.53
N GLY P 362 -30.90 -38.81 -50.29
CA GLY P 362 -30.80 -38.94 -51.75
C GLY P 362 -31.95 -38.27 -52.54
N ARG P 363 -32.83 -37.49 -51.89
CA ARG P 363 -33.92 -36.73 -52.52
C ARG P 363 -33.38 -35.44 -53.19
N LEU P 364 -32.45 -35.58 -54.13
CA LEU P 364 -32.02 -34.48 -55.01
C LEU P 364 -33.15 -34.08 -55.97
N GLU P 365 -33.48 -32.81 -56.01
CA GLU P 365 -34.53 -32.22 -56.85
C GLU P 365 -34.21 -30.75 -57.14
N TRP P 366 -34.91 -30.14 -58.10
CA TRP P 366 -34.99 -28.68 -58.25
C TRP P 366 -35.76 -28.00 -57.09
N SER P 367 -35.42 -28.30 -55.84
CA SER P 367 -36.03 -27.73 -54.64
C SER P 367 -35.62 -26.27 -54.42
N PRO P 368 -36.36 -25.48 -53.62
CA PRO P 368 -36.02 -24.09 -53.37
C PRO P 368 -34.62 -23.89 -52.79
N VAL P 369 -34.15 -24.82 -51.96
CA VAL P 369 -32.82 -24.71 -51.33
C VAL P 369 -31.70 -25.12 -52.28
N HIS P 370 -31.93 -26.05 -53.22
CA HIS P 370 -31.02 -26.24 -54.35
C HIS P 370 -30.97 -24.98 -55.24
N LYS P 371 -32.13 -24.45 -55.61
CA LYS P 371 -32.26 -23.34 -56.59
C LYS P 371 -31.80 -21.98 -56.07
N SER P 372 -32.05 -21.65 -54.80
CA SER P 372 -31.77 -20.32 -54.24
C SER P 372 -30.28 -20.03 -54.09
N GLU P 373 -29.83 -18.86 -54.58
CA GLU P 373 -28.43 -18.44 -54.50
C GLU P 373 -27.94 -18.25 -53.06
N LYS P 374 -28.81 -17.75 -52.17
CA LYS P 374 -28.50 -17.38 -50.78
C LYS P 374 -27.79 -18.51 -50.03
N PHE P 375 -28.26 -19.74 -50.18
CA PHE P 375 -27.67 -20.92 -49.55
C PHE P 375 -26.18 -21.03 -49.89
N TRP P 376 -25.86 -21.15 -51.19
CA TRP P 376 -24.49 -21.27 -51.69
C TRP P 376 -23.64 -20.05 -51.32
N ARG P 377 -24.20 -18.86 -51.53
CA ARG P 377 -23.57 -17.57 -51.25
C ARG P 377 -23.13 -17.42 -49.79
N GLU P 378 -23.85 -18.06 -48.87
CA GLU P 378 -23.55 -18.04 -47.43
C GLU P 378 -22.86 -19.32 -46.91
N ASN P 379 -22.95 -20.45 -47.60
CA ASN P 379 -22.58 -21.77 -47.03
C ASN P 379 -21.79 -22.72 -47.95
N ALA P 380 -21.45 -22.37 -49.21
CA ALA P 380 -20.94 -23.36 -50.17
C ALA P 380 -19.78 -24.24 -49.65
N VAL P 381 -18.83 -23.65 -48.92
CA VAL P 381 -17.71 -24.37 -48.27
C VAL P 381 -18.13 -25.61 -47.47
N ARG P 382 -19.33 -25.61 -46.86
CA ARG P 382 -19.85 -26.71 -46.03
C ARG P 382 -19.96 -28.04 -46.76
N LEU P 383 -19.87 -28.08 -48.09
CA LEU P 383 -19.81 -29.34 -48.83
C LEU P 383 -18.63 -30.23 -48.38
N ASN P 384 -17.59 -29.65 -47.79
CA ASN P 384 -16.47 -30.36 -47.16
C ASN P 384 -16.76 -30.95 -45.76
N GLU P 385 -17.92 -30.68 -45.14
CA GLU P 385 -18.19 -31.13 -43.77
C GLU P 385 -18.28 -32.65 -43.62
N LYS P 386 -18.05 -33.12 -42.39
CA LYS P 386 -18.14 -34.52 -41.95
C LYS P 386 -17.22 -35.44 -42.76
N ASN P 387 -15.98 -34.96 -42.98
CA ASN P 387 -15.01 -35.53 -43.93
C ASN P 387 -15.59 -35.63 -45.35
N TYR P 388 -15.95 -34.47 -45.91
CA TYR P 388 -16.40 -34.29 -47.30
C TYR P 388 -17.70 -35.05 -47.65
N GLU P 389 -18.56 -35.31 -46.67
CA GLU P 389 -19.73 -36.20 -46.84
C GLU P 389 -20.65 -35.74 -47.96
N LEU P 390 -20.94 -34.44 -48.04
CA LEU P 390 -21.85 -33.90 -49.05
C LEU P 390 -21.22 -33.97 -50.45
N LEU P 391 -19.93 -33.66 -50.57
CA LEU P 391 -19.17 -33.89 -51.80
C LEU P 391 -19.20 -35.36 -52.21
N LYS P 392 -18.96 -36.27 -51.27
CA LYS P 392 -18.96 -37.71 -51.51
C LYS P 392 -20.33 -38.19 -51.98
N ILE P 393 -21.41 -37.69 -51.38
CA ILE P 393 -22.78 -37.96 -51.83
C ILE P 393 -22.96 -37.49 -53.26
N LEU P 394 -22.69 -36.21 -53.55
CA LEU P 394 -22.88 -35.66 -54.89
C LEU P 394 -22.05 -36.41 -55.93
N THR P 395 -20.81 -36.75 -55.58
CA THR P 395 -19.92 -37.54 -56.43
C THR P 395 -20.51 -38.92 -56.68
N LYS P 396 -20.97 -39.63 -55.64
CA LYS P 396 -21.60 -40.94 -55.79
C LYS P 396 -22.87 -40.86 -56.64
N LEU P 397 -23.70 -39.84 -56.46
CA LEU P 397 -24.90 -39.65 -57.26
C LEU P 397 -24.56 -39.35 -58.73
N LEU P 398 -23.59 -38.49 -58.98
CA LEU P 398 -23.05 -38.27 -60.32
C LEU P 398 -22.35 -39.52 -60.89
N GLU P 399 -21.90 -40.45 -60.05
CA GLU P 399 -21.28 -41.70 -60.48
C GLU P 399 -22.32 -42.79 -60.83
N VAL P 400 -23.40 -42.94 -60.03
CA VAL P 400 -24.30 -44.11 -60.10
C VAL P 400 -25.80 -43.79 -60.17
N SER P 401 -26.25 -42.55 -60.04
CA SER P 401 -27.68 -42.24 -60.18
C SER P 401 -28.16 -42.49 -61.62
N ASP P 402 -29.41 -42.93 -61.75
CA ASP P 402 -30.13 -43.08 -63.01
C ASP P 402 -30.93 -41.82 -63.40
N ASP P 403 -31.22 -40.93 -62.45
CA ASP P 403 -32.17 -39.83 -62.65
C ASP P 403 -31.49 -38.60 -63.25
N PRO P 404 -31.85 -38.18 -64.48
CA PRO P 404 -31.30 -36.97 -65.08
C PRO P 404 -31.54 -35.72 -64.23
N GLN P 405 -32.65 -35.63 -63.50
CA GLN P 405 -32.86 -34.52 -62.57
C GLN P 405 -31.78 -34.55 -61.51
N VAL P 406 -31.55 -35.69 -60.86
CA VAL P 406 -30.52 -35.79 -59.82
C VAL P 406 -29.16 -35.44 -60.39
N LEU P 407 -28.83 -35.95 -61.58
CA LEU P 407 -27.55 -35.69 -62.22
C LEU P 407 -27.38 -34.20 -62.55
N ALA P 408 -28.40 -33.58 -63.15
CA ALA P 408 -28.38 -32.17 -63.49
C ALA P 408 -28.37 -31.27 -62.25
N VAL P 409 -29.17 -31.62 -61.24
CA VAL P 409 -29.19 -30.94 -59.95
C VAL P 409 -27.81 -31.02 -59.32
N ALA P 410 -27.19 -32.20 -59.31
CA ALA P 410 -25.86 -32.35 -58.78
C ALA P 410 -24.82 -31.54 -59.59
N ALA P 411 -24.93 -31.50 -60.92
CA ALA P 411 -24.05 -30.67 -61.71
C ALA P 411 -24.26 -29.17 -61.38
N HIS P 412 -25.51 -28.73 -61.23
CA HIS P 412 -25.84 -27.39 -60.78
C HIS P 412 -25.24 -27.10 -59.40
N ASP P 413 -25.39 -28.04 -58.47
CA ASP P 413 -24.81 -27.94 -57.13
C ASP P 413 -23.29 -27.78 -57.20
N VAL P 414 -22.61 -28.52 -58.08
CA VAL P 414 -21.17 -28.35 -58.31
C VAL P 414 -20.86 -26.99 -58.92
N GLY P 415 -21.66 -26.53 -59.86
CA GLY P 415 -21.50 -25.21 -60.47
C GLY P 415 -21.57 -24.09 -59.43
N GLU P 416 -22.62 -24.07 -58.60
CA GLU P 416 -22.72 -23.09 -57.53
C GLU P 416 -21.69 -23.30 -56.42
N TYR P 417 -21.32 -24.53 -56.07
CA TYR P 417 -20.23 -24.79 -55.13
C TYR P 417 -18.93 -24.10 -55.58
N VAL P 418 -18.52 -24.31 -56.84
CA VAL P 418 -17.32 -23.65 -57.37
C VAL P 418 -17.49 -22.14 -57.48
N ARG P 419 -18.68 -21.66 -57.87
CA ARG P 419 -18.98 -20.22 -57.99
C ARG P 419 -18.81 -19.49 -56.67
N HIS P 420 -19.30 -20.08 -55.57
CA HIS P 420 -19.36 -19.43 -54.25
C HIS P 420 -18.22 -19.83 -53.30
N TYR P 421 -17.45 -20.88 -53.60
CA TYR P 421 -16.27 -21.28 -52.84
C TYR P 421 -15.11 -21.64 -53.79
N PRO P 422 -14.17 -20.71 -54.07
CA PRO P 422 -13.13 -20.90 -55.07
C PRO P 422 -12.24 -22.11 -54.84
N ARG P 423 -11.84 -22.38 -53.59
CA ARG P 423 -11.09 -23.59 -53.21
C ARG P 423 -11.85 -24.88 -53.52
N GLY P 424 -13.17 -24.83 -53.60
CA GLY P 424 -14.02 -25.93 -54.04
C GLY P 424 -13.63 -26.46 -55.42
N LYS P 425 -13.13 -25.61 -56.33
CA LYS P 425 -12.56 -26.02 -57.61
C LYS P 425 -11.39 -26.98 -57.41
N ARG P 426 -10.43 -26.61 -56.56
CA ARG P 426 -9.30 -27.45 -56.19
C ARG P 426 -9.77 -28.76 -55.56
N VAL P 427 -10.76 -28.70 -54.67
CA VAL P 427 -11.28 -29.90 -53.99
C VAL P 427 -11.94 -30.87 -54.97
N ILE P 428 -12.80 -30.40 -55.89
CA ILE P 428 -13.37 -31.25 -56.96
C ILE P 428 -12.28 -31.81 -57.87
N GLU P 429 -11.24 -31.01 -58.17
CA GLU P 429 -10.09 -31.45 -58.96
C GLU P 429 -9.25 -32.52 -58.22
N GLN P 430 -9.10 -32.42 -56.91
CA GLN P 430 -8.42 -33.40 -56.06
C GLN P 430 -9.24 -34.69 -55.86
N LEU P 431 -10.56 -34.56 -55.72
CA LEU P 431 -11.49 -35.69 -55.66
C LEU P 431 -11.70 -36.37 -57.02
N GLY P 432 -11.37 -35.69 -58.12
CA GLY P 432 -11.60 -36.16 -59.50
C GLY P 432 -13.05 -36.06 -59.98
N GLY P 433 -13.96 -35.46 -59.19
CA GLY P 433 -15.39 -35.40 -59.48
C GLY P 433 -15.72 -34.72 -60.83
N LYS P 434 -14.84 -33.84 -61.30
CA LYS P 434 -14.89 -33.25 -62.64
C LYS P 434 -15.09 -34.29 -63.74
N GLN P 435 -14.49 -35.47 -63.63
CA GLN P 435 -14.60 -36.50 -64.66
C GLN P 435 -16.05 -36.91 -64.93
N LEU P 436 -16.85 -37.00 -63.87
CA LEU P 436 -18.27 -37.32 -63.99
C LEU P 436 -18.98 -36.23 -64.80
N VAL P 437 -18.75 -34.96 -64.46
CA VAL P 437 -19.35 -33.81 -65.15
C VAL P 437 -18.93 -33.77 -66.63
N MET P 438 -17.63 -33.97 -66.89
CA MET P 438 -17.09 -34.01 -68.25
C MET P 438 -17.62 -35.20 -69.07
N ASN P 439 -17.88 -36.36 -68.45
CA ASN P 439 -18.59 -37.46 -69.10
C ASN P 439 -20.06 -37.11 -69.38
N HIS P 440 -20.77 -36.51 -68.42
CA HIS P 440 -22.17 -36.15 -68.57
C HIS P 440 -22.43 -35.01 -69.55
N MET P 441 -21.38 -34.38 -70.09
CA MET P 441 -21.49 -33.54 -71.28
C MET P 441 -22.08 -34.29 -72.49
N HIS P 442 -21.89 -35.60 -72.57
CA HIS P 442 -22.53 -36.48 -73.57
C HIS P 442 -23.64 -37.37 -72.97
N HIS P 443 -24.25 -36.96 -71.85
CA HIS P 443 -25.44 -37.64 -71.30
C HIS P 443 -26.62 -37.59 -72.28
N GLU P 444 -27.52 -38.57 -72.23
CA GLU P 444 -28.69 -38.65 -73.11
C GLU P 444 -29.72 -37.52 -72.89
N ASP P 445 -29.71 -36.82 -71.76
CA ASP P 445 -30.64 -35.74 -71.44
C ASP P 445 -30.03 -34.35 -71.65
N GLN P 446 -30.70 -33.51 -72.44
CA GLN P 446 -30.30 -32.13 -72.64
C GLN P 446 -30.28 -31.31 -71.33
N GLN P 447 -31.15 -31.58 -70.36
CA GLN P 447 -31.07 -30.92 -69.04
C GLN P 447 -29.75 -31.28 -68.35
N VAL P 448 -29.35 -32.55 -68.35
CA VAL P 448 -28.06 -32.95 -67.81
C VAL P 448 -26.93 -32.33 -68.62
N ARG P 449 -26.93 -32.44 -69.95
CA ARG P 449 -25.87 -31.88 -70.79
C ARG P 449 -25.71 -30.37 -70.58
N TYR P 450 -26.81 -29.64 -70.46
CA TYR P 450 -26.79 -28.20 -70.19
C TYR P 450 -26.16 -27.91 -68.82
N ASN P 451 -26.62 -28.58 -67.77
CA ASN P 451 -26.07 -28.36 -66.44
C ASN P 451 -24.62 -28.83 -66.32
N ALA P 452 -24.23 -29.88 -67.04
CA ALA P 452 -22.86 -30.34 -67.14
C ALA P 452 -21.97 -29.28 -67.82
N LEU P 453 -22.39 -28.75 -68.96
CA LEU P 453 -21.69 -27.67 -69.64
C LEU P 453 -21.59 -26.43 -68.77
N LEU P 454 -22.68 -26.07 -68.08
CA LEU P 454 -22.73 -24.93 -67.19
C LEU P 454 -21.78 -25.12 -66.01
N ALA P 455 -21.73 -26.32 -65.45
CA ALA P 455 -20.75 -26.66 -64.44
C ALA P 455 -19.33 -26.60 -65.01
N VAL P 456 -19.05 -27.12 -66.21
CA VAL P 456 -17.74 -26.99 -66.86
C VAL P 456 -17.36 -25.53 -67.08
N GLN P 457 -18.31 -24.68 -67.48
CA GLN P 457 -18.12 -23.25 -67.56
C GLN P 457 -17.73 -22.68 -66.20
N LYS P 458 -18.52 -22.93 -65.17
CA LYS P 458 -18.26 -22.42 -63.81
C LYS P 458 -16.98 -23.02 -63.19
N LEU P 459 -16.54 -24.18 -63.65
CA LEU P 459 -15.33 -24.84 -63.21
C LEU P 459 -14.07 -24.31 -63.92
N MET P 460 -14.11 -24.13 -65.24
CA MET P 460 -12.92 -23.82 -66.05
C MET P 460 -12.83 -22.35 -66.52
N VAL P 461 -13.95 -21.63 -66.59
CA VAL P 461 -14.03 -20.24 -67.09
C VAL P 461 -14.29 -19.27 -65.93
N HIS P 462 -13.53 -18.17 -65.88
CA HIS P 462 -13.65 -17.16 -64.81
C HIS P 462 -14.96 -16.37 -64.85
N LEU Q 13 49.72 -6.39 -5.79
CA LEU Q 13 50.91 -7.08 -5.23
C LEU Q 13 51.70 -6.13 -4.32
N THR Q 14 52.19 -6.64 -3.18
CA THR Q 14 53.22 -5.91 -2.39
C THR Q 14 54.55 -5.90 -3.15
N SER Q 15 55.42 -4.93 -2.93
CA SER Q 15 56.68 -4.83 -3.70
C SER Q 15 57.57 -6.07 -3.55
N GLU Q 16 57.55 -6.70 -2.38
CA GLU Q 16 58.31 -7.93 -2.14
C GLU Q 16 57.85 -9.07 -3.06
N GLN Q 17 56.54 -9.19 -3.30
CA GLN Q 17 55.99 -10.13 -4.29
C GLN Q 17 56.29 -9.66 -5.71
N TYR Q 18 56.16 -8.37 -6.02
CA TYR Q 18 56.36 -7.83 -7.37
C TYR Q 18 57.78 -8.11 -7.88
N HIS Q 19 58.81 -7.78 -7.10
CA HIS Q 19 60.19 -8.05 -7.49
C HIS Q 19 60.51 -9.56 -7.50
N SER Q 20 59.85 -10.36 -6.68
CA SER Q 20 59.95 -11.83 -6.77
C SER Q 20 59.33 -12.39 -8.05
N GLN Q 21 58.32 -11.75 -8.63
CA GLN Q 21 57.78 -12.16 -9.93
C GLN Q 21 58.72 -11.75 -11.07
N VAL Q 22 59.40 -10.61 -10.99
CA VAL Q 22 60.42 -10.21 -11.98
C VAL Q 22 61.58 -11.21 -12.01
N VAL Q 23 62.15 -11.57 -10.87
CA VAL Q 23 63.20 -12.60 -10.80
C VAL Q 23 62.70 -13.94 -11.37
N GLY Q 24 61.43 -14.28 -11.11
CA GLY Q 24 60.78 -15.45 -11.69
C GLY Q 24 60.77 -15.42 -13.21
N LYS Q 25 60.26 -14.34 -13.83
CA LYS Q 25 60.14 -14.26 -15.30
C LYS Q 25 61.48 -14.17 -16.00
N ILE Q 26 62.48 -13.49 -15.42
CA ILE Q 26 63.85 -13.52 -15.94
C ILE Q 26 64.35 -14.98 -15.99
N GLY Q 27 64.07 -15.77 -14.96
CA GLY Q 27 64.37 -17.20 -14.95
C GLY Q 27 63.62 -18.00 -16.01
N TYR Q 28 62.31 -17.82 -16.14
CA TYR Q 28 61.52 -18.57 -17.11
C TYR Q 28 61.87 -18.25 -18.56
N ILE Q 29 62.18 -16.99 -18.88
CA ILE Q 29 62.64 -16.60 -20.21
C ILE Q 29 63.94 -17.32 -20.58
N ALA Q 30 64.88 -17.48 -19.65
CA ALA Q 30 66.07 -18.28 -19.89
C ALA Q 30 65.75 -19.76 -20.14
N ARG Q 31 64.89 -20.38 -19.32
CA ARG Q 31 64.47 -21.79 -19.52
C ARG Q 31 63.74 -22.00 -20.84
N CYS Q 32 62.90 -21.05 -21.26
CA CYS Q 32 62.27 -21.08 -22.58
C CYS Q 32 63.31 -20.97 -23.71
N MET Q 33 64.18 -19.97 -23.67
CA MET Q 33 65.14 -19.70 -24.75
C MET Q 33 66.05 -20.91 -24.99
N GLN Q 34 66.62 -21.47 -23.94
CA GLN Q 34 67.50 -22.65 -24.02
C GLN Q 34 66.78 -23.95 -24.42
N THR Q 35 65.45 -23.94 -24.56
CA THR Q 35 64.67 -25.06 -25.08
C THR Q 35 64.26 -24.83 -26.54
N ILE Q 36 64.02 -23.59 -26.99
CA ILE Q 36 63.82 -23.30 -28.41
C ILE Q 36 65.15 -23.47 -29.18
N ASP Q 37 66.25 -23.03 -28.59
CA ASP Q 37 67.57 -23.00 -29.23
C ASP Q 37 68.67 -23.46 -28.26
N PRO Q 38 68.94 -24.77 -28.17
CA PRO Q 38 69.91 -25.30 -27.21
C PRO Q 38 71.39 -25.05 -27.56
N GLU Q 39 71.72 -24.69 -28.80
CA GLU Q 39 73.12 -24.52 -29.26
C GLU Q 39 73.43 -23.17 -29.89
N ASN Q 40 72.71 -22.11 -29.50
CA ASN Q 40 72.93 -20.74 -29.97
C ASN Q 40 72.79 -20.60 -31.50
N ASN Q 41 71.95 -21.41 -32.12
CA ASN Q 41 71.72 -21.44 -33.56
C ASN Q 41 71.00 -20.18 -34.08
N LEU Q 42 70.21 -19.50 -33.25
CA LEU Q 42 69.22 -18.51 -33.71
C LEU Q 42 69.44 -17.11 -33.09
N LYS Q 43 70.62 -16.54 -33.36
CA LYS Q 43 71.09 -15.25 -32.82
C LYS Q 43 70.09 -14.10 -32.99
N LYS Q 44 69.37 -14.05 -34.11
CA LYS Q 44 68.36 -13.02 -34.41
C LYS Q 44 67.32 -12.85 -33.31
N ILE Q 45 66.88 -13.95 -32.69
CA ILE Q 45 65.96 -13.92 -31.55
C ILE Q 45 66.74 -13.61 -30.27
N ARG Q 46 67.88 -14.28 -30.02
CA ARG Q 46 68.64 -14.08 -28.77
C ARG Q 46 69.06 -12.63 -28.54
N GLU Q 47 69.31 -11.85 -29.59
CA GLU Q 47 69.54 -10.41 -29.48
C GLU Q 47 68.38 -9.67 -28.78
N ASP Q 48 67.13 -10.00 -29.10
CA ASP Q 48 65.93 -9.38 -28.51
C ASP Q 48 65.70 -9.76 -27.04
N TYR Q 49 66.54 -10.62 -26.47
CA TYR Q 49 66.49 -11.06 -25.07
C TYR Q 49 67.85 -10.94 -24.37
N GLN Q 50 68.87 -10.38 -25.02
CA GLN Q 50 70.22 -10.33 -24.45
C GLN Q 50 70.26 -9.60 -23.10
N ASP Q 51 69.52 -8.51 -22.97
CA ASP Q 51 69.35 -7.73 -21.75
C ASP Q 51 68.70 -8.52 -20.61
N VAL Q 52 67.93 -9.56 -20.92
CA VAL Q 52 67.38 -10.50 -19.93
C VAL Q 52 68.40 -11.60 -19.64
N LEU Q 53 68.94 -12.21 -20.68
CA LEU Q 53 69.84 -13.36 -20.60
C LEU Q 53 71.18 -13.04 -19.91
N ILE Q 54 71.66 -11.80 -19.90
CA ILE Q 54 72.81 -11.35 -19.09
C ILE Q 54 72.63 -11.65 -17.60
N TRP Q 55 71.40 -11.70 -17.08
CA TRP Q 55 71.08 -12.06 -15.69
C TRP Q 55 70.91 -13.57 -15.45
N ALA Q 56 71.08 -14.41 -16.47
CA ALA Q 56 70.74 -15.83 -16.41
C ALA Q 56 71.85 -16.75 -16.93
N GLU Q 57 72.58 -16.33 -17.97
CA GLU Q 57 73.74 -17.05 -18.52
C GLU Q 57 75.05 -16.75 -17.74
N LYS Q 58 74.92 -16.30 -16.48
CA LYS Q 58 75.95 -16.09 -15.45
C LYS Q 58 75.28 -16.22 -14.07
N ASN Q 59 76.02 -16.51 -12.99
CA ASN Q 59 75.44 -16.75 -11.66
C ASN Q 59 75.05 -15.44 -10.92
N TYR Q 60 73.87 -15.40 -10.32
CA TYR Q 60 73.38 -14.30 -9.46
C TYR Q 60 72.46 -14.79 -8.30
N ARG Q 61 72.59 -16.05 -7.87
CA ARG Q 61 72.05 -16.65 -6.63
C ARG Q 61 70.52 -16.67 -6.40
N PHE Q 62 69.74 -15.93 -7.18
CA PHE Q 62 68.42 -15.35 -6.90
C PHE Q 62 68.53 -14.00 -6.21
N GLU Q 63 69.12 -13.92 -5.01
CA GLU Q 63 69.03 -12.69 -4.20
C GLU Q 63 69.82 -11.52 -4.80
N GLU Q 64 70.86 -11.77 -5.58
CA GLU Q 64 71.55 -10.68 -6.28
C GLU Q 64 70.70 -10.14 -7.44
N ILE Q 65 69.91 -10.98 -8.11
CA ILE Q 65 68.91 -10.51 -9.07
C ILE Q 65 67.81 -9.72 -8.34
N LEU Q 66 67.32 -10.23 -7.21
CA LEU Q 66 66.24 -9.57 -6.47
C LEU Q 66 66.63 -8.15 -6.04
N GLU Q 67 67.81 -7.98 -5.45
CA GLU Q 67 68.28 -6.64 -5.09
C GLU Q 67 68.61 -5.79 -6.32
N ALA Q 68 69.11 -6.36 -7.42
CA ALA Q 68 69.27 -5.62 -8.67
C ALA Q 68 67.92 -5.17 -9.27
N SER Q 69 66.88 -5.98 -9.13
CA SER Q 69 65.51 -5.68 -9.57
C SER Q 69 64.90 -4.54 -8.75
N LYS Q 70 65.03 -4.61 -7.42
CA LYS Q 70 64.65 -3.50 -6.53
C LYS Q 70 65.43 -2.23 -6.85
N SER Q 71 66.70 -2.36 -7.20
CA SER Q 71 67.57 -1.24 -7.59
C SER Q 71 67.27 -0.66 -8.98
N GLY Q 72 66.40 -1.32 -9.77
CA GLY Q 72 66.06 -0.88 -11.13
C GLY Q 72 67.13 -1.15 -12.19
N LYS Q 73 68.12 -2.00 -11.90
CA LYS Q 73 69.21 -2.33 -12.83
C LYS Q 73 68.78 -3.32 -13.91
N CYS Q 74 67.99 -4.33 -13.54
CA CYS Q 74 67.37 -5.28 -14.45
C CYS Q 74 66.26 -4.62 -15.29
N PRO Q 75 65.79 -5.24 -16.38
CA PRO Q 75 64.41 -5.00 -16.81
C PRO Q 75 63.50 -5.39 -15.63
N ASN Q 76 62.58 -4.52 -15.24
CA ASN Q 76 61.69 -4.78 -14.09
C ASN Q 76 60.25 -4.30 -14.29
N ASP Q 77 59.86 -3.93 -15.51
CA ASP Q 77 58.44 -3.78 -15.87
C ASP Q 77 57.83 -5.16 -16.13
N LEU Q 78 57.01 -5.63 -15.18
CA LEU Q 78 56.42 -6.95 -15.21
C LEU Q 78 55.49 -7.17 -16.42
N ASP Q 79 54.90 -6.11 -16.98
CA ASP Q 79 54.06 -6.24 -18.17
C ASP Q 79 54.91 -6.43 -19.43
N ALA Q 80 56.00 -5.68 -19.57
CA ALA Q 80 56.92 -5.87 -20.67
C ALA Q 80 57.53 -7.27 -20.62
N LEU Q 81 58.00 -7.71 -19.45
CA LEU Q 81 58.48 -9.07 -19.27
C LEU Q 81 57.39 -10.11 -19.56
N SER Q 82 56.12 -9.85 -19.26
CA SER Q 82 55.04 -10.78 -19.57
C SER Q 82 54.79 -10.90 -21.07
N ARG Q 83 54.81 -9.81 -21.84
CA ARG Q 83 54.70 -9.90 -23.31
C ARG Q 83 55.92 -10.59 -23.91
N ARG Q 84 57.12 -10.20 -23.51
CA ARG Q 84 58.37 -10.83 -23.97
C ARG Q 84 58.40 -12.33 -23.64
N SER Q 85 57.92 -12.73 -22.47
CA SER Q 85 57.73 -14.11 -22.05
C SER Q 85 56.73 -14.85 -22.93
N LEU Q 86 55.54 -14.29 -23.17
CA LEU Q 86 54.51 -14.91 -23.98
C LEU Q 86 54.96 -15.12 -25.43
N ILE Q 87 55.71 -14.17 -25.98
CA ILE Q 87 56.27 -14.25 -27.33
C ILE Q 87 57.26 -15.42 -27.49
N LEU Q 88 58.07 -15.77 -26.48
CA LEU Q 88 58.79 -17.04 -26.49
C LEU Q 88 57.86 -18.23 -26.27
N GLN Q 89 56.95 -18.16 -25.29
CA GLN Q 89 56.15 -19.31 -24.88
C GLN Q 89 55.31 -19.87 -26.02
N GLU Q 90 54.56 -19.04 -26.75
CA GLU Q 90 53.70 -19.54 -27.82
C GLU Q 90 54.50 -19.99 -29.05
N LEU Q 91 55.77 -19.57 -29.18
CA LEU Q 91 56.69 -20.12 -30.18
C LEU Q 91 57.27 -21.46 -29.73
N LEU Q 92 57.64 -21.60 -28.45
CA LEU Q 92 58.04 -22.89 -27.88
C LEU Q 92 56.89 -23.89 -27.89
N ARG Q 93 55.63 -23.46 -27.74
CA ARG Q 93 54.46 -24.32 -27.97
C ARG Q 93 54.47 -24.88 -29.38
N LEU Q 94 54.62 -24.03 -30.41
CA LEU Q 94 54.71 -24.49 -31.80
C LEU Q 94 55.85 -25.50 -31.98
N VAL Q 95 57.07 -25.15 -31.56
CA VAL Q 95 58.24 -26.05 -31.64
C VAL Q 95 58.04 -27.36 -30.89
N SER Q 96 57.37 -27.36 -29.74
CA SER Q 96 57.13 -28.54 -28.91
C SER Q 96 55.94 -29.38 -29.36
N SER Q 97 55.01 -28.80 -30.13
CA SER Q 97 53.80 -29.48 -30.61
C SER Q 97 54.01 -30.26 -31.91
N ILE Q 98 55.26 -30.38 -32.37
CA ILE Q 98 55.64 -31.03 -33.62
C ILE Q 98 56.88 -31.88 -33.32
N SER Q 99 56.70 -33.19 -33.10
CA SER Q 99 57.75 -34.05 -32.55
C SER Q 99 58.89 -34.35 -33.54
N PRO Q 100 58.68 -35.01 -34.70
CA PRO Q 100 59.76 -35.28 -35.64
C PRO Q 100 60.06 -34.10 -36.60
N PHE Q 101 59.03 -33.37 -37.04
CA PHE Q 101 59.12 -32.45 -38.19
C PHE Q 101 59.69 -31.06 -37.82
N LYS Q 102 60.96 -30.98 -37.40
CA LYS Q 102 61.62 -29.70 -37.05
C LYS Q 102 61.59 -28.69 -38.21
N MET Q 103 61.18 -27.45 -37.92
CA MET Q 103 61.06 -26.36 -38.91
C MET Q 103 62.42 -25.82 -39.38
N LYS Q 104 62.45 -25.22 -40.57
CA LYS Q 104 63.56 -24.41 -41.06
C LYS Q 104 63.66 -23.08 -40.30
N LEU Q 105 64.88 -22.59 -40.06
CA LEU Q 105 65.10 -21.44 -39.17
C LEU Q 105 64.48 -20.14 -39.68
N ASP Q 106 64.34 -19.96 -40.99
CA ASP Q 106 63.63 -18.81 -41.55
C ASP Q 106 62.12 -18.87 -41.27
N LEU Q 107 61.51 -20.06 -41.22
CA LEU Q 107 60.14 -20.21 -40.75
C LEU Q 107 60.03 -19.88 -39.26
N ILE Q 108 61.00 -20.30 -38.42
CA ILE Q 108 61.02 -19.90 -37.01
C ILE Q 108 61.12 -18.38 -36.89
N GLU Q 109 62.06 -17.74 -37.58
CA GLU Q 109 62.23 -16.29 -37.59
C GLU Q 109 60.96 -15.57 -38.06
N SER Q 110 60.32 -16.07 -39.13
CA SER Q 110 59.05 -15.55 -39.63
C SER Q 110 57.94 -15.64 -38.59
N GLN Q 111 57.75 -16.82 -37.97
CA GLN Q 111 56.74 -16.98 -36.94
C GLN Q 111 57.04 -16.10 -35.72
N TYR Q 112 58.30 -16.05 -35.25
CA TYR Q 112 58.69 -15.15 -34.18
C TYR Q 112 58.32 -13.70 -34.48
N GLU Q 113 58.65 -13.22 -35.67
CA GLU Q 113 58.32 -11.85 -36.06
C GLU Q 113 56.81 -11.63 -36.06
N LYS Q 114 56.03 -12.61 -36.54
CA LYS Q 114 54.57 -12.56 -36.46
C LYS Q 114 54.07 -12.51 -35.01
N MET Q 115 54.74 -13.17 -34.05
CA MET Q 115 54.43 -13.02 -32.63
C MET Q 115 54.69 -11.57 -32.20
N LYS Q 116 55.91 -11.08 -32.44
CA LYS Q 116 56.40 -9.78 -31.99
C LYS Q 116 55.56 -8.62 -32.53
N GLN Q 117 55.04 -8.74 -33.75
CA GLN Q 117 54.16 -7.75 -34.38
C GLN Q 117 52.68 -7.81 -33.94
N HIS Q 118 52.19 -8.89 -33.33
CA HIS Q 118 50.77 -9.03 -32.98
C HIS Q 118 50.35 -8.05 -31.85
N VAL Q 119 49.10 -7.58 -31.89
CA VAL Q 119 48.55 -6.65 -30.88
C VAL Q 119 48.33 -7.31 -29.52
N ASN Q 120 47.80 -8.54 -29.51
CA ASN Q 120 47.48 -9.30 -28.30
C ASN Q 120 47.45 -10.80 -28.62
N LEU Q 121 48.56 -11.50 -28.36
CA LEU Q 121 48.74 -12.87 -28.85
C LEU Q 121 47.72 -13.86 -28.26
N TRP Q 122 47.19 -13.62 -27.06
CA TRP Q 122 46.11 -14.41 -26.48
C TRP Q 122 44.80 -14.36 -27.28
N LYS Q 123 44.54 -13.27 -28.02
CA LYS Q 123 43.38 -13.16 -28.91
C LYS Q 123 43.62 -13.78 -30.29
N SER Q 124 44.86 -14.15 -30.61
CA SER Q 124 45.24 -14.50 -31.99
C SER Q 124 44.65 -15.82 -32.47
N ASP Q 125 44.33 -15.90 -33.77
CA ASP Q 125 43.99 -17.16 -34.41
C ASP Q 125 45.17 -18.15 -34.39
N TYR Q 126 46.41 -17.64 -34.34
CA TYR Q 126 47.60 -18.46 -34.09
C TYR Q 126 47.49 -19.24 -32.77
N HIS Q 127 47.16 -18.56 -31.68
CA HIS Q 127 46.99 -19.17 -30.39
C HIS Q 127 45.85 -20.18 -30.41
N VAL Q 128 44.71 -19.84 -31.03
CA VAL Q 128 43.60 -20.79 -31.21
C VAL Q 128 44.04 -22.04 -31.96
N LYS Q 129 44.76 -21.90 -33.08
CA LYS Q 129 45.27 -23.05 -33.83
C LYS Q 129 46.21 -23.91 -32.99
N LEU Q 130 47.07 -23.31 -32.16
CA LEU Q 130 47.90 -24.10 -31.25
C LEU Q 130 47.06 -24.81 -30.18
N ASN Q 131 45.98 -24.19 -29.70
CA ASN Q 131 45.07 -24.85 -28.76
C ASN Q 131 44.42 -26.06 -29.42
N GLN Q 132 43.98 -25.95 -30.67
CA GLN Q 132 43.40 -27.07 -31.42
C GLN Q 132 44.42 -28.18 -31.69
N LEU Q 133 45.67 -27.83 -32.03
CA LEU Q 133 46.75 -28.80 -32.23
C LEU Q 133 47.10 -29.56 -30.94
N ASN Q 134 47.22 -28.86 -29.80
CA ASN Q 134 47.43 -29.53 -28.51
C ASN Q 134 46.21 -30.34 -28.06
N GLN Q 135 44.98 -29.87 -28.29
CA GLN Q 135 43.76 -30.60 -27.94
C GLN Q 135 43.70 -31.96 -28.63
N LEU Q 136 44.03 -32.01 -29.92
CA LEU Q 136 44.16 -33.28 -30.66
C LEU Q 136 45.29 -34.13 -30.10
N THR Q 137 46.47 -33.55 -29.88
CA THR Q 137 47.66 -34.30 -29.44
C THR Q 137 47.51 -34.88 -28.04
N ASP Q 138 46.87 -34.16 -27.11
CA ASP Q 138 46.64 -34.63 -25.75
C ASP Q 138 45.64 -35.78 -25.66
N TYR Q 139 44.65 -35.87 -26.56
CA TYR Q 139 43.72 -36.98 -26.59
C TYR Q 139 44.40 -38.31 -26.95
N LEU Q 140 45.21 -38.33 -28.02
CA LEU Q 140 45.88 -39.54 -28.51
C LEU Q 140 47.25 -39.82 -27.90
N LYS Q 141 47.67 -39.06 -26.88
CA LYS Q 141 48.96 -39.26 -26.18
C LYS Q 141 49.04 -40.63 -25.49
N ASN Q 142 47.91 -41.14 -25.00
CA ASN Q 142 47.74 -42.47 -24.43
C ASN Q 142 46.33 -43.00 -24.76
N ALA Q 143 46.21 -43.93 -25.71
CA ALA Q 143 44.94 -44.47 -26.18
C ALA Q 143 45.07 -45.88 -26.79
N ALA Q 144 43.98 -46.65 -26.79
CA ALA Q 144 43.88 -47.95 -27.44
C ALA Q 144 43.88 -47.83 -29.00
N PRO Q 145 44.35 -48.84 -29.76
CA PRO Q 145 44.46 -48.80 -31.22
C PRO Q 145 43.12 -49.00 -31.96
N THR Q 146 42.07 -48.28 -31.56
CA THR Q 146 40.75 -48.30 -32.22
C THR Q 146 40.80 -47.64 -33.61
N PRO Q 147 39.78 -47.87 -34.47
CA PRO Q 147 39.70 -47.20 -35.76
C PRO Q 147 39.77 -45.67 -35.63
N LYS Q 148 38.93 -45.08 -34.75
CA LYS Q 148 38.97 -43.63 -34.44
C LYS Q 148 40.39 -43.18 -34.09
N ASN Q 149 41.07 -43.88 -33.19
CA ASN Q 149 42.37 -43.42 -32.73
C ASN Q 149 43.46 -43.58 -33.80
N ASN Q 150 43.44 -44.65 -34.60
CA ASN Q 150 44.38 -44.83 -35.69
C ASN Q 150 44.17 -43.80 -36.81
N PHE Q 151 42.92 -43.53 -37.20
CA PHE Q 151 42.59 -42.47 -38.17
C PHE Q 151 43.06 -41.10 -37.68
N LEU Q 152 42.82 -40.80 -36.41
CA LEU Q 152 43.18 -39.52 -35.82
C LEU Q 152 44.71 -39.36 -35.72
N ARG Q 153 45.44 -40.42 -35.38
CA ARG Q 153 46.92 -40.43 -35.38
C ARG Q 153 47.49 -40.20 -36.78
N ALA Q 154 46.89 -40.81 -37.80
CA ALA Q 154 47.27 -40.59 -39.18
C ALA Q 154 47.05 -39.12 -39.58
N MET Q 155 45.84 -38.59 -39.40
CA MET Q 155 45.52 -37.20 -39.73
C MET Q 155 46.37 -36.19 -38.96
N THR Q 156 46.62 -36.43 -37.67
CA THR Q 156 47.44 -35.53 -36.84
C THR Q 156 48.89 -35.54 -37.26
N SER Q 157 49.43 -36.68 -37.69
CA SER Q 157 50.81 -36.74 -38.19
C SER Q 157 50.99 -35.90 -39.45
N VAL Q 158 50.04 -35.98 -40.38
CA VAL Q 158 50.05 -35.13 -41.57
C VAL Q 158 49.87 -33.66 -41.20
N LEU Q 159 48.98 -33.34 -40.25
CA LEU Q 159 48.78 -31.96 -39.82
C LEU Q 159 50.05 -31.35 -39.24
N GLN Q 160 50.76 -32.07 -38.37
CA GLN Q 160 52.05 -31.62 -37.84
C GLN Q 160 53.07 -31.45 -38.97
N MET Q 161 53.15 -32.39 -39.91
CA MET Q 161 54.06 -32.29 -41.05
C MET Q 161 53.76 -31.06 -41.92
N GLN Q 162 52.49 -30.78 -42.18
CA GLN Q 162 52.12 -29.63 -42.99
C GLN Q 162 52.31 -28.31 -42.25
N ILE Q 163 52.01 -28.25 -40.94
CA ILE Q 163 52.34 -27.07 -40.13
C ILE Q 163 53.85 -26.84 -40.10
N ALA Q 164 54.66 -27.90 -40.04
CA ALA Q 164 56.12 -27.78 -40.12
C ALA Q 164 56.61 -27.22 -41.47
N GLN Q 165 55.81 -27.31 -42.53
CA GLN Q 165 56.08 -26.70 -43.82
C GLN Q 165 55.56 -25.26 -43.91
N TYR Q 166 54.33 -25.01 -43.49
CA TYR Q 166 53.62 -23.74 -43.72
C TYR Q 166 53.63 -22.75 -42.55
N GLY Q 167 54.00 -23.19 -41.34
CA GLY Q 167 53.73 -22.45 -40.11
C GLY Q 167 52.25 -22.48 -39.71
N ILE Q 168 51.91 -21.73 -38.66
CA ILE Q 168 50.55 -21.61 -38.13
C ILE Q 168 49.84 -20.36 -38.66
N THR Q 169 50.57 -19.24 -38.82
CA THR Q 169 49.96 -17.92 -39.11
C THR Q 169 49.33 -17.80 -40.49
N GLU Q 170 49.71 -18.66 -41.43
CA GLU Q 170 49.30 -18.56 -42.83
C GLU Q 170 48.16 -19.53 -43.15
N ASP Q 171 47.08 -19.01 -43.75
CA ASP Q 171 45.84 -19.74 -43.99
C ASP Q 171 45.89 -20.63 -45.23
N ASN Q 172 46.83 -21.57 -45.23
CA ASN Q 172 46.82 -22.73 -46.11
C ASN Q 172 45.54 -23.55 -45.89
N GLU Q 173 44.76 -23.76 -46.95
CA GLU Q 173 43.47 -24.45 -46.88
C GLU Q 173 43.61 -25.91 -46.47
N GLY Q 174 44.76 -26.54 -46.72
CA GLY Q 174 45.07 -27.89 -46.28
C GLY Q 174 45.01 -28.01 -44.76
N ILE Q 175 45.86 -27.28 -44.04
CA ILE Q 175 45.85 -27.32 -42.57
C ILE Q 175 44.55 -26.75 -42.01
N ASN Q 176 44.04 -25.63 -42.55
CA ASN Q 176 42.80 -25.02 -42.08
C ASN Q 176 41.56 -25.92 -42.28
N GLN Q 177 41.62 -26.95 -43.12
CA GLN Q 177 40.56 -27.97 -43.22
C GLN Q 177 40.89 -29.22 -42.41
N LEU Q 178 42.15 -29.65 -42.40
CA LEU Q 178 42.58 -30.82 -41.65
C LEU Q 178 42.39 -30.65 -40.13
N PHE Q 179 42.48 -29.42 -39.62
CA PHE Q 179 42.00 -29.07 -38.28
C PHE Q 179 40.53 -29.46 -38.10
N LYS Q 180 39.63 -29.02 -38.99
CA LYS Q 180 38.19 -29.32 -38.87
C LYS Q 180 37.92 -30.83 -38.91
N LEU Q 181 38.59 -31.53 -39.83
CA LEU Q 181 38.42 -32.98 -39.98
C LEU Q 181 38.87 -33.73 -38.72
N GLY Q 182 40.06 -33.42 -38.20
CA GLY Q 182 40.58 -34.05 -37.00
C GLY Q 182 39.71 -33.77 -35.78
N LEU Q 183 39.35 -32.50 -35.56
CA LEU Q 183 38.49 -32.10 -34.44
C LEU Q 183 37.11 -32.75 -34.53
N HIS Q 184 36.53 -32.87 -35.73
CA HIS Q 184 35.24 -33.53 -35.89
C HIS Q 184 35.33 -35.01 -35.55
N LEU Q 185 36.38 -35.72 -36.00
CA LEU Q 185 36.58 -37.12 -35.59
C LEU Q 185 36.81 -37.27 -34.09
N LEU Q 186 37.60 -36.39 -33.47
CA LEU Q 186 37.80 -36.40 -32.03
C LEU Q 186 36.47 -36.20 -31.30
N ALA Q 187 35.63 -35.27 -31.77
CA ALA Q 187 34.33 -35.00 -31.18
C ALA Q 187 33.28 -36.09 -31.48
N MET Q 188 33.52 -36.92 -32.49
CA MET Q 188 32.60 -37.97 -32.91
C MET Q 188 32.53 -39.12 -31.89
N ALA Q 189 31.33 -39.63 -31.61
CA ALA Q 189 31.13 -40.71 -30.65
C ALA Q 189 31.97 -41.95 -30.99
N ASN Q 190 32.62 -42.53 -29.98
CA ASN Q 190 33.52 -43.68 -30.15
C ASN Q 190 32.81 -44.93 -30.72
N GLU Q 191 31.51 -45.09 -30.46
CA GLU Q 191 30.69 -46.20 -30.97
C GLU Q 191 30.31 -46.05 -32.46
N LYS Q 192 30.34 -44.84 -33.02
CA LYS Q 192 29.91 -44.55 -34.40
C LYS Q 192 30.96 -44.91 -35.46
N ILE Q 193 31.40 -46.16 -35.48
CA ILE Q 193 32.45 -46.62 -36.41
C ILE Q 193 32.10 -46.31 -37.87
N ASP Q 194 30.85 -46.47 -38.29
CA ASP Q 194 30.45 -46.15 -39.66
C ASP Q 194 30.72 -44.69 -40.04
N GLU Q 195 30.45 -43.75 -39.14
CA GLU Q 195 30.73 -42.33 -39.41
C GLU Q 195 32.23 -42.03 -39.30
N GLN Q 196 32.97 -42.74 -38.45
CA GLN Q 196 34.43 -42.59 -38.35
C GLN Q 196 35.12 -43.07 -39.65
N TYR Q 197 34.76 -44.26 -40.14
CA TYR Q 197 35.21 -44.78 -41.43
C TYR Q 197 34.79 -43.85 -42.57
N HIS Q 198 33.53 -43.37 -42.58
CA HIS Q 198 33.07 -42.45 -43.62
C HIS Q 198 33.87 -41.14 -43.64
N LEU Q 199 34.10 -40.53 -42.47
CA LEU Q 199 34.87 -39.29 -42.35
C LEU Q 199 36.32 -39.48 -42.81
N PHE Q 200 37.00 -40.52 -42.31
CA PHE Q 200 38.39 -40.77 -42.68
C PHE Q 200 38.55 -41.13 -44.17
N LYS Q 201 37.67 -41.97 -44.72
CA LYS Q 201 37.63 -42.26 -46.16
C LYS Q 201 37.38 -40.98 -46.96
N GLY Q 202 36.47 -40.12 -46.50
CA GLY Q 202 36.19 -38.82 -47.09
C GLY Q 202 37.45 -37.96 -47.22
N TYR Q 203 38.23 -37.83 -46.14
CA TYR Q 203 39.51 -37.11 -46.18
C TYR Q 203 40.47 -37.71 -47.21
N VAL Q 204 40.74 -39.01 -47.15
CA VAL Q 204 41.75 -39.64 -48.00
C VAL Q 204 41.35 -39.59 -49.48
N LYS Q 205 40.04 -39.67 -49.78
CA LYS Q 205 39.50 -39.47 -51.12
C LYS Q 205 39.63 -38.02 -51.60
N ASP Q 206 39.37 -37.05 -50.71
CA ASP Q 206 39.41 -35.62 -51.05
C ASP Q 206 40.82 -35.04 -51.16
N GLN Q 207 41.80 -35.57 -50.44
CA GLN Q 207 43.18 -35.06 -50.44
C GLN Q 207 43.82 -35.16 -51.84
N PRO Q 208 44.52 -34.11 -52.34
CA PRO Q 208 45.16 -34.15 -53.66
C PRO Q 208 46.23 -35.25 -53.83
N GLU Q 209 47.02 -35.53 -52.80
CA GLU Q 209 48.03 -36.60 -52.81
C GLU Q 209 47.43 -38.00 -53.03
N GLU Q 210 48.11 -38.82 -53.83
CA GLU Q 210 47.69 -40.20 -54.11
C GLU Q 210 47.94 -41.16 -52.93
N SER Q 211 48.89 -40.83 -52.05
CA SER Q 211 49.25 -41.61 -50.86
C SER Q 211 49.85 -40.70 -49.77
N PRO Q 212 49.04 -39.83 -49.13
CA PRO Q 212 49.55 -38.76 -48.26
C PRO Q 212 50.38 -39.27 -47.08
N PHE Q 213 50.01 -40.40 -46.49
CA PHE Q 213 50.67 -40.95 -45.28
C PHE Q 213 52.06 -41.51 -45.54
N GLU Q 214 52.43 -41.78 -46.80
CA GLU Q 214 53.62 -42.54 -47.18
C GLU Q 214 54.91 -41.90 -46.64
N GLY Q 215 55.60 -42.60 -45.74
CA GLY Q 215 56.85 -42.14 -45.13
C GLY Q 215 56.69 -41.06 -44.04
N ILE Q 216 55.50 -40.46 -43.90
CA ILE Q 216 55.13 -39.64 -42.74
C ILE Q 216 54.87 -40.57 -41.55
N LEU Q 217 54.07 -41.62 -41.78
CA LEU Q 217 53.78 -42.67 -40.81
C LEU Q 217 54.89 -43.73 -40.74
N PRO Q 218 55.04 -44.47 -39.63
CA PRO Q 218 55.79 -45.74 -39.61
C PRO Q 218 55.13 -46.77 -40.53
N ALA Q 219 55.90 -47.49 -41.35
CA ALA Q 219 55.37 -48.46 -42.31
C ALA Q 219 54.54 -49.59 -41.65
N GLU Q 220 54.88 -49.97 -40.43
CA GLU Q 220 54.10 -50.93 -39.63
C GLU Q 220 52.70 -50.38 -39.34
N ASP Q 221 52.60 -49.11 -38.95
CA ASP Q 221 51.31 -48.47 -38.71
C ASP Q 221 50.56 -48.21 -40.02
N GLN Q 222 51.25 -47.89 -41.13
CA GLN Q 222 50.61 -47.86 -42.45
C GLN Q 222 49.96 -49.22 -42.78
N LYS Q 223 50.68 -50.34 -42.59
CA LYS Q 223 50.15 -51.69 -42.83
C LYS Q 223 48.97 -52.00 -41.91
N ILE Q 224 49.05 -51.66 -40.63
CA ILE Q 224 47.94 -51.83 -39.68
C ILE Q 224 46.75 -50.97 -40.07
N LEU Q 225 46.97 -49.75 -40.55
CA LEU Q 225 45.93 -48.82 -41.00
C LEU Q 225 45.27 -49.33 -42.29
N VAL Q 226 46.02 -49.87 -43.25
CA VAL Q 226 45.48 -50.59 -44.41
C VAL Q 226 44.62 -51.77 -43.93
N LYS Q 227 45.15 -52.60 -43.04
CA LYS Q 227 44.38 -53.72 -42.47
C LYS Q 227 43.12 -53.23 -41.77
N THR Q 228 43.18 -52.10 -41.08
CA THR Q 228 42.02 -51.48 -40.42
C THR Q 228 40.94 -51.09 -41.45
N MET Q 229 41.30 -50.65 -42.66
CA MET Q 229 40.33 -50.47 -43.74
C MET Q 229 39.78 -51.81 -44.24
N ILE Q 230 40.65 -52.79 -44.53
CA ILE Q 230 40.24 -54.11 -45.02
C ILE Q 230 39.29 -54.82 -44.02
N ASP Q 231 39.58 -54.74 -42.72
CA ASP Q 231 38.80 -55.35 -41.64
C ASP Q 231 37.34 -54.86 -41.58
N TYR Q 232 37.08 -53.63 -42.02
CA TYR Q 232 35.74 -53.05 -42.10
C TYR Q 232 35.06 -53.32 -43.45
N ALA Q 233 35.83 -53.36 -44.53
CA ALA Q 233 35.33 -53.66 -45.87
C ALA Q 233 34.95 -55.15 -46.04
N MET Q 234 35.68 -56.08 -45.44
CA MET Q 234 35.54 -57.52 -45.63
C MET Q 234 34.19 -58.15 -45.18
N PRO Q 235 33.64 -57.87 -43.98
CA PRO Q 235 32.41 -58.53 -43.52
C PRO Q 235 31.18 -58.17 -44.37
N LYS Q 236 30.26 -59.13 -44.50
CA LYS Q 236 28.96 -59.01 -45.19
C LYS Q 236 29.03 -58.68 -46.69
N LEU Q 237 30.18 -58.87 -47.35
CA LEU Q 237 30.29 -58.83 -48.81
C LEU Q 237 29.59 -60.02 -49.47
N SER Q 238 28.79 -59.76 -50.50
CA SER Q 238 27.90 -60.73 -51.16
C SER Q 238 28.55 -61.99 -51.73
N SER Q 239 29.85 -61.96 -52.08
CA SER Q 239 30.48 -63.04 -52.86
C SER Q 239 31.93 -63.34 -52.43
N LYS Q 240 32.26 -64.63 -52.35
CA LYS Q 240 33.59 -65.12 -51.93
C LYS Q 240 34.70 -64.74 -52.92
N VAL Q 241 34.42 -64.76 -54.23
CA VAL Q 241 35.40 -64.33 -55.26
C VAL Q 241 35.81 -62.87 -55.06
N LEU Q 242 34.85 -61.98 -54.77
CA LEU Q 242 35.17 -60.58 -54.53
C LEU Q 242 35.77 -60.33 -53.13
N GLN Q 243 35.41 -61.12 -52.11
CA GLN Q 243 36.16 -61.15 -50.85
C GLN Q 243 37.62 -61.55 -51.08
N ASP Q 244 37.88 -62.53 -51.94
CA ASP Q 244 39.24 -62.92 -52.32
C ASP Q 244 39.95 -61.81 -53.11
N LYS Q 245 39.26 -61.05 -53.95
CA LYS Q 245 39.84 -59.85 -54.56
C LYS Q 245 40.15 -58.77 -53.52
N LEU Q 246 39.31 -58.58 -52.50
CA LEU Q 246 39.66 -57.70 -51.38
C LEU Q 246 40.89 -58.23 -50.60
N SER Q 247 40.99 -59.54 -50.43
CA SER Q 247 42.19 -60.17 -49.86
C SER Q 247 43.42 -59.92 -50.75
N ALA Q 248 43.29 -59.92 -52.07
CA ALA Q 248 44.37 -59.52 -52.98
C ALA Q 248 44.74 -58.03 -52.80
N LEU Q 249 43.75 -57.13 -52.67
CA LEU Q 249 44.01 -55.71 -52.39
C LEU Q 249 44.70 -55.51 -51.02
N SER Q 250 44.47 -56.39 -50.04
CA SER Q 250 45.14 -56.36 -48.73
C SER Q 250 46.66 -56.61 -48.78
N SER Q 251 47.22 -56.96 -49.94
CA SER Q 251 48.68 -57.01 -50.16
C SER Q 251 49.38 -55.64 -50.06
N SER Q 252 48.66 -54.52 -50.11
CA SER Q 252 49.22 -53.18 -49.91
C SER Q 252 49.78 -52.96 -48.49
N ASP Q 253 50.76 -52.06 -48.35
CA ASP Q 253 51.26 -51.50 -47.08
C ASP Q 253 51.18 -49.96 -47.05
N VAL Q 254 50.39 -49.37 -47.96
CA VAL Q 254 50.06 -47.94 -48.02
C VAL Q 254 48.56 -47.78 -48.32
N LEU Q 255 47.84 -46.89 -47.61
CA LEU Q 255 46.44 -46.60 -47.90
C LEU Q 255 46.32 -45.56 -49.04
N THR Q 256 46.72 -45.99 -50.24
CA THR Q 256 46.63 -45.25 -51.49
C THR Q 256 45.17 -44.96 -51.86
N LYS Q 257 44.82 -43.78 -52.39
CA LYS Q 257 43.41 -43.54 -52.74
C LYS Q 257 42.92 -44.35 -53.94
N THR Q 258 43.81 -44.83 -54.81
CA THR Q 258 43.51 -45.91 -55.77
C THR Q 258 43.15 -47.24 -55.08
N LEU Q 259 43.71 -47.53 -53.91
CA LEU Q 259 43.27 -48.68 -53.10
C LEU Q 259 41.86 -48.43 -52.55
N LEU Q 260 41.53 -47.23 -52.07
CA LEU Q 260 40.14 -46.87 -51.73
C LEU Q 260 39.21 -47.09 -52.94
N ASP Q 261 39.57 -46.57 -54.11
CA ASP Q 261 38.76 -46.74 -55.33
C ASP Q 261 38.55 -48.22 -55.66
N SER Q 262 39.58 -49.05 -55.48
CA SER Q 262 39.52 -50.49 -55.71
C SER Q 262 38.63 -51.20 -54.70
N ILE Q 263 38.78 -50.87 -53.41
CA ILE Q 263 37.95 -51.45 -52.34
C ILE Q 263 36.49 -51.04 -52.54
N ASP Q 264 36.24 -49.77 -52.86
CA ASP Q 264 34.91 -49.26 -53.16
C ASP Q 264 34.30 -49.91 -54.40
N ARG Q 265 35.11 -50.19 -55.44
CA ARG Q 265 34.67 -50.97 -56.58
C ARG Q 265 34.30 -52.40 -56.17
N ILE Q 266 35.11 -53.07 -55.36
CA ILE Q 266 34.80 -54.41 -54.86
C ILE Q 266 33.51 -54.41 -54.02
N VAL Q 267 33.27 -53.38 -53.21
CA VAL Q 267 31.98 -53.18 -52.53
C VAL Q 267 30.86 -53.01 -53.56
N LYS Q 268 31.02 -52.13 -54.56
CA LYS Q 268 30.00 -51.87 -55.60
C LYS Q 268 29.67 -53.12 -56.42
N GLU Q 269 30.66 -53.94 -56.74
CA GLU Q 269 30.45 -55.21 -57.42
C GLU Q 269 29.67 -56.20 -56.53
N ASN Q 270 29.98 -56.25 -55.23
CA ASN Q 270 29.16 -57.00 -54.29
C ASN Q 270 27.74 -56.43 -54.14
N GLU Q 271 27.56 -55.11 -54.21
CA GLU Q 271 26.23 -54.49 -54.21
C GLU Q 271 25.42 -54.86 -55.46
N LYS Q 272 26.05 -54.91 -56.64
CA LYS Q 272 25.40 -55.42 -57.86
C LYS Q 272 25.08 -56.91 -57.79
N LEU Q 273 25.89 -57.70 -57.08
CA LEU Q 273 25.61 -59.11 -56.77
C LEU Q 273 24.60 -59.32 -55.62
N ASN Q 274 24.07 -58.25 -55.00
CA ASN Q 274 23.00 -58.31 -54.00
C ASN Q 274 21.60 -58.15 -54.64
N GLY R 12 2.47 38.58 34.87
CA GLY R 12 3.14 39.81 34.45
C GLY R 12 4.51 39.94 35.09
N LEU R 13 4.77 41.07 35.76
CA LEU R 13 6.03 41.37 36.43
C LEU R 13 6.26 40.53 37.70
N THR R 14 7.52 40.29 38.07
CA THR R 14 7.85 39.80 39.43
C THR R 14 7.65 40.92 40.46
N SER R 15 7.61 40.62 41.76
CA SER R 15 7.46 41.66 42.79
C SER R 15 8.66 42.62 42.83
N GLU R 16 9.88 42.11 42.70
CA GLU R 16 11.09 42.93 42.63
C GLU R 16 11.13 43.84 41.41
N GLN R 17 10.59 43.40 40.27
CA GLN R 17 10.33 44.28 39.14
C GLN R 17 9.26 45.29 39.50
N TYR R 18 8.08 44.85 39.93
CA TYR R 18 6.91 45.70 40.08
C TYR R 18 7.16 46.86 41.05
N HIS R 19 7.74 46.60 42.22
CA HIS R 19 8.07 47.66 43.17
C HIS R 19 9.24 48.53 42.67
N SER R 20 10.21 47.99 41.94
CA SER R 20 11.26 48.82 41.31
C SER R 20 10.72 49.76 40.23
N GLN R 21 9.74 49.30 39.45
CA GLN R 21 9.06 50.13 38.46
C GLN R 21 8.22 51.21 39.14
N VAL R 22 7.60 50.95 40.31
CA VAL R 22 6.93 51.99 41.11
C VAL R 22 7.92 53.03 41.63
N VAL R 23 9.05 52.63 42.24
CA VAL R 23 10.08 53.58 42.70
C VAL R 23 10.61 54.42 41.55
N GLY R 24 10.90 53.79 40.42
CA GLY R 24 11.35 54.49 39.22
C GLY R 24 10.33 55.51 38.72
N LYS R 25 9.04 55.13 38.66
CA LYS R 25 7.98 55.98 38.10
C LYS R 25 7.61 57.15 39.00
N ILE R 26 7.69 56.99 40.33
CA ILE R 26 7.62 58.11 41.28
C ILE R 26 8.75 59.10 41.00
N GLY R 27 9.98 58.63 40.78
CA GLY R 27 11.11 59.49 40.41
C GLY R 27 10.90 60.21 39.08
N TYR R 28 10.34 59.56 38.07
CA TYR R 28 10.11 60.17 36.76
C TYR R 28 9.09 61.30 36.80
N ILE R 29 7.99 61.16 37.55
CA ILE R 29 7.01 62.24 37.68
C ILE R 29 7.67 63.49 38.30
N ALA R 30 8.55 63.31 39.28
CA ALA R 30 9.30 64.41 39.87
C ALA R 30 10.22 65.10 38.84
N ARG R 31 11.01 64.34 38.06
CA ARG R 31 11.88 64.91 37.02
C ARG R 31 11.06 65.64 35.94
N CYS R 32 9.90 65.11 35.57
CA CYS R 32 8.98 65.81 34.67
C CYS R 32 8.52 67.13 35.28
N MET R 33 8.05 67.15 36.53
CA MET R 33 7.54 68.34 37.17
C MET R 33 8.60 69.45 37.29
N GLN R 34 9.82 69.10 37.71
CA GLN R 34 10.94 70.04 37.73
C GLN R 34 11.33 70.56 36.34
N THR R 35 11.02 69.82 35.26
CA THR R 35 11.31 70.27 33.90
C THR R 35 10.23 71.22 33.37
N ILE R 36 8.94 70.90 33.59
CA ILE R 36 7.81 71.70 33.07
C ILE R 36 7.57 72.98 33.86
N ASP R 37 7.87 73.00 35.15
CA ASP R 37 7.66 74.16 36.02
C ASP R 37 8.76 74.31 37.08
N PRO R 38 9.85 75.03 36.77
CA PRO R 38 10.92 75.33 37.71
C PRO R 38 10.55 76.30 38.84
N GLU R 39 9.32 76.82 38.90
CA GLU R 39 8.92 77.95 39.77
C GLU R 39 7.73 77.66 40.68
N ASN R 40 7.00 76.56 40.47
CA ASN R 40 5.73 76.23 41.11
C ASN R 40 4.62 77.23 40.78
N ASN R 41 4.57 77.69 39.53
CA ASN R 41 3.50 78.52 39.00
C ASN R 41 2.21 77.71 38.70
N LEU R 42 2.33 76.46 38.24
CA LEU R 42 1.22 75.60 37.79
C LEU R 42 0.53 74.88 38.96
N LYS R 43 0.12 75.62 40.00
CA LYS R 43 -0.29 75.02 41.29
C LYS R 43 -1.52 74.11 41.17
N LYS R 44 -2.46 74.38 40.26
CA LYS R 44 -3.63 73.51 40.09
C LYS R 44 -3.23 72.15 39.54
N ILE R 45 -2.15 72.08 38.75
CA ILE R 45 -1.53 70.82 38.36
C ILE R 45 -0.86 70.20 39.58
N ARG R 46 0.04 70.92 40.26
CA ARG R 46 0.86 70.33 41.33
C ARG R 46 0.01 69.67 42.43
N GLU R 47 -1.13 70.25 42.80
CA GLU R 47 -2.02 69.66 43.79
C GLU R 47 -2.66 68.32 43.37
N ASP R 48 -2.67 67.98 42.08
CA ASP R 48 -3.04 66.64 41.61
C ASP R 48 -1.90 65.62 41.71
N TYR R 49 -0.65 66.05 41.95
CA TYR R 49 0.56 65.23 42.01
C TYR R 49 1.28 65.26 43.36
N GLN R 50 0.87 66.12 44.30
CA GLN R 50 1.62 66.30 45.55
C GLN R 50 1.82 64.99 46.34
N ASP R 51 0.89 64.03 46.25
CA ASP R 51 1.00 62.71 46.89
C ASP R 51 2.11 61.80 46.32
N VAL R 52 2.64 62.07 45.13
CA VAL R 52 3.91 61.46 44.67
C VAL R 52 5.07 62.41 44.92
N LEU R 53 4.92 63.71 44.65
CA LEU R 53 6.03 64.66 44.76
C LEU R 53 6.57 64.78 46.21
N ILE R 54 5.72 64.60 47.21
CA ILE R 54 6.09 64.60 48.64
C ILE R 54 7.14 63.54 49.02
N TRP R 55 7.27 62.46 48.24
CA TRP R 55 8.34 61.49 48.41
C TRP R 55 9.65 61.99 47.79
N ALA R 56 9.63 62.37 46.51
CA ALA R 56 10.82 62.79 45.79
C ALA R 56 11.46 64.09 46.33
N GLU R 57 10.70 64.91 47.05
CA GLU R 57 11.14 66.14 47.71
C GLU R 57 12.18 65.92 48.83
N LYS R 58 12.44 64.66 49.26
CA LYS R 58 13.42 64.27 50.28
C LYS R 58 14.35 63.16 49.79
N ASN R 59 15.53 63.04 50.41
CA ASN R 59 16.41 61.90 50.19
C ASN R 59 15.82 60.62 50.79
N TYR R 60 15.64 59.59 49.96
CA TYR R 60 15.22 58.24 50.34
C TYR R 60 16.01 57.14 49.59
N ARG R 61 17.18 57.49 49.05
CA ARG R 61 18.23 56.57 48.57
C ARG R 61 17.80 55.47 47.59
N PHE R 62 16.70 55.66 46.85
CA PHE R 62 15.89 54.61 46.20
C PHE R 62 15.25 53.64 47.22
N GLU R 63 16.07 53.04 48.06
CA GLU R 63 15.74 51.89 48.90
C GLU R 63 14.65 52.14 49.95
N GLU R 64 14.55 53.35 50.51
CA GLU R 64 13.46 53.64 51.43
C GLU R 64 12.12 53.74 50.70
N ILE R 65 12.11 54.23 49.45
CA ILE R 65 10.89 54.21 48.64
C ILE R 65 10.50 52.78 48.27
N LEU R 66 11.46 51.89 48.03
CA LEU R 66 11.18 50.49 47.70
C LEU R 66 10.47 49.79 48.85
N GLU R 67 10.97 49.91 50.08
CA GLU R 67 10.29 49.38 51.27
C GLU R 67 8.93 50.05 51.52
N ALA R 68 8.81 51.37 51.33
CA ALA R 68 7.55 52.08 51.47
C ALA R 68 6.50 51.63 50.43
N SER R 69 6.94 51.33 49.20
CA SER R 69 6.10 50.78 48.13
C SER R 69 5.61 49.37 48.45
N LYS R 70 6.51 48.49 48.92
CA LYS R 70 6.13 47.15 49.42
C LYS R 70 5.16 47.24 50.60
N SER R 71 5.33 48.25 51.45
CA SER R 71 4.47 48.53 52.60
C SER R 71 3.15 49.21 52.26
N GLY R 72 2.91 49.56 50.98
CA GLY R 72 1.70 50.25 50.54
C GLY R 72 1.56 51.71 51.04
N LYS R 73 2.63 52.31 51.56
CA LYS R 73 2.65 53.71 51.99
C LYS R 73 2.69 54.66 50.78
N CYS R 74 3.54 54.36 49.80
CA CYS R 74 3.51 55.02 48.49
C CYS R 74 2.22 54.69 47.74
N PRO R 75 1.78 55.53 46.77
CA PRO R 75 0.93 55.03 45.70
C PRO R 75 1.71 53.94 44.94
N ASN R 76 1.09 52.81 44.65
CA ASN R 76 1.78 51.66 44.06
C ASN R 76 0.92 50.87 43.05
N ASP R 77 -0.22 51.39 42.61
CA ASP R 77 -0.89 50.86 41.42
C ASP R 77 -0.18 51.41 40.17
N LEU R 78 0.57 50.56 39.47
CA LEU R 78 1.29 50.99 38.27
C LEU R 78 0.37 51.54 37.19
N ASP R 79 -0.87 51.09 37.08
CA ASP R 79 -1.75 51.57 36.02
C ASP R 79 -2.21 53.02 36.29
N ALA R 80 -2.45 53.35 37.56
CA ALA R 80 -2.72 54.72 37.97
C ALA R 80 -1.47 55.60 37.80
N LEU R 81 -0.29 55.12 38.23
CA LEU R 81 0.96 55.85 38.06
C LEU R 81 1.28 56.07 36.56
N SER R 82 1.00 55.09 35.71
CA SER R 82 1.18 55.20 34.26
C SER R 82 0.27 56.25 33.66
N ARG R 83 -1.03 56.23 33.97
CA ARG R 83 -1.96 57.26 33.49
C ARG R 83 -1.53 58.67 33.93
N ARG R 84 -1.23 58.84 35.21
CA ARG R 84 -0.79 60.12 35.77
C ARG R 84 0.53 60.59 35.16
N SER R 85 1.47 59.70 34.87
CA SER R 85 2.73 60.04 34.20
C SER R 85 2.52 60.43 32.74
N LEU R 86 1.69 59.70 32.00
CA LEU R 86 1.45 59.98 30.59
C LEU R 86 0.88 61.37 30.40
N ILE R 87 -0.07 61.80 31.23
CA ILE R 87 -0.66 63.14 31.15
C ILE R 87 0.41 64.23 31.33
N LEU R 88 1.28 64.09 32.33
CA LEU R 88 2.36 65.06 32.57
C LEU R 88 3.41 65.03 31.46
N GLN R 89 3.72 63.86 30.91
CA GLN R 89 4.64 63.67 29.79
C GLN R 89 4.12 64.32 28.51
N GLU R 90 2.85 64.12 28.17
CA GLU R 90 2.22 64.69 26.99
C GLU R 90 2.03 66.21 27.12
N LEU R 91 1.93 66.75 28.34
CA LEU R 91 2.03 68.19 28.60
C LEU R 91 3.45 68.69 28.38
N LEU R 92 4.44 68.06 29.01
CA LEU R 92 5.84 68.43 28.90
C LEU R 92 6.35 68.36 27.45
N ARG R 93 5.90 67.41 26.64
CA ARG R 93 6.22 67.36 25.21
C ARG R 93 5.76 68.63 24.49
N LEU R 94 4.56 69.13 24.77
CA LEU R 94 4.03 70.30 24.08
C LEU R 94 4.90 71.53 24.34
N VAL R 95 5.14 71.86 25.61
CA VAL R 95 6.01 72.98 25.99
C VAL R 95 7.46 72.76 25.55
N SER R 96 7.94 71.52 25.48
CA SER R 96 9.27 71.21 24.92
C SER R 96 9.33 71.37 23.40
N SER R 97 8.21 71.20 22.69
CA SER R 97 8.14 71.32 21.23
C SER R 97 8.04 72.76 20.77
N ILE R 98 7.35 73.61 21.54
CA ILE R 98 7.26 75.06 21.33
C ILE R 98 8.58 75.71 21.76
N SER R 99 9.50 75.92 20.82
CA SER R 99 10.92 76.16 21.15
C SER R 99 11.20 77.57 21.69
N PRO R 100 11.16 78.67 20.91
CA PRO R 100 11.41 80.01 21.44
C PRO R 100 10.18 80.62 22.14
N PHE R 101 8.97 80.35 21.65
CA PHE R 101 7.72 80.86 22.22
C PHE R 101 7.36 80.14 23.54
N LYS R 102 6.44 80.69 24.34
CA LYS R 102 5.89 80.02 25.55
C LYS R 102 4.42 80.37 25.76
N MET R 103 3.68 79.45 26.37
CA MET R 103 2.25 79.62 26.69
C MET R 103 2.01 80.39 27.99
N LYS R 104 0.82 80.99 28.10
CA LYS R 104 0.31 81.58 29.35
C LYS R 104 -0.12 80.50 30.35
N LEU R 105 0.00 80.76 31.65
CA LEU R 105 -0.21 79.75 32.70
C LEU R 105 -1.61 79.15 32.69
N ASP R 106 -2.65 79.95 32.49
CA ASP R 106 -4.03 79.47 32.42
C ASP R 106 -4.31 78.67 31.14
N LEU R 107 -3.56 78.90 30.06
CA LEU R 107 -3.60 78.08 28.85
C LEU R 107 -3.03 76.69 29.16
N ILE R 108 -1.85 76.62 29.80
CA ILE R 108 -1.21 75.36 30.20
C ILE R 108 -2.13 74.57 31.13
N GLU R 109 -2.66 75.18 32.19
CA GLU R 109 -3.58 74.49 33.11
C GLU R 109 -4.90 74.08 32.43
N SER R 110 -5.32 74.76 31.35
CA SER R 110 -6.45 74.32 30.53
C SER R 110 -6.09 73.12 29.65
N GLN R 111 -4.93 73.12 28.97
CA GLN R 111 -4.46 71.96 28.20
C GLN R 111 -4.35 70.72 29.09
N TYR R 112 -3.81 70.88 30.31
CA TYR R 112 -3.75 69.83 31.31
C TYR R 112 -5.13 69.25 31.66
N GLU R 113 -6.11 70.11 31.96
CA GLU R 113 -7.46 69.62 32.28
C GLU R 113 -8.12 68.92 31.08
N LYS R 114 -7.98 69.49 29.87
CA LYS R 114 -8.48 68.89 28.62
C LYS R 114 -7.89 67.51 28.36
N MET R 115 -6.61 67.30 28.72
CA MET R 115 -5.98 65.98 28.66
C MET R 115 -6.43 65.03 29.78
N LYS R 116 -6.50 65.47 31.03
CA LYS R 116 -6.87 64.62 32.16
C LYS R 116 -8.26 63.98 31.98
N GLN R 117 -9.20 64.69 31.35
CA GLN R 117 -10.53 64.16 31.01
C GLN R 117 -10.55 63.18 29.83
N HIS R 118 -9.49 63.07 29.01
CA HIS R 118 -9.49 62.20 27.83
C HIS R 118 -9.46 60.71 28.20
N VAL R 119 -10.11 59.86 27.42
CA VAL R 119 -10.20 58.41 27.70
C VAL R 119 -8.83 57.72 27.60
N ASN R 120 -8.08 57.97 26.54
CA ASN R 120 -6.80 57.29 26.25
C ASN R 120 -5.90 58.18 25.39
N LEU R 121 -4.88 58.80 25.98
CA LEU R 121 -4.04 59.75 25.25
C LEU R 121 -3.31 59.11 24.08
N TRP R 122 -2.92 57.83 24.14
CA TRP R 122 -2.29 57.13 23.02
C TRP R 122 -3.13 57.07 21.75
N LYS R 123 -4.44 57.34 21.83
CA LYS R 123 -5.35 57.41 20.69
C LYS R 123 -5.98 58.80 20.50
N SER R 124 -5.51 59.80 21.23
CA SER R 124 -6.00 61.18 21.15
C SER R 124 -5.48 61.92 19.90
N ASP R 125 -6.27 62.84 19.36
CA ASP R 125 -5.82 63.73 18.29
C ASP R 125 -4.67 64.62 18.76
N TYR R 126 -4.64 64.98 20.05
CA TYR R 126 -3.52 65.68 20.66
C TYR R 126 -2.20 64.94 20.45
N HIS R 127 -2.17 63.63 20.73
CA HIS R 127 -0.97 62.82 20.56
C HIS R 127 -0.53 62.77 19.10
N VAL R 128 -1.47 62.61 18.17
CA VAL R 128 -1.16 62.61 16.73
C VAL R 128 -0.54 63.94 16.31
N LYS R 129 -1.12 65.07 16.73
CA LYS R 129 -0.60 66.40 16.39
C LYS R 129 0.78 66.65 17.00
N LEU R 130 1.02 66.20 18.23
CA LEU R 130 2.35 66.27 18.83
C LEU R 130 3.36 65.43 18.06
N ASN R 131 3.01 64.20 17.66
CA ASN R 131 3.91 63.36 16.87
C ASN R 131 4.24 64.06 15.54
N GLN R 132 3.25 64.61 14.86
CA GLN R 132 3.45 65.36 13.62
C GLN R 132 4.31 66.62 13.82
N LEU R 133 4.15 67.35 14.92
CA LEU R 133 5.01 68.47 15.25
C LEU R 133 6.45 68.03 15.52
N ASN R 134 6.68 66.94 16.26
CA ASN R 134 8.02 66.41 16.50
C ASN R 134 8.67 65.88 15.23
N GLN R 135 7.92 65.20 14.37
CA GLN R 135 8.36 64.74 13.06
C GLN R 135 8.84 65.90 12.19
N LEU R 136 8.07 66.99 12.15
CA LEU R 136 8.38 68.18 11.38
C LEU R 136 9.55 68.98 11.99
N THR R 137 9.69 68.94 13.31
CA THR R 137 10.76 69.64 14.05
C THR R 137 12.12 68.96 13.94
N ASP R 138 12.23 67.66 14.21
CA ASP R 138 13.54 66.99 14.33
C ASP R 138 14.34 66.97 13.02
N TYR R 139 13.68 67.01 11.87
CA TYR R 139 14.34 67.22 10.58
C TYR R 139 15.15 68.52 10.57
N LEU R 140 14.63 69.60 11.15
CA LEU R 140 15.27 70.93 11.17
C LEU R 140 16.41 71.07 12.20
N LYS R 141 16.58 70.10 13.10
CA LYS R 141 17.78 70.02 13.97
C LYS R 141 19.04 69.63 13.17
N ASN R 142 18.87 69.11 11.96
CA ASN R 142 19.95 68.55 11.13
C ASN R 142 20.05 69.17 9.73
N ALA R 143 18.92 69.54 9.11
CA ALA R 143 18.87 69.93 7.70
C ALA R 143 19.68 71.21 7.37
N ALA R 144 20.53 71.13 6.34
CA ALA R 144 21.32 72.24 5.80
C ALA R 144 20.49 73.21 4.93
N PRO R 145 21.00 74.41 4.56
CA PRO R 145 20.25 75.37 3.76
C PRO R 145 19.89 74.88 2.34
N THR R 146 18.60 74.86 2.04
CA THR R 146 17.98 74.61 0.72
C THR R 146 16.62 75.33 0.68
N PRO R 147 16.00 75.54 -0.49
CA PRO R 147 14.66 76.12 -0.57
C PRO R 147 13.65 75.39 0.32
N LYS R 148 13.55 74.05 0.18
CA LYS R 148 12.71 73.18 1.03
C LYS R 148 12.97 73.40 2.51
N ASN R 149 14.24 73.44 2.92
CA ASN R 149 14.58 73.50 4.34
C ASN R 149 14.36 74.90 4.93
N ASN R 150 14.55 75.97 4.14
CA ASN R 150 14.21 77.34 4.53
C ASN R 150 12.69 77.55 4.65
N PHE R 151 11.90 77.02 3.71
CA PHE R 151 10.44 77.07 3.78
C PHE R 151 9.91 76.31 5.00
N LEU R 152 10.46 75.12 5.31
CA LEU R 152 10.11 74.38 6.52
C LEU R 152 10.48 75.13 7.80
N ARG R 153 11.64 75.81 7.89
CA ARG R 153 11.97 76.65 9.05
C ARG R 153 10.98 77.79 9.24
N ALA R 154 10.56 78.43 8.15
CA ALA R 154 9.55 79.49 8.19
C ALA R 154 8.19 78.94 8.66
N MET R 155 7.64 77.95 7.97
CA MET R 155 6.33 77.38 8.32
C MET R 155 6.30 76.80 9.73
N THR R 156 7.32 76.07 10.14
CA THR R 156 7.36 75.45 11.48
C THR R 156 7.41 76.52 12.57
N SER R 157 8.09 77.65 12.34
CA SER R 157 8.09 78.75 13.30
C SER R 157 6.69 79.35 13.45
N VAL R 158 5.97 79.56 12.35
CA VAL R 158 4.58 80.03 12.41
C VAL R 158 3.69 79.00 13.10
N LEU R 159 3.88 77.72 12.83
CA LEU R 159 3.11 76.64 13.41
C LEU R 159 3.27 76.57 14.93
N GLN R 160 4.51 76.59 15.42
CA GLN R 160 4.78 76.64 16.85
C GLN R 160 4.18 77.90 17.47
N MET R 161 4.28 79.04 16.79
CA MET R 161 3.73 80.30 17.30
C MET R 161 2.20 80.24 17.42
N GLN R 162 1.48 79.78 16.39
CA GLN R 162 0.04 79.62 16.47
C GLN R 162 -0.38 78.62 17.55
N ILE R 163 0.34 77.50 17.68
CA ILE R 163 0.11 76.53 18.76
C ILE R 163 0.30 77.18 20.13
N ALA R 164 1.30 78.05 20.31
CA ALA R 164 1.50 78.80 21.55
C ALA R 164 0.38 79.82 21.85
N GLN R 165 -0.41 80.25 20.85
CA GLN R 165 -1.60 81.07 21.08
C GLN R 165 -2.87 80.24 21.33
N TYR R 166 -3.06 79.13 20.61
CA TYR R 166 -4.37 78.46 20.50
C TYR R 166 -4.43 77.04 21.08
N GLY R 167 -3.30 76.49 21.51
CA GLY R 167 -3.21 75.10 21.99
C GLY R 167 -3.34 74.06 20.89
N ILE R 168 -3.21 72.79 21.28
CA ILE R 168 -3.33 71.62 20.37
C ILE R 168 -4.75 71.05 20.35
N THR R 169 -5.45 71.14 21.50
CA THR R 169 -6.62 70.32 21.85
C THR R 169 -7.88 70.59 21.02
N GLU R 170 -7.94 71.68 20.26
CA GLU R 170 -9.12 72.12 19.50
C GLU R 170 -8.74 72.49 18.06
N ASP R 171 -9.62 72.17 17.10
CA ASP R 171 -9.37 72.31 15.66
C ASP R 171 -9.43 73.76 15.17
N ASN R 172 -8.39 74.51 15.48
CA ASN R 172 -8.05 75.74 14.77
C ASN R 172 -7.67 75.40 13.31
N GLU R 173 -8.40 75.97 12.34
CA GLU R 173 -8.21 75.65 10.93
C GLU R 173 -6.84 76.10 10.40
N GLY R 174 -6.28 77.19 10.93
CA GLY R 174 -4.96 77.70 10.55
C GLY R 174 -3.84 76.74 10.93
N ILE R 175 -3.86 76.23 12.16
CA ILE R 175 -2.92 75.20 12.62
C ILE R 175 -3.09 73.93 11.78
N ASN R 176 -4.30 73.43 11.61
CA ASN R 176 -4.53 72.20 10.85
C ASN R 176 -4.08 72.33 9.37
N GLN R 177 -4.35 73.46 8.72
CA GLN R 177 -3.87 73.72 7.37
C GLN R 177 -2.35 73.76 7.32
N LEU R 178 -1.71 74.42 8.28
CA LEU R 178 -0.26 74.55 8.31
C LEU R 178 0.44 73.20 8.58
N PHE R 179 -0.17 72.29 9.35
CA PHE R 179 0.31 70.90 9.43
C PHE R 179 0.29 70.23 8.07
N LYS R 180 -0.84 70.26 7.35
CA LYS R 180 -0.97 69.62 6.04
C LYS R 180 0.07 70.14 5.06
N LEU R 181 0.25 71.46 4.99
CA LEU R 181 1.27 72.08 4.14
C LEU R 181 2.70 71.69 4.55
N GLY R 182 3.02 71.75 5.84
CA GLY R 182 4.35 71.43 6.33
C GLY R 182 4.74 69.98 6.07
N LEU R 183 3.88 69.03 6.45
CA LEU R 183 4.14 67.61 6.24
C LEU R 183 4.20 67.25 4.76
N HIS R 184 3.36 67.85 3.91
CA HIS R 184 3.42 67.61 2.47
C HIS R 184 4.73 68.10 1.86
N LEU R 185 5.25 69.24 2.31
CA LEU R 185 6.56 69.70 1.88
C LEU R 185 7.69 68.78 2.36
N LEU R 186 7.61 68.26 3.59
CA LEU R 186 8.62 67.33 4.10
C LEU R 186 8.68 66.06 3.25
N ALA R 187 7.54 65.48 2.90
CA ALA R 187 7.46 64.28 2.09
C ALA R 187 7.88 64.50 0.62
N MET R 188 7.81 65.74 0.11
CA MET R 188 8.09 66.06 -1.29
C MET R 188 9.57 65.87 -1.63
N ALA R 189 9.88 65.28 -2.78
CA ALA R 189 11.25 65.00 -3.19
C ALA R 189 12.13 66.26 -3.22
N ASN R 190 13.38 66.17 -2.76
CA ASN R 190 14.25 67.33 -2.60
C ASN R 190 14.62 68.00 -3.93
N GLU R 191 14.63 67.26 -5.05
CA GLU R 191 14.87 67.80 -6.39
C GLU R 191 13.69 68.60 -6.98
N LYS R 192 12.47 68.46 -6.44
CA LYS R 192 11.25 69.12 -6.93
C LYS R 192 11.15 70.60 -6.54
N ILE R 193 12.19 71.38 -6.77
CA ILE R 193 12.25 72.78 -6.34
C ILE R 193 11.07 73.60 -6.90
N ASP R 194 10.64 73.34 -8.13
CA ASP R 194 9.49 74.04 -8.72
C ASP R 194 8.19 73.81 -7.93
N GLU R 195 7.95 72.59 -7.47
CA GLU R 195 6.79 72.30 -6.62
C GLU R 195 6.99 72.82 -5.20
N GLN R 196 8.22 72.86 -4.68
CA GLN R 196 8.51 73.44 -3.37
C GLN R 196 8.24 74.95 -3.36
N TYR R 197 8.79 75.69 -4.34
CA TYR R 197 8.52 77.13 -4.52
C TYR R 197 7.03 77.37 -4.74
N HIS R 198 6.36 76.60 -5.61
CA HIS R 198 4.93 76.75 -5.84
C HIS R 198 4.10 76.49 -4.57
N LEU R 199 4.42 75.48 -3.78
CA LEU R 199 3.74 75.20 -2.53
C LEU R 199 3.95 76.31 -1.51
N PHE R 200 5.18 76.81 -1.36
CA PHE R 200 5.49 77.85 -0.39
C PHE R 200 4.91 79.21 -0.78
N LYS R 201 5.03 79.61 -2.05
CA LYS R 201 4.33 80.80 -2.57
C LYS R 201 2.82 80.63 -2.42
N GLY R 202 2.30 79.43 -2.67
CA GLY R 202 0.92 79.08 -2.40
C GLY R 202 0.51 79.36 -0.95
N TYR R 203 1.28 78.90 0.03
CA TYR R 203 1.02 79.22 1.44
C TYR R 203 1.03 80.73 1.70
N VAL R 204 2.09 81.45 1.31
CA VAL R 204 2.21 82.89 1.57
C VAL R 204 1.05 83.67 0.92
N LYS R 205 0.64 83.28 -0.28
CA LYS R 205 -0.52 83.87 -0.98
C LYS R 205 -1.88 83.49 -0.33
N ASP R 206 -2.00 82.29 0.23
CA ASP R 206 -3.19 81.79 0.92
C ASP R 206 -3.32 82.23 2.39
N GLN R 207 -2.27 82.81 2.99
CA GLN R 207 -2.36 83.45 4.30
C GLN R 207 -3.42 84.58 4.30
N PRO R 208 -4.20 84.79 5.37
CA PRO R 208 -5.10 85.95 5.48
C PRO R 208 -4.39 87.31 5.51
N GLU R 209 -3.34 87.46 6.32
CA GLU R 209 -2.53 88.68 6.43
C GLU R 209 -1.59 88.91 5.22
N GLU R 210 -1.16 90.17 5.04
CA GLU R 210 -0.10 90.57 4.09
C GLU R 210 1.26 89.92 4.42
N SER R 211 1.53 89.66 5.70
CA SER R 211 2.84 89.22 6.19
C SER R 211 2.68 88.12 7.25
N PRO R 212 2.76 86.82 6.89
CA PRO R 212 2.66 85.73 7.87
C PRO R 212 3.79 85.76 8.89
N PHE R 213 5.00 86.07 8.46
CA PHE R 213 6.23 85.91 9.25
C PHE R 213 6.57 87.11 10.16
N GLU R 214 5.72 88.12 10.21
CA GLU R 214 5.94 89.42 10.89
C GLU R 214 6.35 89.31 12.37
N GLY R 215 7.65 89.36 12.66
CA GLY R 215 8.20 89.17 14.02
C GLY R 215 8.25 87.72 14.52
N ILE R 216 7.71 86.76 13.75
CA ILE R 216 7.87 85.32 14.00
C ILE R 216 9.31 84.91 13.69
N LEU R 217 9.76 85.29 12.49
CA LEU R 217 10.97 84.80 11.85
C LEU R 217 12.05 85.92 11.85
N PRO R 218 13.29 85.66 12.30
CA PRO R 218 14.35 86.66 12.32
C PRO R 218 14.64 87.31 10.95
N ALA R 219 14.99 88.59 10.95
CA ALA R 219 15.11 89.40 9.74
C ALA R 219 16.09 88.83 8.70
N GLU R 220 17.18 88.20 9.14
CA GLU R 220 18.15 87.56 8.25
C GLU R 220 17.52 86.42 7.46
N ASP R 221 16.69 85.60 8.13
CA ASP R 221 15.97 84.52 7.46
C ASP R 221 14.90 85.09 6.53
N GLN R 222 14.23 86.18 6.91
CA GLN R 222 13.29 86.84 6.01
C GLN R 222 14.02 87.36 4.75
N LYS R 223 15.16 88.01 4.93
CA LYS R 223 16.02 88.48 3.84
C LYS R 223 16.45 87.31 2.95
N ILE R 224 16.76 86.16 3.54
CA ILE R 224 17.06 84.93 2.79
C ILE R 224 15.83 84.45 2.00
N LEU R 225 14.61 84.52 2.53
CA LEU R 225 13.41 84.21 1.74
C LEU R 225 13.25 85.18 0.56
N VAL R 226 13.35 86.50 0.79
CA VAL R 226 13.23 87.49 -0.30
C VAL R 226 14.30 87.21 -1.35
N LYS R 227 15.55 87.02 -0.92
CA LYS R 227 16.69 86.70 -1.79
C LYS R 227 16.46 85.41 -2.55
N THR R 228 16.07 84.32 -1.90
CA THR R 228 15.97 83.01 -2.55
C THR R 228 14.79 82.92 -3.50
N MET R 229 13.74 83.73 -3.32
CA MET R 229 12.71 83.92 -4.34
C MET R 229 13.25 84.71 -5.54
N ILE R 230 13.96 85.82 -5.30
CA ILE R 230 14.56 86.63 -6.37
C ILE R 230 15.58 85.83 -7.18
N ASP R 231 16.43 85.06 -6.51
CA ASP R 231 17.41 84.17 -7.14
C ASP R 231 16.77 83.05 -7.97
N TYR R 232 15.53 82.65 -7.68
CA TYR R 232 14.79 81.66 -8.46
C TYR R 232 14.04 82.29 -9.64
N ALA R 233 13.49 83.49 -9.45
CA ALA R 233 12.77 84.22 -10.50
C ALA R 233 13.70 84.84 -11.57
N MET R 234 14.85 85.40 -11.18
CA MET R 234 15.69 86.18 -12.10
C MET R 234 16.16 85.41 -13.35
N PRO R 235 16.59 84.14 -13.26
CA PRO R 235 16.98 83.37 -14.45
C PRO R 235 15.85 83.10 -15.45
N LYS R 236 14.57 83.25 -15.05
CA LYS R 236 13.43 83.16 -15.96
C LYS R 236 13.24 84.43 -16.81
N LEU R 237 13.70 85.58 -16.32
CA LEU R 237 13.55 86.88 -16.99
C LEU R 237 14.58 87.03 -18.12
N SER R 238 14.12 87.08 -19.37
CA SER R 238 15.01 87.12 -20.55
C SER R 238 15.58 88.51 -20.86
N SER R 239 14.94 89.57 -20.36
CA SER R 239 15.39 90.96 -20.48
C SER R 239 15.98 91.46 -19.18
N LYS R 240 17.17 92.08 -19.25
CA LYS R 240 17.82 92.70 -18.09
C LYS R 240 16.98 93.83 -17.49
N VAL R 241 16.16 94.53 -18.27
CA VAL R 241 15.24 95.56 -17.74
C VAL R 241 14.31 94.94 -16.71
N LEU R 242 13.76 93.76 -16.99
CA LEU R 242 12.94 93.01 -16.05
C LEU R 242 13.78 92.47 -14.88
N GLN R 243 15.00 91.98 -15.14
CA GLN R 243 15.90 91.55 -14.06
C GLN R 243 16.23 92.69 -13.09
N ASP R 244 16.46 93.90 -13.59
CA ASP R 244 16.73 95.10 -12.80
C ASP R 244 15.48 95.51 -11.99
N LYS R 245 14.30 95.50 -12.62
CA LYS R 245 13.03 95.78 -11.94
C LYS R 245 12.72 94.77 -10.83
N LEU R 246 13.04 93.48 -11.05
CA LEU R 246 13.02 92.46 -10.01
C LEU R 246 14.07 92.75 -8.92
N SER R 247 15.30 93.06 -9.31
CA SER R 247 16.42 93.28 -8.39
C SER R 247 16.13 94.40 -7.38
N ALA R 248 15.40 95.44 -7.77
CA ALA R 248 14.98 96.52 -6.88
C ALA R 248 14.15 96.02 -5.66
N LEU R 249 13.42 94.90 -5.80
CA LEU R 249 12.65 94.30 -4.71
C LEU R 249 13.54 93.71 -3.60
N SER R 250 14.81 93.41 -3.89
CA SER R 250 15.79 92.93 -2.89
C SER R 250 16.07 93.94 -1.77
N SER R 251 15.59 95.18 -1.91
CA SER R 251 15.58 96.19 -0.86
C SER R 251 14.79 95.78 0.39
N SER R 252 13.81 94.87 0.29
CA SER R 252 13.13 94.32 1.49
C SER R 252 13.98 93.24 2.17
N ASP R 253 14.04 93.27 3.51
CA ASP R 253 14.35 92.10 4.32
C ASP R 253 13.08 91.30 4.64
N VAL R 254 11.99 91.95 5.07
CA VAL R 254 10.74 91.27 5.39
C VAL R 254 10.15 90.58 4.16
N LEU R 255 9.62 89.37 4.32
CA LEU R 255 8.91 88.66 3.26
C LEU R 255 7.40 88.89 3.44
N THR R 256 6.74 89.47 2.43
CA THR R 256 5.30 89.77 2.44
C THR R 256 4.68 89.47 1.07
N LYS R 257 3.35 89.33 0.98
CA LYS R 257 2.65 89.10 -0.31
C LYS R 257 3.06 90.11 -1.38
N THR R 258 3.29 91.37 -1.01
CA THR R 258 3.75 92.43 -1.91
C THR R 258 4.99 92.03 -2.70
N LEU R 259 5.95 91.32 -2.09
CA LEU R 259 7.13 90.86 -2.81
C LEU R 259 6.73 89.86 -3.88
N LEU R 260 5.99 88.81 -3.51
CA LEU R 260 5.53 87.77 -4.43
C LEU R 260 4.69 88.35 -5.58
N ASP R 261 3.74 89.23 -5.24
CA ASP R 261 2.91 89.93 -6.22
C ASP R 261 3.77 90.73 -7.22
N SER R 262 4.81 91.41 -6.72
CA SER R 262 5.71 92.19 -7.57
C SER R 262 6.60 91.30 -8.43
N ILE R 263 7.19 90.25 -7.86
CA ILE R 263 7.98 89.27 -8.58
C ILE R 263 7.13 88.65 -9.71
N ASP R 264 5.92 88.22 -9.37
CA ASP R 264 4.96 87.67 -10.34
C ASP R 264 4.55 88.69 -11.39
N ARG R 265 4.39 89.96 -11.03
CA ARG R 265 4.10 91.03 -12.02
C ARG R 265 5.24 91.14 -13.02
N ILE R 266 6.49 91.16 -12.57
CA ILE R 266 7.66 91.21 -13.47
C ILE R 266 7.76 89.94 -14.32
N VAL R 267 7.42 88.78 -13.78
CA VAL R 267 7.32 87.54 -14.57
C VAL R 267 6.19 87.61 -15.60
N LYS R 268 5.03 88.19 -15.29
CA LYS R 268 3.95 88.43 -16.26
C LYS R 268 4.37 89.42 -17.34
N GLU R 269 5.14 90.45 -17.02
CA GLU R 269 5.80 91.27 -18.05
C GLU R 269 6.73 90.43 -18.92
N ASN R 270 7.50 89.50 -18.35
CA ASN R 270 8.33 88.60 -19.13
C ASN R 270 7.50 87.69 -20.04
N GLU R 271 6.38 87.14 -19.56
CA GLU R 271 5.46 86.33 -20.37
C GLU R 271 4.80 87.12 -21.51
N LYS R 272 4.69 88.44 -21.40
CA LYS R 272 4.25 89.33 -22.50
C LYS R 272 5.40 89.75 -23.41
N LEU R 273 6.60 89.89 -22.87
CA LEU R 273 7.82 90.28 -23.59
C LEU R 273 8.30 89.19 -24.56
N ASN R 274 8.24 87.92 -24.15
CA ASN R 274 8.68 86.76 -24.94
C ASN R 274 7.58 86.24 -25.88
N LYS S 9 0.84 -36.71 38.25
CA LYS S 9 -0.45 -36.15 37.76
C LYS S 9 -1.40 -37.28 37.34
N MET S 10 -2.28 -37.74 38.21
CA MET S 10 -3.19 -38.88 37.97
C MET S 10 -4.63 -38.38 37.78
N GLY S 11 -5.23 -38.65 36.61
CA GLY S 11 -6.30 -37.76 36.12
C GLY S 11 -5.74 -36.35 35.93
N GLY S 12 -6.27 -35.36 36.64
CA GLY S 12 -5.66 -34.04 36.81
C GLY S 12 -4.96 -33.81 38.16
N LEU S 13 -5.05 -34.76 39.10
CA LEU S 13 -4.71 -34.59 40.51
C LEU S 13 -3.24 -34.92 40.81
N THR S 14 -2.67 -34.40 41.89
CA THR S 14 -1.40 -34.93 42.43
C THR S 14 -1.61 -36.35 42.93
N SER S 15 -0.56 -37.14 43.15
CA SER S 15 -0.71 -38.51 43.66
C SER S 15 -1.39 -38.53 45.05
N GLU S 16 -0.99 -37.62 45.94
CA GLU S 16 -1.60 -37.46 47.26
C GLU S 16 -3.08 -37.09 47.15
N GLN S 17 -3.46 -36.16 46.28
CA GLN S 17 -4.87 -35.85 46.05
C GLN S 17 -5.61 -37.06 45.47
N TYR S 18 -5.04 -37.75 44.49
CA TYR S 18 -5.68 -38.89 43.83
C TYR S 18 -6.00 -40.02 44.82
N HIS S 19 -5.00 -40.49 45.58
CA HIS S 19 -5.22 -41.54 46.57
C HIS S 19 -6.08 -41.07 47.75
N SER S 20 -6.02 -39.79 48.13
CA SER S 20 -6.90 -39.23 49.15
C SER S 20 -8.37 -39.17 48.71
N GLN S 21 -8.65 -38.90 47.43
CA GLN S 21 -10.02 -38.98 46.90
C GLN S 21 -10.52 -40.42 46.85
N VAL S 22 -9.65 -41.40 46.53
CA VAL S 22 -10.02 -42.83 46.57
C VAL S 22 -10.50 -43.24 47.96
N VAL S 23 -9.75 -42.91 49.01
CA VAL S 23 -10.18 -43.18 50.40
C VAL S 23 -11.50 -42.49 50.73
N GLY S 24 -11.69 -41.25 50.29
CA GLY S 24 -12.94 -40.53 50.49
C GLY S 24 -14.13 -41.23 49.85
N LYS S 25 -14.01 -41.73 48.61
CA LYS S 25 -15.09 -42.46 47.93
C LYS S 25 -15.38 -43.80 48.57
N ILE S 26 -14.37 -44.56 48.98
CA ILE S 26 -14.56 -45.83 49.70
C ILE S 26 -15.38 -45.60 50.97
N GLY S 27 -15.10 -44.53 51.72
CA GLY S 27 -15.89 -44.15 52.89
C GLY S 27 -17.32 -43.74 52.53
N TYR S 28 -17.49 -42.86 51.54
CA TYR S 28 -18.81 -42.35 51.15
C TYR S 28 -19.73 -43.44 50.61
N ILE S 29 -19.20 -44.38 49.84
CA ILE S 29 -19.93 -45.57 49.40
C ILE S 29 -20.48 -46.35 50.59
N ALA S 30 -19.70 -46.54 51.66
CA ALA S 30 -20.19 -47.23 52.85
C ALA S 30 -21.29 -46.43 53.57
N ARG S 31 -21.15 -45.10 53.69
CA ARG S 31 -22.19 -44.26 54.29
C ARG S 31 -23.50 -44.30 53.50
N CYS S 32 -23.41 -44.29 52.17
CA CYS S 32 -24.58 -44.51 51.33
C CYS S 32 -25.17 -45.91 51.54
N MET S 33 -24.36 -46.96 51.60
CA MET S 33 -24.88 -48.31 51.77
C MET S 33 -25.64 -48.47 53.09
N GLN S 34 -25.09 -47.99 54.21
CA GLN S 34 -25.78 -48.05 55.50
C GLN S 34 -27.09 -47.24 55.52
N THR S 35 -27.16 -46.11 54.84
CA THR S 35 -28.38 -45.28 54.85
C THR S 35 -29.46 -45.78 53.88
N ILE S 36 -29.10 -46.49 52.79
CA ILE S 36 -30.06 -47.24 51.97
C ILE S 36 -30.56 -48.47 52.74
N ASP S 37 -29.67 -49.22 53.39
CA ASP S 37 -29.96 -50.49 54.04
C ASP S 37 -29.30 -50.59 55.42
N PRO S 38 -29.98 -50.15 56.49
CA PRO S 38 -29.48 -50.22 57.85
C PRO S 38 -29.46 -51.64 58.44
N GLU S 39 -30.07 -52.62 57.76
CA GLU S 39 -30.44 -53.93 58.33
C GLU S 39 -29.76 -55.11 57.64
N ASN S 40 -28.96 -54.85 56.61
CA ASN S 40 -28.36 -55.86 55.73
C ASN S 40 -29.42 -56.68 54.98
N ASN S 41 -30.58 -56.09 54.70
CA ASN S 41 -31.67 -56.74 53.97
C ASN S 41 -31.36 -56.91 52.48
N LEU S 42 -30.58 -56.00 51.89
CA LEU S 42 -30.48 -55.81 50.44
C LEU S 42 -29.23 -56.53 49.88
N LYS S 43 -29.21 -57.87 49.99
CA LYS S 43 -28.03 -58.71 49.74
C LYS S 43 -27.38 -58.50 48.37
N LYS S 44 -28.15 -58.37 47.28
CA LYS S 44 -27.59 -58.24 45.92
C LYS S 44 -26.64 -57.05 45.77
N ILE S 45 -27.03 -55.87 46.25
CA ILE S 45 -26.19 -54.68 46.16
C ILE S 45 -24.97 -54.84 47.10
N ARG S 46 -25.16 -55.33 48.33
CA ARG S 46 -24.04 -55.60 49.26
C ARG S 46 -23.05 -56.67 48.74
N GLU S 47 -23.46 -57.56 47.84
CA GLU S 47 -22.54 -58.41 47.09
C GLU S 47 -21.85 -57.67 45.95
N ASP S 48 -22.57 -56.92 45.12
CA ASP S 48 -21.98 -56.16 44.01
C ASP S 48 -21.00 -55.08 44.46
N TYR S 49 -21.12 -54.54 45.67
CA TYR S 49 -20.19 -53.58 46.27
C TYR S 49 -19.21 -54.20 47.28
N GLN S 50 -19.11 -55.53 47.36
CA GLN S 50 -18.28 -56.19 48.38
C GLN S 50 -16.80 -55.74 48.35
N ASP S 51 -16.22 -55.56 47.16
CA ASP S 51 -14.80 -55.21 47.00
C ASP S 51 -14.41 -53.86 47.64
N VAL S 52 -15.35 -52.92 47.82
CA VAL S 52 -15.17 -51.67 48.56
C VAL S 52 -15.77 -51.71 49.96
N LEU S 53 -16.89 -52.40 50.17
CA LEU S 53 -17.53 -52.53 51.48
C LEU S 53 -16.72 -53.38 52.47
N ILE S 54 -15.80 -54.23 52.02
CA ILE S 54 -14.89 -54.99 52.90
C ILE S 54 -14.02 -54.07 53.79
N TRP S 55 -13.65 -52.89 53.30
CA TRP S 55 -12.76 -51.97 54.01
C TRP S 55 -13.47 -51.22 55.13
N ALA S 56 -14.69 -50.74 54.86
CA ALA S 56 -15.63 -50.28 55.88
C ALA S 56 -16.32 -51.46 56.60
N GLU S 57 -17.28 -51.17 57.49
CA GLU S 57 -17.93 -52.09 58.45
C GLU S 57 -16.95 -52.67 59.50
N LYS S 58 -15.79 -53.17 59.05
CA LYS S 58 -14.54 -53.43 59.77
C LYS S 58 -14.00 -52.16 60.46
N ASN S 59 -13.19 -52.32 61.51
CA ASN S 59 -12.43 -51.22 62.11
C ASN S 59 -11.08 -51.02 61.41
N TYR S 60 -10.79 -49.78 61.01
CA TYR S 60 -9.62 -49.39 60.22
C TYR S 60 -9.42 -47.87 60.26
N ARG S 61 -8.25 -47.36 59.87
CA ARG S 61 -7.92 -45.92 59.87
C ARG S 61 -7.69 -45.39 58.47
N PHE S 62 -7.97 -44.10 58.23
CA PHE S 62 -7.75 -43.43 56.93
C PHE S 62 -6.35 -43.69 56.40
N GLU S 63 -5.34 -43.54 57.25
CA GLU S 63 -3.93 -43.71 56.92
C GLU S 63 -3.58 -45.15 56.48
N GLU S 64 -4.36 -46.15 56.93
CA GLU S 64 -4.16 -47.55 56.59
C GLU S 64 -4.77 -47.88 55.23
N ILE S 65 -6.00 -47.44 54.96
CA ILE S 65 -6.64 -47.59 53.65
C ILE S 65 -5.91 -46.76 52.57
N LEU S 66 -5.28 -45.65 52.93
CA LEU S 66 -4.43 -44.89 52.03
C LEU S 66 -3.21 -45.71 51.56
N GLU S 67 -2.53 -46.42 52.46
CA GLU S 67 -1.46 -47.34 52.08
C GLU S 67 -1.97 -48.50 51.21
N ALA S 68 -3.16 -49.03 51.50
CA ALA S 68 -3.77 -50.05 50.65
C ALA S 68 -4.07 -49.53 49.23
N SER S 69 -4.54 -48.28 49.09
CA SER S 69 -4.77 -47.63 47.81
C SER S 69 -3.49 -47.38 47.02
N LYS S 70 -2.42 -46.90 47.69
CA LYS S 70 -1.10 -46.77 47.08
C LYS S 70 -0.51 -48.12 46.66
N SER S 71 -0.75 -49.17 47.45
CA SER S 71 -0.32 -50.54 47.16
C SER S 71 -1.16 -51.22 46.08
N GLY S 72 -2.31 -50.66 45.70
CA GLY S 72 -3.26 -51.30 44.77
C GLY S 72 -3.98 -52.51 45.34
N LYS S 73 -4.02 -52.67 46.68
CA LYS S 73 -4.73 -53.75 47.36
C LYS S 73 -6.25 -53.54 47.35
N CYS S 74 -6.71 -52.35 47.70
CA CYS S 74 -8.11 -51.94 47.52
C CYS S 74 -8.35 -51.46 46.08
N PRO S 75 -9.61 -51.32 45.63
CA PRO S 75 -9.92 -50.61 44.40
C PRO S 75 -9.36 -49.18 44.42
N ASN S 76 -8.79 -48.71 43.31
CA ASN S 76 -8.13 -47.40 43.26
C ASN S 76 -8.27 -46.65 41.92
N ASP S 77 -9.29 -46.94 41.13
CA ASP S 77 -9.62 -46.19 39.92
C ASP S 77 -10.76 -45.19 40.21
N LEU S 78 -10.50 -43.88 40.13
CA LEU S 78 -11.55 -42.88 40.30
C LEU S 78 -12.60 -42.88 39.19
N ASP S 79 -12.35 -43.41 37.99
CA ASP S 79 -13.40 -43.52 36.98
C ASP S 79 -14.43 -44.60 37.39
N ALA S 80 -13.96 -45.81 37.73
CA ALA S 80 -14.82 -46.86 38.26
C ALA S 80 -15.47 -46.47 39.59
N LEU S 81 -14.72 -45.91 40.55
CA LEU S 81 -15.29 -45.54 41.85
C LEU S 81 -16.32 -44.43 41.73
N SER S 82 -16.15 -43.47 40.82
CA SER S 82 -17.18 -42.42 40.62
C SER S 82 -18.47 -43.01 40.07
N ARG S 83 -18.39 -43.92 39.09
CA ARG S 83 -19.58 -44.62 38.58
C ARG S 83 -20.26 -45.45 39.68
N ARG S 84 -19.51 -46.27 40.41
CA ARG S 84 -20.02 -47.03 41.56
C ARG S 84 -20.69 -46.12 42.59
N SER S 85 -20.04 -45.01 42.96
CA SER S 85 -20.53 -44.06 43.96
C SER S 85 -21.84 -43.40 43.54
N LEU S 86 -21.94 -42.94 42.29
CA LEU S 86 -23.12 -42.25 41.78
C LEU S 86 -24.37 -43.15 41.81
N ILE S 87 -24.22 -44.44 41.48
CA ILE S 87 -25.36 -45.36 41.47
C ILE S 87 -25.94 -45.52 42.88
N LEU S 88 -25.13 -45.63 43.94
CA LEU S 88 -25.65 -45.59 45.31
C LEU S 88 -26.28 -44.25 45.64
N GLN S 89 -25.64 -43.13 45.30
CA GLN S 89 -26.17 -41.80 45.58
C GLN S 89 -27.54 -41.55 44.96
N GLU S 90 -27.72 -41.86 43.67
CA GLU S 90 -28.98 -41.68 42.96
C GLU S 90 -30.07 -42.67 43.40
N LEU S 91 -29.71 -43.83 43.94
CA LEU S 91 -30.64 -44.73 44.61
C LEU S 91 -31.02 -44.21 46.01
N LEU S 92 -30.05 -43.75 46.79
CA LEU S 92 -30.27 -43.16 48.10
C LEU S 92 -31.18 -41.94 48.03
N ARG S 93 -31.04 -41.10 46.99
CA ARG S 93 -31.94 -39.95 46.78
C ARG S 93 -33.38 -40.41 46.61
N LEU S 94 -33.65 -41.41 45.77
CA LEU S 94 -34.99 -41.97 45.62
C LEU S 94 -35.53 -42.49 46.97
N VAL S 95 -34.78 -43.36 47.64
CA VAL S 95 -35.15 -43.91 48.93
C VAL S 95 -35.38 -42.83 50.00
N SER S 96 -34.64 -41.72 49.96
CA SER S 96 -34.78 -40.61 50.92
C SER S 96 -35.88 -39.61 50.56
N SER S 97 -36.19 -39.44 49.28
CA SER S 97 -37.24 -38.53 48.81
C SER S 97 -38.64 -39.11 49.01
N ILE S 98 -38.78 -40.43 48.90
CA ILE S 98 -39.98 -41.17 49.29
C ILE S 98 -39.90 -41.43 50.80
N SER S 99 -40.09 -40.37 51.59
CA SER S 99 -39.79 -40.37 53.03
C SER S 99 -40.78 -41.18 53.89
N PRO S 100 -42.11 -40.94 53.85
CA PRO S 100 -43.05 -41.69 54.68
C PRO S 100 -43.32 -43.11 54.17
N PHE S 101 -43.41 -43.30 52.84
CA PHE S 101 -43.75 -44.57 52.20
C PHE S 101 -42.51 -45.46 51.99
N LYS S 102 -42.71 -46.70 51.56
CA LYS S 102 -41.62 -47.66 51.25
C LYS S 102 -41.87 -48.39 49.93
N MET S 103 -40.80 -48.55 49.15
CA MET S 103 -40.75 -49.50 48.02
C MET S 103 -40.46 -50.91 48.53
N LYS S 104 -40.92 -51.94 47.81
CA LYS S 104 -40.59 -53.35 48.09
C LYS S 104 -39.17 -53.70 47.61
N LEU S 105 -38.50 -54.64 48.27
CA LEU S 105 -37.08 -54.94 48.00
C LEU S 105 -36.82 -55.41 46.56
N ASP S 106 -37.76 -56.12 45.94
CA ASP S 106 -37.64 -56.52 44.53
C ASP S 106 -37.86 -55.35 43.56
N LEU S 107 -38.69 -54.36 43.90
CA LEU S 107 -38.79 -53.11 43.14
C LEU S 107 -37.49 -52.30 43.26
N ILE S 108 -36.95 -52.16 44.49
CA ILE S 108 -35.66 -51.48 44.72
C ILE S 108 -34.55 -52.14 43.90
N GLU S 109 -34.44 -53.46 43.95
CA GLU S 109 -33.45 -54.19 43.14
C GLU S 109 -33.67 -54.01 41.63
N SER S 110 -34.92 -53.88 41.18
CA SER S 110 -35.23 -53.57 39.77
C SER S 110 -34.76 -52.17 39.38
N GLN S 111 -35.04 -51.15 40.21
CA GLN S 111 -34.53 -49.80 39.96
C GLN S 111 -33.00 -49.78 39.95
N TYR S 112 -32.35 -50.45 40.90
CA TYR S 112 -30.89 -50.56 40.94
C TYR S 112 -30.32 -51.18 39.66
N GLU S 113 -30.89 -52.28 39.18
CA GLU S 113 -30.42 -52.92 37.95
C GLU S 113 -30.62 -52.02 36.73
N LYS S 114 -31.75 -51.32 36.65
CA LYS S 114 -32.03 -50.34 35.58
C LYS S 114 -31.02 -49.20 35.58
N MET S 115 -30.63 -48.72 36.76
CA MET S 115 -29.60 -47.69 36.90
C MET S 115 -28.22 -48.21 36.52
N LYS S 116 -27.81 -49.38 37.03
CA LYS S 116 -26.49 -49.97 36.74
C LYS S 116 -26.28 -50.19 35.25
N GLN S 117 -27.32 -50.58 34.51
CA GLN S 117 -27.26 -50.75 33.06
C GLN S 117 -27.25 -49.42 32.25
N HIS S 118 -27.56 -48.27 32.86
CA HIS S 118 -27.69 -47.00 32.12
C HIS S 118 -26.33 -46.46 31.66
N VAL S 119 -26.27 -45.93 30.44
CA VAL S 119 -25.03 -45.45 29.80
C VAL S 119 -24.42 -44.26 30.53
N ASN S 120 -25.24 -43.30 30.97
CA ASN S 120 -24.83 -42.07 31.64
C ASN S 120 -25.92 -41.64 32.63
N LEU S 121 -25.83 -42.15 33.85
CA LEU S 121 -26.87 -41.98 34.87
C LEU S 121 -27.09 -40.50 35.22
N TRP S 122 -26.05 -39.67 35.13
CA TRP S 122 -26.17 -38.23 35.35
C TRP S 122 -27.07 -37.56 34.29
N LYS S 123 -26.93 -37.94 33.01
CA LYS S 123 -27.79 -37.48 31.90
C LYS S 123 -29.17 -38.14 31.84
N SER S 124 -29.46 -39.16 32.65
CA SER S 124 -30.70 -39.93 32.56
C SER S 124 -31.96 -39.09 32.84
N ASP S 125 -33.12 -39.51 32.32
CA ASP S 125 -34.39 -38.93 32.74
C ASP S 125 -34.74 -39.30 34.20
N TYR S 126 -34.20 -40.42 34.70
CA TYR S 126 -34.32 -40.82 36.10
C TYR S 126 -33.77 -39.72 37.00
N HIS S 127 -32.59 -39.18 36.68
CA HIS S 127 -32.00 -38.06 37.40
C HIS S 127 -32.91 -36.84 37.37
N VAL S 128 -33.50 -36.50 36.22
CA VAL S 128 -34.44 -35.37 36.09
C VAL S 128 -35.69 -35.57 36.95
N LYS S 129 -36.30 -36.76 36.91
CA LYS S 129 -37.46 -37.09 37.75
C LYS S 129 -37.11 -36.93 39.23
N LEU S 130 -35.94 -37.38 39.68
CA LEU S 130 -35.53 -37.15 41.06
C LEU S 130 -35.27 -35.68 41.38
N ASN S 131 -34.70 -34.91 40.46
CA ASN S 131 -34.53 -33.47 40.67
C ASN S 131 -35.89 -32.79 40.87
N GLN S 132 -36.91 -33.17 40.10
CA GLN S 132 -38.25 -32.62 40.23
C GLN S 132 -38.93 -32.99 41.56
N LEU S 133 -38.75 -34.22 42.07
CA LEU S 133 -39.21 -34.57 43.42
C LEU S 133 -38.52 -33.74 44.49
N ASN S 134 -37.20 -33.57 44.42
CA ASN S 134 -36.44 -32.81 45.41
C ASN S 134 -36.83 -31.32 45.39
N GLN S 135 -37.06 -30.76 44.20
CA GLN S 135 -37.54 -29.39 44.03
C GLN S 135 -38.90 -29.14 44.73
N LEU S 136 -39.85 -30.07 44.64
CA LEU S 136 -41.10 -30.01 45.41
C LEU S 136 -40.84 -30.18 46.92
N THR S 137 -40.02 -31.16 47.28
CA THR S 137 -39.76 -31.52 48.69
C THR S 137 -39.08 -30.40 49.47
N ASP S 138 -38.10 -29.71 48.88
CA ASP S 138 -37.36 -28.65 49.57
C ASP S 138 -38.25 -27.43 49.87
N TYR S 139 -39.23 -27.13 49.01
CA TYR S 139 -40.24 -26.12 49.30
C TYR S 139 -41.15 -26.57 50.45
N LEU S 140 -41.70 -27.79 50.40
CA LEU S 140 -42.58 -28.34 51.44
C LEU S 140 -41.91 -28.46 52.81
N LYS S 141 -40.58 -28.63 52.88
CA LYS S 141 -39.82 -28.62 54.13
C LYS S 141 -39.85 -27.26 54.86
N ASN S 142 -40.23 -26.17 54.18
CA ASN S 142 -40.12 -24.80 54.70
C ASN S 142 -41.41 -23.97 54.62
N ALA S 143 -42.35 -24.28 53.73
CA ALA S 143 -43.51 -23.44 53.44
C ALA S 143 -44.51 -23.27 54.63
N ALA S 144 -45.12 -22.09 54.71
CA ALA S 144 -46.20 -21.76 55.65
C ALA S 144 -47.56 -22.37 55.21
N PRO S 145 -48.56 -22.55 56.09
CA PRO S 145 -49.85 -23.19 55.78
C PRO S 145 -50.82 -22.33 54.94
N THR S 146 -50.40 -21.94 53.74
CA THR S 146 -51.21 -21.25 52.72
C THR S 146 -51.98 -22.23 51.83
N PRO S 147 -52.92 -21.78 50.98
CA PRO S 147 -53.58 -22.62 49.98
C PRO S 147 -52.59 -23.36 49.05
N LYS S 148 -51.57 -22.68 48.49
CA LYS S 148 -50.53 -23.35 47.68
C LYS S 148 -49.86 -24.48 48.47
N ASN S 149 -49.43 -24.23 49.70
CA ASN S 149 -48.81 -25.25 50.54
C ASN S 149 -49.72 -26.47 50.70
N ASN S 150 -50.97 -26.27 51.13
CA ASN S 150 -51.87 -27.38 51.44
C ASN S 150 -52.14 -28.23 50.20
N PHE S 151 -52.45 -27.59 49.07
CA PHE S 151 -52.69 -28.24 47.78
C PHE S 151 -51.46 -28.98 47.26
N LEU S 152 -50.29 -28.32 47.28
CA LEU S 152 -49.07 -28.88 46.75
C LEU S 152 -48.58 -30.03 47.62
N ARG S 153 -48.68 -29.91 48.95
CA ARG S 153 -48.37 -31.00 49.89
C ARG S 153 -49.28 -32.18 49.64
N ALA S 154 -50.57 -31.92 49.41
CA ALA S 154 -51.52 -32.97 49.10
C ALA S 154 -51.14 -33.68 47.81
N MET S 155 -50.98 -32.95 46.70
CA MET S 155 -50.54 -33.53 45.44
C MET S 155 -49.21 -34.27 45.59
N THR S 156 -48.26 -33.69 46.30
CA THR S 156 -46.92 -34.27 46.44
C THR S 156 -46.96 -35.55 47.27
N SER S 157 -47.86 -35.64 48.24
CA SER S 157 -48.07 -36.89 48.98
C SER S 157 -48.62 -37.99 48.07
N VAL S 158 -49.53 -37.64 47.15
CA VAL S 158 -50.03 -38.59 46.15
C VAL S 158 -48.92 -39.00 45.20
N LEU S 159 -48.15 -38.05 44.71
CA LEU S 159 -47.01 -38.30 43.85
C LEU S 159 -46.00 -39.24 44.52
N GLN S 160 -45.60 -38.95 45.76
CA GLN S 160 -44.68 -39.80 46.50
C GLN S 160 -45.22 -41.22 46.59
N MET S 161 -46.49 -41.40 46.92
CA MET S 161 -47.09 -42.74 46.99
C MET S 161 -47.08 -43.43 45.62
N GLN S 162 -47.39 -42.74 44.53
CA GLN S 162 -47.40 -43.36 43.21
C GLN S 162 -45.99 -43.72 42.74
N ILE S 163 -44.99 -42.87 43.04
CA ILE S 163 -43.58 -43.20 42.82
C ILE S 163 -43.20 -44.44 43.64
N ALA S 164 -43.70 -44.56 44.87
CA ALA S 164 -43.47 -45.74 45.70
C ALA S 164 -44.13 -47.01 45.15
N GLN S 165 -45.20 -46.90 44.35
CA GLN S 165 -45.81 -48.05 43.67
C GLN S 165 -45.06 -48.43 42.38
N TYR S 166 -44.77 -47.46 41.51
CA TYR S 166 -44.35 -47.72 40.12
C TYR S 166 -42.85 -47.47 39.84
N GLY S 167 -42.11 -46.89 40.79
CA GLY S 167 -40.72 -46.49 40.59
C GLY S 167 -40.56 -45.26 39.70
N ILE S 168 -39.31 -44.93 39.39
CA ILE S 168 -38.91 -43.79 38.55
C ILE S 168 -38.71 -44.20 37.09
N THR S 169 -38.20 -45.41 36.84
CA THR S 169 -37.75 -45.83 35.51
C THR S 169 -38.86 -46.01 34.48
N GLU S 170 -40.09 -46.27 34.93
CA GLU S 170 -41.25 -46.50 34.06
C GLU S 170 -42.13 -45.25 34.02
N ASP S 171 -42.46 -44.77 32.83
CA ASP S 171 -43.00 -43.42 32.61
C ASP S 171 -44.51 -43.32 32.88
N ASN S 172 -44.94 -43.73 34.08
CA ASN S 172 -46.34 -43.78 34.50
C ASN S 172 -47.05 -42.42 34.36
N GLU S 173 -48.24 -42.44 33.75
CA GLU S 173 -49.00 -41.24 33.44
C GLU S 173 -49.47 -40.52 34.71
N GLY S 174 -49.71 -41.25 35.80
CA GLY S 174 -50.09 -40.69 37.10
C GLY S 174 -48.99 -39.79 37.66
N ILE S 175 -47.78 -40.32 37.83
CA ILE S 175 -46.66 -39.51 38.32
C ILE S 175 -46.37 -38.36 37.36
N ASN S 176 -46.47 -38.57 36.04
CA ASN S 176 -46.27 -37.50 35.07
C ASN S 176 -47.31 -36.38 35.21
N GLN S 177 -48.58 -36.70 35.38
CA GLN S 177 -49.62 -35.72 35.64
C GLN S 177 -49.37 -34.97 36.95
N LEU S 178 -49.03 -35.70 38.01
CA LEU S 178 -48.69 -35.09 39.30
C LEU S 178 -47.47 -34.17 39.20
N PHE S 179 -46.42 -34.56 38.47
CA PHE S 179 -45.28 -33.68 38.22
C PHE S 179 -45.72 -32.40 37.53
N LYS S 180 -46.39 -32.49 36.37
CA LYS S 180 -46.78 -31.30 35.61
C LYS S 180 -47.62 -30.34 36.44
N LEU S 181 -48.62 -30.84 37.14
CA LEU S 181 -49.52 -30.02 37.95
C LEU S 181 -48.84 -29.49 39.22
N GLY S 182 -48.04 -30.31 39.90
CA GLY S 182 -47.33 -29.89 41.11
C GLY S 182 -46.27 -28.83 40.84
N LEU S 183 -45.46 -29.01 39.79
CA LEU S 183 -44.45 -28.04 39.40
C LEU S 183 -45.09 -26.73 38.89
N HIS S 184 -46.22 -26.81 38.18
CA HIS S 184 -46.98 -25.62 37.80
C HIS S 184 -47.54 -24.90 39.03
N LEU S 185 -48.08 -25.62 40.02
CA LEU S 185 -48.52 -25.04 41.27
C LEU S 185 -47.37 -24.42 42.08
N LEU S 186 -46.17 -25.01 42.05
CA LEU S 186 -44.99 -24.42 42.68
C LEU S 186 -44.63 -23.10 42.01
N ALA S 187 -44.60 -23.08 40.68
CA ALA S 187 -44.27 -21.91 39.87
C ALA S 187 -45.34 -20.80 39.89
N MET S 188 -46.58 -21.13 40.26
CA MET S 188 -47.70 -20.19 40.32
C MET S 188 -47.41 -19.02 41.26
N ALA S 189 -47.78 -17.79 40.90
CA ALA S 189 -47.58 -16.65 41.78
C ALA S 189 -48.33 -16.84 43.11
N ASN S 190 -47.71 -16.51 44.24
CA ASN S 190 -48.30 -16.76 45.55
C ASN S 190 -49.64 -16.04 45.77
N GLU S 191 -49.83 -14.85 45.20
CA GLU S 191 -51.08 -14.08 45.27
C GLU S 191 -52.18 -14.59 44.32
N LYS S 192 -51.87 -15.44 43.32
CA LYS S 192 -52.85 -15.98 42.36
C LYS S 192 -53.64 -17.15 42.96
N ILE S 193 -54.25 -16.92 44.11
CA ILE S 193 -55.01 -17.95 44.84
C ILE S 193 -56.15 -18.51 44.00
N ASP S 194 -56.82 -17.69 43.19
CA ASP S 194 -57.86 -18.18 42.28
C ASP S 194 -57.33 -19.20 41.27
N GLU S 195 -56.09 -19.05 40.81
CA GLU S 195 -55.45 -20.01 39.93
C GLU S 195 -55.00 -21.26 40.69
N GLN S 196 -54.54 -21.12 41.94
CA GLN S 196 -54.17 -22.25 42.79
C GLN S 196 -55.39 -23.13 43.11
N TYR S 197 -56.51 -22.51 43.52
CA TYR S 197 -57.78 -23.21 43.72
C TYR S 197 -58.28 -23.84 42.42
N HIS S 198 -58.26 -23.12 41.29
CA HIS S 198 -58.66 -23.66 39.98
C HIS S 198 -57.81 -24.88 39.56
N LEU S 199 -56.49 -24.80 39.72
CA LEU S 199 -55.57 -25.90 39.41
C LEU S 199 -55.88 -27.11 40.28
N PHE S 200 -55.97 -26.91 41.59
CA PHE S 200 -56.13 -28.01 42.54
C PHE S 200 -57.50 -28.69 42.46
N LYS S 201 -58.59 -27.92 42.36
CA LYS S 201 -59.92 -28.50 42.13
C LYS S 201 -59.98 -29.20 40.77
N GLY S 202 -59.30 -28.65 39.75
CA GLY S 202 -59.14 -29.30 38.46
C GLY S 202 -58.45 -30.66 38.57
N TYR S 203 -57.35 -30.76 39.32
CA TYR S 203 -56.67 -32.03 39.57
C TYR S 203 -57.60 -33.05 40.25
N VAL S 204 -58.19 -32.71 41.41
CA VAL S 204 -58.96 -33.70 42.18
C VAL S 204 -60.22 -34.15 41.43
N LYS S 205 -60.75 -33.32 40.53
CA LYS S 205 -61.85 -33.65 39.62
C LYS S 205 -61.40 -34.51 38.43
N ASP S 206 -60.17 -34.34 37.94
CA ASP S 206 -59.60 -35.09 36.81
C ASP S 206 -58.98 -36.45 37.19
N GLN S 207 -58.48 -36.61 38.42
CA GLN S 207 -57.95 -37.88 38.92
C GLN S 207 -59.05 -38.97 38.91
N PRO S 208 -58.82 -40.19 38.38
CA PRO S 208 -59.86 -41.20 38.18
C PRO S 208 -60.21 -41.98 39.46
N GLU S 209 -60.53 -41.27 40.54
CA GLU S 209 -60.87 -41.82 41.86
C GLU S 209 -61.91 -40.94 42.56
N GLU S 210 -62.66 -41.49 43.51
CA GLU S 210 -63.51 -40.68 44.38
C GLU S 210 -62.68 -39.92 45.43
N SER S 211 -61.63 -40.51 46.00
CA SER S 211 -60.96 -39.96 47.20
C SER S 211 -59.43 -40.08 47.14
N PRO S 212 -58.75 -39.30 46.27
CA PRO S 212 -57.31 -39.42 46.04
C PRO S 212 -56.41 -39.30 47.29
N PHE S 213 -56.81 -38.48 48.26
CA PHE S 213 -56.01 -38.16 49.46
C PHE S 213 -56.27 -39.07 50.67
N GLU S 214 -57.23 -39.98 50.59
CA GLU S 214 -57.69 -40.79 51.73
C GLU S 214 -56.59 -41.73 52.26
N GLY S 215 -56.12 -41.49 53.49
CA GLY S 215 -54.98 -42.20 54.09
C GLY S 215 -53.61 -41.82 53.53
N ILE S 216 -53.55 -40.97 52.49
CA ILE S 216 -52.30 -40.44 51.91
C ILE S 216 -51.79 -39.24 52.71
N LEU S 217 -52.68 -38.50 53.37
CA LEU S 217 -52.37 -37.43 54.32
C LEU S 217 -52.96 -37.74 55.71
N PRO S 218 -52.37 -37.24 56.81
CA PRO S 218 -52.95 -37.34 58.15
C PRO S 218 -54.37 -36.76 58.24
N ALA S 219 -55.21 -37.31 59.12
CA ALA S 219 -56.61 -36.90 59.22
C ALA S 219 -56.79 -35.40 59.50
N GLU S 220 -55.91 -34.80 60.31
CA GLU S 220 -55.91 -33.35 60.56
C GLU S 220 -55.65 -32.54 59.29
N ASP S 221 -54.72 -33.00 58.44
CA ASP S 221 -54.48 -32.38 57.14
C ASP S 221 -55.65 -32.60 56.18
N GLN S 222 -56.29 -33.78 56.19
CA GLN S 222 -57.51 -34.01 55.43
C GLN S 222 -58.61 -33.01 55.85
N LYS S 223 -58.87 -32.87 57.15
CA LYS S 223 -59.84 -31.92 57.70
C LYS S 223 -59.51 -30.48 57.31
N ILE S 224 -58.25 -30.06 57.46
CA ILE S 224 -57.79 -28.72 57.08
C ILE S 224 -57.92 -28.51 55.57
N LEU S 225 -57.65 -29.52 54.74
CA LEU S 225 -57.76 -29.44 53.29
C LEU S 225 -59.22 -29.28 52.85
N VAL S 226 -60.15 -30.02 53.47
CA VAL S 226 -61.59 -29.80 53.28
C VAL S 226 -61.97 -28.39 53.70
N LYS S 227 -61.56 -27.95 54.90
CA LYS S 227 -61.85 -26.60 55.37
C LYS S 227 -61.28 -25.54 54.42
N THR S 228 -60.08 -25.76 53.87
CA THR S 228 -59.46 -24.87 52.89
C THR S 228 -60.32 -24.72 51.65
N MET S 229 -60.95 -25.81 51.18
CA MET S 229 -61.89 -25.76 50.06
C MET S 229 -63.19 -25.02 50.42
N ILE S 230 -63.73 -25.25 51.63
CA ILE S 230 -64.93 -24.59 52.14
C ILE S 230 -64.71 -23.08 52.36
N ASP S 231 -63.56 -22.68 52.91
CA ASP S 231 -63.23 -21.28 53.21
C ASP S 231 -63.25 -20.38 51.97
N TYR S 232 -62.99 -20.94 50.78
CA TYR S 232 -63.04 -20.23 49.50
C TYR S 232 -64.41 -20.28 48.83
N ALA S 233 -65.14 -21.39 48.99
CA ALA S 233 -66.48 -21.55 48.44
C ALA S 233 -67.55 -20.75 49.21
N MET S 234 -67.36 -20.50 50.51
CA MET S 234 -68.32 -19.81 51.39
C MET S 234 -68.55 -18.32 51.10
N PRO S 235 -67.51 -17.47 50.90
CA PRO S 235 -67.72 -16.07 50.52
C PRO S 235 -68.34 -15.96 49.11
N LYS S 236 -69.02 -14.83 48.85
CA LYS S 236 -69.72 -14.52 47.59
C LYS S 236 -70.90 -15.46 47.24
N LEU S 237 -71.38 -16.27 48.19
CA LEU S 237 -72.65 -16.98 48.08
C LEU S 237 -73.84 -16.03 48.29
N SER S 238 -74.73 -15.96 47.31
CA SER S 238 -75.83 -15.00 47.18
C SER S 238 -77.03 -15.18 48.12
N SER S 239 -77.08 -16.26 48.90
CA SER S 239 -78.12 -16.55 49.89
C SER S 239 -77.57 -17.42 51.03
N LYS S 240 -78.12 -17.28 52.23
CA LYS S 240 -77.76 -18.15 53.38
C LYS S 240 -78.12 -19.61 53.14
N VAL S 241 -79.08 -19.93 52.27
CA VAL S 241 -79.41 -21.33 51.90
C VAL S 241 -78.17 -22.05 51.32
N LEU S 242 -77.41 -21.38 50.46
CA LEU S 242 -76.16 -21.91 49.90
C LEU S 242 -75.12 -22.15 51.00
N GLN S 243 -75.03 -21.21 51.94
CA GLN S 243 -74.09 -21.24 53.07
C GLN S 243 -74.45 -22.37 54.06
N ASP S 244 -75.74 -22.60 54.31
CA ASP S 244 -76.24 -23.69 55.13
C ASP S 244 -75.95 -25.06 54.48
N LYS S 245 -76.20 -25.20 53.16
CA LYS S 245 -75.85 -26.42 52.43
C LYS S 245 -74.34 -26.69 52.46
N LEU S 246 -73.52 -25.67 52.19
CA LEU S 246 -72.06 -25.79 52.26
C LEU S 246 -71.58 -26.08 53.70
N SER S 247 -72.24 -25.54 54.73
CA SER S 247 -71.98 -25.90 56.12
C SER S 247 -72.26 -27.38 56.39
N ALA S 248 -73.34 -27.95 55.85
CA ALA S 248 -73.56 -29.39 55.90
C ALA S 248 -72.43 -30.17 55.20
N LEU S 249 -71.98 -29.76 54.00
CA LEU S 249 -70.83 -30.40 53.34
C LEU S 249 -69.55 -30.29 54.19
N SER S 250 -69.35 -29.18 54.92
CA SER S 250 -68.20 -28.94 55.80
C SER S 250 -68.09 -29.91 56.99
N SER S 251 -69.13 -30.71 57.27
CA SER S 251 -69.06 -31.81 58.24
C SER S 251 -68.15 -32.96 57.80
N SER S 252 -67.77 -33.03 56.52
CA SER S 252 -66.90 -34.06 55.94
C SER S 252 -65.46 -33.99 56.46
N ASP S 253 -64.85 -35.14 56.75
CA ASP S 253 -63.45 -35.21 57.24
C ASP S 253 -62.39 -35.33 56.14
N VAL S 254 -62.75 -35.76 54.92
CA VAL S 254 -61.82 -35.99 53.80
C VAL S 254 -62.34 -35.40 52.49
N LEU S 255 -61.44 -34.82 51.69
CA LEU S 255 -61.78 -34.27 50.37
C LEU S 255 -62.06 -35.42 49.38
N THR S 256 -63.17 -35.33 48.64
CA THR S 256 -63.54 -36.33 47.64
C THR S 256 -64.13 -35.66 46.39
N LYS S 257 -64.05 -36.33 45.25
CA LYS S 257 -64.58 -35.85 43.99
C LYS S 257 -66.07 -35.55 44.08
N THR S 258 -66.89 -36.44 44.62
CA THR S 258 -68.32 -36.18 44.73
C THR S 258 -68.63 -35.05 45.69
N LEU S 259 -67.86 -34.87 46.77
CA LEU S 259 -68.00 -33.68 47.61
C LEU S 259 -67.61 -32.40 46.85
N LEU S 260 -66.53 -32.44 46.09
CA LEU S 260 -66.10 -31.30 45.27
C LEU S 260 -67.13 -30.98 44.19
N ASP S 261 -67.67 -31.99 43.52
CA ASP S 261 -68.82 -31.88 42.61
C ASP S 261 -70.07 -31.36 43.31
N SER S 262 -70.23 -31.62 44.61
CA SER S 262 -71.31 -31.04 45.42
C SER S 262 -71.07 -29.58 45.75
N ILE S 263 -69.82 -29.18 46.00
CA ILE S 263 -69.48 -27.75 46.16
C ILE S 263 -69.69 -27.03 44.83
N ASP S 264 -69.35 -27.66 43.70
CA ASP S 264 -69.71 -27.14 42.38
C ASP S 264 -71.23 -27.03 42.21
N ARG S 265 -72.02 -27.97 42.74
CA ARG S 265 -73.49 -27.85 42.78
C ARG S 265 -73.93 -26.64 43.61
N ILE S 266 -73.27 -26.33 44.73
CA ILE S 266 -73.51 -25.05 45.46
C ILE S 266 -73.13 -23.86 44.57
N VAL S 267 -72.00 -23.90 43.88
CA VAL S 267 -71.58 -22.82 42.97
C VAL S 267 -72.60 -22.63 41.84
N LYS S 268 -73.14 -23.70 41.26
CA LYS S 268 -74.19 -23.64 40.24
C LYS S 268 -75.47 -23.02 40.80
N GLU S 269 -75.90 -23.41 42.00
CA GLU S 269 -77.00 -22.72 42.66
C GLU S 269 -76.68 -21.25 42.96
N ASN S 270 -75.44 -20.91 43.29
CA ASN S 270 -75.03 -19.51 43.44
C ASN S 270 -75.15 -18.75 42.10
N GLU S 271 -74.71 -19.34 41.00
CA GLU S 271 -74.87 -18.77 39.65
C GLU S 271 -76.34 -18.62 39.24
N LYS S 272 -77.26 -19.40 39.83
CA LYS S 272 -78.71 -19.22 39.66
C LYS S 272 -79.27 -18.13 40.58
N LEU S 273 -78.76 -18.01 41.81
CA LEU S 273 -79.32 -17.16 42.86
C LEU S 273 -78.71 -15.74 42.92
N ASN S 274 -77.52 -15.54 42.35
CA ASN S 274 -76.82 -14.25 42.26
C ASN S 274 -77.41 -13.35 41.16
N LEU T 52 -3.86 38.37 -67.42
CA LEU T 52 -3.24 37.13 -67.98
C LEU T 52 -2.37 36.38 -66.96
N PRO T 53 -1.45 37.00 -66.19
CA PRO T 53 -0.88 36.33 -65.02
C PRO T 53 -1.99 35.88 -64.09
N ILE T 54 -1.99 34.61 -63.73
CA ILE T 54 -3.19 33.95 -63.21
C ILE T 54 -3.54 34.33 -61.78
N LEU T 55 -4.78 34.08 -61.38
CA LEU T 55 -5.35 34.66 -60.17
C LEU T 55 -5.09 33.81 -58.94
N GLN T 56 -3.91 33.89 -58.35
CA GLN T 56 -3.58 33.17 -57.13
C GLN T 56 -4.23 33.78 -55.90
N SER T 57 -4.32 33.04 -54.81
CA SER T 57 -4.61 33.59 -53.49
C SER T 57 -3.37 34.00 -52.66
N HIS T 58 -2.16 33.44 -52.88
CA HIS T 58 -0.85 34.02 -52.47
C HIS T 58 0.37 33.33 -53.15
N SER T 59 1.61 33.50 -52.67
CA SER T 59 2.77 32.57 -52.77
C SER T 59 4.01 33.23 -52.20
N ALA T 60 4.82 32.48 -51.47
CA ALA T 60 6.09 32.93 -50.93
C ALA T 60 7.29 32.40 -51.71
N LEU T 61 7.12 31.35 -52.51
CA LEU T 61 8.20 30.83 -53.34
C LEU T 61 8.19 31.49 -54.72
N LEU T 62 7.04 31.54 -55.38
CA LEU T 62 6.93 31.99 -56.76
C LEU T 62 6.89 33.51 -56.90
N GLU T 63 7.14 33.98 -58.12
CA GLU T 63 7.15 35.39 -58.53
C GLU T 63 6.51 35.51 -59.91
N ASN T 64 6.18 36.71 -60.38
CA ASN T 64 5.61 36.88 -61.72
C ASN T 64 6.45 36.30 -62.85
N MET T 65 7.79 36.21 -62.72
CA MET T 65 8.64 35.47 -63.66
C MET T 65 8.23 34.00 -63.75
N HIS T 66 7.87 33.39 -62.64
CA HIS T 66 7.58 31.96 -62.55
C HIS T 66 6.13 31.67 -62.86
N ILE T 67 5.20 32.47 -62.38
CA ILE T 67 3.78 32.35 -62.67
C ILE T 67 3.44 32.54 -64.15
N GLU T 68 4.04 33.51 -64.84
CA GLU T 68 3.90 33.62 -66.28
C GLU T 68 4.38 32.36 -66.98
N GLN T 69 5.58 31.89 -66.66
CA GLN T 69 6.15 30.77 -67.37
C GLN T 69 5.46 29.47 -67.04
N LEU T 70 4.86 29.31 -65.85
CA LEU T 70 4.06 28.14 -65.55
C LEU T 70 2.68 28.18 -66.18
N ALA T 71 1.92 29.27 -66.05
CA ALA T 71 0.54 29.29 -66.54
C ALA T 71 0.41 28.97 -68.04
N ARG T 72 1.47 29.17 -68.82
CA ARG T 72 1.56 28.83 -70.25
C ARG T 72 1.72 27.36 -70.53
N ARG T 73 2.14 26.54 -69.56
CA ARG T 73 2.37 25.10 -69.73
C ARG T 73 1.29 24.18 -69.17
N LEU T 74 0.48 24.62 -68.19
CA LEU T 74 -0.45 23.74 -67.53
C LEU T 74 -1.49 23.22 -68.52
N PRO T 75 -2.08 22.02 -68.33
CA PRO T 75 -2.96 21.42 -69.30
C PRO T 75 -4.30 22.14 -69.44
N ALA T 76 -5.03 21.88 -70.51
CA ALA T 76 -6.34 22.49 -70.72
C ALA T 76 -7.29 22.28 -69.53
N ARG T 77 -7.13 21.17 -68.83
CA ARG T 77 -7.85 20.81 -67.61
C ARG T 77 -7.82 21.86 -66.52
N VAL T 78 -6.81 22.73 -66.46
CA VAL T 78 -6.73 23.80 -65.46
C VAL T 78 -6.51 25.19 -66.04
N GLN T 79 -6.43 25.37 -67.36
CA GLN T 79 -6.30 26.70 -67.95
C GLN T 79 -7.48 27.58 -67.54
N GLY T 80 -7.21 28.70 -66.87
CA GLY T 80 -8.22 29.67 -66.44
C GLY T 80 -8.78 29.50 -65.03
N TYR T 81 -8.30 28.56 -64.23
CA TYR T 81 -8.74 28.41 -62.83
C TYR T 81 -7.87 29.26 -61.88
N PRO T 82 -8.41 29.76 -60.75
CA PRO T 82 -7.63 30.40 -59.71
C PRO T 82 -6.82 29.38 -58.89
N TRP T 83 -5.57 29.71 -58.52
CA TRP T 83 -4.71 28.80 -57.77
C TRP T 83 -4.87 29.02 -56.27
N ARG T 84 -5.26 28.00 -55.51
CA ARG T 84 -5.46 28.02 -54.06
C ARG T 84 -4.38 27.23 -53.35
N LEU T 85 -3.82 27.74 -52.25
CA LEU T 85 -2.72 27.08 -51.54
C LEU T 85 -3.21 25.91 -50.71
N ALA T 86 -2.94 24.67 -51.09
CA ALA T 86 -3.37 23.53 -50.31
C ALA T 86 -2.49 23.30 -49.08
N TYR T 87 -1.18 23.43 -49.22
CA TYR T 87 -0.20 23.21 -48.15
C TYR T 87 1.02 24.10 -48.35
N SER T 88 1.64 24.57 -47.27
CA SER T 88 2.90 25.28 -47.30
C SER T 88 3.73 25.00 -46.07
N THR T 89 4.97 24.57 -46.20
CA THR T 89 5.84 24.32 -45.04
C THR T 89 6.06 25.58 -44.22
N LEU T 90 5.91 26.75 -44.84
CA LEU T 90 6.07 28.05 -44.22
C LEU T 90 4.81 28.55 -43.50
N GLU T 91 3.67 27.86 -43.58
CA GLU T 91 2.44 28.21 -42.87
C GLU T 91 1.80 27.08 -42.09
N HIS T 92 1.84 25.84 -42.58
CA HIS T 92 1.20 24.69 -41.97
C HIS T 92 2.15 23.80 -41.16
N GLY T 93 3.42 24.18 -41.01
CA GLY T 93 4.44 23.36 -40.36
C GLY T 93 4.99 22.26 -41.27
N THR T 94 6.19 21.78 -40.99
CA THR T 94 6.98 20.99 -41.94
C THR T 94 6.87 19.50 -41.68
N SER T 95 5.91 18.78 -42.25
CA SER T 95 5.98 17.31 -42.25
C SER T 95 5.21 16.65 -43.39
N LEU T 96 5.66 15.46 -43.83
CA LEU T 96 5.01 14.75 -44.92
C LEU T 96 3.63 14.27 -44.51
N LYS T 97 3.42 13.88 -43.25
CA LYS T 97 2.08 13.51 -42.76
C LYS T 97 1.12 14.68 -42.88
N THR T 98 1.56 15.91 -42.66
CA THR T 98 0.70 17.08 -42.86
C THR T 98 0.40 17.28 -44.33
N LEU T 99 1.38 17.16 -45.23
CA LEU T 99 1.17 17.28 -46.67
C LEU T 99 0.13 16.28 -47.18
N TYR T 100 0.17 15.03 -46.73
CA TYR T 100 -0.86 14.05 -47.04
C TYR T 100 -2.19 14.45 -46.43
N ARG T 101 -2.24 14.83 -45.15
CA ARG T 101 -3.50 15.18 -44.46
C ARG T 101 -4.20 16.34 -45.11
N LYS T 102 -3.47 17.39 -45.50
CA LYS T 102 -4.00 18.54 -46.23
C LYS T 102 -4.45 18.21 -47.65
N SER T 103 -3.80 17.26 -48.32
CA SER T 103 -4.18 16.79 -49.65
C SER T 103 -5.33 15.78 -49.68
N ALA T 104 -5.74 15.22 -48.55
CA ALA T 104 -6.66 14.09 -48.53
C ALA T 104 -8.11 14.39 -48.96
N SER T 105 -8.52 15.66 -48.98
CA SER T 105 -9.87 16.07 -49.38
C SER T 105 -10.00 16.48 -50.85
N LEU T 106 -8.90 16.65 -51.58
CA LEU T 106 -8.89 17.16 -52.96
C LEU T 106 -9.37 16.12 -53.98
N ASP T 107 -9.75 16.59 -55.16
CA ASP T 107 -10.11 15.76 -56.32
C ASP T 107 -9.81 16.51 -57.62
N SER T 108 -8.59 17.01 -57.74
CA SER T 108 -8.16 17.90 -58.81
C SER T 108 -6.65 17.92 -58.87
N PRO T 109 -6.01 18.36 -59.96
CA PRO T 109 -4.57 18.44 -60.04
C PRO T 109 -3.96 19.35 -58.99
N VAL T 110 -2.65 19.26 -58.82
CA VAL T 110 -1.87 20.10 -57.92
C VAL T 110 -0.54 20.45 -58.53
N LEU T 111 0.07 21.54 -58.11
CA LEU T 111 1.41 21.91 -58.48
C LEU T 111 2.28 21.83 -57.25
N LEU T 112 3.27 20.95 -57.20
CA LEU T 112 4.29 20.98 -56.18
C LEU T 112 5.30 22.04 -56.52
N VAL T 113 5.67 22.90 -55.58
CA VAL T 113 6.76 23.87 -55.73
C VAL T 113 7.73 23.67 -54.60
N ILE T 114 9.02 23.58 -54.87
CA ILE T 114 10.09 23.38 -53.89
C ILE T 114 11.11 24.48 -54.09
N LYS T 115 11.74 24.92 -53.01
CA LYS T 115 12.93 25.74 -52.98
C LYS T 115 13.94 25.06 -52.11
N ASP T 116 15.16 24.80 -52.56
CA ASP T 116 16.17 24.11 -51.75
C ASP T 116 17.10 25.10 -51.05
N MET T 117 18.09 24.62 -50.31
CA MET T 117 19.08 25.47 -49.64
C MET T 117 20.05 26.18 -50.61
N ASP T 118 19.91 26.03 -51.92
CA ASP T 118 20.57 26.84 -52.94
C ASP T 118 19.59 27.82 -53.62
N ASN T 119 18.39 27.97 -53.09
CA ASN T 119 17.35 28.87 -53.59
C ASN T 119 16.86 28.55 -55.01
N GLN T 120 17.18 27.40 -55.58
CA GLN T 120 16.71 27.01 -56.90
C GLN T 120 15.28 26.48 -56.81
N ILE T 121 14.37 26.91 -57.68
CA ILE T 121 12.96 26.52 -57.65
C ILE T 121 12.71 25.38 -58.61
N PHE T 122 12.05 24.33 -58.18
CA PHE T 122 11.70 23.21 -59.01
C PHE T 122 10.50 22.48 -58.43
N GLY T 123 9.98 21.47 -59.10
CA GLY T 123 8.83 20.75 -58.60
C GLY T 123 8.21 19.85 -59.63
N ALA T 124 6.90 19.68 -59.56
CA ALA T 124 6.15 18.84 -60.47
C ALA T 124 4.73 19.34 -60.58
N TYR T 125 4.09 19.15 -61.72
CA TYR T 125 2.64 19.28 -61.82
C TYR T 125 2.10 17.87 -61.84
N ALA T 126 1.15 17.55 -60.99
CA ALA T 126 0.71 16.20 -60.75
C ALA T 126 -0.80 16.10 -60.91
N THR T 127 -1.26 15.19 -61.76
CA THR T 127 -2.67 15.13 -62.15
C THR T 127 -3.60 14.70 -61.06
N HIS T 128 -3.10 14.10 -59.98
CA HIS T 128 -3.88 13.60 -58.87
C HIS T 128 -3.22 14.05 -57.57
N PRO T 129 -3.95 14.29 -56.49
CA PRO T 129 -3.39 14.67 -55.20
C PRO T 129 -2.26 13.76 -54.69
N PHE T 130 -1.35 14.28 -53.88
CA PHE T 130 -0.40 13.45 -53.16
C PHE T 130 -1.10 12.69 -52.04
N ARG T 131 -1.06 11.36 -52.09
CA ARG T 131 -1.71 10.47 -51.13
C ARG T 131 -0.88 9.24 -50.90
N PHE T 132 -1.08 8.56 -49.78
CA PHE T 132 -0.46 7.26 -49.55
C PHE T 132 -0.91 6.25 -50.62
N SER T 133 0.02 5.45 -51.13
CA SER T 133 -0.26 4.39 -52.08
C SER T 133 0.73 3.22 -51.96
N ASP T 134 0.27 2.01 -52.29
CA ASP T 134 1.08 0.80 -52.36
C ASP T 134 1.66 0.55 -53.76
N HIS T 135 1.22 1.30 -54.77
CA HIS T 135 1.57 1.18 -56.19
C HIS T 135 1.60 2.56 -56.85
N TYR T 136 2.23 2.68 -58.02
CA TYR T 136 2.25 3.95 -58.73
C TYR T 136 0.86 4.40 -59.19
N TYR T 137 0.61 5.70 -59.28
CA TYR T 137 -0.63 6.28 -59.77
C TYR T 137 -0.39 7.59 -60.53
N GLY T 138 -1.42 8.25 -61.05
CA GLY T 138 -1.32 9.45 -61.88
C GLY T 138 -1.38 9.13 -63.38
N THR T 139 -1.51 10.14 -64.25
CA THR T 139 -1.61 9.95 -65.72
C THR T 139 -0.72 10.91 -66.49
N GLY T 140 -0.49 10.63 -67.76
CA GLY T 140 0.66 11.14 -68.50
C GLY T 140 0.74 12.62 -68.74
N GLU T 141 -0.24 13.40 -68.32
CA GLU T 141 -0.13 14.86 -68.29
C GLU T 141 0.74 15.37 -67.15
N THR T 142 1.15 14.53 -66.21
CA THR T 142 2.11 14.83 -65.13
C THR T 142 3.46 15.23 -65.69
N PHE T 143 4.15 16.22 -65.13
CA PHE T 143 5.46 16.65 -65.62
C PHE T 143 6.31 17.25 -64.52
N LEU T 144 7.62 17.24 -64.70
CA LEU T 144 8.59 17.84 -63.79
C LEU T 144 9.12 19.13 -64.40
N TYR T 145 9.43 20.15 -63.62
CA TYR T 145 9.93 21.41 -64.13
C TYR T 145 11.00 21.97 -63.24
N THR T 146 11.86 22.83 -63.75
CA THR T 146 12.94 23.42 -62.96
C THR T 146 13.37 24.76 -63.50
N PHE T 147 13.58 25.76 -62.65
CA PHE T 147 14.16 27.03 -63.05
C PHE T 147 15.67 27.03 -62.82
N SER T 148 16.45 26.79 -63.87
CA SER T 148 17.85 26.33 -63.79
C SER T 148 18.99 27.26 -64.28
N PRO T 149 18.91 28.60 -64.33
CA PRO T 149 17.78 29.49 -64.05
C PRO T 149 16.81 29.65 -65.24
N ASN T 150 17.11 29.08 -66.40
CA ASN T 150 16.15 28.95 -67.49
C ASN T 150 14.93 28.14 -67.01
N PHE T 151 13.71 28.46 -67.41
CA PHE T 151 12.62 27.51 -67.21
C PHE T 151 12.76 26.34 -68.17
N LYS T 152 12.84 25.12 -67.65
CA LYS T 152 12.77 23.88 -68.42
C LYS T 152 11.62 23.03 -67.92
N VAL T 153 10.97 22.27 -68.80
CA VAL T 153 9.93 21.31 -68.43
C VAL T 153 10.18 19.96 -69.08
N PHE T 154 10.03 18.88 -68.32
CA PHE T 154 10.28 17.51 -68.74
C PHE T 154 8.97 16.72 -68.79
N LYS T 155 8.21 16.80 -69.88
CA LYS T 155 6.96 16.08 -70.04
C LYS T 155 7.18 14.59 -70.23
N TRP T 156 6.18 13.76 -69.94
CA TRP T 156 6.26 12.31 -69.98
C TRP T 156 6.84 11.79 -71.27
N SER T 157 7.85 10.91 -71.19
CA SER T 157 8.60 10.40 -72.33
C SER T 157 7.84 9.39 -73.18
N GLY T 158 6.81 8.76 -72.60
CA GLY T 158 6.12 7.61 -73.19
C GLY T 158 6.69 6.27 -72.76
N GLU T 159 7.80 6.23 -72.04
CA GLU T 159 8.52 4.97 -71.77
C GLU T 159 7.85 4.06 -70.73
N ASN T 160 7.29 4.62 -69.65
CA ASN T 160 6.59 3.86 -68.61
C ASN T 160 5.62 4.75 -67.81
N SER T 161 4.73 4.17 -67.02
CA SER T 161 3.68 4.87 -66.29
C SER T 161 3.96 5.05 -64.79
N TYR T 162 5.21 5.22 -64.40
CA TYR T 162 5.63 5.34 -63.00
C TYR T 162 5.54 6.78 -62.49
N PHE T 163 4.38 7.42 -62.54
CA PHE T 163 4.31 8.87 -62.27
C PHE T 163 4.47 9.24 -60.81
N ILE T 164 3.57 8.86 -59.92
CA ILE T 164 3.54 9.33 -58.55
C ILE T 164 3.49 8.11 -57.65
N ASN T 165 4.19 8.12 -56.52
CA ASN T 165 4.01 7.13 -55.47
C ASN T 165 4.23 7.79 -54.11
N GLY T 166 3.69 7.22 -53.05
CA GLY T 166 3.76 7.82 -51.72
C GLY T 166 3.68 6.74 -50.65
N ASP T 167 4.80 6.43 -50.02
CA ASP T 167 4.85 5.56 -48.86
C ASP T 167 4.46 6.33 -47.60
N ILE T 168 4.40 5.69 -46.44
CA ILE T 168 4.17 6.39 -45.16
C ILE T 168 5.32 7.35 -44.83
N SER T 169 6.53 7.03 -45.29
CA SER T 169 7.78 7.71 -44.95
C SER T 169 8.51 8.35 -46.12
N SER T 170 7.99 8.35 -47.34
CA SER T 170 8.52 9.17 -48.42
C SER T 170 7.53 9.34 -49.54
N LEU T 171 7.79 10.32 -50.38
CA LEU T 171 7.01 10.70 -51.52
C LEU T 171 7.93 10.80 -52.71
N GLU T 172 7.55 10.23 -53.83
CA GLU T 172 8.43 10.10 -54.98
C GLU T 172 7.70 10.14 -56.31
N LEU T 173 8.35 10.70 -57.32
CA LEU T 173 7.84 10.84 -58.66
C LEU T 173 8.84 10.33 -59.67
N GLY T 174 8.38 9.63 -60.69
CA GLY T 174 9.25 9.00 -61.69
C GLY T 174 9.75 7.61 -61.28
N GLY T 175 10.50 6.98 -62.18
CA GLY T 175 10.90 5.57 -62.08
C GLY T 175 11.81 5.14 -63.23
N GLY T 176 12.10 3.85 -63.36
CA GLY T 176 12.99 3.30 -64.38
C GLY T 176 14.32 2.85 -63.80
N GLY T 177 14.30 1.69 -63.13
CA GLY T 177 15.39 1.18 -62.31
C GLY T 177 15.21 1.58 -60.85
N GLY T 178 16.31 1.82 -60.13
CA GLY T 178 16.28 2.41 -58.78
C GLY T 178 16.18 3.93 -58.77
N ARG T 179 15.98 4.55 -59.94
CA ARG T 179 15.96 6.00 -60.15
C ARG T 179 14.63 6.60 -59.70
N PHE T 180 14.66 7.82 -59.21
CA PHE T 180 13.48 8.67 -59.01
C PHE T 180 13.78 10.06 -59.55
N GLY T 181 12.83 10.68 -60.24
CA GLY T 181 12.98 12.06 -60.68
C GLY T 181 13.00 12.97 -59.47
N LEU T 182 12.14 12.72 -58.50
CA LEU T 182 12.06 13.47 -57.26
C LEU T 182 11.77 12.51 -56.13
N TRP T 183 12.42 12.63 -54.99
CA TRP T 183 12.10 11.88 -53.78
C TRP T 183 12.23 12.80 -52.58
N LEU T 184 11.28 12.76 -51.64
CA LEU T 184 11.28 13.57 -50.42
C LEU T 184 11.02 12.69 -49.20
N ASP T 185 11.76 12.89 -48.12
CA ASP T 185 11.65 12.06 -46.93
C ASP T 185 10.43 12.40 -46.05
N ALA T 186 10.22 11.65 -44.97
CA ALA T 186 9.08 11.84 -44.08
C ALA T 186 9.05 13.20 -43.37
N ASP T 187 10.17 13.89 -43.30
CA ASP T 187 10.33 15.16 -42.61
C ASP T 187 10.29 16.34 -43.56
N LEU T 188 10.21 16.09 -44.87
CA LEU T 188 10.46 17.08 -45.90
C LEU T 188 11.77 17.81 -45.60
N TYR T 189 12.80 17.07 -45.23
CA TYR T 189 14.13 17.62 -44.99
C TYR T 189 15.10 17.19 -46.09
N HIS T 190 15.52 15.93 -46.13
CA HIS T 190 16.31 15.44 -47.24
C HIS T 190 15.43 15.18 -48.45
N GLY T 191 16.01 15.28 -49.63
CA GLY T 191 15.40 14.82 -50.86
C GLY T 191 16.46 14.50 -51.90
N ARG T 192 16.07 13.92 -53.02
CA ARG T 192 16.99 13.53 -54.09
C ARG T 192 16.35 13.68 -55.45
N SER T 193 17.15 13.94 -56.47
CA SER T 193 16.74 13.82 -57.87
C SER T 193 17.79 13.17 -58.73
N ASN T 194 17.41 12.21 -59.56
CA ASN T 194 18.27 11.63 -60.58
C ASN T 194 17.52 11.64 -61.93
N SER T 195 18.17 11.40 -63.06
CA SER T 195 17.47 11.24 -64.34
C SER T 195 16.70 9.93 -64.33
N CYS T 196 15.39 9.98 -64.52
CA CYS T 196 14.54 8.81 -64.51
C CYS T 196 13.84 8.66 -65.86
N SER T 197 13.53 7.46 -66.31
CA SER T 197 13.10 7.28 -67.69
C SER T 197 11.63 7.61 -67.94
N THR T 198 10.83 7.84 -66.90
CA THR T 198 9.47 8.36 -67.09
C THR T 198 9.51 9.74 -67.75
N PHE T 199 10.36 10.66 -67.30
CA PHE T 199 10.42 12.02 -67.81
C PHE T 199 11.70 12.35 -68.59
N ASN T 200 12.76 11.57 -68.49
CA ASN T 200 14.09 11.92 -69.02
C ASN T 200 14.59 13.29 -68.55
N ASN T 201 14.38 13.61 -67.27
CA ASN T 201 14.75 14.88 -66.68
C ASN T 201 16.28 15.06 -66.54
N ASP T 202 16.73 16.32 -66.52
CA ASP T 202 17.97 16.70 -65.86
C ASP T 202 17.84 16.60 -64.33
N ILE T 203 18.93 16.71 -63.59
CA ILE T 203 18.90 16.81 -62.13
C ILE T 203 18.18 18.11 -61.75
N LEU T 204 17.05 18.04 -61.04
CA LEU T 204 16.17 19.18 -60.81
C LEU T 204 16.78 20.28 -59.93
N SER T 205 17.55 19.89 -58.91
CA SER T 205 18.35 20.80 -58.07
C SER T 205 19.74 21.06 -58.69
N LYS T 206 20.58 21.91 -58.08
CA LYS T 206 22.01 21.97 -58.43
C LYS T 206 22.75 20.66 -58.14
N LYS T 207 22.31 19.90 -57.14
CA LYS T 207 22.98 18.68 -56.65
C LYS T 207 22.02 17.50 -56.66
N GLU T 208 22.50 16.28 -56.83
CA GLU T 208 21.64 15.10 -56.80
C GLU T 208 20.89 14.99 -55.47
N ASP T 209 21.58 15.23 -54.36
CA ASP T 209 21.01 15.23 -53.01
C ASP T 209 20.83 16.66 -52.53
N PHE T 210 19.64 17.02 -52.06
CA PHE T 210 19.31 18.39 -51.66
C PHE T 210 18.58 18.40 -50.34
N ILE T 211 18.54 19.58 -49.70
CA ILE T 211 17.79 19.85 -48.48
C ILE T 211 16.69 20.84 -48.80
N VAL T 212 15.44 20.57 -48.43
CA VAL T 212 14.33 21.48 -48.69
C VAL T 212 14.46 22.73 -47.83
N GLN T 213 14.50 23.92 -48.43
CA GLN T 213 14.39 25.17 -47.70
C GLN T 213 12.93 25.49 -47.42
N ASP T 214 12.03 25.38 -48.38
CA ASP T 214 10.58 25.40 -48.17
C ASP T 214 9.82 24.88 -49.40
N LEU T 215 8.55 24.55 -49.24
CA LEU T 215 7.76 23.82 -50.20
C LEU T 215 6.30 24.26 -50.13
N GLU T 216 5.63 24.39 -51.26
CA GLU T 216 4.21 24.72 -51.38
C GLU T 216 3.53 23.71 -52.28
N VAL T 217 2.26 23.43 -52.05
CA VAL T 217 1.41 22.69 -52.97
C VAL T 217 0.21 23.55 -53.30
N TRP T 218 0.07 23.95 -54.55
CA TRP T 218 -1.09 24.67 -55.06
C TRP T 218 -2.11 23.72 -55.62
N THR T 219 -3.36 24.13 -55.69
CA THR T 219 -4.40 23.37 -56.35
C THR T 219 -5.37 24.29 -57.08
N PHE T 220 -6.02 23.77 -58.11
CA PHE T 220 -6.71 24.58 -59.09
C PHE T 220 -8.22 24.47 -58.88
N GLU T 221 -8.77 25.32 -58.01
CA GLU T 221 -10.14 25.20 -57.50
C GLU T 221 -10.78 26.56 -57.17
PB ADP U . -17.90 0.87 26.52
O1B ADP U . -17.07 2.06 26.28
O2B ADP U . -17.70 0.49 27.94
O3B ADP U . -17.51 -0.21 25.59
PA ADP U . -20.48 1.17 27.30
O1A ADP U . -20.77 -0.24 27.68
O2A ADP U . -20.12 1.90 28.54
O3A ADP U . -19.37 1.25 26.21
O5' ADP U . -21.69 1.85 26.52
C5' ADP U . -21.64 3.25 26.21
C4' ADP U . -23.08 3.83 26.06
O4' ADP U . -23.69 3.36 24.84
C3' ADP U . -24.06 3.42 27.16
O3' ADP U . -23.94 4.19 28.36
C2' ADP U . -25.41 3.61 26.47
O2' ADP U . -25.75 4.99 26.48
C1' ADP U . -25.10 3.11 25.04
N9 ADP U . -25.36 1.70 24.86
C8 ADP U . -24.45 0.65 24.69
N7 ADP U . -25.05 -0.55 24.53
C5 ADP U . -26.36 -0.21 24.56
C6 ADP U . -27.48 -1.02 24.44
N6 ADP U . -27.40 -2.35 24.32
N1 ADP U . -28.71 -0.54 24.42
C2 ADP U . -28.81 0.78 24.58
N3 ADP U . -27.81 1.65 24.76
C4 ADP U . -26.58 1.11 24.74
MG MG V . -16.29 -0.26 29.79
#